data_9I1R
#
_entry.id   9I1R
#
_cell.length_a   1.00
_cell.length_b   1.00
_cell.length_c   1.00
_cell.angle_alpha   90.00
_cell.angle_beta   90.00
_cell.angle_gamma   90.00
#
_symmetry.space_group_name_H-M   'P 1'
#
loop_
_entity.id
_entity.type
_entity.pdbx_description
1 polymer Phycocyanin
2 polymer 'Allophycocyanin beta subunit apoprotein'
3 polymer Phycocyanin
4 polymer Phycocyanin
5 polymer 'Allophycocyanin beta-18 subunit apoprotein'
6 polymer 'Phycobiliprotein ApcE'
7 polymer 'Phycobilisome 7.8 kDa linker polypeptide, allophycocyanin-associated, core'
8 non-polymer PHYCOCYANOBILIN
9 water water
#
loop_
_entity_poly.entity_id
_entity_poly.type
_entity_poly.pdbx_seq_one_letter_code
_entity_poly.pdbx_strand_id
1 'polypeptide(L)'
;MSIVTELILNADSESRYPAPKEIQVYQNFVKTGEQRIRIAKILAENEQRIVQNGSARFWERVPNTPSNSGNERKTASCQR
DQGWYIRLIAYSVLAGSEKPLEEIGTIGIKEMYNNLEIPLRNIVECMRCLKEEALSLMSEEDALEVSAYFDYVMRSLS
;
A,E,G,M,O,Q,T,V,X,a,e,g,m,o,q,t,v,x
2 'polypeptide(L)'
;MQDAITALINSSDVQGRYLDPSSLDKLQNYFQSGDMRAKTAIAVSANAKNIVTKTVAKSLLYTDITAPGG(MEN)MYTCR
RYAACVRDLDYFLRYATYAMLAGDTSILDERILNGLRETYNSLGVPIGATIRSVQAMKEVVTSLVGADAGREMGVYFDHI
AAGLS
;
B,D,F,H,L,N,P,R,U,W,Y,b,d,f,h,l,n,p,r,u,w,y
3 'polypeptide(L)'
;MSIVKQMILNADEEVRYLTPGEIHALQNFYRSGTERIRLAKVLAQNEKKIVERATQKFWKICPRTPSNSGNARKTEAAMR
DIGWYIRLVSYCLLAGNEKPLEEIGLIGMKELYNSVGIPLENVRQYMLCVKAEVSAMLTPEDAAEVIPYFDLILQVISSP
GAPYFQNNGRTDWQR
;
C,c
4 'polypeptide(L)'
;MSIITKAIASADREARYLSPGELRTIRDFYNGGENRLRIATTLIENRKEIVERGSLKFWECCPDTPSNSGNRTYRASCLR
DQDWYIRLIAYTVIVGDVEPLKDIGIVGVKEMYESLEIPLRNWVECIRCLKEVTLDLLSREDAAEVTPYFDCLIQGMIP
;
I,i
5 'polypeptide(L)'
;MQDKLTSVAKNCDLTGSSLNREVVETLKEFLADGEKRVQVAGVIGSNAAEIVKTAVSLLFQEYPELVSPGG(MEN)AYTT
RRYNMYVRDMNYFLRYCSYAIVAGDASVLDERLLAGLRDTFNSLGIPLGPTARSIQLMKNIVKEKLVTAGMTNITFVDEP
FDYVVREISETEI
;
J,j
6 'polypeptide(L)'
;MSVKASGGSPVTQPQRYHTVPVAVISHAVQQDRCLKNTELQELADFFSSGVKLLEIANTLTQHADEIVLAGANRIFVGGS
PMAYLEKPKEKIGLPGSGYYVGEDFLTAARRKAGAVMVKEALKIQEVAYYSNPLSGWLQRFRDLFNNQDPLPGGFRFINV
SRYGAVRMKRSMRDLAWFLRYITYAIVAGDGSILSANVRGLRGVIPEDVTEATIVALRAMRRQSLDYFLEDAEATQLVKG
YFDLLIAEYLTDKPSNQVRIGVSNDQQGLQLPQSYSMSAEVRPKFVFKQAATLTQKQEAIAAIYRHVFERDVTDTYGFTQ
KAELESQLIGGNISVKEFVRRLGKSRLYRRLFYEPFTISRAIELAARHFLGRGLSSREEFQTYFDVMTKGGLPALVDAFV
DSAEYSDYFGEETVPYLRGLGQEAQECRNWGPQLDLFKYSAPVRKVPQFITLFGSYQKPLPEQHPYGCGNDPLEIQFGAI
FPQETRNPHPQPAFFNKDTRRILIGSGAGSPDKLNGNALGKVPGSLGTRVLKLEPLHHANGKSNGVTQAGHQSPSVNLLH
HSSPAFIEGAYRQVFGRSLYEGQRQPLSSTESKLLGGEISVREFVRQLAKSKVFRSLYWDSLYVTKAIEYIHRRLMGRPT
YGRQEMNRYYDICATRGFYALIDAIIDSPEYLECFGENTVPYERYVTARGYLMRSPRHENQLRREQAAETVPDKYNPRKA
NWAALTEFVEQPILNQITSDGRSNRATEMRHAEIVGDRSNSPEESLEESYEYSQANDSER
;
K,k
7 'polypeptide(L)' MRMFKVTACVPSQTRIRTQRELQNTYFTKLVPYDNWFREQQRIMKMGGKIVKVQLATGKPGMNTGLL S,s
#
loop_
_chem_comp.id
_chem_comp.type
_chem_comp.name
_chem_comp.formula
CYC non-polymer PHYCOCYANOBILIN 'C33 H40 N4 O6'
#
# COMPACT_ATOMS: atom_id res chain seq x y z
N SER A 2 0.15 -84.21 -22.60
CA SER A 2 -0.73 -85.11 -21.86
C SER A 2 -1.69 -84.33 -20.97
N ILE A 3 -2.59 -85.06 -20.30
CA ILE A 3 -3.53 -84.41 -19.39
C ILE A 3 -2.80 -83.87 -18.17
N VAL A 4 -1.78 -84.59 -17.70
CA VAL A 4 -1.07 -84.20 -16.48
C VAL A 4 -0.41 -82.85 -16.67
N THR A 5 0.33 -82.68 -17.76
CA THR A 5 1.01 -81.41 -17.99
C THR A 5 0.03 -80.29 -18.24
N GLU A 6 -1.11 -80.59 -18.87
CA GLU A 6 -2.14 -79.58 -19.07
C GLU A 6 -2.69 -79.09 -17.74
N LEU A 7 -3.00 -80.01 -16.82
CA LEU A 7 -3.49 -79.62 -15.50
C LEU A 7 -2.43 -78.83 -14.73
N ILE A 8 -1.17 -79.28 -14.82
CA ILE A 8 -0.11 -78.61 -14.08
C ILE A 8 0.12 -77.20 -14.63
N LEU A 9 0.09 -77.04 -15.94
CA LEU A 9 0.23 -75.70 -16.52
C LEU A 9 -0.96 -74.82 -16.19
N ASN A 10 -2.16 -75.39 -16.15
CA ASN A 10 -3.33 -74.63 -15.72
C ASN A 10 -3.16 -74.11 -14.30
N ALA A 11 -2.66 -74.95 -13.40
CA ALA A 11 -2.40 -74.51 -12.03
C ALA A 11 -1.26 -73.51 -11.96
N ASP A 12 -0.24 -73.68 -12.80
CA ASP A 12 0.94 -72.83 -12.75
C ASP A 12 0.64 -71.43 -13.27
N SER A 13 -0.23 -71.33 -14.28
CA SER A 13 -0.59 -70.02 -14.82
C SER A 13 -1.33 -69.15 -13.81
N GLU A 14 -1.89 -69.75 -12.76
CA GLU A 14 -2.55 -68.98 -11.70
C GLU A 14 -1.71 -68.91 -10.43
N SER A 15 -0.48 -69.42 -10.47
CA SER A 15 0.45 -69.35 -9.34
C SER A 15 -0.15 -69.95 -8.08
N ARG A 16 -0.77 -71.12 -8.22
CA ARG A 16 -1.41 -71.79 -7.10
C ARG A 16 -1.24 -73.29 -7.25
N TYR A 17 -1.32 -73.99 -6.12
CA TYR A 17 -1.26 -75.44 -6.13
C TYR A 17 -2.47 -76.00 -6.87
N PRO A 18 -2.37 -77.20 -7.43
CA PRO A 18 -3.50 -77.77 -8.16
C PRO A 18 -4.74 -77.85 -7.29
N ALA A 19 -5.87 -77.46 -7.88
CA ALA A 19 -7.13 -77.46 -7.17
C ALA A 19 -7.62 -78.89 -6.97
N PRO A 20 -8.51 -79.12 -5.99
CA PRO A 20 -9.01 -80.48 -5.77
C PRO A 20 -9.68 -81.09 -7.00
N LYS A 21 -10.37 -80.29 -7.81
CA LYS A 21 -10.97 -80.83 -9.02
C LYS A 21 -9.92 -81.26 -10.03
N GLU A 22 -8.83 -80.48 -10.15
CA GLU A 22 -7.73 -80.90 -11.02
C GLU A 22 -7.11 -82.19 -10.52
N ILE A 23 -6.95 -82.32 -9.20
CA ILE A 23 -6.42 -83.55 -8.63
C ILE A 23 -7.34 -84.72 -8.93
N GLN A 24 -8.65 -84.51 -8.83
CA GLN A 24 -9.59 -85.58 -9.13
C GLN A 24 -9.53 -85.99 -10.60
N VAL A 25 -9.40 -85.02 -11.50
CA VAL A 25 -9.27 -85.34 -12.92
C VAL A 25 -7.98 -86.12 -13.16
N TYR A 26 -6.90 -85.71 -12.50
CA TYR A 26 -5.63 -86.41 -12.63
C TYR A 26 -5.74 -87.86 -12.15
N GLN A 27 -6.42 -88.07 -11.03
CA GLN A 27 -6.60 -89.43 -10.51
C GLN A 27 -7.47 -90.27 -11.45
N ASN A 28 -8.56 -89.70 -11.95
CA ASN A 28 -9.38 -90.42 -12.91
C ASN A 28 -8.60 -90.77 -14.16
N PHE A 29 -7.69 -89.90 -14.58
CA PHE A 29 -6.88 -90.18 -15.76
C PHE A 29 -5.90 -91.32 -15.49
N VAL A 30 -5.17 -91.24 -14.38
CA VAL A 30 -4.19 -92.29 -14.10
C VAL A 30 -4.86 -93.63 -13.83
N LYS A 31 -6.14 -93.62 -13.47
CA LYS A 31 -6.86 -94.89 -13.32
C LYS A 31 -7.03 -95.60 -14.67
N THR A 32 -7.26 -94.85 -15.73
CA THR A 32 -7.52 -95.43 -17.05
C THR A 32 -6.25 -95.77 -17.82
N GLY A 33 -5.11 -95.83 -17.12
CA GLY A 33 -3.86 -96.13 -17.79
C GLY A 33 -3.85 -97.50 -18.42
N GLU A 34 -4.46 -98.49 -17.77
CA GLU A 34 -4.52 -99.83 -18.34
C GLU A 34 -5.26 -99.83 -19.67
N GLN A 35 -6.42 -99.17 -19.71
CA GLN A 35 -7.19 -99.11 -20.95
C GLN A 35 -6.42 -98.38 -22.03
N ARG A 36 -5.77 -97.26 -21.69
CA ARG A 36 -5.01 -96.52 -22.69
C ARG A 36 -3.85 -97.36 -23.22
N ILE A 37 -3.16 -98.07 -22.34
CA ILE A 37 -2.04 -98.90 -22.76
C ILE A 37 -2.52 -100.01 -23.68
N ARG A 38 -3.64 -100.66 -23.34
CA ARG A 38 -4.11 -101.75 -24.19
C ARG A 38 -4.65 -101.24 -25.53
N ILE A 39 -5.25 -100.06 -25.56
CA ILE A 39 -5.66 -99.49 -26.84
C ILE A 39 -4.44 -99.17 -27.69
N ALA A 40 -3.39 -98.60 -27.09
CA ALA A 40 -2.16 -98.34 -27.83
C ALA A 40 -1.56 -99.65 -28.35
N LYS A 41 -1.64 -100.72 -27.55
CA LYS A 41 -1.15 -102.01 -27.99
C LYS A 41 -1.92 -102.55 -29.19
N ILE A 42 -3.26 -102.48 -29.17
CA ILE A 42 -4.00 -102.99 -30.31
C ILE A 42 -3.84 -102.08 -31.51
N LEU A 43 -3.49 -100.80 -31.29
CA LEU A 43 -3.18 -99.92 -32.40
C LEU A 43 -1.84 -100.25 -33.04
N ALA A 44 -0.86 -100.68 -32.23
CA ALA A 44 0.45 -101.04 -32.76
C ALA A 44 0.45 -102.40 -33.45
N GLU A 45 -0.29 -103.37 -32.94
CA GLU A 45 -0.33 -104.70 -33.53
C GLU A 45 -1.13 -104.75 -34.82
N ASN A 46 -2.10 -103.86 -35.00
CA ASN A 46 -2.95 -103.85 -36.18
C ASN A 46 -2.59 -102.70 -37.11
N GLU A 47 -1.43 -102.08 -36.93
CA GLU A 47 -1.02 -100.96 -37.75
C GLU A 47 -0.84 -101.35 -39.21
N GLN A 48 -0.25 -102.50 -39.48
CA GLN A 48 -0.03 -102.91 -40.88
C GLN A 48 -1.34 -103.14 -41.61
N ARG A 49 -2.27 -103.88 -41.00
CA ARG A 49 -3.53 -104.15 -41.67
C ARG A 49 -4.35 -102.88 -41.81
N ILE A 50 -4.28 -101.99 -40.81
CA ILE A 50 -4.96 -100.71 -40.91
C ILE A 50 -4.42 -99.92 -42.09
N VAL A 51 -3.09 -99.87 -42.23
CA VAL A 51 -2.48 -99.15 -43.34
C VAL A 51 -2.92 -99.76 -44.67
N GLN A 52 -2.87 -101.09 -44.77
CA GLN A 52 -3.20 -101.75 -46.04
C GLN A 52 -4.65 -101.49 -46.43
N ASN A 53 -5.59 -101.73 -45.51
CA ASN A 53 -7.00 -101.54 -45.83
C ASN A 53 -7.32 -100.07 -46.10
N GLY A 54 -6.78 -99.17 -45.28
CA GLY A 54 -7.04 -97.76 -45.50
C GLY A 54 -6.49 -97.26 -46.82
N SER A 55 -5.28 -97.70 -47.18
CA SER A 55 -4.71 -97.30 -48.47
C SER A 55 -5.52 -97.89 -49.62
N ALA A 56 -6.00 -99.13 -49.48
CA ALA A 56 -6.84 -99.70 -50.53
C ALA A 56 -8.11 -98.88 -50.73
N ARG A 57 -8.80 -98.55 -49.64
CA ARG A 57 -10.02 -97.75 -49.76
C ARG A 57 -9.73 -96.35 -50.28
N PHE A 58 -8.64 -95.73 -49.82
CA PHE A 58 -8.28 -94.38 -50.23
C PHE A 58 -7.93 -94.33 -51.71
N TRP A 59 -7.27 -95.35 -52.23
CA TRP A 59 -7.03 -95.44 -53.66
C TRP A 59 -8.30 -95.77 -54.43
N GLU A 60 -9.23 -96.49 -53.81
CA GLU A 60 -10.50 -96.76 -54.46
C GLU A 60 -11.30 -95.48 -54.66
N ARG A 61 -11.33 -94.60 -53.66
CA ARG A 61 -12.13 -93.39 -53.79
C ARG A 61 -11.34 -92.21 -54.36
N VAL A 62 -10.03 -92.19 -54.17
CA VAL A 62 -9.18 -91.12 -54.69
C VAL A 62 -8.06 -91.74 -55.53
N PRO A 63 -8.33 -92.10 -56.78
CA PRO A 63 -7.28 -92.76 -57.58
C PRO A 63 -6.21 -91.80 -58.07
N ASN A 64 -6.60 -90.56 -58.33
CA ASN A 64 -5.67 -89.55 -58.85
C ASN A 64 -4.96 -88.90 -57.67
N THR A 65 -3.96 -89.60 -57.15
CA THR A 65 -3.17 -89.16 -56.02
C THR A 65 -1.73 -89.54 -56.24
N PRO A 66 -0.78 -88.79 -55.65
CA PRO A 66 0.64 -89.09 -55.90
C PRO A 66 1.05 -90.51 -55.53
N SER A 67 0.48 -91.08 -54.47
CA SER A 67 0.84 -92.45 -54.10
C SER A 67 0.38 -93.43 -55.17
N ASN A 68 -0.84 -93.26 -55.69
CA ASN A 68 -1.36 -94.14 -56.74
C ASN A 68 -1.07 -93.54 -58.13
N SER A 69 0.23 -93.32 -58.38
CA SER A 69 0.67 -92.77 -59.65
C SER A 69 1.74 -93.63 -60.31
N GLY A 70 1.88 -94.88 -59.88
CA GLY A 70 2.84 -95.79 -60.47
C GLY A 70 4.27 -95.62 -59.99
N ASN A 71 4.50 -94.78 -58.99
CA ASN A 71 5.82 -94.60 -58.41
C ASN A 71 5.93 -95.46 -57.15
N GLU A 72 6.92 -96.35 -57.13
CA GLU A 72 7.09 -97.24 -55.98
C GLU A 72 7.45 -96.46 -54.73
N ARG A 73 8.39 -95.53 -54.84
CA ARG A 73 8.85 -94.78 -53.67
C ARG A 73 7.74 -93.91 -53.11
N LYS A 74 6.93 -93.30 -53.97
CA LYS A 74 5.85 -92.47 -53.48
C LYS A 74 4.82 -93.29 -52.70
N THR A 75 4.47 -94.47 -53.22
CA THR A 75 3.55 -95.34 -52.50
C THR A 75 4.14 -95.76 -51.16
N ALA A 76 5.41 -96.15 -51.16
CA ALA A 76 6.06 -96.58 -49.92
C ALA A 76 6.06 -95.46 -48.89
N SER A 77 6.38 -94.24 -49.32
CA SER A 77 6.43 -93.12 -48.39
C SER A 77 5.04 -92.74 -47.89
N CYS A 78 4.03 -92.86 -48.75
CA CYS A 78 2.66 -92.60 -48.30
C CYS A 78 2.24 -93.60 -47.23
N GLN A 79 2.55 -94.88 -47.45
CA GLN A 79 2.18 -95.88 -46.45
C GLN A 79 3.00 -95.71 -45.17
N ARG A 80 4.25 -95.28 -45.31
CA ARG A 80 5.06 -94.94 -44.14
C ARG A 80 4.43 -93.80 -43.36
N ASP A 81 3.93 -92.78 -44.06
CA ASP A 81 3.27 -91.66 -43.39
C ASP A 81 2.01 -92.11 -42.68
N GLN A 82 1.24 -93.01 -43.31
CA GLN A 82 0.06 -93.55 -42.67
C GLN A 82 0.42 -94.27 -41.38
N GLY A 83 1.45 -95.10 -41.43
CA GLY A 83 1.89 -95.78 -40.21
C GLY A 83 2.37 -94.81 -39.15
N TRP A 84 3.07 -93.77 -39.57
CA TRP A 84 3.56 -92.76 -38.63
C TRP A 84 2.41 -92.05 -37.94
N TYR A 85 1.36 -91.72 -38.68
CA TYR A 85 0.22 -91.07 -38.06
C TYR A 85 -0.56 -92.02 -37.16
N ILE A 86 -0.61 -93.30 -37.51
CA ILE A 86 -1.20 -94.28 -36.58
C ILE A 86 -0.40 -94.31 -35.28
N ARG A 87 0.93 -94.29 -35.39
CA ARG A 87 1.77 -94.27 -34.20
C ARG A 87 1.54 -93.01 -33.37
N LEU A 88 1.41 -91.87 -34.04
CA LEU A 88 1.16 -90.62 -33.31
C LEU A 88 -0.18 -90.65 -32.60
N ILE A 89 -1.20 -91.25 -33.23
CA ILE A 89 -2.49 -91.38 -32.58
C ILE A 89 -2.39 -92.32 -31.38
N ALA A 90 -1.57 -93.36 -31.48
CA ALA A 90 -1.31 -94.21 -30.32
C ALA A 90 -0.65 -93.42 -29.19
N TYR A 91 0.30 -92.56 -29.54
CA TYR A 91 0.92 -91.69 -28.56
C TYR A 91 -0.12 -90.81 -27.87
N SER A 92 -1.01 -90.21 -28.67
CA SER A 92 -2.05 -89.35 -28.11
C SER A 92 -2.98 -90.13 -27.20
N VAL A 93 -3.30 -91.36 -27.57
CA VAL A 93 -4.13 -92.21 -26.71
C VAL A 93 -3.43 -92.46 -25.39
N LEU A 94 -2.13 -92.74 -25.44
CA LEU A 94 -1.38 -92.97 -24.21
C LEU A 94 -1.36 -91.72 -23.34
N ALA A 95 -1.14 -90.56 -23.94
CA ALA A 95 -1.00 -89.33 -23.17
C ALA A 95 -2.33 -88.78 -22.67
N GLY A 96 -3.44 -89.22 -23.24
CA GLY A 96 -4.73 -88.70 -22.86
C GLY A 96 -5.10 -87.39 -23.50
N SER A 97 -4.24 -86.85 -24.35
CA SER A 97 -4.52 -85.60 -25.05
C SER A 97 -3.78 -85.62 -26.38
N GLU A 98 -4.21 -84.74 -27.28
CA GLU A 98 -3.64 -84.64 -28.62
C GLU A 98 -2.29 -83.93 -28.64
N LYS A 99 -1.69 -83.68 -27.49
CA LYS A 99 -0.41 -82.97 -27.46
C LYS A 99 0.71 -83.70 -28.20
N PRO A 100 0.92 -85.00 -28.03
CA PRO A 100 1.97 -85.66 -28.82
C PRO A 100 1.75 -85.55 -30.31
N LEU A 101 0.51 -85.75 -30.77
CA LEU A 101 0.20 -85.63 -32.18
C LEU A 101 0.44 -84.21 -32.68
N GLU A 102 0.01 -83.22 -31.90
CA GLU A 102 0.21 -81.83 -32.28
C GLU A 102 1.68 -81.49 -32.37
N GLU A 103 2.48 -81.95 -31.41
CA GLU A 103 3.89 -81.60 -31.37
C GLU A 103 4.68 -82.29 -32.46
N ILE A 104 4.34 -83.54 -32.78
CA ILE A 104 5.17 -84.33 -33.68
C ILE A 104 4.69 -84.22 -35.12
N GLY A 105 3.39 -84.28 -35.38
CA GLY A 105 2.96 -84.33 -36.76
C GLY A 105 1.80 -83.45 -37.18
N THR A 106 1.48 -82.43 -36.38
CA THR A 106 0.38 -81.53 -36.73
C THR A 106 0.84 -80.09 -36.91
N ILE A 107 1.68 -79.58 -36.01
CA ILE A 107 2.19 -78.22 -36.18
C ILE A 107 3.09 -78.19 -37.40
N GLY A 108 2.73 -77.37 -38.38
CA GLY A 108 3.48 -77.28 -39.61
C GLY A 108 3.22 -78.39 -40.60
N ILE A 109 2.14 -79.15 -40.44
CA ILE A 109 1.84 -80.23 -41.38
C ILE A 109 1.52 -79.67 -42.76
N LYS A 110 0.77 -78.56 -42.80
CA LYS A 110 0.37 -77.99 -44.08
C LYS A 110 1.58 -77.48 -44.86
N GLU A 111 2.51 -76.82 -44.17
CA GLU A 111 3.71 -76.33 -44.84
C GLU A 111 4.55 -77.49 -45.36
N MET A 112 4.72 -78.54 -44.56
CA MET A 112 5.52 -79.68 -44.98
C MET A 112 4.91 -80.36 -46.18
N TYR A 113 3.58 -80.57 -46.17
CA TYR A 113 2.96 -81.28 -47.28
C TYR A 113 2.80 -80.41 -48.51
N ASN A 114 2.72 -79.09 -48.35
CA ASN A 114 2.73 -78.21 -49.51
C ASN A 114 4.12 -78.16 -50.14
N ASN A 115 5.16 -78.24 -49.32
CA ASN A 115 6.51 -78.33 -49.86
C ASN A 115 6.70 -79.63 -50.64
N LEU A 116 6.07 -80.71 -50.18
CA LEU A 116 6.15 -81.99 -50.87
C LEU A 116 5.20 -82.07 -52.06
N GLU A 117 4.35 -81.07 -52.26
CA GLU A 117 3.38 -81.03 -53.36
C GLU A 117 2.41 -82.21 -53.28
N ILE A 118 2.03 -82.58 -52.06
CA ILE A 118 1.01 -83.59 -51.82
C ILE A 118 -0.30 -82.85 -51.53
N PRO A 119 -1.35 -83.06 -52.31
CA PRO A 119 -2.62 -82.35 -52.04
C PRO A 119 -3.14 -82.68 -50.65
N LEU A 120 -3.62 -81.64 -49.96
CA LEU A 120 -4.05 -81.82 -48.57
C LEU A 120 -5.38 -82.54 -48.49
N ARG A 121 -6.27 -82.32 -49.46
CA ARG A 121 -7.55 -83.02 -49.47
C ARG A 121 -7.35 -84.53 -49.60
N ASN A 122 -6.35 -84.94 -50.38
CA ASN A 122 -6.06 -86.36 -50.51
C ASN A 122 -5.63 -86.96 -49.17
N ILE A 123 -4.77 -86.24 -48.44
CA ILE A 123 -4.35 -86.74 -47.14
C ILE A 123 -5.51 -86.77 -46.16
N VAL A 124 -6.43 -85.80 -46.24
CA VAL A 124 -7.60 -85.84 -45.38
C VAL A 124 -8.46 -87.06 -45.71
N GLU A 125 -8.63 -87.36 -46.99
CA GLU A 125 -9.36 -88.56 -47.38
C GLU A 125 -8.69 -89.82 -46.85
N CYS A 126 -7.36 -89.88 -46.95
CA CYS A 126 -6.64 -91.05 -46.46
C CYS A 126 -6.76 -91.18 -44.95
N MET A 127 -6.73 -90.05 -44.24
CA MET A 127 -6.92 -90.08 -42.79
C MET A 127 -8.32 -90.56 -42.43
N ARG A 128 -9.33 -90.14 -43.19
CA ARG A 128 -10.68 -90.62 -42.95
C ARG A 128 -10.77 -92.13 -43.17
N CYS A 129 -10.16 -92.62 -44.23
CA CYS A 129 -10.15 -94.06 -44.49
C CYS A 129 -9.44 -94.81 -43.37
N LEU A 130 -8.31 -94.28 -42.91
CA LEU A 130 -7.57 -94.91 -41.81
C LEU A 130 -8.41 -94.92 -40.53
N LYS A 131 -9.13 -93.83 -40.26
CA LYS A 131 -9.97 -93.78 -39.07
C LYS A 131 -11.09 -94.81 -39.14
N GLU A 132 -11.74 -94.90 -40.31
CA GLU A 132 -12.82 -95.86 -40.44
C GLU A 132 -12.30 -97.29 -40.38
N GLU A 133 -11.05 -97.52 -40.78
CA GLU A 133 -10.48 -98.86 -40.67
C GLU A 133 -10.09 -99.17 -39.23
N ALA A 134 -9.53 -98.20 -38.51
CA ALA A 134 -9.07 -98.44 -37.15
C ALA A 134 -10.22 -98.55 -36.16
N LEU A 135 -11.31 -97.80 -36.39
CA LEU A 135 -12.44 -97.85 -35.46
C LEU A 135 -13.14 -99.20 -35.49
N SER A 136 -13.02 -99.95 -36.58
CA SER A 136 -13.68 -101.25 -36.69
C SER A 136 -12.92 -102.36 -35.98
N LEU A 137 -11.70 -102.11 -35.52
CA LEU A 137 -10.88 -103.12 -34.87
C LEU A 137 -10.88 -102.98 -33.35
N MET A 138 -11.81 -102.22 -32.79
CA MET A 138 -11.82 -101.99 -31.35
C MET A 138 -13.26 -101.79 -30.89
N SER A 139 -13.45 -101.88 -29.58
CA SER A 139 -14.74 -101.61 -28.97
C SER A 139 -15.15 -100.16 -29.19
N GLU A 140 -16.46 -99.90 -29.24
CA GLU A 140 -16.94 -98.54 -29.39
C GLU A 140 -16.53 -97.64 -28.23
N GLU A 141 -16.44 -98.18 -27.02
CA GLU A 141 -15.97 -97.39 -25.88
C GLU A 141 -14.53 -96.97 -26.06
N ASP A 142 -13.69 -97.87 -26.59
CA ASP A 142 -12.30 -97.54 -26.84
C ASP A 142 -12.16 -96.50 -27.93
N ALA A 143 -13.08 -96.51 -28.89
CA ALA A 143 -12.99 -95.62 -30.05
C ALA A 143 -13.15 -94.14 -29.71
N LEU A 144 -13.84 -93.82 -28.61
CA LEU A 144 -14.15 -92.43 -28.29
C LEU A 144 -12.91 -91.55 -28.34
N GLU A 145 -11.84 -91.97 -27.67
CA GLU A 145 -10.58 -91.24 -27.79
C GLU A 145 -10.03 -91.31 -29.21
N VAL A 146 -9.90 -92.52 -29.76
CA VAL A 146 -9.12 -92.69 -30.98
C VAL A 146 -9.69 -91.85 -32.11
N SER A 147 -11.00 -91.98 -32.35
CA SER A 147 -11.63 -91.21 -33.42
C SER A 147 -11.38 -89.72 -33.25
N ALA A 148 -11.49 -89.22 -32.01
CA ALA A 148 -11.25 -87.80 -31.78
C ALA A 148 -9.87 -87.40 -32.29
N TYR A 149 -8.85 -88.19 -31.96
CA TYR A 149 -7.50 -87.85 -32.40
C TYR A 149 -7.40 -87.89 -33.92
N PHE A 150 -8.08 -88.84 -34.55
CA PHE A 150 -8.11 -88.85 -36.01
C PHE A 150 -8.70 -87.56 -36.54
N ASP A 151 -9.80 -87.10 -35.92
CA ASP A 151 -10.38 -85.83 -36.33
C ASP A 151 -9.36 -84.71 -36.18
N TYR A 152 -8.55 -84.76 -35.12
CA TYR A 152 -7.55 -83.72 -34.92
C TYR A 152 -6.58 -83.65 -36.08
N VAL A 153 -6.28 -84.81 -36.69
CA VAL A 153 -5.39 -84.80 -37.85
C VAL A 153 -6.10 -84.16 -39.03
N MET A 154 -7.39 -84.43 -39.18
CA MET A 154 -8.11 -83.94 -40.35
C MET A 154 -8.37 -82.44 -40.25
N ARG A 155 -8.75 -81.96 -39.07
CA ARG A 155 -9.00 -80.54 -38.89
C ARG A 155 -7.74 -79.72 -39.09
N SER A 156 -6.61 -80.21 -38.58
CA SER A 156 -5.35 -79.49 -38.73
C SER A 156 -4.88 -79.48 -40.18
N LEU A 157 -5.27 -80.46 -40.98
CA LEU A 157 -4.85 -80.55 -42.35
C LEU A 157 -5.75 -79.77 -43.30
N SER A 158 -6.83 -79.20 -42.79
CA SER A 158 -7.71 -78.37 -43.59
C SER A 158 -7.46 -76.90 -43.31
N MET B 1 8.29 -77.61 -20.23
CA MET B 1 7.46 -78.44 -19.36
C MET B 1 7.21 -79.79 -20.00
N GLN B 2 7.36 -80.84 -19.21
CA GLN B 2 7.24 -82.21 -19.69
C GLN B 2 6.92 -83.09 -18.48
N ASP B 3 6.20 -84.17 -18.74
CA ASP B 3 5.89 -85.14 -17.70
C ASP B 3 6.39 -86.52 -18.13
N ALA B 4 6.16 -87.52 -17.27
CA ALA B 4 6.71 -88.84 -17.51
C ALA B 4 6.16 -89.46 -18.78
N ILE B 5 4.86 -89.31 -19.02
CA ILE B 5 4.25 -89.91 -20.20
C ILE B 5 4.84 -89.31 -21.47
N THR B 6 4.95 -87.97 -21.50
CA THR B 6 5.52 -87.32 -22.68
C THR B 6 7.00 -87.63 -22.83
N ALA B 7 7.72 -87.79 -21.72
CA ALA B 7 9.12 -88.17 -21.80
C ALA B 7 9.29 -89.54 -22.45
N LEU B 8 8.48 -90.51 -22.03
CA LEU B 8 8.54 -91.84 -22.65
C LEU B 8 8.12 -91.77 -24.11
N ILE B 9 7.09 -90.97 -24.41
CA ILE B 9 6.62 -90.84 -25.79
C ILE B 9 7.73 -90.28 -26.67
N ASN B 10 8.44 -89.26 -26.18
CA ASN B 10 9.53 -88.67 -26.97
C ASN B 10 10.69 -89.63 -27.12
N SER B 11 11.00 -90.39 -26.05
CA SER B 11 12.07 -91.38 -26.14
C SER B 11 11.76 -92.43 -27.20
N SER B 12 10.50 -92.85 -27.29
CA SER B 12 10.12 -93.78 -28.35
C SER B 12 10.03 -93.09 -29.71
N ASP B 13 9.73 -91.79 -29.72
CA ASP B 13 9.51 -91.09 -30.98
C ASP B 13 10.82 -90.82 -31.70
N VAL B 14 11.89 -90.52 -30.97
CA VAL B 14 13.18 -90.30 -31.62
C VAL B 14 13.66 -91.55 -32.32
N GLN B 15 13.22 -92.73 -31.88
CA GLN B 15 13.54 -93.98 -32.54
C GLN B 15 12.57 -94.32 -33.66
N GLY B 16 11.45 -93.60 -33.77
CA GLY B 16 10.47 -93.90 -34.80
C GLY B 16 9.71 -95.18 -34.59
N ARG B 17 9.58 -95.62 -33.34
CA ARG B 17 8.94 -96.90 -33.03
C ARG B 17 7.99 -96.71 -31.85
N TYR B 18 7.04 -97.63 -31.76
CA TYR B 18 6.08 -97.62 -30.65
C TYR B 18 6.81 -97.88 -29.33
N LEU B 19 6.09 -97.67 -28.24
CA LEU B 19 6.66 -97.88 -26.92
C LEU B 19 6.96 -99.36 -26.70
N ASP B 20 8.23 -99.68 -26.46
CA ASP B 20 8.63 -101.05 -26.21
C ASP B 20 8.13 -101.50 -24.84
N PRO B 21 8.14 -102.82 -24.57
CA PRO B 21 7.65 -103.29 -23.26
C PRO B 21 8.31 -102.64 -22.07
N SER B 22 9.57 -102.23 -22.17
CA SER B 22 10.20 -101.49 -21.07
C SER B 22 9.52 -100.15 -20.84
N SER B 23 9.25 -99.42 -21.93
CA SER B 23 8.56 -98.14 -21.81
C SER B 23 7.14 -98.32 -21.29
N LEU B 24 6.47 -99.39 -21.71
CA LEU B 24 5.13 -99.65 -21.19
C LEU B 24 5.17 -100.00 -19.71
N ASP B 25 6.21 -100.71 -19.27
CA ASP B 25 6.38 -100.96 -17.85
C ASP B 25 6.57 -99.67 -17.07
N LYS B 26 7.40 -98.77 -17.61
CA LYS B 26 7.61 -97.48 -16.93
C LYS B 26 6.31 -96.67 -16.88
N LEU B 27 5.56 -96.68 -17.98
CA LEU B 27 4.28 -95.97 -18.01
C LEU B 27 3.32 -96.55 -16.99
N GLN B 28 3.26 -97.87 -16.87
CA GLN B 28 2.40 -98.50 -15.87
C GLN B 28 2.85 -98.13 -14.47
N ASN B 29 4.16 -98.09 -14.23
CA ASN B 29 4.66 -97.71 -12.90
C ASN B 29 4.22 -96.29 -12.56
N TYR B 30 4.31 -95.37 -13.52
CA TYR B 30 3.84 -94.01 -13.27
C TYR B 30 2.35 -93.99 -12.99
N PHE B 31 1.57 -94.76 -13.75
CA PHE B 31 0.13 -94.78 -13.54
C PHE B 31 -0.23 -95.29 -12.16
N GLN B 32 0.47 -96.32 -11.67
CA GLN B 32 0.23 -96.80 -10.32
C GLN B 32 0.65 -95.77 -9.27
N SER B 33 1.78 -95.10 -9.49
CA SER B 33 2.24 -94.10 -8.53
C SER B 33 1.38 -92.84 -8.52
N GLY B 34 0.49 -92.69 -9.51
CA GLY B 34 -0.31 -91.48 -9.61
C GLY B 34 -1.13 -91.18 -8.36
N ASP B 35 -1.71 -92.21 -7.74
CA ASP B 35 -2.56 -91.97 -6.57
C ASP B 35 -1.74 -91.44 -5.39
N MET B 36 -0.59 -92.04 -5.14
CA MET B 36 0.29 -91.53 -4.09
C MET B 36 0.75 -90.12 -4.41
N ARG B 37 1.03 -89.84 -5.68
CA ARG B 37 1.45 -88.50 -6.07
C ARG B 37 0.34 -87.48 -5.81
N ALA B 38 -0.90 -87.84 -6.10
CA ALA B 38 -2.02 -86.96 -5.83
C ALA B 38 -2.17 -86.71 -4.34
N LYS B 39 -2.03 -87.75 -3.53
CA LYS B 39 -2.12 -87.57 -2.09
C LYS B 39 -1.02 -86.64 -1.57
N THR B 40 0.21 -86.82 -2.07
CA THR B 40 1.30 -85.93 -1.67
C THR B 40 1.01 -84.49 -2.10
N ALA B 41 0.49 -84.30 -3.30
CA ALA B 41 0.18 -82.95 -3.76
C ALA B 41 -0.87 -82.30 -2.86
N ILE B 42 -1.89 -83.06 -2.48
CA ILE B 42 -2.93 -82.51 -1.60
C ILE B 42 -2.31 -82.12 -0.26
N ALA B 43 -1.49 -82.99 0.31
CA ALA B 43 -0.90 -82.71 1.62
C ALA B 43 0.01 -81.48 1.56
N VAL B 44 0.83 -81.37 0.52
CA VAL B 44 1.74 -80.23 0.43
C VAL B 44 0.96 -78.95 0.17
N SER B 45 -0.08 -79.02 -0.66
CA SER B 45 -0.92 -77.84 -0.87
C SER B 45 -1.55 -77.37 0.42
N ALA B 46 -1.97 -78.32 1.26
CA ALA B 46 -2.57 -77.96 2.54
C ALA B 46 -1.56 -77.46 3.57
N ASN B 47 -0.30 -77.87 3.47
CA ASN B 47 0.66 -77.52 4.53
C ASN B 47 1.88 -76.76 4.01
N ALA B 48 1.73 -76.03 2.89
CA ALA B 48 2.86 -75.32 2.31
C ALA B 48 3.46 -74.29 3.28
N LYS B 49 2.62 -73.49 3.92
CA LYS B 49 3.11 -72.46 4.83
C LYS B 49 3.84 -73.09 6.02
N ASN B 50 3.26 -74.15 6.58
CA ASN B 50 3.91 -74.84 7.70
C ASN B 50 5.23 -75.45 7.27
N ILE B 51 5.28 -76.01 6.06
CA ILE B 51 6.51 -76.64 5.58
C ILE B 51 7.60 -75.60 5.46
N VAL B 52 7.28 -74.44 4.89
CA VAL B 52 8.29 -73.39 4.73
C VAL B 52 8.74 -72.87 6.09
N THR B 53 7.80 -72.69 7.02
CA THR B 53 8.15 -72.20 8.35
C THR B 53 9.07 -73.19 9.06
N LYS B 54 8.74 -74.48 9.00
CA LYS B 54 9.58 -75.49 9.64
C LYS B 54 10.94 -75.57 8.98
N THR B 55 11.00 -75.42 7.66
CA THR B 55 12.28 -75.42 6.96
C THR B 55 13.16 -74.28 7.43
N VAL B 56 12.60 -73.08 7.52
CA VAL B 56 13.37 -71.92 7.96
C VAL B 56 13.84 -72.13 9.40
N ALA B 57 12.95 -72.64 10.26
CA ALA B 57 13.34 -72.87 11.66
C ALA B 57 14.44 -73.91 11.76
N LYS B 58 14.38 -74.95 10.92
CA LYS B 58 15.34 -76.05 11.03
C LYS B 58 16.71 -75.66 10.48
N SER B 59 16.76 -74.96 9.35
CA SER B 59 18.03 -74.74 8.66
C SER B 59 18.56 -73.32 8.74
N LEU B 60 17.72 -72.31 8.59
CA LEU B 60 18.20 -70.94 8.41
C LEU B 60 18.24 -70.12 9.69
N LEU B 61 17.30 -70.33 10.60
CA LEU B 61 17.25 -69.52 11.80
C LEU B 61 18.42 -69.82 12.73
N TYR B 62 18.85 -68.79 13.45
CA TYR B 62 19.91 -68.91 14.46
C TYR B 62 21.22 -69.38 13.85
N THR B 63 21.50 -68.95 12.64
CA THR B 63 22.77 -69.22 11.99
C THR B 63 23.42 -67.89 11.62
N ASP B 64 24.53 -67.96 10.88
CA ASP B 64 25.25 -66.75 10.50
C ASP B 64 24.49 -65.94 9.47
N ILE B 65 23.71 -66.60 8.60
CA ILE B 65 23.06 -65.87 7.52
C ILE B 65 21.94 -64.99 8.05
N THR B 66 21.29 -65.39 9.14
CA THR B 66 20.23 -64.58 9.72
C THR B 66 20.75 -63.52 10.68
N ALA B 67 22.01 -63.64 11.12
CA ALA B 67 22.62 -62.61 11.95
C ALA B 67 23.00 -61.41 11.10
N PRO B 68 23.23 -60.24 11.72
CA PRO B 68 23.66 -59.08 10.94
C PRO B 68 24.93 -59.36 10.17
N GLY B 69 24.98 -58.86 8.95
CA GLY B 69 26.05 -59.19 8.03
C GLY B 69 25.77 -60.42 7.19
N GLY B 70 24.68 -61.13 7.47
CA GLY B 70 24.29 -62.28 6.67
C GLY B 70 23.29 -61.87 5.62
N MEN B 71 22.99 -62.77 4.69
CA MEN B 71 22.13 -62.42 3.56
C MEN B 71 20.66 -62.42 3.93
O MEN B 71 19.84 -61.83 3.23
CB MEN B 71 22.38 -63.36 2.40
CG MEN B 71 21.72 -62.91 1.13
OD1 MEN B 71 20.87 -63.57 0.54
ND2 MEN B 71 22.12 -61.72 0.66
CE2 MEN B 71 21.58 -61.15 -0.54
N MET B 72 20.31 -63.09 5.02
CA MET B 72 18.94 -63.12 5.48
C MET B 72 18.71 -62.06 6.55
N TYR B 73 19.70 -61.20 6.75
CA TYR B 73 19.52 -60.07 7.62
C TYR B 73 18.59 -59.04 6.98
N THR B 74 17.98 -58.21 7.82
CA THR B 74 16.92 -57.25 7.48
C THR B 74 15.66 -57.99 7.06
N CYS B 75 14.50 -57.39 7.33
CA CYS B 75 13.24 -58.09 7.14
C CYS B 75 12.94 -58.32 5.67
N ARG B 76 13.36 -57.41 4.80
CA ARG B 76 13.08 -57.56 3.38
C ARG B 76 13.75 -58.80 2.80
N ARG B 77 15.02 -59.04 3.15
CA ARG B 77 15.71 -60.21 2.63
C ARG B 77 15.18 -61.49 3.25
N TYR B 78 14.78 -61.44 4.52
CA TYR B 78 14.12 -62.59 5.13
C TYR B 78 12.85 -62.96 4.36
N ALA B 79 12.03 -61.97 4.06
CA ALA B 79 10.79 -62.22 3.33
C ALA B 79 11.08 -62.73 1.93
N ALA B 80 12.12 -62.20 1.28
CA ALA B 80 12.50 -62.69 -0.03
C ALA B 80 12.92 -64.16 0.01
N CYS B 81 13.70 -64.54 1.03
CA CYS B 81 14.10 -65.94 1.16
C CYS B 81 12.90 -66.84 1.38
N VAL B 82 11.96 -66.40 2.22
CA VAL B 82 10.76 -67.19 2.48
C VAL B 82 9.95 -67.37 1.19
N ARG B 83 9.82 -66.30 0.41
CA ARG B 83 9.10 -66.39 -0.85
C ARG B 83 9.80 -67.35 -1.82
N ASP B 84 11.13 -67.30 -1.86
CA ASP B 84 11.88 -68.24 -2.70
C ASP B 84 11.62 -69.68 -2.28
N LEU B 85 11.62 -69.94 -0.98
CA LEU B 85 11.34 -71.30 -0.51
C LEU B 85 9.93 -71.74 -0.88
N ASP B 86 8.96 -70.82 -0.78
CA ASP B 86 7.60 -71.15 -1.18
C ASP B 86 7.53 -71.55 -2.65
N TYR B 87 8.23 -70.79 -3.51
CA TYR B 87 8.24 -71.13 -4.93
C TYR B 87 8.92 -72.48 -5.17
N PHE B 88 10.03 -72.73 -4.47
CA PHE B 88 10.70 -74.02 -4.58
C PHE B 88 9.75 -75.15 -4.25
N LEU B 89 9.02 -75.03 -3.15
CA LEU B 89 8.10 -76.08 -2.73
C LEU B 89 6.99 -76.28 -3.75
N ARG B 90 6.41 -75.19 -4.25
CA ARG B 90 5.32 -75.33 -5.21
C ARG B 90 5.78 -76.01 -6.49
N TYR B 91 6.95 -75.62 -7.01
CA TYR B 91 7.39 -76.22 -8.26
C TYR B 91 7.92 -77.63 -8.05
N ALA B 92 8.42 -77.95 -6.86
CA ALA B 92 8.73 -79.34 -6.56
C ALA B 92 7.47 -80.19 -6.55
N THR B 93 6.36 -79.64 -6.02
CA THR B 93 5.10 -80.35 -6.09
C THR B 93 4.65 -80.54 -7.54
N TYR B 94 4.81 -79.51 -8.37
CA TYR B 94 4.49 -79.64 -9.79
C TYR B 94 5.29 -80.77 -10.42
N ALA B 95 6.60 -80.80 -10.16
CA ALA B 95 7.45 -81.83 -10.74
C ALA B 95 7.08 -83.21 -10.23
N MET B 96 6.75 -83.32 -8.95
CA MET B 96 6.35 -84.61 -8.39
C MET B 96 5.07 -85.11 -9.06
N LEU B 97 4.10 -84.23 -9.27
CA LEU B 97 2.88 -84.63 -9.95
C LEU B 97 3.18 -85.05 -11.39
N ALA B 98 4.04 -84.30 -12.08
CA ALA B 98 4.35 -84.60 -13.47
C ALA B 98 5.15 -85.89 -13.60
N GLY B 99 5.98 -86.19 -12.61
CA GLY B 99 6.90 -87.30 -12.72
C GLY B 99 8.18 -86.99 -13.47
N ASP B 100 8.43 -85.71 -13.76
CA ASP B 100 9.62 -85.30 -14.49
C ASP B 100 10.19 -84.04 -13.83
N THR B 101 11.48 -83.82 -14.05
CA THR B 101 12.19 -82.68 -13.50
C THR B 101 12.29 -81.52 -14.49
N SER B 102 11.66 -81.64 -15.66
CA SER B 102 11.82 -80.63 -16.71
C SER B 102 11.25 -79.28 -16.27
N ILE B 103 10.13 -79.28 -15.56
CA ILE B 103 9.54 -78.04 -15.10
C ILE B 103 10.48 -77.33 -14.13
N LEU B 104 11.20 -78.10 -13.31
CA LEU B 104 12.20 -77.49 -12.44
C LEU B 104 13.32 -76.86 -13.25
N ASP B 105 13.75 -77.53 -14.32
CA ASP B 105 14.82 -76.99 -15.14
C ASP B 105 14.41 -75.70 -15.83
N GLU B 106 13.17 -75.64 -16.34
CA GLU B 106 12.75 -74.50 -17.13
C GLU B 106 12.18 -73.36 -16.32
N ARG B 107 11.68 -73.63 -15.11
CA ARG B 107 11.03 -72.61 -14.29
C ARG B 107 11.87 -72.17 -13.10
N ILE B 108 12.47 -73.11 -12.38
CA ILE B 108 13.23 -72.77 -11.18
C ILE B 108 14.69 -72.51 -11.52
N LEU B 109 15.33 -73.46 -12.18
CA LEU B 109 16.78 -73.44 -12.34
C LEU B 109 17.25 -72.62 -13.54
N ASN B 110 16.34 -72.02 -14.29
CA ASN B 110 16.73 -71.17 -15.43
C ASN B 110 17.10 -69.80 -14.88
N GLY B 111 18.40 -69.50 -14.87
CA GLY B 111 18.88 -68.22 -14.43
C GLY B 111 18.94 -68.02 -12.93
N LEU B 112 18.66 -69.04 -12.14
CA LEU B 112 18.66 -68.88 -10.68
C LEU B 112 20.08 -68.79 -10.14
N ARG B 113 21.00 -69.60 -10.68
CA ARG B 113 22.39 -69.49 -10.26
C ARG B 113 22.97 -68.12 -10.54
N GLU B 114 22.70 -67.59 -11.73
CA GLU B 114 23.25 -66.29 -12.10
C GLU B 114 22.65 -65.18 -11.23
N THR B 115 21.34 -65.24 -10.99
CA THR B 115 20.72 -64.25 -10.12
C THR B 115 21.29 -64.32 -8.72
N TYR B 116 21.47 -65.53 -8.18
CA TYR B 116 22.00 -65.67 -6.84
C TYR B 116 23.44 -65.18 -6.75
N ASN B 117 24.26 -65.48 -7.76
CA ASN B 117 25.63 -65.01 -7.76
C ASN B 117 25.69 -63.50 -7.87
N SER B 118 24.84 -62.91 -8.71
CA SER B 118 24.84 -61.45 -8.86
C SER B 118 24.40 -60.77 -7.59
N LEU B 119 23.41 -61.33 -6.90
CA LEU B 119 22.88 -60.72 -5.68
C LEU B 119 23.66 -61.10 -4.43
N GLY B 120 24.56 -62.07 -4.51
CA GLY B 120 25.29 -62.50 -3.33
C GLY B 120 24.53 -63.44 -2.43
N VAL B 121 23.49 -64.09 -2.92
CA VAL B 121 22.77 -65.10 -2.12
C VAL B 121 23.67 -66.30 -1.92
N PRO B 122 23.88 -66.77 -0.68
CA PRO B 122 24.75 -67.93 -0.46
C PRO B 122 24.09 -69.21 -0.94
N ILE B 123 24.72 -69.85 -1.93
CA ILE B 123 24.14 -71.05 -2.53
C ILE B 123 24.22 -72.23 -1.57
N GLY B 124 25.26 -72.29 -0.74
CA GLY B 124 25.34 -73.37 0.23
C GLY B 124 24.20 -73.38 1.22
N ALA B 125 23.85 -72.19 1.73
CA ALA B 125 22.71 -72.09 2.65
C ALA B 125 21.41 -72.45 1.95
N THR B 126 21.28 -72.07 0.68
CA THR B 126 20.07 -72.42 -0.07
C THR B 126 19.95 -73.92 -0.24
N ILE B 127 21.06 -74.59 -0.55
CA ILE B 127 21.04 -76.04 -0.68
C ILE B 127 20.71 -76.69 0.66
N ARG B 128 21.28 -76.16 1.75
CA ARG B 128 20.97 -76.69 3.07
C ARG B 128 19.49 -76.56 3.38
N SER B 129 18.90 -75.41 3.07
CA SER B 129 17.48 -75.20 3.32
C SER B 129 16.63 -76.10 2.43
N VAL B 130 17.07 -76.35 1.20
CA VAL B 130 16.32 -77.26 0.33
C VAL B 130 16.33 -78.67 0.92
N GLN B 131 17.48 -79.11 1.43
CA GLN B 131 17.54 -80.43 2.06
C GLN B 131 16.68 -80.48 3.32
N ALA B 132 16.66 -79.40 4.09
CA ALA B 132 15.79 -79.34 5.26
C ALA B 132 14.32 -79.39 4.86
N MET B 133 13.97 -78.73 3.76
CA MET B 133 12.60 -78.79 3.26
C MET B 133 12.24 -80.21 2.83
N LYS B 134 13.20 -80.91 2.20
CA LYS B 134 12.96 -82.30 1.85
C LYS B 134 12.70 -83.15 3.09
N GLU B 135 13.49 -82.93 4.14
CA GLU B 135 13.29 -83.67 5.39
C GLU B 135 11.93 -83.37 6.00
N VAL B 136 11.52 -82.09 5.99
CA VAL B 136 10.24 -81.71 6.56
C VAL B 136 9.10 -82.34 5.77
N VAL B 137 9.18 -82.31 4.45
CA VAL B 137 8.14 -82.91 3.63
C VAL B 137 8.08 -84.41 3.88
N THR B 138 9.24 -85.07 4.02
CA THR B 138 9.25 -86.49 4.31
C THR B 138 8.57 -86.77 5.66
N SER B 139 8.89 -85.96 6.68
CA SER B 139 8.26 -86.17 7.98
C SER B 139 6.76 -85.93 7.92
N LEU B 140 6.30 -85.09 6.99
CA LEU B 140 4.87 -84.82 6.88
C LEU B 140 4.13 -85.92 6.13
N VAL B 141 4.53 -86.20 4.90
CA VAL B 141 3.73 -87.06 4.03
C VAL B 141 4.03 -88.53 4.25
N GLY B 142 5.27 -88.91 4.49
CA GLY B 142 5.60 -90.30 4.69
C GLY B 142 6.96 -90.62 4.10
N ALA B 143 7.17 -91.91 3.81
CA ALA B 143 8.48 -92.40 3.39
C ALA B 143 8.61 -92.46 1.88
N ASP B 144 7.70 -93.14 1.21
CA ASP B 144 7.76 -93.25 -0.25
C ASP B 144 7.48 -91.91 -0.91
N ALA B 145 6.39 -91.25 -0.50
CA ALA B 145 6.10 -89.92 -1.00
C ALA B 145 7.20 -88.95 -0.62
N GLY B 146 7.72 -89.08 0.60
CA GLY B 146 8.89 -88.31 0.99
C GLY B 146 10.07 -88.57 0.08
N ARG B 147 10.24 -89.82 -0.35
CA ARG B 147 11.33 -90.15 -1.26
C ARG B 147 11.17 -89.47 -2.60
N GLU B 148 9.95 -89.46 -3.15
CA GLU B 148 9.74 -88.82 -4.44
C GLU B 148 9.95 -87.32 -4.36
N MET B 149 9.28 -86.67 -3.39
CA MET B 149 9.51 -85.25 -3.19
C MET B 149 10.99 -84.97 -2.93
N GLY B 150 11.68 -85.89 -2.27
CA GLY B 150 13.10 -85.72 -2.02
C GLY B 150 13.92 -85.80 -3.28
N VAL B 151 13.55 -86.67 -4.21
CA VAL B 151 14.32 -86.73 -5.45
C VAL B 151 14.15 -85.42 -6.22
N TYR B 152 12.96 -84.82 -6.16
CA TYR B 152 12.79 -83.56 -6.86
C TYR B 152 13.49 -82.41 -6.15
N PHE B 153 13.47 -82.40 -4.82
CA PHE B 153 14.23 -81.42 -4.06
C PHE B 153 15.73 -81.57 -4.31
N ASP B 154 16.20 -82.81 -4.43
CA ASP B 154 17.59 -83.07 -4.73
C ASP B 154 17.95 -82.57 -6.12
N HIS B 155 17.04 -82.72 -7.08
CA HIS B 155 17.30 -82.14 -8.40
C HIS B 155 17.43 -80.63 -8.31
N ILE B 156 16.56 -79.99 -7.51
CA ILE B 156 16.67 -78.53 -7.35
C ILE B 156 18.02 -78.17 -6.74
N ALA B 157 18.42 -78.89 -5.70
CA ALA B 157 19.68 -78.59 -5.02
C ALA B 157 20.88 -78.81 -5.95
N ALA B 158 20.86 -79.89 -6.73
CA ALA B 158 21.94 -80.13 -7.69
C ALA B 158 21.98 -79.06 -8.76
N GLY B 159 20.81 -78.60 -9.23
CA GLY B 159 20.78 -77.52 -10.20
C GLY B 159 21.33 -76.23 -9.64
N LEU B 160 21.11 -75.96 -8.35
CA LEU B 160 21.68 -74.77 -7.74
C LEU B 160 23.20 -74.83 -7.72
N SER B 161 23.75 -76.00 -7.42
CA SER B 161 25.20 -76.20 -7.46
C SER B 161 25.54 -77.68 -7.57
N SER C 2 19.03 -41.78 3.10
CA SER C 2 19.14 -40.46 3.69
C SER C 2 18.36 -39.43 2.89
N ILE C 3 18.27 -38.22 3.41
CA ILE C 3 17.55 -37.16 2.70
C ILE C 3 18.32 -36.73 1.45
N VAL C 4 19.65 -36.68 1.53
CA VAL C 4 20.45 -36.34 0.36
C VAL C 4 20.26 -37.39 -0.73
N LYS C 5 20.28 -38.66 -0.35
CA LYS C 5 20.06 -39.74 -1.32
C LYS C 5 18.68 -39.65 -1.93
N GLN C 6 17.66 -39.34 -1.14
CA GLN C 6 16.31 -39.23 -1.67
C GLN C 6 16.20 -38.08 -2.65
N MET C 7 16.81 -36.93 -2.33
CA MET C 7 16.78 -35.80 -3.25
C MET C 7 17.49 -36.15 -4.56
N ILE C 8 18.64 -36.83 -4.46
CA ILE C 8 19.37 -37.20 -5.67
C ILE C 8 18.57 -38.18 -6.51
N LEU C 9 17.92 -39.14 -5.88
CA LEU C 9 17.11 -40.10 -6.61
C LEU C 9 15.93 -39.43 -7.29
N ASN C 10 15.26 -38.51 -6.59
CA ASN C 10 14.14 -37.79 -7.20
C ASN C 10 14.61 -36.94 -8.37
N ALA C 11 15.75 -36.28 -8.23
CA ALA C 11 16.28 -35.48 -9.34
C ALA C 11 16.67 -36.35 -10.52
N ASP C 12 17.29 -37.51 -10.26
CA ASP C 12 17.73 -38.37 -11.33
C ASP C 12 16.56 -39.04 -12.05
N GLU C 13 15.48 -39.30 -11.33
CA GLU C 13 14.29 -39.87 -11.96
C GLU C 13 13.73 -38.92 -13.01
N GLU C 14 13.78 -37.63 -12.74
CA GLU C 14 13.30 -36.61 -13.67
C GLU C 14 14.40 -36.05 -14.57
N VAL C 15 15.62 -36.59 -14.46
CA VAL C 15 16.75 -36.21 -15.32
C VAL C 15 16.98 -34.71 -15.24
N ARG C 16 17.40 -34.23 -14.07
CA ARG C 16 17.59 -32.80 -13.87
C ARG C 16 18.44 -32.60 -12.63
N TYR C 17 19.11 -31.45 -12.59
CA TYR C 17 19.85 -31.08 -11.39
C TYR C 17 18.89 -30.75 -10.26
N LEU C 18 19.40 -30.77 -9.03
CA LEU C 18 18.59 -30.40 -7.88
C LEU C 18 18.18 -28.95 -7.97
N THR C 19 16.91 -28.67 -7.68
CA THR C 19 16.39 -27.33 -7.72
C THR C 19 16.94 -26.52 -6.55
N PRO C 20 16.89 -25.18 -6.63
CA PRO C 20 17.38 -24.36 -5.51
C PRO C 20 16.71 -24.69 -4.18
N GLY C 21 15.40 -25.00 -4.19
CA GLY C 21 14.74 -25.35 -2.95
C GLY C 21 15.25 -26.64 -2.36
N GLU C 22 15.52 -27.63 -3.20
CA GLU C 22 16.09 -28.89 -2.71
C GLU C 22 17.49 -28.66 -2.15
N ILE C 23 18.28 -27.80 -2.78
CA ILE C 23 19.60 -27.48 -2.26
C ILE C 23 19.48 -26.79 -0.90
N HIS C 24 18.52 -25.88 -0.75
CA HIS C 24 18.33 -25.21 0.53
C HIS C 24 17.90 -26.18 1.62
N ALA C 25 17.03 -27.14 1.27
CA ALA C 25 16.66 -28.18 2.23
C ALA C 25 17.87 -29.01 2.63
N LEU C 26 18.73 -29.34 1.67
CA LEU C 26 19.97 -30.05 1.97
C LEU C 26 20.86 -29.24 2.90
N GLN C 27 20.94 -27.93 2.67
CA GLN C 27 21.77 -27.09 3.52
C GLN C 27 21.23 -27.03 4.94
N ASN C 28 19.91 -26.96 5.10
CA ASN C 28 19.31 -27.02 6.43
C ASN C 28 19.64 -28.34 7.11
N PHE C 29 19.54 -29.45 6.36
CA PHE C 29 19.86 -30.75 6.93
C PHE C 29 21.32 -30.82 7.36
N TYR C 30 22.22 -30.27 6.55
CA TYR C 30 23.63 -30.25 6.91
C TYR C 30 23.86 -29.43 8.17
N ARG C 31 23.17 -28.30 8.29
CA ARG C 31 23.31 -27.48 9.48
C ARG C 31 22.78 -28.17 10.73
N SER C 32 21.79 -29.06 10.60
CA SER C 32 21.25 -29.77 11.76
C SER C 32 22.06 -31.01 12.13
N GLY C 33 23.22 -31.22 11.48
CA GLY C 33 23.94 -32.46 11.64
C GLY C 33 24.50 -32.68 13.04
N THR C 34 25.03 -31.62 13.65
CA THR C 34 25.60 -31.76 14.98
C THR C 34 24.54 -32.16 16.00
N GLU C 35 23.37 -31.53 15.94
CA GLU C 35 22.28 -31.90 16.83
C GLU C 35 21.81 -33.33 16.56
N ARG C 36 21.75 -33.72 15.29
CA ARG C 36 21.36 -35.10 14.98
C ARG C 36 22.36 -36.09 15.57
N ILE C 37 23.65 -35.80 15.46
CA ILE C 37 24.67 -36.71 16.00
C ILE C 37 24.59 -36.76 17.51
N ARG C 38 24.35 -35.62 18.16
CA ARG C 38 24.19 -35.64 19.61
C ARG C 38 23.00 -36.48 20.04
N LEU C 39 21.87 -36.35 19.33
CA LEU C 39 20.71 -37.17 19.64
C LEU C 39 21.00 -38.65 19.44
N ALA C 40 21.71 -39.00 18.36
CA ALA C 40 22.05 -40.39 18.12
C ALA C 40 22.95 -40.94 19.22
N LYS C 41 23.93 -40.16 19.66
CA LYS C 41 24.78 -40.58 20.76
C LYS C 41 23.98 -40.79 22.04
N VAL C 42 23.06 -39.87 22.34
CA VAL C 42 22.22 -40.00 23.52
C VAL C 42 21.40 -41.28 23.46
N LEU C 43 20.82 -41.56 22.30
CA LEU C 43 20.02 -42.78 22.15
C LEU C 43 20.89 -44.02 22.29
N ALA C 44 22.11 -43.99 21.74
CA ALA C 44 23.00 -45.14 21.83
C ALA C 44 23.42 -45.42 23.26
N GLN C 45 23.70 -44.38 24.03
CA GLN C 45 24.21 -44.60 25.39
C GLN C 45 23.13 -45.09 26.35
N ASN C 46 21.85 -44.84 26.04
CA ASN C 46 20.75 -45.25 26.90
C ASN C 46 20.05 -46.51 26.39
N GLU C 47 20.67 -47.23 25.45
CA GLU C 47 20.00 -48.37 24.84
C GLU C 47 19.73 -49.47 25.84
N LYS C 48 20.76 -49.88 26.59
CA LYS C 48 20.63 -51.05 27.46
C LYS C 48 19.59 -50.83 28.55
N LYS C 49 19.66 -49.67 29.21
CA LYS C 49 18.73 -49.40 30.31
C LYS C 49 17.30 -49.26 29.81
N ILE C 50 17.12 -48.59 28.68
CA ILE C 50 15.79 -48.48 28.08
C ILE C 50 15.24 -49.86 27.76
N VAL C 51 16.08 -50.71 27.16
CA VAL C 51 15.64 -52.06 26.81
C VAL C 51 15.25 -52.83 28.06
N GLU C 52 16.05 -52.75 29.11
CA GLU C 52 15.76 -53.51 30.33
C GLU C 52 14.45 -53.06 30.97
N ARG C 53 14.27 -51.74 31.12
CA ARG C 53 13.05 -51.24 31.74
C ARG C 53 11.82 -51.57 30.89
N ALA C 54 11.96 -51.45 29.57
CA ALA C 54 10.85 -51.78 28.69
C ALA C 54 10.50 -53.26 28.76
N THR C 55 11.51 -54.13 28.86
CA THR C 55 11.23 -55.55 29.02
C THR C 55 10.49 -55.83 30.32
N GLN C 56 10.90 -55.17 31.41
CA GLN C 56 10.19 -55.34 32.67
C GLN C 56 8.73 -54.94 32.53
N LYS C 57 8.49 -53.76 31.95
CA LYS C 57 7.11 -53.30 31.78
C LYS C 57 6.31 -54.23 30.89
N PHE C 58 6.93 -54.70 29.80
CA PHE C 58 6.24 -55.57 28.86
C PHE C 58 5.86 -56.90 29.49
N TRP C 59 6.77 -57.49 30.27
CA TRP C 59 6.44 -58.73 30.95
C TRP C 59 5.37 -58.51 32.01
N LYS C 60 5.36 -57.33 32.64
CA LYS C 60 4.26 -57.01 33.55
C LYS C 60 2.93 -56.93 32.80
N ILE C 61 2.95 -56.41 31.57
CA ILE C 61 1.72 -56.21 30.83
C ILE C 61 1.25 -57.52 30.20
N CYS C 62 2.05 -58.09 29.29
CA CYS C 62 1.68 -59.29 28.56
C CYS C 62 2.56 -60.45 28.98
N PRO C 63 2.11 -61.33 29.85
CA PRO C 63 2.96 -62.44 30.32
C PRO C 63 3.01 -63.60 29.33
N ARG C 64 1.92 -63.81 28.61
CA ARG C 64 1.82 -64.94 27.67
C ARG C 64 2.47 -64.54 26.36
N THR C 65 3.80 -64.55 26.35
CA THR C 65 4.60 -64.15 25.20
C THR C 65 5.71 -65.15 25.00
N PRO C 66 6.24 -65.28 23.78
CA PRO C 66 7.40 -66.14 23.57
C PRO C 66 8.61 -65.71 24.38
N SER C 67 8.80 -64.41 24.62
CA SER C 67 9.92 -63.95 25.41
C SER C 67 9.75 -64.20 26.90
N ASN C 68 8.57 -64.64 27.32
CA ASN C 68 8.29 -64.97 28.72
C ASN C 68 7.81 -66.41 28.84
N SER C 69 8.34 -67.29 28.00
CA SER C 69 7.97 -68.69 27.99
C SER C 69 8.98 -69.58 28.71
N GLY C 70 9.90 -68.98 29.47
CA GLY C 70 10.89 -69.74 30.18
C GLY C 70 12.10 -70.14 29.36
N ASN C 71 12.19 -69.70 28.12
CA ASN C 71 13.33 -69.99 27.26
C ASN C 71 14.28 -68.80 27.28
N ALA C 72 15.53 -69.05 27.66
CA ALA C 72 16.51 -67.97 27.72
C ALA C 72 16.85 -67.47 26.31
N ARG C 73 16.90 -68.38 25.34
CA ARG C 73 17.20 -67.97 23.97
C ARG C 73 16.15 -67.03 23.43
N LYS C 74 14.88 -67.32 23.68
CA LYS C 74 13.80 -66.45 23.21
C LYS C 74 13.84 -65.09 23.88
N THR C 75 14.13 -65.05 25.18
CA THR C 75 14.25 -63.77 25.88
C THR C 75 15.39 -62.94 25.30
N GLU C 76 16.54 -63.58 25.09
CA GLU C 76 17.67 -62.87 24.51
C GLU C 76 17.34 -62.36 23.12
N ALA C 77 16.63 -63.17 22.33
CA ALA C 77 16.27 -62.75 20.97
C ALA C 77 15.31 -61.57 20.99
N ALA C 78 14.34 -61.57 21.91
CA ALA C 78 13.41 -60.45 21.99
C ALA C 78 14.12 -59.16 22.39
N MET C 79 14.98 -59.24 23.41
CA MET C 79 15.73 -58.05 23.82
C MET C 79 16.64 -57.58 22.70
N ARG C 80 17.23 -58.52 21.95
CA ARG C 80 18.08 -58.16 20.83
C ARG C 80 17.29 -57.46 19.74
N ASP C 81 16.08 -57.94 19.45
CA ASP C 81 15.24 -57.31 18.44
C ASP C 81 14.89 -55.89 18.83
N ILE C 82 14.55 -55.69 20.10
CA ILE C 82 14.23 -54.34 20.56
C ILE C 82 15.45 -53.43 20.47
N GLY C 83 16.63 -53.92 20.87
CA GLY C 83 17.84 -53.13 20.69
C GLY C 83 18.10 -52.80 19.24
N TRP C 84 17.82 -53.74 18.34
CA TRP C 84 17.99 -53.50 16.92
C TRP C 84 17.08 -52.39 16.44
N TYR C 85 15.83 -52.39 16.89
CA TYR C 85 14.91 -51.35 16.46
C TYR C 85 15.32 -49.98 17.00
N ILE C 86 15.83 -49.93 18.23
CA ILE C 86 16.36 -48.67 18.75
C ILE C 86 17.56 -48.21 17.92
N ARG C 87 18.41 -49.16 17.53
CA ARG C 87 19.56 -48.83 16.68
C ARG C 87 19.11 -48.27 15.33
N LEU C 88 18.07 -48.86 14.75
CA LEU C 88 17.55 -48.37 13.48
C LEU C 88 16.97 -46.97 13.64
N VAL C 89 16.32 -46.69 14.78
CA VAL C 89 15.82 -45.34 15.02
C VAL C 89 16.98 -44.35 15.11
N SER C 90 18.10 -44.76 15.73
CA SER C 90 19.26 -43.89 15.76
C SER C 90 19.82 -43.65 14.36
N TYR C 91 19.81 -44.70 13.52
CA TYR C 91 20.21 -44.53 12.13
C TYR C 91 19.31 -43.51 11.43
N CYS C 92 18.01 -43.56 11.71
CA CYS C 92 17.08 -42.60 11.13
C CYS C 92 17.37 -41.18 11.60
N LEU C 93 17.72 -41.03 12.89
CA LEU C 93 18.11 -39.73 13.39
C LEU C 93 19.31 -39.19 12.63
N LEU C 94 20.29 -40.05 12.36
CA LEU C 94 21.47 -39.60 11.64
C LEU C 94 21.17 -39.30 10.18
N ALA C 95 20.31 -40.11 9.55
CA ALA C 95 20.10 -40.04 8.11
C ALA C 95 19.14 -38.96 7.68
N GLY C 96 18.35 -38.40 8.61
CA GLY C 96 17.42 -37.35 8.28
C GLY C 96 16.08 -37.81 7.75
N ASN C 97 15.89 -39.10 7.55
CA ASN C 97 14.59 -39.64 7.16
C ASN C 97 14.48 -41.06 7.69
N GLU C 98 13.36 -41.69 7.40
CA GLU C 98 13.03 -43.01 7.92
C GLU C 98 13.54 -44.14 7.05
N LYS C 99 14.27 -43.82 5.98
CA LYS C 99 14.69 -44.85 5.03
C LYS C 99 15.51 -45.97 5.66
N PRO C 100 16.48 -45.73 6.55
CA PRO C 100 17.15 -46.88 7.18
C PRO C 100 16.19 -47.82 7.89
N LEU C 101 15.23 -47.27 8.62
CA LEU C 101 14.24 -48.08 9.31
C LEU C 101 13.40 -48.89 8.33
N GLU C 102 12.94 -48.24 7.26
CA GLU C 102 12.12 -48.95 6.27
C GLU C 102 12.91 -50.06 5.61
N GLU C 103 14.15 -49.78 5.24
CA GLU C 103 14.93 -50.72 4.44
C GLU C 103 15.58 -51.82 5.28
N ILE C 104 15.65 -51.67 6.60
CA ILE C 104 16.26 -52.68 7.45
C ILE C 104 15.23 -53.43 8.28
N GLY C 105 14.25 -52.73 8.85
CA GLY C 105 13.36 -53.40 9.78
C GLY C 105 11.87 -53.18 9.61
N LEU C 106 11.44 -52.56 8.51
CA LEU C 106 10.01 -52.30 8.33
C LEU C 106 9.44 -53.02 7.12
N ILE C 107 10.13 -52.99 5.98
CA ILE C 107 9.64 -53.72 4.81
C ILE C 107 9.82 -55.21 5.06
N GLY C 108 8.72 -55.95 5.03
CA GLY C 108 8.76 -57.36 5.30
C GLY C 108 8.77 -57.75 6.76
N MET C 109 8.61 -56.78 7.67
CA MET C 109 8.66 -57.09 9.10
C MET C 109 7.52 -58.00 9.51
N LYS C 110 6.31 -57.73 9.02
CA LYS C 110 5.17 -58.58 9.34
C LYS C 110 5.38 -60.00 8.81
N GLU C 111 5.91 -60.12 7.60
CA GLU C 111 6.19 -61.44 7.04
C GLU C 111 7.25 -62.17 7.87
N LEU C 112 8.29 -61.44 8.29
CA LEU C 112 9.33 -62.05 9.10
C LEU C 112 8.76 -62.57 10.42
N TYR C 113 7.92 -61.78 11.07
CA TYR C 113 7.40 -62.22 12.37
C TYR C 113 6.33 -63.29 12.22
N ASN C 114 5.62 -63.31 11.09
CA ASN C 114 4.73 -64.42 10.82
C ASN C 114 5.50 -65.71 10.62
N SER C 115 6.64 -65.64 9.93
CA SER C 115 7.44 -66.84 9.69
C SER C 115 8.12 -67.32 10.97
N VAL C 116 8.65 -66.39 11.76
CA VAL C 116 9.32 -66.77 12.99
C VAL C 116 8.32 -67.30 14.02
N GLY C 117 7.14 -66.69 14.08
CA GLY C 117 6.09 -67.15 14.97
C GLY C 117 5.73 -66.22 16.10
N ILE C 118 6.15 -64.96 16.04
CA ILE C 118 5.92 -64.01 17.11
C ILE C 118 4.62 -63.25 16.82
N PRO C 119 3.65 -63.26 17.72
CA PRO C 119 2.45 -62.45 17.50
C PRO C 119 2.79 -60.97 17.40
N LEU C 120 2.20 -60.29 16.43
CA LEU C 120 2.52 -58.90 16.19
C LEU C 120 1.89 -57.95 17.20
N GLU C 121 0.80 -58.37 17.86
CA GLU C 121 0.26 -57.55 18.94
C GLU C 121 1.20 -57.53 20.13
N ASN C 122 1.87 -58.65 20.40
CA ASN C 122 2.90 -58.67 21.43
C ASN C 122 4.05 -57.73 21.06
N VAL C 123 4.46 -57.74 19.80
CA VAL C 123 5.51 -56.82 19.35
C VAL C 123 5.05 -55.39 19.52
N ARG C 124 3.79 -55.12 19.21
CA ARG C 124 3.27 -53.76 19.34
C ARG C 124 3.24 -53.31 20.79
N GLN C 125 2.83 -54.20 21.70
CA GLN C 125 2.85 -53.85 23.13
C GLN C 125 4.27 -53.62 23.62
N TYR C 126 5.20 -54.47 23.20
CA TYR C 126 6.61 -54.27 23.54
C TYR C 126 7.10 -52.92 23.07
N MET C 127 6.77 -52.55 21.83
CA MET C 127 7.24 -51.28 21.28
C MET C 127 6.56 -50.10 21.96
N LEU C 128 5.32 -50.25 22.39
CA LEU C 128 4.69 -49.20 23.18
C LEU C 128 5.40 -49.01 24.50
N CYS C 129 5.79 -50.11 25.15
CA CYS C 129 6.58 -50.00 26.37
C CYS C 129 7.92 -49.32 26.11
N VAL C 130 8.56 -49.67 25.00
CA VAL C 130 9.83 -49.05 24.64
C VAL C 130 9.66 -47.56 24.41
N LYS C 131 8.58 -47.18 23.73
CA LYS C 131 8.30 -45.76 23.50
C LYS C 131 8.09 -45.02 24.82
N ALA C 132 7.36 -45.65 25.75
CA ALA C 132 7.17 -45.04 27.05
C ALA C 132 8.49 -44.85 27.79
N GLU C 133 9.36 -45.87 27.73
CA GLU C 133 10.67 -45.75 28.38
C GLU C 133 11.50 -44.64 27.75
N VAL C 134 11.49 -44.54 26.42
CA VAL C 134 12.26 -43.51 25.74
C VAL C 134 11.75 -42.13 26.11
N SER C 135 10.43 -41.96 26.16
CA SER C 135 9.86 -40.69 26.60
C SER C 135 10.25 -40.37 28.03
N ALA C 136 10.26 -41.39 28.91
CA ALA C 136 10.61 -41.16 30.30
C ALA C 136 12.07 -40.73 30.45
N MET C 137 12.98 -41.34 29.69
CA MET C 137 14.40 -41.07 29.89
C MET C 137 14.85 -39.78 29.23
N LEU C 138 14.46 -39.57 27.98
CA LEU C 138 14.93 -38.40 27.25
C LEU C 138 14.25 -37.13 27.75
N THR C 139 14.88 -35.99 27.46
CA THR C 139 14.28 -34.70 27.74
C THR C 139 13.08 -34.50 26.82
N PRO C 140 12.19 -33.56 27.16
CA PRO C 140 11.03 -33.32 26.28
C PRO C 140 11.40 -33.01 24.83
N GLU C 141 12.50 -32.28 24.59
CA GLU C 141 12.91 -32.00 23.22
C GLU C 141 13.47 -33.24 22.55
N ASP C 142 14.33 -33.99 23.25
CA ASP C 142 14.87 -35.21 22.68
C ASP C 142 13.76 -36.22 22.40
N ALA C 143 12.81 -36.34 23.32
CA ALA C 143 11.67 -37.20 23.09
C ALA C 143 10.85 -36.72 21.90
N ALA C 144 10.61 -35.40 21.81
CA ALA C 144 9.83 -34.87 20.69
C ALA C 144 10.54 -35.13 19.36
N GLU C 145 11.85 -35.29 19.39
CA GLU C 145 12.59 -35.56 18.16
C GLU C 145 12.70 -37.05 17.84
N VAL C 146 12.67 -37.93 18.84
CA VAL C 146 12.92 -39.34 18.63
C VAL C 146 11.62 -40.14 18.57
N ILE C 147 10.65 -39.80 19.42
CA ILE C 147 9.41 -40.59 19.50
C ILE C 147 8.71 -40.76 18.16
N PRO C 148 8.65 -39.76 17.27
CA PRO C 148 7.97 -39.99 15.99
C PRO C 148 8.46 -41.19 15.21
N TYR C 149 9.73 -41.56 15.31
CA TYR C 149 10.20 -42.75 14.60
C TYR C 149 9.66 -44.03 15.25
N PHE C 150 9.54 -44.05 16.57
CA PHE C 150 8.92 -45.19 17.23
C PHE C 150 7.44 -45.28 16.88
N ASP C 151 6.77 -44.14 16.77
CA ASP C 151 5.39 -44.13 16.30
C ASP C 151 5.29 -44.64 14.87
N LEU C 152 6.27 -44.30 14.04
CA LEU C 152 6.34 -44.83 12.68
C LEU C 152 6.50 -46.35 12.68
N ILE C 153 7.31 -46.88 13.58
CA ILE C 153 7.41 -48.33 13.72
C ILE C 153 6.06 -48.92 14.11
N LEU C 154 5.40 -48.30 15.10
CA LEU C 154 4.15 -48.85 15.60
C LEU C 154 3.06 -48.82 14.53
N GLN C 155 3.05 -47.79 13.69
CA GLN C 155 2.00 -47.67 12.68
C GLN C 155 2.01 -48.83 11.71
N VAL C 156 3.17 -49.48 11.52
CA VAL C 156 3.25 -50.61 10.61
C VAL C 156 2.47 -51.81 11.14
N ILE C 157 2.50 -52.01 12.46
CA ILE C 157 1.97 -53.23 13.06
C ILE C 157 0.79 -52.91 13.98
N SER C 158 0.03 -51.87 13.66
CA SER C 158 -1.06 -51.44 14.51
C SER C 158 -2.44 -51.81 13.97
N SER C 159 -2.52 -52.42 12.79
CA SER C 159 -3.82 -52.71 12.20
C SER C 159 -3.80 -54.07 11.53
N PRO C 160 -4.78 -54.93 11.80
CA PRO C 160 -5.90 -54.77 12.72
C PRO C 160 -5.48 -55.01 14.17
N GLY C 161 -6.20 -54.46 15.15
CA GLY C 161 -5.82 -54.68 16.54
C GLY C 161 -6.54 -53.70 17.44
N ALA C 162 -5.93 -53.46 18.60
CA ALA C 162 -6.51 -52.56 19.57
C ALA C 162 -6.55 -51.14 19.01
N PRO C 163 -7.49 -50.30 19.46
CA PRO C 163 -8.48 -50.53 20.52
C PRO C 163 -9.72 -51.26 20.04
N TYR C 164 -10.51 -51.78 20.98
CA TYR C 164 -11.79 -52.41 20.70
C TYR C 164 -12.87 -51.69 21.48
N PHE C 165 -13.97 -51.36 20.82
CA PHE C 165 -15.02 -50.57 21.42
C PHE C 165 -16.37 -51.27 21.49
N GLN C 166 -16.52 -52.44 20.88
CA GLN C 166 -17.78 -53.17 20.93
C GLN C 166 -17.80 -54.07 22.17
N ASN C 167 -17.79 -53.43 23.33
CA ASN C 167 -17.73 -54.13 24.60
C ASN C 167 -18.29 -53.25 25.69
N ASN C 168 -18.40 -53.80 26.89
CA ASN C 168 -18.83 -53.07 28.06
C ASN C 168 -17.67 -52.44 28.84
N GLY C 169 -16.45 -52.62 28.38
CA GLY C 169 -15.29 -52.03 29.02
C GLY C 169 -14.65 -52.87 30.11
N ARG C 170 -15.23 -54.00 30.47
CA ARG C 170 -14.67 -54.84 31.51
C ARG C 170 -13.54 -55.69 30.98
N THR C 171 -12.48 -55.84 31.78
CA THR C 171 -11.30 -56.60 31.41
C THR C 171 -11.10 -57.82 32.29
N ASP C 172 -11.99 -58.08 33.24
CA ASP C 172 -11.85 -59.19 34.18
C ASP C 172 -12.59 -60.43 33.72
N TRP C 173 -13.06 -60.47 32.47
CA TRP C 173 -13.79 -61.62 31.97
C TRP C 173 -12.94 -62.87 31.85
N GLN C 174 -11.62 -62.75 31.95
CA GLN C 174 -10.76 -63.92 31.91
C GLN C 174 -11.00 -64.79 33.15
N ARG C 175 -11.12 -66.08 32.92
CA ARG C 175 -11.50 -67.02 33.96
C ARG C 175 -11.01 -68.43 33.66
N MET D 1 21.70 -46.53 -5.13
CA MET D 1 23.00 -45.96 -4.80
C MET D 1 23.14 -45.73 -3.31
N GLN D 2 24.20 -45.03 -2.92
CA GLN D 2 24.46 -44.68 -1.53
C GLN D 2 25.10 -43.31 -1.47
N ASP D 3 24.92 -42.65 -0.33
CA ASP D 3 25.65 -41.43 -0.02
C ASP D 3 26.53 -41.69 1.20
N ALA D 4 27.19 -40.66 1.69
CA ALA D 4 28.12 -40.83 2.80
C ALA D 4 27.41 -41.34 4.04
N ILE D 5 26.27 -40.74 4.37
CA ILE D 5 25.51 -41.17 5.55
C ILE D 5 25.05 -42.60 5.40
N THR D 6 24.51 -42.94 4.23
CA THR D 6 24.03 -44.30 4.01
C THR D 6 25.16 -45.31 4.05
N ALA D 7 26.32 -44.95 3.48
CA ALA D 7 27.46 -45.84 3.50
C ALA D 7 27.93 -46.11 4.93
N LEU D 8 28.03 -45.05 5.75
CA LEU D 8 28.44 -45.22 7.13
C LEU D 8 27.41 -46.04 7.91
N ILE D 9 26.13 -45.77 7.68
CA ILE D 9 25.08 -46.51 8.38
C ILE D 9 25.12 -47.98 8.02
N ASN D 10 25.31 -48.30 6.75
CA ASN D 10 25.38 -49.70 6.34
C ASN D 10 26.61 -50.38 6.90
N SER D 11 27.75 -49.70 6.89
CA SER D 11 28.98 -50.29 7.44
C SER D 11 28.84 -50.55 8.93
N SER D 12 28.08 -49.70 9.64
CA SER D 12 27.81 -49.98 11.05
C SER D 12 26.76 -51.06 11.24
N ASP D 13 25.79 -51.14 10.33
CA ASP D 13 24.66 -52.05 10.47
C ASP D 13 25.03 -53.49 10.15
N VAL D 14 25.97 -53.70 9.23
CA VAL D 14 26.38 -55.07 8.93
C VAL D 14 27.03 -55.73 10.15
N GLN D 15 27.62 -54.92 11.04
CA GLN D 15 28.15 -55.44 12.28
C GLN D 15 27.11 -55.49 13.39
N GLY D 16 25.91 -54.97 13.16
CA GLY D 16 24.89 -54.94 14.19
C GLY D 16 25.27 -54.09 15.38
N ARG D 17 25.93 -52.96 15.13
CA ARG D 17 26.38 -52.09 16.20
C ARG D 17 26.12 -50.64 15.81
N TYR D 18 26.03 -49.78 16.81
CA TYR D 18 25.85 -48.36 16.58
C TYR D 18 27.07 -47.78 15.86
N LEU D 19 26.94 -46.53 15.42
CA LEU D 19 28.05 -45.87 14.76
C LEU D 19 29.15 -45.58 15.77
N ASP D 20 30.32 -46.18 15.54
CA ASP D 20 31.46 -45.97 16.41
C ASP D 20 31.99 -44.55 16.25
N PRO D 21 32.77 -44.07 17.21
CA PRO D 21 33.21 -42.65 17.16
C PRO D 21 33.94 -42.28 15.88
N SER D 22 34.65 -43.22 15.25
CA SER D 22 35.26 -42.92 13.96
C SER D 22 34.21 -42.60 12.91
N SER D 23 33.14 -43.40 12.86
CA SER D 23 32.07 -43.14 11.91
C SER D 23 31.36 -41.83 12.23
N LEU D 24 31.20 -41.51 13.51
CA LEU D 24 30.57 -40.26 13.88
C LEU D 24 31.44 -39.06 13.49
N ASP D 25 32.76 -39.19 13.62
CA ASP D 25 33.64 -38.14 13.16
C ASP D 25 33.56 -37.98 11.64
N LYS D 26 33.50 -39.09 10.92
CA LYS D 26 33.35 -39.01 9.46
C LYS D 26 32.04 -38.34 9.09
N LEU D 27 30.96 -38.67 9.80
CA LEU D 27 29.67 -38.05 9.54
C LEU D 27 29.72 -36.56 9.82
N GLN D 28 30.40 -36.15 10.90
CA GLN D 28 30.54 -34.73 11.19
C GLN D 28 31.34 -34.04 10.10
N ASN D 29 32.38 -34.70 9.58
CA ASN D 29 33.16 -34.11 8.50
C ASN D 29 32.30 -33.92 7.25
N TYR D 30 31.47 -34.91 6.93
CA TYR D 30 30.57 -34.78 5.78
C TYR D 30 29.58 -33.64 5.99
N PHE D 31 29.02 -33.54 7.19
CA PHE D 31 28.08 -32.45 7.48
C PHE D 31 28.75 -31.09 7.36
N GLN D 32 30.00 -30.98 7.81
CA GLN D 32 30.73 -29.73 7.67
C GLN D 32 30.98 -29.40 6.21
N SER D 33 31.36 -30.39 5.41
CA SER D 33 31.63 -30.16 4.00
C SER D 33 30.36 -29.94 3.18
N GLY D 34 29.19 -30.22 3.76
CA GLY D 34 27.95 -30.12 3.02
C GLY D 34 27.67 -28.75 2.44
N ASP D 35 28.07 -27.68 3.15
CA ASP D 35 27.84 -26.33 2.63
C ASP D 35 28.61 -26.11 1.33
N MET D 36 29.88 -26.49 1.31
CA MET D 36 30.68 -26.38 0.09
C MET D 36 30.12 -27.28 -1.00
N ARG D 37 29.67 -28.47 -0.63
CA ARG D 37 29.10 -29.38 -1.64
C ARG D 37 27.86 -28.77 -2.28
N ALA D 38 26.96 -28.19 -1.48
CA ALA D 38 25.76 -27.58 -2.02
C ALA D 38 26.09 -26.38 -2.89
N LYS D 39 27.05 -25.56 -2.47
CA LYS D 39 27.46 -24.42 -3.29
C LYS D 39 28.01 -24.88 -4.63
N THR D 40 28.84 -25.93 -4.62
CA THR D 40 29.39 -26.44 -5.87
C THR D 40 28.30 -27.02 -6.75
N ALA D 41 27.33 -27.71 -6.16
CA ALA D 41 26.23 -28.25 -6.95
C ALA D 41 25.43 -27.13 -7.60
N ILE D 42 25.17 -26.06 -6.86
CA ILE D 42 24.46 -24.92 -7.43
C ILE D 42 25.26 -24.31 -8.58
N ALA D 43 26.56 -24.13 -8.38
CA ALA D 43 27.40 -23.53 -9.42
C ALA D 43 27.44 -24.40 -10.66
N VAL D 44 27.57 -25.71 -10.50
CA VAL D 44 27.63 -26.60 -11.66
C VAL D 44 26.30 -26.62 -12.38
N SER D 45 25.20 -26.66 -11.63
CA SER D 45 23.88 -26.65 -12.26
C SER D 45 23.65 -25.37 -13.04
N ALA D 46 24.16 -24.24 -12.53
CA ALA D 46 23.94 -22.97 -13.18
C ALA D 46 24.71 -22.85 -14.49
N ASN D 47 25.72 -23.69 -14.71
CA ASN D 47 26.60 -23.58 -15.86
C ASN D 47 26.80 -24.90 -16.60
N ALA D 48 25.80 -25.78 -16.59
CA ALA D 48 25.99 -27.11 -17.14
C ALA D 48 26.28 -27.06 -18.64
N LYS D 49 25.43 -26.37 -19.39
CA LYS D 49 25.60 -26.34 -20.85
C LYS D 49 26.89 -25.66 -21.25
N ASN D 50 27.26 -24.57 -20.57
CA ASN D 50 28.52 -23.92 -20.85
C ASN D 50 29.70 -24.82 -20.49
N ILE D 51 29.57 -25.59 -19.41
CA ILE D 51 30.64 -26.52 -19.03
C ILE D 51 30.86 -27.53 -20.13
N VAL D 52 29.78 -28.09 -20.68
CA VAL D 52 29.92 -29.09 -21.73
C VAL D 52 30.48 -28.45 -23.00
N THR D 53 30.04 -27.23 -23.32
CA THR D 53 30.56 -26.54 -24.49
C THR D 53 32.07 -26.33 -24.38
N LYS D 54 32.52 -25.86 -23.22
CA LYS D 54 33.95 -25.63 -23.00
C LYS D 54 34.72 -26.94 -23.03
N THR D 55 34.15 -28.00 -22.45
CA THR D 55 34.81 -29.30 -22.45
C THR D 55 35.05 -29.79 -23.88
N VAL D 56 34.02 -29.73 -24.71
CA VAL D 56 34.17 -30.16 -26.10
C VAL D 56 35.16 -29.27 -26.83
N ALA D 57 35.10 -27.96 -26.58
CA ALA D 57 35.99 -27.04 -27.29
C ALA D 57 37.44 -27.30 -26.94
N LYS D 58 37.74 -27.56 -25.67
CA LYS D 58 39.12 -27.68 -25.23
C LYS D 58 39.66 -29.10 -25.30
N SER D 59 38.81 -30.09 -25.52
CA SER D 59 39.27 -31.48 -25.54
C SER D 59 39.14 -32.15 -26.90
N LEU D 60 38.02 -31.95 -27.59
CA LEU D 60 37.69 -32.75 -28.76
C LEU D 60 37.67 -31.97 -30.06
N LEU D 61 37.45 -30.67 -30.02
CA LEU D 61 37.36 -29.89 -31.24
C LEU D 61 38.72 -29.74 -31.90
N TYR D 62 38.72 -29.65 -33.22
CA TYR D 62 39.91 -29.40 -34.02
C TYR D 62 40.99 -30.45 -33.80
N THR D 63 40.56 -31.68 -33.50
CA THR D 63 41.43 -32.84 -33.47
C THR D 63 40.98 -33.80 -34.55
N ASP D 64 41.70 -34.91 -34.68
CA ASP D 64 41.33 -35.90 -35.69
C ASP D 64 40.04 -36.63 -35.34
N ILE D 65 39.52 -36.45 -34.13
CA ILE D 65 38.30 -37.16 -33.74
C ILE D 65 37.07 -36.51 -34.35
N THR D 66 37.12 -35.22 -34.66
CA THR D 66 36.03 -34.54 -35.34
C THR D 66 36.23 -34.47 -36.85
N ALA D 67 37.39 -34.87 -37.35
CA ALA D 67 37.63 -34.94 -38.78
C ALA D 67 36.93 -36.17 -39.36
N PRO D 68 36.71 -36.20 -40.67
CA PRO D 68 36.16 -37.41 -41.28
C PRO D 68 37.03 -38.63 -40.96
N GLY D 69 36.37 -39.73 -40.62
CA GLY D 69 37.04 -40.89 -40.10
C GLY D 69 37.16 -40.92 -38.60
N GLY D 70 36.84 -39.82 -37.92
CA GLY D 70 36.87 -39.78 -36.47
C GLY D 70 35.53 -40.17 -35.90
N MEN D 71 35.50 -40.51 -34.61
CA MEN D 71 34.28 -41.01 -34.00
C MEN D 71 33.30 -39.90 -33.68
O MEN D 71 32.12 -40.16 -33.43
CB MEN D 71 34.61 -41.79 -32.74
CG MEN D 71 33.45 -42.63 -32.26
OD1 MEN D 71 32.95 -42.51 -31.17
ND2 MEN D 71 32.98 -43.53 -33.15
CE2 MEN D 71 31.88 -44.40 -32.85
N MET D 72 33.77 -38.66 -33.69
CA MET D 72 32.89 -37.52 -33.45
C MET D 72 32.52 -36.85 -34.76
N TYR D 73 32.84 -37.51 -35.87
CA TYR D 73 32.35 -37.08 -37.16
C TYR D 73 30.86 -37.38 -37.27
N THR D 74 30.21 -36.69 -38.22
CA THR D 74 28.76 -36.67 -38.42
C THR D 74 28.06 -36.02 -37.23
N CYS D 75 26.89 -35.45 -37.46
CA CYS D 75 26.23 -34.69 -36.40
C CYS D 75 25.64 -35.60 -35.33
N ARG D 76 25.21 -36.81 -35.70
CA ARG D 76 24.59 -37.69 -34.71
C ARG D 76 25.60 -38.17 -33.68
N ARG D 77 26.82 -38.49 -34.13
CA ARG D 77 27.84 -38.93 -33.17
C ARG D 77 28.34 -37.79 -32.31
N TYR D 78 28.46 -36.59 -32.89
CA TYR D 78 28.76 -35.41 -32.09
C TYR D 78 27.69 -35.20 -31.01
N ALA D 79 26.42 -35.32 -31.40
CA ALA D 79 25.33 -35.14 -30.45
C ALA D 79 25.36 -36.21 -29.37
N ALA D 80 25.69 -37.44 -29.75
CA ALA D 80 25.79 -38.52 -28.77
C ALA D 80 26.91 -38.26 -27.77
N CYS D 81 28.05 -37.78 -28.26
CA CYS D 81 29.14 -37.44 -27.35
C CYS D 81 28.75 -36.32 -26.40
N VAL D 82 28.07 -35.30 -26.91
CA VAL D 82 27.62 -34.20 -26.07
C VAL D 82 26.63 -34.68 -25.02
N ARG D 83 25.72 -35.57 -25.42
CA ARG D 83 24.77 -36.15 -24.49
C ARG D 83 25.48 -36.93 -23.39
N ASP D 84 26.47 -37.72 -23.76
CA ASP D 84 27.25 -38.47 -22.78
C ASP D 84 27.94 -37.55 -21.81
N LEU D 85 28.51 -36.45 -22.32
CA LEU D 85 29.19 -35.50 -21.44
C LEU D 85 28.21 -34.82 -20.48
N ASP D 86 27.01 -34.50 -20.97
CA ASP D 86 25.98 -33.93 -20.10
C ASP D 86 25.65 -34.88 -18.97
N TYR D 87 25.47 -36.17 -19.29
CA TYR D 87 25.16 -37.14 -18.26
C TYR D 87 26.33 -37.33 -17.29
N PHE D 88 27.55 -37.31 -17.81
CA PHE D 88 28.73 -37.40 -16.96
C PHE D 88 28.75 -36.27 -15.95
N LEU D 89 28.51 -35.05 -16.42
CA LEU D 89 28.54 -33.89 -15.52
C LEU D 89 27.44 -33.98 -14.48
N ARG D 90 26.22 -34.34 -14.90
CA ARG D 90 25.12 -34.41 -13.95
C ARG D 90 25.37 -35.47 -12.88
N TYR D 91 25.87 -36.63 -13.28
CA TYR D 91 26.10 -37.68 -12.31
C TYR D 91 27.30 -37.38 -11.42
N ALA D 92 28.31 -36.69 -11.95
CA ALA D 92 29.42 -36.25 -11.11
C ALA D 92 28.93 -35.27 -10.05
N THR D 93 28.01 -34.38 -10.43
CA THR D 93 27.42 -33.48 -9.45
C THR D 93 26.63 -34.25 -8.39
N TYR D 94 25.87 -35.26 -8.83
CA TYR D 94 25.18 -36.13 -7.87
C TYR D 94 26.16 -36.75 -6.89
N ALA D 95 27.25 -37.31 -7.41
CA ALA D 95 28.21 -37.99 -6.55
C ALA D 95 28.90 -37.03 -5.60
N MET D 96 29.24 -35.83 -6.09
CA MET D 96 29.84 -34.84 -5.21
C MET D 96 28.89 -34.41 -4.11
N LEU D 97 27.61 -34.23 -4.44
CA LEU D 97 26.63 -33.89 -3.42
C LEU D 97 26.49 -35.00 -2.39
N ALA D 98 26.46 -36.25 -2.86
CA ALA D 98 26.31 -37.38 -1.96
C ALA D 98 27.58 -37.68 -1.18
N GLY D 99 28.73 -37.20 -1.66
CA GLY D 99 30.00 -37.57 -1.03
C GLY D 99 30.33 -39.03 -1.17
N ASP D 100 29.94 -39.66 -2.26
CA ASP D 100 30.13 -41.09 -2.45
C ASP D 100 30.16 -41.39 -3.93
N THR D 101 31.02 -42.33 -4.32
CA THR D 101 31.18 -42.70 -5.73
C THR D 101 30.30 -43.87 -6.14
N SER D 102 29.43 -44.35 -5.24
CA SER D 102 28.62 -45.52 -5.55
C SER D 102 27.64 -45.25 -6.69
N ILE D 103 27.09 -44.03 -6.75
CA ILE D 103 26.16 -43.71 -7.83
C ILE D 103 26.88 -43.72 -9.17
N LEU D 104 28.16 -43.34 -9.17
CA LEU D 104 28.95 -43.43 -10.39
C LEU D 104 29.10 -44.87 -10.86
N ASP D 105 29.31 -45.78 -9.91
CA ASP D 105 29.43 -47.20 -10.27
C ASP D 105 28.11 -47.76 -10.75
N GLU D 106 27.00 -47.38 -10.12
CA GLU D 106 25.71 -47.95 -10.47
C GLU D 106 25.12 -47.37 -11.74
N ARG D 107 25.29 -46.08 -12.01
CA ARG D 107 24.55 -45.42 -13.07
C ARG D 107 25.43 -44.72 -14.10
N ILE D 108 26.74 -44.92 -14.06
CA ILE D 108 27.59 -44.40 -15.11
C ILE D 108 28.42 -45.53 -15.70
N LEU D 109 29.17 -46.23 -14.86
CA LEU D 109 30.11 -47.24 -15.33
C LEU D 109 29.49 -48.62 -15.45
N ASN D 110 28.19 -48.74 -15.24
CA ASN D 110 27.49 -50.03 -15.30
C ASN D 110 27.27 -50.39 -16.76
N GLY D 111 28.21 -51.12 -17.34
CA GLY D 111 28.12 -51.51 -18.73
C GLY D 111 28.53 -50.44 -19.72
N LEU D 112 29.02 -49.29 -19.26
CA LEU D 112 29.42 -48.23 -20.18
C LEU D 112 30.67 -48.60 -20.95
N ARG D 113 31.66 -49.20 -20.27
CA ARG D 113 32.90 -49.56 -20.94
C ARG D 113 32.65 -50.57 -22.06
N GLU D 114 31.80 -51.57 -21.79
CA GLU D 114 31.50 -52.57 -22.81
C GLU D 114 30.73 -51.98 -23.97
N THR D 115 29.80 -51.06 -23.68
CA THR D 115 29.09 -50.38 -24.75
C THR D 115 30.06 -49.57 -25.63
N TYR D 116 30.98 -48.85 -25.00
CA TYR D 116 31.96 -48.09 -25.76
C TYR D 116 32.85 -48.99 -26.58
N ASN D 117 33.27 -50.12 -26.01
CA ASN D 117 34.12 -51.05 -26.75
C ASN D 117 33.39 -51.62 -27.96
N SER D 118 32.12 -51.98 -27.79
CA SER D 118 31.36 -52.52 -28.90
C SER D 118 31.10 -51.46 -29.97
N LEU D 119 30.93 -50.21 -29.56
CA LEU D 119 30.64 -49.14 -30.50
C LEU D 119 31.89 -48.54 -31.14
N GLY D 120 33.08 -48.87 -30.66
CA GLY D 120 34.28 -48.26 -31.18
C GLY D 120 34.53 -46.87 -30.67
N VAL D 121 33.88 -46.46 -29.59
CA VAL D 121 34.14 -45.14 -29.01
C VAL D 121 35.54 -45.13 -28.42
N PRO D 122 36.40 -44.17 -28.79
CA PRO D 122 37.79 -44.18 -28.30
C PRO D 122 37.83 -43.90 -26.81
N ILE D 123 38.36 -44.86 -26.05
CA ILE D 123 38.40 -44.74 -24.60
C ILE D 123 39.40 -43.66 -24.19
N GLY D 124 40.52 -43.56 -24.89
CA GLY D 124 41.50 -42.53 -24.56
C GLY D 124 40.95 -41.14 -24.73
N ALA D 125 40.24 -40.90 -25.83
CA ALA D 125 39.64 -39.60 -26.06
C ALA D 125 38.55 -39.30 -25.03
N THR D 126 37.79 -40.32 -24.63
CA THR D 126 36.77 -40.12 -23.62
C THR D 126 37.39 -39.76 -22.28
N ILE D 127 38.49 -40.41 -21.90
CA ILE D 127 39.17 -40.08 -20.65
C ILE D 127 39.74 -38.68 -20.74
N ARG D 128 40.31 -38.31 -21.88
CA ARG D 128 40.82 -36.96 -22.07
C ARG D 128 39.71 -35.93 -21.92
N SER D 129 38.54 -36.21 -22.48
CA SER D 129 37.43 -35.27 -22.39
C SER D 129 36.89 -35.19 -20.96
N VAL D 130 36.90 -36.29 -20.22
CA VAL D 130 36.48 -36.26 -18.83
C VAL D 130 37.46 -35.42 -18.01
N GLN D 131 38.75 -35.57 -18.28
CA GLN D 131 39.74 -34.74 -17.57
C GLN D 131 39.58 -33.27 -17.93
N ALA D 132 39.27 -32.98 -19.19
CA ALA D 132 39.02 -31.60 -19.59
C ALA D 132 37.77 -31.05 -18.90
N MET D 133 36.74 -31.88 -18.74
CA MET D 133 35.56 -31.46 -18.00
C MET D 133 35.91 -31.16 -16.55
N LYS D 134 36.76 -31.99 -15.95
CA LYS D 134 37.22 -31.74 -14.59
C LYS D 134 37.96 -30.41 -14.50
N GLU D 135 38.81 -30.12 -15.48
CA GLU D 135 39.54 -28.87 -15.49
C GLU D 135 38.60 -27.67 -15.64
N VAL D 136 37.59 -27.79 -16.51
CA VAL D 136 36.63 -26.70 -16.71
C VAL D 136 35.85 -26.45 -15.43
N VAL D 137 35.39 -27.52 -14.78
CA VAL D 137 34.67 -27.37 -13.53
C VAL D 137 35.55 -26.74 -12.48
N THR D 138 36.83 -27.14 -12.42
CA THR D 138 37.75 -26.56 -11.46
C THR D 138 37.93 -25.06 -11.71
N SER D 139 38.08 -24.67 -12.97
CA SER D 139 38.19 -23.25 -13.28
C SER D 139 36.91 -22.50 -12.96
N LEU D 140 35.76 -23.16 -12.97
CA LEU D 140 34.52 -22.48 -12.62
C LEU D 140 34.35 -22.33 -11.12
N VAL D 141 34.56 -23.39 -10.34
CA VAL D 141 34.20 -23.42 -8.93
C VAL D 141 35.40 -23.24 -8.00
N GLY D 142 36.60 -23.05 -8.54
CA GLY D 142 37.77 -22.81 -7.71
C GLY D 142 38.62 -24.06 -7.55
N ALA D 143 39.65 -23.92 -6.71
CA ALA D 143 40.63 -24.98 -6.55
C ALA D 143 40.18 -26.04 -5.55
N ASP D 144 39.59 -25.63 -4.43
CA ASP D 144 39.19 -26.60 -3.41
C ASP D 144 37.95 -27.38 -3.85
N ALA D 145 36.88 -26.67 -4.20
CA ALA D 145 35.70 -27.35 -4.74
C ALA D 145 36.02 -28.05 -6.05
N GLY D 146 36.92 -27.48 -6.84
CA GLY D 146 37.36 -28.16 -8.05
C GLY D 146 38.04 -29.48 -7.78
N ARG D 147 38.88 -29.51 -6.74
CA ARG D 147 39.52 -30.75 -6.33
C ARG D 147 38.49 -31.76 -5.85
N GLU D 148 37.52 -31.30 -5.05
CA GLU D 148 36.49 -32.21 -4.56
C GLU D 148 35.69 -32.81 -5.70
N MET D 149 35.33 -32.00 -6.69
CA MET D 149 34.61 -32.52 -7.86
C MET D 149 35.50 -33.40 -8.73
N GLY D 150 36.79 -33.06 -8.81
CA GLY D 150 37.73 -33.85 -9.57
C GLY D 150 37.95 -35.22 -9.00
N VAL D 151 37.70 -35.41 -7.70
CA VAL D 151 37.73 -36.76 -7.14
C VAL D 151 36.78 -37.68 -7.91
N TYR D 152 35.54 -37.22 -8.10
CA TYR D 152 34.54 -38.04 -8.78
C TYR D 152 34.74 -38.07 -10.29
N PHE D 153 35.24 -36.97 -10.87
CA PHE D 153 35.60 -37.01 -12.29
C PHE D 153 36.70 -38.03 -12.54
N ASP D 154 37.70 -38.09 -11.66
CA ASP D 154 38.76 -39.07 -11.77
C ASP D 154 38.25 -40.47 -11.52
N HIS D 155 37.26 -40.64 -10.64
CA HIS D 155 36.65 -41.95 -10.49
C HIS D 155 35.99 -42.40 -11.79
N ILE D 156 35.29 -41.50 -12.46
CA ILE D 156 34.69 -41.84 -13.75
C ILE D 156 35.76 -42.23 -14.75
N ALA D 157 36.84 -41.45 -14.82
CA ALA D 157 37.91 -41.73 -15.77
C ALA D 157 38.57 -43.06 -15.48
N ALA D 158 38.81 -43.37 -14.21
CA ALA D 158 39.42 -44.65 -13.84
C ALA D 158 38.49 -45.81 -14.15
N GLY D 159 37.19 -45.64 -13.94
CA GLY D 159 36.25 -46.68 -14.31
C GLY D 159 36.19 -46.92 -15.80
N LEU D 160 36.32 -45.87 -16.60
CA LEU D 160 36.31 -46.02 -18.05
C LEU D 160 37.62 -46.58 -18.61
N SER D 161 38.69 -46.52 -17.84
CA SER D 161 39.99 -46.99 -18.32
C SER D 161 40.02 -48.51 -18.41
N SER E 2 19.99 -45.00 -49.23
CA SER E 2 19.60 -45.06 -50.64
C SER E 2 18.14 -45.46 -50.77
N ILE E 3 17.51 -45.02 -51.86
CA ILE E 3 16.11 -45.37 -52.10
C ILE E 3 15.97 -46.88 -52.34
N VAL E 4 17.01 -47.51 -52.87
CA VAL E 4 16.99 -48.97 -53.03
C VAL E 4 16.87 -49.63 -51.68
N THR E 5 17.64 -49.18 -50.70
CA THR E 5 17.52 -49.68 -49.35
C THR E 5 16.13 -49.43 -48.79
N GLU E 6 15.57 -48.24 -49.05
CA GLU E 6 14.25 -47.92 -48.53
C GLU E 6 13.19 -48.87 -49.07
N LEU E 7 13.22 -49.13 -50.38
CA LEU E 7 12.19 -50.00 -50.96
C LEU E 7 12.39 -51.45 -50.54
N ILE E 8 13.65 -51.89 -50.45
CA ILE E 8 13.90 -53.26 -49.98
C ILE E 8 13.42 -53.43 -48.56
N LEU E 9 13.68 -52.43 -47.70
CA LEU E 9 13.21 -52.50 -46.32
C LEU E 9 11.69 -52.42 -46.23
N ASN E 10 11.06 -51.65 -47.13
CA ASN E 10 9.61 -51.62 -47.18
C ASN E 10 9.04 -52.98 -47.54
N ALA E 11 9.65 -53.66 -48.50
CA ALA E 11 9.23 -55.01 -48.84
C ALA E 11 9.47 -55.97 -47.68
N ASP E 12 10.60 -55.80 -46.98
CA ASP E 12 10.97 -56.71 -45.91
C ASP E 12 10.10 -56.54 -44.67
N SER E 13 9.62 -55.32 -44.43
CA SER E 13 8.80 -55.09 -43.25
C SER E 13 7.51 -55.90 -43.29
N GLU E 14 7.01 -56.19 -44.50
CA GLU E 14 5.88 -57.06 -44.67
C GLU E 14 6.27 -58.50 -44.95
N SER E 15 7.57 -58.81 -44.90
CA SER E 15 8.09 -60.16 -45.14
C SER E 15 7.62 -60.68 -46.50
N ARG E 16 7.95 -59.90 -47.53
CA ARG E 16 7.34 -60.07 -48.84
C ARG E 16 8.31 -59.60 -49.90
N TYR E 17 8.33 -60.27 -51.05
CA TYR E 17 9.19 -59.87 -52.15
C TYR E 17 8.78 -58.50 -52.66
N PRO E 18 9.71 -57.76 -53.28
CA PRO E 18 9.36 -56.44 -53.81
C PRO E 18 8.13 -56.44 -54.70
N ALA E 19 7.11 -55.69 -54.29
CA ALA E 19 5.86 -55.58 -55.01
C ALA E 19 6.05 -54.71 -56.25
N PRO E 20 5.09 -54.71 -57.18
CA PRO E 20 5.26 -53.90 -58.39
C PRO E 20 5.45 -52.41 -58.12
N LYS E 21 4.92 -51.88 -57.02
CA LYS E 21 5.19 -50.50 -56.67
C LYS E 21 6.67 -50.29 -56.36
N GLU E 22 7.25 -51.19 -55.55
CA GLU E 22 8.69 -51.10 -55.27
C GLU E 22 9.52 -51.29 -56.52
N ILE E 23 9.13 -52.22 -57.39
CA ILE E 23 9.90 -52.47 -58.61
C ILE E 23 9.81 -51.26 -59.53
N GLN E 24 8.65 -50.63 -59.61
CA GLN E 24 8.50 -49.42 -60.42
C GLN E 24 9.37 -48.29 -59.87
N VAL E 25 9.38 -48.12 -58.55
CA VAL E 25 10.23 -47.09 -57.95
C VAL E 25 11.70 -47.39 -58.23
N TYR E 26 12.08 -48.66 -58.12
CA TYR E 26 13.46 -49.06 -58.37
C TYR E 26 13.87 -48.78 -59.81
N GLN E 27 13.01 -49.12 -60.76
CA GLN E 27 13.33 -48.87 -62.17
C GLN E 27 13.41 -47.37 -62.45
N ASN E 28 12.50 -46.59 -61.87
CA ASN E 28 12.55 -45.15 -62.06
C ASN E 28 13.84 -44.56 -61.51
N PHE E 29 14.26 -45.04 -60.33
CA PHE E 29 15.51 -44.55 -59.75
C PHE E 29 16.71 -44.97 -60.59
N VAL E 30 16.70 -46.20 -61.08
CA VAL E 30 17.84 -46.72 -61.84
C VAL E 30 18.00 -45.98 -63.16
N LYS E 31 16.88 -45.66 -63.82
CA LYS E 31 16.98 -45.05 -65.14
C LYS E 31 17.48 -43.60 -65.09
N THR E 32 17.56 -43.01 -63.91
CA THR E 32 18.07 -41.65 -63.75
C THR E 32 19.50 -41.61 -63.22
N GLY E 33 20.22 -42.73 -63.33
CA GLY E 33 21.58 -42.78 -62.82
C GLY E 33 22.50 -41.79 -63.50
N GLU E 34 22.38 -41.67 -64.83
CA GLU E 34 23.22 -40.72 -65.55
C GLU E 34 22.98 -39.30 -65.07
N GLN E 35 21.72 -38.91 -64.91
CA GLN E 35 21.42 -37.56 -64.44
C GLN E 35 21.95 -37.33 -63.04
N ARG E 36 21.78 -38.31 -62.16
CA ARG E 36 22.26 -38.15 -60.79
C ARG E 36 23.78 -38.03 -60.74
N ILE E 37 24.48 -38.84 -61.52
CA ILE E 37 25.94 -38.78 -61.55
C ILE E 37 26.39 -37.44 -62.13
N ARG E 38 25.69 -36.95 -63.15
CA ARG E 38 26.03 -35.66 -63.73
C ARG E 38 25.85 -34.54 -62.70
N ILE E 39 24.75 -34.58 -61.94
CA ILE E 39 24.52 -33.57 -60.91
C ILE E 39 25.60 -33.64 -59.85
N ALA E 40 25.98 -34.85 -59.44
CA ALA E 40 27.03 -34.99 -58.44
C ALA E 40 28.36 -34.44 -58.95
N LYS E 41 28.68 -34.69 -60.23
CA LYS E 41 29.89 -34.14 -60.81
C LYS E 41 29.84 -32.62 -60.84
N ILE E 42 28.68 -32.04 -61.17
CA ILE E 42 28.54 -30.59 -61.18
C ILE E 42 28.78 -30.02 -59.79
N LEU E 43 28.18 -30.66 -58.78
CA LEU E 43 28.34 -30.17 -57.41
C LEU E 43 29.79 -30.29 -56.95
N ALA E 44 30.46 -31.38 -57.31
CA ALA E 44 31.85 -31.56 -56.90
C ALA E 44 32.78 -30.56 -57.59
N GLU E 45 32.57 -30.33 -58.89
CA GLU E 45 33.46 -29.44 -59.63
C GLU E 45 33.33 -28.00 -59.18
N ASN E 46 32.10 -27.55 -58.90
CA ASN E 46 31.83 -26.16 -58.57
C ASN E 46 31.68 -25.94 -57.07
N GLU E 47 32.23 -26.83 -56.24
CA GLU E 47 32.05 -26.70 -54.80
C GLU E 47 32.66 -25.41 -54.28
N GLN E 48 33.88 -25.10 -54.71
CA GLN E 48 34.55 -23.89 -54.22
C GLN E 48 33.84 -22.63 -54.71
N ARG E 49 33.40 -22.62 -55.96
CA ARG E 49 32.67 -21.46 -56.48
C ARG E 49 31.38 -21.24 -55.71
N ILE E 50 30.64 -22.32 -55.47
CA ILE E 50 29.39 -22.22 -54.70
C ILE E 50 29.68 -21.70 -53.30
N VAL E 51 30.72 -22.25 -52.67
CA VAL E 51 31.03 -21.85 -51.29
C VAL E 51 31.40 -20.37 -51.25
N GLN E 52 32.24 -19.91 -52.19
CA GLN E 52 32.67 -18.52 -52.18
C GLN E 52 31.50 -17.58 -52.41
N ASN E 53 30.70 -17.84 -53.45
CA ASN E 53 29.60 -16.95 -53.77
C ASN E 53 28.54 -16.96 -52.66
N GLY E 54 28.23 -18.14 -52.13
CA GLY E 54 27.27 -18.21 -51.04
C GLY E 54 27.77 -17.53 -49.78
N SER E 55 29.06 -17.66 -49.49
CA SER E 55 29.63 -16.96 -48.33
C SER E 55 29.52 -15.46 -48.51
N ALA E 56 29.82 -14.96 -49.71
CA ALA E 56 29.70 -13.53 -49.96
C ALA E 56 28.26 -13.06 -49.75
N ARG E 57 27.29 -13.74 -50.37
CA ARG E 57 25.91 -13.31 -50.24
C ARG E 57 25.42 -13.44 -48.80
N PHE E 58 25.83 -14.50 -48.11
CA PHE E 58 25.38 -14.74 -46.74
C PHE E 58 25.99 -13.75 -45.77
N TRP E 59 27.23 -13.33 -45.98
CA TRP E 59 27.80 -12.28 -45.15
C TRP E 59 27.18 -10.93 -45.45
N GLU E 60 26.76 -10.71 -46.69
CA GLU E 60 26.00 -9.50 -46.99
C GLU E 60 24.66 -9.50 -46.27
N ARG E 61 23.97 -10.64 -46.24
CA ARG E 61 22.66 -10.72 -45.62
C ARG E 61 22.74 -10.78 -44.10
N VAL E 62 23.74 -11.47 -43.57
CA VAL E 62 23.88 -11.63 -42.11
C VAL E 62 25.27 -11.16 -41.72
N PRO E 63 25.51 -9.85 -41.63
CA PRO E 63 26.85 -9.38 -41.24
C PRO E 63 27.24 -9.78 -39.84
N ASN E 64 26.29 -9.94 -38.94
CA ASN E 64 26.57 -10.25 -37.53
C ASN E 64 26.47 -11.76 -37.34
N THR E 65 27.55 -12.46 -37.70
CA THR E 65 27.62 -13.91 -37.60
C THR E 65 29.03 -14.29 -37.18
N PRO E 66 29.20 -15.44 -36.53
CA PRO E 66 30.54 -15.84 -36.09
C PRO E 66 31.53 -16.04 -37.22
N SER E 67 31.07 -16.24 -38.46
CA SER E 67 32.01 -16.44 -39.56
C SER E 67 32.83 -15.19 -39.82
N ASN E 68 32.18 -14.05 -39.99
CA ASN E 68 32.88 -12.80 -40.29
C ASN E 68 33.04 -11.92 -39.06
N SER E 69 33.26 -12.51 -37.89
CA SER E 69 33.58 -11.77 -36.68
C SER E 69 35.07 -11.49 -36.56
N GLY E 70 35.81 -11.57 -37.66
CA GLY E 70 37.23 -11.30 -37.62
C GLY E 70 38.10 -12.46 -37.20
N ASN E 71 37.53 -13.65 -37.03
CA ASN E 71 38.28 -14.84 -36.63
C ASN E 71 38.54 -15.70 -37.86
N GLU E 72 39.82 -15.88 -38.20
CA GLU E 72 40.18 -16.62 -39.40
C GLU E 72 39.74 -18.07 -39.31
N ARG E 73 39.97 -18.69 -38.14
CA ARG E 73 39.62 -20.10 -37.97
C ARG E 73 38.11 -20.29 -38.05
N LYS E 74 37.34 -19.36 -37.49
CA LYS E 74 35.89 -19.48 -37.58
C LYS E 74 35.40 -19.36 -39.01
N THR E 75 35.98 -18.44 -39.79
CA THR E 75 35.63 -18.34 -41.20
C THR E 75 35.96 -19.63 -41.93
N ALA E 76 37.15 -20.18 -41.68
CA ALA E 76 37.54 -21.41 -42.34
C ALA E 76 36.61 -22.56 -41.98
N SER E 77 36.23 -22.64 -40.70
CA SER E 77 35.33 -23.69 -40.26
C SER E 77 33.96 -23.56 -40.89
N CYS E 78 33.43 -22.34 -40.98
CA CYS E 78 32.13 -22.17 -41.63
C CYS E 78 32.19 -22.54 -43.10
N GLN E 79 33.24 -22.14 -43.80
CA GLN E 79 33.35 -22.47 -45.22
C GLN E 79 33.53 -23.97 -45.42
N ARG E 80 34.28 -24.61 -44.53
CA ARG E 80 34.39 -26.06 -44.59
C ARG E 80 33.05 -26.74 -44.35
N ASP E 81 32.25 -26.19 -43.43
CA ASP E 81 30.91 -26.72 -43.20
C ASP E 81 30.06 -26.60 -44.44
N GLN E 82 30.14 -25.46 -45.12
CA GLN E 82 29.39 -25.27 -46.36
C GLN E 82 29.80 -26.30 -47.40
N GLY E 83 31.11 -26.51 -47.55
CA GLY E 83 31.58 -27.53 -48.49
C GLY E 83 31.11 -28.92 -48.12
N TRP E 84 31.13 -29.23 -46.82
CA TRP E 84 30.68 -30.53 -46.36
C TRP E 84 29.20 -30.75 -46.66
N TYR E 85 28.38 -29.71 -46.46
CA TYR E 85 26.96 -29.87 -46.76
C TYR E 85 26.71 -29.98 -48.25
N ILE E 86 27.50 -29.30 -49.08
CA ILE E 86 27.39 -29.50 -50.52
C ILE E 86 27.73 -30.95 -50.86
N ARG E 87 28.77 -31.50 -50.23
CA ARG E 87 29.15 -32.89 -50.47
C ARG E 87 28.04 -33.84 -50.04
N LEU E 88 27.41 -33.57 -48.90
CA LEU E 88 26.33 -34.44 -48.43
C LEU E 88 25.12 -34.36 -49.36
N ILE E 89 24.84 -33.18 -49.90
CA ILE E 89 23.76 -33.05 -50.88
C ILE E 89 24.11 -33.84 -52.14
N ALA E 90 25.38 -33.85 -52.53
CA ALA E 90 25.80 -34.69 -53.64
C ALA E 90 25.59 -36.16 -53.34
N TYR E 91 25.90 -36.59 -52.12
CA TYR E 91 25.66 -37.97 -51.72
C TYR E 91 24.17 -38.30 -51.82
N SER E 92 23.32 -37.40 -51.34
CA SER E 92 21.88 -37.64 -51.38
C SER E 92 21.36 -37.70 -52.81
N VAL E 93 21.91 -36.85 -53.68
CA VAL E 93 21.52 -36.91 -55.09
C VAL E 93 21.91 -38.24 -55.69
N LEU E 94 23.12 -38.73 -55.37
CA LEU E 94 23.56 -40.02 -55.89
C LEU E 94 22.69 -41.16 -55.39
N ALA E 95 22.35 -41.15 -54.10
CA ALA E 95 21.61 -42.24 -53.50
C ALA E 95 20.12 -42.20 -53.81
N GLY E 96 19.61 -41.06 -54.26
CA GLY E 96 18.20 -40.93 -54.53
C GLY E 96 17.32 -40.72 -53.32
N SER E 97 17.91 -40.60 -52.14
CA SER E 97 17.15 -40.35 -50.92
C SER E 97 17.98 -39.46 -50.01
N GLU E 98 17.33 -38.96 -48.97
CA GLU E 98 17.97 -38.06 -48.02
C GLU E 98 18.70 -38.80 -46.91
N LYS E 99 18.78 -40.14 -47.00
CA LYS E 99 19.38 -40.92 -45.92
C LYS E 99 20.84 -40.58 -45.66
N PRO E 100 21.72 -40.44 -46.64
CA PRO E 100 23.09 -39.99 -46.32
C PRO E 100 23.11 -38.64 -45.64
N LEU E 101 22.29 -37.71 -46.12
CA LEU E 101 22.20 -36.39 -45.50
C LEU E 101 21.71 -36.50 -44.07
N GLU E 102 20.70 -37.33 -43.83
CA GLU E 102 20.19 -37.54 -42.47
C GLU E 102 21.28 -38.10 -41.57
N GLU E 103 21.96 -39.14 -42.02
CA GLU E 103 22.85 -39.88 -41.15
C GLU E 103 24.19 -39.21 -40.96
N ILE E 104 24.57 -38.26 -41.80
CA ILE E 104 25.84 -37.57 -41.67
C ILE E 104 25.67 -36.14 -41.18
N GLY E 105 24.69 -35.40 -41.71
CA GLY E 105 24.64 -33.98 -41.41
C GLY E 105 23.35 -33.43 -40.85
N THR E 106 22.33 -34.28 -40.65
CA THR E 106 21.03 -33.80 -40.22
C THR E 106 20.61 -34.29 -38.84
N ILE E 107 20.80 -35.55 -38.52
CA ILE E 107 20.42 -36.05 -37.20
C ILE E 107 21.38 -35.47 -36.17
N GLY E 108 20.85 -34.71 -35.22
CA GLY E 108 21.67 -34.09 -34.21
C GLY E 108 22.37 -32.83 -34.64
N ILE E 109 21.98 -32.24 -35.78
CA ILE E 109 22.62 -31.02 -36.24
C ILE E 109 22.35 -29.87 -35.26
N LYS E 110 21.13 -29.81 -34.72
CA LYS E 110 20.79 -28.76 -33.78
C LYS E 110 21.62 -28.88 -32.50
N GLU E 111 21.76 -30.10 -31.98
CA GLU E 111 22.57 -30.29 -30.78
C GLU E 111 24.02 -29.92 -31.01
N MET E 112 24.58 -30.34 -32.16
CA MET E 112 25.97 -30.05 -32.45
C MET E 112 26.20 -28.56 -32.58
N TYR E 113 25.33 -27.86 -33.30
CA TYR E 113 25.53 -26.43 -33.51
C TYR E 113 25.17 -25.60 -32.29
N ASN E 114 24.28 -26.08 -31.43
CA ASN E 114 24.04 -25.40 -30.17
C ASN E 114 25.23 -25.56 -29.23
N ASN E 115 25.88 -26.73 -29.26
CA ASN E 115 27.11 -26.90 -28.51
C ASN E 115 28.20 -25.97 -29.02
N LEU E 116 28.30 -25.82 -30.34
CA LEU E 116 29.28 -24.91 -30.94
C LEU E 116 28.88 -23.45 -30.77
N GLU E 117 27.67 -23.18 -30.31
CA GLU E 117 27.16 -21.82 -30.12
C GLU E 117 27.08 -21.07 -31.45
N ILE E 118 26.60 -21.75 -32.48
CA ILE E 118 26.35 -21.17 -33.80
C ILE E 118 24.86 -20.96 -33.93
N PRO E 119 24.39 -19.73 -34.19
CA PRO E 119 22.94 -19.52 -34.36
C PRO E 119 22.39 -20.33 -35.52
N LEU E 120 21.26 -20.99 -35.28
CA LEU E 120 20.71 -21.86 -36.31
C LEU E 120 20.10 -21.08 -37.45
N ARG E 121 19.54 -19.91 -37.18
CA ARG E 121 18.99 -19.08 -38.26
C ARG E 121 20.08 -18.63 -39.21
N ASN E 122 21.28 -18.35 -38.69
CA ASN E 122 22.40 -17.98 -39.55
C ASN E 122 22.76 -19.12 -40.48
N ILE E 123 22.78 -20.35 -39.96
CA ILE E 123 23.08 -21.50 -40.81
C ILE E 123 21.97 -21.70 -41.83
N VAL E 124 20.72 -21.43 -41.46
CA VAL E 124 19.63 -21.53 -42.42
C VAL E 124 19.83 -20.53 -43.55
N GLU E 125 20.20 -19.29 -43.21
CA GLU E 125 20.44 -18.29 -44.24
C GLU E 125 21.61 -18.67 -45.12
N CYS E 126 22.68 -19.21 -44.54
CA CYS E 126 23.80 -19.66 -45.34
C CYS E 126 23.40 -20.78 -46.28
N MET E 127 22.59 -21.73 -45.79
CA MET E 127 22.11 -22.80 -46.66
C MET E 127 21.25 -22.26 -47.78
N ARG E 128 20.43 -21.25 -47.49
CA ARG E 128 19.62 -20.63 -48.53
C ARG E 128 20.49 -19.99 -49.60
N CYS E 129 21.54 -19.28 -49.18
CA CYS E 129 22.45 -18.67 -50.15
C CYS E 129 23.18 -19.74 -50.97
N LEU E 130 23.59 -20.82 -50.31
CA LEU E 130 24.24 -21.92 -51.03
C LEU E 130 23.31 -22.55 -52.03
N LYS E 131 22.04 -22.73 -51.66
CA LYS E 131 21.06 -23.27 -52.59
C LYS E 131 20.87 -22.35 -53.78
N GLU E 132 20.79 -21.04 -53.54
CA GLU E 132 20.66 -20.10 -54.65
C GLU E 132 21.86 -20.15 -55.57
N GLU E 133 23.06 -20.29 -55.01
CA GLU E 133 24.25 -20.38 -55.85
C GLU E 133 24.31 -21.68 -56.62
N ALA E 134 23.91 -22.79 -55.99
CA ALA E 134 24.04 -24.10 -56.64
C ALA E 134 22.98 -24.29 -57.71
N LEU E 135 21.76 -23.82 -57.48
CA LEU E 135 20.70 -23.98 -58.46
C LEU E 135 20.98 -23.19 -59.73
N SER E 136 21.86 -22.19 -59.67
CA SER E 136 22.20 -21.38 -60.83
C SER E 136 23.27 -22.01 -61.69
N LEU E 137 23.75 -23.21 -61.33
CA LEU E 137 24.81 -23.89 -62.06
C LEU E 137 24.31 -25.19 -62.68
N MET E 138 23.01 -25.31 -62.89
CA MET E 138 22.46 -26.53 -63.47
C MET E 138 21.09 -26.20 -64.08
N SER E 139 20.59 -27.14 -64.89
CA SER E 139 19.31 -26.97 -65.53
C SER E 139 18.17 -27.08 -64.51
N GLU E 140 16.96 -26.80 -64.99
CA GLU E 140 15.80 -26.80 -64.10
C GLU E 140 15.53 -28.19 -63.52
N GLU E 141 15.67 -29.23 -64.36
CA GLU E 141 15.40 -30.58 -63.89
C GLU E 141 16.35 -30.98 -62.76
N ASP E 142 17.63 -30.67 -62.90
CA ASP E 142 18.59 -30.94 -61.84
C ASP E 142 18.31 -30.07 -60.62
N ALA E 143 17.91 -28.82 -60.86
CA ALA E 143 17.61 -27.91 -59.75
C ALA E 143 16.46 -28.43 -58.91
N LEU E 144 15.48 -29.07 -59.55
CA LEU E 144 14.37 -29.64 -58.80
C LEU E 144 14.85 -30.67 -57.79
N GLU E 145 15.80 -31.50 -58.19
CA GLU E 145 16.31 -32.53 -57.28
C GLU E 145 17.20 -31.94 -56.20
N VAL E 146 18.06 -30.98 -56.56
CA VAL E 146 19.01 -30.45 -55.60
C VAL E 146 18.31 -29.59 -54.54
N SER E 147 17.34 -28.78 -54.97
CA SER E 147 16.65 -27.89 -54.04
C SER E 147 15.90 -28.68 -52.99
N ALA E 148 15.45 -29.89 -53.31
CA ALA E 148 14.76 -30.72 -52.33
C ALA E 148 15.65 -31.00 -51.13
N TYR E 149 16.90 -31.41 -51.39
CA TYR E 149 17.80 -31.74 -50.30
C TYR E 149 18.31 -30.48 -49.59
N PHE E 150 18.48 -29.39 -50.33
CA PHE E 150 18.81 -28.14 -49.65
C PHE E 150 17.71 -27.72 -48.69
N ASP E 151 16.45 -27.84 -49.13
CA ASP E 151 15.32 -27.56 -48.27
C ASP E 151 15.26 -28.54 -47.11
N TYR E 152 15.67 -29.79 -47.33
CA TYR E 152 15.71 -30.75 -46.23
C TYR E 152 16.69 -30.30 -45.15
N VAL E 153 17.87 -29.83 -45.55
CA VAL E 153 18.84 -29.32 -44.58
C VAL E 153 18.24 -28.14 -43.83
N MET E 154 17.65 -27.20 -44.58
CA MET E 154 17.11 -26.00 -43.96
C MET E 154 15.99 -26.33 -42.99
N ARG E 155 15.14 -27.30 -43.34
CA ARG E 155 14.06 -27.70 -42.45
C ARG E 155 14.57 -28.42 -41.21
N SER E 156 15.63 -29.23 -41.36
CA SER E 156 16.21 -29.88 -40.19
C SER E 156 16.80 -28.85 -39.23
N LEU E 157 17.36 -27.77 -39.76
CA LEU E 157 17.88 -26.73 -38.88
C LEU E 157 16.76 -25.99 -38.16
N SER E 158 15.61 -25.82 -38.80
CA SER E 158 14.47 -25.15 -38.19
C SER E 158 13.75 -26.08 -37.22
N MET F 1 20.91 -51.69 -43.29
CA MET F 1 21.81 -52.34 -44.23
C MET F 1 22.35 -51.35 -45.25
N GLN F 2 23.32 -51.80 -46.03
CA GLN F 2 23.95 -50.99 -47.06
C GLN F 2 23.73 -51.62 -48.42
N ASP F 3 23.45 -50.80 -49.42
CA ASP F 3 23.47 -51.23 -50.80
C ASP F 3 24.76 -50.73 -51.44
N ALA F 4 24.89 -50.93 -52.75
CA ALA F 4 26.13 -50.56 -53.42
C ALA F 4 26.39 -49.06 -53.32
N ILE F 5 25.37 -48.24 -53.57
CA ILE F 5 25.52 -46.80 -53.55
C ILE F 5 25.90 -46.32 -52.16
N THR F 6 25.20 -46.83 -51.13
CA THR F 6 25.52 -46.43 -49.77
C THR F 6 26.89 -46.91 -49.33
N ALA F 7 27.31 -48.08 -49.80
CA ALA F 7 28.66 -48.55 -49.48
C ALA F 7 29.71 -47.61 -50.07
N LEU F 8 29.53 -47.22 -51.33
CA LEU F 8 30.46 -46.28 -51.95
C LEU F 8 30.43 -44.94 -51.23
N ILE F 9 29.24 -44.46 -50.88
CA ILE F 9 29.11 -43.18 -50.20
C ILE F 9 29.80 -43.22 -48.84
N ASN F 10 29.63 -44.31 -48.11
CA ASN F 10 30.27 -44.44 -46.81
C ASN F 10 31.79 -44.49 -46.95
N SER F 11 32.29 -45.24 -47.93
CA SER F 11 33.73 -45.32 -48.13
C SER F 11 34.30 -43.96 -48.51
N SER F 12 33.56 -43.18 -49.29
CA SER F 12 34.04 -41.85 -49.66
C SER F 12 33.92 -40.87 -48.50
N ASP F 13 32.88 -41.01 -47.69
CA ASP F 13 32.64 -40.06 -46.60
C ASP F 13 33.59 -40.28 -45.44
N VAL F 14 34.08 -41.50 -45.25
CA VAL F 14 35.10 -41.73 -44.24
C VAL F 14 36.34 -40.90 -44.55
N GLN F 15 36.69 -40.79 -45.84
CA GLN F 15 37.78 -39.92 -46.24
C GLN F 15 37.37 -38.46 -46.32
N GLY F 16 36.08 -38.16 -46.24
CA GLY F 16 35.61 -36.78 -46.35
C GLY F 16 35.81 -36.18 -47.72
N ARG F 17 35.61 -36.96 -48.77
CA ARG F 17 35.84 -36.50 -50.13
C ARG F 17 34.73 -37.02 -51.02
N TYR F 18 34.51 -36.30 -52.12
CA TYR F 18 33.53 -36.72 -53.11
C TYR F 18 33.95 -38.05 -53.72
N LEU F 19 33.00 -38.67 -54.43
CA LEU F 19 33.27 -39.95 -55.06
C LEU F 19 34.29 -39.78 -56.18
N ASP F 20 35.40 -40.51 -56.09
CA ASP F 20 36.44 -40.46 -57.11
C ASP F 20 35.95 -41.13 -58.38
N PRO F 21 36.62 -40.90 -59.51
CA PRO F 21 36.10 -41.45 -60.79
C PRO F 21 35.92 -42.95 -60.79
N SER F 22 36.75 -43.70 -60.06
CA SER F 22 36.54 -45.15 -59.99
C SER F 22 35.23 -45.49 -59.30
N SER F 23 34.93 -44.80 -58.19
CA SER F 23 33.65 -45.04 -57.51
C SER F 23 32.48 -44.61 -58.38
N LEU F 24 32.63 -43.52 -59.13
CA LEU F 24 31.56 -43.10 -60.03
C LEU F 24 31.35 -44.13 -61.13
N ASP F 25 32.43 -44.73 -61.63
CA ASP F 25 32.31 -45.79 -62.62
C ASP F 25 31.62 -47.02 -62.04
N LYS F 26 31.96 -47.39 -60.80
CA LYS F 26 31.28 -48.49 -60.14
C LYS F 26 29.80 -48.19 -59.96
N LEU F 27 29.47 -46.95 -59.60
CA LEU F 27 28.08 -46.55 -59.45
C LEU F 27 27.33 -46.64 -60.77
N GLN F 28 27.97 -46.21 -61.86
CA GLN F 28 27.36 -46.34 -63.18
C GLN F 28 27.15 -47.80 -63.54
N ASN F 29 28.11 -48.66 -63.22
CA ASN F 29 27.96 -50.09 -63.49
C ASN F 29 26.79 -50.67 -62.73
N TYR F 30 26.64 -50.30 -61.46
CA TYR F 30 25.49 -50.76 -60.68
C TYR F 30 24.19 -50.24 -61.28
N PHE F 31 24.20 -48.98 -61.72
CA PHE F 31 23.02 -48.37 -62.32
C PHE F 31 22.60 -49.05 -63.61
N GLN F 32 23.56 -49.52 -64.41
CA GLN F 32 23.24 -50.13 -65.69
C GLN F 32 22.82 -51.59 -65.57
N SER F 33 22.95 -52.20 -64.39
CA SER F 33 22.49 -53.55 -64.16
C SER F 33 21.16 -53.59 -63.41
N GLY F 34 20.53 -52.44 -63.19
CA GLY F 34 19.30 -52.43 -62.42
C GLY F 34 18.16 -53.17 -63.08
N ASP F 35 18.08 -53.12 -64.41
CA ASP F 35 17.01 -53.81 -65.12
C ASP F 35 17.12 -55.31 -64.97
N MET F 36 18.34 -55.86 -65.12
CA MET F 36 18.55 -57.28 -64.88
C MET F 36 18.25 -57.65 -63.44
N ARG F 37 18.64 -56.80 -62.50
CA ARG F 37 18.36 -57.03 -61.08
C ARG F 37 16.85 -57.15 -60.86
N ALA F 38 16.08 -56.21 -61.42
CA ALA F 38 14.64 -56.23 -61.24
C ALA F 38 14.01 -57.46 -61.88
N LYS F 39 14.47 -57.82 -63.07
CA LYS F 39 13.93 -59.01 -63.74
C LYS F 39 14.19 -60.27 -62.92
N THR F 40 15.42 -60.40 -62.41
CA THR F 40 15.76 -61.56 -61.58
C THR F 40 14.93 -61.59 -60.31
N ALA F 41 14.74 -60.44 -59.68
CA ALA F 41 13.94 -60.39 -58.46
C ALA F 41 12.51 -60.81 -58.74
N ILE F 42 11.94 -60.34 -59.86
CA ILE F 42 10.57 -60.71 -60.20
C ILE F 42 10.45 -62.20 -60.47
N ALA F 43 11.40 -62.76 -61.20
CA ALA F 43 11.36 -64.20 -61.49
C ALA F 43 11.47 -65.03 -60.22
N VAL F 44 12.39 -64.65 -59.33
CA VAL F 44 12.55 -65.40 -58.08
C VAL F 44 11.31 -65.26 -57.22
N SER F 45 10.71 -64.08 -57.20
CA SER F 45 9.46 -63.90 -56.46
C SER F 45 8.37 -64.81 -57.01
N ALA F 46 8.28 -64.91 -58.33
CA ALA F 46 7.26 -65.75 -58.95
C ALA F 46 7.51 -67.24 -58.74
N ASN F 47 8.76 -67.66 -58.54
CA ASN F 47 9.05 -69.09 -58.43
C ASN F 47 9.64 -69.49 -57.09
N ALA F 48 9.43 -68.68 -56.04
CA ALA F 48 10.04 -68.95 -54.74
C ALA F 48 9.60 -70.29 -54.16
N LYS F 49 8.30 -70.57 -54.16
CA LYS F 49 7.83 -71.82 -53.57
C LYS F 49 8.38 -73.03 -54.31
N ASN F 50 8.36 -72.98 -55.64
CA ASN F 50 8.91 -74.08 -56.43
C ASN F 50 10.40 -74.23 -56.21
N ILE F 51 11.11 -73.11 -56.04
CA ILE F 51 12.55 -73.17 -55.80
C ILE F 51 12.84 -73.88 -54.49
N VAL F 52 12.09 -73.54 -53.44
CA VAL F 52 12.31 -74.17 -52.15
C VAL F 52 11.91 -75.65 -52.21
N THR F 53 10.84 -75.96 -52.93
CA THR F 53 10.44 -77.36 -53.09
C THR F 53 11.55 -78.17 -53.76
N LYS F 54 12.10 -77.64 -54.85
CA LYS F 54 13.17 -78.34 -55.55
C LYS F 54 14.41 -78.46 -54.68
N THR F 55 14.74 -77.41 -53.93
CA THR F 55 15.91 -77.47 -53.06
C THR F 55 15.76 -78.56 -52.01
N VAL F 56 14.61 -78.63 -51.36
CA VAL F 56 14.38 -79.65 -50.34
C VAL F 56 14.43 -81.04 -50.98
N ALA F 57 13.80 -81.19 -52.15
CA ALA F 57 13.80 -82.48 -52.82
C ALA F 57 15.20 -82.90 -53.26
N LYS F 58 16.07 -81.94 -53.56
CA LYS F 58 17.39 -82.25 -54.09
C LYS F 58 18.43 -82.49 -53.01
N SER F 59 18.34 -81.79 -51.88
CA SER F 59 19.41 -81.84 -50.90
C SER F 59 19.04 -82.47 -49.56
N LEU F 60 17.76 -82.65 -49.26
CA LEU F 60 17.35 -83.06 -47.92
C LEU F 60 16.43 -84.27 -47.87
N LEU F 61 15.67 -84.55 -48.93
CA LEU F 61 14.69 -85.62 -48.87
C LEU F 61 15.37 -86.99 -48.95
N TYR F 62 14.78 -87.96 -48.25
CA TYR F 62 15.21 -89.36 -48.28
C TYR F 62 16.64 -89.51 -47.79
N THR F 63 17.02 -88.70 -46.81
CA THR F 63 18.27 -88.84 -46.09
C THR F 63 17.96 -89.09 -44.62
N ASP F 64 19.02 -89.20 -43.81
CA ASP F 64 18.80 -89.39 -42.38
C ASP F 64 18.33 -88.12 -41.68
N ILE F 65 18.38 -86.97 -42.35
CA ILE F 65 17.87 -85.74 -41.75
C ILE F 65 16.36 -85.84 -41.56
N THR F 66 15.65 -86.37 -42.55
CA THR F 66 14.19 -86.50 -42.46
C THR F 66 13.76 -87.74 -41.70
N ALA F 67 14.66 -88.68 -41.45
CA ALA F 67 14.32 -89.86 -40.69
C ALA F 67 14.15 -89.52 -39.22
N PRO F 68 13.48 -90.36 -38.44
CA PRO F 68 13.37 -90.10 -37.00
C PRO F 68 14.74 -89.98 -36.37
N GLY F 69 14.86 -89.03 -35.44
CA GLY F 69 16.13 -88.68 -34.86
C GLY F 69 16.89 -87.62 -35.61
N GLY F 70 16.54 -87.36 -36.87
CA GLY F 70 17.16 -86.32 -37.65
C GLY F 70 16.54 -84.99 -37.31
N MEN F 71 17.19 -83.90 -37.73
CA MEN F 71 16.73 -82.57 -37.34
C MEN F 71 15.56 -82.10 -38.19
O MEN F 71 14.93 -81.08 -37.89
CB MEN F 71 17.88 -81.58 -37.43
CG MEN F 71 17.58 -80.30 -36.67
OD1 MEN F 71 17.53 -79.21 -37.20
ND2 MEN F 71 17.35 -80.46 -35.36
CE2 MEN F 71 17.05 -79.35 -34.49
N MET F 72 15.27 -82.82 -39.26
CA MET F 72 14.17 -82.45 -40.13
C MET F 72 12.97 -83.36 -39.87
N TYR F 73 13.10 -84.20 -38.85
CA TYR F 73 11.99 -85.03 -38.43
C TYR F 73 10.95 -84.19 -37.70
N THR F 74 9.72 -84.71 -37.64
CA THR F 74 8.51 -84.04 -37.17
C THR F 74 8.13 -82.88 -38.10
N CYS F 75 6.83 -82.57 -38.14
CA CYS F 75 6.35 -81.57 -39.09
C CYS F 75 6.82 -80.17 -38.72
N ARG F 76 6.94 -79.86 -37.43
CA ARG F 76 7.36 -78.53 -37.04
C ARG F 76 8.79 -78.24 -37.49
N ARG F 77 9.68 -79.22 -37.39
CA ARG F 77 11.06 -79.01 -37.80
C ARG F 77 11.18 -78.97 -39.32
N TYR F 78 10.40 -79.79 -40.03
CA TYR F 78 10.37 -79.68 -41.48
C TYR F 78 9.90 -78.31 -41.92
N ALA F 79 8.83 -77.80 -41.29
CA ALA F 79 8.34 -76.48 -41.62
C ALA F 79 9.36 -75.41 -41.28
N ALA F 80 10.07 -75.56 -40.17
CA ALA F 80 11.10 -74.60 -39.81
C ALA F 80 12.24 -74.59 -40.83
N CYS F 81 12.64 -75.77 -41.30
CA CYS F 81 13.68 -75.82 -42.33
C CYS F 81 13.22 -75.17 -43.62
N VAL F 82 11.98 -75.44 -44.02
CA VAL F 82 11.45 -74.81 -45.24
C VAL F 82 11.37 -73.30 -45.07
N ARG F 83 10.98 -72.85 -43.87
CA ARG F 83 10.93 -71.43 -43.57
C ARG F 83 12.31 -70.79 -43.65
N ASP F 84 13.33 -71.49 -43.13
CA ASP F 84 14.68 -70.97 -43.20
C ASP F 84 15.17 -70.88 -44.65
N LEU F 85 14.84 -71.88 -45.46
CA LEU F 85 15.22 -71.83 -46.87
C LEU F 85 14.52 -70.69 -47.60
N ASP F 86 13.24 -70.46 -47.27
CA ASP F 86 12.52 -69.32 -47.85
C ASP F 86 13.18 -68.01 -47.45
N TYR F 87 13.58 -67.89 -46.18
CA TYR F 87 14.29 -66.69 -45.74
C TYR F 87 15.59 -66.50 -46.50
N PHE F 88 16.33 -67.59 -46.70
CA PHE F 88 17.60 -67.49 -47.43
C PHE F 88 17.35 -67.00 -48.84
N LEU F 89 16.35 -67.56 -49.52
CA LEU F 89 16.08 -67.15 -50.89
C LEU F 89 15.64 -65.69 -50.96
N ARG F 90 14.73 -65.30 -50.07
CA ARG F 90 14.21 -63.93 -50.11
C ARG F 90 15.31 -62.91 -49.80
N TYR F 91 16.16 -63.19 -48.81
CA TYR F 91 17.20 -62.23 -48.48
C TYR F 91 18.33 -62.25 -49.50
N ALA F 92 18.56 -63.38 -50.17
CA ALA F 92 19.47 -63.39 -51.29
C ALA F 92 18.93 -62.53 -52.43
N THR F 93 17.62 -62.56 -52.66
CA THR F 93 17.03 -61.66 -53.65
C THR F 93 17.19 -60.20 -53.22
N TYR F 94 16.98 -59.91 -51.94
CA TYR F 94 17.20 -58.57 -51.44
C TYR F 94 18.64 -58.12 -51.67
N ALA F 95 19.60 -58.99 -51.38
CA ALA F 95 21.00 -58.66 -51.55
C ALA F 95 21.35 -58.48 -53.02
N MET F 96 20.77 -59.31 -53.90
CA MET F 96 21.01 -59.14 -55.32
C MET F 96 20.47 -57.81 -55.81
N LEU F 97 19.28 -57.42 -55.36
CA LEU F 97 18.74 -56.12 -55.75
C LEU F 97 19.61 -54.99 -55.22
N ALA F 98 20.06 -55.10 -53.98
CA ALA F 98 20.87 -54.04 -53.39
C ALA F 98 22.31 -54.04 -53.89
N GLY F 99 22.77 -55.14 -54.49
CA GLY F 99 24.15 -55.22 -54.91
C GLY F 99 25.15 -55.28 -53.79
N ASP F 100 24.72 -55.70 -52.60
CA ASP F 100 25.60 -55.72 -51.43
C ASP F 100 25.13 -56.82 -50.48
N THR F 101 26.07 -57.36 -49.73
CA THR F 101 25.78 -58.46 -48.80
C THR F 101 25.46 -57.98 -47.40
N SER F 102 25.34 -56.67 -47.19
CA SER F 102 25.11 -56.14 -45.85
C SER F 102 23.79 -56.63 -45.28
N ILE F 103 22.76 -56.75 -46.12
CA ILE F 103 21.47 -57.23 -45.65
C ILE F 103 21.58 -58.63 -45.09
N LEU F 104 22.40 -59.47 -45.73
CA LEU F 104 22.60 -60.84 -45.25
C LEU F 104 23.30 -60.84 -43.89
N ASP F 105 24.35 -60.03 -43.75
CA ASP F 105 25.07 -59.98 -42.48
C ASP F 105 24.22 -59.40 -41.37
N GLU F 106 23.28 -58.52 -41.70
CA GLU F 106 22.53 -57.80 -40.68
C GLU F 106 21.21 -58.46 -40.33
N ARG F 107 20.65 -59.30 -41.19
CA ARG F 107 19.35 -59.89 -40.93
C ARG F 107 19.28 -61.40 -41.11
N ILE F 108 20.36 -62.04 -41.54
CA ILE F 108 20.34 -63.48 -41.76
C ILE F 108 21.45 -64.14 -40.96
N LEU F 109 22.68 -63.67 -41.13
CA LEU F 109 23.85 -64.32 -40.57
C LEU F 109 24.24 -63.78 -39.21
N ASN F 110 23.44 -62.88 -38.63
CA ASN F 110 23.77 -62.33 -37.32
C ASN F 110 23.52 -63.35 -36.23
N GLY F 111 24.55 -64.11 -35.87
CA GLY F 111 24.39 -65.13 -34.85
C GLY F 111 23.61 -66.34 -35.28
N LEU F 112 23.48 -66.57 -36.59
CA LEU F 112 22.77 -67.75 -37.06
C LEU F 112 23.52 -69.03 -36.69
N ARG F 113 24.84 -69.02 -36.78
CA ARG F 113 25.62 -70.20 -36.41
C ARG F 113 25.41 -70.56 -34.95
N GLU F 114 25.36 -69.55 -34.08
CA GLU F 114 25.18 -69.81 -32.66
C GLU F 114 23.83 -70.45 -32.38
N THR F 115 22.76 -69.94 -32.99
CA THR F 115 21.45 -70.55 -32.78
C THR F 115 21.40 -71.95 -33.36
N TYR F 116 22.00 -72.15 -34.53
CA TYR F 116 22.02 -73.48 -35.14
C TYR F 116 22.75 -74.48 -34.26
N ASN F 117 23.90 -74.06 -33.69
CA ASN F 117 24.64 -74.96 -32.81
C ASN F 117 23.89 -75.21 -31.52
N SER F 118 23.21 -74.20 -31.00
CA SER F 118 22.44 -74.37 -29.77
C SER F 118 21.28 -75.34 -29.96
N LEU F 119 20.60 -75.27 -31.10
CA LEU F 119 19.46 -76.14 -31.36
C LEU F 119 19.83 -77.46 -32.00
N GLY F 120 21.07 -77.63 -32.43
CA GLY F 120 21.48 -78.85 -33.08
C GLY F 120 21.14 -78.94 -34.56
N VAL F 121 20.90 -77.81 -35.21
CA VAL F 121 20.66 -77.82 -36.66
C VAL F 121 21.95 -78.19 -37.38
N PRO F 122 21.93 -79.15 -38.30
CA PRO F 122 23.16 -79.53 -38.99
C PRO F 122 23.62 -78.46 -39.96
N ILE F 123 24.75 -77.83 -39.67
CA ILE F 123 25.24 -76.74 -40.49
C ILE F 123 25.69 -77.24 -41.86
N GLY F 124 26.30 -78.43 -41.91
CA GLY F 124 26.69 -78.99 -43.19
C GLY F 124 25.51 -79.24 -44.11
N ALA F 125 24.43 -79.79 -43.56
CA ALA F 125 23.23 -80.00 -44.35
C ALA F 125 22.64 -78.67 -44.83
N THR F 126 22.69 -77.64 -43.98
CA THR F 126 22.20 -76.33 -44.38
C THR F 126 23.03 -75.76 -45.53
N ILE F 127 24.35 -75.92 -45.46
CA ILE F 127 25.21 -75.41 -46.53
C ILE F 127 24.95 -76.17 -47.82
N ARG F 128 24.74 -77.49 -47.72
CA ARG F 128 24.39 -78.27 -48.91
C ARG F 128 23.07 -77.81 -49.50
N SER F 129 22.10 -77.51 -48.64
CA SER F 129 20.82 -76.98 -49.12
C SER F 129 21.00 -75.64 -49.80
N VAL F 130 21.87 -74.79 -49.26
CA VAL F 130 22.11 -73.49 -49.88
C VAL F 130 22.73 -73.67 -51.26
N GLN F 131 23.67 -74.60 -51.40
CA GLN F 131 24.24 -74.89 -52.71
C GLN F 131 23.19 -75.41 -53.68
N ALA F 132 22.32 -76.30 -53.20
CA ALA F 132 21.25 -76.81 -54.05
C ALA F 132 20.32 -75.70 -54.51
N MET F 133 19.99 -74.77 -53.59
CA MET F 133 19.13 -73.65 -53.95
C MET F 133 19.82 -72.75 -54.97
N LYS F 134 21.13 -72.54 -54.82
CA LYS F 134 21.87 -71.77 -55.82
C LYS F 134 21.80 -72.42 -57.18
N GLU F 135 21.97 -73.74 -57.23
CA GLU F 135 21.89 -74.45 -58.50
C GLU F 135 20.49 -74.34 -59.11
N VAL F 136 19.45 -74.46 -58.28
CA VAL F 136 18.09 -74.36 -58.77
C VAL F 136 17.82 -72.97 -59.34
N VAL F 137 18.24 -71.93 -58.61
CA VAL F 137 18.04 -70.56 -59.08
C VAL F 137 18.79 -70.33 -60.38
N THR F 138 20.02 -70.86 -60.48
CA THR F 138 20.77 -70.72 -61.71
C THR F 138 20.04 -71.39 -62.88
N SER F 139 19.49 -72.58 -62.65
CA SER F 139 18.75 -73.28 -63.70
C SER F 139 17.45 -72.57 -64.04
N LEU F 140 16.90 -71.77 -63.12
CA LEU F 140 15.65 -71.08 -63.39
C LEU F 140 15.84 -69.76 -64.12
N VAL F 141 16.78 -68.93 -63.68
CA VAL F 141 16.87 -67.56 -64.17
C VAL F 141 17.95 -67.35 -65.22
N GLY F 142 18.87 -68.29 -65.41
CA GLY F 142 19.90 -68.17 -66.41
C GLY F 142 21.29 -68.17 -65.80
N ALA F 143 22.28 -68.01 -66.68
CA ALA F 143 23.68 -68.09 -66.25
C ALA F 143 24.11 -66.82 -65.54
N ASP F 144 23.86 -65.66 -66.13
CA ASP F 144 24.34 -64.40 -65.56
C ASP F 144 23.63 -64.09 -64.25
N ALA F 145 22.30 -64.06 -64.28
CA ALA F 145 21.54 -63.82 -63.07
C ALA F 145 21.73 -64.95 -62.06
N GLY F 146 21.90 -66.17 -62.54
CA GLY F 146 22.18 -67.28 -61.64
C GLY F 146 23.48 -67.09 -60.89
N ARG F 147 24.54 -66.66 -61.57
CA ARG F 147 25.80 -66.39 -60.90
C ARG F 147 25.68 -65.19 -59.96
N GLU F 148 24.92 -64.17 -60.37
CA GLU F 148 24.73 -63.01 -59.51
C GLU F 148 24.06 -63.42 -58.20
N MET F 149 23.01 -64.25 -58.27
CA MET F 149 22.38 -64.75 -57.05
C MET F 149 23.31 -65.69 -56.31
N GLY F 150 24.13 -66.46 -57.04
CA GLY F 150 25.03 -67.39 -56.39
C GLY F 150 26.12 -66.71 -55.60
N VAL F 151 26.45 -65.47 -55.96
CA VAL F 151 27.39 -64.71 -55.14
C VAL F 151 26.88 -64.59 -53.71
N TYR F 152 25.62 -64.19 -53.56
CA TYR F 152 25.05 -64.03 -52.23
C TYR F 152 24.71 -65.37 -51.59
N PHE F 153 24.38 -66.38 -52.41
CA PHE F 153 24.21 -67.72 -51.85
C PHE F 153 25.52 -68.23 -51.24
N ASP F 154 26.63 -67.99 -51.93
CA ASP F 154 27.93 -68.37 -51.39
C ASP F 154 28.29 -67.52 -50.18
N HIS F 155 27.88 -66.26 -50.16
CA HIS F 155 28.10 -65.46 -48.95
C HIS F 155 27.36 -66.06 -47.76
N ILE F 156 26.12 -66.49 -47.97
CA ILE F 156 25.37 -67.14 -46.90
C ILE F 156 26.07 -68.42 -46.45
N ALA F 157 26.50 -69.23 -47.42
CA ALA F 157 27.16 -70.49 -47.08
C ALA F 157 28.45 -70.26 -46.30
N ALA F 158 29.24 -69.27 -46.71
CA ALA F 158 30.46 -68.95 -45.99
C ALA F 158 30.16 -68.43 -44.59
N GLY F 159 29.10 -67.61 -44.45
CA GLY F 159 28.72 -67.14 -43.14
C GLY F 159 28.28 -68.27 -42.22
N LEU F 160 27.68 -69.33 -42.78
CA LEU F 160 27.29 -70.46 -41.97
C LEU F 160 28.48 -71.33 -41.57
N SER F 161 29.59 -71.24 -42.30
CA SER F 161 30.77 -72.02 -41.97
C SER F 161 31.60 -71.32 -40.89
N SER G 2 -4.20 -47.34 -51.81
CA SER G 2 -3.54 -46.41 -52.70
C SER G 2 -2.11 -46.14 -52.23
N ILE G 3 -1.20 -45.94 -53.18
CA ILE G 3 0.18 -45.62 -52.84
C ILE G 3 0.27 -44.25 -52.19
N VAL G 4 -0.57 -43.30 -52.63
CA VAL G 4 -0.62 -41.99 -51.99
C VAL G 4 -0.97 -42.13 -50.53
N THR G 5 -1.97 -42.95 -50.23
CA THR G 5 -2.37 -43.16 -48.84
C THR G 5 -1.24 -43.79 -48.04
N GLU G 6 -0.51 -44.73 -48.63
CA GLU G 6 0.59 -45.36 -47.91
C GLU G 6 1.71 -44.37 -47.60
N LEU G 7 2.07 -43.53 -48.57
CA LEU G 7 3.10 -42.52 -48.31
C LEU G 7 2.66 -41.56 -47.23
N ILE G 8 1.42 -41.08 -47.32
CA ILE G 8 0.92 -40.12 -46.33
C ILE G 8 0.83 -40.78 -44.97
N LEU G 9 0.49 -42.06 -44.91
CA LEU G 9 0.40 -42.74 -43.62
C LEU G 9 1.77 -42.94 -42.99
N ASN G 10 2.79 -43.25 -43.79
CA ASN G 10 4.13 -43.32 -43.25
C ASN G 10 4.56 -41.99 -42.66
N ALA G 11 4.42 -40.92 -43.44
CA ALA G 11 4.77 -39.59 -42.91
C ALA G 11 3.93 -39.23 -41.70
N ASP G 12 2.66 -39.62 -41.70
CA ASP G 12 1.74 -39.29 -40.62
C ASP G 12 2.13 -39.97 -39.32
N SER G 13 2.35 -41.28 -39.37
CA SER G 13 2.74 -42.02 -38.19
C SER G 13 4.11 -41.62 -37.70
N GLU G 14 4.98 -41.13 -38.59
CA GLU G 14 6.30 -40.69 -38.14
C GLU G 14 6.35 -39.22 -37.78
N SER G 15 5.22 -38.51 -37.86
CA SER G 15 5.11 -37.12 -37.41
C SER G 15 6.08 -36.20 -38.15
N ARG G 16 6.06 -36.27 -39.47
CA ARG G 16 6.97 -35.46 -40.28
C ARG G 16 6.34 -35.23 -41.64
N TYR G 17 6.73 -34.13 -42.27
CA TYR G 17 6.29 -33.87 -43.62
C TYR G 17 6.89 -34.91 -44.56
N PRO G 18 6.24 -35.15 -45.71
CA PRO G 18 6.75 -36.17 -46.62
C PRO G 18 8.18 -35.88 -47.04
N ALA G 19 8.99 -36.94 -47.08
CA ALA G 19 10.38 -36.82 -47.47
C ALA G 19 10.48 -36.52 -48.96
N PRO G 20 11.62 -35.96 -49.40
CA PRO G 20 11.76 -35.68 -50.84
C PRO G 20 11.58 -36.91 -51.71
N LYS G 21 12.06 -38.06 -51.27
CA LYS G 21 11.89 -39.28 -52.04
C LYS G 21 10.42 -39.67 -52.12
N GLU G 22 9.66 -39.45 -51.05
CA GLU G 22 8.23 -39.75 -51.08
C GLU G 22 7.49 -38.82 -52.02
N ILE G 23 7.87 -37.54 -52.06
CA ILE G 23 7.27 -36.62 -53.02
C ILE G 23 7.61 -37.04 -54.45
N GLN G 24 8.84 -37.50 -54.67
CA GLN G 24 9.22 -37.98 -55.99
C GLN G 24 8.40 -39.20 -56.39
N VAL G 25 8.19 -40.12 -55.45
CA VAL G 25 7.38 -41.31 -55.72
C VAL G 25 5.95 -40.89 -56.05
N TYR G 26 5.41 -39.92 -55.30
CA TYR G 26 4.06 -39.44 -55.56
C TYR G 26 3.94 -38.84 -56.96
N GLN G 27 4.91 -38.02 -57.36
CA GLN G 27 4.87 -37.42 -58.68
C GLN G 27 4.97 -38.47 -59.77
N ASN G 28 5.88 -39.43 -59.61
CA ASN G 28 6.01 -40.49 -60.59
C ASN G 28 4.74 -41.31 -60.70
N PHE G 29 4.08 -41.56 -59.57
CA PHE G 29 2.83 -42.33 -59.61
C PHE G 29 1.73 -41.55 -60.32
N VAL G 30 1.58 -40.26 -60.02
CA VAL G 30 0.52 -39.50 -60.66
C VAL G 30 0.81 -39.28 -62.14
N LYS G 31 2.06 -39.45 -62.57
CA LYS G 31 2.34 -39.36 -63.99
C LYS G 31 1.81 -40.56 -64.78
N THR G 32 1.46 -41.66 -64.12
CA THR G 32 1.03 -42.89 -64.79
C THR G 32 -0.49 -43.11 -64.71
N GLY G 33 -1.24 -42.04 -64.43
CA GLY G 33 -2.68 -42.19 -64.26
C GLY G 33 -3.37 -42.62 -65.54
N GLU G 34 -2.95 -42.10 -66.68
CA GLU G 34 -3.58 -42.47 -67.93
C GLU G 34 -3.37 -43.94 -68.25
N GLN G 35 -2.14 -44.44 -68.04
CA GLN G 35 -1.88 -45.86 -68.27
C GLN G 35 -2.70 -46.72 -67.33
N ARG G 36 -2.79 -46.33 -66.05
CA ARG G 36 -3.58 -47.12 -65.12
C ARG G 36 -5.05 -47.12 -65.50
N ILE G 37 -5.59 -45.98 -65.93
CA ILE G 37 -6.98 -45.90 -66.34
C ILE G 37 -7.22 -46.78 -67.56
N ARG G 38 -6.28 -46.77 -68.51
CA ARG G 38 -6.44 -47.60 -69.70
C ARG G 38 -6.44 -49.08 -69.33
N ILE G 39 -5.54 -49.50 -68.44
CA ILE G 39 -5.49 -50.90 -68.04
C ILE G 39 -6.77 -51.29 -67.31
N ALA G 40 -7.27 -50.41 -66.44
CA ALA G 40 -8.50 -50.71 -65.73
C ALA G 40 -9.68 -50.83 -66.69
N LYS G 41 -9.73 -49.96 -67.70
CA LYS G 41 -10.79 -50.07 -68.71
C LYS G 41 -10.65 -51.37 -69.49
N ILE G 42 -9.42 -51.79 -69.78
CA ILE G 42 -9.21 -53.06 -70.47
C ILE G 42 -9.76 -54.22 -69.64
N LEU G 43 -9.47 -54.21 -68.33
CA LEU G 43 -10.00 -55.26 -67.47
C LEU G 43 -11.51 -55.21 -67.39
N ALA G 44 -12.09 -54.00 -67.32
CA ALA G 44 -13.53 -53.87 -67.18
C ALA G 44 -14.26 -54.35 -68.43
N GLU G 45 -13.74 -54.02 -69.62
CA GLU G 45 -14.44 -54.36 -70.85
C GLU G 45 -14.33 -55.84 -71.19
N ASN G 46 -13.38 -56.55 -70.59
CA ASN G 46 -13.16 -57.96 -70.89
C ASN G 46 -13.48 -58.87 -69.71
N GLU G 47 -14.22 -58.37 -68.72
CA GLU G 47 -14.49 -59.16 -67.53
C GLU G 47 -15.30 -60.41 -67.86
N GLN G 48 -16.28 -60.28 -68.76
CA GLN G 48 -17.14 -61.42 -69.08
C GLN G 48 -16.35 -62.54 -69.74
N ARG G 49 -15.55 -62.21 -70.75
CA ARG G 49 -14.79 -63.25 -71.44
C ARG G 49 -13.72 -63.85 -70.54
N ILE G 50 -13.09 -63.02 -69.70
CA ILE G 50 -12.12 -63.53 -68.76
C ILE G 50 -12.78 -64.54 -67.82
N VAL G 51 -13.95 -64.19 -67.30
CA VAL G 51 -14.65 -65.09 -66.38
C VAL G 51 -15.04 -66.38 -67.10
N GLN G 52 -15.56 -66.27 -68.32
CA GLN G 52 -16.00 -67.46 -69.05
C GLN G 52 -14.84 -68.41 -69.32
N ASN G 53 -13.75 -67.89 -69.90
CA ASN G 53 -12.62 -68.74 -70.24
C ASN G 53 -11.94 -69.27 -68.99
N GLY G 54 -11.82 -68.45 -67.95
CA GLY G 54 -11.23 -68.91 -66.71
C GLY G 54 -12.04 -69.99 -66.05
N SER G 55 -13.37 -69.85 -66.04
CA SER G 55 -14.20 -70.89 -65.46
C SER G 55 -14.12 -72.17 -66.25
N ALA G 56 -14.08 -72.07 -67.59
CA ALA G 56 -13.93 -73.26 -68.41
C ALA G 56 -12.62 -73.98 -68.09
N ARG G 57 -11.51 -73.24 -68.08
CA ARG G 57 -10.21 -73.87 -67.79
C ARG G 57 -10.16 -74.41 -66.37
N PHE G 58 -10.74 -73.67 -65.41
CA PHE G 58 -10.72 -74.08 -64.02
C PHE G 58 -11.52 -75.36 -63.80
N TRP G 59 -12.68 -75.47 -64.43
CA TRP G 59 -13.45 -76.70 -64.32
C TRP G 59 -12.79 -77.85 -65.07
N GLU G 60 -12.04 -77.54 -66.13
CA GLU G 60 -11.26 -78.57 -66.79
C GLU G 60 -10.17 -79.12 -65.88
N ARG G 61 -9.43 -78.23 -65.21
CA ARG G 61 -8.33 -78.67 -64.35
C ARG G 61 -8.83 -79.23 -63.03
N VAL G 62 -9.86 -78.62 -62.45
CA VAL G 62 -10.40 -79.03 -61.16
C VAL G 62 -11.88 -79.33 -61.32
N PRO G 63 -12.26 -80.56 -61.67
CA PRO G 63 -13.68 -80.86 -61.86
C PRO G 63 -14.41 -81.09 -60.55
N ASN G 64 -13.70 -81.59 -59.53
CA ASN G 64 -14.29 -81.85 -58.23
C ASN G 64 -14.27 -80.56 -57.40
N THR G 65 -15.19 -79.67 -57.75
CA THR G 65 -15.31 -78.38 -57.09
C THR G 65 -16.78 -78.06 -56.91
N PRO G 66 -17.13 -77.27 -55.89
CA PRO G 66 -18.55 -76.95 -55.68
C PRO G 66 -19.21 -76.25 -56.86
N SER G 67 -18.46 -75.47 -57.64
CA SER G 67 -19.05 -74.84 -58.81
C SER G 67 -19.46 -75.87 -59.84
N ASN G 68 -18.65 -76.91 -60.02
CA ASN G 68 -18.92 -77.97 -60.98
C ASN G 68 -19.63 -79.16 -60.36
N SER G 69 -20.47 -78.92 -59.34
CA SER G 69 -21.19 -79.98 -58.66
C SER G 69 -22.63 -80.11 -59.12
N GLY G 70 -23.00 -79.47 -60.23
CA GLY G 70 -24.35 -79.58 -60.75
C GLY G 70 -25.37 -78.66 -60.12
N ASN G 71 -24.95 -77.68 -59.33
CA ASN G 71 -25.84 -76.73 -58.70
C ASN G 71 -25.72 -75.40 -59.42
N GLU G 72 -26.85 -74.89 -59.94
CA GLU G 72 -26.82 -73.66 -60.71
C GLU G 72 -26.41 -72.47 -59.85
N ARG G 73 -26.96 -72.38 -58.63
CA ARG G 73 -26.67 -71.23 -57.78
C ARG G 73 -25.21 -71.19 -57.38
N LYS G 74 -24.62 -72.36 -57.08
CA LYS G 74 -23.20 -72.39 -56.74
C LYS G 74 -22.34 -71.93 -57.91
N THR G 75 -22.68 -72.38 -59.13
CA THR G 75 -21.93 -71.94 -60.30
C THR G 75 -22.05 -70.44 -60.50
N ALA G 76 -23.27 -69.90 -60.36
CA ALA G 76 -23.46 -68.47 -60.53
C ALA G 76 -22.69 -67.68 -59.48
N SER G 77 -22.66 -68.19 -58.25
CA SER G 77 -21.91 -67.53 -57.19
C SER G 77 -20.42 -67.55 -57.48
N CYS G 78 -19.90 -68.66 -58.00
CA CYS G 78 -18.49 -68.71 -58.36
C CYS G 78 -18.16 -67.73 -59.47
N GLN G 79 -19.02 -67.66 -60.50
CA GLN G 79 -18.79 -66.69 -61.57
C GLN G 79 -18.82 -65.26 -61.04
N ARG G 80 -19.75 -64.97 -60.14
CA ARG G 80 -19.82 -63.64 -59.55
C ARG G 80 -18.58 -63.34 -58.73
N ASP G 81 -18.06 -64.33 -58.00
CA ASP G 81 -16.84 -64.13 -57.24
C ASP G 81 -15.67 -63.82 -58.16
N GLN G 82 -15.59 -64.54 -59.29
CA GLN G 82 -14.52 -64.27 -60.25
C GLN G 82 -14.62 -62.85 -60.79
N GLY G 83 -15.83 -62.43 -61.15
CA GLY G 83 -16.01 -61.07 -61.63
C GLY G 83 -15.67 -60.04 -60.58
N TRP G 84 -16.05 -60.29 -59.33
CA TRP G 84 -15.75 -59.38 -58.23
C TRP G 84 -14.24 -59.25 -58.03
N TYR G 85 -13.51 -60.37 -58.10
CA TYR G 85 -12.07 -60.29 -57.91
C TYR G 85 -11.37 -59.60 -59.09
N ILE G 86 -11.87 -59.78 -60.31
CA ILE G 86 -11.36 -58.99 -61.42
C ILE G 86 -11.61 -57.51 -61.18
N ARG G 87 -12.79 -57.17 -60.67
CA ARG G 87 -13.09 -55.77 -60.37
C ARG G 87 -12.16 -55.22 -59.30
N LEU G 88 -11.88 -56.01 -58.27
CA LEU G 88 -10.97 -55.57 -57.21
C LEU G 88 -9.56 -55.37 -57.76
N ILE G 89 -9.13 -56.23 -58.68
CA ILE G 89 -7.81 -56.07 -59.28
C ILE G 89 -7.77 -54.83 -60.15
N ALA G 90 -8.87 -54.51 -60.84
CA ALA G 90 -8.93 -53.26 -61.58
C ALA G 90 -8.83 -52.07 -60.64
N TYR G 91 -9.51 -52.13 -59.50
CA TYR G 91 -9.37 -51.10 -58.48
C TYR G 91 -7.91 -50.94 -58.06
N SER G 92 -7.25 -52.07 -57.80
CA SER G 92 -5.86 -52.03 -57.35
C SER G 92 -4.95 -51.43 -58.41
N VAL G 93 -5.19 -51.74 -59.68
CA VAL G 93 -4.43 -51.12 -60.75
C VAL G 93 -4.65 -49.62 -60.75
N LEU G 94 -5.90 -49.19 -60.56
CA LEU G 94 -6.19 -47.76 -60.52
C LEU G 94 -5.46 -47.07 -59.38
N ALA G 95 -5.43 -47.70 -58.20
CA ALA G 95 -4.85 -47.07 -57.03
C ALA G 95 -3.34 -47.22 -56.95
N GLY G 96 -2.73 -48.01 -57.82
CA GLY G 96 -1.29 -48.20 -57.78
C GLY G 96 -0.79 -49.07 -56.66
N SER G 97 -1.68 -49.78 -55.96
CA SER G 97 -1.28 -50.61 -54.84
C SER G 97 -2.37 -51.67 -54.64
N GLU G 98 -2.00 -52.74 -53.95
CA GLU G 98 -2.94 -53.80 -53.62
C GLU G 98 -3.91 -53.43 -52.52
N LYS G 99 -3.84 -52.19 -52.02
CA LYS G 99 -4.65 -51.80 -50.88
C LYS G 99 -6.16 -51.94 -51.10
N PRO G 100 -6.74 -51.48 -52.23
CA PRO G 100 -8.19 -51.69 -52.40
C PRO G 100 -8.58 -53.15 -52.42
N LEU G 101 -7.83 -53.97 -53.16
CA LEU G 101 -8.11 -55.40 -53.21
C LEU G 101 -7.94 -56.04 -51.83
N GLU G 102 -6.91 -55.63 -51.09
CA GLU G 102 -6.71 -56.16 -49.75
C GLU G 102 -7.86 -55.82 -48.83
N GLU G 103 -8.31 -54.57 -48.87
CA GLU G 103 -9.33 -54.11 -47.94
C GLU G 103 -10.71 -54.62 -48.31
N ILE G 104 -10.95 -54.93 -49.57
CA ILE G 104 -12.29 -55.37 -49.98
C ILE G 104 -12.39 -56.89 -50.01
N GLY G 105 -11.39 -57.58 -50.52
CA GLY G 105 -11.53 -59.02 -50.68
C GLY G 105 -10.37 -59.88 -50.22
N THR G 106 -9.59 -59.40 -49.28
CA THR G 106 -8.48 -60.20 -48.79
C THR G 106 -8.44 -60.34 -47.28
N ILE G 107 -8.79 -59.28 -46.54
CA ILE G 107 -8.85 -59.41 -45.09
C ILE G 107 -9.96 -60.37 -44.73
N GLY G 108 -9.60 -61.47 -44.06
CA GLY G 108 -10.60 -62.46 -43.69
C GLY G 108 -11.13 -63.29 -44.83
N ILE G 109 -10.38 -63.39 -45.93
CA ILE G 109 -10.85 -64.18 -47.07
C ILE G 109 -10.88 -65.66 -46.71
N LYS G 110 -9.86 -66.13 -45.99
CA LYS G 110 -9.81 -67.55 -45.64
C LYS G 110 -10.95 -67.91 -44.71
N GLU G 111 -11.24 -67.07 -43.72
CA GLU G 111 -12.34 -67.36 -42.81
C GLU G 111 -13.68 -67.36 -43.53
N MET G 112 -13.89 -66.40 -44.43
CA MET G 112 -15.14 -66.36 -45.17
C MET G 112 -15.32 -67.59 -46.04
N TYR G 113 -14.27 -68.00 -46.75
CA TYR G 113 -14.41 -69.14 -47.63
C TYR G 113 -14.41 -70.46 -46.89
N ASN G 114 -13.83 -70.52 -45.69
CA ASN G 114 -13.99 -71.70 -44.86
C ASN G 114 -15.40 -71.79 -44.29
N ASN G 115 -16.02 -70.65 -43.98
CA ASN G 115 -17.41 -70.66 -43.56
C ASN G 115 -18.33 -71.13 -44.69
N LEU G 116 -17.96 -70.84 -45.94
CA LEU G 116 -18.74 -71.27 -47.09
C LEU G 116 -18.39 -72.68 -47.54
N GLU G 117 -17.44 -73.33 -46.90
CA GLU G 117 -17.00 -74.69 -47.25
C GLU G 117 -16.50 -74.76 -48.68
N ILE G 118 -15.83 -73.69 -49.13
CA ILE G 118 -15.21 -73.65 -50.45
C ILE G 118 -13.72 -73.91 -50.27
N PRO G 119 -13.18 -74.99 -50.84
CA PRO G 119 -11.74 -75.25 -50.67
C PRO G 119 -10.90 -74.12 -51.22
N LEU G 120 -9.85 -73.77 -50.48
CA LEU G 120 -9.04 -72.62 -50.85
C LEU G 120 -8.15 -72.90 -52.05
N ARG G 121 -7.68 -74.14 -52.19
CA ARG G 121 -6.85 -74.50 -53.34
C ARG G 121 -7.64 -74.38 -54.64
N ASN G 122 -8.93 -74.68 -54.60
CA ASN G 122 -9.76 -74.50 -55.78
C ASN G 122 -9.82 -73.03 -56.19
N ILE G 123 -9.98 -72.14 -55.21
CA ILE G 123 -10.01 -70.71 -55.53
C ILE G 123 -8.65 -70.25 -56.03
N VAL G 124 -7.57 -70.83 -55.50
CA VAL G 124 -6.24 -70.48 -56.00
C VAL G 124 -6.10 -70.87 -57.46
N GLU G 125 -6.56 -72.08 -57.81
CA GLU G 125 -6.49 -72.52 -59.20
C GLU G 125 -7.36 -71.65 -60.11
N CYS G 126 -8.55 -71.29 -59.64
CA CYS G 126 -9.42 -70.42 -60.42
C CYS G 126 -8.78 -69.05 -60.64
N MET G 127 -8.15 -68.51 -59.60
CA MET G 127 -7.47 -67.23 -59.75
C MET G 127 -6.30 -67.34 -60.71
N ARG G 128 -5.61 -68.49 -60.70
CA ARG G 128 -4.52 -68.69 -61.65
C ARG G 128 -5.03 -68.71 -63.08
N CYS G 129 -6.15 -69.39 -63.33
CA CYS G 129 -6.74 -69.40 -64.67
C CYS G 129 -7.18 -68.01 -65.08
N LEU G 130 -7.81 -67.27 -64.17
CA LEU G 130 -8.25 -65.91 -64.48
C LEU G 130 -7.05 -65.03 -64.80
N LYS G 131 -5.95 -65.19 -64.06
CA LYS G 131 -4.74 -64.46 -64.35
C LYS G 131 -4.19 -64.81 -65.73
N GLU G 132 -4.24 -66.09 -66.09
CA GLU G 132 -3.77 -66.50 -67.41
C GLU G 132 -4.55 -65.81 -68.51
N GLU G 133 -5.88 -65.79 -68.40
CA GLU G 133 -6.67 -65.15 -69.44
C GLU G 133 -6.56 -63.63 -69.40
N ALA G 134 -6.39 -63.04 -68.22
CA ALA G 134 -6.19 -61.60 -68.14
C ALA G 134 -4.89 -61.20 -68.82
N LEU G 135 -3.84 -61.99 -68.63
CA LEU G 135 -2.57 -61.69 -69.29
C LEU G 135 -2.63 -62.00 -70.78
N SER G 136 -3.49 -62.92 -71.18
CA SER G 136 -3.56 -63.30 -72.59
C SER G 136 -4.08 -62.16 -73.46
N LEU G 137 -4.85 -61.24 -72.89
CA LEU G 137 -5.42 -60.13 -73.65
C LEU G 137 -4.87 -58.78 -73.21
N MET G 138 -3.62 -58.75 -72.75
CA MET G 138 -3.00 -57.52 -72.29
C MET G 138 -1.57 -57.45 -72.79
N SER G 139 -1.05 -56.23 -72.87
CA SER G 139 0.33 -56.06 -73.30
C SER G 139 1.29 -56.56 -72.22
N GLU G 140 2.56 -56.71 -72.60
CA GLU G 140 3.56 -57.21 -71.67
C GLU G 140 3.79 -56.26 -70.51
N GLU G 141 3.95 -54.97 -70.82
CA GLU G 141 4.22 -53.99 -69.77
C GLU G 141 3.01 -53.79 -68.86
N ASP G 142 1.81 -53.85 -69.42
CA ASP G 142 0.61 -53.68 -68.61
C ASP G 142 0.32 -54.89 -67.74
N ALA G 143 0.87 -56.05 -68.08
CA ALA G 143 0.54 -57.28 -67.37
C ALA G 143 1.21 -57.37 -66.01
N LEU G 144 2.20 -56.53 -65.73
CA LEU G 144 2.94 -56.66 -64.48
C LEU G 144 2.05 -56.45 -63.27
N GLU G 145 1.32 -55.34 -63.25
CA GLU G 145 0.44 -55.04 -62.12
C GLU G 145 -0.66 -56.08 -61.97
N VAL G 146 -1.29 -56.46 -63.08
CA VAL G 146 -2.42 -57.39 -63.01
C VAL G 146 -1.94 -58.75 -62.50
N SER G 147 -0.82 -59.23 -63.04
CA SER G 147 -0.28 -60.51 -62.60
C SER G 147 0.14 -60.46 -61.14
N ALA G 148 0.74 -59.34 -60.72
CA ALA G 148 1.16 -59.21 -59.33
C ALA G 148 -0.03 -59.24 -58.38
N TYR G 149 -1.13 -58.57 -58.76
CA TYR G 149 -2.29 -58.56 -57.88
C TYR G 149 -3.00 -59.91 -57.87
N PHE G 150 -3.02 -60.60 -59.01
CA PHE G 150 -3.55 -61.97 -59.01
C PHE G 150 -2.72 -62.87 -58.10
N ASP G 151 -1.39 -62.73 -58.15
CA ASP G 151 -0.52 -63.49 -57.26
C ASP G 151 -0.76 -63.09 -55.81
N TYR G 152 -1.07 -61.81 -55.56
CA TYR G 152 -1.37 -61.37 -54.21
C TYR G 152 -2.63 -62.06 -53.68
N VAL G 153 -3.67 -62.15 -54.50
CA VAL G 153 -4.88 -62.87 -54.09
C VAL G 153 -4.55 -64.33 -53.80
N MET G 154 -3.80 -64.95 -54.70
CA MET G 154 -3.48 -66.37 -54.54
C MET G 154 -2.66 -66.61 -53.28
N ARG G 155 -1.73 -65.71 -52.96
CA ARG G 155 -0.94 -65.84 -51.75
C ARG G 155 -1.79 -65.61 -50.50
N SER G 156 -2.75 -64.68 -50.57
CA SER G 156 -3.64 -64.48 -49.44
C SER G 156 -4.48 -65.71 -49.17
N LEU G 157 -4.93 -66.40 -50.23
CA LEU G 157 -5.65 -67.65 -50.05
C LEU G 157 -4.76 -68.80 -49.63
N SER G 158 -3.46 -68.72 -49.90
CA SER G 158 -2.55 -69.83 -49.61
C SER G 158 -1.81 -69.59 -48.31
N MET H 1 -7.31 -43.81 -43.43
CA MET H 1 -7.68 -42.70 -44.31
C MET H 1 -7.86 -43.18 -45.74
N GLN H 2 -8.66 -42.45 -46.51
CA GLN H 2 -8.80 -42.68 -47.93
C GLN H 2 -8.48 -41.39 -48.66
N ASP H 3 -7.87 -41.53 -49.83
CA ASP H 3 -7.55 -40.40 -50.69
C ASP H 3 -8.59 -40.34 -51.81
N ALA H 4 -8.35 -39.47 -52.80
CA ALA H 4 -9.33 -39.28 -53.86
C ALA H 4 -9.57 -40.56 -54.65
N ILE H 5 -8.49 -41.27 -55.00
CA ILE H 5 -8.64 -42.53 -55.73
C ILE H 5 -9.43 -43.53 -54.91
N THR H 6 -9.08 -43.68 -53.63
CA THR H 6 -9.80 -44.62 -52.79
C THR H 6 -11.23 -44.18 -52.55
N ALA H 7 -11.49 -42.88 -52.50
CA ALA H 7 -12.86 -42.39 -52.37
C ALA H 7 -13.69 -42.79 -53.58
N LEU H 8 -13.14 -42.61 -54.78
CA LEU H 8 -13.86 -43.03 -55.98
C LEU H 8 -14.05 -44.54 -56.02
N ILE H 9 -13.03 -45.28 -55.61
CA ILE H 9 -13.13 -46.74 -55.60
C ILE H 9 -14.22 -47.18 -54.64
N ASN H 10 -14.28 -46.57 -53.46
CA ASN H 10 -15.32 -46.93 -52.49
C ASN H 10 -16.70 -46.54 -52.99
N SER H 11 -16.82 -45.39 -53.66
CA SER H 11 -18.10 -44.99 -54.22
C SER H 11 -18.58 -45.98 -55.27
N SER H 12 -17.67 -46.49 -56.10
CA SER H 12 -18.05 -47.48 -57.09
C SER H 12 -18.29 -48.86 -56.47
N ASP H 13 -17.61 -49.16 -55.37
CA ASP H 13 -17.64 -50.50 -54.80
C ASP H 13 -18.93 -50.78 -54.05
N VAL H 14 -19.53 -49.77 -53.41
CA VAL H 14 -20.78 -49.98 -52.70
C VAL H 14 -21.89 -50.38 -53.67
N GLN H 15 -21.76 -50.00 -54.93
CA GLN H 15 -22.67 -50.44 -55.97
C GLN H 15 -22.22 -51.70 -56.68
N GLY H 16 -21.01 -52.19 -56.38
CA GLY H 16 -20.51 -53.38 -57.02
C GLY H 16 -20.25 -53.24 -58.51
N ARG H 17 -19.82 -52.06 -58.95
CA ARG H 17 -19.61 -51.79 -60.36
C ARG H 17 -18.28 -51.10 -60.56
N TYR H 18 -17.73 -51.25 -61.75
CA TYR H 18 -16.50 -50.56 -62.12
C TYR H 18 -16.72 -49.05 -62.12
N LEU H 19 -15.62 -48.31 -62.21
CA LEU H 19 -15.70 -46.86 -62.23
C LEU H 19 -16.39 -46.39 -63.50
N ASP H 20 -17.47 -45.64 -63.36
CA ASP H 20 -18.20 -45.09 -64.49
C ASP H 20 -17.40 -43.94 -65.09
N PRO H 21 -17.74 -43.51 -66.32
CA PRO H 21 -16.92 -42.48 -66.99
C PRO H 21 -16.76 -41.20 -66.19
N SER H 22 -17.77 -40.76 -65.45
CA SER H 22 -17.62 -39.54 -64.66
C SER H 22 -16.58 -39.74 -63.55
N SER H 23 -16.59 -40.90 -62.91
CA SER H 23 -15.58 -41.19 -61.90
C SER H 23 -14.19 -41.27 -62.53
N LEU H 24 -14.09 -41.80 -63.75
CA LEU H 24 -12.80 -41.83 -64.43
C LEU H 24 -12.33 -40.42 -64.76
N ASP H 25 -13.25 -39.52 -65.12
CA ASP H 25 -12.87 -38.14 -65.35
C ASP H 25 -12.40 -37.46 -64.07
N LYS H 26 -13.07 -37.73 -62.95
CA LYS H 26 -12.61 -37.20 -61.68
C LYS H 26 -11.22 -37.74 -61.33
N LEU H 27 -11.00 -39.03 -61.59
CA LEU H 27 -9.69 -39.62 -61.35
C LEU H 27 -8.62 -38.97 -62.21
N GLN H 28 -8.93 -38.72 -63.48
CA GLN H 28 -7.96 -38.08 -64.36
C GLN H 28 -7.69 -36.65 -63.91
N ASN H 29 -8.72 -35.96 -63.41
CA ASN H 29 -8.50 -34.62 -62.87
C ASN H 29 -7.56 -34.65 -61.68
N TYR H 30 -7.75 -35.62 -60.78
CA TYR H 30 -6.85 -35.75 -59.64
C TYR H 30 -5.42 -36.05 -60.10
N PHE H 31 -5.27 -36.95 -61.07
CA PHE H 31 -3.95 -37.30 -61.57
C PHE H 31 -3.28 -36.08 -62.20
N GLN H 32 -4.04 -35.27 -62.91
CA GLN H 32 -3.49 -34.07 -63.53
C GLN H 32 -3.11 -33.04 -62.48
N SER H 33 -3.86 -32.96 -61.39
CA SER H 33 -3.58 -31.98 -60.34
C SER H 33 -2.47 -32.42 -59.38
N GLY H 34 -2.08 -33.70 -59.44
CA GLY H 34 -1.05 -34.18 -58.53
C GLY H 34 0.24 -33.40 -58.58
N ASP H 35 0.59 -32.85 -59.74
CA ASP H 35 1.85 -32.11 -59.85
C ASP H 35 1.83 -30.84 -59.02
N MET H 36 0.79 -30.02 -59.18
CA MET H 36 0.69 -28.82 -58.36
C MET H 36 0.46 -29.18 -56.91
N ARG H 37 -0.18 -30.31 -56.61
CA ARG H 37 -0.32 -30.73 -55.23
C ARG H 37 1.04 -31.02 -54.60
N ALA H 38 1.91 -31.71 -55.33
CA ALA H 38 3.26 -31.96 -54.83
C ALA H 38 4.04 -30.67 -54.68
N LYS H 39 3.89 -29.74 -55.62
CA LYS H 39 4.56 -28.46 -55.50
C LYS H 39 4.12 -27.70 -54.24
N THR H 40 2.82 -27.67 -53.99
CA THR H 40 2.30 -27.02 -52.79
C THR H 40 2.81 -27.70 -51.52
N ALA H 41 2.83 -29.03 -51.52
CA ALA H 41 3.34 -29.75 -50.36
C ALA H 41 4.80 -29.41 -50.10
N ILE H 42 5.60 -29.32 -51.17
CA ILE H 42 7.01 -28.96 -51.01
C ILE H 42 7.14 -27.56 -50.40
N ALA H 43 6.37 -26.60 -50.92
CA ALA H 43 6.45 -25.24 -50.41
C ALA H 43 6.04 -25.17 -48.94
N VAL H 44 4.95 -25.84 -48.58
CA VAL H 44 4.48 -25.80 -47.20
C VAL H 44 5.48 -26.49 -46.28
N SER H 45 6.03 -27.63 -46.71
CA SER H 45 7.02 -28.32 -45.89
C SER H 45 8.24 -27.45 -45.67
N ALA H 46 8.64 -26.68 -46.69
CA ALA H 46 9.78 -25.80 -46.54
C ALA H 46 9.50 -24.57 -45.68
N ASN H 47 8.24 -24.12 -45.61
CA ASN H 47 7.97 -22.87 -44.89
C ASN H 47 7.00 -23.05 -43.73
N ALA H 48 6.91 -24.26 -43.16
CA ALA H 48 5.94 -24.52 -42.11
C ALA H 48 6.13 -23.61 -40.89
N LYS H 49 7.36 -23.47 -40.41
CA LYS H 49 7.60 -22.66 -39.22
C LYS H 49 7.26 -21.20 -39.47
N ASN H 50 7.64 -20.67 -40.63
CA ASN H 50 7.29 -19.31 -40.98
C ASN H 50 5.78 -19.14 -41.08
N ILE H 51 5.09 -20.13 -41.64
CA ILE H 51 3.64 -20.05 -41.77
C ILE H 51 2.99 -19.95 -40.41
N VAL H 52 3.42 -20.80 -39.48
CA VAL H 52 2.82 -20.77 -38.15
C VAL H 52 3.16 -19.48 -37.42
N THR H 53 4.39 -18.98 -37.58
CA THR H 53 4.77 -17.72 -36.95
C THR H 53 3.90 -16.57 -37.46
N LYS H 54 3.70 -16.49 -38.77
CA LYS H 54 2.87 -15.44 -39.34
C LYS H 54 1.42 -15.59 -38.91
N THR H 55 0.93 -16.83 -38.82
CA THR H 55 -0.42 -17.07 -38.37
C THR H 55 -0.63 -16.55 -36.95
N VAL H 56 0.31 -16.87 -36.06
CA VAL H 56 0.18 -16.39 -34.69
C VAL H 56 0.32 -14.87 -34.63
N ALA H 57 1.21 -14.31 -35.44
CA ALA H 57 1.42 -12.87 -35.42
C ALA H 57 0.17 -12.12 -35.86
N LYS H 58 -0.52 -12.63 -36.88
CA LYS H 58 -1.68 -11.92 -37.41
C LYS H 58 -2.99 -12.38 -36.79
N SER H 59 -2.97 -13.38 -35.92
CA SER H 59 -4.23 -13.88 -35.37
C SER H 59 -4.30 -13.82 -33.85
N LEU H 60 -3.21 -14.11 -33.15
CA LEU H 60 -3.26 -14.28 -31.71
C LEU H 60 -2.41 -13.32 -30.91
N LEU H 61 -1.41 -12.70 -31.51
CA LEU H 61 -0.52 -11.84 -30.75
C LEU H 61 -1.21 -10.54 -30.36
N TYR H 62 -0.86 -10.05 -29.18
CA TYR H 62 -1.31 -8.76 -28.65
C TYR H 62 -2.82 -8.72 -28.42
N THR H 63 -3.46 -9.88 -28.38
CA THR H 63 -4.83 -9.98 -27.95
C THR H 63 -4.84 -10.42 -26.48
N ASP H 64 -6.02 -10.67 -25.95
CA ASP H 64 -6.11 -11.13 -24.57
C ASP H 64 -5.75 -12.59 -24.42
N ILE H 65 -5.59 -13.33 -25.51
CA ILE H 65 -5.22 -14.74 -25.41
C ILE H 65 -3.82 -14.88 -24.85
N THR H 66 -2.92 -13.98 -25.20
CA THR H 66 -1.55 -14.04 -24.72
C THR H 66 -1.36 -13.34 -23.38
N ALA H 67 -2.34 -12.59 -22.91
CA ALA H 67 -2.25 -11.94 -21.61
C ALA H 67 -2.46 -12.96 -20.49
N PRO H 68 -2.05 -12.63 -19.27
CA PRO H 68 -2.37 -13.51 -18.13
C PRO H 68 -3.87 -13.69 -18.01
N GLY H 69 -4.28 -14.93 -17.76
CA GLY H 69 -5.67 -15.31 -17.80
C GLY H 69 -6.15 -15.76 -19.16
N GLY H 70 -5.40 -15.48 -20.22
CA GLY H 70 -5.71 -15.97 -21.54
C GLY H 70 -5.23 -17.41 -21.66
N MEN H 71 -5.54 -18.04 -22.79
CA MEN H 71 -5.24 -19.46 -22.93
C MEN H 71 -3.85 -19.70 -23.51
O MEN H 71 -3.42 -20.83 -23.60
CB MEN H 71 -6.29 -20.13 -23.81
CG MEN H 71 -6.32 -21.64 -23.64
OD1 MEN H 71 -6.25 -22.42 -24.57
ND2 MEN H 71 -6.42 -22.07 -22.38
CE2 MEN H 71 -6.44 -23.48 -22.07
N MET H 72 -3.17 -18.63 -23.89
CA MET H 72 -1.80 -18.76 -24.37
C MET H 72 -0.85 -18.16 -23.34
N TYR H 73 -1.38 -17.86 -22.17
CA TYR H 73 -0.56 -17.41 -21.06
C TYR H 73 0.33 -18.56 -20.58
N THR H 74 1.52 -18.18 -20.09
CA THR H 74 2.66 -19.07 -19.80
C THR H 74 3.23 -19.66 -21.09
N CYS H 75 4.53 -19.94 -21.09
CA CYS H 75 5.19 -20.41 -22.30
C CYS H 75 4.71 -21.80 -22.70
N ARG H 76 4.30 -22.61 -21.73
CA ARG H 76 3.83 -23.95 -22.03
C ARG H 76 2.57 -23.92 -22.88
N ARG H 77 1.61 -23.05 -22.54
CA ARG H 77 0.38 -22.95 -23.32
C ARG H 77 0.65 -22.33 -24.68
N TYR H 78 1.56 -21.35 -24.76
CA TYR H 78 1.95 -20.78 -26.03
C TYR H 78 2.52 -21.85 -26.96
N ALA H 79 3.43 -22.67 -26.43
CA ALA H 79 4.02 -23.74 -27.23
C ALA H 79 2.98 -24.79 -27.59
N ALA H 80 2.02 -25.03 -26.71
CA ALA H 80 0.96 -25.98 -27.03
C ALA H 80 0.09 -25.49 -28.19
N CYS H 81 -0.24 -24.20 -28.19
CA CYS H 81 -1.01 -23.65 -29.30
C CYS H 81 -0.21 -23.69 -30.59
N VAL H 82 1.10 -23.38 -30.52
CA VAL H 82 1.95 -23.46 -31.69
C VAL H 82 2.00 -24.88 -32.23
N ARG H 83 2.05 -25.86 -31.31
CA ARG H 83 2.06 -27.26 -31.72
C ARG H 83 0.75 -27.65 -32.39
N ASP H 84 -0.38 -27.17 -31.87
CA ASP H 84 -1.66 -27.44 -32.49
C ASP H 84 -1.74 -26.86 -33.90
N LEU H 85 -1.23 -25.63 -34.06
CA LEU H 85 -1.21 -25.03 -35.39
C LEU H 85 -0.29 -25.79 -36.33
N ASP H 86 0.82 -26.30 -35.82
CA ASP H 86 1.70 -27.14 -36.63
C ASP H 86 0.98 -28.40 -37.08
N TYR H 87 0.22 -29.02 -36.18
CA TYR H 87 -0.58 -30.19 -36.55
C TYR H 87 -1.58 -29.84 -37.64
N PHE H 88 -2.27 -28.72 -37.48
CA PHE H 88 -3.27 -28.31 -38.47
C PHE H 88 -2.64 -28.13 -39.84
N LEU H 89 -1.49 -27.45 -39.88
CA LEU H 89 -0.82 -27.22 -41.15
C LEU H 89 -0.35 -28.52 -41.79
N ARG H 90 0.24 -29.40 -40.99
CA ARG H 90 0.76 -30.65 -41.53
C ARG H 90 -0.36 -31.52 -42.09
N TYR H 91 -1.47 -31.62 -41.36
CA TYR H 91 -2.54 -32.49 -41.85
C TYR H 91 -3.35 -31.84 -42.96
N ALA H 92 -3.38 -30.51 -43.02
CA ALA H 92 -3.92 -29.86 -44.21
C ALA H 92 -3.06 -30.18 -45.43
N THR H 93 -1.74 -30.21 -45.25
CA THR H 93 -0.87 -30.64 -46.35
C THR H 93 -1.14 -32.08 -46.74
N TYR H 94 -1.31 -32.96 -45.75
CA TYR H 94 -1.64 -34.35 -46.04
C TYR H 94 -2.92 -34.46 -46.85
N ALA H 95 -3.96 -33.73 -46.42
CA ALA H 95 -5.24 -33.80 -47.11
C ALA H 95 -5.16 -33.20 -48.50
N MET H 96 -4.37 -32.14 -48.67
CA MET H 96 -4.20 -31.56 -50.00
C MET H 96 -3.50 -32.54 -50.93
N LEU H 97 -2.48 -33.23 -50.43
CA LEU H 97 -1.83 -34.27 -51.23
C LEU H 97 -2.79 -35.39 -51.57
N ALA H 98 -3.59 -35.82 -50.60
CA ALA H 98 -4.50 -36.94 -50.78
C ALA H 98 -5.73 -36.57 -51.60
N GLY H 99 -6.05 -35.30 -51.72
CA GLY H 99 -7.20 -34.88 -52.49
C GLY H 99 -8.52 -34.96 -51.77
N ASP H 100 -8.54 -35.25 -50.48
CA ASP H 100 -9.79 -35.29 -49.74
C ASP H 100 -9.51 -35.10 -48.25
N THR H 101 -10.57 -34.86 -47.49
CA THR H 101 -10.48 -34.42 -46.11
C THR H 101 -10.65 -35.56 -45.11
N SER H 102 -10.54 -36.81 -45.54
CA SER H 102 -10.77 -37.92 -44.64
C SER H 102 -9.73 -37.95 -43.52
N ILE H 103 -8.47 -37.68 -43.83
CA ILE H 103 -7.42 -37.71 -42.83
C ILE H 103 -7.67 -36.67 -41.75
N LEU H 104 -8.19 -35.50 -42.14
CA LEU H 104 -8.49 -34.46 -41.17
C LEU H 104 -9.58 -34.91 -40.19
N ASP H 105 -10.61 -35.57 -40.71
CA ASP H 105 -11.69 -36.05 -39.85
C ASP H 105 -11.18 -37.15 -38.92
N GLU H 106 -10.37 -38.07 -39.45
CA GLU H 106 -9.95 -39.21 -38.64
C GLU H 106 -8.93 -38.84 -37.57
N ARG H 107 -7.94 -38.03 -37.91
CA ARG H 107 -6.84 -37.79 -36.99
C ARG H 107 -7.01 -36.53 -36.15
N ILE H 108 -7.83 -35.59 -36.56
CA ILE H 108 -7.90 -34.31 -35.85
C ILE H 108 -9.31 -34.01 -35.36
N LEU H 109 -10.26 -33.91 -36.28
CA LEU H 109 -11.54 -33.30 -35.95
C LEU H 109 -12.44 -34.18 -35.10
N ASN H 110 -12.15 -35.47 -34.99
CA ASN H 110 -13.01 -36.38 -34.24
C ASN H 110 -12.78 -36.16 -32.76
N GLY H 111 -13.63 -35.35 -32.13
CA GLY H 111 -13.52 -35.08 -30.73
C GLY H 111 -12.61 -33.92 -30.36
N LEU H 112 -12.08 -33.19 -31.34
CA LEU H 112 -11.24 -32.05 -31.01
C LEU H 112 -12.04 -30.94 -30.34
N ARG H 113 -13.29 -30.73 -30.77
CA ARG H 113 -14.12 -29.74 -30.12
C ARG H 113 -14.39 -30.10 -28.67
N GLU H 114 -14.65 -31.38 -28.40
CA GLU H 114 -14.88 -31.81 -27.03
C GLU H 114 -13.63 -31.62 -26.17
N THR H 115 -12.47 -31.98 -26.71
CA THR H 115 -11.22 -31.80 -25.97
C THR H 115 -10.98 -30.32 -25.68
N TYR H 116 -11.19 -29.46 -26.68
CA TYR H 116 -10.98 -28.03 -26.49
C TYR H 116 -11.95 -27.47 -25.46
N ASN H 117 -13.21 -27.91 -25.49
CA ASN H 117 -14.18 -27.45 -24.51
C ASN H 117 -13.78 -27.90 -23.11
N SER H 118 -13.29 -29.13 -22.97
CA SER H 118 -12.86 -29.60 -21.66
C SER H 118 -11.67 -28.81 -21.15
N LEU H 119 -10.72 -28.48 -22.03
CA LEU H 119 -9.52 -27.78 -21.62
C LEU H 119 -9.70 -26.27 -21.53
N GLY H 120 -10.82 -25.73 -22.00
CA GLY H 120 -11.00 -24.30 -22.01
C GLY H 120 -10.34 -23.58 -23.17
N VAL H 121 -9.94 -24.30 -24.19
CA VAL H 121 -9.36 -23.66 -25.38
C VAL H 121 -10.45 -22.95 -26.17
N PRO H 122 -10.30 -21.66 -26.47
CA PRO H 122 -11.36 -20.94 -27.21
C PRO H 122 -11.47 -21.44 -28.63
N ILE H 123 -12.68 -21.88 -29.01
CA ILE H 123 -12.91 -22.39 -30.35
C ILE H 123 -12.90 -21.25 -31.36
N GLY H 124 -13.48 -20.10 -31.01
CA GLY H 124 -13.49 -18.98 -31.94
C GLY H 124 -12.10 -18.49 -32.26
N ALA H 125 -11.23 -18.41 -31.25
CA ALA H 125 -9.87 -17.95 -31.46
C ALA H 125 -9.11 -18.90 -32.38
N THR H 126 -9.28 -20.21 -32.20
CA THR H 126 -8.54 -21.14 -33.05
C THR H 126 -9.13 -21.21 -34.45
N ILE H 127 -10.43 -20.97 -34.60
CA ILE H 127 -11.00 -20.83 -35.93
C ILE H 127 -10.40 -19.62 -36.64
N ARG H 128 -10.28 -18.50 -35.92
CA ARG H 128 -9.63 -17.32 -36.47
C ARG H 128 -8.19 -17.62 -36.86
N SER H 129 -7.48 -18.38 -36.02
CA SER H 129 -6.11 -18.75 -36.34
C SER H 129 -6.04 -19.61 -37.60
N VAL H 130 -6.97 -20.54 -37.76
CA VAL H 130 -6.98 -21.39 -38.95
C VAL H 130 -7.24 -20.56 -40.20
N GLN H 131 -8.14 -19.59 -40.11
CA GLN H 131 -8.41 -18.72 -41.26
C GLN H 131 -7.21 -17.84 -41.59
N ALA H 132 -6.53 -17.33 -40.56
CA ALA H 132 -5.29 -16.58 -40.79
C ALA H 132 -4.23 -17.46 -41.43
N MET H 133 -4.15 -18.72 -41.01
CA MET H 133 -3.22 -19.66 -41.62
C MET H 133 -3.56 -19.89 -43.09
N LYS H 134 -4.85 -19.95 -43.41
CA LYS H 134 -5.26 -20.08 -44.80
C LYS H 134 -4.79 -18.89 -45.62
N GLU H 135 -4.95 -17.68 -45.07
CA GLU H 135 -4.48 -16.49 -45.77
C GLU H 135 -2.97 -16.51 -45.96
N VAL H 136 -2.24 -16.93 -44.92
CA VAL H 136 -0.78 -16.97 -44.98
C VAL H 136 -0.32 -17.96 -46.05
N VAL H 137 -0.94 -19.14 -46.09
CA VAL H 137 -0.56 -20.13 -47.10
C VAL H 137 -0.91 -19.63 -48.50
N THR H 138 -2.06 -18.97 -48.65
CA THR H 138 -2.41 -18.41 -49.94
C THR H 138 -1.38 -17.38 -50.39
N SER H 139 -0.93 -16.54 -49.46
CA SER H 139 0.10 -15.57 -49.79
C SER H 139 1.41 -16.24 -50.17
N LEU H 140 1.71 -17.38 -49.57
CA LEU H 140 3.00 -18.03 -49.82
C LEU H 140 3.00 -18.80 -51.14
N VAL H 141 1.99 -19.62 -51.39
CA VAL H 141 2.02 -20.56 -52.51
C VAL H 141 1.22 -20.07 -53.71
N GLY H 142 0.55 -18.95 -53.62
CA GLY H 142 -0.16 -18.39 -54.75
C GLY H 142 -1.67 -18.54 -54.61
N ALA H 143 -2.36 -18.19 -55.69
CA ALA H 143 -3.82 -18.12 -55.66
C ALA H 143 -4.47 -19.49 -55.80
N ASP H 144 -4.11 -20.24 -56.84
CA ASP H 144 -4.76 -21.53 -57.09
C ASP H 144 -4.40 -22.54 -56.00
N ALA H 145 -3.10 -22.69 -55.73
CA ALA H 145 -2.67 -23.61 -54.68
C ALA H 145 -3.16 -23.13 -53.33
N GLY H 146 -3.19 -21.81 -53.12
CA GLY H 146 -3.74 -21.28 -51.89
C GLY H 146 -5.20 -21.64 -51.70
N ARG H 147 -5.99 -21.58 -52.77
CA ARG H 147 -7.39 -21.98 -52.71
C ARG H 147 -7.53 -23.48 -52.44
N GLU H 148 -6.69 -24.28 -53.10
CA GLU H 148 -6.74 -25.72 -52.86
C GLU H 148 -6.45 -26.05 -51.40
N MET H 149 -5.46 -25.37 -50.81
CA MET H 149 -5.16 -25.58 -49.40
C MET H 149 -6.23 -24.99 -48.50
N GLY H 150 -6.84 -23.87 -48.91
CA GLY H 150 -7.91 -23.27 -48.14
C GLY H 150 -9.15 -24.11 -48.08
N VAL H 151 -9.36 -24.99 -49.06
CA VAL H 151 -10.46 -25.95 -48.95
C VAL H 151 -10.34 -26.76 -47.66
N TYR H 152 -9.15 -27.30 -47.41
CA TYR H 152 -8.94 -28.13 -46.23
C TYR H 152 -8.82 -27.30 -44.95
N PHE H 153 -8.29 -26.07 -45.06
CA PHE H 153 -8.30 -25.20 -43.90
C PHE H 153 -9.73 -24.86 -43.48
N ASP H 154 -10.60 -24.61 -44.46
CA ASP H 154 -12.01 -24.36 -44.17
C ASP H 154 -12.68 -25.60 -43.62
N HIS H 155 -12.28 -26.78 -44.09
CA HIS H 155 -12.80 -28.00 -43.50
C HIS H 155 -12.43 -28.11 -42.03
N ILE H 156 -11.18 -27.77 -41.69
CA ILE H 156 -10.76 -27.80 -40.30
C ILE H 156 -11.58 -26.81 -39.47
N ALA H 157 -11.74 -25.60 -40.00
CA ALA H 157 -12.49 -24.57 -39.27
C ALA H 157 -13.93 -24.99 -39.04
N ALA H 158 -14.57 -25.58 -40.05
CA ALA H 158 -15.94 -26.04 -39.91
C ALA H 158 -16.03 -27.20 -38.93
N GLY H 159 -15.04 -28.11 -38.95
CA GLY H 159 -15.05 -29.21 -38.01
C GLY H 159 -14.90 -28.76 -36.57
N LEU H 160 -14.10 -27.72 -36.35
CA LEU H 160 -13.98 -27.17 -35.00
C LEU H 160 -15.30 -26.57 -34.53
N SER H 161 -16.00 -25.87 -35.41
CA SER H 161 -17.27 -25.24 -35.05
C SER H 161 -18.37 -26.28 -34.87
N SER I 2 6.60 -26.50 -5.34
CA SER I 2 7.32 -26.15 -4.12
C SER I 2 7.86 -27.39 -3.43
N ILE I 3 8.60 -27.18 -2.34
CA ILE I 3 9.12 -28.29 -1.57
C ILE I 3 8.00 -28.97 -0.80
N ILE I 4 7.00 -28.21 -0.35
CA ILE I 4 5.84 -28.82 0.30
C ILE I 4 5.13 -29.76 -0.66
N THR I 5 4.88 -29.29 -1.88
CA THR I 5 4.22 -30.12 -2.88
C THR I 5 5.07 -31.33 -3.24
N LYS I 6 6.38 -31.14 -3.37
CA LYS I 6 7.27 -32.25 -3.68
C LYS I 6 7.24 -33.30 -2.59
N ALA I 7 7.29 -32.88 -1.34
CA ALA I 7 7.22 -33.81 -0.22
C ALA I 7 5.90 -34.55 -0.18
N ILE I 8 4.80 -33.84 -0.42
CA ILE I 8 3.49 -34.48 -0.41
C ILE I 8 3.39 -35.50 -1.53
N ALA I 9 3.90 -35.17 -2.72
CA ALA I 9 3.89 -36.12 -3.82
C ALA I 9 4.75 -37.33 -3.54
N SER I 10 5.93 -37.13 -2.93
CA SER I 10 6.79 -38.25 -2.59
C SER I 10 6.12 -39.16 -1.58
N ALA I 11 5.48 -38.59 -0.56
CA ALA I 11 4.76 -39.40 0.41
C ALA I 11 3.59 -40.12 -0.23
N ASP I 12 2.86 -39.44 -1.12
CA ASP I 12 1.69 -40.04 -1.76
C ASP I 12 2.08 -41.21 -2.64
N ARG I 13 3.19 -41.10 -3.37
CA ARG I 13 3.62 -42.19 -4.23
C ARG I 13 3.78 -43.49 -3.46
N GLU I 14 4.30 -43.41 -2.24
CA GLU I 14 4.56 -44.59 -1.42
C GLU I 14 3.38 -44.93 -0.51
N ALA I 15 2.24 -44.25 -0.68
CA ALA I 15 1.02 -44.56 0.07
C ALA I 15 1.25 -44.47 1.57
N ARG I 16 2.00 -43.46 2.00
CA ARG I 16 2.37 -43.31 3.39
C ARG I 16 2.16 -41.86 3.82
N TYR I 17 1.98 -41.67 5.12
CA TYR I 17 1.88 -40.32 5.66
C TYR I 17 3.24 -39.64 5.57
N LEU I 18 3.23 -38.33 5.77
CA LEU I 18 4.47 -37.56 5.72
C LEU I 18 5.38 -37.97 6.87
N SER I 19 6.60 -38.35 6.53
CA SER I 19 7.54 -38.84 7.54
C SER I 19 8.05 -37.69 8.39
N PRO I 20 8.58 -37.98 9.58
CA PRO I 20 9.10 -36.91 10.45
C PRO I 20 10.16 -36.05 9.80
N GLY I 21 11.03 -36.61 8.97
CA GLY I 21 12.03 -35.80 8.30
C GLY I 21 11.42 -34.82 7.31
N GLU I 22 10.45 -35.28 6.52
CA GLU I 22 9.76 -34.40 5.60
C GLU I 22 9.01 -33.31 6.35
N LEU I 23 8.40 -33.66 7.47
CA LEU I 23 7.71 -32.67 8.28
C LEU I 23 8.69 -31.63 8.83
N ARG I 24 9.88 -32.07 9.24
CA ARG I 24 10.89 -31.13 9.70
C ARG I 24 11.31 -30.18 8.58
N THR I 25 11.50 -30.71 7.37
CA THR I 25 11.84 -29.85 6.24
C THR I 25 10.75 -28.82 5.97
N ILE I 26 9.49 -29.27 5.98
CA ILE I 26 8.37 -28.37 5.75
C ILE I 26 8.30 -27.30 6.82
N ARG I 27 8.55 -27.69 8.07
CA ARG I 27 8.53 -26.72 9.16
C ARG I 27 9.64 -25.69 8.98
N ASP I 28 10.82 -26.13 8.55
CA ASP I 28 11.91 -25.19 8.32
C ASP I 28 11.56 -24.17 7.24
N PHE I 29 10.96 -24.64 6.14
CA PHE I 29 10.61 -23.69 5.10
C PHE I 29 9.47 -22.76 5.52
N TYR I 30 8.51 -23.26 6.30
CA TYR I 30 7.49 -22.39 6.84
C TYR I 30 8.08 -21.34 7.77
N ASN I 31 9.15 -21.69 8.49
CA ASN I 31 9.84 -20.71 9.32
C ASN I 31 10.53 -19.66 8.46
N GLY I 32 11.17 -20.08 7.37
CA GLY I 32 11.84 -19.15 6.48
C GLY I 32 10.93 -18.35 5.56
N GLY I 33 9.64 -18.66 5.57
CA GLY I 33 8.71 -17.99 4.68
C GLY I 33 8.69 -16.47 4.83
N GLU I 34 8.77 -15.98 6.07
CA GLU I 34 8.72 -14.53 6.28
C GLU I 34 9.94 -13.84 5.68
N ASN I 35 11.13 -14.44 5.84
CA ASN I 35 12.33 -13.87 5.23
C ASN I 35 12.21 -13.87 3.71
N ARG I 36 11.71 -14.98 3.15
CA ARG I 36 11.53 -15.02 1.70
C ARG I 36 10.53 -13.97 1.23
N LEU I 37 9.48 -13.74 2.02
CA LEU I 37 8.50 -12.71 1.68
C LEU I 37 9.13 -11.33 1.69
N ARG I 38 9.98 -11.06 2.69
CA ARG I 38 10.67 -9.77 2.71
C ARG I 38 11.56 -9.59 1.49
N ILE I 39 12.30 -10.64 1.12
CA ILE I 39 13.17 -10.55 -0.06
C ILE I 39 12.35 -10.29 -1.31
N ALA I 40 11.23 -11.00 -1.47
CA ALA I 40 10.40 -10.81 -2.65
C ALA I 40 9.77 -9.42 -2.68
N THR I 41 9.39 -8.90 -1.52
CA THR I 41 8.88 -7.53 -1.47
C THR I 41 9.94 -6.54 -1.90
N THR I 42 11.19 -6.76 -1.47
CA THR I 42 12.28 -5.90 -1.92
C THR I 42 12.45 -5.98 -3.44
N LEU I 43 12.34 -7.19 -3.99
CA LEU I 43 12.45 -7.33 -5.45
C LEU I 43 11.32 -6.59 -6.15
N ILE I 44 10.10 -6.69 -5.63
CA ILE I 44 8.94 -6.10 -6.29
C ILE I 44 9.00 -4.58 -6.22
N GLU I 45 9.37 -4.03 -5.06
CA GLU I 45 9.36 -2.57 -4.91
C GLU I 45 10.42 -1.90 -5.77
N ASN I 46 11.48 -2.61 -6.13
CA ASN I 46 12.59 -2.05 -6.90
C ASN I 46 12.61 -2.56 -8.34
N ARG I 47 11.51 -3.15 -8.83
CA ARG I 47 11.54 -3.79 -10.13
C ARG I 47 11.71 -2.79 -11.26
N LYS I 48 11.21 -1.57 -11.11
CA LYS I 48 11.28 -0.61 -12.19
C LYS I 48 12.70 -0.11 -12.40
N GLU I 49 13.41 0.20 -11.32
CA GLU I 49 14.82 0.57 -11.43
C GLU I 49 15.66 -0.58 -11.95
N ILE I 50 15.36 -1.80 -11.48
CA ILE I 50 16.08 -2.98 -11.96
C ILE I 50 15.93 -3.11 -13.46
N VAL I 51 14.68 -3.02 -13.95
CA VAL I 51 14.44 -3.21 -15.37
C VAL I 51 15.07 -2.07 -16.17
N GLU I 52 14.99 -0.84 -15.67
CA GLU I 52 15.58 0.29 -16.37
C GLU I 52 17.08 0.13 -16.55
N ARG I 53 17.79 -0.10 -15.45
CA ARG I 53 19.23 -0.25 -15.51
C ARG I 53 19.63 -1.47 -16.32
N GLY I 54 18.94 -2.60 -16.11
CA GLY I 54 19.30 -3.81 -16.82
C GLY I 54 19.04 -3.71 -18.31
N SER I 55 17.96 -3.03 -18.71
CA SER I 55 17.66 -2.86 -20.12
C SER I 55 18.67 -1.94 -20.78
N LEU I 56 19.08 -0.88 -20.08
CA LEU I 56 20.13 -0.03 -20.64
C LEU I 56 21.43 -0.80 -20.82
N LYS I 57 21.81 -1.60 -19.81
CA LYS I 57 23.01 -2.41 -19.93
C LYS I 57 22.88 -3.43 -21.05
N PHE I 58 21.71 -4.05 -21.19
CA PHE I 58 21.50 -5.08 -22.18
C PHE I 58 21.54 -4.52 -23.59
N TRP I 59 20.99 -3.33 -23.80
CA TRP I 59 21.11 -2.71 -25.11
C TRP I 59 22.51 -2.21 -25.37
N GLU I 60 23.29 -1.90 -24.33
CA GLU I 60 24.69 -1.58 -24.54
C GLU I 60 25.48 -2.80 -24.99
N CYS I 61 25.28 -3.93 -24.31
CA CYS I 61 26.08 -5.13 -24.59
C CYS I 61 25.54 -5.95 -25.76
N CYS I 62 24.25 -5.87 -26.04
CA CYS I 62 23.62 -6.65 -27.10
C CYS I 62 22.78 -5.72 -27.96
N PRO I 63 23.42 -4.90 -28.78
CA PRO I 63 22.67 -3.90 -29.55
C PRO I 63 21.89 -4.49 -30.70
N ASP I 64 22.37 -5.57 -31.30
CA ASP I 64 21.73 -6.18 -32.47
C ASP I 64 20.65 -7.14 -32.01
N THR I 65 19.57 -6.57 -31.48
CA THR I 65 18.45 -7.32 -30.96
C THR I 65 17.16 -6.65 -31.43
N PRO I 66 16.08 -7.41 -31.60
CA PRO I 66 14.86 -6.82 -32.15
C PRO I 66 14.30 -5.66 -31.34
N SER I 67 14.45 -5.68 -30.01
CA SER I 67 13.98 -4.56 -29.21
C SER I 67 14.76 -3.30 -29.50
N ASN I 68 16.05 -3.44 -29.78
CA ASN I 68 16.92 -2.31 -30.12
C ASN I 68 17.02 -2.12 -31.63
N SER I 69 15.88 -2.05 -32.31
CA SER I 69 15.88 -1.99 -33.77
C SER I 69 15.05 -0.85 -34.33
N GLY I 70 14.54 0.06 -33.49
CA GLY I 70 13.71 1.14 -33.94
C GLY I 70 12.22 0.88 -33.84
N ASN I 71 11.81 -0.36 -33.62
CA ASN I 71 10.39 -0.68 -33.48
C ASN I 71 9.95 -0.38 -32.05
N ARG I 72 8.96 0.52 -31.91
CA ARG I 72 8.46 0.84 -30.58
C ARG I 72 7.78 -0.36 -29.94
N THR I 73 7.02 -1.12 -30.73
CA THR I 73 6.30 -2.26 -30.20
C THR I 73 7.27 -3.31 -29.67
N TYR I 74 8.33 -3.59 -30.41
CA TYR I 74 9.30 -4.58 -29.96
C TYR I 74 9.96 -4.14 -28.65
N ARG I 75 10.35 -2.88 -28.55
CA ARG I 75 10.99 -2.38 -27.35
C ARG I 75 10.04 -2.44 -26.16
N ALA I 76 8.78 -2.03 -26.37
CA ALA I 76 7.79 -2.09 -25.29
C ALA I 76 7.56 -3.53 -24.84
N SER I 77 7.46 -4.46 -25.78
CA SER I 77 7.25 -5.85 -25.42
C SER I 77 8.45 -6.42 -24.68
N CYS I 78 9.66 -6.07 -25.09
CA CYS I 78 10.85 -6.52 -24.39
C CYS I 78 10.88 -6.00 -22.96
N LEU I 79 10.57 -4.72 -22.76
CA LEU I 79 10.55 -4.17 -21.41
C LEU I 79 9.46 -4.83 -20.57
N ARG I 80 8.30 -5.08 -21.18
CA ARG I 80 7.23 -5.76 -20.48
C ARG I 80 7.66 -7.16 -20.07
N ASP I 81 8.38 -7.87 -20.94
CA ASP I 81 8.86 -9.20 -20.61
C ASP I 81 9.89 -9.17 -19.49
N GLN I 82 10.77 -8.17 -19.50
CA GLN I 82 11.75 -8.04 -18.43
C GLN I 82 11.06 -7.82 -17.09
N ASP I 83 10.08 -6.92 -17.05
CA ASP I 83 9.32 -6.71 -15.83
C ASP I 83 8.58 -7.98 -15.42
N TRP I 84 8.03 -8.69 -16.40
CA TRP I 84 7.31 -9.92 -16.15
C TRP I 84 8.21 -10.95 -15.47
N TYR I 85 9.43 -11.10 -15.98
CA TYR I 85 10.33 -12.10 -15.42
C TYR I 85 10.86 -11.68 -14.06
N ILE I 86 11.08 -10.38 -13.84
CA ILE I 86 11.46 -9.93 -12.51
C ILE I 86 10.36 -10.25 -11.50
N ARG I 87 9.11 -9.97 -11.88
CA ARG I 87 8.00 -10.28 -10.97
C ARG I 87 7.85 -11.78 -10.76
N LEU I 88 8.04 -12.59 -11.81
CA LEU I 88 7.96 -14.04 -11.66
C LEU I 88 9.03 -14.56 -10.73
N ILE I 89 10.24 -14.00 -10.83
CA ILE I 89 11.31 -14.39 -9.91
C ILE I 89 10.95 -14.00 -8.49
N ALA I 90 10.32 -12.84 -8.31
CA ALA I 90 9.88 -12.45 -6.96
C ALA I 90 8.84 -13.43 -6.41
N TYR I 91 7.87 -13.84 -7.24
CA TYR I 91 6.86 -14.77 -6.77
C TYR I 91 7.46 -16.14 -6.44
N THR I 92 8.38 -16.60 -7.28
CA THR I 92 9.03 -17.88 -7.01
C THR I 92 9.94 -17.79 -5.79
N VAL I 93 10.42 -16.59 -5.45
CA VAL I 93 11.13 -16.40 -4.19
C VAL I 93 10.15 -16.50 -3.02
N ILE I 94 8.95 -15.95 -3.18
CA ILE I 94 7.92 -16.13 -2.16
C ILE I 94 7.70 -17.61 -1.89
N VAL I 95 7.54 -18.40 -2.96
CA VAL I 95 7.27 -19.82 -2.79
C VAL I 95 8.46 -20.52 -2.15
N GLY I 96 9.67 -20.19 -2.59
CA GLY I 96 10.87 -20.80 -2.06
C GLY I 96 11.47 -21.87 -2.93
N ASP I 97 10.90 -22.13 -4.10
CA ASP I 97 11.44 -23.10 -5.03
C ASP I 97 11.07 -22.66 -6.44
N VAL I 98 11.81 -23.15 -7.42
CA VAL I 98 11.74 -22.66 -8.79
C VAL I 98 10.47 -23.11 -9.49
N GLU I 99 9.62 -23.86 -8.79
CA GLU I 99 8.47 -24.49 -9.44
C GLU I 99 7.50 -23.50 -10.07
N PRO I 100 7.07 -22.41 -9.40
CA PRO I 100 6.16 -21.48 -10.09
C PRO I 100 6.79 -20.79 -11.29
N LEU I 101 8.03 -20.31 -11.15
CA LEU I 101 8.70 -19.67 -12.27
C LEU I 101 8.91 -20.64 -13.42
N LYS I 102 9.25 -21.90 -13.10
CA LYS I 102 9.41 -22.90 -14.14
C LYS I 102 8.09 -23.18 -14.85
N ASP I 103 7.00 -23.26 -14.08
CA ASP I 103 5.71 -23.60 -14.67
C ASP I 103 5.16 -22.46 -15.51
N ILE I 104 5.50 -21.22 -15.17
CA ILE I 104 4.96 -20.09 -15.90
C ILE I 104 5.86 -19.67 -17.06
N GLY I 105 7.17 -19.60 -16.85
CA GLY I 105 8.02 -19.02 -17.88
C GLY I 105 9.35 -19.68 -18.15
N ILE I 106 9.51 -20.97 -17.87
CA ILE I 106 10.71 -21.71 -18.23
C ILE I 106 10.39 -22.91 -19.11
N VAL I 107 9.33 -23.65 -18.80
CA VAL I 107 8.92 -24.75 -19.66
C VAL I 107 8.35 -24.18 -20.94
N GLY I 108 8.98 -24.51 -22.07
CA GLY I 108 8.52 -24.03 -23.35
C GLY I 108 8.93 -22.63 -23.71
N VAL I 109 9.85 -22.02 -22.96
CA VAL I 109 10.26 -20.65 -23.25
C VAL I 109 11.05 -20.61 -24.55
N LYS I 110 11.89 -21.61 -24.80
CA LYS I 110 12.65 -21.66 -26.04
C LYS I 110 11.73 -21.79 -27.24
N GLU I 111 10.72 -22.65 -27.14
CA GLU I 111 9.78 -22.80 -28.24
C GLU I 111 8.99 -21.52 -28.47
N MET I 112 8.55 -20.88 -27.40
CA MET I 112 7.77 -19.66 -27.53
C MET I 112 8.57 -18.55 -28.20
N TYR I 113 9.83 -18.38 -27.79
CA TYR I 113 10.63 -17.31 -28.37
C TYR I 113 11.24 -17.68 -29.71
N GLU I 114 11.30 -18.96 -30.06
CA GLU I 114 11.67 -19.35 -31.41
C GLU I 114 10.52 -19.14 -32.38
N SER I 115 9.29 -19.37 -31.90
CA SER I 115 8.12 -19.04 -32.73
C SER I 115 8.00 -17.55 -32.93
N LEU I 116 8.40 -16.75 -31.92
CA LEU I 116 8.36 -15.31 -32.04
C LEU I 116 9.55 -14.75 -32.82
N GLU I 117 10.51 -15.59 -33.17
CA GLU I 117 11.71 -15.18 -33.90
C GLU I 117 12.54 -14.18 -33.10
N ILE I 118 12.73 -14.47 -31.82
CA ILE I 118 13.55 -13.66 -30.92
C ILE I 118 14.71 -14.52 -30.46
N PRO I 119 15.95 -14.08 -30.65
CA PRO I 119 17.09 -14.95 -30.30
C PRO I 119 17.16 -15.21 -28.81
N LEU I 120 17.38 -16.48 -28.47
CA LEU I 120 17.43 -16.87 -27.06
C LEU I 120 18.73 -16.45 -26.40
N ARG I 121 19.81 -16.30 -27.19
CA ARG I 121 21.06 -15.79 -26.62
C ARG I 121 20.92 -14.35 -26.20
N ASN I 122 20.16 -13.54 -26.94
CA ASN I 122 19.87 -12.19 -26.51
C ASN I 122 19.11 -12.20 -25.18
N TRP I 123 18.17 -13.14 -25.03
CA TRP I 123 17.46 -13.28 -23.76
C TRP I 123 18.42 -13.66 -22.64
N VAL I 124 19.36 -14.55 -22.91
CA VAL I 124 20.34 -14.91 -21.89
C VAL I 124 21.15 -13.70 -21.48
N GLU I 125 21.57 -12.89 -22.45
CA GLU I 125 22.31 -11.67 -22.12
C GLU I 125 21.48 -10.72 -21.29
N CYS I 126 20.20 -10.55 -21.63
CA CYS I 126 19.34 -9.66 -20.86
C CYS I 126 19.14 -10.17 -19.45
N ILE I 127 18.94 -11.47 -19.27
CA ILE I 127 18.76 -12.02 -17.94
C ILE I 127 20.05 -11.88 -17.14
N ARG I 128 21.20 -12.01 -17.79
CA ARG I 128 22.47 -11.78 -17.11
C ARG I 128 22.58 -10.34 -16.62
N CYS I 129 22.21 -9.39 -17.47
CA CYS I 129 22.25 -7.98 -17.05
C CYS I 129 21.29 -7.71 -15.91
N LEU I 130 20.08 -8.26 -15.99
CA LEU I 130 19.10 -8.09 -14.92
C LEU I 130 19.60 -8.71 -13.63
N LYS I 131 20.24 -9.87 -13.71
CA LYS I 131 20.79 -10.52 -12.53
C LYS I 131 21.87 -9.68 -11.90
N GLU I 132 22.75 -9.09 -12.72
CA GLU I 132 23.79 -8.23 -12.19
C GLU I 132 23.20 -7.02 -11.49
N VAL I 133 22.21 -6.37 -12.12
CA VAL I 133 21.60 -5.19 -11.51
C VAL I 133 20.90 -5.57 -10.21
N THR I 134 20.22 -6.71 -10.18
CA THR I 134 19.55 -7.16 -8.96
C THR I 134 20.55 -7.45 -7.85
N LEU I 135 21.64 -8.15 -8.18
CA LEU I 135 22.67 -8.44 -7.19
C LEU I 135 23.32 -7.17 -6.67
N ASP I 136 23.31 -6.10 -7.45
CA ASP I 136 23.85 -4.83 -6.97
C ASP I 136 23.07 -4.29 -5.77
N LEU I 137 21.78 -4.60 -5.67
CA LEU I 137 20.95 -4.03 -4.61
C LEU I 137 20.49 -5.06 -3.58
N LEU I 138 21.15 -6.20 -3.50
CA LEU I 138 20.80 -7.23 -2.53
C LEU I 138 22.02 -7.58 -1.69
N SER I 139 21.77 -7.97 -0.45
CA SER I 139 22.84 -8.48 0.38
C SER I 139 23.26 -9.86 -0.13
N ARG I 140 24.44 -10.30 0.32
CA ARG I 140 24.93 -11.61 -0.11
C ARG I 140 24.00 -12.72 0.34
N GLU I 141 23.46 -12.61 1.55
CA GLU I 141 22.54 -13.63 2.06
C GLU I 141 21.26 -13.69 1.23
N ASP I 142 20.72 -12.53 0.86
CA ASP I 142 19.52 -12.50 0.02
C ASP I 142 19.84 -12.92 -1.41
N ALA I 143 21.03 -12.55 -1.89
CA ALA I 143 21.45 -12.99 -3.21
C ALA I 143 21.54 -14.51 -3.28
N ALA I 144 21.96 -15.15 -2.18
CA ALA I 144 22.00 -16.61 -2.18
C ALA I 144 20.61 -17.21 -2.41
N GLU I 145 19.56 -16.50 -2.02
CA GLU I 145 18.20 -16.95 -2.27
C GLU I 145 17.72 -16.59 -3.67
N VAL I 146 18.14 -15.44 -4.19
CA VAL I 146 17.55 -14.95 -5.43
C VAL I 146 18.29 -15.47 -6.66
N THR I 147 19.62 -15.44 -6.64
CA THR I 147 20.41 -15.75 -7.82
C THR I 147 20.11 -17.10 -8.47
N PRO I 148 19.94 -18.20 -7.72
CA PRO I 148 19.70 -19.49 -8.38
C PRO I 148 18.48 -19.51 -9.27
N TYR I 149 17.47 -18.67 -9.03
CA TYR I 149 16.33 -18.62 -9.94
C TYR I 149 16.70 -17.92 -11.25
N PHE I 150 17.50 -16.86 -11.17
CA PHE I 150 18.05 -16.27 -12.39
C PHE I 150 18.84 -17.31 -13.17
N ASP I 151 19.65 -18.11 -12.47
CA ASP I 151 20.44 -19.14 -13.15
C ASP I 151 19.56 -20.22 -13.75
N CYS I 152 18.48 -20.60 -13.06
CA CYS I 152 17.54 -21.57 -13.62
C CYS I 152 16.91 -21.04 -14.89
N LEU I 153 16.50 -19.77 -14.89
CA LEU I 153 15.94 -19.16 -16.09
C LEU I 153 16.96 -19.13 -17.22
N ILE I 154 18.20 -18.76 -16.91
CA ILE I 154 19.24 -18.71 -17.93
C ILE I 154 19.48 -20.09 -18.52
N GLN I 155 19.54 -21.12 -17.67
CA GLN I 155 19.74 -22.48 -18.17
C GLN I 155 18.57 -22.93 -19.02
N GLY I 156 17.34 -22.58 -18.62
CA GLY I 156 16.20 -22.94 -19.43
C GLY I 156 16.10 -22.17 -20.73
N MET I 157 16.77 -21.02 -20.83
CA MET I 157 16.77 -20.24 -22.06
C MET I 157 17.90 -20.60 -23.01
N ILE I 158 18.96 -21.23 -22.53
CA ILE I 158 20.10 -21.52 -23.40
C ILE I 158 19.74 -22.66 -24.35
N PRO I 159 19.91 -22.48 -25.67
CA PRO I 159 19.56 -23.47 -26.70
C PRO I 159 20.18 -24.84 -26.45
N MET J 1 -1.18 -30.68 -8.26
CA MET J 1 -1.68 -30.06 -7.03
C MET J 1 -0.78 -28.92 -6.59
N GLN J 2 -1.36 -28.02 -5.80
CA GLN J 2 -0.67 -26.83 -5.32
C GLN J 2 -0.84 -26.70 -3.82
N ASP J 3 0.14 -26.08 -3.18
CA ASP J 3 0.00 -25.66 -1.80
C ASP J 3 -0.41 -24.20 -1.77
N LYS J 4 -0.62 -23.67 -0.56
CA LYS J 4 -1.12 -22.31 -0.42
C LYS J 4 -0.17 -21.29 -1.02
N LEU J 5 1.13 -21.44 -0.75
CA LEU J 5 2.10 -20.46 -1.23
C LEU J 5 2.16 -20.45 -2.75
N THR J 6 2.14 -21.62 -3.37
CA THR J 6 2.20 -21.69 -4.83
C THR J 6 0.98 -21.04 -5.46
N SER J 7 -0.21 -21.34 -4.93
CA SER J 7 -1.44 -20.77 -5.48
C SER J 7 -1.44 -19.25 -5.32
N VAL J 8 -1.03 -18.75 -4.16
CA VAL J 8 -1.00 -17.31 -3.94
C VAL J 8 0.00 -16.65 -4.88
N ALA J 9 1.18 -17.24 -5.03
CA ALA J 9 2.20 -16.66 -5.90
C ALA J 9 1.74 -16.62 -7.35
N LYS J 10 1.10 -17.69 -7.83
CA LYS J 10 0.61 -17.70 -9.19
C LYS J 10 -0.53 -16.72 -9.39
N ASN J 11 -1.41 -16.61 -8.40
CA ASN J 11 -2.49 -15.63 -8.47
C ASN J 11 -1.96 -14.21 -8.47
N CYS J 12 -0.79 -13.99 -7.86
CA CYS J 12 -0.20 -12.66 -7.88
C CYS J 12 0.04 -12.18 -9.30
N ASP J 13 0.55 -13.06 -10.17
CA ASP J 13 0.71 -12.69 -11.57
C ASP J 13 -0.61 -12.72 -12.32
N LEU J 14 -1.49 -13.66 -11.98
CA LEU J 14 -2.72 -13.81 -12.74
C LEU J 14 -3.63 -12.60 -12.59
N THR J 15 -3.81 -12.10 -11.37
CA THR J 15 -4.79 -11.06 -11.13
C THR J 15 -4.31 -9.67 -11.51
N GLY J 16 -3.01 -9.50 -11.73
CA GLY J 16 -2.47 -8.20 -12.09
C GLY J 16 -2.30 -7.24 -10.94
N SER J 17 -2.62 -7.64 -9.72
CA SER J 17 -2.41 -6.80 -8.56
C SER J 17 -1.02 -6.97 -7.94
N SER J 18 -0.27 -7.97 -8.39
CA SER J 18 1.10 -8.23 -7.93
C SER J 18 1.07 -8.48 -6.42
N LEU J 19 2.15 -8.12 -5.73
CA LEU J 19 2.28 -8.36 -4.30
C LEU J 19 1.79 -7.13 -3.54
N ASN J 20 0.47 -6.99 -3.47
CA ASN J 20 -0.14 -5.85 -2.80
C ASN J 20 -0.32 -6.16 -1.31
N ARG J 21 -1.08 -5.32 -0.61
CA ARG J 21 -1.16 -5.43 0.85
C ARG J 21 -2.00 -6.63 1.27
N GLU J 22 -3.11 -6.90 0.57
CA GLU J 22 -3.95 -8.02 0.97
C GLU J 22 -3.23 -9.35 0.81
N VAL J 23 -2.46 -9.49 -0.27
CA VAL J 23 -1.70 -10.72 -0.49
C VAL J 23 -0.65 -10.89 0.60
N VAL J 24 0.04 -9.81 0.96
CA VAL J 24 1.05 -9.89 2.00
C VAL J 24 0.41 -10.27 3.33
N GLU J 25 -0.74 -9.68 3.64
CA GLU J 25 -1.42 -10.00 4.89
C GLU J 25 -1.86 -11.46 4.93
N THR J 26 -2.42 -11.97 3.83
CA THR J 26 -2.84 -13.37 3.80
C THR J 26 -1.64 -14.29 3.91
N LEU J 27 -0.53 -13.95 3.25
CA LEU J 27 0.68 -14.77 3.35
C LEU J 27 1.21 -14.80 4.77
N LYS J 28 1.24 -13.63 5.44
CA LYS J 28 1.71 -13.59 6.82
C LYS J 28 0.80 -14.41 7.73
N GLU J 29 -0.52 -14.28 7.55
CA GLU J 29 -1.45 -15.05 8.36
C GLU J 29 -1.25 -16.55 8.16
N PHE J 30 -1.08 -16.97 6.90
CA PHE J 30 -0.86 -18.39 6.64
C PHE J 30 0.44 -18.87 7.24
N LEU J 31 1.51 -18.09 7.10
CA LEU J 31 2.81 -18.52 7.62
C LEU J 31 2.83 -18.53 9.14
N ALA J 32 1.95 -17.76 9.78
CA ALA J 32 1.87 -17.79 11.24
C ALA J 32 1.46 -19.16 11.74
N ASP J 33 0.62 -19.87 11.00
CA ASP J 33 0.09 -21.16 11.42
C ASP J 33 0.82 -22.35 10.82
N GLY J 34 1.93 -22.14 10.12
CA GLY J 34 2.59 -23.24 9.44
C GLY J 34 3.11 -24.31 10.39
N GLU J 35 3.75 -23.88 11.48
CA GLU J 35 4.27 -24.83 12.45
C GLU J 35 3.16 -25.65 13.07
N LYS J 36 2.02 -25.02 13.36
CA LYS J 36 0.88 -25.76 13.88
C LYS J 36 0.35 -26.77 12.87
N ARG J 37 0.36 -26.42 11.58
CA ARG J 37 -0.06 -27.37 10.56
C ARG J 37 0.88 -28.57 10.52
N VAL J 38 2.18 -28.34 10.60
CA VAL J 38 3.14 -29.44 10.62
C VAL J 38 2.92 -30.30 11.85
N GLN J 39 2.67 -29.67 13.00
CA GLN J 39 2.43 -30.43 14.22
C GLN J 39 1.17 -31.27 14.13
N VAL J 40 0.11 -30.70 13.56
CA VAL J 40 -1.13 -31.45 13.38
C VAL J 40 -0.92 -32.64 12.47
N ALA J 41 -0.18 -32.45 11.39
CA ALA J 41 0.11 -33.56 10.48
C ALA J 41 0.93 -34.63 11.19
N GLY J 42 1.89 -34.23 12.01
CA GLY J 42 2.67 -35.21 12.76
C GLY J 42 1.81 -36.01 13.71
N VAL J 43 0.88 -35.35 14.39
CA VAL J 43 -0.02 -36.05 15.29
C VAL J 43 -0.90 -37.02 14.52
N ILE J 44 -1.41 -36.60 13.37
CA ILE J 44 -2.27 -37.47 12.56
C ILE J 44 -1.49 -38.68 12.08
N GLY J 45 -0.28 -38.47 11.57
CA GLY J 45 0.53 -39.59 11.10
C GLY J 45 0.96 -40.53 12.19
N SER J 46 1.21 -40.01 13.39
CA SER J 46 1.67 -40.86 14.48
C SER J 46 0.55 -41.70 15.08
N ASN J 47 -0.71 -41.33 14.83
CA ASN J 47 -1.86 -42.02 15.41
C ASN J 47 -2.88 -42.42 14.36
N ALA J 48 -2.43 -42.66 13.13
CA ALA J 48 -3.37 -42.88 12.03
C ALA J 48 -4.20 -44.12 12.26
N ALA J 49 -3.56 -45.24 12.61
CA ALA J 49 -4.28 -46.49 12.77
C ALA J 49 -5.30 -46.41 13.89
N GLU J 50 -4.91 -45.80 15.02
CA GLU J 50 -5.84 -45.65 16.13
C GLU J 50 -7.02 -44.78 15.74
N ILE J 51 -6.77 -43.69 15.02
CA ILE J 51 -7.86 -42.80 14.61
C ILE J 51 -8.84 -43.53 13.72
N VAL J 52 -8.32 -44.25 12.73
CA VAL J 52 -9.20 -44.97 11.80
C VAL J 52 -9.98 -46.06 12.51
N LYS J 53 -9.31 -46.80 13.40
CA LYS J 53 -9.98 -47.88 14.13
C LYS J 53 -11.09 -47.33 15.02
N THR J 54 -10.80 -46.26 15.76
CA THR J 54 -11.81 -45.66 16.62
C THR J 54 -12.99 -45.17 15.80
N ALA J 55 -12.72 -44.49 14.68
CA ALA J 55 -13.80 -43.95 13.87
C ALA J 55 -14.66 -45.05 13.27
N VAL J 56 -14.04 -46.13 12.79
CA VAL J 56 -14.83 -47.20 12.18
C VAL J 56 -15.64 -47.94 13.23
N SER J 57 -15.09 -48.12 14.43
CA SER J 57 -15.86 -48.74 15.50
C SER J 57 -17.05 -47.90 15.90
N LEU J 58 -16.85 -46.58 16.02
CA LEU J 58 -17.97 -45.71 16.33
C LEU J 58 -19.00 -45.70 15.20
N LEU J 59 -18.54 -45.78 13.95
CA LEU J 59 -19.46 -45.85 12.82
C LEU J 59 -20.32 -47.10 12.90
N PHE J 60 -19.72 -48.24 13.24
CA PHE J 60 -20.51 -49.46 13.34
C PHE J 60 -21.40 -49.46 14.58
N GLN J 61 -21.04 -48.66 15.59
CA GLN J 61 -21.96 -48.47 16.71
C GLN J 61 -23.17 -47.64 16.30
N GLU J 62 -22.97 -46.59 15.52
CA GLU J 62 -24.08 -45.75 15.09
C GLU J 62 -24.84 -46.31 13.90
N TYR J 63 -24.27 -47.26 13.18
CA TYR J 63 -24.92 -47.94 12.06
C TYR J 63 -24.78 -49.44 12.28
N PRO J 64 -25.48 -49.99 13.26
CA PRO J 64 -25.32 -51.43 13.53
C PRO J 64 -25.74 -52.32 12.38
N GLU J 65 -26.58 -51.82 11.48
CA GLU J 65 -27.02 -52.61 10.34
C GLU J 65 -25.93 -52.76 9.28
N LEU J 66 -24.87 -51.94 9.35
CA LEU J 66 -23.82 -52.04 8.36
C LEU J 66 -23.09 -53.37 8.43
N VAL J 67 -22.87 -53.89 9.64
CA VAL J 67 -22.16 -55.14 9.82
C VAL J 67 -23.09 -56.35 9.86
N SER J 68 -24.41 -56.14 9.87
CA SER J 68 -25.35 -57.24 9.81
C SER J 68 -25.42 -57.79 8.39
N PRO J 69 -25.93 -59.01 8.22
CA PRO J 69 -26.05 -59.57 6.86
C PRO J 69 -26.86 -58.67 5.95
N GLY J 70 -26.36 -58.49 4.74
CA GLY J 70 -26.94 -57.55 3.80
C GLY J 70 -26.42 -56.13 3.92
N GLY J 71 -25.58 -55.85 4.91
CA GLY J 71 -24.99 -54.53 5.07
C GLY J 71 -23.77 -54.37 4.19
N MEN J 72 -23.26 -53.15 4.11
CA MEN J 72 -22.13 -52.88 3.24
C MEN J 72 -20.79 -53.17 3.91
O MEN J 72 -19.78 -53.29 3.24
CB MEN J 72 -22.15 -51.42 2.77
CG MEN J 72 -21.97 -51.33 1.28
OD1 MEN J 72 -22.90 -51.31 0.49
ND2 MEN J 72 -20.70 -51.30 0.84
CE2 MEN J 72 -20.39 -51.22 -0.56
N ALA J 73 -20.81 -53.29 5.24
CA ALA J 73 -19.60 -53.64 5.97
C ALA J 73 -19.63 -55.10 6.33
N TYR J 74 -20.60 -55.82 5.79
CA TYR J 74 -20.72 -57.25 6.01
C TYR J 74 -19.50 -57.97 5.46
N THR J 75 -19.01 -58.94 6.23
CA THR J 75 -17.83 -59.77 5.95
C THR J 75 -16.53 -59.00 6.08
N THR J 76 -15.44 -59.72 6.37
CA THR J 76 -14.15 -59.08 6.61
C THR J 76 -13.59 -58.44 5.35
N ARG J 77 -13.97 -58.94 4.17
CA ARG J 77 -13.56 -58.29 2.93
C ARG J 77 -14.00 -56.84 2.90
N ARG J 78 -15.29 -56.61 3.13
CA ARG J 78 -15.82 -55.25 3.13
C ARG J 78 -15.39 -54.46 4.36
N TYR J 79 -15.19 -55.12 5.50
CA TYR J 79 -14.63 -54.42 6.65
C TYR J 79 -13.24 -53.87 6.36
N ASN J 80 -12.39 -54.69 5.73
CA ASN J 80 -11.06 -54.24 5.37
C ASN J 80 -11.11 -53.10 4.37
N MET J 81 -12.05 -53.17 3.43
CA MET J 81 -12.21 -52.05 2.50
C MET J 81 -12.61 -50.77 3.22
N TYR J 82 -13.50 -50.87 4.21
CA TYR J 82 -13.85 -49.73 5.04
C TYR J 82 -12.62 -49.09 5.67
N VAL J 83 -11.81 -49.93 6.33
CA VAL J 83 -10.62 -49.41 7.02
C VAL J 83 -9.65 -48.79 6.02
N ARG J 84 -9.46 -49.44 4.87
CA ARG J 84 -8.55 -48.93 3.85
C ARG J 84 -8.99 -47.56 3.36
N ASP J 85 -10.28 -47.41 3.07
CA ASP J 85 -10.76 -46.14 2.52
C ASP J 85 -10.72 -45.03 3.57
N MET J 86 -11.03 -45.35 4.82
CA MET J 86 -10.92 -44.34 5.86
C MET J 86 -9.47 -43.90 6.04
N ASN J 87 -8.52 -44.83 5.88
CA ASN J 87 -7.12 -44.44 5.89
C ASN J 87 -6.79 -43.53 4.72
N TYR J 88 -7.33 -43.82 3.54
CA TYR J 88 -7.17 -42.92 2.40
C TYR J 88 -7.61 -41.51 2.76
N PHE J 89 -8.82 -41.39 3.32
CA PHE J 89 -9.37 -40.08 3.65
C PHE J 89 -8.51 -39.36 4.66
N LEU J 90 -8.07 -40.07 5.70
CA LEU J 90 -7.23 -39.44 6.72
C LEU J 90 -5.91 -38.97 6.13
N ARG J 91 -5.29 -39.79 5.28
CA ARG J 91 -4.01 -39.43 4.70
C ARG J 91 -4.12 -38.18 3.83
N TYR J 92 -5.15 -38.12 2.99
CA TYR J 92 -5.26 -36.96 2.12
C TYR J 92 -5.70 -35.72 2.89
N CYS J 93 -6.47 -35.89 3.97
CA CYS J 93 -6.80 -34.75 4.81
C CYS J 93 -5.56 -34.21 5.52
N SER J 94 -4.65 -35.11 5.95
CA SER J 94 -3.39 -34.64 6.52
C SER J 94 -2.55 -33.90 5.48
N TYR J 95 -2.54 -34.41 4.25
CA TYR J 95 -1.85 -33.69 3.17
C TYR J 95 -2.42 -32.29 3.00
N ALA J 96 -3.75 -32.18 2.96
CA ALA J 96 -4.39 -30.89 2.78
C ALA J 96 -4.13 -29.96 3.95
N ILE J 97 -4.01 -30.51 5.16
CA ILE J 97 -3.68 -29.69 6.31
C ILE J 97 -2.27 -29.12 6.17
N VAL J 98 -1.32 -29.94 5.74
CA VAL J 98 0.05 -29.45 5.55
C VAL J 98 0.08 -28.39 4.47
N ALA J 99 -0.51 -28.68 3.32
CA ALA J 99 -0.41 -27.78 2.17
C ALA J 99 -1.15 -26.47 2.41
N GLY J 100 -2.18 -26.48 3.25
CA GLY J 100 -3.01 -25.32 3.39
C GLY J 100 -3.94 -25.07 2.24
N ASP J 101 -4.03 -26.02 1.31
CA ASP J 101 -4.84 -25.88 0.11
C ASP J 101 -5.59 -27.18 -0.12
N ALA J 102 -6.78 -27.06 -0.71
CA ALA J 102 -7.64 -28.20 -0.94
C ALA J 102 -7.46 -28.81 -2.33
N SER J 103 -6.47 -28.35 -3.09
CA SER J 103 -6.29 -28.87 -4.44
C SER J 103 -5.85 -30.33 -4.44
N VAL J 104 -5.12 -30.76 -3.40
CA VAL J 104 -4.74 -32.17 -3.32
C VAL J 104 -5.98 -33.04 -3.17
N LEU J 105 -6.94 -32.61 -2.36
CA LEU J 105 -8.19 -33.34 -2.22
C LEU J 105 -8.95 -33.37 -3.54
N ASP J 106 -8.96 -32.25 -4.26
CA ASP J 106 -9.67 -32.20 -5.54
C ASP J 106 -9.04 -33.14 -6.56
N GLU J 107 -7.72 -33.18 -6.63
CA GLU J 107 -7.04 -33.91 -7.68
C GLU J 107 -6.87 -35.40 -7.38
N ARG J 108 -6.65 -35.77 -6.12
CA ARG J 108 -6.29 -37.13 -5.80
C ARG J 108 -7.27 -37.85 -4.90
N LEU J 109 -8.30 -37.17 -4.41
CA LEU J 109 -9.27 -37.83 -3.54
C LEU J 109 -10.70 -37.73 -4.04
N LEU J 110 -11.12 -36.57 -4.53
CA LEU J 110 -12.51 -36.34 -4.89
C LEU J 110 -12.80 -36.47 -6.37
N ALA J 111 -11.78 -36.42 -7.22
CA ALA J 111 -11.98 -36.58 -8.65
C ALA J 111 -12.44 -38.00 -8.94
N GLY J 112 -13.68 -38.15 -9.38
CA GLY J 112 -14.20 -39.45 -9.71
C GLY J 112 -14.59 -40.30 -8.53
N LEU J 113 -14.57 -39.76 -7.32
CA LEU J 113 -14.96 -40.54 -6.14
C LEU J 113 -16.43 -40.91 -6.21
N ARG J 114 -17.29 -39.97 -6.60
CA ARG J 114 -18.72 -40.25 -6.67
C ARG J 114 -19.02 -41.32 -7.70
N ASP J 115 -18.33 -41.29 -8.83
CA ASP J 115 -18.54 -42.32 -9.84
C ASP J 115 -18.16 -43.70 -9.31
N THR J 116 -17.02 -43.79 -8.63
CA THR J 116 -16.60 -45.06 -8.06
C THR J 116 -17.60 -45.56 -7.02
N PHE J 117 -18.05 -44.67 -6.15
CA PHE J 117 -18.96 -45.08 -5.09
C PHE J 117 -20.32 -45.46 -5.63
N ASN J 118 -20.78 -44.82 -6.70
CA ASN J 118 -22.01 -45.24 -7.36
C ASN J 118 -21.85 -46.58 -8.04
N SER J 119 -20.69 -46.82 -8.66
CA SER J 119 -20.46 -48.10 -9.31
C SER J 119 -20.45 -49.24 -8.29
N LEU J 120 -19.83 -49.02 -7.14
CA LEU J 120 -19.69 -50.07 -6.14
C LEU J 120 -20.80 -50.08 -5.11
N GLY J 121 -21.74 -49.15 -5.17
CA GLY J 121 -22.82 -49.13 -4.20
C GLY J 121 -22.41 -48.73 -2.81
N ILE J 122 -21.32 -47.98 -2.67
CA ILE J 122 -20.84 -47.53 -1.37
C ILE J 122 -21.74 -46.40 -0.87
N PRO J 123 -22.35 -46.53 0.30
CA PRO J 123 -23.23 -45.47 0.79
C PRO J 123 -22.46 -44.23 1.21
N LEU J 124 -22.96 -43.07 0.82
CA LEU J 124 -22.28 -41.81 1.07
C LEU J 124 -22.57 -41.24 2.45
N GLY J 125 -23.73 -41.54 3.03
CA GLY J 125 -24.06 -41.06 4.35
C GLY J 125 -23.12 -41.58 5.42
N PRO J 126 -22.94 -42.90 5.48
CA PRO J 126 -21.92 -43.44 6.38
C PRO J 126 -20.51 -42.97 6.06
N THR J 127 -20.20 -42.70 4.80
CA THR J 127 -18.88 -42.18 4.46
C THR J 127 -18.66 -40.80 5.09
N ALA J 128 -19.66 -39.93 4.95
CA ALA J 128 -19.57 -38.61 5.58
C ALA J 128 -19.51 -38.72 7.09
N ARG J 129 -20.30 -39.63 7.67
CA ARG J 129 -20.28 -39.81 9.12
C ARG J 129 -18.92 -40.30 9.59
N SER J 130 -18.30 -41.22 8.86
CA SER J 130 -16.98 -41.71 9.24
C SER J 130 -15.92 -40.62 9.12
N ILE J 131 -16.01 -39.79 8.08
CA ILE J 131 -15.07 -38.67 7.96
C ILE J 131 -15.23 -37.72 9.14
N GLN J 132 -16.48 -37.43 9.53
CA GLN J 132 -16.71 -36.54 10.67
C GLN J 132 -16.24 -37.16 11.97
N LEU J 133 -16.40 -38.47 12.13
CA LEU J 133 -15.88 -39.14 13.31
C LEU J 133 -14.37 -39.06 13.38
N MET J 134 -13.70 -39.28 12.25
CA MET J 134 -12.24 -39.14 12.22
C MET J 134 -11.83 -37.71 12.55
N LYS J 135 -12.58 -36.73 12.06
CA LYS J 135 -12.28 -35.34 12.38
C LYS J 135 -12.41 -35.08 13.88
N ASN J 136 -13.47 -35.60 14.50
CA ASN J 136 -13.65 -35.41 15.93
C ASN J 136 -12.55 -36.07 16.74
N ILE J 137 -12.15 -37.27 16.33
CA ILE J 137 -11.07 -37.96 17.03
C ILE J 137 -9.76 -37.21 16.89
N VAL J 138 -9.49 -36.67 15.70
CA VAL J 138 -8.26 -35.89 15.50
C VAL J 138 -8.29 -34.65 16.36
N LYS J 139 -9.44 -33.97 16.45
CA LYS J 139 -9.55 -32.81 17.30
C LYS J 139 -9.31 -33.16 18.77
N GLU J 140 -9.85 -34.29 19.22
CA GLU J 140 -9.61 -34.73 20.58
C GLU J 140 -8.13 -34.98 20.84
N LYS J 141 -7.46 -35.64 19.90
CA LYS J 141 -6.03 -35.91 20.07
C LYS J 141 -5.23 -34.62 20.08
N LEU J 142 -5.60 -33.66 19.23
CA LEU J 142 -4.89 -32.38 19.20
C LEU J 142 -5.08 -31.61 20.49
N VAL J 143 -6.30 -31.63 21.04
CA VAL J 143 -6.54 -30.99 22.33
C VAL J 143 -5.73 -31.66 23.42
N THR J 144 -5.64 -32.99 23.37
CA THR J 144 -4.82 -33.71 24.34
C THR J 144 -3.36 -33.31 24.22
N ALA J 145 -2.86 -33.15 23.00
CA ALA J 145 -1.47 -32.74 22.78
C ALA J 145 -1.21 -31.31 23.20
N GLY J 146 -2.25 -30.52 23.48
CA GLY J 146 -2.10 -29.16 23.96
C GLY J 146 -2.28 -28.07 22.93
N MET J 147 -2.66 -28.40 21.71
CA MET J 147 -2.86 -27.39 20.68
C MET J 147 -4.11 -26.57 20.98
N THR J 148 -4.07 -25.29 20.60
CA THR J 148 -5.09 -24.33 20.99
C THR J 148 -5.90 -23.80 19.83
N ASN J 149 -5.26 -23.22 18.82
CA ASN J 149 -5.97 -22.64 17.67
C ASN J 149 -5.86 -23.63 16.51
N ILE J 150 -6.79 -24.56 16.45
CA ILE J 150 -6.75 -25.64 15.47
C ILE J 150 -8.01 -25.62 14.63
N THR J 151 -8.52 -24.43 14.34
CA THR J 151 -9.71 -24.31 13.49
C THR J 151 -9.46 -24.86 12.10
N PHE J 152 -8.27 -24.63 11.54
CA PHE J 152 -7.98 -25.08 10.18
C PHE J 152 -8.09 -26.60 10.04
N VAL J 153 -7.92 -27.35 11.14
CA VAL J 153 -8.05 -28.80 11.08
C VAL J 153 -9.44 -29.21 10.64
N ASP J 154 -10.45 -28.38 10.93
CA ASP J 154 -11.80 -28.69 10.48
C ASP J 154 -11.94 -28.59 8.97
N GLU J 155 -11.13 -27.74 8.33
CA GLU J 155 -11.39 -27.37 6.95
C GLU J 155 -11.39 -28.54 5.98
N PRO J 156 -10.39 -29.43 5.96
CA PRO J 156 -10.43 -30.51 4.96
C PRO J 156 -11.61 -31.43 5.12
N PHE J 157 -11.76 -32.02 6.31
CA PHE J 157 -12.82 -33.00 6.55
C PHE J 157 -14.17 -32.46 6.13
N ASP J 158 -14.59 -31.35 6.73
CA ASP J 158 -15.86 -30.73 6.37
C ASP J 158 -15.96 -30.55 4.86
N TYR J 159 -14.91 -29.99 4.25
CA TYR J 159 -14.92 -29.77 2.82
C TYR J 159 -15.21 -31.07 2.07
N VAL J 160 -14.50 -32.13 2.42
CA VAL J 160 -14.69 -33.40 1.74
C VAL J 160 -16.14 -33.84 1.86
N VAL J 161 -16.73 -33.68 3.05
CA VAL J 161 -18.12 -34.05 3.23
C VAL J 161 -19.00 -33.26 2.26
N ARG J 162 -18.78 -31.95 2.21
CA ARG J 162 -19.58 -31.10 1.33
C ARG J 162 -19.43 -31.51 -0.12
N GLU J 163 -18.30 -32.14 -0.46
CA GLU J 163 -18.07 -32.51 -1.85
C GLU J 163 -18.71 -33.85 -2.18
N ILE J 164 -18.88 -34.71 -1.19
CA ILE J 164 -19.37 -36.06 -1.49
C ILE J 164 -20.85 -36.20 -1.17
N SER J 165 -21.37 -35.42 -0.23
CA SER J 165 -22.75 -35.56 0.18
C SER J 165 -23.69 -35.05 -0.90
N GLU J 166 -24.86 -35.67 -0.97
CA GLU J 166 -25.87 -35.27 -1.94
C GLU J 166 -26.58 -34.00 -1.47
N THR J 167 -27.22 -33.33 -2.41
CA THR J 167 -27.92 -32.09 -2.12
C THR J 167 -29.31 -32.41 -1.57
N GLU J 168 -29.55 -32.01 -0.32
CA GLU J 168 -30.83 -32.23 0.33
C GLU J 168 -31.74 -31.02 0.29
N ILE J 169 -31.19 -29.81 0.30
CA ILE J 169 -32.01 -28.60 0.29
C ILE J 169 -31.59 -27.69 -0.86
N SER K 2 -16.63 -28.25 -6.48
CA SER K 2 -15.29 -28.10 -7.04
C SER K 2 -15.04 -29.13 -8.14
N VAL K 3 -15.30 -30.39 -7.83
CA VAL K 3 -15.20 -31.46 -8.81
C VAL K 3 -16.62 -31.78 -9.24
N LYS K 4 -17.05 -31.16 -10.35
CA LYS K 4 -18.36 -31.40 -10.90
C LYS K 4 -18.35 -32.35 -12.08
N ALA K 5 -17.22 -32.49 -12.76
CA ALA K 5 -17.14 -33.40 -13.89
C ALA K 5 -17.28 -34.84 -13.41
N SER K 6 -17.89 -35.66 -14.26
CA SER K 6 -18.11 -37.07 -13.97
C SER K 6 -17.68 -37.90 -15.17
N GLY K 7 -16.96 -38.98 -14.91
CA GLY K 7 -16.61 -39.92 -15.95
C GLY K 7 -17.63 -41.00 -16.17
N GLY K 8 -18.75 -40.96 -15.48
CA GLY K 8 -19.75 -42.00 -15.55
C GLY K 8 -19.51 -43.10 -14.53
N SER K 9 -20.55 -43.89 -14.29
CA SER K 9 -20.51 -44.98 -13.33
C SER K 9 -20.82 -46.28 -14.06
N PRO K 10 -19.80 -46.99 -14.55
CA PRO K 10 -20.05 -48.30 -15.17
C PRO K 10 -20.60 -49.28 -14.15
N VAL K 11 -21.44 -50.19 -14.63
CA VAL K 11 -22.02 -51.22 -13.78
C VAL K 11 -20.95 -52.30 -13.56
N THR K 12 -20.45 -52.40 -12.34
CA THR K 12 -19.43 -53.38 -11.98
C THR K 12 -19.98 -54.33 -10.92
N GLN K 13 -19.64 -55.60 -11.08
CA GLN K 13 -20.05 -56.65 -10.13
C GLN K 13 -18.79 -57.38 -9.70
N PRO K 14 -18.07 -56.83 -8.72
CA PRO K 14 -16.84 -57.50 -8.26
C PRO K 14 -17.15 -58.86 -7.67
N GLN K 15 -16.23 -59.81 -7.90
CA GLN K 15 -16.36 -61.13 -7.33
C GLN K 15 -16.11 -61.08 -5.83
N ARG K 16 -16.99 -61.73 -5.07
CA ARG K 16 -16.83 -61.80 -3.63
C ARG K 16 -16.22 -63.11 -3.15
N TYR K 17 -16.29 -64.16 -3.94
CA TYR K 17 -15.68 -65.44 -3.62
C TYR K 17 -15.59 -66.24 -4.91
N HIS K 18 -15.03 -67.44 -4.81
CA HIS K 18 -14.81 -68.31 -5.96
C HIS K 18 -15.72 -69.52 -5.88
N THR K 19 -16.29 -69.90 -7.02
CA THR K 19 -16.98 -71.16 -7.19
C THR K 19 -16.24 -71.95 -8.25
N VAL K 20 -16.39 -73.27 -8.22
CA VAL K 20 -15.73 -74.12 -9.23
C VAL K 20 -16.18 -73.75 -10.64
N PRO K 21 -17.48 -73.70 -10.96
CA PRO K 21 -17.86 -73.29 -12.33
C PRO K 21 -17.38 -71.90 -12.68
N VAL K 22 -17.44 -70.96 -11.73
CA VAL K 22 -17.02 -69.58 -12.01
C VAL K 22 -15.53 -69.55 -12.31
N ALA K 23 -14.73 -70.25 -11.52
CA ALA K 23 -13.30 -70.26 -11.73
C ALA K 23 -12.94 -70.87 -13.09
N VAL K 24 -13.53 -72.03 -13.41
CA VAL K 24 -13.22 -72.69 -14.67
C VAL K 24 -13.63 -71.82 -15.84
N ILE K 25 -14.85 -71.28 -15.79
CA ILE K 25 -15.37 -70.50 -16.91
C ILE K 25 -14.61 -69.18 -17.04
N SER K 26 -14.20 -68.58 -15.93
CA SER K 26 -13.41 -67.35 -16.00
C SER K 26 -12.06 -67.60 -16.63
N HIS K 27 -11.41 -68.70 -16.26
CA HIS K 27 -10.13 -69.03 -16.90
C HIS K 27 -10.31 -69.25 -18.40
N ALA K 28 -11.38 -69.93 -18.79
CA ALA K 28 -11.63 -70.12 -20.22
C ALA K 28 -11.94 -68.80 -20.91
N VAL K 29 -12.71 -67.93 -20.25
CA VAL K 29 -13.14 -66.68 -20.85
C VAL K 29 -11.94 -65.78 -21.14
N GLN K 30 -11.05 -65.65 -20.15
CA GLN K 30 -9.93 -64.73 -20.31
C GLN K 30 -8.93 -65.19 -21.35
N GLN K 31 -9.01 -66.43 -21.81
CA GLN K 31 -8.17 -66.93 -22.89
C GLN K 31 -8.90 -66.98 -24.22
N ASP K 32 -10.16 -66.55 -24.28
CA ASP K 32 -10.91 -66.38 -25.53
C ASP K 32 -11.02 -67.68 -26.30
N ARG K 33 -11.46 -68.74 -25.61
CA ARG K 33 -11.63 -70.03 -26.26
C ARG K 33 -12.59 -70.88 -25.46
N CYS K 34 -13.17 -71.88 -26.13
CA CYS K 34 -14.10 -72.79 -25.48
C CYS K 34 -13.39 -73.61 -24.40
N LEU K 35 -14.19 -74.25 -23.56
CA LEU K 35 -13.65 -75.04 -22.46
C LEU K 35 -12.80 -76.19 -22.98
N LYS K 36 -11.69 -76.44 -22.29
CA LYS K 36 -10.83 -77.56 -22.62
C LYS K 36 -11.48 -78.87 -22.17
N ASN K 37 -10.90 -79.99 -22.62
CA ASN K 37 -11.38 -81.29 -22.17
C ASN K 37 -11.15 -81.47 -20.68
N THR K 38 -9.99 -81.04 -20.17
CA THR K 38 -9.73 -81.14 -18.74
C THR K 38 -10.68 -80.25 -17.95
N GLU K 39 -10.96 -79.05 -18.44
CA GLU K 39 -11.87 -78.14 -17.73
C GLU K 39 -13.29 -78.68 -17.76
N LEU K 40 -13.72 -79.23 -18.89
CA LEU K 40 -15.04 -79.84 -18.94
C LEU K 40 -15.13 -81.05 -18.02
N GLN K 41 -14.04 -81.81 -17.92
CA GLN K 41 -14.01 -82.94 -16.99
C GLN K 41 -14.10 -82.46 -15.55
N GLU K 42 -13.42 -81.36 -15.21
CA GLU K 42 -13.52 -80.80 -13.88
C GLU K 42 -14.95 -80.38 -13.58
N LEU K 43 -15.60 -79.72 -14.55
CA LEU K 43 -16.99 -79.30 -14.36
C LEU K 43 -17.90 -80.49 -14.18
N ALA K 44 -17.72 -81.54 -14.99
CA ALA K 44 -18.54 -82.73 -14.87
C ALA K 44 -18.34 -83.41 -13.53
N ASP K 45 -17.09 -83.49 -13.06
CA ASP K 45 -16.83 -84.10 -11.76
C ASP K 45 -17.47 -83.29 -10.64
N PHE K 46 -17.40 -81.97 -10.73
CA PHE K 46 -18.04 -81.13 -9.73
C PHE K 46 -19.55 -81.31 -9.74
N PHE K 47 -20.15 -81.38 -10.93
CA PHE K 47 -21.61 -81.50 -11.01
C PHE K 47 -22.08 -82.86 -10.52
N SER K 48 -21.34 -83.92 -10.85
CA SER K 48 -21.77 -85.26 -10.45
C SER K 48 -21.70 -85.43 -8.93
N SER K 49 -20.82 -84.68 -8.28
CA SER K 49 -20.68 -84.74 -6.83
C SER K 49 -21.55 -83.72 -6.12
N GLY K 50 -22.38 -82.97 -6.84
CA GLY K 50 -23.14 -81.90 -6.22
C GLY K 50 -24.16 -82.39 -5.21
N VAL K 51 -24.76 -83.55 -5.48
CA VAL K 51 -25.77 -84.09 -4.57
C VAL K 51 -25.15 -84.44 -3.23
N LYS K 52 -23.95 -85.02 -3.24
CA LYS K 52 -23.25 -85.32 -1.99
C LYS K 52 -22.93 -84.05 -1.22
N LEU K 53 -22.48 -83.00 -1.92
CA LEU K 53 -22.19 -81.73 -1.24
C LEU K 53 -23.46 -81.14 -0.63
N LEU K 54 -24.57 -81.22 -1.36
CA LEU K 54 -25.83 -80.72 -0.82
C LEU K 54 -26.25 -81.50 0.42
N GLU K 55 -26.06 -82.82 0.39
CA GLU K 55 -26.39 -83.63 1.56
C GLU K 55 -25.51 -83.27 2.76
N ILE K 56 -24.22 -83.05 2.51
CA ILE K 56 -23.31 -82.65 3.59
C ILE K 56 -23.73 -81.31 4.17
N ALA K 57 -24.03 -80.34 3.30
CA ALA K 57 -24.42 -79.02 3.77
C ALA K 57 -25.74 -79.08 4.54
N ASN K 58 -26.67 -79.90 4.08
CA ASN K 58 -27.94 -80.06 4.80
C ASN K 58 -27.72 -80.71 6.15
N THR K 59 -26.83 -81.70 6.22
CA THR K 59 -26.53 -82.32 7.51
C THR K 59 -25.93 -81.31 8.48
N LEU K 60 -25.02 -80.48 7.99
CA LEU K 60 -24.44 -79.45 8.86
C LEU K 60 -25.48 -78.41 9.26
N THR K 61 -26.39 -78.07 8.35
CA THR K 61 -27.42 -77.08 8.63
C THR K 61 -28.40 -77.58 9.69
N GLN K 62 -28.86 -78.82 9.55
CA GLN K 62 -29.85 -79.36 10.48
C GLN K 62 -29.32 -79.44 11.89
N HIS K 63 -28.01 -79.58 12.07
CA HIS K 63 -27.38 -79.66 13.37
C HIS K 63 -26.60 -78.39 13.71
N ALA K 64 -26.99 -77.26 13.13
CA ALA K 64 -26.25 -76.02 13.33
C ALA K 64 -26.26 -75.60 14.79
N ASP K 65 -27.42 -75.71 15.45
CA ASP K 65 -27.51 -75.34 16.85
C ASP K 65 -26.60 -76.21 17.71
N GLU K 66 -26.60 -77.52 17.45
CA GLU K 66 -25.75 -78.41 18.22
C GLU K 66 -24.28 -78.11 18.02
N ILE K 67 -23.87 -77.86 16.78
CA ILE K 67 -22.46 -77.58 16.50
C ILE K 67 -22.04 -76.26 17.14
N VAL K 68 -22.86 -75.23 17.02
CA VAL K 68 -22.52 -73.93 17.62
C VAL K 68 -22.50 -74.04 19.15
N LEU K 69 -23.43 -74.82 19.71
CA LEU K 69 -23.43 -75.03 21.16
C LEU K 69 -22.18 -75.77 21.61
N ALA K 70 -21.75 -76.77 20.83
CA ALA K 70 -20.51 -77.47 21.16
C ALA K 70 -19.32 -76.53 21.12
N GLY K 71 -19.31 -75.61 20.16
CA GLY K 71 -18.25 -74.63 20.10
C GLY K 71 -18.28 -73.65 21.25
N ALA K 72 -19.48 -73.20 21.63
CA ALA K 72 -19.61 -72.16 22.65
C ALA K 72 -19.35 -72.72 24.05
N ASN K 73 -19.83 -73.93 24.32
CA ASN K 73 -19.65 -74.52 25.64
C ASN K 73 -18.20 -74.84 25.93
N ARG K 74 -17.35 -74.89 24.91
CA ARG K 74 -15.94 -75.17 25.10
C ARG K 74 -15.17 -73.98 25.64
N ILE K 75 -15.70 -72.76 25.49
CA ILE K 75 -14.95 -71.57 25.87
C ILE K 75 -15.71 -70.68 26.85
N PHE K 76 -17.01 -70.81 27.01
CA PHE K 76 -17.81 -69.91 27.83
C PHE K 76 -18.22 -70.61 29.11
N VAL K 77 -18.09 -69.91 30.24
CA VAL K 77 -18.49 -70.43 31.54
C VAL K 77 -19.31 -69.36 32.24
N GLY K 78 -20.06 -69.80 33.25
CA GLY K 78 -20.87 -68.88 34.03
C GLY K 78 -22.01 -68.23 33.29
N GLY K 79 -22.74 -69.00 32.50
CA GLY K 79 -23.88 -68.47 31.79
C GLY K 79 -24.30 -69.39 30.67
N SER K 80 -25.35 -68.99 29.98
CA SER K 80 -25.87 -69.75 28.84
C SER K 80 -25.53 -68.99 27.56
N PRO K 81 -24.51 -69.40 26.81
CA PRO K 81 -24.16 -68.66 25.58
C PRO K 81 -25.25 -68.67 24.53
N MET K 82 -26.01 -69.76 24.42
CA MET K 82 -27.02 -69.85 23.36
C MET K 82 -28.17 -68.88 23.54
N ALA K 83 -28.27 -68.23 24.71
CA ALA K 83 -29.24 -67.17 24.88
C ALA K 83 -28.88 -65.94 24.06
N TYR K 84 -27.63 -65.80 23.66
CA TYR K 84 -27.17 -64.63 22.91
C TYR K 84 -27.09 -64.88 21.42
N LEU K 85 -27.54 -66.03 20.95
CA LEU K 85 -27.54 -66.34 19.52
C LEU K 85 -28.83 -65.82 18.90
N GLU K 86 -28.71 -64.82 18.04
CA GLU K 86 -29.86 -64.19 17.41
C GLU K 86 -30.06 -64.78 16.02
N LYS K 87 -31.21 -65.40 15.82
CA LYS K 87 -31.54 -65.96 14.52
C LYS K 87 -32.05 -64.87 13.58
N PRO K 88 -31.89 -65.05 12.28
CA PRO K 88 -32.47 -64.08 11.33
C PRO K 88 -33.99 -64.03 11.46
N LYS K 89 -34.53 -62.83 11.29
CA LYS K 89 -35.96 -62.59 11.43
C LYS K 89 -36.56 -62.31 10.06
N GLU K 90 -37.61 -63.05 9.71
CA GLU K 90 -38.29 -62.84 8.45
C GLU K 90 -39.03 -61.50 8.47
N LYS K 91 -38.97 -60.78 7.36
CA LYS K 91 -39.66 -59.50 7.22
C LYS K 91 -41.06 -59.79 6.68
N ILE K 92 -42.02 -59.88 7.59
CA ILE K 92 -43.40 -60.14 7.24
C ILE K 92 -44.16 -58.83 7.19
N GLY K 93 -45.23 -58.80 6.40
CA GLY K 93 -46.05 -57.61 6.33
C GLY K 93 -45.44 -56.45 5.59
N LEU K 94 -44.51 -56.71 4.66
CA LEU K 94 -43.94 -55.64 3.87
C LEU K 94 -45.02 -55.02 2.99
N PRO K 95 -44.87 -53.75 2.61
CA PRO K 95 -45.90 -53.10 1.79
C PRO K 95 -46.10 -53.84 0.48
N GLY K 96 -47.37 -53.95 0.08
CA GLY K 96 -47.73 -54.66 -1.13
C GLY K 96 -47.79 -56.16 -1.00
N SER K 97 -47.55 -56.71 0.18
CA SER K 97 -47.55 -58.16 0.36
C SER K 97 -48.94 -58.74 0.54
N GLY K 98 -49.96 -57.90 0.70
CA GLY K 98 -51.29 -58.41 0.95
C GLY K 98 -51.52 -58.91 2.35
N TYR K 99 -50.58 -58.70 3.26
CA TYR K 99 -50.76 -59.12 4.64
C TYR K 99 -51.92 -58.37 5.28
N TYR K 100 -52.06 -57.08 4.98
CA TYR K 100 -53.18 -56.28 5.43
C TYR K 100 -54.07 -55.97 4.25
N VAL K 101 -55.36 -56.26 4.39
CA VAL K 101 -56.33 -56.01 3.35
C VAL K 101 -56.99 -54.66 3.62
N GLY K 102 -56.96 -53.77 2.63
CA GLY K 102 -57.49 -52.45 2.83
C GLY K 102 -56.65 -51.65 3.81
N GLU K 103 -57.28 -50.70 4.49
CA GLU K 103 -56.64 -49.90 5.52
C GLU K 103 -56.99 -50.40 6.92
N ASP K 104 -57.15 -51.71 7.08
CA ASP K 104 -57.46 -52.32 8.36
C ASP K 104 -56.25 -53.15 8.79
N PHE K 105 -55.62 -52.75 9.89
CA PHE K 105 -54.40 -53.37 10.36
C PHE K 105 -54.56 -54.10 11.68
N LEU K 106 -55.73 -54.03 12.32
CA LEU K 106 -55.93 -54.66 13.61
C LEU K 106 -56.32 -56.13 13.48
N THR K 107 -57.12 -56.48 12.48
CA THR K 107 -57.61 -57.84 12.36
C THR K 107 -56.59 -58.78 11.71
N ALA K 108 -55.47 -58.26 11.20
CA ALA K 108 -54.42 -59.14 10.70
C ALA K 108 -53.89 -60.03 11.81
N ALA K 109 -53.65 -59.46 12.99
CA ALA K 109 -53.42 -60.25 14.18
C ALA K 109 -54.73 -60.87 14.65
N ARG K 110 -54.64 -62.09 15.16
CA ARG K 110 -55.80 -62.85 15.64
C ARG K 110 -56.90 -62.94 14.58
N ASP K 149 -10.21 -83.10 21.95
CA ASP K 149 -9.11 -82.20 21.63
C ASP K 149 -8.67 -81.41 22.86
N PRO K 150 -7.42 -81.62 23.28
CA PRO K 150 -6.95 -80.96 24.51
C PRO K 150 -6.86 -79.46 24.35
N LEU K 151 -7.17 -78.75 25.42
CA LEU K 151 -7.08 -77.30 25.42
C LEU K 151 -5.61 -76.87 25.41
N PRO K 152 -5.31 -75.70 24.84
CA PRO K 152 -3.93 -75.22 24.86
C PRO K 152 -3.48 -74.89 26.28
N GLY K 153 -2.16 -74.93 26.46
CA GLY K 153 -1.58 -74.64 27.76
C GLY K 153 -1.93 -73.27 28.28
N GLY K 154 -2.41 -73.21 29.52
CA GLY K 154 -2.77 -71.94 30.13
C GLY K 154 -4.02 -71.30 29.57
N PHE K 155 -4.89 -72.08 28.95
CA PHE K 155 -6.12 -71.53 28.38
C PHE K 155 -7.07 -71.10 29.48
N ARG K 156 -7.62 -69.90 29.35
CA ARG K 156 -8.55 -69.35 30.34
C ARG K 156 -9.91 -69.18 29.69
N PHE K 157 -10.94 -69.69 30.35
CA PHE K 157 -12.29 -69.59 29.82
C PHE K 157 -12.81 -68.16 29.95
N ILE K 158 -13.91 -67.89 29.27
CA ILE K 158 -14.50 -66.56 29.22
C ILE K 158 -15.76 -66.58 30.06
N ASN K 159 -15.83 -65.70 31.05
CA ASN K 159 -17.02 -65.59 31.89
C ASN K 159 -18.09 -64.83 31.13
N VAL K 160 -19.25 -65.47 30.93
CA VAL K 160 -20.31 -64.88 30.12
C VAL K 160 -20.80 -63.58 30.74
N SER K 161 -20.99 -63.57 32.06
CA SER K 161 -21.54 -62.39 32.71
C SER K 161 -20.60 -61.21 32.63
N ARG K 162 -19.31 -61.42 32.86
CA ARG K 162 -18.35 -60.32 32.82
C ARG K 162 -17.96 -59.93 31.40
N TYR K 163 -18.21 -60.81 30.42
CA TYR K 163 -17.89 -60.52 29.04
C TYR K 163 -18.85 -59.51 28.42
N GLY K 164 -20.11 -59.49 28.87
CA GLY K 164 -21.06 -58.50 28.40
C GLY K 164 -21.98 -59.05 27.33
N ALA K 165 -23.16 -58.42 27.22
CA ALA K 165 -24.13 -58.85 26.22
C ALA K 165 -23.65 -58.56 24.80
N VAL K 166 -23.01 -57.40 24.59
CA VAL K 166 -22.57 -57.03 23.25
C VAL K 166 -21.54 -58.01 22.74
N ARG K 167 -20.51 -58.29 23.55
CA ARG K 167 -19.44 -59.18 23.11
C ARG K 167 -19.95 -60.62 22.99
N MET K 168 -20.86 -61.03 23.87
CA MET K 168 -21.41 -62.37 23.77
C MET K 168 -22.22 -62.54 22.49
N LYS K 169 -23.02 -61.53 22.13
CA LYS K 169 -23.76 -61.58 20.88
C LYS K 169 -22.81 -61.62 19.69
N ARG K 170 -21.75 -60.80 19.74
CA ARG K 170 -20.70 -60.85 18.73
C ARG K 170 -20.16 -62.26 18.57
N SER K 171 -19.79 -62.89 19.67
CA SER K 171 -19.16 -64.21 19.63
C SER K 171 -20.11 -65.27 19.08
N MET K 172 -21.36 -65.27 19.55
CA MET K 172 -22.31 -66.28 19.10
C MET K 172 -22.64 -66.12 17.63
N ARG K 173 -22.87 -64.88 17.19
CA ARG K 173 -23.10 -64.65 15.77
C ARG K 173 -21.87 -65.02 14.95
N ASP K 174 -20.67 -64.83 15.51
CA ASP K 174 -19.46 -65.22 14.80
C ASP K 174 -19.38 -66.73 14.60
N LEU K 175 -19.71 -67.49 15.64
CA LEU K 175 -19.68 -68.95 15.52
C LEU K 175 -20.70 -69.43 14.50
N ALA K 176 -21.92 -68.91 14.58
CA ALA K 176 -22.95 -69.31 13.63
C ALA K 176 -22.57 -68.89 12.21
N TRP K 177 -21.96 -67.72 12.07
CA TRP K 177 -21.51 -67.24 10.77
C TRP K 177 -20.41 -68.13 10.20
N PHE K 178 -19.48 -68.57 11.06
CA PHE K 178 -18.43 -69.47 10.62
C PHE K 178 -19.02 -70.76 10.08
N LEU K 179 -19.99 -71.34 10.82
CA LEU K 179 -20.61 -72.57 10.35
C LEU K 179 -21.36 -72.35 9.04
N ARG K 180 -22.08 -71.23 8.94
CA ARG K 180 -22.84 -70.94 7.72
C ARG K 180 -21.91 -70.79 6.52
N TYR K 181 -20.79 -70.10 6.70
CA TYR K 181 -19.87 -69.95 5.58
C TYR K 181 -19.15 -71.26 5.26
N ILE K 182 -18.99 -72.14 6.24
CA ILE K 182 -18.44 -73.46 5.94
C ILE K 182 -19.40 -74.25 5.06
N THR K 183 -20.70 -74.19 5.36
CA THR K 183 -21.67 -74.87 4.49
C THR K 183 -21.69 -74.23 3.11
N TYR K 184 -21.57 -72.90 3.05
CA TYR K 184 -21.49 -72.22 1.75
C TYR K 184 -20.27 -72.70 0.96
N ALA K 185 -19.13 -72.85 1.62
CA ALA K 185 -17.92 -73.32 0.95
C ALA K 185 -18.09 -74.76 0.49
N ILE K 186 -18.77 -75.58 1.28
CA ILE K 186 -19.04 -76.95 0.87
C ILE K 186 -19.85 -76.98 -0.42
N VAL K 187 -20.91 -76.17 -0.47
CA VAL K 187 -21.76 -76.16 -1.65
C VAL K 187 -21.01 -75.59 -2.86
N ALA K 188 -20.24 -74.52 -2.64
CA ALA K 188 -19.54 -73.86 -3.74
C ALA K 188 -18.39 -74.68 -4.29
N GLY K 189 -17.96 -75.73 -3.58
CA GLY K 189 -16.83 -76.52 -4.03
C GLY K 189 -15.50 -75.83 -3.89
N ASP K 190 -15.44 -74.72 -3.18
CA ASP K 190 -14.23 -73.92 -3.06
C ASP K 190 -14.23 -73.22 -1.72
N GLY K 191 -13.09 -73.24 -1.04
CA GLY K 191 -12.98 -72.64 0.27
C GLY K 191 -12.66 -71.16 0.23
N SER K 192 -12.74 -70.58 -0.97
CA SER K 192 -12.38 -69.17 -1.13
C SER K 192 -13.25 -68.27 -0.26
N ILE K 193 -14.56 -68.53 -0.21
CA ILE K 193 -15.46 -67.74 0.61
C ILE K 193 -15.02 -67.73 2.06
N LEU K 194 -14.30 -68.75 2.51
CA LEU K 194 -13.69 -68.73 3.82
C LEU K 194 -12.37 -67.96 3.82
N SER K 195 -11.48 -68.30 2.89
CA SER K 195 -10.13 -67.76 2.93
C SER K 195 -10.12 -66.25 2.80
N ALA K 196 -10.93 -65.71 1.88
CA ALA K 196 -10.98 -64.27 1.70
C ALA K 196 -11.59 -63.55 2.88
N ASN K 197 -12.33 -64.25 3.74
CA ASN K 197 -13.05 -63.59 4.81
C ASN K 197 -12.50 -63.90 6.19
N VAL K 198 -11.48 -64.74 6.29
CA VAL K 198 -10.82 -64.97 7.57
C VAL K 198 -9.35 -64.57 7.57
N ARG K 199 -8.73 -64.41 6.41
CA ARG K 199 -7.37 -63.87 6.38
C ARG K 199 -7.44 -62.38 6.67
N GLY K 200 -6.80 -61.95 7.75
CA GLY K 200 -6.96 -60.62 8.27
C GLY K 200 -8.05 -60.48 9.30
N LEU K 201 -8.81 -61.54 9.55
CA LEU K 201 -9.82 -61.49 10.61
C LEU K 201 -9.20 -61.48 11.99
N ARG K 202 -8.06 -62.15 12.15
CA ARG K 202 -7.35 -62.14 13.42
C ARG K 202 -6.90 -60.73 13.74
N GLY K 203 -7.36 -60.18 14.86
CA GLY K 203 -7.19 -58.81 15.20
C GLY K 203 -8.44 -57.97 15.02
N VAL K 204 -9.20 -58.24 13.96
CA VAL K 204 -10.56 -57.69 13.86
C VAL K 204 -11.45 -58.32 14.92
N ILE K 205 -11.43 -59.64 15.01
CA ILE K 205 -11.81 -60.30 16.26
C ILE K 205 -10.72 -60.06 17.29
N PRO K 206 -11.04 -59.64 18.51
CA PRO K 206 -10.00 -59.16 19.42
C PRO K 206 -8.89 -60.18 19.62
N GLU K 207 -7.65 -59.68 19.68
CA GLU K 207 -6.50 -60.54 19.86
C GLU K 207 -6.53 -61.23 21.22
N ASP K 208 -7.31 -60.72 22.17
CA ASP K 208 -7.43 -61.38 23.46
C ASP K 208 -8.10 -62.74 23.35
N VAL K 209 -8.91 -62.96 22.33
CA VAL K 209 -9.75 -64.16 22.29
C VAL K 209 -9.45 -65.01 21.07
N THR K 210 -8.43 -64.65 20.29
CA THR K 210 -8.11 -65.44 19.10
C THR K 210 -7.91 -66.91 19.45
N GLU K 211 -7.09 -67.18 20.47
CA GLU K 211 -6.92 -68.55 20.93
C GLU K 211 -8.26 -69.18 21.25
N ALA K 212 -9.09 -68.48 22.03
CA ALA K 212 -10.42 -69.00 22.34
C ALA K 212 -11.18 -69.33 21.07
N THR K 213 -11.15 -68.41 20.09
CA THR K 213 -11.82 -68.67 18.83
C THR K 213 -11.37 -70.00 18.24
N ILE K 214 -10.05 -70.20 18.16
CA ILE K 214 -9.55 -71.44 17.60
C ILE K 214 -10.13 -72.62 18.35
N VAL K 215 -10.11 -72.56 19.69
CA VAL K 215 -10.63 -73.65 20.49
C VAL K 215 -12.07 -73.93 20.09
N ALA K 216 -12.89 -72.87 20.06
CA ALA K 216 -14.30 -73.06 19.71
C ALA K 216 -14.42 -73.71 18.35
N LEU K 217 -13.66 -73.20 17.37
CA LEU K 217 -13.73 -73.76 16.03
C LEU K 217 -13.41 -75.24 16.06
N ARG K 218 -12.33 -75.61 16.76
CA ARG K 218 -11.97 -77.02 16.83
C ARG K 218 -13.11 -77.83 17.44
N ALA K 219 -13.70 -77.31 18.52
CA ALA K 219 -14.84 -78.00 19.12
C ALA K 219 -15.94 -78.20 18.08
N MET K 220 -16.28 -77.13 17.36
CA MET K 220 -17.30 -77.26 16.32
C MET K 220 -16.89 -78.33 15.32
N ARG K 221 -15.63 -78.30 14.88
CA ARG K 221 -15.14 -79.31 13.96
C ARG K 221 -15.41 -80.70 14.51
N ARG K 222 -15.04 -80.92 15.77
CA ARG K 222 -15.26 -82.23 16.39
C ARG K 222 -16.72 -82.63 16.26
N GLN K 223 -17.63 -81.74 16.66
CA GLN K 223 -19.04 -82.05 16.61
C GLN K 223 -19.48 -82.36 15.19
N SER K 224 -18.98 -81.58 14.23
CA SER K 224 -19.33 -81.83 12.84
C SER K 224 -18.89 -83.22 12.42
N LEU K 225 -17.69 -83.62 12.81
CA LEU K 225 -17.19 -84.93 12.41
C LEU K 225 -17.97 -86.04 13.11
N ASP K 226 -18.67 -85.71 14.20
CA ASP K 226 -19.52 -86.70 14.84
C ASP K 226 -20.79 -86.96 14.07
N TYR K 227 -21.08 -86.16 13.04
CA TYR K 227 -22.36 -86.26 12.35
C TYR K 227 -22.28 -87.07 11.07
N PHE K 228 -21.11 -87.53 10.67
CA PHE K 228 -21.02 -88.48 9.57
C PHE K 228 -20.47 -89.83 10.04
N LEU K 229 -19.23 -89.88 10.49
CA LEU K 229 -18.60 -91.04 11.13
C LEU K 229 -18.74 -92.33 10.33
N GLU K 230 -19.17 -92.24 9.08
CA GLU K 230 -19.45 -93.42 8.28
C GLU K 230 -19.09 -93.26 6.82
N ASP K 231 -18.54 -92.12 6.42
CA ASP K 231 -18.28 -91.83 5.01
C ASP K 231 -16.81 -91.78 4.67
N ALA K 232 -15.99 -91.14 5.51
CA ALA K 232 -14.55 -90.95 5.34
C ALA K 232 -14.24 -90.05 4.15
N GLU K 233 -15.23 -89.65 3.37
CA GLU K 233 -15.10 -88.66 2.31
C GLU K 233 -15.76 -87.35 2.68
N ALA K 234 -16.99 -87.40 3.20
CA ALA K 234 -17.60 -86.21 3.77
C ALA K 234 -16.80 -85.72 4.97
N THR K 235 -16.33 -86.65 5.81
CA THR K 235 -15.49 -86.26 6.93
C THR K 235 -14.21 -85.62 6.45
N GLN K 236 -13.63 -86.14 5.36
CA GLN K 236 -12.44 -85.53 4.80
C GLN K 236 -12.71 -84.11 4.33
N LEU K 237 -13.84 -83.89 3.66
CA LEU K 237 -14.17 -82.56 3.17
C LEU K 237 -14.41 -81.57 4.32
N VAL K 238 -15.16 -82.00 5.34
CA VAL K 238 -15.44 -81.13 6.47
C VAL K 238 -14.15 -80.81 7.23
N LYS K 239 -13.30 -81.83 7.43
CA LYS K 239 -12.01 -81.60 8.06
C LYS K 239 -11.17 -80.62 7.26
N GLY K 240 -11.16 -80.78 5.94
CA GLY K 240 -10.38 -79.87 5.12
C GLY K 240 -10.86 -78.44 5.21
N TYR K 241 -12.17 -78.23 5.16
CA TYR K 241 -12.69 -76.87 5.23
C TYR K 241 -12.44 -76.25 6.60
N PHE K 242 -12.63 -77.02 7.68
CA PHE K 242 -12.35 -76.48 9.01
C PHE K 242 -10.88 -76.17 9.19
N ASP K 243 -10.01 -77.05 8.68
CA ASP K 243 -8.57 -76.81 8.79
C ASP K 243 -8.16 -75.60 7.98
N LEU K 244 -8.75 -75.42 6.79
CA LEU K 244 -8.47 -74.23 5.99
C LEU K 244 -8.91 -72.97 6.72
N LEU K 245 -10.10 -73.01 7.33
CA LEU K 245 -10.57 -71.86 8.09
C LEU K 245 -9.61 -71.52 9.22
N ILE K 246 -9.18 -72.54 9.98
CA ILE K 246 -8.30 -72.29 11.11
C ILE K 246 -6.94 -71.78 10.64
N ALA K 247 -6.40 -72.38 9.58
CA ALA K 247 -5.09 -71.99 9.09
C ALA K 247 -5.09 -70.57 8.54
N GLU K 248 -6.14 -70.20 7.80
CA GLU K 248 -6.20 -68.85 7.25
C GLU K 248 -6.51 -67.82 8.33
N TYR K 249 -7.31 -68.19 9.33
CA TYR K 249 -7.60 -67.27 10.42
C TYR K 249 -6.35 -67.00 11.26
N LEU K 250 -5.40 -67.93 11.25
CA LEU K 250 -4.20 -67.77 12.07
C LEU K 250 -3.19 -66.81 11.45
N THR K 251 -3.36 -66.40 10.20
CA THR K 251 -2.46 -65.42 9.60
C THR K 251 -2.56 -64.10 10.37
N ASP K 252 -1.41 -63.54 10.71
CA ASP K 252 -1.33 -62.42 11.64
C ASP K 252 -1.04 -61.14 10.86
N LYS K 253 -2.09 -60.35 10.63
CA LYS K 253 -2.01 -59.06 9.97
C LYS K 253 -1.35 -59.18 8.60
N PRO K 254 -2.02 -59.79 7.63
CA PRO K 254 -1.43 -59.89 6.28
C PRO K 254 -1.21 -58.50 5.69
N SER K 255 -0.10 -58.37 4.96
CA SER K 255 0.30 -57.07 4.44
C SER K 255 -0.58 -56.66 3.27
N ASN K 256 -0.94 -55.39 3.24
CA ASN K 256 -1.63 -54.83 2.09
C ASN K 256 -0.69 -54.79 0.89
N GLN K 257 -1.25 -55.06 -0.29
CA GLN K 257 -0.49 -54.97 -1.53
C GLN K 257 -0.42 -53.51 -1.95
N VAL K 258 0.79 -52.97 -1.98
CA VAL K 258 0.97 -51.55 -2.28
C VAL K 258 1.16 -51.37 -3.78
N ARG K 259 0.48 -50.37 -4.33
CA ARG K 259 0.64 -49.95 -5.72
C ARG K 259 1.33 -48.60 -5.66
N ILE K 260 2.65 -48.60 -5.84
CA ILE K 260 3.44 -47.38 -5.76
C ILE K 260 3.24 -46.56 -7.01
N GLY K 261 3.04 -45.25 -6.84
CA GLY K 261 2.87 -44.38 -7.99
C GLY K 261 4.09 -44.41 -8.87
N VAL K 262 3.85 -44.51 -10.19
CA VAL K 262 4.94 -44.60 -11.15
C VAL K 262 5.63 -43.26 -11.39
N SER K 263 5.03 -42.16 -10.94
CA SER K 263 5.63 -40.84 -11.08
C SER K 263 5.03 -39.94 -10.01
N ASN K 264 5.56 -38.73 -9.91
CA ASN K 264 5.07 -37.78 -8.93
C ASN K 264 3.67 -37.27 -9.24
N ASP K 265 3.16 -37.53 -10.44
CA ASP K 265 1.80 -37.15 -10.79
C ASP K 265 0.79 -38.25 -10.49
N GLN K 266 1.24 -39.39 -9.98
CA GLN K 266 0.37 -40.53 -9.71
C GLN K 266 0.42 -40.86 -8.23
N GLN K 267 -0.75 -41.15 -7.66
CA GLN K 267 -0.85 -41.48 -6.25
C GLN K 267 -0.54 -42.96 -6.01
N GLY K 268 -0.08 -43.25 -4.80
CA GLY K 268 0.13 -44.61 -4.37
C GLY K 268 -1.05 -45.10 -3.56
N LEU K 269 -1.33 -46.40 -3.66
CA LEU K 269 -2.54 -46.97 -3.10
C LEU K 269 -2.23 -48.30 -2.42
N GLN K 270 -3.21 -48.83 -1.72
CA GLN K 270 -3.07 -50.12 -1.04
C GLN K 270 -4.32 -50.94 -1.28
N LEU K 271 -4.14 -52.26 -1.39
CA LEU K 271 -5.25 -53.18 -1.58
C LEU K 271 -5.14 -54.30 -0.56
N PRO K 272 -6.14 -54.51 0.29
CA PRO K 272 -6.09 -55.65 1.21
C PRO K 272 -6.04 -56.97 0.44
N GLN K 273 -5.37 -57.95 1.04
CA GLN K 273 -5.21 -59.23 0.38
C GLN K 273 -6.54 -59.92 0.15
N SER K 274 -7.53 -59.65 1.00
CA SER K 274 -8.84 -60.28 0.84
C SER K 274 -9.48 -59.90 -0.48
N TYR K 275 -9.36 -58.63 -0.87
CA TYR K 275 -9.93 -58.19 -2.13
C TYR K 275 -9.27 -58.89 -3.32
N SER K 276 -7.95 -59.05 -3.28
CA SER K 276 -7.26 -59.76 -4.36
C SER K 276 -7.66 -61.23 -4.39
N MET K 277 -7.74 -61.87 -3.23
CA MET K 277 -8.10 -63.28 -3.18
C MET K 277 -9.49 -63.53 -3.71
N SER K 278 -10.45 -62.66 -3.37
CA SER K 278 -11.82 -62.87 -3.81
C SER K 278 -11.99 -62.57 -5.30
N ALA K 279 -11.13 -61.74 -5.87
CA ALA K 279 -11.28 -61.32 -7.25
C ALA K 279 -10.92 -62.44 -8.21
N GLU K 280 -11.37 -62.29 -9.46
CA GLU K 280 -11.06 -63.27 -10.49
C GLU K 280 -9.56 -63.30 -10.77
N VAL K 281 -9.08 -64.45 -11.19
CA VAL K 281 -7.65 -64.69 -11.35
C VAL K 281 -7.25 -64.40 -12.79
N ARG K 282 -6.20 -63.60 -12.95
CA ARG K 282 -5.62 -63.40 -14.28
C ARG K 282 -4.75 -64.60 -14.63
N PRO K 283 -5.04 -65.30 -15.71
CA PRO K 283 -4.07 -66.31 -16.19
C PRO K 283 -2.86 -65.62 -16.79
N LYS K 284 -1.73 -65.71 -16.10
CA LYS K 284 -0.51 -65.04 -16.53
C LYS K 284 0.37 -66.03 -17.29
N PHE K 285 0.88 -65.59 -18.44
CA PHE K 285 1.73 -66.41 -19.28
C PHE K 285 3.16 -65.91 -19.19
N VAL K 286 4.09 -66.82 -18.94
CA VAL K 286 5.51 -66.52 -18.87
C VAL K 286 6.18 -67.29 -19.99
N PHE K 287 6.91 -66.58 -20.85
CA PHE K 287 7.59 -67.21 -21.97
C PHE K 287 8.93 -67.77 -21.51
N LYS K 288 9.14 -69.05 -21.76
CA LYS K 288 10.40 -69.71 -21.45
C LYS K 288 10.93 -70.35 -22.72
N GLN K 289 12.21 -70.13 -23.02
CA GLN K 289 12.79 -70.71 -24.23
C GLN K 289 12.89 -72.23 -24.14
N ALA K 290 12.85 -72.80 -22.95
CA ALA K 290 12.90 -74.24 -22.78
C ALA K 290 11.54 -74.92 -22.89
N ALA K 291 10.46 -74.16 -22.97
CA ALA K 291 9.13 -74.75 -23.07
C ALA K 291 8.93 -75.35 -24.46
N THR K 292 7.94 -76.24 -24.55
CA THR K 292 7.63 -76.86 -25.82
C THR K 292 6.99 -75.85 -26.76
N LEU K 293 6.93 -76.21 -28.04
CA LEU K 293 6.45 -75.27 -29.06
C LEU K 293 5.00 -74.90 -28.81
N THR K 294 4.18 -75.84 -28.35
CA THR K 294 2.76 -75.54 -28.12
C THR K 294 2.59 -74.50 -27.02
N GLN K 295 3.36 -74.61 -25.93
CA GLN K 295 3.25 -73.64 -24.85
C GLN K 295 3.75 -72.26 -25.29
N LYS K 296 4.82 -72.22 -26.08
CA LYS K 296 5.29 -70.96 -26.62
C LYS K 296 4.24 -70.33 -27.53
N GLN K 297 3.58 -71.15 -28.35
CA GLN K 297 2.53 -70.64 -29.23
C GLN K 297 1.35 -70.13 -28.42
N GLU K 298 1.03 -70.78 -27.31
CA GLU K 298 -0.03 -70.29 -26.44
C GLU K 298 0.33 -68.92 -25.84
N ALA K 299 1.58 -68.77 -25.39
CA ALA K 299 2.01 -67.46 -24.88
C ALA K 299 1.98 -66.41 -25.97
N ILE K 300 2.38 -66.76 -27.19
CA ILE K 300 2.35 -65.82 -28.30
C ILE K 300 0.92 -65.41 -28.63
N ALA K 301 -0.01 -66.37 -28.59
CA ALA K 301 -1.41 -66.04 -28.79
C ALA K 301 -1.92 -65.11 -27.71
N ALA K 302 -1.46 -65.30 -26.47
CA ALA K 302 -1.82 -64.36 -25.41
C ALA K 302 -1.29 -62.97 -25.69
N ILE K 303 -0.06 -62.87 -26.20
CA ILE K 303 0.50 -61.57 -26.56
C ILE K 303 -0.36 -60.90 -27.63
N TYR K 304 -0.76 -61.67 -28.64
CA TYR K 304 -1.61 -61.12 -29.69
C TYR K 304 -2.96 -60.69 -29.15
N ARG K 305 -3.54 -61.48 -28.25
CA ARG K 305 -4.83 -61.13 -27.67
C ARG K 305 -4.74 -59.88 -26.82
N HIS K 306 -3.58 -59.60 -26.22
CA HIS K 306 -3.48 -58.39 -25.42
C HIS K 306 -3.21 -57.16 -26.28
N VAL K 307 -2.19 -57.24 -27.14
CA VAL K 307 -1.74 -56.06 -27.87
C VAL K 307 -2.79 -55.63 -28.91
N PHE K 308 -3.39 -56.59 -29.59
CA PHE K 308 -4.36 -56.31 -30.64
C PHE K 308 -5.81 -56.45 -30.16
N GLU K 309 -6.02 -56.67 -28.87
CA GLU K 309 -7.31 -56.90 -28.24
C GLU K 309 -7.95 -58.20 -28.70
N ARG K 310 -7.32 -58.92 -29.63
CA ARG K 310 -7.86 -60.12 -30.24
C ARG K 310 -6.79 -60.68 -31.17
N ASP K 311 -6.77 -61.99 -31.41
CA ASP K 311 -5.82 -62.57 -32.35
C ASP K 311 -6.30 -62.28 -33.76
N VAL K 312 -5.90 -61.13 -34.27
CA VAL K 312 -6.30 -60.65 -35.59
C VAL K 312 -5.22 -61.00 -36.59
N THR K 313 -4.17 -61.67 -36.13
CA THR K 313 -2.98 -61.87 -36.96
C THR K 313 -3.30 -62.69 -38.21
N ASP K 314 -4.11 -63.74 -38.05
CA ASP K 314 -4.45 -64.58 -39.20
C ASP K 314 -5.41 -63.85 -40.13
N THR K 315 -6.35 -63.10 -39.55
CA THR K 315 -7.38 -62.44 -40.36
C THR K 315 -6.77 -61.42 -41.31
N TYR K 316 -5.84 -60.61 -40.82
CA TYR K 316 -5.27 -59.52 -41.59
C TYR K 316 -4.04 -59.94 -42.40
N GLY K 317 -3.71 -61.22 -42.43
CA GLY K 317 -2.56 -61.66 -43.19
C GLY K 317 -1.25 -61.13 -42.65
N PHE K 318 -1.08 -61.16 -41.33
CA PHE K 318 0.16 -60.73 -40.69
C PHE K 318 1.24 -61.78 -40.91
N THR K 319 1.79 -61.85 -42.13
CA THR K 319 2.76 -62.88 -42.43
C THR K 319 4.11 -62.60 -41.77
N GLN K 320 4.49 -61.33 -41.68
CA GLN K 320 5.75 -60.97 -41.03
C GLN K 320 5.81 -61.45 -39.59
N LYS K 321 4.65 -61.64 -38.96
CA LYS K 321 4.59 -62.27 -37.65
C LYS K 321 5.51 -63.47 -37.55
N ALA K 322 5.55 -64.31 -38.59
CA ALA K 322 6.37 -65.51 -38.55
C ALA K 322 7.79 -65.18 -38.13
N GLU K 323 8.41 -64.22 -38.82
CA GLU K 323 9.79 -63.86 -38.48
C GLU K 323 9.88 -63.45 -37.02
N LEU K 324 9.01 -62.55 -36.57
CA LEU K 324 9.00 -62.14 -35.17
C LEU K 324 8.90 -63.35 -34.26
N GLU K 325 7.99 -64.27 -34.58
CA GLU K 325 7.79 -65.43 -33.72
C GLU K 325 9.06 -66.23 -33.63
N SER K 326 9.76 -66.40 -34.75
CA SER K 326 11.03 -67.10 -34.71
C SER K 326 12.00 -66.41 -33.76
N GLN K 327 12.11 -65.09 -33.87
CA GLN K 327 13.04 -64.35 -33.02
C GLN K 327 12.65 -64.48 -31.55
N LEU K 328 11.39 -64.80 -31.28
CA LEU K 328 10.99 -65.01 -29.89
C LEU K 328 11.22 -66.46 -29.48
N ILE K 329 10.97 -67.40 -30.39
CA ILE K 329 11.08 -68.81 -30.04
C ILE K 329 12.54 -69.20 -29.87
N GLY K 330 13.42 -68.66 -30.71
CA GLY K 330 14.84 -68.94 -30.58
C GLY K 330 15.52 -68.23 -29.43
N GLY K 331 14.81 -67.32 -28.75
CA GLY K 331 15.37 -66.62 -27.62
C GLY K 331 16.19 -65.40 -27.94
N ASN K 332 16.22 -64.98 -29.20
CA ASN K 332 16.98 -63.78 -29.56
C ASN K 332 16.42 -62.54 -28.88
N ILE K 333 15.09 -62.42 -28.85
CA ILE K 333 14.42 -61.29 -28.23
C ILE K 333 13.52 -61.81 -27.12
N SER K 334 13.06 -60.90 -26.28
CA SER K 334 12.17 -61.24 -25.18
C SER K 334 10.74 -60.90 -25.55
N VAL K 335 9.83 -61.14 -24.61
CA VAL K 335 8.44 -60.73 -24.79
C VAL K 335 8.34 -59.22 -24.87
N LYS K 336 9.19 -58.51 -24.12
CA LYS K 336 9.19 -57.06 -24.17
C LYS K 336 9.54 -56.55 -25.57
N GLU K 337 10.60 -57.10 -26.17
CA GLU K 337 10.97 -56.69 -27.52
C GLU K 337 9.97 -57.16 -28.55
N PHE K 338 9.36 -58.32 -28.33
CA PHE K 338 8.30 -58.79 -29.22
C PHE K 338 7.12 -57.83 -29.21
N VAL K 339 6.72 -57.37 -28.04
CA VAL K 339 5.61 -56.42 -27.93
C VAL K 339 6.00 -55.09 -28.54
N ARG K 340 7.26 -54.67 -28.35
CA ARG K 340 7.72 -53.42 -28.94
C ARG K 340 7.67 -53.49 -30.46
N ARG K 341 8.07 -54.62 -31.03
CA ARG K 341 8.01 -54.77 -32.48
C ARG K 341 6.58 -54.86 -32.98
N LEU K 342 5.69 -55.49 -32.20
CA LEU K 342 4.29 -55.54 -32.56
C LEU K 342 3.67 -54.15 -32.58
N GLY K 343 4.00 -53.32 -31.59
CA GLY K 343 3.46 -51.98 -31.54
C GLY K 343 3.92 -51.11 -32.71
N LYS K 344 5.11 -51.35 -33.21
CA LYS K 344 5.65 -50.63 -34.35
C LYS K 344 5.30 -51.28 -35.67
N SER K 345 4.55 -52.37 -35.67
CA SER K 345 4.19 -53.05 -36.89
C SER K 345 3.11 -52.28 -37.64
N ARG K 346 2.93 -52.64 -38.91
CA ARG K 346 1.88 -52.01 -39.71
C ARG K 346 0.50 -52.44 -39.26
N LEU K 347 0.38 -53.65 -38.69
CA LEU K 347 -0.91 -54.12 -38.23
C LEU K 347 -1.42 -53.26 -37.08
N TYR K 348 -0.56 -52.95 -36.12
CA TYR K 348 -0.99 -52.10 -35.01
C TYR K 348 -1.35 -50.70 -35.49
N ARG K 349 -0.58 -50.16 -36.43
CA ARG K 349 -0.90 -48.84 -36.96
C ARG K 349 -2.24 -48.85 -37.67
N ARG K 350 -2.51 -49.90 -38.44
CA ARG K 350 -3.78 -49.98 -39.15
C ARG K 350 -4.95 -50.13 -38.19
N LEU K 351 -4.75 -50.87 -37.09
CA LEU K 351 -5.87 -51.17 -36.20
C LEU K 351 -6.13 -50.05 -35.21
N PHE K 352 -5.10 -49.54 -34.55
CA PHE K 352 -5.28 -48.65 -33.41
C PHE K 352 -4.58 -47.31 -33.57
N TYR K 353 -4.15 -46.94 -34.77
CA TYR K 353 -3.69 -45.58 -35.01
C TYR K 353 -4.47 -44.88 -36.11
N GLU K 354 -4.65 -45.53 -37.25
CA GLU K 354 -5.34 -44.90 -38.38
C GLU K 354 -6.77 -44.47 -38.08
N PRO K 355 -7.61 -45.28 -37.43
CA PRO K 355 -9.00 -44.85 -37.20
C PRO K 355 -9.14 -43.76 -36.15
N PHE K 356 -8.12 -43.45 -35.39
CA PHE K 356 -8.25 -42.62 -34.19
C PHE K 356 -7.42 -41.36 -34.30
N THR K 357 -7.81 -40.36 -33.50
CA THR K 357 -7.00 -39.17 -33.32
C THR K 357 -5.80 -39.50 -32.45
N ILE K 358 -4.91 -38.53 -32.28
CA ILE K 358 -3.72 -38.76 -31.48
C ILE K 358 -4.09 -39.03 -30.04
N SER K 359 -5.05 -38.28 -29.50
CA SER K 359 -5.45 -38.46 -28.11
C SER K 359 -6.05 -39.84 -27.88
N ARG K 360 -6.99 -40.25 -28.72
CA ARG K 360 -7.59 -41.56 -28.57
C ARG K 360 -6.57 -42.67 -28.81
N ALA K 361 -5.66 -42.47 -29.76
CA ALA K 361 -4.62 -43.47 -30.01
C ALA K 361 -3.72 -43.63 -28.79
N ILE K 362 -3.36 -42.53 -28.14
CA ILE K 362 -2.58 -42.62 -26.91
C ILE K 362 -3.37 -43.35 -25.83
N GLU K 363 -4.65 -43.02 -25.69
CA GLU K 363 -5.47 -43.65 -24.66
C GLU K 363 -5.57 -45.16 -24.88
N LEU K 364 -5.67 -45.59 -26.12
CA LEU K 364 -5.75 -47.02 -26.41
C LEU K 364 -4.40 -47.71 -26.23
N ALA K 365 -3.32 -47.06 -26.66
CA ALA K 365 -2.00 -47.62 -26.50
C ALA K 365 -1.65 -47.81 -25.03
N ALA K 366 -2.19 -46.95 -24.16
CA ALA K 366 -1.99 -47.15 -22.73
C ALA K 366 -2.48 -48.52 -22.29
N ARG K 367 -3.68 -48.89 -22.72
CA ARG K 367 -4.20 -50.22 -22.38
C ARG K 367 -3.41 -51.32 -23.08
N HIS K 368 -3.02 -51.11 -24.33
CA HIS K 368 -2.41 -52.19 -25.09
C HIS K 368 -0.99 -52.50 -24.62
N PHE K 369 -0.28 -51.51 -24.08
CA PHE K 369 1.11 -51.72 -23.68
C PHE K 369 1.34 -51.65 -22.19
N LEU K 370 0.37 -51.19 -21.41
CA LEU K 370 0.51 -51.17 -19.96
C LEU K 370 -0.60 -51.94 -19.25
N GLY K 371 -1.65 -52.35 -19.94
CA GLY K 371 -2.74 -53.03 -19.29
C GLY K 371 -3.58 -52.15 -18.39
N ARG K 372 -3.54 -50.84 -18.61
CA ARG K 372 -4.28 -49.92 -17.76
C ARG K 372 -4.54 -48.64 -18.55
N GLY K 373 -5.45 -47.82 -18.05
CA GLY K 373 -5.71 -46.53 -18.65
C GLY K 373 -4.79 -45.45 -18.10
N LEU K 374 -4.83 -44.30 -18.75
CA LEU K 374 -4.03 -43.17 -18.29
C LEU K 374 -4.53 -42.68 -16.94
N SER K 375 -3.61 -42.21 -16.11
CA SER K 375 -3.94 -41.86 -14.74
C SER K 375 -4.29 -40.39 -14.58
N SER K 376 -3.49 -39.50 -15.15
CA SER K 376 -3.69 -38.06 -15.00
C SER K 376 -3.44 -37.38 -16.34
N ARG K 377 -3.74 -36.08 -16.38
CA ARG K 377 -3.50 -35.31 -17.59
C ARG K 377 -2.02 -34.99 -17.78
N GLU K 378 -1.21 -35.06 -16.73
CA GLU K 378 0.22 -34.90 -16.90
C GLU K 378 0.83 -36.09 -17.63
N GLU K 379 0.37 -37.30 -17.31
CA GLU K 379 0.79 -38.48 -18.05
C GLU K 379 0.40 -38.38 -19.52
N PHE K 380 -0.82 -37.93 -19.77
CA PHE K 380 -1.25 -37.72 -21.15
C PHE K 380 -0.39 -36.67 -21.84
N GLN K 381 -0.01 -35.62 -21.10
CA GLN K 381 0.81 -34.57 -21.70
C GLN K 381 2.18 -35.10 -22.09
N THR K 382 2.80 -35.91 -21.22
CA THR K 382 4.09 -36.48 -21.57
C THR K 382 3.98 -37.39 -22.78
N TYR K 383 2.95 -38.23 -22.84
CA TYR K 383 2.81 -39.13 -23.98
C TYR K 383 2.47 -38.37 -25.26
N PHE K 384 1.69 -37.30 -25.14
CA PHE K 384 1.38 -36.47 -26.30
C PHE K 384 2.63 -35.78 -26.83
N ASP K 385 3.49 -35.30 -25.93
CA ASP K 385 4.77 -34.73 -26.36
C ASP K 385 5.64 -35.78 -27.04
N VAL K 386 5.66 -36.99 -26.49
CA VAL K 386 6.45 -38.05 -27.10
C VAL K 386 5.95 -38.34 -28.51
N MET K 387 4.63 -38.40 -28.67
CA MET K 387 4.05 -38.67 -29.99
C MET K 387 4.31 -37.51 -30.95
N THR K 388 4.24 -36.27 -30.47
CA THR K 388 4.51 -35.12 -31.31
C THR K 388 5.95 -35.11 -31.80
N LYS K 389 6.89 -35.44 -30.91
CA LYS K 389 8.31 -35.38 -31.28
C LYS K 389 8.67 -36.49 -32.26
N GLY K 390 8.26 -37.73 -31.98
CA GLY K 390 8.78 -38.86 -32.71
C GLY K 390 7.78 -39.70 -33.46
N GLY K 391 6.52 -39.59 -33.10
CA GLY K 391 5.47 -40.33 -33.79
C GLY K 391 5.03 -41.56 -33.03
N LEU K 392 4.32 -42.43 -33.74
CA LEU K 392 3.81 -43.66 -33.13
C LEU K 392 4.92 -44.58 -32.63
N PRO K 393 6.01 -44.83 -33.37
CA PRO K 393 7.08 -45.65 -32.79
C PRO K 393 7.66 -45.06 -31.52
N ALA K 394 7.77 -43.73 -31.43
CA ALA K 394 8.27 -43.12 -30.21
C ALA K 394 7.31 -43.36 -29.05
N LEU K 395 6.00 -43.28 -29.31
CA LEU K 395 5.02 -43.56 -28.26
C LEU K 395 5.10 -45.01 -27.80
N VAL K 396 5.26 -45.94 -28.74
CA VAL K 396 5.39 -47.35 -28.37
C VAL K 396 6.64 -47.55 -27.53
N ASP K 397 7.75 -46.91 -27.90
CA ASP K 397 8.96 -47.00 -27.11
C ASP K 397 8.77 -46.42 -25.72
N ALA K 398 8.07 -45.30 -25.62
CA ALA K 398 7.84 -44.67 -24.32
C ALA K 398 7.03 -45.59 -23.42
N PHE K 399 6.04 -46.27 -23.98
CA PHE K 399 5.25 -47.20 -23.17
C PHE K 399 6.06 -48.42 -22.77
N VAL K 400 6.73 -49.06 -23.72
CA VAL K 400 7.39 -50.34 -23.45
C VAL K 400 8.63 -50.14 -22.60
N ASP K 401 9.41 -49.09 -22.86
CA ASP K 401 10.65 -48.84 -22.14
C ASP K 401 10.43 -48.25 -20.76
N SER K 402 9.19 -47.99 -20.38
CA SER K 402 8.91 -47.40 -19.08
C SER K 402 9.27 -48.36 -17.96
N ALA K 403 9.59 -47.79 -16.80
CA ALA K 403 9.88 -48.62 -15.63
C ALA K 403 8.66 -49.39 -15.19
N GLU K 404 7.46 -48.87 -15.47
CA GLU K 404 6.24 -49.58 -15.09
C GLU K 404 6.09 -50.90 -15.84
N TYR K 405 6.40 -50.89 -17.14
CA TYR K 405 6.29 -52.11 -17.92
C TYR K 405 7.19 -53.21 -17.35
N SER K 406 8.44 -52.86 -17.04
CA SER K 406 9.35 -53.85 -16.49
C SER K 406 8.96 -54.23 -15.07
N ASP K 407 8.33 -53.31 -14.34
CA ASP K 407 7.86 -53.64 -13.01
C ASP K 407 6.75 -54.69 -13.06
N TYR K 408 5.82 -54.56 -14.00
CA TYR K 408 4.68 -55.46 -14.03
C TYR K 408 4.91 -56.71 -14.87
N PHE K 409 5.52 -56.55 -16.05
CA PHE K 409 5.69 -57.68 -16.96
C PHE K 409 7.13 -58.11 -17.15
N GLY K 410 8.10 -57.29 -16.74
CA GLY K 410 9.49 -57.70 -16.86
C GLY K 410 9.86 -57.94 -18.31
N GLU K 411 10.53 -59.08 -18.56
CA GLU K 411 10.95 -59.44 -19.90
C GLU K 411 10.27 -60.68 -20.44
N GLU K 412 9.75 -61.56 -19.58
CA GLU K 412 9.17 -62.82 -20.03
C GLU K 412 7.67 -62.89 -19.85
N THR K 413 7.09 -62.12 -18.95
CA THR K 413 5.66 -62.19 -18.71
C THR K 413 4.90 -61.47 -19.81
N VAL K 414 3.91 -62.16 -20.36
CA VAL K 414 3.03 -61.56 -21.37
C VAL K 414 2.23 -60.44 -20.71
N PRO K 415 2.11 -59.27 -21.33
CA PRO K 415 1.29 -58.21 -20.73
C PRO K 415 -0.14 -58.66 -20.53
N TYR K 416 -0.72 -58.24 -19.41
CA TYR K 416 -2.08 -58.62 -19.04
C TYR K 416 -2.84 -57.38 -18.60
N LEU K 417 -4.15 -57.49 -18.62
CA LEU K 417 -5.00 -56.39 -18.18
C LEU K 417 -5.00 -56.32 -16.66
N ARG K 418 -4.66 -55.16 -16.13
CA ARG K 418 -4.78 -54.91 -14.70
C ARG K 418 -6.17 -54.36 -14.44
N GLY K 419 -6.39 -53.78 -13.27
CA GLY K 419 -7.66 -53.14 -13.02
C GLY K 419 -8.34 -53.57 -11.74
N LEU K 420 -9.67 -53.52 -11.72
CA LEU K 420 -10.41 -53.80 -10.50
C LEU K 420 -10.22 -55.24 -10.08
N GLY K 421 -9.78 -55.43 -8.83
CA GLY K 421 -9.53 -56.74 -8.29
C GLY K 421 -8.11 -57.23 -8.43
N GLN K 422 -7.34 -56.66 -9.35
CA GLN K 422 -5.95 -57.02 -9.51
C GLN K 422 -5.03 -56.17 -8.65
N GLU K 423 -5.36 -54.89 -8.52
CA GLU K 423 -4.60 -53.97 -7.68
C GLU K 423 -5.51 -52.83 -7.29
N ALA K 424 -5.06 -52.03 -6.33
CA ALA K 424 -5.85 -50.91 -5.88
C ALA K 424 -6.05 -49.93 -7.02
N GLN K 425 -7.30 -49.49 -7.19
CA GLN K 425 -7.68 -48.64 -8.31
C GLN K 425 -7.82 -47.20 -7.86
N GLU K 426 -7.61 -46.28 -8.80
CA GLU K 426 -7.82 -44.86 -8.56
C GLU K 426 -9.25 -44.48 -8.92
N CYS K 427 -9.78 -43.51 -8.18
CA CYS K 427 -11.08 -42.95 -8.51
C CYS K 427 -11.03 -42.01 -9.70
N ARG K 428 -9.88 -41.39 -9.95
CA ARG K 428 -9.81 -40.31 -10.94
C ARG K 428 -10.07 -40.81 -12.35
N ASN K 429 -9.63 -42.02 -12.68
CA ASN K 429 -9.84 -42.58 -14.01
C ASN K 429 -10.73 -43.82 -13.95
N TRP K 430 -11.67 -43.84 -13.01
CA TRP K 430 -12.50 -45.01 -12.78
C TRP K 430 -13.33 -45.35 -14.01
N GLY K 431 -14.24 -44.46 -14.39
CA GLY K 431 -15.11 -44.67 -15.52
C GLY K 431 -14.39 -44.84 -16.84
N PRO K 432 -13.46 -43.93 -17.16
CA PRO K 432 -12.70 -44.10 -18.40
C PRO K 432 -11.94 -45.41 -18.49
N GLN K 433 -11.32 -45.87 -17.40
CA GLN K 433 -10.57 -47.11 -17.47
C GLN K 433 -11.50 -48.31 -17.59
N LEU K 434 -12.61 -48.30 -16.86
CA LEU K 434 -13.57 -49.38 -16.98
C LEU K 434 -14.15 -49.46 -18.39
N ASP K 435 -14.39 -48.31 -19.01
CA ASP K 435 -14.84 -48.31 -20.39
C ASP K 435 -13.74 -48.69 -21.36
N LEU K 436 -12.49 -48.40 -21.03
CA LEU K 436 -11.37 -48.76 -21.90
C LEU K 436 -11.14 -50.26 -21.91
N PHE K 437 -11.36 -50.94 -20.79
CA PHE K 437 -11.15 -52.37 -20.75
C PHE K 437 -12.21 -53.16 -21.49
N LYS K 438 -13.32 -52.54 -21.87
CA LYS K 438 -14.36 -53.24 -22.60
C LYS K 438 -13.97 -53.38 -24.07
N TYR K 439 -14.56 -54.37 -24.74
CA TYR K 439 -14.25 -54.62 -26.14
C TYR K 439 -14.75 -53.51 -27.05
N SER K 440 -15.63 -52.64 -26.57
CA SER K 440 -16.14 -51.53 -27.36
C SER K 440 -15.24 -50.29 -27.28
N ALA K 441 -14.09 -50.41 -26.62
CA ALA K 441 -13.16 -49.28 -26.55
C ALA K 441 -12.70 -48.78 -27.91
N PRO K 442 -12.28 -49.63 -28.85
CA PRO K 442 -11.87 -49.12 -30.16
C PRO K 442 -13.02 -48.59 -31.00
N VAL K 443 -14.25 -48.63 -30.51
CA VAL K 443 -15.37 -48.10 -31.27
C VAL K 443 -15.65 -46.65 -30.90
N ARG K 444 -15.21 -46.21 -29.72
CA ARG K 444 -15.35 -44.82 -29.32
C ARG K 444 -14.19 -44.01 -29.88
N LYS K 445 -14.50 -42.97 -30.65
CA LYS K 445 -13.48 -42.15 -31.29
C LYS K 445 -13.15 -40.89 -30.50
N VAL K 446 -14.14 -40.29 -29.85
CA VAL K 446 -13.87 -39.11 -29.03
C VAL K 446 -13.03 -39.52 -27.83
N PRO K 447 -11.98 -38.78 -27.49
CA PRO K 447 -11.17 -39.16 -26.33
C PRO K 447 -11.99 -39.17 -25.05
N GLN K 448 -11.69 -40.12 -24.17
CA GLN K 448 -12.42 -40.27 -22.92
C GLN K 448 -11.61 -39.88 -21.70
N PHE K 449 -10.29 -39.84 -21.79
CA PHE K 449 -9.43 -39.54 -20.66
C PHE K 449 -9.05 -38.07 -20.59
N ILE K 450 -8.52 -37.52 -21.69
CA ILE K 450 -8.07 -36.13 -21.67
C ILE K 450 -9.25 -35.19 -21.47
N THR K 451 -10.42 -35.53 -22.02
CA THR K 451 -11.59 -34.71 -21.81
C THR K 451 -12.00 -34.66 -20.34
N LEU K 452 -12.08 -35.83 -19.71
CA LEU K 452 -12.44 -35.87 -18.29
C LEU K 452 -11.39 -35.20 -17.43
N PHE K 453 -10.12 -35.43 -17.73
CA PHE K 453 -9.05 -34.83 -16.94
C PHE K 453 -9.05 -33.32 -17.07
N GLY K 454 -9.34 -32.81 -18.26
CA GLY K 454 -9.48 -31.38 -18.44
C GLY K 454 -10.68 -30.81 -17.70
N SER K 455 -11.82 -31.49 -17.78
CA SER K 455 -13.03 -30.98 -17.15
C SER K 455 -13.02 -31.13 -15.64
N TYR K 456 -12.13 -31.96 -15.09
CA TYR K 456 -11.99 -32.05 -13.64
C TYR K 456 -11.61 -30.71 -13.04
N GLN K 457 -10.80 -29.94 -13.77
CA GLN K 457 -10.26 -28.67 -13.28
C GLN K 457 -11.16 -27.48 -13.56
N LYS K 458 -12.31 -27.70 -14.15
CA LYS K 458 -13.18 -26.63 -14.62
C LYS K 458 -14.49 -26.60 -13.87
N PRO K 459 -15.20 -25.47 -13.87
CA PRO K 459 -16.56 -25.44 -13.32
C PRO K 459 -17.53 -26.22 -14.18
N LEU K 460 -18.81 -26.15 -13.86
CA LEU K 460 -19.81 -26.91 -14.60
C LEU K 460 -19.78 -26.50 -16.07
N PRO K 461 -19.94 -27.43 -17.00
CA PRO K 461 -19.88 -27.10 -18.42
C PRO K 461 -21.14 -26.37 -18.89
N GLU K 462 -21.03 -25.77 -20.06
CA GLU K 462 -22.18 -25.14 -20.72
C GLU K 462 -22.92 -26.25 -21.46
N GLN K 463 -23.86 -26.87 -20.76
CA GLN K 463 -24.62 -27.98 -21.33
C GLN K 463 -25.88 -28.17 -20.52
N HIS K 464 -26.78 -28.99 -21.06
CA HIS K 464 -28.01 -29.31 -20.36
C HIS K 464 -27.69 -30.04 -19.05
N PRO K 465 -28.45 -29.80 -17.99
CA PRO K 465 -28.18 -30.52 -16.74
C PRO K 465 -28.30 -32.03 -16.86
N TYR K 466 -29.01 -32.54 -17.85
CA TYR K 466 -29.14 -33.97 -18.06
C TYR K 466 -28.09 -34.52 -19.01
N GLY K 467 -27.14 -33.71 -19.45
CA GLY K 467 -26.04 -34.17 -20.27
C GLY K 467 -26.02 -33.48 -21.62
N CYS K 468 -24.88 -33.65 -22.30
CA CYS K 468 -24.73 -33.08 -23.63
C CYS K 468 -25.68 -33.69 -24.64
N GLY K 469 -26.19 -34.89 -24.37
CA GLY K 469 -27.12 -35.52 -25.29
C GLY K 469 -28.51 -34.95 -25.26
N ASN K 470 -28.80 -34.06 -24.31
CA ASN K 470 -30.11 -33.44 -24.19
C ASN K 470 -30.15 -32.05 -24.82
N ASP K 471 -29.11 -31.69 -25.57
CA ASP K 471 -29.04 -30.39 -26.22
C ASP K 471 -29.27 -30.57 -27.71
N PRO K 472 -30.39 -30.12 -28.26
CA PRO K 472 -30.61 -30.24 -29.70
C PRO K 472 -29.77 -29.23 -30.46
N LEU K 473 -29.53 -29.54 -31.72
CA LEU K 473 -28.91 -28.56 -32.63
C LEU K 473 -29.86 -27.39 -32.80
N GLU K 474 -29.31 -26.18 -32.69
CA GLU K 474 -30.12 -24.96 -32.78
C GLU K 474 -30.21 -24.54 -34.24
N ILE K 475 -31.08 -25.25 -34.97
CA ILE K 475 -31.28 -25.01 -36.40
C ILE K 475 -32.72 -24.56 -36.60
N GLN K 476 -33.10 -24.32 -37.87
CA GLN K 476 -34.45 -23.83 -38.14
C GLN K 476 -35.51 -24.86 -37.77
N PHE K 477 -35.30 -26.12 -38.15
CA PHE K 477 -36.27 -27.16 -37.83
C PHE K 477 -35.55 -28.49 -37.66
N GLY K 478 -36.23 -29.43 -37.01
CA GLY K 478 -35.68 -30.75 -36.79
C GLY K 478 -35.05 -30.91 -35.43
N ALA K 479 -35.40 -31.98 -34.73
CA ALA K 479 -34.86 -32.26 -33.41
C ALA K 479 -33.67 -33.18 -33.56
N ILE K 480 -32.48 -32.58 -33.65
CA ILE K 480 -31.24 -33.33 -33.87
C ILE K 480 -30.50 -33.41 -32.54
N PHE K 481 -30.36 -34.62 -32.01
CA PHE K 481 -29.74 -34.84 -30.71
C PHE K 481 -28.58 -35.80 -30.85
N PRO K 482 -27.58 -35.71 -29.97
CA PRO K 482 -26.53 -36.75 -29.94
C PRO K 482 -27.09 -38.07 -29.45
N GLN K 483 -27.00 -39.09 -30.30
CA GLN K 483 -27.43 -40.42 -29.88
C GLN K 483 -26.41 -41.02 -28.93
N GLU K 484 -26.90 -41.63 -27.85
CA GLU K 484 -26.01 -42.19 -26.84
C GLU K 484 -25.16 -43.33 -27.41
N THR K 485 -25.77 -44.20 -28.20
CA THR K 485 -25.12 -45.43 -28.63
C THR K 485 -24.37 -45.28 -29.95
N ARG K 486 -24.50 -44.16 -30.65
CA ARG K 486 -23.82 -43.95 -31.92
C ARG K 486 -22.79 -42.85 -31.75
N ASN K 487 -21.52 -43.19 -31.94
CA ASN K 487 -20.39 -42.31 -31.68
C ASN K 487 -20.53 -41.73 -30.27
N PRO K 488 -20.38 -42.56 -29.24
CA PRO K 488 -20.70 -42.09 -27.88
C PRO K 488 -19.65 -41.12 -27.38
N HIS K 489 -20.11 -39.97 -26.92
CA HIS K 489 -19.22 -39.04 -26.22
C HIS K 489 -19.96 -38.33 -25.10
N PRO K 490 -20.60 -39.05 -24.19
CA PRO K 490 -21.34 -38.38 -23.12
C PRO K 490 -20.39 -37.87 -22.05
N GLN K 491 -20.62 -36.65 -21.60
CA GLN K 491 -19.83 -36.06 -20.51
C GLN K 491 -20.79 -35.57 -19.45
N PRO K 492 -21.26 -36.47 -18.59
CA PRO K 492 -22.15 -36.06 -17.51
C PRO K 492 -21.44 -35.16 -16.51
N ALA K 493 -22.21 -34.27 -15.90
CA ALA K 493 -21.73 -33.43 -14.83
C ALA K 493 -22.78 -33.38 -13.74
N PHE K 494 -22.33 -33.13 -12.50
CA PHE K 494 -23.21 -33.15 -11.34
C PHE K 494 -23.90 -31.79 -11.22
N PHE K 495 -24.94 -31.61 -12.03
CA PHE K 495 -25.81 -30.45 -11.93
C PHE K 495 -26.81 -30.68 -10.82
N ASN K 496 -26.88 -29.78 -9.85
CA ASN K 496 -27.90 -29.92 -8.82
C ASN K 496 -29.20 -29.28 -9.30
N LYS K 497 -30.22 -29.31 -8.44
CA LYS K 497 -31.54 -28.88 -8.83
C LYS K 497 -31.68 -27.37 -8.99
N ASP K 498 -30.67 -26.60 -8.59
CA ASP K 498 -30.78 -25.14 -8.57
C ASP K 498 -29.87 -24.45 -9.57
N THR K 499 -29.16 -25.19 -10.41
CA THR K 499 -28.32 -24.57 -11.41
C THR K 499 -29.16 -23.86 -12.46
N ARG K 500 -28.74 -22.66 -12.85
CA ARG K 500 -29.43 -21.88 -13.87
C ARG K 500 -28.49 -21.62 -15.03
N ARG K 501 -28.93 -21.98 -16.23
CA ARG K 501 -28.08 -21.90 -17.41
C ARG K 501 -27.89 -20.45 -17.84
N ILE K 502 -26.74 -20.19 -18.47
CA ILE K 502 -26.43 -18.88 -19.04
C ILE K 502 -26.75 -18.93 -20.52
N LEU K 503 -27.65 -18.06 -20.97
CA LEU K 503 -28.11 -18.05 -22.35
C LEU K 503 -27.77 -16.73 -23.00
N ILE K 504 -27.48 -16.79 -24.30
CA ILE K 504 -27.13 -15.61 -25.08
C ILE K 504 -28.40 -15.08 -25.73
N GLY K 505 -28.80 -13.87 -25.35
CA GLY K 505 -29.99 -13.27 -25.92
C GLY K 505 -29.79 -12.95 -27.39
N SER K 506 -30.85 -13.18 -28.17
CA SER K 506 -30.81 -12.96 -29.60
C SER K 506 -31.11 -11.52 -29.99
N GLY K 507 -31.67 -10.72 -29.09
CA GLY K 507 -32.02 -9.36 -29.41
C GLY K 507 -33.28 -9.19 -30.24
N ALA K 508 -34.02 -10.27 -30.48
CA ALA K 508 -35.24 -10.18 -31.27
C ALA K 508 -36.39 -9.68 -30.39
N GLY K 509 -37.47 -9.28 -31.06
CA GLY K 509 -38.64 -8.77 -30.38
C GLY K 509 -39.06 -7.40 -30.85
N SER K 510 -40.28 -7.01 -30.53
CA SER K 510 -40.76 -5.69 -30.90
C SER K 510 -40.02 -4.62 -30.08
N PRO K 511 -39.89 -3.41 -30.61
CA PRO K 511 -39.15 -2.36 -29.88
C PRO K 511 -39.73 -2.04 -28.52
N ASP K 512 -41.05 -2.13 -28.34
CA ASP K 512 -41.62 -1.87 -27.03
C ASP K 512 -41.24 -2.97 -26.03
N LYS K 513 -41.10 -4.20 -26.48
CA LYS K 513 -40.65 -5.30 -25.62
C LYS K 513 -39.14 -5.49 -25.75
N LEU K 514 -38.42 -4.42 -25.43
CA LEU K 514 -36.97 -4.39 -25.52
C LEU K 514 -36.45 -3.47 -24.42
N ASN K 515 -35.19 -3.05 -24.54
CA ASN K 515 -34.49 -2.14 -23.66
C ASN K 515 -34.22 -2.73 -22.28
N GLY K 516 -34.69 -3.94 -21.99
CA GLY K 516 -34.34 -4.63 -20.77
C GLY K 516 -33.33 -5.71 -21.03
N ASN K 517 -33.41 -6.31 -22.22
CA ASN K 517 -32.45 -7.30 -22.70
C ASN K 517 -32.09 -7.01 -24.15
N ALA K 518 -31.83 -5.74 -24.44
CA ALA K 518 -31.48 -5.32 -25.81
C ALA K 518 -30.00 -5.47 -26.11
N LEU K 519 -29.18 -5.84 -25.13
CA LEU K 519 -27.75 -5.96 -25.35
C LEU K 519 -27.35 -7.25 -26.04
N GLY K 520 -28.27 -8.20 -26.19
CA GLY K 520 -27.97 -9.42 -26.91
C GLY K 520 -28.04 -9.23 -28.41
N LYS K 521 -27.24 -10.02 -29.11
CA LYS K 521 -27.24 -10.01 -30.57
C LYS K 521 -26.75 -11.35 -31.05
N VAL K 522 -27.56 -12.03 -31.86
CA VAL K 522 -27.22 -13.35 -32.36
C VAL K 522 -27.40 -13.34 -33.88
N PRO K 523 -26.44 -13.86 -34.64
CA PRO K 523 -26.61 -13.94 -36.10
C PRO K 523 -27.81 -14.79 -36.47
N GLY K 524 -28.46 -14.43 -37.58
CA GLY K 524 -29.62 -15.15 -38.03
C GLY K 524 -30.88 -14.86 -37.27
N SER K 525 -30.95 -13.72 -36.60
CA SER K 525 -32.12 -13.34 -35.83
C SER K 525 -32.91 -12.27 -36.59
N LEU K 526 -34.19 -12.52 -36.79
CA LEU K 526 -35.09 -11.53 -37.38
C LEU K 526 -35.58 -10.65 -36.24
N GLY K 527 -34.96 -9.48 -36.09
CA GLY K 527 -35.14 -8.69 -34.88
C GLY K 527 -36.55 -8.22 -34.62
N THR K 528 -37.04 -7.25 -35.40
CA THR K 528 -38.37 -6.72 -35.19
C THR K 528 -39.41 -7.43 -36.03
N ARG K 529 -39.01 -8.45 -36.78
CA ARG K 529 -39.93 -9.19 -37.63
C ARG K 529 -40.61 -10.31 -36.85
N VAL K 530 -41.42 -9.92 -35.90
CA VAL K 530 -42.26 -10.85 -35.15
C VAL K 530 -43.64 -10.86 -35.78
N LEU K 531 -44.31 -12.00 -35.69
CA LEU K 531 -45.64 -12.16 -36.26
C LEU K 531 -46.67 -11.79 -35.19
N LYS K 532 -47.42 -10.72 -35.44
CA LYS K 532 -48.40 -10.22 -34.51
C LYS K 532 -49.71 -10.01 -35.24
N LEU K 533 -50.81 -10.40 -34.59
CA LEU K 533 -52.15 -10.29 -35.16
C LEU K 533 -53.06 -9.62 -34.14
N GLU K 534 -53.43 -8.37 -34.41
CA GLU K 534 -54.35 -7.68 -33.51
C GLU K 534 -55.73 -8.35 -33.57
N PRO K 535 -56.42 -8.45 -32.44
CA PRO K 535 -57.73 -9.12 -32.44
C PRO K 535 -58.74 -8.38 -33.28
N LEU K 536 -59.65 -9.16 -33.88
CA LEU K 536 -60.73 -8.58 -34.67
C LEU K 536 -61.84 -8.09 -33.75
N HIS K 537 -62.50 -7.01 -34.16
CA HIS K 537 -63.60 -6.45 -33.38
C HIS K 537 -64.84 -6.26 -34.24
N GLY K 550 -72.30 -5.88 -39.46
CA GLY K 550 -73.37 -6.56 -40.17
C GLY K 550 -73.23 -6.46 -41.67
N HIS K 551 -72.14 -5.87 -42.13
CA HIS K 551 -71.87 -5.69 -43.54
C HIS K 551 -70.60 -6.42 -43.92
N GLN K 552 -70.55 -6.87 -45.18
CA GLN K 552 -69.39 -7.62 -45.64
C GLN K 552 -68.18 -6.71 -45.80
N SER K 553 -67.00 -7.28 -45.61
CA SER K 553 -65.77 -6.53 -45.63
C SER K 553 -65.43 -6.08 -47.05
N PRO K 554 -64.53 -5.10 -47.20
CA PRO K 554 -64.09 -4.71 -48.53
C PRO K 554 -63.32 -5.82 -49.22
N SER K 555 -63.23 -5.72 -50.54
CA SER K 555 -62.56 -6.73 -51.33
C SER K 555 -61.07 -6.81 -50.98
N VAL K 556 -60.42 -5.66 -50.83
CA VAL K 556 -58.99 -5.59 -50.56
C VAL K 556 -58.82 -4.90 -49.21
N ASN K 557 -58.53 -5.68 -48.19
CA ASN K 557 -58.16 -5.15 -46.87
C ASN K 557 -56.80 -5.73 -46.52
N LEU K 558 -55.83 -4.86 -46.27
CA LEU K 558 -54.43 -5.26 -46.18
C LEU K 558 -53.92 -5.09 -44.76
N LEU K 559 -53.40 -6.17 -44.19
CA LEU K 559 -52.66 -6.13 -42.95
C LEU K 559 -51.16 -6.20 -43.26
N HIS K 560 -50.34 -6.24 -42.21
CA HIS K 560 -48.90 -6.37 -42.43
C HIS K 560 -48.58 -7.67 -43.14
N HIS K 561 -49.21 -8.76 -42.72
CA HIS K 561 -49.12 -10.05 -43.39
C HIS K 561 -50.52 -10.48 -43.80
N SER K 562 -50.65 -10.99 -45.02
CA SER K 562 -51.91 -11.58 -45.43
C SER K 562 -52.22 -12.78 -44.56
N SER K 563 -53.50 -13.15 -44.51
CA SER K 563 -53.90 -14.28 -43.67
C SER K 563 -53.13 -15.56 -44.00
N PRO K 564 -53.03 -15.99 -45.27
CA PRO K 564 -52.17 -17.15 -45.55
C PRO K 564 -50.73 -16.95 -45.14
N ALA K 565 -50.19 -15.73 -45.31
CA ALA K 565 -48.81 -15.48 -44.93
C ALA K 565 -48.62 -15.58 -43.42
N PHE K 566 -49.56 -15.01 -42.65
CA PHE K 566 -49.47 -15.11 -41.20
C PHE K 566 -49.60 -16.56 -40.73
N ILE K 567 -50.53 -17.30 -41.33
CA ILE K 567 -50.71 -18.69 -40.94
C ILE K 567 -49.47 -19.51 -41.27
N GLU K 568 -48.87 -19.26 -42.43
CA GLU K 568 -47.62 -19.94 -42.78
C GLU K 568 -46.50 -19.57 -41.83
N GLY K 569 -46.44 -18.31 -41.41
CA GLY K 569 -45.44 -17.91 -40.43
C GLY K 569 -45.63 -18.61 -39.09
N ALA K 570 -46.88 -18.72 -38.64
CA ALA K 570 -47.16 -19.42 -37.40
C ALA K 570 -46.77 -20.89 -37.51
N TYR K 571 -47.10 -21.54 -38.63
CA TYR K 571 -46.71 -22.92 -38.83
C TYR K 571 -45.20 -23.06 -38.86
N ARG K 572 -44.52 -22.13 -39.53
CA ARG K 572 -43.07 -22.18 -39.65
C ARG K 572 -42.39 -21.94 -38.32
N GLN K 573 -43.03 -21.23 -37.40
CA GLN K 573 -42.42 -21.08 -36.09
C GLN K 573 -42.70 -22.27 -35.18
N VAL K 574 -43.95 -22.72 -35.14
CA VAL K 574 -44.30 -23.82 -34.25
C VAL K 574 -43.63 -25.11 -34.70
N PHE K 575 -43.72 -25.42 -35.99
CA PHE K 575 -43.16 -26.66 -36.51
C PHE K 575 -41.72 -26.51 -37.00
N GLY K 576 -41.19 -25.29 -37.03
CA GLY K 576 -39.88 -25.04 -37.58
C GLY K 576 -39.84 -24.90 -39.09
N ARG K 577 -40.83 -25.43 -39.79
CA ARG K 577 -40.86 -25.38 -41.24
C ARG K 577 -42.31 -25.53 -41.70
N SER K 578 -42.53 -25.24 -42.97
CA SER K 578 -43.85 -25.42 -43.56
C SER K 578 -44.17 -26.89 -43.68
N LEU K 579 -45.41 -27.23 -43.34
CA LEU K 579 -45.87 -28.61 -43.48
C LEU K 579 -46.09 -28.93 -44.96
N TYR K 580 -46.33 -30.21 -45.24
CA TYR K 580 -46.62 -30.63 -46.60
C TYR K 580 -48.07 -30.28 -46.94
N GLU K 581 -48.51 -30.68 -48.13
CA GLU K 581 -49.75 -30.16 -48.67
C GLU K 581 -50.95 -30.53 -47.80
N GLY K 582 -51.25 -31.81 -47.69
CA GLY K 582 -52.45 -32.20 -46.97
C GLY K 582 -52.36 -32.14 -45.47
N GLN K 583 -51.15 -31.97 -44.92
CA GLN K 583 -50.96 -32.08 -43.48
C GLN K 583 -51.68 -31.01 -42.69
N ARG K 584 -52.07 -29.90 -43.33
CA ARG K 584 -52.80 -28.84 -42.64
C ARG K 584 -54.30 -29.12 -42.58
N GLN K 585 -54.76 -30.23 -43.14
CA GLN K 585 -56.18 -30.55 -43.13
C GLN K 585 -56.77 -30.63 -41.73
N PRO K 586 -56.16 -31.31 -40.75
CA PRO K 586 -56.81 -31.40 -39.42
C PRO K 586 -57.00 -30.08 -38.73
N LEU K 587 -56.26 -29.04 -39.09
CA LEU K 587 -56.28 -27.78 -38.37
C LEU K 587 -57.08 -26.70 -39.07
N SER K 588 -57.73 -27.02 -40.19
CA SER K 588 -58.41 -26.01 -40.99
C SER K 588 -59.43 -25.24 -40.16
N SER K 589 -60.28 -25.95 -39.41
CA SER K 589 -61.25 -25.27 -38.56
C SER K 589 -60.56 -24.32 -37.59
N THR K 590 -59.47 -24.77 -36.98
CA THR K 590 -58.73 -23.89 -36.09
C THR K 590 -58.30 -22.62 -36.81
N GLU K 591 -57.76 -22.76 -38.04
CA GLU K 591 -57.39 -21.59 -38.80
C GLU K 591 -58.58 -20.67 -38.99
N SER K 592 -59.74 -21.23 -39.29
CA SER K 592 -60.94 -20.41 -39.43
C SER K 592 -61.22 -19.63 -38.16
N LYS K 593 -61.11 -20.30 -37.01
CA LYS K 593 -61.39 -19.62 -35.75
C LYS K 593 -60.36 -18.53 -35.48
N LEU K 594 -59.16 -18.65 -36.06
CA LEU K 594 -58.20 -17.58 -35.91
C LEU K 594 -58.53 -16.41 -36.82
N LEU K 595 -59.08 -16.71 -38.01
CA LEU K 595 -59.38 -15.64 -38.96
C LEU K 595 -60.64 -14.89 -38.59
N GLY K 596 -61.57 -15.55 -37.90
CA GLY K 596 -62.79 -14.93 -37.46
C GLY K 596 -62.72 -14.29 -36.09
N GLY K 597 -61.56 -14.28 -35.45
CA GLY K 597 -61.41 -13.69 -34.14
C GLY K 597 -61.95 -14.51 -33.01
N GLU K 598 -62.36 -15.76 -33.26
CA GLU K 598 -62.87 -16.61 -32.19
C GLU K 598 -61.78 -16.93 -31.17
N ILE K 599 -60.55 -17.15 -31.64
CA ILE K 599 -59.43 -17.49 -30.76
C ILE K 599 -58.28 -16.54 -31.06
N SER K 600 -57.40 -16.41 -30.08
CA SER K 600 -56.24 -15.56 -30.22
C SER K 600 -55.08 -16.33 -30.86
N VAL K 601 -53.98 -15.63 -31.11
CA VAL K 601 -52.80 -16.30 -31.64
C VAL K 601 -52.25 -17.29 -30.63
N ARG K 602 -52.38 -16.99 -29.33
CA ARG K 602 -51.94 -17.94 -28.31
C ARG K 602 -52.72 -19.24 -28.39
N GLU K 603 -54.04 -19.15 -28.55
CA GLU K 603 -54.84 -20.36 -28.68
C GLU K 603 -54.55 -21.11 -29.98
N PHE K 604 -54.31 -20.37 -31.06
CA PHE K 604 -53.93 -21.00 -32.31
C PHE K 604 -52.62 -21.76 -32.18
N VAL K 605 -51.64 -21.15 -31.50
CA VAL K 605 -50.36 -21.81 -31.27
C VAL K 605 -50.55 -23.05 -30.41
N ARG K 606 -51.39 -22.95 -29.37
CA ARG K 606 -51.65 -24.10 -28.53
C ARG K 606 -52.28 -25.24 -29.32
N GLN K 607 -53.21 -24.91 -30.20
CA GLN K 607 -53.85 -25.95 -31.01
C GLN K 607 -52.86 -26.55 -32.01
N LEU K 608 -51.97 -25.73 -32.57
CA LEU K 608 -50.94 -26.26 -33.47
C LEU K 608 -50.02 -27.21 -32.75
N ALA K 609 -49.61 -26.88 -31.53
CA ALA K 609 -48.71 -27.74 -30.79
C ALA K 609 -49.40 -28.99 -30.26
N LYS K 610 -50.71 -28.97 -30.15
CA LYS K 610 -51.47 -30.13 -29.70
C LYS K 610 -51.87 -31.07 -30.82
N SER K 611 -51.60 -30.70 -32.07
CA SER K 611 -52.03 -31.51 -33.20
C SER K 611 -51.22 -32.80 -33.27
N LYS K 612 -51.80 -33.78 -33.98
CA LYS K 612 -51.12 -35.07 -34.11
C LYS K 612 -49.86 -34.96 -34.94
N VAL K 613 -49.78 -33.99 -35.85
CA VAL K 613 -48.57 -33.80 -36.64
C VAL K 613 -47.42 -33.38 -35.73
N PHE K 614 -47.67 -32.42 -34.85
CA PHE K 614 -46.65 -31.99 -33.91
C PHE K 614 -46.26 -33.11 -32.98
N ARG K 615 -47.24 -33.87 -32.50
CA ARG K 615 -46.95 -34.99 -31.60
C ARG K 615 -46.10 -36.04 -32.29
N SER K 616 -46.40 -36.36 -33.55
CA SER K 616 -45.60 -37.34 -34.26
C SER K 616 -44.22 -36.81 -34.59
N LEU K 617 -44.10 -35.51 -34.84
CA LEU K 617 -42.81 -34.94 -35.23
C LEU K 617 -41.87 -34.82 -34.04
N TYR K 618 -42.39 -34.44 -32.87
CA TYR K 618 -41.53 -34.05 -31.77
C TYR K 618 -41.85 -34.75 -30.45
N TRP K 619 -42.77 -35.68 -30.43
CA TRP K 619 -43.06 -36.36 -29.17
C TRP K 619 -43.07 -37.87 -29.28
N ASP K 620 -43.56 -38.41 -30.40
CA ASP K 620 -43.85 -39.84 -30.46
C ASP K 620 -42.58 -40.67 -30.49
N SER K 621 -41.54 -40.19 -31.15
CA SER K 621 -40.30 -40.94 -31.32
C SER K 621 -39.11 -40.20 -30.72
N LEU K 622 -39.31 -39.56 -29.57
CA LEU K 622 -38.26 -38.81 -28.91
C LEU K 622 -38.17 -39.24 -27.46
N TYR K 623 -36.93 -39.31 -26.96
CA TYR K 623 -36.72 -39.45 -25.53
C TYR K 623 -37.46 -38.34 -24.80
N VAL K 624 -38.06 -38.67 -23.67
CA VAL K 624 -39.08 -37.80 -23.08
C VAL K 624 -38.52 -36.43 -22.75
N THR K 625 -37.37 -36.38 -22.07
CA THR K 625 -36.82 -35.08 -21.72
C THR K 625 -36.22 -34.37 -22.92
N LYS K 626 -35.74 -35.12 -23.91
CA LYS K 626 -35.34 -34.50 -25.17
C LYS K 626 -36.52 -33.82 -25.84
N ALA K 627 -37.68 -34.49 -25.86
CA ALA K 627 -38.88 -33.88 -26.40
C ALA K 627 -39.30 -32.67 -25.58
N ILE K 628 -39.19 -32.76 -24.25
CA ILE K 628 -39.53 -31.62 -23.40
C ILE K 628 -38.66 -30.43 -23.76
N GLU K 629 -37.35 -30.64 -23.86
CA GLU K 629 -36.44 -29.54 -24.16
C GLU K 629 -36.71 -28.95 -25.53
N TYR K 630 -36.94 -29.79 -26.53
CA TYR K 630 -37.16 -29.26 -27.88
C TYR K 630 -38.48 -28.51 -27.97
N ILE K 631 -39.54 -29.04 -27.36
CA ILE K 631 -40.82 -28.36 -27.40
C ILE K 631 -40.75 -27.04 -26.64
N HIS K 632 -40.00 -27.02 -25.54
CA HIS K 632 -39.79 -25.77 -24.82
C HIS K 632 -39.06 -24.76 -25.68
N ARG K 633 -38.05 -25.20 -26.42
CA ARG K 633 -37.32 -24.27 -27.30
C ARG K 633 -38.21 -23.76 -28.42
N ARG K 634 -39.12 -24.59 -28.91
CA ARG K 634 -39.99 -24.15 -30.00
C ARG K 634 -41.09 -23.22 -29.52
N LEU K 635 -41.62 -23.43 -28.32
CA LEU K 635 -42.76 -22.63 -27.87
C LEU K 635 -42.34 -21.42 -27.03
N MET K 636 -41.43 -21.61 -26.09
CA MET K 636 -40.95 -20.50 -25.27
C MET K 636 -39.88 -19.69 -25.97
N GLY K 637 -39.29 -20.21 -27.03
CA GLY K 637 -38.24 -19.50 -27.73
C GLY K 637 -36.88 -19.55 -27.09
N ARG K 638 -36.71 -20.29 -26.01
CA ARG K 638 -35.44 -20.39 -25.30
C ARG K 638 -35.28 -21.78 -24.73
N PRO K 639 -34.05 -22.21 -24.48
CA PRO K 639 -33.84 -23.44 -23.72
C PRO K 639 -34.26 -23.27 -22.27
N THR K 640 -34.54 -24.39 -21.62
CA THR K 640 -34.86 -24.35 -20.21
C THR K 640 -33.63 -23.93 -19.40
N TYR K 641 -33.87 -23.29 -18.27
CA TYR K 641 -32.77 -22.78 -17.46
C TYR K 641 -32.07 -23.90 -16.71
N GLY K 642 -32.81 -24.82 -16.13
CA GLY K 642 -32.18 -25.84 -15.34
C GLY K 642 -33.13 -26.92 -14.92
N ARG K 643 -32.73 -27.65 -13.88
CA ARG K 643 -33.48 -28.81 -13.42
C ARG K 643 -34.79 -28.43 -12.75
N GLN K 644 -35.00 -27.17 -12.40
CA GLN K 644 -36.28 -26.76 -11.84
C GLN K 644 -37.38 -26.86 -12.88
N GLU K 645 -37.21 -26.15 -14.00
CA GLU K 645 -38.19 -26.23 -15.08
C GLU K 645 -38.24 -27.63 -15.69
N MET K 646 -37.08 -28.26 -15.86
CA MET K 646 -37.06 -29.59 -16.45
C MET K 646 -37.79 -30.58 -15.56
N ASN K 647 -37.59 -30.50 -14.25
CA ASN K 647 -38.29 -31.40 -13.33
C ASN K 647 -39.79 -31.11 -13.32
N ARG K 648 -40.17 -29.83 -13.34
CA ARG K 648 -41.59 -29.50 -13.35
C ARG K 648 -42.28 -30.05 -14.58
N TYR K 649 -41.68 -29.85 -15.76
CA TYR K 649 -42.27 -30.34 -16.99
C TYR K 649 -42.21 -31.86 -17.08
N TYR K 650 -41.16 -32.47 -16.54
CA TYR K 650 -41.08 -33.92 -16.54
C TYR K 650 -42.15 -34.53 -15.64
N ASP K 651 -42.41 -33.91 -14.49
CA ASP K 651 -43.48 -34.37 -13.63
C ASP K 651 -44.84 -34.21 -14.31
N ILE K 652 -45.04 -33.09 -15.01
CA ILE K 652 -46.29 -32.90 -15.74
C ILE K 652 -46.45 -33.98 -16.81
N CYS K 653 -45.37 -34.27 -17.54
CA CYS K 653 -45.42 -35.31 -18.56
C CYS K 653 -45.66 -36.69 -17.96
N ALA K 654 -45.12 -36.94 -16.77
CA ALA K 654 -45.27 -38.24 -16.14
C ALA K 654 -46.69 -38.45 -15.61
N THR K 655 -47.28 -37.40 -15.05
CA THR K 655 -48.58 -37.56 -14.41
C THR K 655 -49.75 -37.39 -15.38
N ARG K 656 -49.67 -36.44 -16.29
CA ARG K 656 -50.81 -36.12 -17.15
C ARG K 656 -50.54 -36.36 -18.62
N GLY K 657 -49.37 -35.99 -19.13
CA GLY K 657 -49.03 -36.39 -20.48
C GLY K 657 -48.58 -35.23 -21.33
N PHE K 658 -48.71 -35.42 -22.65
CA PHE K 658 -48.18 -34.46 -23.61
C PHE K 658 -49.05 -33.21 -23.71
N TYR K 659 -50.36 -33.38 -23.74
CA TYR K 659 -51.25 -32.23 -23.86
C TYR K 659 -51.16 -31.33 -22.64
N ALA K 660 -51.04 -31.92 -21.46
CA ALA K 660 -50.83 -31.12 -20.25
C ALA K 660 -49.49 -30.40 -20.30
N LEU K 661 -48.47 -31.01 -20.90
CA LEU K 661 -47.19 -30.31 -21.07
C LEU K 661 -47.34 -29.10 -21.97
N ILE K 662 -48.06 -29.25 -23.08
CA ILE K 662 -48.29 -28.11 -23.97
C ILE K 662 -49.07 -27.02 -23.25
N ASP K 663 -50.09 -27.40 -22.49
CA ASP K 663 -50.86 -26.42 -21.72
C ASP K 663 -49.98 -25.72 -20.69
N ALA K 664 -49.12 -26.47 -20.02
CA ALA K 664 -48.25 -25.87 -19.00
C ALA K 664 -47.28 -24.88 -19.61
N ILE K 665 -46.75 -25.20 -20.79
CA ILE K 665 -45.83 -24.28 -21.44
C ILE K 665 -46.55 -23.03 -21.92
N ILE K 666 -47.71 -23.21 -22.57
CA ILE K 666 -48.42 -22.07 -23.14
C ILE K 666 -49.03 -21.20 -22.05
N ASP K 667 -49.53 -21.80 -20.98
CA ASP K 667 -50.19 -21.05 -19.92
C ASP K 667 -49.21 -20.48 -18.90
N SER K 668 -47.90 -20.65 -19.10
CA SER K 668 -46.94 -20.12 -18.15
C SER K 668 -46.96 -18.60 -18.16
N PRO K 669 -46.71 -17.97 -17.01
CA PRO K 669 -46.64 -16.50 -16.99
C PRO K 669 -45.58 -15.92 -17.87
N GLU K 670 -44.45 -16.62 -18.07
CA GLU K 670 -43.41 -16.11 -18.95
C GLU K 670 -43.88 -16.05 -20.39
N TYR K 671 -44.68 -17.02 -20.82
CA TYR K 671 -45.23 -16.96 -22.17
C TYR K 671 -46.10 -15.72 -22.34
N LEU K 672 -46.94 -15.41 -21.34
CA LEU K 672 -47.76 -14.22 -21.42
C LEU K 672 -46.91 -12.96 -21.42
N GLU K 673 -45.83 -12.95 -20.62
CA GLU K 673 -44.97 -11.78 -20.57
C GLU K 673 -44.27 -11.54 -21.90
N CYS K 674 -43.81 -12.60 -22.55
CA CYS K 674 -43.00 -12.45 -23.75
C CYS K 674 -43.83 -12.33 -25.02
N PHE K 675 -44.86 -13.16 -25.17
CA PHE K 675 -45.63 -13.20 -26.40
C PHE K 675 -47.08 -12.77 -26.24
N GLY K 676 -47.59 -12.72 -25.02
CA GLY K 676 -48.97 -12.28 -24.83
C GLY K 676 -49.94 -13.21 -25.51
N GLU K 677 -51.00 -12.62 -26.08
CA GLU K 677 -52.03 -13.38 -26.77
C GLU K 677 -51.98 -13.25 -28.27
N ASN K 678 -51.23 -12.28 -28.81
CA ASN K 678 -51.32 -11.94 -30.22
C ASN K 678 -50.03 -12.17 -30.99
N THR K 679 -48.94 -12.58 -30.34
CA THR K 679 -47.66 -12.73 -30.99
C THR K 679 -47.31 -14.21 -31.12
N VAL K 680 -46.90 -14.59 -32.31
CA VAL K 680 -46.30 -15.92 -32.51
C VAL K 680 -44.96 -15.97 -31.79
N PRO K 681 -44.62 -17.05 -31.10
CA PRO K 681 -43.32 -17.13 -30.44
C PRO K 681 -42.16 -16.95 -31.41
N TYR K 682 -41.00 -16.63 -30.85
CA TYR K 682 -39.79 -16.47 -31.64
C TYR K 682 -38.59 -16.79 -30.76
N GLU K 683 -37.46 -17.02 -31.42
CA GLU K 683 -36.25 -17.37 -30.70
C GLU K 683 -35.71 -16.16 -29.95
N ARG K 684 -35.53 -16.32 -28.64
CA ARG K 684 -35.05 -15.25 -27.79
C ARG K 684 -33.69 -15.52 -27.17
N TYR K 685 -33.29 -16.77 -27.04
CA TYR K 685 -32.00 -17.11 -26.47
C TYR K 685 -31.41 -18.30 -27.22
N VAL K 686 -30.09 -18.35 -27.28
CA VAL K 686 -29.36 -19.47 -27.84
C VAL K 686 -28.27 -19.86 -26.85
N THR K 687 -27.75 -21.07 -27.03
CA THR K 687 -26.63 -21.51 -26.21
C THR K 687 -25.32 -20.99 -26.79
N ALA K 688 -24.24 -21.27 -26.06
CA ALA K 688 -22.92 -20.85 -26.53
C ALA K 688 -22.54 -21.56 -27.82
N ARG K 689 -22.77 -22.88 -27.88
CA ARG K 689 -22.43 -23.63 -29.08
C ARG K 689 -23.32 -23.23 -30.25
N GLY K 690 -24.61 -23.02 -30.01
CA GLY K 690 -25.49 -22.58 -31.08
C GLY K 690 -25.11 -21.21 -31.60
N TYR K 691 -24.69 -20.31 -30.72
CA TYR K 691 -24.18 -19.02 -31.15
C TYR K 691 -22.92 -19.18 -31.98
N LEU K 692 -22.02 -20.06 -31.55
CA LEU K 692 -20.75 -20.23 -32.26
C LEU K 692 -20.94 -20.88 -33.62
N MET K 693 -21.94 -21.75 -33.77
CA MET K 693 -22.17 -22.38 -35.06
C MET K 693 -22.65 -21.39 -36.10
N ARG K 694 -23.28 -20.29 -35.69
CA ARG K 694 -23.76 -19.27 -36.60
C ARG K 694 -22.74 -18.17 -36.86
N SER K 695 -21.56 -18.25 -36.26
CA SER K 695 -20.50 -17.26 -36.46
C SER K 695 -19.25 -17.99 -36.91
N PRO K 696 -19.19 -18.43 -38.16
CA PRO K 696 -18.03 -19.16 -38.66
C PRO K 696 -16.95 -18.30 -39.28
N ARG K 697 -17.14 -16.98 -39.37
CA ARG K 697 -16.18 -16.09 -40.01
C ARG K 697 -15.55 -15.20 -38.96
N HIS K 698 -14.21 -15.18 -38.94
CA HIS K 698 -13.46 -14.37 -37.99
C HIS K 698 -12.40 -13.51 -38.68
N GLU K 699 -12.47 -13.35 -40.00
CA GLU K 699 -11.47 -12.59 -40.73
C GLU K 699 -11.44 -11.13 -40.33
N ASN K 700 -12.53 -10.61 -39.77
CA ASN K 700 -12.59 -9.21 -39.36
C ASN K 700 -11.78 -8.95 -38.10
N GLN K 701 -11.47 -9.98 -37.31
CA GLN K 701 -10.73 -9.82 -36.07
C GLN K 701 -9.24 -10.11 -36.22
N LEU K 702 -8.78 -10.47 -37.41
CA LEU K 702 -7.39 -10.83 -37.64
C LEU K 702 -6.61 -9.72 -38.33
N ARG K 703 -6.89 -8.47 -37.95
CA ARG K 703 -6.23 -7.30 -38.50
C ARG K 703 -4.76 -7.20 -38.10
N ARG K 704 -4.19 -8.24 -37.49
CA ARG K 704 -2.79 -8.30 -37.09
C ARG K 704 -2.50 -7.31 -35.97
N GLU K 705 -1.28 -7.33 -35.45
CA GLU K 705 -0.90 -6.45 -34.35
C GLU K 705 0.57 -6.06 -34.42
N THR K 710 6.41 2.42 -38.70
CA THR K 710 6.25 3.86 -38.55
C THR K 710 7.61 4.54 -38.43
N VAL K 711 7.63 5.70 -37.81
CA VAL K 711 8.90 6.40 -37.56
C VAL K 711 9.70 5.63 -36.50
N PRO K 712 10.97 5.34 -36.73
CA PRO K 712 11.75 4.60 -35.74
C PRO K 712 11.88 5.39 -34.45
N ASP K 713 11.86 4.68 -33.33
CA ASP K 713 12.01 5.30 -32.03
C ASP K 713 13.47 5.41 -31.60
N LYS K 714 14.40 4.91 -32.40
CA LYS K 714 15.81 4.98 -32.10
C LYS K 714 16.58 5.42 -33.33
N TYR K 715 17.54 6.32 -33.13
CA TYR K 715 18.45 6.73 -34.19
C TYR K 715 19.61 5.76 -34.26
N ASN K 716 19.96 5.36 -35.48
CA ASN K 716 21.05 4.42 -35.71
C ASN K 716 20.84 3.13 -34.93
N PRO K 717 19.84 2.33 -35.28
CA PRO K 717 19.54 1.13 -34.49
C PRO K 717 20.54 0.01 -34.73
N ARG K 718 20.63 -0.89 -33.76
CA ARG K 718 21.39 -2.13 -33.86
C ARG K 718 22.87 -1.88 -34.14
N LYS K 719 23.44 -0.93 -33.40
CA LYS K 719 24.85 -0.58 -33.52
C LYS K 719 25.47 -0.49 -32.14
N ALA K 720 26.74 -0.86 -32.06
CA ALA K 720 27.47 -0.85 -30.81
C ALA K 720 28.11 0.51 -30.56
N ASN K 721 28.33 0.82 -29.28
CA ASN K 721 28.95 2.08 -28.91
C ASN K 721 30.44 2.07 -29.23
N TRP K 722 30.96 3.25 -29.57
CA TRP K 722 32.40 3.48 -29.72
C TRP K 722 33.03 2.52 -30.73
N ALA K 723 32.33 2.27 -31.83
CA ALA K 723 32.86 1.40 -32.86
C ALA K 723 34.03 2.07 -33.57
N ALA K 724 35.12 1.33 -33.73
CA ALA K 724 36.30 1.87 -34.40
C ALA K 724 36.02 2.17 -35.87
N MET L 1 -18.99 -62.01 -13.61
CA MET L 1 -19.16 -63.44 -13.75
C MET L 1 -19.77 -64.03 -12.48
N GLN L 2 -20.88 -64.74 -12.65
CA GLN L 2 -21.59 -65.33 -11.54
C GLN L 2 -22.38 -66.53 -12.04
N ASP L 3 -22.35 -67.61 -11.29
CA ASP L 3 -23.05 -68.83 -11.63
C ASP L 3 -24.27 -69.01 -10.71
N ALA L 4 -24.99 -70.10 -10.91
CA ALA L 4 -26.20 -70.34 -10.13
C ALA L 4 -25.89 -70.51 -8.65
N ILE L 5 -24.80 -71.21 -8.34
CA ILE L 5 -24.43 -71.42 -6.94
C ILE L 5 -24.15 -70.09 -6.27
N THR L 6 -23.42 -69.20 -6.95
CA THR L 6 -23.14 -67.89 -6.38
C THR L 6 -24.42 -67.10 -6.13
N ALA L 7 -25.36 -67.14 -7.08
CA ALA L 7 -26.61 -66.42 -6.91
C ALA L 7 -27.38 -66.95 -5.70
N LEU L 8 -27.45 -68.27 -5.55
CA LEU L 8 -28.21 -68.84 -4.44
C LEU L 8 -27.53 -68.58 -3.12
N ILE L 9 -26.21 -68.70 -3.07
CA ILE L 9 -25.46 -68.42 -1.84
C ILE L 9 -25.66 -66.96 -1.44
N ASN L 10 -25.61 -66.06 -2.42
CA ASN L 10 -25.79 -64.64 -2.12
C ASN L 10 -27.20 -64.34 -1.63
N SER L 11 -28.21 -64.96 -2.25
CA SER L 11 -29.58 -64.72 -1.81
C SER L 11 -29.79 -65.22 -0.39
N SER L 12 -29.18 -66.35 -0.04
CA SER L 12 -29.29 -66.82 1.34
C SER L 12 -28.47 -65.96 2.29
N ASP L 13 -27.32 -65.46 1.84
CA ASP L 13 -26.41 -64.74 2.70
C ASP L 13 -26.88 -63.32 3.00
N VAL L 14 -27.66 -62.72 2.08
CA VAL L 14 -28.16 -61.37 2.31
C VAL L 14 -29.06 -61.35 3.55
N GLN L 15 -29.91 -62.36 3.70
CA GLN L 15 -30.75 -62.48 4.87
C GLN L 15 -30.07 -63.23 6.02
N GLY L 16 -28.82 -63.64 5.83
CA GLY L 16 -28.05 -64.25 6.91
C GLY L 16 -28.61 -65.56 7.39
N ARG L 17 -29.09 -66.40 6.48
CA ARG L 17 -29.70 -67.66 6.84
C ARG L 17 -29.09 -68.77 6.01
N TYR L 18 -29.13 -69.98 6.56
CA TYR L 18 -28.62 -71.15 5.87
C TYR L 18 -29.43 -71.42 4.61
N LEU L 19 -29.01 -72.43 3.85
CA LEU L 19 -29.69 -72.78 2.61
C LEU L 19 -31.02 -73.45 2.93
N ASP L 20 -32.11 -72.75 2.66
CA ASP L 20 -33.45 -73.30 2.88
C ASP L 20 -33.76 -74.35 1.82
N PRO L 21 -34.77 -75.21 2.06
CA PRO L 21 -35.03 -76.31 1.13
C PRO L 21 -35.29 -75.87 -0.31
N SER L 22 -35.83 -74.68 -0.54
CA SER L 22 -36.06 -74.22 -1.90
C SER L 22 -34.73 -73.97 -2.61
N SER L 23 -33.79 -73.32 -1.93
CA SER L 23 -32.48 -73.11 -2.53
C SER L 23 -31.74 -74.43 -2.71
N LEU L 24 -31.88 -75.34 -1.77
CA LEU L 24 -31.29 -76.66 -1.93
C LEU L 24 -31.88 -77.38 -3.13
N ASP L 25 -33.19 -77.22 -3.35
CA ASP L 25 -33.83 -77.84 -4.51
C ASP L 25 -33.33 -77.24 -5.81
N LYS L 26 -33.18 -75.92 -5.87
CA LYS L 26 -32.65 -75.28 -7.07
C LYS L 26 -31.22 -75.73 -7.34
N LEU L 27 -30.39 -75.79 -6.30
CA LEU L 27 -29.02 -76.25 -6.46
C LEU L 27 -28.98 -77.70 -6.92
N GLN L 28 -29.89 -78.54 -6.38
CA GLN L 28 -29.94 -79.93 -6.80
C GLN L 28 -30.33 -80.05 -8.27
N ASN L 29 -31.31 -79.25 -8.71
CA ASN L 29 -31.69 -79.29 -10.12
C ASN L 29 -30.53 -78.87 -11.00
N TYR L 30 -29.80 -77.82 -10.60
CA TYR L 30 -28.64 -77.37 -11.35
C TYR L 30 -27.58 -78.47 -11.43
N PHE L 31 -27.26 -79.09 -10.29
CA PHE L 31 -26.25 -80.13 -10.27
C PHE L 31 -26.66 -81.32 -11.10
N GLN L 32 -27.93 -81.72 -11.04
CA GLN L 32 -28.38 -82.89 -11.79
C GLN L 32 -28.42 -82.60 -13.29
N SER L 33 -28.75 -81.37 -13.69
CA SER L 33 -28.68 -81.02 -15.10
C SER L 33 -27.26 -80.80 -15.59
N GLY L 34 -26.30 -80.69 -14.66
CA GLY L 34 -24.93 -80.47 -15.06
C GLY L 34 -24.36 -81.51 -16.00
N ASP L 35 -24.80 -82.76 -15.87
CA ASP L 35 -24.28 -83.81 -16.74
C ASP L 35 -24.63 -83.55 -18.20
N MET L 36 -25.91 -83.34 -18.49
CA MET L 36 -26.30 -83.07 -19.86
C MET L 36 -25.80 -81.71 -20.33
N ARG L 37 -25.68 -80.74 -19.42
CA ARG L 37 -25.13 -79.45 -19.83
C ARG L 37 -23.68 -79.57 -20.27
N ALA L 38 -22.88 -80.35 -19.55
CA ALA L 38 -21.51 -80.58 -19.97
C ALA L 38 -21.45 -81.38 -21.27
N LYS L 39 -22.36 -82.35 -21.42
CA LYS L 39 -22.40 -83.12 -22.67
C LYS L 39 -22.68 -82.22 -23.87
N THR L 40 -23.67 -81.34 -23.76
CA THR L 40 -23.99 -80.47 -24.89
C THR L 40 -22.93 -79.38 -25.06
N ALA L 41 -22.24 -78.98 -23.99
CA ALA L 41 -21.09 -78.11 -24.16
C ALA L 41 -20.01 -78.78 -24.99
N ILE L 42 -19.76 -80.06 -24.75
CA ILE L 42 -18.79 -80.81 -25.55
C ILE L 42 -19.24 -80.85 -27.01
N ALA L 43 -20.52 -81.14 -27.23
CA ALA L 43 -21.03 -81.22 -28.60
C ALA L 43 -20.90 -79.88 -29.33
N VAL L 44 -21.23 -78.78 -28.64
CA VAL L 44 -21.13 -77.46 -29.25
C VAL L 44 -19.67 -77.11 -29.54
N SER L 45 -18.76 -77.44 -28.61
CA SER L 45 -17.35 -77.19 -28.84
C SER L 45 -16.86 -77.96 -30.07
N ALA L 46 -17.37 -79.17 -30.26
CA ALA L 46 -16.98 -79.95 -31.42
C ALA L 46 -17.59 -79.46 -32.72
N ASN L 47 -18.78 -78.84 -32.68
CA ASN L 47 -19.48 -78.51 -33.92
C ASN L 47 -19.74 -77.01 -34.07
N ALA L 48 -18.94 -76.16 -33.43
CA ALA L 48 -19.16 -74.72 -33.51
C ALA L 48 -19.07 -74.20 -34.94
N LYS L 49 -18.04 -74.64 -35.69
CA LYS L 49 -17.89 -74.16 -37.06
C LYS L 49 -19.08 -74.56 -37.93
N ASN L 50 -19.52 -75.81 -37.78
CA ASN L 50 -20.68 -76.28 -38.55
C ASN L 50 -21.94 -75.51 -38.17
N ILE L 51 -22.11 -75.25 -36.88
CA ILE L 51 -23.29 -74.51 -36.41
C ILE L 51 -23.32 -73.12 -37.04
N VAL L 52 -22.17 -72.44 -37.00
CA VAL L 52 -22.11 -71.09 -37.57
C VAL L 52 -22.33 -71.13 -39.08
N THR L 53 -21.76 -72.13 -39.75
CA THR L 53 -21.95 -72.25 -41.20
C THR L 53 -23.42 -72.42 -41.55
N LYS L 54 -24.10 -73.34 -40.87
CA LYS L 54 -25.51 -73.57 -41.15
C LYS L 54 -26.35 -72.33 -40.83
N THR L 55 -26.02 -71.66 -39.72
CA THR L 55 -26.75 -70.45 -39.35
C THR L 55 -26.63 -69.38 -40.41
N VAL L 56 -25.40 -69.12 -40.87
CA VAL L 56 -25.19 -68.10 -41.89
C VAL L 56 -25.90 -68.51 -43.18
N ALA L 57 -25.83 -69.79 -43.53
CA ALA L 57 -26.45 -70.25 -44.77
C ALA L 57 -27.96 -70.04 -44.74
N LYS L 58 -28.60 -70.32 -43.60
CA LYS L 58 -30.05 -70.26 -43.54
C LYS L 58 -30.59 -68.91 -43.07
N SER L 59 -29.75 -67.96 -42.71
CA SER L 59 -30.25 -66.68 -42.23
C SER L 59 -29.64 -65.46 -42.88
N LEU L 60 -28.45 -65.54 -43.47
CA LEU L 60 -27.77 -64.36 -44.00
C LEU L 60 -27.32 -64.48 -45.44
N LEU L 61 -27.05 -65.67 -45.94
CA LEU L 61 -26.57 -65.80 -47.31
C LEU L 61 -27.67 -65.49 -48.30
N TYR L 62 -27.25 -64.96 -49.46
CA TYR L 62 -28.16 -64.68 -50.58
C TYR L 62 -29.26 -63.71 -50.17
N THR L 63 -28.91 -62.72 -49.36
CA THR L 63 -29.80 -61.65 -48.99
C THR L 63 -29.19 -60.32 -49.43
N ASP L 64 -29.82 -59.23 -49.01
CA ASP L 64 -29.33 -57.91 -49.40
C ASP L 64 -28.06 -57.54 -48.65
N ILE L 65 -27.88 -58.03 -47.43
CA ILE L 65 -26.73 -57.62 -46.63
C ILE L 65 -25.45 -58.24 -47.13
N THR L 66 -25.53 -59.26 -47.98
CA THR L 66 -24.34 -59.84 -48.59
C THR L 66 -23.97 -59.16 -49.91
N ALA L 67 -24.95 -58.65 -50.63
CA ALA L 67 -24.69 -57.93 -51.86
C ALA L 67 -23.95 -56.63 -51.55
N PRO L 68 -23.24 -56.07 -52.53
CA PRO L 68 -22.48 -54.84 -52.27
C PRO L 68 -23.39 -53.74 -51.75
N GLY L 69 -22.86 -53.00 -50.78
CA GLY L 69 -23.65 -52.05 -50.02
C GLY L 69 -24.27 -52.62 -48.77
N GLY L 70 -24.20 -53.94 -48.57
CA GLY L 70 -24.69 -54.56 -47.35
C GLY L 70 -23.60 -54.60 -46.31
N MEN L 71 -23.99 -54.87 -45.06
CA MEN L 71 -23.04 -54.82 -43.97
C MEN L 71 -22.14 -56.06 -43.92
O MEN L 71 -21.11 -56.05 -43.25
CB MEN L 71 -23.76 -54.66 -42.64
CG MEN L 71 -22.85 -54.23 -41.53
OD1 MEN L 71 -22.69 -54.88 -40.50
ND2 MEN L 71 -22.21 -53.07 -41.72
CE2 MEN L 71 -21.30 -52.52 -40.74
N MET L 72 -22.53 -57.10 -44.63
CA MET L 72 -21.72 -58.32 -44.68
C MET L 72 -20.90 -58.37 -45.96
N TYR L 73 -20.95 -57.29 -46.73
CA TYR L 73 -20.14 -57.20 -47.92
C TYR L 73 -18.67 -56.99 -47.54
N THR L 74 -17.78 -57.35 -48.48
CA THR L 74 -16.33 -57.41 -48.32
C THR L 74 -15.95 -58.53 -47.36
N CYS L 75 -14.81 -59.18 -47.61
CA CYS L 75 -14.43 -60.34 -46.82
C CYS L 75 -14.19 -59.98 -45.37
N ARG L 76 -13.70 -58.77 -45.10
CA ARG L 76 -13.43 -58.37 -43.72
C ARG L 76 -14.70 -58.35 -42.89
N ARG L 77 -15.78 -57.80 -43.43
CA ARG L 77 -17.02 -57.72 -42.68
C ARG L 77 -17.73 -59.06 -42.60
N TYR L 78 -17.62 -59.90 -43.64
CA TYR L 78 -18.12 -61.26 -43.53
C TYR L 78 -17.42 -62.01 -42.40
N ALA L 79 -16.10 -61.90 -42.35
CA ALA L 79 -15.35 -62.55 -41.28
C ALA L 79 -15.74 -61.98 -39.92
N ALA L 80 -15.96 -60.68 -39.83
CA ALA L 80 -16.37 -60.08 -38.57
C ALA L 80 -17.73 -60.59 -38.12
N CYS L 81 -18.68 -60.74 -39.06
CA CYS L 81 -19.98 -61.28 -38.71
C CYS L 81 -19.87 -62.73 -38.24
N VAL L 82 -19.08 -63.53 -38.94
CA VAL L 82 -18.87 -64.92 -38.53
C VAL L 82 -18.24 -64.98 -37.14
N ARG L 83 -17.30 -64.08 -36.87
CA ARG L 83 -16.66 -64.02 -35.56
C ARG L 83 -17.65 -63.63 -34.48
N ASP L 84 -18.55 -62.69 -34.78
CA ASP L 84 -19.59 -62.32 -33.82
C ASP L 84 -20.50 -63.49 -33.51
N LEU L 85 -20.86 -64.26 -34.54
CA LEU L 85 -21.68 -65.44 -34.32
C LEU L 85 -20.96 -66.47 -33.46
N ASP L 86 -19.66 -66.66 -33.69
CA ASP L 86 -18.87 -67.55 -32.85
C ASP L 86 -18.82 -67.04 -31.41
N TYR L 87 -18.68 -65.73 -31.24
CA TYR L 87 -18.71 -65.14 -29.90
C TYR L 87 -20.03 -65.46 -29.20
N PHE L 88 -21.14 -65.26 -29.91
CA PHE L 88 -22.45 -65.50 -29.32
C PHE L 88 -22.60 -66.96 -28.92
N LEU L 89 -22.17 -67.88 -29.78
CA LEU L 89 -22.28 -69.30 -29.45
C LEU L 89 -21.42 -69.66 -28.25
N ARG L 90 -20.18 -69.18 -28.22
CA ARG L 90 -19.27 -69.51 -27.13
C ARG L 90 -19.77 -68.96 -25.80
N TYR L 91 -20.26 -67.72 -25.80
CA TYR L 91 -20.70 -67.14 -24.55
C TYR L 91 -22.05 -67.70 -24.12
N ALA L 92 -22.88 -68.15 -25.08
CA ALA L 92 -24.07 -68.89 -24.70
C ALA L 92 -23.71 -70.20 -24.03
N THR L 93 -22.68 -70.88 -24.54
CA THR L 93 -22.21 -72.11 -23.86
C THR L 93 -21.69 -71.80 -22.46
N TYR L 94 -20.93 -70.71 -22.32
CA TYR L 94 -20.48 -70.28 -20.99
C TYR L 94 -21.66 -70.10 -20.05
N ALA L 95 -22.67 -69.36 -20.50
CA ALA L 95 -23.82 -69.05 -19.64
C ALA L 95 -24.59 -70.31 -19.29
N MET L 96 -24.68 -71.25 -20.23
CA MET L 96 -25.32 -72.53 -19.93
C MET L 96 -24.55 -73.30 -18.86
N LEU L 97 -23.23 -73.39 -19.00
CA LEU L 97 -22.45 -74.13 -18.02
C LEU L 97 -22.52 -73.47 -16.65
N ALA L 98 -22.53 -72.14 -16.61
CA ALA L 98 -22.65 -71.44 -15.34
C ALA L 98 -24.05 -71.50 -14.76
N GLY L 99 -25.05 -71.82 -15.58
CA GLY L 99 -26.41 -71.80 -15.10
C GLY L 99 -26.92 -70.42 -14.76
N ASP L 100 -26.30 -69.38 -15.32
CA ASP L 100 -26.65 -68.01 -15.02
C ASP L 100 -26.35 -67.15 -16.25
N THR L 101 -27.00 -65.99 -16.32
CA THR L 101 -26.84 -65.08 -17.44
C THR L 101 -25.88 -63.93 -17.14
N SER L 102 -25.21 -63.96 -15.99
CA SER L 102 -24.35 -62.84 -15.61
C SER L 102 -23.19 -62.65 -16.58
N ILE L 103 -22.64 -63.75 -17.09
CA ILE L 103 -21.53 -63.65 -18.03
C ILE L 103 -21.97 -62.93 -19.30
N LEU L 104 -23.18 -63.21 -19.77
CA LEU L 104 -23.70 -62.54 -20.96
C LEU L 104 -23.90 -61.05 -20.71
N ASP L 105 -24.46 -60.70 -19.55
CA ASP L 105 -24.68 -59.30 -19.22
C ASP L 105 -23.37 -58.57 -19.03
N GLU L 106 -22.32 -59.27 -18.62
CA GLU L 106 -21.06 -58.63 -18.28
C GLU L 106 -20.13 -58.49 -19.49
N ARG L 107 -20.12 -59.47 -20.39
CA ARG L 107 -19.15 -59.49 -21.47
C ARG L 107 -19.75 -59.54 -22.86
N ILE L 108 -21.07 -59.53 -23.00
CA ILE L 108 -21.68 -59.47 -24.31
C ILE L 108 -22.53 -58.22 -24.44
N LEU L 109 -23.55 -58.10 -23.59
CA LEU L 109 -24.48 -56.99 -23.73
C LEU L 109 -23.89 -55.66 -23.25
N ASN L 110 -22.80 -55.68 -22.50
CA ASN L 110 -22.19 -54.46 -22.01
C ASN L 110 -21.38 -53.84 -23.14
N GLY L 111 -22.01 -52.93 -23.88
CA GLY L 111 -21.40 -52.29 -25.01
C GLY L 111 -21.77 -52.85 -26.37
N LEU L 112 -22.68 -53.83 -26.41
CA LEU L 112 -23.07 -54.41 -27.68
C LEU L 112 -23.89 -53.43 -28.51
N ARG L 113 -24.87 -52.79 -27.89
CA ARG L 113 -25.71 -51.85 -28.61
C ARG L 113 -24.90 -50.66 -29.10
N GLU L 114 -24.00 -50.16 -28.27
CA GLU L 114 -23.15 -49.03 -28.67
C GLU L 114 -22.26 -49.42 -29.84
N THR L 115 -21.65 -50.60 -29.78
CA THR L 115 -20.79 -51.06 -30.86
C THR L 115 -21.58 -51.20 -32.17
N TYR L 116 -22.71 -51.88 -32.11
CA TYR L 116 -23.48 -52.13 -33.32
C TYR L 116 -24.02 -50.84 -33.91
N ASN L 117 -24.42 -49.90 -33.06
CA ASN L 117 -24.97 -48.65 -33.57
C ASN L 117 -23.89 -47.72 -34.10
N SER L 118 -22.69 -47.75 -33.52
CA SER L 118 -21.61 -46.92 -34.04
C SER L 118 -21.08 -47.48 -35.35
N LEU L 119 -21.01 -48.80 -35.47
CA LEU L 119 -20.48 -49.41 -36.68
C LEU L 119 -21.53 -49.59 -37.77
N GLY L 120 -22.81 -49.43 -37.46
CA GLY L 120 -23.84 -49.62 -38.46
C GLY L 120 -24.27 -51.05 -38.68
N VAL L 121 -23.94 -51.96 -37.78
CA VAL L 121 -24.36 -53.35 -37.91
C VAL L 121 -25.88 -53.43 -37.70
N PRO L 122 -26.63 -54.04 -38.62
CA PRO L 122 -28.08 -54.13 -38.44
C PRO L 122 -28.44 -55.08 -37.30
N ILE L 123 -29.26 -54.58 -36.37
CA ILE L 123 -29.64 -55.37 -35.20
C ILE L 123 -30.58 -56.51 -35.61
N GLY L 124 -31.52 -56.22 -36.51
CA GLY L 124 -32.52 -57.22 -36.87
C GLY L 124 -31.91 -58.45 -37.52
N ALA L 125 -30.97 -58.24 -38.43
CA ALA L 125 -30.30 -59.37 -39.07
C ALA L 125 -29.52 -60.19 -38.06
N THR L 126 -28.89 -59.53 -37.10
CA THR L 126 -28.18 -60.25 -36.04
C THR L 126 -29.15 -61.06 -35.19
N ILE L 127 -30.33 -60.51 -34.90
CA ILE L 127 -31.33 -61.24 -34.14
C ILE L 127 -31.77 -62.48 -34.91
N ARG L 128 -31.99 -62.33 -36.22
CA ARG L 128 -32.37 -63.48 -37.03
C ARG L 128 -31.27 -64.53 -37.06
N SER L 129 -30.01 -64.09 -37.13
CA SER L 129 -28.90 -65.03 -37.09
C SER L 129 -28.84 -65.77 -35.76
N VAL L 130 -29.06 -65.06 -34.65
CA VAL L 130 -29.05 -65.71 -33.35
C VAL L 130 -30.18 -66.72 -33.25
N GLN L 131 -31.35 -66.39 -33.80
CA GLN L 131 -32.46 -67.32 -33.82
C GLN L 131 -32.13 -68.56 -34.64
N ALA L 132 -31.50 -68.38 -35.81
CA ALA L 132 -31.12 -69.52 -36.63
C ALA L 132 -30.08 -70.37 -35.92
N MET L 133 -29.14 -69.74 -35.22
CA MET L 133 -28.16 -70.48 -34.45
C MET L 133 -28.82 -71.27 -33.34
N LYS L 134 -29.82 -70.69 -32.67
CA LYS L 134 -30.55 -71.41 -31.65
C LYS L 134 -31.26 -72.63 -32.24
N GLU L 135 -31.86 -72.47 -33.41
CA GLU L 135 -32.51 -73.62 -34.06
C GLU L 135 -31.51 -74.70 -34.40
N VAL L 136 -30.35 -74.32 -34.94
CA VAL L 136 -29.34 -75.31 -35.33
C VAL L 136 -28.82 -76.04 -34.09
N VAL L 137 -28.54 -75.30 -33.02
CA VAL L 137 -28.05 -75.91 -31.80
C VAL L 137 -29.08 -76.87 -31.22
N THR L 138 -30.36 -76.46 -31.25
CA THR L 138 -31.41 -77.34 -30.77
C THR L 138 -31.49 -78.62 -31.59
N SER L 139 -31.39 -78.50 -32.91
CA SER L 139 -31.44 -79.69 -33.76
C SER L 139 -30.22 -80.57 -33.57
N LEU L 140 -29.10 -80.01 -33.14
CA LEU L 140 -27.89 -80.79 -32.98
C LEU L 140 -27.78 -81.48 -31.63
N VAL L 141 -28.10 -80.78 -30.53
CA VAL L 141 -27.85 -81.31 -29.20
C VAL L 141 -29.11 -81.87 -28.55
N GLY L 142 -30.23 -81.91 -29.25
CA GLY L 142 -31.44 -82.50 -28.72
C GLY L 142 -32.42 -81.46 -28.23
N ALA L 143 -33.56 -81.97 -27.73
CA ALA L 143 -34.67 -81.10 -27.38
C ALA L 143 -34.40 -80.32 -26.09
N ASP L 144 -34.17 -81.03 -24.99
CA ASP L 144 -34.00 -80.37 -23.70
C ASP L 144 -32.72 -79.54 -23.64
N ALA L 145 -31.61 -80.10 -24.12
CA ALA L 145 -30.36 -79.34 -24.15
C ALA L 145 -30.50 -78.14 -25.08
N GLY L 146 -31.15 -78.33 -26.22
CA GLY L 146 -31.39 -77.22 -27.12
C GLY L 146 -32.22 -76.13 -26.47
N ARG L 147 -33.23 -76.51 -25.69
CA ARG L 147 -34.08 -75.53 -25.02
C ARG L 147 -33.30 -74.75 -23.96
N GLU L 148 -32.49 -75.45 -23.16
CA GLU L 148 -31.74 -74.73 -22.13
C GLU L 148 -30.61 -73.91 -22.71
N MET L 149 -30.13 -74.23 -23.91
CA MET L 149 -29.23 -73.31 -24.61
C MET L 149 -29.99 -72.14 -25.20
N GLY L 150 -31.19 -72.39 -25.72
CA GLY L 150 -32.00 -71.35 -26.30
C GLY L 150 -32.47 -70.32 -25.30
N VAL L 151 -32.52 -70.69 -24.02
CA VAL L 151 -32.79 -69.68 -22.99
C VAL L 151 -31.76 -68.57 -23.07
N TYR L 152 -30.48 -68.92 -23.12
CA TYR L 152 -29.42 -67.93 -23.17
C TYR L 152 -29.30 -67.29 -24.55
N PHE L 153 -29.61 -68.05 -25.61
CA PHE L 153 -29.70 -67.43 -26.93
C PHE L 153 -30.74 -66.33 -26.94
N ASP L 154 -31.91 -66.59 -26.35
CA ASP L 154 -32.96 -65.59 -26.27
C ASP L 154 -32.57 -64.44 -25.35
N HIS L 155 -31.81 -64.71 -24.29
CA HIS L 155 -31.32 -63.62 -23.46
C HIS L 155 -30.44 -62.68 -24.29
N ILE L 156 -29.55 -63.24 -25.10
CA ILE L 156 -28.70 -62.42 -25.95
C ILE L 156 -29.56 -61.65 -26.96
N ALA L 157 -30.52 -62.33 -27.58
CA ALA L 157 -31.36 -61.68 -28.59
C ALA L 157 -32.18 -60.55 -28.00
N ALA L 158 -32.72 -60.75 -26.79
CA ALA L 158 -33.50 -59.70 -26.13
C ALA L 158 -32.61 -58.57 -25.65
N GLY L 159 -31.35 -58.84 -25.34
CA GLY L 159 -30.43 -57.78 -24.99
C GLY L 159 -30.20 -56.80 -26.12
N LEU L 160 -30.20 -57.29 -27.35
CA LEU L 160 -30.04 -56.43 -28.52
C LEU L 160 -31.32 -55.64 -28.79
N SER M 2 -49.59 -3.19 -0.48
CA SER M 2 -48.60 -3.23 0.58
C SER M 2 -47.84 -4.54 0.56
N ILE M 3 -46.98 -4.75 1.56
CA ILE M 3 -46.25 -6.00 1.65
C ILE M 3 -47.18 -7.16 1.96
N VAL M 4 -48.29 -6.89 2.66
CA VAL M 4 -49.28 -7.92 2.93
C VAL M 4 -49.89 -8.40 1.62
N THR M 5 -50.19 -7.48 0.71
CA THR M 5 -50.69 -7.87 -0.60
C THR M 5 -49.67 -8.70 -1.36
N GLU M 6 -48.39 -8.34 -1.24
CA GLU M 6 -47.36 -9.12 -1.91
C GLU M 6 -47.30 -10.55 -1.37
N LEU M 7 -47.39 -10.71 -0.05
CA LEU M 7 -47.40 -12.05 0.52
C LEU M 7 -48.64 -12.83 0.07
N ILE M 8 -49.80 -12.18 0.08
CA ILE M 8 -51.03 -12.86 -0.31
C ILE M 8 -50.96 -13.30 -1.76
N LEU M 9 -50.45 -12.43 -2.64
CA LEU M 9 -50.35 -12.77 -4.05
C LEU M 9 -49.32 -13.86 -4.29
N ASN M 10 -48.22 -13.85 -3.53
CA ASN M 10 -47.24 -14.92 -3.64
C ASN M 10 -47.85 -16.26 -3.23
N ALA M 11 -48.64 -16.27 -2.16
CA ALA M 11 -49.32 -17.49 -1.76
C ALA M 11 -50.34 -17.92 -2.81
N ASP M 12 -51.07 -16.97 -3.38
CA ASP M 12 -52.10 -17.29 -4.37
C ASP M 12 -51.51 -17.79 -5.66
N SER M 13 -50.29 -17.36 -6.00
CA SER M 13 -49.66 -17.80 -7.24
C SER M 13 -49.44 -19.31 -7.22
N GLU M 14 -49.14 -19.87 -6.05
CA GLU M 14 -49.01 -21.30 -5.90
C GLU M 14 -50.30 -21.97 -5.46
N SER M 15 -51.39 -21.20 -5.33
CA SER M 15 -52.69 -21.73 -4.94
C SER M 15 -52.62 -22.49 -3.62
N ARG M 16 -51.99 -21.86 -2.63
CA ARG M 16 -51.78 -22.49 -1.34
C ARG M 16 -51.92 -21.46 -0.24
N TYR M 17 -52.17 -21.93 0.97
CA TYR M 17 -52.21 -21.07 2.12
C TYR M 17 -50.82 -20.51 2.40
N PRO M 18 -50.73 -19.38 3.10
CA PRO M 18 -49.42 -18.79 3.38
C PRO M 18 -48.51 -19.76 4.13
N ALA M 19 -47.28 -19.86 3.66
CA ALA M 19 -46.27 -20.70 4.27
C ALA M 19 -45.75 -20.06 5.55
N PRO M 20 -45.07 -20.83 6.40
CA PRO M 20 -44.52 -20.25 7.63
C PRO M 20 -43.59 -19.06 7.38
N LYS M 21 -42.82 -19.06 6.29
CA LYS M 21 -41.98 -17.91 6.00
C LYS M 21 -42.80 -16.66 5.73
N GLU M 22 -43.90 -16.81 4.98
CA GLU M 22 -44.75 -15.66 4.68
C GLU M 22 -45.47 -15.17 5.92
N ILE M 23 -45.91 -16.09 6.78
CA ILE M 23 -46.55 -15.67 8.03
C ILE M 23 -45.55 -14.95 8.92
N GLN M 24 -44.30 -15.43 8.94
CA GLN M 24 -43.27 -14.75 9.71
C GLN M 24 -43.01 -13.35 9.18
N VAL M 25 -42.97 -13.20 7.86
CA VAL M 25 -42.78 -11.87 7.28
C VAL M 25 -43.96 -10.97 7.63
N TYR M 26 -45.18 -11.50 7.56
CA TYR M 26 -46.36 -10.72 7.90
C TYR M 26 -46.32 -10.26 9.35
N GLN M 27 -45.94 -11.16 10.26
CA GLN M 27 -45.88 -10.80 11.67
C GLN M 27 -44.79 -9.78 11.94
N ASN M 28 -43.62 -9.96 11.31
CA ASN M 28 -42.55 -8.99 11.46
C ASN M 28 -42.99 -7.62 10.95
N PHE M 29 -43.76 -7.58 9.87
CA PHE M 29 -44.23 -6.31 9.35
C PHE M 29 -45.21 -5.64 10.31
N VAL M 30 -46.23 -6.39 10.75
CA VAL M 30 -47.23 -5.78 11.63
C VAL M 30 -46.65 -5.45 12.99
N LYS M 31 -45.49 -6.02 13.33
CA LYS M 31 -44.84 -5.67 14.59
C LYS M 31 -44.32 -4.24 14.59
N THR M 32 -44.08 -3.66 13.42
CA THR M 32 -43.45 -2.35 13.28
C THR M 32 -44.43 -1.26 12.86
N GLY M 33 -45.73 -1.49 13.07
CA GLY M 33 -46.72 -0.53 12.64
C GLY M 33 -46.62 0.79 13.37
N GLU M 34 -46.32 0.76 14.66
CA GLU M 34 -46.17 1.99 15.43
C GLU M 34 -45.03 2.83 14.87
N GLN M 35 -43.90 2.20 14.59
CA GLN M 35 -42.76 2.91 14.03
C GLN M 35 -43.09 3.49 12.66
N ARG M 36 -43.78 2.71 11.81
CA ARG M 36 -44.14 3.21 10.49
C ARG M 36 -45.07 4.41 10.59
N ILE M 37 -46.04 4.34 11.50
CA ILE M 37 -46.98 5.46 11.67
C ILE M 37 -46.25 6.68 12.20
N ARG M 38 -45.29 6.48 13.11
CA ARG M 38 -44.52 7.61 13.62
C ARG M 38 -43.71 8.27 12.51
N ILE M 39 -43.09 7.46 11.65
CA ILE M 39 -42.31 8.02 10.54
C ILE M 39 -43.22 8.78 9.58
N ALA M 40 -44.39 8.23 9.28
CA ALA M 40 -45.32 8.92 8.41
C ALA M 40 -45.80 10.23 9.02
N LYS M 41 -46.05 10.23 10.34
CA LYS M 41 -46.44 11.46 11.02
C LYS M 41 -45.34 12.51 10.93
N ILE M 42 -44.08 12.10 11.13
CA ILE M 42 -42.98 13.04 11.01
C ILE M 42 -42.92 13.61 9.61
N LEU M 43 -43.07 12.76 8.59
CA LEU M 43 -43.02 13.23 7.22
C LEU M 43 -44.16 14.19 6.91
N ALA M 44 -45.36 13.89 7.40
CA ALA M 44 -46.52 14.74 7.12
C ALA M 44 -46.41 16.08 7.82
N GLU M 45 -45.97 16.09 9.08
CA GLU M 45 -45.88 17.33 9.84
C GLU M 45 -44.83 18.27 9.26
N ASN M 46 -43.73 17.72 8.77
CA ASN M 46 -42.60 18.52 8.31
C ASN M 46 -42.53 18.60 6.79
N GLU M 47 -43.63 18.33 6.09
CA GLU M 47 -43.58 18.29 4.64
C GLU M 47 -43.17 19.63 4.06
N GLN M 48 -43.78 20.72 4.53
CA GLN M 48 -43.50 22.03 3.97
C GLN M 48 -42.08 22.49 4.29
N ARG M 49 -41.60 22.21 5.50
CA ARG M 49 -40.22 22.56 5.84
C ARG M 49 -39.24 21.80 4.97
N ILE M 50 -39.47 20.50 4.77
CA ILE M 50 -38.61 19.72 3.90
C ILE M 50 -38.64 20.27 2.48
N VAL M 51 -39.82 20.64 2.00
CA VAL M 51 -39.95 21.17 0.65
C VAL M 51 -39.17 22.48 0.53
N GLN M 52 -39.30 23.37 1.53
CA GLN M 52 -38.63 24.66 1.46
C GLN M 52 -37.12 24.51 1.51
N ASN M 53 -36.61 23.69 2.43
CA ASN M 53 -35.16 23.50 2.54
C ASN M 53 -34.60 22.82 1.30
N GLY M 54 -35.28 21.79 0.82
CA GLY M 54 -34.83 21.11 -0.38
C GLY M 54 -34.87 22.00 -1.60
N SER M 55 -35.89 22.86 -1.69
CA SER M 55 -35.97 23.80 -2.79
C SER M 55 -34.82 24.79 -2.74
N ALA M 56 -34.49 25.30 -1.55
CA ALA M 56 -33.38 26.23 -1.44
C ALA M 56 -32.07 25.56 -1.87
N ARG M 57 -31.81 24.35 -1.36
CA ARG M 57 -30.59 23.65 -1.74
C ARG M 57 -30.56 23.32 -3.23
N PHE M 58 -31.71 22.92 -3.78
CA PHE M 58 -31.76 22.51 -5.19
C PHE M 58 -31.60 23.70 -6.11
N TRP M 59 -32.12 24.86 -5.74
CA TRP M 59 -31.92 26.05 -6.56
C TRP M 59 -30.52 26.60 -6.39
N GLU M 60 -29.87 26.34 -5.26
CA GLU M 60 -28.44 26.60 -5.18
C GLU M 60 -27.65 25.70 -6.12
N ARG M 61 -28.01 24.42 -6.18
CA ARG M 61 -27.26 23.48 -7.00
C ARG M 61 -27.55 23.66 -8.49
N VAL M 62 -28.82 23.87 -8.84
CA VAL M 62 -29.22 24.02 -10.24
C VAL M 62 -29.87 25.37 -10.44
N PRO M 63 -29.13 26.38 -10.85
CA PRO M 63 -29.71 27.73 -10.97
C PRO M 63 -30.59 27.89 -12.20
N ASN M 64 -30.26 27.22 -13.29
CA ASN M 64 -31.00 27.36 -14.55
C ASN M 64 -31.91 26.14 -14.70
N THR M 65 -33.06 26.20 -14.06
CA THR M 65 -34.05 25.14 -14.10
C THR M 65 -35.42 25.76 -14.30
N PRO M 66 -36.36 25.02 -14.89
CA PRO M 66 -37.70 25.60 -15.12
C PRO M 66 -38.37 26.08 -13.85
N SER M 67 -38.11 25.45 -12.72
CA SER M 67 -38.65 25.93 -11.46
C SER M 67 -38.10 27.30 -11.11
N ASN M 68 -36.80 27.49 -11.28
CA ASN M 68 -36.13 28.75 -10.97
C ASN M 68 -35.88 29.55 -12.24
N SER M 69 -36.97 29.92 -12.92
CA SER M 69 -36.86 30.64 -14.18
C SER M 69 -37.73 31.89 -14.21
N GLY M 70 -38.19 32.36 -13.06
CA GLY M 70 -39.00 33.55 -12.99
C GLY M 70 -40.48 33.35 -13.17
N ASN M 71 -40.92 32.13 -13.47
CA ASN M 71 -42.33 31.82 -13.60
C ASN M 71 -42.84 31.32 -12.26
N GLU M 72 -43.80 32.06 -11.68
CA GLU M 72 -44.33 31.69 -10.38
C GLU M 72 -45.10 30.37 -10.44
N ARG M 73 -45.84 30.14 -11.52
CA ARG M 73 -46.60 28.90 -11.64
C ARG M 73 -45.68 27.70 -11.73
N LYS M 74 -44.57 27.82 -12.45
CA LYS M 74 -43.63 26.71 -12.54
C LYS M 74 -43.00 26.41 -11.19
N THR M 75 -42.65 27.46 -10.43
CA THR M 75 -42.11 27.24 -9.09
C THR M 75 -43.13 26.55 -8.20
N ALA M 76 -44.39 26.99 -8.25
CA ALA M 76 -45.43 26.37 -7.44
C ALA M 76 -45.63 24.91 -7.83
N SER M 77 -45.61 24.62 -9.13
CA SER M 77 -45.77 23.25 -9.59
C SER M 77 -44.61 22.36 -9.14
N CYS M 78 -43.39 22.87 -9.20
CA CYS M 78 -42.25 22.08 -8.74
C CYS M 78 -42.33 21.80 -7.25
N GLN M 79 -42.71 22.81 -6.45
CA GLN M 79 -42.81 22.58 -5.02
C GLN M 79 -43.97 21.65 -4.68
N ARG M 80 -45.05 21.72 -5.45
CA ARG M 80 -46.14 20.76 -5.28
C ARG M 80 -45.68 19.35 -5.62
N ASP M 81 -44.86 19.20 -6.66
CA ASP M 81 -44.32 17.90 -7.00
C ASP M 81 -43.46 17.36 -5.87
N GLN M 82 -42.63 18.20 -5.28
CA GLN M 82 -41.81 17.78 -4.16
C GLN M 82 -42.67 17.32 -2.99
N GLY M 83 -43.71 18.08 -2.67
CA GLY M 83 -44.62 17.67 -1.62
C GLY M 83 -45.31 16.35 -1.93
N TRP M 84 -45.72 16.17 -3.19
CA TRP M 84 -46.39 14.93 -3.58
C TRP M 84 -45.46 13.74 -3.45
N TYR M 85 -44.20 13.91 -3.81
CA TYR M 85 -43.27 12.78 -3.69
C TYR M 85 -42.97 12.47 -2.23
N ILE M 86 -42.91 13.49 -1.38
CA ILE M 86 -42.78 13.22 0.06
C ILE M 86 -44.01 12.45 0.55
N ARG M 87 -45.19 12.82 0.07
CA ARG M 87 -46.41 12.12 0.45
C ARG M 87 -46.37 10.66 0.00
N LEU M 88 -45.89 10.42 -1.22
CA LEU M 88 -45.82 9.04 -1.72
C LEU M 88 -44.81 8.22 -0.93
N ILE M 89 -43.69 8.83 -0.54
CA ILE M 89 -42.73 8.14 0.30
C ILE M 89 -43.34 7.81 1.66
N ALA M 90 -44.15 8.70 2.20
CA ALA M 90 -44.86 8.40 3.44
C ALA M 90 -45.81 7.23 3.26
N TYR M 91 -46.53 7.21 2.13
CA TYR M 91 -47.40 6.07 1.82
C TYR M 91 -46.60 4.78 1.80
N SER M 92 -45.44 4.80 1.14
CA SER M 92 -44.62 3.59 1.04
C SER M 92 -44.13 3.14 2.41
N VAL M 93 -43.74 4.10 3.25
CA VAL M 93 -43.34 3.76 4.62
C VAL M 93 -44.48 3.08 5.36
N LEU M 94 -45.70 3.62 5.19
CA LEU M 94 -46.85 3.00 5.83
C LEU M 94 -47.11 1.59 5.31
N ALA M 95 -46.96 1.39 4.00
CA ALA M 95 -47.28 0.11 3.38
C ALA M 95 -46.18 -0.93 3.54
N GLY M 96 -44.99 -0.54 3.96
CA GLY M 96 -43.92 -1.49 4.11
C GLY M 96 -43.24 -1.89 2.83
N SER M 97 -43.60 -1.27 1.70
CA SER M 97 -43.00 -1.57 0.42
C SER M 97 -43.14 -0.34 -0.48
N GLU M 98 -42.35 -0.32 -1.54
CA GLU M 98 -42.36 0.78 -2.49
C GLU M 98 -43.56 0.74 -3.43
N LYS M 99 -44.50 -0.17 -3.23
CA LYS M 99 -45.62 -0.31 -4.14
C LYS M 99 -46.47 0.95 -4.29
N PRO M 100 -46.85 1.66 -3.21
CA PRO M 100 -47.63 2.90 -3.43
C PRO M 100 -46.88 3.93 -4.23
N LEU M 101 -45.62 4.20 -3.86
CA LEU M 101 -44.81 5.16 -4.60
C LEU M 101 -44.62 4.73 -6.04
N GLU M 102 -44.35 3.45 -6.27
CA GLU M 102 -44.15 2.96 -7.63
C GLU M 102 -45.42 3.10 -8.46
N GLU M 103 -46.57 2.76 -7.88
CA GLU M 103 -47.82 2.77 -8.63
C GLU M 103 -48.35 4.18 -8.86
N ILE M 104 -48.04 5.13 -7.98
CA ILE M 104 -48.60 6.46 -8.09
C ILE M 104 -47.66 7.43 -8.78
N GLY M 105 -46.36 7.37 -8.47
CA GLY M 105 -45.48 8.40 -9.00
C GLY M 105 -44.18 7.92 -9.61
N THR M 106 -44.10 6.67 -9.99
CA THR M 106 -42.87 6.17 -10.60
C THR M 106 -43.09 5.51 -11.95
N ILE M 107 -44.18 4.75 -12.11
CA ILE M 107 -44.46 4.15 -13.41
C ILE M 107 -44.82 5.26 -14.38
N GLY M 108 -44.02 5.41 -15.43
CA GLY M 108 -44.25 6.48 -16.39
C GLY M 108 -43.79 7.85 -15.95
N ILE M 109 -42.90 7.93 -14.96
CA ILE M 109 -42.42 9.21 -14.50
C ILE M 109 -41.57 9.89 -15.56
N LYS M 110 -40.72 9.11 -16.24
CA LYS M 110 -39.90 9.67 -17.31
C LYS M 110 -40.74 10.23 -18.43
N GLU M 111 -41.79 9.49 -18.83
CA GLU M 111 -42.65 9.96 -19.91
C GLU M 111 -43.36 11.24 -19.53
N MET M 112 -43.88 11.30 -18.31
CA MET M 112 -44.59 12.49 -17.85
C MET M 112 -43.67 13.70 -17.82
N TYR M 113 -42.47 13.54 -17.25
CA TYR M 113 -41.59 14.69 -17.12
C TYR M 113 -40.90 15.05 -18.42
N ASN M 114 -40.79 14.12 -19.36
CA ASN M 114 -40.33 14.47 -20.70
C ASN M 114 -41.40 15.23 -21.46
N ASN M 115 -42.66 14.86 -21.26
CA ASN M 115 -43.75 15.61 -21.86
C ASN M 115 -43.82 17.03 -21.31
N LEU M 116 -43.55 17.20 -20.02
CA LEU M 116 -43.53 18.52 -19.41
C LEU M 116 -42.25 19.30 -19.69
N GLU M 117 -41.28 18.66 -20.35
CA GLU M 117 -40.00 19.29 -20.68
C GLU M 117 -39.23 19.71 -19.43
N ILE M 118 -39.32 18.87 -18.39
CA ILE M 118 -38.53 19.04 -17.18
C ILE M 118 -37.35 18.09 -17.26
N PRO M 119 -36.12 18.58 -17.31
CA PRO M 119 -34.97 17.66 -17.39
C PRO M 119 -34.89 16.75 -16.18
N LEU M 120 -34.66 15.47 -16.44
CA LEU M 120 -34.74 14.47 -15.39
C LEU M 120 -33.57 14.54 -14.43
N ARG M 121 -32.41 14.99 -14.92
CA ARG M 121 -31.25 15.17 -14.06
C ARG M 121 -31.54 16.20 -12.97
N ASN M 122 -32.25 17.27 -13.32
CA ASN M 122 -32.63 18.27 -12.34
C ASN M 122 -33.56 17.68 -11.29
N ILE M 123 -34.51 16.83 -11.71
CA ILE M 123 -35.40 16.22 -10.74
C ILE M 123 -34.64 15.27 -9.83
N VAL M 124 -33.64 14.56 -10.36
CA VAL M 124 -32.83 13.70 -9.51
C VAL M 124 -32.08 14.51 -8.48
N GLU M 125 -31.53 15.67 -8.88
CA GLU M 125 -30.85 16.54 -7.93
C GLU M 125 -31.83 17.05 -6.86
N CYS M 126 -33.03 17.43 -7.28
CA CYS M 126 -34.02 17.90 -6.31
C CYS M 126 -34.41 16.80 -5.34
N MET M 127 -34.54 15.57 -5.83
CA MET M 127 -34.84 14.44 -4.95
C MET M 127 -33.69 14.19 -3.98
N ARG M 128 -32.45 14.37 -4.45
CA ARG M 128 -31.30 14.23 -3.56
C ARG M 128 -31.36 15.26 -2.44
N CYS M 129 -31.68 16.52 -2.77
CA CYS M 129 -31.78 17.55 -1.75
C CYS M 129 -32.94 17.26 -0.79
N LEU M 130 -34.07 16.80 -1.33
CA LEU M 130 -35.21 16.45 -0.48
C LEU M 130 -34.86 15.30 0.46
N LYS M 131 -34.13 14.30 -0.04
CA LYS M 131 -33.73 13.19 0.81
C LYS M 131 -32.80 13.66 1.91
N GLU M 132 -31.86 14.54 1.60
CA GLU M 132 -30.97 15.05 2.62
C GLU M 132 -31.74 15.83 3.68
N GLU M 133 -32.74 16.60 3.27
CA GLU M 133 -33.53 17.34 4.25
C GLU M 133 -34.42 16.41 5.07
N ALA M 134 -34.98 15.38 4.45
CA ALA M 134 -35.92 14.52 5.16
C ALA M 134 -35.21 13.59 6.14
N LEU M 135 -34.05 13.06 5.76
CA LEU M 135 -33.35 12.14 6.64
C LEU M 135 -32.83 12.80 7.89
N SER M 136 -32.68 14.12 7.89
CA SER M 136 -32.19 14.83 9.07
C SER M 136 -33.20 14.82 10.21
N LEU M 137 -34.47 14.63 9.92
CA LEU M 137 -35.51 14.59 10.94
C LEU M 137 -35.77 13.19 11.47
N MET M 138 -35.17 12.17 10.89
CA MET M 138 -35.38 10.79 11.30
C MET M 138 -34.24 10.34 12.20
N SER M 139 -34.57 9.49 13.17
CA SER M 139 -33.52 8.85 13.94
C SER M 139 -32.81 7.81 13.07
N GLU M 140 -31.74 7.25 13.61
CA GLU M 140 -30.92 6.33 12.83
C GLU M 140 -31.70 5.08 12.44
N GLU M 141 -32.54 4.58 13.33
CA GLU M 141 -33.30 3.37 13.03
C GLU M 141 -34.45 3.63 12.06
N ASP M 142 -34.85 4.89 11.87
CA ASP M 142 -35.99 5.20 11.03
C ASP M 142 -35.62 5.55 9.60
N ALA M 143 -34.35 5.83 9.32
CA ALA M 143 -33.96 6.41 8.04
C ALA M 143 -33.77 5.37 6.95
N LEU M 144 -33.75 4.08 7.27
CA LEU M 144 -33.45 3.06 6.27
C LEU M 144 -34.47 3.04 5.15
N GLU M 145 -35.75 2.93 5.50
CA GLU M 145 -36.79 2.83 4.48
C GLU M 145 -36.97 4.14 3.73
N VAL M 146 -36.89 5.26 4.45
CA VAL M 146 -37.05 6.55 3.81
C VAL M 146 -35.95 6.79 2.79
N SER M 147 -34.70 6.51 3.18
CA SER M 147 -33.59 6.65 2.23
C SER M 147 -33.74 5.69 1.07
N ALA M 148 -34.20 4.47 1.33
CA ALA M 148 -34.37 3.50 0.25
C ALA M 148 -35.42 3.97 -0.75
N TYR M 149 -36.51 4.57 -0.27
CA TYR M 149 -37.57 4.99 -1.18
C TYR M 149 -37.17 6.25 -1.95
N PHE M 150 -36.42 7.15 -1.31
CA PHE M 150 -35.86 8.27 -2.06
C PHE M 150 -34.92 7.77 -3.16
N ASP M 151 -34.09 6.78 -2.82
CA ASP M 151 -33.21 6.18 -3.83
C ASP M 151 -34.02 5.51 -4.93
N TYR M 152 -35.15 4.90 -4.58
CA TYR M 152 -36.02 4.30 -5.58
C TYR M 152 -36.52 5.33 -6.57
N VAL M 153 -36.98 6.48 -6.07
CA VAL M 153 -37.43 7.54 -6.98
C VAL M 153 -36.29 8.02 -7.86
N MET M 154 -35.12 8.25 -7.25
CA MET M 154 -33.98 8.75 -8.01
C MET M 154 -33.55 7.77 -9.08
N ARG M 155 -33.58 6.47 -8.78
CA ARG M 155 -33.21 5.47 -9.77
C ARG M 155 -34.25 5.36 -10.87
N SER M 156 -35.54 5.52 -10.54
CA SER M 156 -36.56 5.51 -11.58
C SER M 156 -36.40 6.70 -12.51
N LEU M 157 -35.98 7.85 -11.99
CA LEU M 157 -35.82 9.02 -12.85
C LEU M 157 -34.61 8.92 -13.77
N SER M 158 -33.54 8.28 -13.31
CA SER M 158 -32.32 8.22 -14.10
C SER M 158 -32.15 6.87 -14.77
N MET N 1 -54.93 -6.93 -6.10
CA MET N 1 -55.91 -6.84 -5.03
C MET N 1 -55.65 -5.61 -4.17
N GLN N 2 -56.31 -5.56 -3.02
CA GLN N 2 -56.23 -4.42 -2.13
C GLN N 2 -56.37 -4.92 -0.69
N ASP N 3 -55.56 -4.39 0.20
CA ASP N 3 -55.66 -4.70 1.62
C ASP N 3 -56.01 -3.43 2.38
N ALA N 4 -56.04 -3.52 3.71
CA ALA N 4 -56.50 -2.41 4.53
C ALA N 4 -55.58 -1.20 4.40
N ILE N 5 -54.27 -1.42 4.47
CA ILE N 5 -53.32 -0.32 4.36
C ILE N 5 -53.43 0.35 2.99
N THR N 6 -53.47 -0.46 1.93
CA THR N 6 -53.61 0.09 0.59
C THR N 6 -54.95 0.78 0.42
N ALA N 7 -56.01 0.27 1.05
CA ALA N 7 -57.30 0.94 0.96
C ALA N 7 -57.25 2.33 1.57
N LEU N 8 -56.63 2.44 2.75
CA LEU N 8 -56.49 3.76 3.38
C LEU N 8 -55.60 4.67 2.55
N ILE N 9 -54.51 4.12 2.00
CA ILE N 9 -53.60 4.91 1.19
C ILE N 9 -54.29 5.43 -0.06
N ASN N 10 -55.08 4.59 -0.71
CA ASN N 10 -55.80 5.01 -1.91
C ASN N 10 -56.90 6.00 -1.58
N SER N 11 -57.55 5.83 -0.42
CA SER N 11 -58.55 6.80 0.00
C SER N 11 -57.92 8.17 0.24
N SER N 12 -56.74 8.20 0.84
CA SER N 12 -56.07 9.48 1.08
C SER N 12 -55.48 10.05 -0.21
N ASP N 13 -55.06 9.18 -1.13
CA ASP N 13 -54.36 9.63 -2.33
C ASP N 13 -55.30 10.25 -3.36
N VAL N 14 -56.55 9.78 -3.43
CA VAL N 14 -57.51 10.35 -4.36
C VAL N 14 -57.84 11.79 -3.99
N GLN N 15 -57.47 12.23 -2.79
CA GLN N 15 -57.64 13.61 -2.36
C GLN N 15 -56.32 14.37 -2.33
N GLY N 16 -55.21 13.73 -2.68
CA GLY N 16 -53.92 14.38 -2.59
C GLY N 16 -53.55 14.78 -1.18
N ARG N 17 -53.94 13.97 -0.20
CA ARG N 17 -53.84 14.34 1.19
C ARG N 17 -53.19 13.21 1.98
N TYR N 18 -52.50 13.57 3.05
CA TYR N 18 -51.90 12.58 3.93
C TYR N 18 -52.99 11.83 4.69
N LEU N 19 -52.57 10.79 5.40
CA LEU N 19 -53.50 9.99 6.20
C LEU N 19 -54.02 10.84 7.35
N ASP N 20 -55.32 11.11 7.35
CA ASP N 20 -55.93 11.88 8.42
C ASP N 20 -55.96 11.05 9.71
N PRO N 21 -56.12 11.69 10.86
CA PRO N 21 -56.02 10.94 12.12
C PRO N 21 -56.98 9.77 12.24
N SER N 22 -58.18 9.85 11.65
CA SER N 22 -59.08 8.71 11.67
C SER N 22 -58.49 7.53 10.91
N SER N 23 -57.90 7.80 9.75
CA SER N 23 -57.28 6.72 8.98
C SER N 23 -56.06 6.16 9.71
N LEU N 24 -55.32 7.01 10.41
CA LEU N 24 -54.19 6.51 11.19
C LEU N 24 -54.67 5.63 12.34
N ASP N 25 -55.80 5.99 12.94
CA ASP N 25 -56.38 5.14 13.98
C ASP N 25 -56.82 3.80 13.41
N LYS N 26 -57.44 3.80 12.24
CA LYS N 26 -57.82 2.54 11.61
C LYS N 26 -56.60 1.70 11.26
N LEU N 27 -55.52 2.36 10.83
CA LEU N 27 -54.27 1.66 10.54
C LEU N 27 -53.70 1.04 11.81
N GLN N 28 -53.75 1.77 12.93
CA GLN N 28 -53.34 1.18 14.20
C GLN N 28 -54.20 -0.02 14.57
N ASN N 29 -55.50 0.06 14.32
CA ASN N 29 -56.37 -1.08 14.60
C ASN N 29 -55.94 -2.30 13.79
N TYR N 30 -55.66 -2.09 12.50
CA TYR N 30 -55.23 -3.20 11.66
C TYR N 30 -53.89 -3.78 12.15
N PHE N 31 -52.95 -2.90 12.50
CA PHE N 31 -51.65 -3.36 12.95
C PHE N 31 -51.76 -4.15 14.25
N GLN N 32 -52.62 -3.70 15.16
CA GLN N 32 -52.83 -4.43 16.41
C GLN N 32 -53.51 -5.77 16.17
N SER N 33 -54.44 -5.82 15.23
CA SER N 33 -55.14 -7.07 14.93
C SER N 33 -54.32 -8.02 14.08
N GLY N 34 -53.17 -7.58 13.56
CA GLY N 34 -52.39 -8.41 12.67
C GLY N 34 -52.01 -9.76 13.26
N ASP N 35 -51.61 -9.78 14.53
CA ASP N 35 -51.19 -11.05 15.13
C ASP N 35 -52.35 -12.02 15.25
N MET N 36 -53.54 -11.53 15.64
CA MET N 36 -54.71 -12.37 15.67
C MET N 36 -55.07 -12.88 14.28
N ARG N 37 -54.92 -12.02 13.27
CA ARG N 37 -55.21 -12.44 11.90
C ARG N 37 -54.25 -13.54 11.46
N ALA N 38 -52.97 -13.41 11.82
CA ALA N 38 -52.00 -14.46 11.50
C ALA N 38 -52.35 -15.77 12.20
N LYS N 39 -52.75 -15.70 13.48
CA LYS N 39 -53.14 -16.90 14.19
C LYS N 39 -54.34 -17.57 13.52
N THR N 40 -55.33 -16.76 13.13
CA THR N 40 -56.51 -17.32 12.46
C THR N 40 -56.14 -17.94 11.12
N ALA N 41 -55.26 -17.30 10.36
CA ALA N 41 -54.85 -17.86 9.08
C ALA N 41 -54.14 -19.19 9.27
N ILE N 42 -53.26 -19.27 10.27
CA ILE N 42 -52.55 -20.53 10.54
C ILE N 42 -53.55 -21.62 10.92
N ALA N 43 -54.49 -21.28 11.80
CA ALA N 43 -55.47 -22.27 12.25
C ALA N 43 -56.33 -22.76 11.10
N VAL N 44 -56.80 -21.85 10.24
CA VAL N 44 -57.66 -22.25 9.13
C VAL N 44 -56.88 -23.06 8.12
N SER N 45 -55.62 -22.70 7.88
CA SER N 45 -54.79 -23.46 6.95
C SER N 45 -54.56 -24.88 7.47
N ALA N 46 -54.40 -25.03 8.78
CA ALA N 46 -54.11 -26.36 9.33
C ALA N 46 -55.28 -27.32 9.17
N ASN N 47 -56.51 -26.82 9.20
CA ASN N 47 -57.69 -27.68 9.21
C ASN N 47 -58.59 -27.39 8.02
N ALA N 48 -58.01 -27.07 6.86
CA ALA N 48 -58.84 -26.72 5.71
C ALA N 48 -59.68 -27.90 5.24
N LYS N 49 -59.06 -29.07 5.08
CA LYS N 49 -59.79 -30.25 4.63
C LYS N 49 -60.87 -30.64 5.62
N ASN N 50 -60.55 -30.58 6.92
CA ASN N 50 -61.54 -30.89 7.94
C ASN N 50 -62.70 -29.91 7.90
N ILE N 51 -62.41 -28.63 7.69
CA ILE N 51 -63.46 -27.62 7.63
C ILE N 51 -64.39 -27.89 6.47
N VAL N 52 -63.84 -28.20 5.30
CA VAL N 52 -64.68 -28.45 4.14
C VAL N 52 -65.48 -29.75 4.33
N THR N 53 -64.85 -30.77 4.93
CA THR N 53 -65.56 -32.01 5.21
C THR N 53 -66.77 -31.75 6.11
N LYS N 54 -66.56 -31.00 7.19
CA LYS N 54 -67.65 -30.71 8.11
C LYS N 54 -68.73 -29.87 7.45
N THR N 55 -68.33 -28.90 6.62
CA THR N 55 -69.30 -28.08 5.92
C THR N 55 -70.19 -28.93 5.02
N VAL N 56 -69.58 -29.79 4.21
CA VAL N 56 -70.35 -30.63 3.31
C VAL N 56 -71.25 -31.57 4.09
N ALA N 57 -70.72 -32.15 5.17
CA ALA N 57 -71.52 -33.08 5.97
C ALA N 57 -72.74 -32.39 6.58
N LYS N 58 -72.56 -31.18 7.10
CA LYS N 58 -73.61 -30.53 7.85
C LYS N 58 -74.51 -29.63 7.01
N SER N 59 -74.23 -29.47 5.71
CA SER N 59 -75.08 -28.61 4.89
C SER N 59 -75.53 -29.21 3.56
N LEU N 60 -74.85 -30.24 3.04
CA LEU N 60 -75.17 -30.72 1.70
C LEU N 60 -75.45 -32.21 1.65
N LEU N 61 -74.83 -32.97 2.55
CA LEU N 61 -74.95 -34.42 2.49
C LEU N 61 -76.34 -34.87 2.90
N TYR N 62 -76.77 -35.99 2.32
CA TYR N 62 -78.03 -36.64 2.65
C TYR N 62 -79.22 -35.74 2.36
N THR N 63 -79.06 -34.79 1.46
CA THR N 63 -80.15 -33.96 0.97
C THR N 63 -80.42 -34.33 -0.48
N ASP N 64 -81.41 -33.66 -1.07
CA ASP N 64 -81.74 -33.92 -2.46
C ASP N 64 -80.69 -33.42 -3.43
N ILE N 65 -79.70 -32.67 -2.96
CA ILE N 65 -78.68 -32.13 -3.86
C ILE N 65 -77.69 -33.22 -4.26
N THR N 66 -77.53 -34.26 -3.46
CA THR N 66 -76.61 -35.35 -3.77
C THR N 66 -77.32 -36.55 -4.40
N ALA N 67 -78.65 -36.59 -4.37
CA ALA N 67 -79.38 -37.65 -5.03
C ALA N 67 -79.28 -37.48 -6.55
N PRO N 68 -79.56 -38.54 -7.31
CA PRO N 68 -79.56 -38.38 -8.77
C PRO N 68 -80.52 -37.30 -9.21
N GLY N 69 -80.07 -36.49 -10.16
CA GLY N 69 -80.78 -35.29 -10.55
C GLY N 69 -80.42 -34.06 -9.76
N GLY N 70 -79.65 -34.20 -8.69
CA GLY N 70 -79.16 -33.07 -7.93
C GLY N 70 -77.87 -32.56 -8.53
N MEN N 71 -77.43 -31.38 -8.12
CA MEN N 71 -76.27 -30.76 -8.73
C MEN N 71 -74.96 -31.30 -8.17
O MEN N 71 -73.89 -31.07 -8.72
CB MEN N 71 -76.32 -29.24 -8.58
CG MEN N 71 -75.37 -28.54 -9.51
OD1 MEN N 71 -74.43 -27.85 -9.13
ND2 MEN N 71 -75.60 -28.75 -10.82
CE2 MEN N 71 -74.78 -28.15 -11.85
N MET N 72 -75.04 -32.01 -7.04
CA MET N 72 -73.86 -32.61 -6.46
C MET N 72 -73.77 -34.09 -6.84
N TYR N 73 -74.71 -34.54 -7.66
CA TYR N 73 -74.66 -35.90 -8.16
C TYR N 73 -73.51 -36.06 -9.15
N THR N 74 -73.05 -37.31 -9.28
CA THR N 74 -71.86 -37.73 -10.02
C THR N 74 -70.60 -37.23 -9.30
N CYS N 75 -69.53 -38.01 -9.37
CA CYS N 75 -68.33 -37.67 -8.60
C CYS N 75 -67.68 -36.39 -9.10
N ARG N 76 -67.80 -36.10 -10.39
CA ARG N 76 -67.20 -34.89 -10.93
C ARG N 76 -67.81 -33.64 -10.30
N ARG N 77 -69.14 -33.60 -10.18
CA ARG N 77 -69.78 -32.43 -9.62
C ARG N 77 -69.59 -32.34 -8.11
N TYR N 78 -69.54 -33.47 -7.42
CA TYR N 78 -69.18 -33.46 -6.00
C TYR N 78 -67.80 -32.88 -5.81
N ALA N 79 -66.83 -33.31 -6.62
CA ALA N 79 -65.47 -32.77 -6.51
C ALA N 79 -65.44 -31.29 -6.85
N ALA N 80 -66.23 -30.87 -7.85
CA ALA N 80 -66.30 -29.46 -8.19
C ALA N 80 -66.84 -28.63 -7.02
N CYS N 81 -67.89 -29.12 -6.36
CA CYS N 81 -68.43 -28.41 -5.20
C CYS N 81 -67.41 -28.35 -4.07
N VAL N 82 -66.69 -29.45 -3.84
CA VAL N 82 -65.70 -29.47 -2.78
C VAL N 82 -64.58 -28.47 -3.06
N ARG N 83 -64.12 -28.42 -4.31
CA ARG N 83 -63.06 -27.46 -4.63
C ARG N 83 -63.59 -26.02 -4.64
N ASP N 84 -64.88 -25.82 -4.93
CA ASP N 84 -65.45 -24.49 -4.78
C ASP N 84 -65.43 -24.05 -3.33
N LEU N 85 -65.79 -24.95 -2.42
CA LEU N 85 -65.74 -24.64 -1.00
C LEU N 85 -64.30 -24.40 -0.55
N ASP N 86 -63.36 -25.16 -1.11
CA ASP N 86 -61.94 -24.93 -0.82
C ASP N 86 -61.52 -23.53 -1.28
N TYR N 87 -61.96 -23.11 -2.47
CA TYR N 87 -61.67 -21.77 -2.95
C TYR N 87 -62.25 -20.72 -2.02
N PHE N 88 -63.50 -20.92 -1.61
CA PHE N 88 -64.14 -19.96 -0.71
C PHE N 88 -63.37 -19.83 0.58
N LEU N 89 -62.97 -20.96 1.16
CA LEU N 89 -62.23 -20.94 2.41
C LEU N 89 -60.88 -20.24 2.24
N ARG N 90 -60.14 -20.61 1.18
CA ARG N 90 -58.81 -20.05 1.00
C ARG N 90 -58.86 -18.55 0.73
N TYR N 91 -59.79 -18.11 -0.10
CA TYR N 91 -59.85 -16.69 -0.40
C TYR N 91 -60.47 -15.89 0.73
N ALA N 92 -61.33 -16.49 1.55
CA ALA N 92 -61.75 -15.83 2.77
C ALA N 92 -60.59 -15.66 3.73
N THR N 93 -59.71 -16.66 3.80
CA THR N 93 -58.51 -16.52 4.61
C THR N 93 -57.61 -15.41 4.06
N TYR N 94 -57.47 -15.34 2.74
CA TYR N 94 -56.72 -14.26 2.12
C TYR N 94 -57.29 -12.90 2.51
N ALA N 95 -58.61 -12.75 2.39
CA ALA N 95 -59.25 -11.48 2.72
C ALA N 95 -59.11 -11.15 4.20
N MET N 96 -59.22 -12.15 5.06
CA MET N 96 -59.07 -11.90 6.49
C MET N 96 -57.66 -11.45 6.82
N LEU N 97 -56.66 -12.09 6.22
CA LEU N 97 -55.28 -11.70 6.46
C LEU N 97 -55.01 -10.30 5.91
N ALA N 98 -55.58 -9.99 4.75
CA ALA N 98 -55.40 -8.66 4.16
C ALA N 98 -56.21 -7.60 4.86
N GLY N 99 -57.33 -7.96 5.48
CA GLY N 99 -58.20 -6.99 6.11
C GLY N 99 -59.16 -6.30 5.17
N ASP N 100 -59.20 -6.70 3.91
CA ASP N 100 -60.07 -6.08 2.92
C ASP N 100 -60.76 -7.16 2.10
N THR N 101 -61.94 -6.83 1.60
CA THR N 101 -62.75 -7.76 0.84
C THR N 101 -62.55 -7.63 -0.67
N SER N 102 -61.59 -6.81 -1.09
CA SER N 102 -61.39 -6.58 -2.53
C SER N 102 -60.97 -7.85 -3.24
N ILE N 103 -60.18 -8.70 -2.57
CA ILE N 103 -59.71 -9.92 -3.20
C ILE N 103 -60.89 -10.85 -3.49
N LEU N 104 -61.86 -10.92 -2.57
CA LEU N 104 -63.05 -11.71 -2.83
C LEU N 104 -63.83 -11.18 -4.02
N ASP N 105 -63.95 -9.86 -4.12
CA ASP N 105 -64.74 -9.26 -5.20
C ASP N 105 -64.07 -9.45 -6.55
N GLU N 106 -62.73 -9.41 -6.59
CA GLU N 106 -62.03 -9.49 -7.86
C GLU N 106 -61.61 -10.91 -8.24
N ARG N 107 -61.66 -11.86 -7.31
CA ARG N 107 -61.25 -13.23 -7.61
C ARG N 107 -62.39 -14.23 -7.48
N ILE N 108 -63.29 -14.05 -6.52
CA ILE N 108 -64.36 -15.01 -6.28
C ILE N 108 -65.63 -14.53 -6.95
N LEU N 109 -66.11 -13.36 -6.56
CA LEU N 109 -67.41 -12.85 -7.02
C LEU N 109 -67.26 -11.98 -8.25
N ASN N 110 -66.54 -12.46 -9.25
CA ASN N 110 -66.39 -11.77 -10.53
C ASN N 110 -67.19 -12.55 -11.57
N GLY N 111 -68.47 -12.23 -11.67
CA GLY N 111 -69.34 -12.98 -12.54
C GLY N 111 -69.64 -14.38 -12.06
N LEU N 112 -69.50 -14.63 -10.75
CA LEU N 112 -69.77 -15.96 -10.23
C LEU N 112 -71.25 -16.30 -10.28
N ARG N 113 -72.11 -15.32 -10.03
CA ARG N 113 -73.54 -15.57 -10.11
C ARG N 113 -73.94 -15.98 -11.53
N GLU N 114 -73.41 -15.31 -12.53
CA GLU N 114 -73.73 -15.65 -13.91
C GLU N 114 -73.25 -17.06 -14.25
N THR N 115 -72.06 -17.42 -13.81
CA THR N 115 -71.55 -18.76 -14.06
C THR N 115 -72.42 -19.82 -13.38
N TYR N 116 -72.79 -19.58 -12.12
CA TYR N 116 -73.62 -20.53 -11.41
C TYR N 116 -74.99 -20.66 -12.07
N ASN N 117 -75.57 -19.54 -12.50
CA ASN N 117 -76.87 -19.59 -13.16
C ASN N 117 -76.78 -20.34 -14.48
N SER N 118 -75.72 -20.12 -15.25
CA SER N 118 -75.58 -20.82 -16.52
C SER N 118 -75.38 -22.32 -16.32
N LEU N 119 -74.65 -22.70 -15.26
CA LEU N 119 -74.42 -24.12 -15.02
C LEU N 119 -75.56 -24.79 -14.28
N GLY N 120 -76.48 -24.02 -13.70
CA GLY N 120 -77.53 -24.60 -12.89
C GLY N 120 -77.14 -24.86 -11.45
N VAL N 121 -75.99 -24.34 -11.01
CA VAL N 121 -75.57 -24.53 -9.62
C VAL N 121 -76.55 -23.81 -8.70
N PRO N 122 -77.05 -24.45 -7.65
CA PRO N 122 -78.04 -23.80 -6.77
C PRO N 122 -77.39 -22.71 -5.95
N ILE N 123 -77.87 -21.48 -6.12
CA ILE N 123 -77.35 -20.35 -5.35
C ILE N 123 -77.70 -20.49 -3.88
N GLY N 124 -78.94 -20.90 -3.58
CA GLY N 124 -79.34 -21.05 -2.19
C GLY N 124 -78.55 -22.12 -1.47
N ALA N 125 -78.29 -23.24 -2.13
CA ALA N 125 -77.49 -24.30 -1.52
C ALA N 125 -76.07 -23.82 -1.26
N THR N 126 -75.50 -23.06 -2.21
CA THR N 126 -74.15 -22.55 -2.01
C THR N 126 -74.11 -21.56 -0.85
N ILE N 127 -75.13 -20.72 -0.72
CA ILE N 127 -75.18 -19.77 0.39
C ILE N 127 -75.30 -20.51 1.72
N ARG N 128 -76.14 -21.55 1.75
CA ARG N 128 -76.25 -22.36 2.97
C ARG N 128 -74.92 -23.02 3.30
N SER N 129 -74.20 -23.50 2.28
CA SER N 129 -72.89 -24.10 2.51
C SER N 129 -71.91 -23.07 3.07
N VAL N 130 -71.97 -21.84 2.56
CA VAL N 130 -71.08 -20.79 3.07
C VAL N 130 -71.40 -20.47 4.52
N GLN N 131 -72.68 -20.41 4.86
CA GLN N 131 -73.06 -20.17 6.24
C GLN N 131 -72.58 -21.30 7.15
N ALA N 132 -72.72 -22.55 6.68
CA ALA N 132 -72.24 -23.69 7.45
C ALA N 132 -70.73 -23.65 7.62
N MET N 133 -70.02 -23.23 6.56
CA MET N 133 -68.56 -23.08 6.65
C MET N 133 -68.19 -22.02 7.68
N LYS N 134 -68.93 -20.92 7.70
CA LYS N 134 -68.67 -19.87 8.69
C LYS N 134 -68.88 -20.41 10.10
N GLU N 135 -69.95 -21.18 10.30
CA GLU N 135 -70.20 -21.75 11.63
C GLU N 135 -69.11 -22.73 12.03
N VAL N 136 -68.67 -23.56 11.09
CA VAL N 136 -67.61 -24.54 11.37
C VAL N 136 -66.32 -23.83 11.75
N VAL N 137 -65.96 -22.79 11.00
CA VAL N 137 -64.74 -22.05 11.31
C VAL N 137 -64.86 -21.35 12.65
N THR N 138 -66.05 -20.80 12.94
CA THR N 138 -66.25 -20.14 14.22
C THR N 138 -66.07 -21.12 15.37
N SER N 139 -66.61 -22.33 15.24
CA SER N 139 -66.36 -23.35 16.25
C SER N 139 -64.89 -23.71 16.34
N LEU N 140 -64.18 -23.68 15.21
CA LEU N 140 -62.78 -24.10 15.21
C LEU N 140 -61.88 -23.07 15.90
N VAL N 141 -62.05 -21.79 15.58
CA VAL N 141 -61.06 -20.78 15.98
C VAL N 141 -61.50 -20.03 17.23
N GLY N 142 -62.80 -19.83 17.41
CA GLY N 142 -63.28 -19.11 18.57
C GLY N 142 -64.33 -18.09 18.20
N ALA N 143 -64.51 -17.12 19.09
CA ALA N 143 -65.59 -16.14 18.94
C ALA N 143 -65.14 -14.91 18.17
N ASP N 144 -64.08 -14.24 18.64
CA ASP N 144 -63.62 -13.03 17.98
C ASP N 144 -63.06 -13.33 16.59
N ALA N 145 -62.16 -14.31 16.49
CA ALA N 145 -61.67 -14.72 15.18
C ALA N 145 -62.78 -15.35 14.35
N GLY N 146 -63.72 -16.03 15.01
CA GLY N 146 -64.85 -16.59 14.29
C GLY N 146 -65.65 -15.52 13.57
N ARG N 147 -65.96 -14.42 14.27
CA ARG N 147 -66.71 -13.34 13.63
C ARG N 147 -65.84 -12.58 12.63
N GLU N 148 -64.52 -12.52 12.87
CA GLU N 148 -63.64 -11.90 11.89
C GLU N 148 -63.69 -12.64 10.56
N MET N 149 -63.59 -13.96 10.59
CA MET N 149 -63.73 -14.74 9.36
C MET N 149 -65.16 -14.71 8.84
N GLY N 150 -66.14 -14.65 9.74
CA GLY N 150 -67.52 -14.62 9.31
C GLY N 150 -67.88 -13.34 8.57
N VAL N 151 -67.13 -12.26 8.82
CA VAL N 151 -67.34 -11.05 8.05
C VAL N 151 -67.14 -11.32 6.56
N TYR N 152 -66.03 -11.98 6.21
CA TYR N 152 -65.75 -12.26 4.80
C TYR N 152 -66.60 -13.40 4.27
N PHE N 153 -66.96 -14.36 5.11
CA PHE N 153 -67.89 -15.40 4.68
C PHE N 153 -69.25 -14.78 4.31
N ASP N 154 -69.73 -13.85 5.15
CA ASP N 154 -70.97 -13.15 4.86
C ASP N 154 -70.84 -12.26 3.64
N HIS N 155 -69.65 -11.68 3.41
CA HIS N 155 -69.43 -10.94 2.18
C HIS N 155 -69.58 -11.83 0.96
N ILE N 156 -69.02 -13.05 1.02
CA ILE N 156 -69.17 -14.00 -0.08
C ILE N 156 -70.63 -14.36 -0.28
N ALA N 157 -71.34 -14.64 0.81
CA ALA N 157 -72.74 -15.02 0.71
C ALA N 157 -73.58 -13.88 0.11
N ALA N 158 -73.30 -12.64 0.52
CA ALA N 158 -74.01 -11.49 -0.03
C ALA N 158 -73.69 -11.31 -1.51
N GLY N 159 -72.42 -11.53 -1.90
CA GLY N 159 -72.08 -11.46 -3.31
C GLY N 159 -72.79 -12.50 -4.14
N LEU N 160 -72.99 -13.69 -3.57
CA LEU N 160 -73.75 -14.73 -4.28
C LEU N 160 -75.22 -14.38 -4.41
N SER N 161 -75.73 -13.44 -3.60
CA SER N 161 -77.12 -13.04 -3.66
C SER N 161 -77.33 -11.98 -4.73
N SER O 2 -70.07 -43.30 -25.15
CA SER O 2 -70.06 -44.58 -25.83
C SER O 2 -68.92 -44.66 -26.83
N ILE O 3 -68.69 -45.86 -27.36
CA ILE O 3 -67.60 -46.04 -28.32
C ILE O 3 -67.91 -45.32 -29.62
N VAL O 4 -69.20 -45.14 -29.95
CA VAL O 4 -69.56 -44.42 -31.17
C VAL O 4 -69.07 -42.98 -31.10
N THR O 5 -69.32 -42.32 -29.98
CA THR O 5 -68.84 -40.95 -29.79
C THR O 5 -67.31 -40.91 -29.80
N GLU O 6 -66.67 -41.92 -29.20
CA GLU O 6 -65.21 -41.95 -29.16
C GLU O 6 -64.64 -42.03 -30.57
N LEU O 7 -65.18 -42.91 -31.41
CA LEU O 7 -64.64 -43.05 -32.75
C LEU O 7 -64.99 -41.84 -33.63
N ILE O 8 -66.17 -41.25 -33.43
CA ILE O 8 -66.50 -40.03 -34.14
C ILE O 8 -65.54 -38.91 -33.77
N LEU O 9 -65.22 -38.78 -32.48
CA LEU O 9 -64.26 -37.77 -32.05
C LEU O 9 -62.86 -38.06 -32.57
N ASN O 10 -62.48 -39.33 -32.66
CA ASN O 10 -61.19 -39.68 -33.23
C ASN O 10 -61.13 -39.26 -34.70
N ALA O 11 -62.19 -39.52 -35.45
CA ALA O 11 -62.24 -39.08 -36.84
C ALA O 11 -62.20 -37.56 -36.95
N ASP O 12 -62.92 -36.89 -36.06
CA ASP O 12 -63.00 -35.43 -36.11
C ASP O 12 -61.69 -34.76 -35.72
N SER O 13 -60.90 -35.41 -34.86
CA SER O 13 -59.63 -34.83 -34.45
C SER O 13 -58.71 -34.62 -35.64
N GLU O 14 -58.85 -35.44 -36.68
CA GLU O 14 -58.10 -35.26 -37.91
C GLU O 14 -58.91 -34.61 -39.02
N SER O 15 -60.14 -34.17 -38.71
CA SER O 15 -61.00 -33.46 -39.65
C SER O 15 -61.22 -34.25 -40.92
N ARG O 16 -61.59 -35.51 -40.76
CA ARG O 16 -61.89 -36.38 -41.89
C ARG O 16 -62.97 -37.36 -41.49
N TYR O 17 -63.63 -37.93 -42.50
CA TYR O 17 -64.68 -38.89 -42.26
C TYR O 17 -64.11 -40.16 -41.65
N PRO O 18 -64.94 -40.95 -40.94
CA PRO O 18 -64.44 -42.17 -40.30
C PRO O 18 -63.72 -43.10 -41.25
N ALA O 19 -62.48 -43.44 -40.92
CA ALA O 19 -61.65 -44.34 -41.70
C ALA O 19 -62.17 -45.77 -41.53
N PRO O 20 -61.74 -46.69 -42.38
CA PRO O 20 -62.22 -48.08 -42.25
C PRO O 20 -61.94 -48.70 -40.89
N LYS O 21 -60.92 -48.26 -40.17
CA LYS O 21 -60.70 -48.77 -38.81
C LYS O 21 -61.84 -48.37 -37.88
N GLU O 22 -62.23 -47.08 -37.92
CA GLU O 22 -63.35 -46.64 -37.12
C GLU O 22 -64.65 -47.29 -37.55
N ILE O 23 -64.83 -47.50 -38.86
CA ILE O 23 -66.02 -48.17 -39.36
C ILE O 23 -66.08 -49.61 -38.84
N GLN O 24 -64.94 -50.30 -38.84
CA GLN O 24 -64.91 -51.66 -38.31
C GLN O 24 -65.22 -51.68 -36.82
N VAL O 25 -64.70 -50.71 -36.07
CA VAL O 25 -65.03 -50.62 -34.65
C VAL O 25 -66.53 -50.43 -34.47
N TYR O 26 -67.12 -49.54 -35.28
CA TYR O 26 -68.56 -49.28 -35.20
C TYR O 26 -69.36 -50.54 -35.53
N GLN O 27 -68.97 -51.27 -36.57
CA GLN O 27 -69.69 -52.48 -36.94
C GLN O 27 -69.59 -53.54 -35.87
N ASN O 28 -68.38 -53.74 -35.33
CA ASN O 28 -68.20 -54.72 -34.26
C ASN O 28 -68.97 -54.33 -33.01
N PHE O 29 -69.17 -53.03 -32.79
CA PHE O 29 -69.96 -52.59 -31.64
C PHE O 29 -71.43 -52.86 -31.86
N VAL O 30 -71.96 -52.53 -33.04
CA VAL O 30 -73.39 -52.70 -33.26
C VAL O 30 -73.76 -54.17 -33.45
N LYS O 31 -72.80 -55.03 -33.79
CA LYS O 31 -73.11 -56.45 -33.89
C LYS O 31 -73.23 -57.13 -32.53
N THR O 32 -72.72 -56.49 -31.47
CA THR O 32 -72.79 -57.05 -30.13
C THR O 32 -73.84 -56.37 -29.28
N GLY O 33 -74.80 -55.67 -29.90
CA GLY O 33 -75.81 -54.97 -29.13
C GLY O 33 -76.70 -55.90 -28.34
N GLU O 34 -77.11 -57.01 -28.94
CA GLU O 34 -77.96 -57.97 -28.23
C GLU O 34 -77.23 -58.53 -27.02
N GLN O 35 -75.96 -58.89 -27.19
CA GLN O 35 -75.18 -59.42 -26.08
C GLN O 35 -75.01 -58.38 -24.97
N ARG O 36 -74.74 -57.13 -25.35
CA ARG O 36 -74.58 -56.09 -24.34
C ARG O 36 -75.88 -55.83 -23.60
N ILE O 37 -77.01 -55.84 -24.30
CA ILE O 37 -78.29 -55.67 -23.64
C ILE O 37 -78.56 -56.83 -22.69
N ARG O 38 -78.23 -58.05 -23.11
CA ARG O 38 -78.41 -59.21 -22.22
C ARG O 38 -77.54 -59.10 -20.98
N ILE O 39 -76.29 -58.67 -21.13
CA ILE O 39 -75.40 -58.52 -19.98
C ILE O 39 -75.92 -57.43 -19.05
N ALA O 40 -76.39 -56.32 -19.61
CA ALA O 40 -76.93 -55.25 -18.78
C ALA O 40 -78.17 -55.71 -18.02
N LYS O 41 -79.03 -56.49 -18.67
CA LYS O 41 -80.20 -57.04 -17.99
C LYS O 41 -79.78 -57.98 -16.88
N ILE O 42 -78.75 -58.79 -17.12
CA ILE O 42 -78.26 -59.68 -16.07
C ILE O 42 -77.76 -58.88 -14.87
N LEU O 43 -77.01 -57.81 -15.14
CA LEU O 43 -76.51 -56.97 -14.05
C LEU O 43 -77.64 -56.31 -13.29
N ALA O 44 -78.66 -55.82 -14.00
CA ALA O 44 -79.78 -55.14 -13.34
C ALA O 44 -80.60 -56.11 -12.50
N GLU O 45 -80.85 -57.32 -13.01
CA GLU O 45 -81.67 -58.28 -12.28
C GLU O 45 -80.97 -58.75 -11.01
N ASN O 46 -79.67 -59.00 -11.08
CA ASN O 46 -78.92 -59.58 -9.97
C ASN O 46 -78.18 -58.53 -9.15
N GLU O 47 -78.54 -57.26 -9.30
CA GLU O 47 -77.81 -56.20 -8.61
C GLU O 47 -77.87 -56.36 -7.11
N GLN O 48 -79.05 -56.69 -6.57
CA GLN O 48 -79.21 -56.78 -5.12
C GLN O 48 -78.41 -57.94 -4.54
N ARG O 49 -78.50 -59.12 -5.16
CA ARG O 49 -77.76 -60.26 -4.63
C ARG O 49 -76.25 -60.05 -4.77
N ILE O 50 -75.82 -59.42 -5.86
CA ILE O 50 -74.41 -59.08 -6.01
C ILE O 50 -73.98 -58.16 -4.88
N VAL O 51 -74.79 -57.14 -4.59
CA VAL O 51 -74.44 -56.19 -3.52
C VAL O 51 -74.34 -56.91 -2.18
N GLN O 52 -75.32 -57.75 -1.87
CA GLN O 52 -75.33 -58.42 -0.56
C GLN O 52 -74.14 -59.37 -0.41
N ASN O 53 -73.91 -60.22 -1.41
CA ASN O 53 -72.81 -61.17 -1.31
C ASN O 53 -71.46 -60.45 -1.29
N GLY O 54 -71.29 -59.45 -2.14
CA GLY O 54 -70.04 -58.70 -2.14
C GLY O 54 -69.80 -57.97 -0.84
N SER O 55 -70.85 -57.40 -0.26
CA SER O 55 -70.70 -56.71 1.02
C SER O 55 -70.37 -57.70 2.13
N ALA O 56 -70.95 -58.89 2.09
CA ALA O 56 -70.61 -59.91 3.08
C ALA O 56 -69.13 -60.29 2.98
N ARG O 57 -68.67 -60.57 1.77
CA ARG O 57 -67.26 -60.92 1.59
C ARG O 57 -66.35 -59.77 1.98
N PHE O 58 -66.74 -58.54 1.65
CA PHE O 58 -65.94 -57.36 1.97
C PHE O 58 -65.84 -57.15 3.46
N TRP O 59 -66.95 -57.33 4.20
CA TRP O 59 -66.89 -57.17 5.64
C TRP O 59 -66.15 -58.32 6.30
N GLU O 60 -66.15 -59.50 5.69
CA GLU O 60 -65.27 -60.56 6.17
C GLU O 60 -63.80 -60.20 5.98
N ARG O 61 -63.46 -59.64 4.82
CA ARG O 61 -62.07 -59.36 4.51
C ARG O 61 -61.57 -58.08 5.18
N VAL O 62 -62.41 -57.07 5.31
CA VAL O 62 -62.04 -55.80 5.94
C VAL O 62 -63.05 -55.48 7.03
N PRO O 63 -62.94 -56.11 8.21
CA PRO O 63 -63.92 -55.85 9.27
C PRO O 63 -63.93 -54.40 9.74
N ASN O 64 -62.79 -53.73 9.77
CA ASN O 64 -62.67 -52.38 10.33
C ASN O 64 -62.81 -51.37 9.19
N THR O 65 -64.03 -50.95 8.92
CA THR O 65 -64.32 -50.00 7.85
C THR O 65 -65.59 -49.26 8.23
N PRO O 66 -65.78 -48.02 7.74
CA PRO O 66 -66.94 -47.23 8.18
C PRO O 66 -68.27 -47.89 7.88
N SER O 67 -68.35 -48.78 6.90
CA SER O 67 -69.64 -49.37 6.54
C SER O 67 -70.14 -50.38 7.56
N ASN O 68 -69.29 -50.90 8.43
CA ASN O 68 -69.76 -51.69 9.58
C ASN O 68 -69.07 -51.17 10.83
N SER O 69 -69.68 -50.17 11.45
CA SER O 69 -69.23 -49.65 12.73
C SER O 69 -70.43 -49.39 13.64
N GLY O 70 -71.54 -50.08 13.40
CA GLY O 70 -72.76 -49.85 14.13
C GLY O 70 -73.62 -48.72 13.62
N ASN O 71 -73.24 -48.08 12.53
CA ASN O 71 -73.99 -46.97 11.96
C ASN O 71 -74.84 -47.51 10.81
N GLU O 72 -76.16 -47.50 10.99
CA GLU O 72 -77.07 -48.00 9.95
C GLU O 72 -76.98 -47.14 8.70
N ARG O 73 -76.90 -45.82 8.86
CA ARG O 73 -76.86 -44.93 7.70
C ARG O 73 -75.60 -45.15 6.88
N LYS O 74 -74.46 -45.35 7.54
CA LYS O 74 -73.22 -45.59 6.82
C LYS O 74 -73.26 -46.90 6.04
N THR O 75 -73.82 -47.95 6.66
CA THR O 75 -73.97 -49.22 5.95
C THR O 75 -74.88 -49.07 4.74
N ALA O 76 -76.00 -48.37 4.92
CA ALA O 76 -76.92 -48.14 3.82
C ALA O 76 -76.25 -47.37 2.70
N SER O 77 -75.47 -46.35 3.05
CA SER O 77 -74.79 -45.54 2.04
C SER O 77 -73.75 -46.36 1.29
N CYS O 78 -73.01 -47.22 1.97
CA CYS O 78 -72.03 -48.05 1.29
C CYS O 78 -72.71 -49.03 0.33
N GLN O 79 -73.79 -49.67 0.77
CA GLN O 79 -74.49 -50.60 -0.12
C GLN O 79 -75.13 -49.87 -1.29
N ARG O 80 -75.62 -48.65 -1.05
CA ARG O 80 -76.13 -47.83 -2.13
C ARG O 80 -75.04 -47.49 -3.13
N ASP O 81 -73.83 -47.20 -2.64
CA ASP O 81 -72.70 -46.93 -3.52
C ASP O 81 -72.35 -48.15 -4.36
N GLN O 82 -72.39 -49.33 -3.74
CA GLN O 82 -72.12 -50.55 -4.49
C GLN O 82 -73.15 -50.75 -5.60
N GLY O 83 -74.43 -50.55 -5.29
CA GLY O 83 -75.44 -50.65 -6.32
C GLY O 83 -75.27 -49.63 -7.41
N TRP O 84 -74.89 -48.40 -7.04
CA TRP O 84 -74.66 -47.35 -8.02
C TRP O 84 -73.51 -47.70 -8.96
N TYR O 85 -72.44 -48.26 -8.41
CA TYR O 85 -71.32 -48.63 -9.27
C TYR O 85 -71.67 -49.81 -10.17
N ILE O 86 -72.50 -50.74 -9.70
CA ILE O 86 -72.98 -51.79 -10.59
C ILE O 86 -73.81 -51.19 -11.71
N ARG O 87 -74.65 -50.20 -11.40
CA ARG O 87 -75.43 -49.53 -12.43
C ARG O 87 -74.53 -48.83 -13.44
N LEU O 88 -73.49 -48.17 -12.97
CA LEU O 88 -72.56 -47.50 -13.88
C LEU O 88 -71.83 -48.49 -14.77
N ILE O 89 -71.47 -49.65 -14.22
CA ILE O 89 -70.82 -50.68 -15.03
C ILE O 89 -71.79 -51.22 -16.07
N ALA O 90 -73.07 -51.34 -15.72
CA ALA O 90 -74.07 -51.74 -16.72
C ALA O 90 -74.19 -50.69 -17.82
N TYR O 91 -74.15 -49.40 -17.44
CA TYR O 91 -74.13 -48.34 -18.44
C TYR O 91 -72.94 -48.50 -19.37
N SER O 92 -71.77 -48.78 -18.79
CA SER O 92 -70.56 -48.93 -19.60
C SER O 92 -70.67 -50.10 -20.56
N VAL O 93 -71.25 -51.21 -20.09
CA VAL O 93 -71.45 -52.36 -20.97
C VAL O 93 -72.38 -52.00 -22.12
N LEU O 94 -73.45 -51.28 -21.81
CA LEU O 94 -74.39 -50.89 -22.87
C LEU O 94 -73.73 -49.96 -23.88
N ALA O 95 -72.91 -49.03 -23.39
CA ALA O 95 -72.28 -48.04 -24.26
C ALA O 95 -71.06 -48.58 -25.01
N GLY O 96 -70.53 -49.72 -24.61
CA GLY O 96 -69.34 -50.23 -25.25
C GLY O 96 -68.06 -49.52 -24.90
N SER O 97 -68.10 -48.65 -23.89
CA SER O 97 -66.93 -47.89 -23.48
C SER O 97 -67.05 -47.58 -22.00
N GLU O 98 -65.92 -47.32 -21.37
CA GLU O 98 -65.90 -46.93 -19.96
C GLU O 98 -66.30 -45.48 -19.76
N LYS O 99 -66.70 -44.79 -20.82
CA LYS O 99 -67.02 -43.37 -20.73
C LYS O 99 -68.17 -43.07 -19.76
N PRO O 100 -69.32 -43.76 -19.79
CA PRO O 100 -70.37 -43.42 -18.82
C PRO O 100 -69.92 -43.56 -17.38
N LEU O 101 -69.23 -44.65 -17.07
CA LEU O 101 -68.70 -44.83 -15.74
C LEU O 101 -67.68 -43.75 -15.41
N GLU O 102 -66.85 -43.38 -16.38
CA GLU O 102 -65.84 -42.36 -16.16
C GLU O 102 -66.46 -41.02 -15.82
N GLU O 103 -67.51 -40.62 -16.54
CA GLU O 103 -68.15 -39.34 -16.26
C GLU O 103 -68.94 -39.36 -14.97
N ILE O 104 -69.65 -40.45 -14.69
CA ILE O 104 -70.59 -40.42 -13.56
C ILE O 104 -69.89 -40.76 -12.25
N GLY O 105 -68.96 -41.69 -12.24
CA GLY O 105 -68.42 -42.13 -10.97
C GLY O 105 -66.93 -42.38 -10.89
N THR O 106 -66.15 -41.82 -11.81
CA THR O 106 -64.70 -42.01 -11.78
C THR O 106 -63.93 -40.69 -11.75
N ILE O 107 -64.38 -39.69 -12.49
CA ILE O 107 -63.72 -38.38 -12.43
C ILE O 107 -64.01 -37.76 -11.07
N GLY O 108 -62.96 -37.50 -10.30
CA GLY O 108 -63.13 -36.93 -8.98
C GLY O 108 -63.64 -37.89 -7.93
N ILE O 109 -63.51 -39.19 -8.15
CA ILE O 109 -63.94 -40.16 -7.15
C ILE O 109 -63.06 -40.08 -5.92
N LYS O 110 -61.75 -39.87 -6.12
CA LYS O 110 -60.83 -39.74 -5.00
C LYS O 110 -61.16 -38.54 -4.15
N GLU O 111 -61.45 -37.39 -4.79
CA GLU O 111 -61.78 -36.20 -4.04
C GLU O 111 -63.07 -36.36 -3.25
N MET O 112 -64.09 -36.96 -3.88
CA MET O 112 -65.36 -37.15 -3.20
C MET O 112 -65.22 -38.08 -2.00
N TYR O 113 -64.50 -39.19 -2.17
CA TYR O 113 -64.37 -40.12 -1.06
C TYR O 113 -63.38 -39.66 -0.01
N ASN O 114 -62.46 -38.75 -0.36
CA ASN O 114 -61.60 -38.15 0.66
C ASN O 114 -62.35 -37.09 1.45
N ASN O 115 -63.29 -36.39 0.80
CA ASN O 115 -64.15 -35.48 1.54
C ASN O 115 -65.03 -36.24 2.51
N LEU O 116 -65.48 -37.43 2.13
CA LEU O 116 -66.30 -38.27 2.99
C LEU O 116 -65.49 -39.02 4.03
N GLU O 117 -64.16 -38.95 3.97
CA GLU O 117 -63.27 -39.65 4.90
C GLU O 117 -63.46 -41.16 4.83
N ILE O 118 -63.64 -41.67 3.62
CA ILE O 118 -63.76 -43.10 3.37
C ILE O 118 -62.45 -43.59 2.77
N PRO O 119 -61.76 -44.53 3.40
CA PRO O 119 -60.48 -45.00 2.86
C PRO O 119 -60.65 -45.57 1.45
N LEU O 120 -59.73 -45.20 0.56
CA LEU O 120 -59.87 -45.60 -0.83
C LEU O 120 -59.54 -47.07 -1.03
N ARG O 121 -58.58 -47.60 -0.27
CA ARG O 121 -58.22 -49.00 -0.43
C ARG O 121 -59.33 -49.93 0.06
N ASN O 122 -60.11 -49.48 1.05
CA ASN O 122 -61.29 -50.24 1.43
C ASN O 122 -62.28 -50.32 0.30
N ILE O 123 -62.48 -49.21 -0.42
CA ILE O 123 -63.38 -49.22 -1.57
C ILE O 123 -62.82 -50.11 -2.66
N VAL O 124 -61.50 -50.14 -2.82
CA VAL O 124 -60.90 -51.04 -3.80
C VAL O 124 -61.21 -52.49 -3.45
N GLU O 125 -61.07 -52.85 -2.17
CA GLU O 125 -61.40 -54.21 -1.75
C GLU O 125 -62.88 -54.52 -1.96
N CYS O 126 -63.75 -53.57 -1.65
CA CYS O 126 -65.18 -53.79 -1.86
C CYS O 126 -65.50 -53.99 -3.34
N MET O 127 -64.88 -53.19 -4.21
CA MET O 127 -65.09 -53.36 -5.64
C MET O 127 -64.53 -54.70 -6.12
N ARG O 128 -63.43 -55.16 -5.52
CA ARG O 128 -62.91 -56.49 -5.85
C ARG O 128 -63.91 -57.58 -5.51
N CYS O 129 -64.52 -57.48 -4.31
CA CYS O 129 -65.52 -58.46 -3.92
C CYS O 129 -66.75 -58.39 -4.81
N LEU O 130 -67.18 -57.19 -5.18
CA LEU O 130 -68.31 -57.05 -6.09
C LEU O 130 -68.00 -57.63 -7.46
N LYS O 131 -66.77 -57.44 -7.94
CA LYS O 131 -66.38 -58.05 -9.21
C LYS O 131 -66.42 -59.57 -9.13
N GLU O 132 -65.93 -60.12 -8.01
CA GLU O 132 -65.98 -61.58 -7.84
C GLU O 132 -67.42 -62.07 -7.85
N GLU O 133 -68.32 -61.37 -7.15
CA GLU O 133 -69.72 -61.77 -7.15
C GLU O 133 -70.37 -61.64 -8.52
N ALA O 134 -70.04 -60.58 -9.26
CA ALA O 134 -70.70 -60.33 -10.52
C ALA O 134 -70.24 -61.27 -11.62
N LEU O 135 -68.95 -61.60 -11.64
CA LEU O 135 -68.44 -62.46 -12.71
C LEU O 135 -68.85 -63.91 -12.53
N SER O 136 -69.39 -64.30 -11.37
CA SER O 136 -69.77 -65.67 -11.11
C SER O 136 -71.19 -65.99 -11.57
N LEU O 137 -71.91 -65.01 -12.10
CA LEU O 137 -73.24 -65.23 -12.65
C LEU O 137 -73.28 -64.85 -14.12
N MET O 138 -72.14 -64.93 -14.80
CA MET O 138 -72.02 -64.56 -16.20
C MET O 138 -71.30 -65.66 -16.96
N SER O 139 -71.46 -65.64 -18.28
CA SER O 139 -70.73 -66.57 -19.13
C SER O 139 -69.24 -66.25 -19.08
N GLU O 140 -68.43 -67.19 -19.59
CA GLU O 140 -67.00 -66.96 -19.63
C GLU O 140 -66.64 -65.82 -20.57
N GLU O 141 -67.33 -65.72 -21.71
CA GLU O 141 -67.07 -64.65 -22.65
C GLU O 141 -67.78 -63.37 -22.30
N ASP O 142 -68.88 -63.45 -21.54
CA ASP O 142 -69.60 -62.25 -21.12
C ASP O 142 -68.92 -61.51 -19.98
N ALA O 143 -67.97 -62.14 -19.30
CA ALA O 143 -67.33 -61.54 -18.14
C ALA O 143 -66.15 -60.65 -18.49
N LEU O 144 -65.70 -60.64 -19.75
CA LEU O 144 -64.52 -59.87 -20.12
C LEU O 144 -64.75 -58.37 -19.94
N GLU O 145 -65.83 -57.85 -20.53
CA GLU O 145 -66.10 -56.42 -20.45
C GLU O 145 -66.39 -55.99 -19.01
N VAL O 146 -67.18 -56.79 -18.28
CA VAL O 146 -67.51 -56.45 -16.91
C VAL O 146 -66.26 -56.43 -16.05
N SER O 147 -65.38 -57.42 -16.24
CA SER O 147 -64.13 -57.45 -15.49
C SER O 147 -63.28 -56.23 -15.83
N ALA O 148 -63.24 -55.84 -17.10
CA ALA O 148 -62.47 -54.67 -17.49
C ALA O 148 -63.00 -53.41 -16.83
N TYR O 149 -64.32 -53.27 -16.73
CA TYR O 149 -64.88 -52.07 -16.14
C TYR O 149 -64.70 -52.04 -14.62
N PHE O 150 -64.79 -53.21 -13.98
CA PHE O 150 -64.48 -53.28 -12.56
C PHE O 150 -63.02 -52.91 -12.30
N ASP O 151 -62.12 -53.42 -13.15
CA ASP O 151 -60.72 -53.04 -13.04
C ASP O 151 -60.53 -51.56 -13.25
N TYR O 152 -61.31 -50.96 -14.17
CA TYR O 152 -61.22 -49.53 -14.39
C TYR O 152 -61.61 -48.75 -13.14
N VAL O 153 -62.69 -49.17 -12.47
CA VAL O 153 -63.08 -48.51 -11.22
C VAL O 153 -61.97 -48.63 -10.20
N MET O 154 -61.44 -49.84 -10.01
CA MET O 154 -60.42 -50.05 -9.00
C MET O 154 -59.17 -49.25 -9.29
N ARG O 155 -58.76 -49.20 -10.56
CA ARG O 155 -57.58 -48.43 -10.95
C ARG O 155 -57.81 -46.94 -10.74
N SER O 156 -59.01 -46.45 -11.04
CA SER O 156 -59.31 -45.04 -10.77
C SER O 156 -59.28 -44.74 -9.28
N LEU O 157 -59.61 -45.72 -8.44
CA LEU O 157 -59.55 -45.50 -7.00
C LEU O 157 -58.12 -45.51 -6.49
N SER O 158 -57.26 -46.33 -7.09
CA SER O 158 -55.88 -46.43 -6.64
C SER O 158 -54.94 -45.71 -7.59
N MET P 1 -70.04 -33.69 -26.57
CA MET P 1 -70.82 -34.42 -27.55
C MET P 1 -71.66 -35.49 -26.87
N GLN P 2 -72.70 -35.95 -27.56
CA GLN P 2 -73.61 -36.94 -27.01
C GLN P 2 -74.31 -37.65 -28.16
N ASP P 3 -74.41 -38.97 -28.08
CA ASP P 3 -75.07 -39.76 -29.10
C ASP P 3 -76.29 -40.44 -28.49
N ALA P 4 -76.93 -41.32 -29.27
CA ALA P 4 -78.20 -41.90 -28.86
C ALA P 4 -78.05 -42.73 -27.59
N ILE P 5 -77.01 -43.58 -27.54
CA ILE P 5 -76.80 -44.44 -26.39
C ILE P 5 -76.51 -43.62 -25.15
N THR P 6 -75.65 -42.60 -25.29
CA THR P 6 -75.34 -41.74 -24.16
C THR P 6 -76.57 -40.95 -23.73
N ALA P 7 -77.41 -40.56 -24.67
CA ALA P 7 -78.63 -39.84 -24.32
C ALA P 7 -79.55 -40.72 -23.49
N LEU P 8 -79.74 -41.97 -23.90
CA LEU P 8 -80.56 -42.89 -23.12
C LEU P 8 -79.95 -43.15 -21.75
N ILE P 9 -78.64 -43.33 -21.70
CA ILE P 9 -77.96 -43.59 -20.45
C ILE P 9 -78.12 -42.42 -19.50
N ASN P 10 -78.00 -41.19 -20.01
CA ASN P 10 -78.15 -40.02 -19.17
C ASN P 10 -79.59 -39.84 -18.71
N SER P 11 -80.55 -40.13 -19.59
CA SER P 11 -81.95 -40.08 -19.19
C SER P 11 -82.24 -41.04 -18.04
N SER P 12 -81.67 -42.24 -18.11
CA SER P 12 -81.85 -43.19 -17.02
C SER P 12 -81.08 -42.76 -15.77
N ASP P 13 -79.88 -42.22 -15.95
CA ASP P 13 -79.01 -41.90 -14.83
C ASP P 13 -79.51 -40.72 -14.04
N VAL P 14 -80.19 -39.77 -14.69
CA VAL P 14 -80.73 -38.62 -13.97
C VAL P 14 -81.80 -39.05 -12.98
N GLN P 15 -82.35 -40.24 -13.13
CA GLN P 15 -83.28 -40.81 -12.16
C GLN P 15 -82.64 -41.88 -11.30
N GLY P 16 -81.36 -42.17 -11.50
CA GLY P 16 -80.67 -43.17 -10.71
C GLY P 16 -81.22 -44.56 -10.86
N ARG P 17 -81.62 -44.93 -12.06
CA ARG P 17 -82.22 -46.24 -12.29
C ARG P 17 -81.69 -46.83 -13.59
N TYR P 18 -81.75 -48.15 -13.68
CA TYR P 18 -81.32 -48.85 -14.87
C TYR P 18 -82.23 -48.52 -16.05
N LEU P 19 -81.79 -48.88 -17.24
CA LEU P 19 -82.56 -48.59 -18.44
C LEU P 19 -83.86 -49.38 -18.45
N ASP P 20 -84.98 -48.67 -18.47
CA ASP P 20 -86.29 -49.31 -18.51
C ASP P 20 -86.52 -49.93 -19.89
N PRO P 21 -87.48 -50.85 -20.01
CA PRO P 21 -87.64 -51.57 -21.28
C PRO P 21 -87.86 -50.69 -22.50
N SER P 22 -88.50 -49.53 -22.36
CA SER P 22 -88.65 -48.63 -23.50
C SER P 22 -87.29 -48.12 -23.97
N SER P 23 -86.42 -47.75 -23.03
CA SER P 23 -85.07 -47.32 -23.40
C SER P 23 -84.30 -48.45 -24.06
N LEU P 24 -84.47 -49.67 -23.57
CA LEU P 24 -83.79 -50.81 -24.18
C LEU P 24 -84.30 -51.05 -25.59
N ASP P 25 -85.61 -50.86 -25.82
CA ASP P 25 -86.14 -51.01 -27.17
C ASP P 25 -85.59 -49.94 -28.11
N LYS P 26 -85.48 -48.70 -27.63
CA LYS P 26 -84.88 -47.65 -28.45
C LYS P 26 -83.41 -47.96 -28.75
N LEU P 27 -82.70 -48.48 -27.75
CA LEU P 27 -81.31 -48.87 -27.94
C LEU P 27 -81.19 -49.97 -28.98
N GLN P 28 -82.10 -50.96 -28.94
CA GLN P 28 -82.10 -52.01 -29.94
C GLN P 28 -82.39 -51.45 -31.33
N ASN P 29 -83.30 -50.48 -31.42
CA ASN P 29 -83.57 -49.85 -32.71
C ASN P 29 -82.32 -49.17 -33.25
N TYR P 30 -81.60 -48.45 -32.40
CA TYR P 30 -80.36 -47.81 -32.83
C TYR P 30 -79.34 -48.84 -33.28
N PHE P 31 -79.20 -49.93 -32.52
CA PHE P 31 -78.25 -50.97 -32.90
C PHE P 31 -78.62 -51.59 -34.24
N GLN P 32 -79.90 -51.78 -34.50
CA GLN P 32 -80.34 -52.33 -35.78
C GLN P 32 -80.06 -51.36 -36.92
N SER P 33 -80.26 -50.07 -36.68
CA SER P 33 -80.03 -49.08 -37.72
C SER P 33 -78.55 -48.74 -37.92
N GLY P 34 -77.68 -49.21 -37.02
CA GLY P 34 -76.27 -48.86 -37.12
C GLY P 34 -75.62 -49.28 -38.43
N ASP P 35 -76.01 -50.44 -38.95
CA ASP P 35 -75.41 -50.91 -40.20
C ASP P 35 -75.71 -49.95 -41.35
N MET P 36 -76.97 -49.54 -41.48
CA MET P 36 -77.34 -48.58 -42.52
C MET P 36 -76.67 -47.24 -42.28
N ARG P 37 -76.53 -46.83 -41.02
CA ARG P 37 -75.85 -45.58 -40.73
C ARG P 37 -74.40 -45.62 -41.17
N ALA P 38 -73.71 -46.73 -40.91
CA ALA P 38 -72.33 -46.87 -41.34
C ALA P 38 -72.21 -46.90 -42.86
N LYS P 39 -73.16 -47.56 -43.53
CA LYS P 39 -73.16 -47.56 -44.99
C LYS P 39 -73.32 -46.16 -45.55
N THR P 40 -74.22 -45.38 -44.96
CA THR P 40 -74.40 -43.99 -45.40
C THR P 40 -73.14 -43.17 -45.15
N ALA P 41 -72.50 -43.37 -44.00
CA ALA P 41 -71.28 -42.63 -43.70
C ALA P 41 -70.19 -42.96 -44.72
N ILE P 42 -70.06 -44.24 -45.10
CA ILE P 42 -69.08 -44.62 -46.09
C ILE P 42 -69.39 -43.96 -47.44
N ALA P 43 -70.65 -43.98 -47.85
CA ALA P 43 -71.01 -43.38 -49.13
C ALA P 43 -70.72 -41.88 -49.14
N VAL P 44 -71.07 -41.18 -48.06
CA VAL P 44 -70.84 -39.75 -48.01
C VAL P 44 -69.36 -39.44 -47.97
N SER P 45 -68.57 -40.24 -47.25
CA SER P 45 -67.13 -40.04 -47.27
C SER P 45 -66.57 -40.21 -48.67
N ALA P 46 -67.08 -41.19 -49.41
CA ALA P 46 -66.62 -41.41 -50.77
C ALA P 46 -67.01 -40.28 -51.71
N ASN P 47 -68.16 -39.64 -51.50
CA ASN P 47 -68.66 -38.68 -52.48
C ASN P 47 -68.78 -37.27 -51.88
N ALA P 48 -67.98 -36.96 -50.87
CA ALA P 48 -68.06 -35.63 -50.24
C ALA P 48 -67.81 -34.49 -51.22
N LYS P 49 -66.72 -34.55 -51.97
CA LYS P 49 -66.40 -33.47 -52.88
C LYS P 49 -67.46 -33.32 -53.97
N ASN P 50 -67.95 -34.44 -54.49
CA ASN P 50 -69.02 -34.38 -55.49
C ASN P 50 -70.28 -33.77 -54.90
N ILE P 51 -70.62 -34.14 -53.66
CA ILE P 51 -71.82 -33.57 -53.04
C ILE P 51 -71.68 -32.06 -52.92
N VAL P 52 -70.52 -31.59 -52.48
CA VAL P 52 -70.35 -30.15 -52.29
C VAL P 52 -70.39 -29.41 -53.62
N THR P 53 -69.73 -29.96 -54.65
CA THR P 53 -69.75 -29.27 -55.94
C THR P 53 -71.14 -29.25 -56.53
N LYS P 54 -71.90 -30.34 -56.40
CA LYS P 54 -73.27 -30.34 -56.91
C LYS P 54 -74.14 -29.36 -56.13
N THR P 55 -73.95 -29.28 -54.82
CA THR P 55 -74.68 -28.31 -54.01
C THR P 55 -74.43 -26.90 -54.49
N VAL P 56 -73.15 -26.54 -54.68
CA VAL P 56 -72.84 -25.20 -55.13
C VAL P 56 -73.38 -24.95 -56.52
N ALA P 57 -73.28 -25.94 -57.41
CA ALA P 57 -73.72 -25.76 -58.78
C ALA P 57 -75.22 -25.54 -58.85
N LYS P 58 -75.99 -26.27 -58.05
CA LYS P 58 -77.44 -26.17 -58.12
C LYS P 58 -78.04 -25.15 -57.16
N SER P 59 -77.24 -24.54 -56.30
CA SER P 59 -77.79 -23.60 -55.32
C SER P 59 -77.26 -22.19 -55.46
N LEU P 60 -75.94 -22.01 -55.55
CA LEU P 60 -75.34 -20.69 -55.45
C LEU P 60 -74.73 -20.18 -56.74
N LEU P 61 -74.42 -21.05 -57.69
CA LEU P 61 -73.76 -20.62 -58.91
C LEU P 61 -74.71 -19.84 -59.80
N TYR P 62 -74.15 -18.90 -60.55
CA TYR P 62 -74.90 -18.12 -61.54
C TYR P 62 -76.06 -17.36 -60.92
N THR P 63 -75.84 -16.85 -59.71
CA THR P 63 -76.76 -15.93 -59.07
C THR P 63 -75.99 -14.66 -58.72
N ASP P 64 -76.68 -13.71 -58.09
CA ASP P 64 -76.02 -12.47 -57.69
C ASP P 64 -75.00 -12.69 -56.59
N ILE P 65 -75.06 -13.85 -55.90
CA ILE P 65 -74.15 -14.10 -54.80
C ILE P 65 -72.74 -14.33 -55.27
N THR P 66 -72.54 -14.74 -56.53
CA THR P 66 -71.21 -14.91 -57.08
C THR P 66 -70.80 -13.79 -58.00
N ALA P 67 -71.73 -12.93 -58.42
CA ALA P 67 -71.40 -11.74 -59.16
C ALA P 67 -70.60 -10.79 -58.28
N PRO P 68 -69.85 -9.86 -58.87
CA PRO P 68 -69.09 -8.92 -58.05
C PRO P 68 -69.99 -8.17 -57.08
N GLY P 69 -69.49 -8.01 -55.86
CA GLY P 69 -70.28 -7.46 -54.78
C GLY P 69 -71.06 -8.47 -53.99
N GLY P 70 -71.12 -9.73 -54.44
CA GLY P 70 -71.80 -10.78 -53.72
C GLY P 70 -70.90 -11.38 -52.68
N MEN P 71 -71.46 -12.17 -51.77
CA MEN P 71 -70.68 -12.72 -50.67
C MEN P 71 -69.80 -13.88 -51.10
O MEN P 71 -68.94 -14.31 -50.35
CB MEN P 71 -71.59 -13.15 -49.53
CG MEN P 71 -70.84 -13.28 -48.23
OD1 MEN P 71 -70.72 -14.33 -47.62
ND2 MEN P 71 -70.29 -12.14 -47.77
CE2 MEN P 71 -69.55 -12.10 -46.54
N MET P 72 -70.04 -14.39 -52.30
CA MET P 72 -69.22 -15.48 -52.82
C MET P 72 -68.30 -14.99 -53.92
N TYR P 73 -68.27 -13.67 -54.11
CA TYR P 73 -67.29 -13.08 -55.00
C TYR P 73 -65.90 -13.16 -54.37
N THR P 74 -64.88 -13.05 -55.21
CA THR P 74 -63.46 -13.27 -54.90
C THR P 74 -63.22 -14.73 -54.54
N CYS P 75 -62.01 -15.22 -54.81
CA CYS P 75 -61.71 -16.63 -54.62
C CYS P 75 -61.73 -17.02 -53.15
N ARG P 76 -61.30 -16.12 -52.26
CA ARG P 76 -61.21 -16.47 -50.85
C ARG P 76 -62.60 -16.69 -50.24
N ARG P 77 -63.57 -15.87 -50.62
CA ARG P 77 -64.92 -16.06 -50.10
C ARG P 77 -65.57 -17.30 -50.69
N TYR P 78 -65.33 -17.57 -51.97
CA TYR P 78 -65.82 -18.82 -52.56
C TYR P 78 -65.24 -20.03 -51.84
N ALA P 79 -63.93 -20.00 -51.56
CA ALA P 79 -63.30 -21.09 -50.84
C ALA P 79 -63.85 -21.21 -49.43
N ALA P 80 -64.13 -20.09 -48.78
CA ALA P 80 -64.70 -20.13 -47.43
C ALA P 80 -66.09 -20.74 -47.45
N CYS P 81 -66.90 -20.39 -48.44
CA CYS P 81 -68.23 -20.99 -48.55
C CYS P 81 -68.14 -22.48 -48.80
N VAL P 82 -67.23 -22.91 -49.67
CA VAL P 82 -67.05 -24.33 -49.95
C VAL P 82 -66.60 -25.06 -48.70
N ARG P 83 -65.68 -24.45 -47.94
CA ARG P 83 -65.21 -25.05 -46.69
C ARG P 83 -66.34 -25.17 -45.69
N ASP P 84 -67.20 -24.16 -45.61
CA ASP P 84 -68.34 -24.22 -44.71
C ASP P 84 -69.30 -25.33 -45.10
N LEU P 85 -69.54 -25.49 -46.39
CA LEU P 85 -70.41 -26.57 -46.85
C LEU P 85 -69.79 -27.93 -46.54
N ASP P 86 -68.46 -28.05 -46.68
CA ASP P 86 -67.78 -29.27 -46.30
C ASP P 86 -67.94 -29.56 -44.82
N TYR P 87 -67.83 -28.53 -43.98
CA TYR P 87 -68.07 -28.69 -42.56
C TYR P 87 -69.49 -29.18 -42.30
N PHE P 88 -70.47 -28.57 -42.96
CA PHE P 88 -71.86 -28.96 -42.76
C PHE P 88 -72.06 -30.42 -43.12
N LEU P 89 -71.52 -30.85 -44.26
CA LEU P 89 -71.70 -32.23 -44.68
C LEU P 89 -71.01 -33.20 -43.72
N ARG P 90 -69.76 -32.89 -43.33
CA ARG P 90 -69.03 -33.79 -42.45
C ARG P 90 -69.69 -33.91 -41.09
N TYR P 91 -70.14 -32.80 -40.52
CA TYR P 91 -70.75 -32.88 -39.20
C TYR P 91 -72.16 -33.42 -39.25
N ALA P 92 -72.87 -33.25 -40.37
CA ALA P 92 -74.13 -33.95 -40.53
C ALA P 92 -73.91 -35.45 -40.59
N THR P 93 -72.83 -35.89 -41.25
CA THR P 93 -72.50 -37.31 -41.26
C THR P 93 -72.16 -37.80 -39.86
N TYR P 94 -71.40 -37.00 -39.10
CA TYR P 94 -71.10 -37.36 -37.72
C TYR P 94 -72.39 -37.51 -36.91
N ALA P 95 -73.32 -36.57 -37.07
CA ALA P 95 -74.57 -36.62 -36.33
C ALA P 95 -75.41 -37.82 -36.74
N MET P 96 -75.42 -38.14 -38.04
CA MET P 96 -76.16 -39.29 -38.51
C MET P 96 -75.60 -40.58 -37.94
N LEU P 97 -74.28 -40.72 -37.92
CA LEU P 97 -73.66 -41.89 -37.35
C LEU P 97 -73.94 -41.99 -35.86
N ALA P 98 -73.87 -40.86 -35.16
CA ALA P 98 -74.13 -40.86 -33.72
C ALA P 98 -75.60 -41.07 -33.40
N GLY P 99 -76.49 -40.73 -34.33
CA GLY P 99 -77.91 -40.77 -34.06
C GLY P 99 -78.42 -39.63 -33.22
N ASP P 100 -77.65 -38.56 -33.07
CA ASP P 100 -78.04 -37.42 -32.25
C ASP P 100 -77.50 -36.14 -32.88
N THR P 101 -78.17 -35.03 -32.61
CA THR P 101 -77.81 -33.74 -33.15
C THR P 101 -76.94 -32.92 -32.22
N SER P 102 -76.48 -33.52 -31.12
CA SER P 102 -75.69 -32.77 -30.13
C SER P 102 -74.38 -32.27 -30.74
N ILE P 103 -73.76 -33.09 -31.59
CA ILE P 103 -72.51 -32.68 -32.24
C ILE P 103 -72.74 -31.46 -33.11
N LEU P 104 -73.86 -31.40 -33.81
CA LEU P 104 -74.18 -30.24 -34.64
C LEU P 104 -74.36 -28.99 -33.78
N ASP P 105 -75.07 -29.12 -32.66
CA ASP P 105 -75.30 -27.97 -31.79
C ASP P 105 -74.05 -27.53 -31.06
N GLU P 106 -73.06 -28.41 -30.92
CA GLU P 106 -71.86 -28.05 -30.20
C GLU P 106 -70.75 -27.52 -31.10
N ARG P 107 -70.58 -28.10 -32.28
CA ARG P 107 -69.46 -27.75 -33.15
C ARG P 107 -69.83 -26.83 -34.30
N ILE P 108 -71.10 -26.73 -34.66
CA ILE P 108 -71.47 -25.99 -35.86
C ILE P 108 -72.36 -24.80 -35.52
N LEU P 109 -73.52 -25.08 -34.93
CA LEU P 109 -74.56 -24.07 -34.80
C LEU P 109 -74.37 -23.15 -33.60
N ASN P 110 -73.38 -23.42 -32.75
CA ASN P 110 -73.18 -22.61 -31.55
C ASN P 110 -72.55 -21.29 -31.96
N GLY P 111 -73.38 -20.27 -32.13
CA GLY P 111 -72.90 -18.97 -32.55
C GLY P 111 -72.69 -18.80 -34.03
N LEU P 112 -73.10 -19.78 -34.84
CA LEU P 112 -72.90 -19.67 -36.28
C LEU P 112 -73.72 -18.53 -36.87
N ARG P 113 -74.96 -18.36 -36.42
CA ARG P 113 -75.78 -17.28 -36.93
C ARG P 113 -75.18 -15.93 -36.59
N GLU P 114 -74.67 -15.77 -35.38
CA GLU P 114 -74.04 -14.52 -34.99
C GLU P 114 -72.79 -14.25 -35.82
N THR P 115 -71.98 -15.28 -36.06
CA THR P 115 -70.79 -15.11 -36.89
C THR P 115 -71.17 -14.71 -38.32
N TYR P 116 -72.17 -15.37 -38.89
CA TYR P 116 -72.59 -15.06 -40.25
C TYR P 116 -73.16 -13.65 -40.34
N ASN P 117 -73.91 -13.24 -39.33
CA ASN P 117 -74.43 -11.87 -39.31
C ASN P 117 -73.30 -10.85 -39.19
N SER P 118 -72.28 -11.16 -38.39
CA SER P 118 -71.15 -10.27 -38.26
C SER P 118 -70.40 -10.13 -39.58
N LEU P 119 -70.23 -11.24 -40.30
CA LEU P 119 -69.50 -11.21 -41.56
C LEU P 119 -70.33 -10.71 -42.73
N GLY P 120 -71.65 -10.67 -42.60
CA GLY P 120 -72.49 -10.36 -43.72
C GLY P 120 -72.85 -11.53 -44.60
N VAL P 121 -72.59 -12.74 -44.15
CA VAL P 121 -72.97 -13.94 -44.93
C VAL P 121 -74.49 -14.04 -44.97
N PRO P 122 -75.10 -14.19 -46.15
CA PRO P 122 -76.56 -14.28 -46.24
C PRO P 122 -77.06 -15.59 -45.64
N ILE P 123 -77.92 -15.48 -44.62
CA ILE P 123 -78.44 -16.66 -43.95
C ILE P 123 -79.38 -17.43 -44.88
N GLY P 124 -80.19 -16.71 -45.65
CA GLY P 124 -81.13 -17.38 -46.54
C GLY P 124 -80.44 -18.21 -47.60
N ALA P 125 -79.37 -17.67 -48.18
CA ALA P 125 -78.62 -18.42 -49.18
C ALA P 125 -77.98 -19.66 -48.57
N THR P 126 -77.47 -19.55 -47.35
CA THR P 126 -76.90 -20.70 -46.67
C THR P 126 -77.96 -21.77 -46.42
N ILE P 127 -79.16 -21.36 -46.00
CA ILE P 127 -80.24 -22.32 -45.77
C ILE P 127 -80.63 -22.99 -47.08
N ARG P 128 -80.71 -22.21 -48.17
CA ARG P 128 -81.03 -22.79 -49.47
C ARG P 128 -79.98 -23.79 -49.91
N SER P 129 -78.70 -23.47 -49.68
CA SER P 129 -77.63 -24.39 -50.05
C SER P 129 -77.66 -25.65 -49.18
N VAL P 130 -78.04 -25.52 -47.91
CA VAL P 130 -78.18 -26.70 -47.07
C VAL P 130 -79.31 -27.58 -47.57
N GLN P 131 -80.42 -26.98 -48.00
CA GLN P 131 -81.50 -27.75 -48.59
C GLN P 131 -81.05 -28.46 -49.85
N ALA P 132 -80.28 -27.76 -50.70
CA ALA P 132 -79.77 -28.37 -51.91
C ALA P 132 -78.83 -29.53 -51.59
N MET P 133 -77.99 -29.38 -50.58
CA MET P 133 -77.10 -30.47 -50.16
C MET P 133 -77.90 -31.65 -49.66
N LYS P 134 -78.98 -31.40 -48.93
CA LYS P 134 -79.84 -32.49 -48.50
C LYS P 134 -80.43 -33.23 -49.68
N GLU P 135 -80.89 -32.49 -50.70
CA GLU P 135 -81.44 -33.14 -51.88
C GLU P 135 -80.39 -33.95 -52.61
N VAL P 136 -79.17 -33.41 -52.73
CA VAL P 136 -78.09 -34.12 -53.41
C VAL P 136 -77.75 -35.40 -52.67
N VAL P 137 -77.65 -35.34 -51.34
CA VAL P 137 -77.34 -36.52 -50.55
C VAL P 137 -78.46 -37.55 -50.68
N THR P 138 -79.71 -37.09 -50.67
CA THR P 138 -80.83 -38.01 -50.85
C THR P 138 -80.75 -38.71 -52.20
N SER P 139 -80.38 -37.97 -53.25
CA SER P 139 -80.21 -38.59 -54.56
C SER P 139 -79.09 -39.62 -54.53
N LEU P 140 -78.01 -39.32 -53.80
CA LEU P 140 -76.84 -40.20 -53.81
C LEU P 140 -77.10 -41.49 -53.04
N VAL P 141 -77.68 -41.40 -51.84
CA VAL P 141 -77.72 -42.52 -50.91
C VAL P 141 -79.10 -43.16 -50.84
N GLY P 142 -80.06 -42.67 -51.61
CA GLY P 142 -81.38 -43.27 -51.61
C GLY P 142 -82.37 -42.56 -50.71
N ALA P 143 -83.53 -43.21 -50.56
CA ALA P 143 -84.65 -42.57 -49.88
C ALA P 143 -84.50 -42.61 -48.37
N ASP P 144 -84.35 -43.81 -47.80
CA ASP P 144 -84.33 -43.94 -46.34
C ASP P 144 -83.12 -43.24 -45.75
N ALA P 145 -81.92 -43.57 -46.24
CA ALA P 145 -80.73 -42.88 -45.77
C ALA P 145 -80.76 -41.41 -46.13
N GLY P 146 -81.39 -41.07 -47.25
CA GLY P 146 -81.52 -39.67 -47.63
C GLY P 146 -82.28 -38.86 -46.60
N ARG P 147 -83.42 -39.37 -46.14
CA ARG P 147 -84.16 -38.64 -45.13
C ARG P 147 -83.51 -38.76 -43.76
N GLU P 148 -82.78 -39.84 -43.51
CA GLU P 148 -82.03 -39.93 -42.26
C GLU P 148 -81.00 -38.82 -42.16
N MET P 149 -80.28 -38.56 -43.26
CA MET P 149 -79.36 -37.42 -43.27
C MET P 149 -80.11 -36.10 -43.34
N GLY P 150 -81.28 -36.09 -43.98
CA GLY P 150 -82.05 -34.87 -44.07
C GLY P 150 -82.57 -34.40 -42.73
N VAL P 151 -82.72 -35.31 -41.78
CA VAL P 151 -83.06 -34.91 -40.42
C VAL P 151 -82.04 -33.93 -39.89
N TYR P 152 -80.75 -34.26 -40.03
CA TYR P 152 -79.69 -33.42 -39.51
C TYR P 152 -79.44 -32.21 -40.40
N PHE P 153 -79.68 -32.33 -41.70
CA PHE P 153 -79.62 -31.16 -42.56
C PHE P 153 -80.69 -30.14 -42.19
N ASP P 154 -81.91 -30.62 -41.89
CA ASP P 154 -82.97 -29.74 -41.42
C ASP P 154 -82.65 -29.17 -40.06
N HIS P 155 -81.99 -29.95 -39.20
CA HIS P 155 -81.54 -29.40 -37.92
C HIS P 155 -80.56 -28.25 -38.13
N ILE P 156 -79.63 -28.41 -39.07
CA ILE P 156 -78.70 -27.32 -39.37
C ILE P 156 -79.44 -26.10 -39.89
N ALA P 157 -80.40 -26.32 -40.80
CA ALA P 157 -81.15 -25.20 -41.37
C ALA P 157 -81.95 -24.48 -40.30
N ALA P 158 -82.57 -25.22 -39.39
CA ALA P 158 -83.32 -24.61 -38.29
C ALA P 158 -82.40 -23.85 -37.36
N GLY P 159 -81.21 -24.40 -37.08
CA GLY P 159 -80.26 -23.68 -36.25
C GLY P 159 -79.80 -22.38 -36.88
N LEU P 160 -79.67 -22.37 -38.21
CA LEU P 160 -79.28 -21.14 -38.88
C LEU P 160 -80.41 -20.12 -38.89
N SER P 161 -81.66 -20.57 -38.88
CA SER P 161 -82.81 -19.67 -38.89
C SER P 161 -82.99 -19.00 -37.54
N SER Q 2 -51.39 -2.57 -52.07
CA SER Q 2 -50.65 -1.38 -52.45
C SER Q 2 -49.34 -1.30 -51.70
N ILE Q 3 -48.32 -0.68 -52.30
CA ILE Q 3 -47.05 -0.56 -51.62
C ILE Q 3 -47.04 0.60 -50.64
N VAL Q 4 -47.93 1.57 -50.80
CA VAL Q 4 -48.08 2.63 -49.80
C VAL Q 4 -48.54 2.03 -48.47
N THR Q 5 -49.53 1.14 -48.55
CA THR Q 5 -49.98 0.44 -47.35
C THR Q 5 -48.87 -0.42 -46.77
N GLU Q 6 -48.07 -1.06 -47.63
CA GLU Q 6 -46.97 -1.87 -47.15
C GLU Q 6 -45.94 -1.03 -46.41
N LEU Q 7 -45.61 0.15 -46.94
CA LEU Q 7 -44.69 1.04 -46.25
C LEU Q 7 -45.25 1.48 -44.92
N ILE Q 8 -46.52 1.87 -44.89
CA ILE Q 8 -47.13 2.35 -43.65
C ILE Q 8 -47.13 1.25 -42.60
N LEU Q 9 -47.48 0.03 -43.00
CA LEU Q 9 -47.52 -1.07 -42.03
C LEU Q 9 -46.14 -1.55 -41.63
N ASN Q 10 -45.15 -1.42 -42.52
CA ASN Q 10 -43.78 -1.70 -42.13
C ASN Q 10 -43.30 -0.72 -41.08
N ALA Q 11 -43.64 0.56 -41.23
CA ALA Q 11 -43.34 1.52 -40.18
C ALA Q 11 -44.14 1.24 -38.92
N ASP Q 12 -45.36 0.74 -39.08
CA ASP Q 12 -46.23 0.48 -37.93
C ASP Q 12 -45.76 -0.71 -37.10
N SER Q 13 -45.20 -1.73 -37.75
CA SER Q 13 -44.74 -2.89 -37.00
C SER Q 13 -43.62 -2.53 -36.04
N GLU Q 14 -42.87 -1.47 -36.33
CA GLU Q 14 -41.84 -0.98 -35.43
C GLU Q 14 -42.33 0.18 -34.56
N SER Q 15 -43.62 0.52 -34.65
CA SER Q 15 -44.23 1.57 -33.83
C SER Q 15 -43.49 2.90 -33.99
N ARG Q 16 -43.14 3.24 -35.23
CA ARG Q 16 -42.36 4.43 -35.50
C ARG Q 16 -42.89 5.11 -36.76
N TYR Q 17 -42.56 6.39 -36.88
CA TYR Q 17 -42.90 7.13 -38.08
C TYR Q 17 -42.11 6.60 -39.27
N PRO Q 18 -42.61 6.82 -40.49
CA PRO Q 18 -41.87 6.36 -41.66
C PRO Q 18 -40.45 6.91 -41.70
N ALA Q 19 -39.49 6.02 -41.93
CA ALA Q 19 -38.10 6.39 -42.03
C ALA Q 19 -37.82 7.02 -43.38
N PRO Q 20 -36.67 7.70 -43.53
CA PRO Q 20 -36.33 8.25 -44.86
C PRO Q 20 -36.29 7.21 -45.96
N LYS Q 21 -35.94 5.96 -45.66
CA LYS Q 21 -35.97 4.92 -46.68
C LYS Q 21 -37.39 4.71 -47.19
N GLU Q 22 -38.36 4.62 -46.27
CA GLU Q 22 -39.74 4.45 -46.67
C GLU Q 22 -40.28 5.66 -47.39
N ILE Q 23 -39.85 6.87 -46.99
CA ILE Q 23 -40.27 8.07 -47.69
C ILE Q 23 -39.71 8.09 -49.11
N GLN Q 24 -38.46 7.65 -49.28
CA GLN Q 24 -37.89 7.57 -50.62
C GLN Q 24 -38.67 6.57 -51.48
N VAL Q 25 -39.03 5.42 -50.91
CA VAL Q 25 -39.83 4.45 -51.65
C VAL Q 25 -41.18 5.05 -52.04
N TYR Q 26 -41.81 5.76 -51.09
CA TYR Q 26 -43.11 6.38 -51.35
C TYR Q 26 -43.02 7.40 -52.47
N GLN Q 27 -42.00 8.25 -52.45
CA GLN Q 27 -41.86 9.27 -53.47
C GLN Q 27 -41.56 8.65 -54.83
N ASN Q 28 -40.68 7.63 -54.87
CA ASN Q 28 -40.42 6.95 -56.12
C ASN Q 28 -41.68 6.31 -56.67
N PHE Q 29 -42.53 5.76 -55.79
CA PHE Q 29 -43.77 5.14 -56.23
C PHE Q 29 -44.73 6.16 -56.81
N VAL Q 30 -44.93 7.28 -56.10
CA VAL Q 30 -45.89 8.27 -56.58
C VAL Q 30 -45.37 8.97 -57.83
N LYS Q 31 -44.06 8.91 -58.10
CA LYS Q 31 -43.55 9.45 -59.36
C LYS Q 31 -43.83 8.55 -60.56
N THR Q 32 -44.22 7.30 -60.34
CA THR Q 32 -44.54 6.38 -61.43
C THR Q 32 -46.03 6.21 -61.65
N GLY Q 33 -46.85 7.08 -61.04
CA GLY Q 33 -48.28 6.97 -61.21
C GLY Q 33 -48.72 7.18 -62.64
N GLU Q 34 -48.06 8.08 -63.35
CA GLU Q 34 -48.37 8.30 -64.76
C GLU Q 34 -48.22 7.01 -65.56
N GLN Q 35 -47.08 6.34 -65.41
CA GLN Q 35 -46.83 5.10 -66.13
C GLN Q 35 -47.80 4.01 -65.70
N ARG Q 36 -48.09 3.92 -64.41
CA ARG Q 36 -49.02 2.88 -63.94
C ARG Q 36 -50.41 3.10 -64.49
N ILE Q 37 -50.88 4.34 -64.52
CA ILE Q 37 -52.20 4.63 -65.07
C ILE Q 37 -52.21 4.37 -66.56
N ARG Q 38 -51.11 4.66 -67.25
CA ARG Q 38 -51.03 4.36 -68.67
C ARG Q 38 -51.13 2.86 -68.93
N ILE Q 39 -50.43 2.06 -68.14
CA ILE Q 39 -50.48 0.61 -68.30
C ILE Q 39 -51.88 0.08 -68.00
N ALA Q 40 -52.52 0.62 -66.95
CA ALA Q 40 -53.88 0.20 -66.63
C ALA Q 40 -54.85 0.55 -67.75
N LYS Q 41 -54.69 1.73 -68.35
CA LYS Q 41 -55.51 2.10 -69.49
C LYS Q 41 -55.27 1.17 -70.66
N ILE Q 42 -54.02 0.79 -70.88
CA ILE Q 42 -53.70 -0.16 -71.96
C ILE Q 42 -54.42 -1.48 -71.73
N LEU Q 43 -54.38 -1.97 -70.49
CA LEU Q 43 -55.03 -3.24 -70.17
C LEU Q 43 -56.54 -3.14 -70.32
N ALA Q 44 -57.12 -2.01 -69.90
CA ALA Q 44 -58.57 -1.86 -70.02
C ALA Q 44 -59.02 -1.75 -71.47
N GLU Q 45 -58.26 -1.04 -72.29
CA GLU Q 45 -58.66 -0.85 -73.68
C GLU Q 45 -58.52 -2.15 -74.47
N ASN Q 46 -57.45 -2.90 -74.24
CA ASN Q 46 -57.15 -4.09 -75.02
C ASN Q 46 -57.60 -5.37 -74.33
N GLU Q 47 -58.53 -5.28 -73.39
CA GLU Q 47 -58.94 -6.47 -72.64
C GLU Q 47 -59.62 -7.48 -73.55
N GLN Q 48 -60.53 -7.02 -74.42
CA GLN Q 48 -61.31 -7.96 -75.23
C GLN Q 48 -60.43 -8.64 -76.28
N ARG Q 49 -59.55 -7.90 -76.95
CA ARG Q 49 -58.70 -8.53 -77.95
C ARG Q 49 -57.71 -9.49 -77.30
N ILE Q 50 -57.19 -9.13 -76.12
CA ILE Q 50 -56.32 -10.04 -75.39
C ILE Q 50 -57.07 -11.32 -75.04
N VAL Q 51 -58.31 -11.17 -74.55
CA VAL Q 51 -59.10 -12.33 -74.17
C VAL Q 51 -59.34 -13.23 -75.38
N GLN Q 52 -59.71 -12.64 -76.52
CA GLN Q 52 -60.02 -13.43 -77.70
C GLN Q 52 -58.78 -14.16 -78.22
N ASN Q 53 -57.66 -13.44 -78.35
CA ASN Q 53 -56.45 -14.07 -78.86
C ASN Q 53 -55.94 -15.14 -77.92
N GLY Q 54 -55.93 -14.85 -76.61
CA GLY Q 54 -55.52 -15.85 -75.65
C GLY Q 54 -56.42 -17.06 -75.63
N SER Q 55 -57.72 -16.85 -75.80
CA SER Q 55 -58.65 -17.98 -75.89
C SER Q 55 -58.35 -18.83 -77.10
N ALA Q 56 -58.10 -18.20 -78.24
CA ALA Q 56 -57.79 -18.96 -79.45
C ALA Q 56 -56.52 -19.78 -79.28
N ARG Q 57 -55.47 -19.15 -78.75
CA ARG Q 57 -54.21 -19.87 -78.57
C ARG Q 57 -54.34 -20.97 -77.53
N PHE Q 58 -55.10 -20.72 -76.46
CA PHE Q 58 -55.26 -21.71 -75.40
C PHE Q 58 -56.09 -22.89 -75.87
N TRP Q 59 -57.10 -22.65 -76.72
CA TRP Q 59 -57.87 -23.76 -77.27
C TRP Q 59 -57.06 -24.52 -78.31
N GLU Q 60 -56.19 -23.83 -79.05
CA GLU Q 60 -55.29 -24.55 -79.96
C GLU Q 60 -54.33 -25.44 -79.18
N ARG Q 61 -53.78 -24.93 -78.08
CA ARG Q 61 -52.81 -25.70 -77.30
C ARG Q 61 -53.49 -26.77 -76.46
N VAL Q 62 -54.64 -26.47 -75.86
CA VAL Q 62 -55.36 -27.40 -75.00
C VAL Q 62 -56.77 -27.55 -75.56
N PRO Q 63 -56.98 -28.43 -76.54
CA PRO Q 63 -58.32 -28.53 -77.14
C PRO Q 63 -59.33 -29.24 -76.27
N ASN Q 64 -58.89 -30.11 -75.36
CA ASN Q 64 -59.79 -30.85 -74.49
C ASN Q 64 -59.88 -30.12 -73.15
N THR Q 65 -60.73 -29.11 -73.11
CA THR Q 65 -60.96 -28.33 -71.91
C THR Q 65 -62.44 -27.99 -71.82
N PRO Q 66 -62.97 -27.83 -70.61
CA PRO Q 66 -64.41 -27.51 -70.49
C PRO Q 66 -64.79 -26.18 -71.11
N SER Q 67 -63.83 -25.29 -71.35
CA SER Q 67 -64.13 -24.01 -71.98
C SER Q 67 -64.68 -24.21 -73.39
N ASN Q 68 -64.07 -25.10 -74.17
CA ASN Q 68 -64.53 -25.38 -75.53
C ASN Q 68 -65.09 -26.79 -75.66
N SER Q 69 -65.80 -27.25 -74.64
CA SER Q 69 -66.45 -28.55 -74.67
C SER Q 69 -67.82 -28.51 -75.32
N GLY Q 70 -68.10 -27.48 -76.12
CA GLY Q 70 -69.37 -27.35 -76.80
C GLY Q 70 -70.44 -26.62 -76.02
N ASN Q 71 -70.20 -26.30 -74.76
CA ASN Q 71 -71.16 -25.58 -73.93
C ASN Q 71 -70.85 -24.09 -73.99
N GLU Q 72 -71.79 -23.33 -74.57
CA GLU Q 72 -71.56 -21.90 -74.72
C GLU Q 72 -71.48 -21.19 -73.38
N ARG Q 73 -72.24 -21.65 -72.38
CA ARG Q 73 -72.17 -21.05 -71.06
C ARG Q 73 -70.79 -21.21 -70.45
N LYS Q 74 -70.20 -22.40 -70.60
CA LYS Q 74 -68.85 -22.63 -70.09
C LYS Q 74 -67.84 -21.75 -70.80
N THR Q 75 -67.98 -21.60 -72.12
CA THR Q 75 -67.08 -20.73 -72.87
C THR Q 75 -67.19 -19.29 -72.39
N ALA Q 76 -68.42 -18.81 -72.20
CA ALA Q 76 -68.62 -17.45 -71.74
C ALA Q 76 -68.04 -17.25 -70.35
N SER Q 77 -68.21 -18.24 -69.47
CA SER Q 77 -67.65 -18.14 -68.12
C SER Q 77 -66.13 -18.12 -68.16
N CYS Q 78 -65.51 -18.95 -69.01
CA CYS Q 78 -64.07 -18.93 -69.11
C CYS Q 78 -63.55 -17.59 -69.62
N GLN Q 79 -64.19 -17.04 -70.64
CA GLN Q 79 -63.76 -15.75 -71.17
C GLN Q 79 -63.96 -14.64 -70.15
N ARG Q 80 -65.05 -14.72 -69.39
CA ARG Q 80 -65.28 -13.76 -68.31
C ARG Q 80 -64.20 -13.86 -67.24
N ASP Q 81 -63.78 -15.09 -66.92
CA ASP Q 81 -62.71 -15.28 -65.96
C ASP Q 81 -61.40 -14.66 -66.47
N GLN Q 82 -61.11 -14.84 -67.75
CA GLN Q 82 -59.91 -14.24 -68.32
C GLN Q 82 -59.97 -12.72 -68.21
N GLY Q 83 -61.12 -12.13 -68.54
CA GLY Q 83 -61.27 -10.70 -68.41
C GLY Q 83 -61.13 -10.23 -66.96
N TRP Q 84 -61.69 -11.01 -66.03
CA TRP Q 84 -61.58 -10.66 -64.62
C TRP Q 84 -60.14 -10.69 -64.14
N TYR Q 85 -59.37 -11.68 -64.58
CA TYR Q 85 -57.97 -11.73 -64.15
C TYR Q 85 -57.14 -10.63 -64.80
N ILE Q 86 -57.47 -10.24 -66.03
CA ILE Q 86 -56.82 -9.07 -66.61
C ILE Q 86 -57.16 -7.83 -65.79
N ARG Q 87 -58.41 -7.71 -65.35
CA ARG Q 87 -58.80 -6.58 -64.51
C ARG Q 87 -58.04 -6.57 -63.19
N LEU Q 88 -57.88 -7.75 -62.57
CA LEU Q 88 -57.15 -7.83 -61.32
C LEU Q 88 -55.68 -7.46 -61.52
N ILE Q 89 -55.10 -7.86 -62.65
CA ILE Q 89 -53.72 -7.50 -62.94
C ILE Q 89 -53.61 -5.99 -63.15
N ALA Q 90 -54.61 -5.38 -63.77
CA ALA Q 90 -54.63 -3.92 -63.88
C ALA Q 90 -54.69 -3.27 -62.50
N TYR Q 91 -55.51 -3.82 -61.62
CA TYR Q 91 -55.56 -3.32 -60.24
C TYR Q 91 -54.19 -3.41 -59.57
N SER Q 92 -53.51 -4.54 -59.76
CA SER Q 92 -52.21 -4.73 -59.13
C SER Q 92 -51.18 -3.75 -59.70
N VAL Q 93 -51.23 -3.51 -61.00
CA VAL Q 93 -50.33 -2.53 -61.60
C VAL Q 93 -50.58 -1.15 -61.02
N LEU Q 94 -51.86 -0.78 -60.86
CA LEU Q 94 -52.19 0.51 -60.28
C LEU Q 94 -51.70 0.63 -58.85
N ALA Q 95 -51.89 -0.43 -58.06
CA ALA Q 95 -51.51 -0.39 -56.64
C ALA Q 95 -50.01 -0.53 -56.44
N GLY Q 96 -49.28 -1.05 -57.42
CA GLY Q 96 -47.85 -1.24 -57.30
C GLY Q 96 -47.42 -2.55 -56.70
N SER Q 97 -48.36 -3.36 -56.22
CA SER Q 97 -48.03 -4.64 -55.60
C SER Q 97 -49.08 -5.67 -56.01
N GLU Q 98 -48.77 -6.93 -55.74
CA GLU Q 98 -49.67 -8.03 -56.07
C GLU Q 98 -50.76 -8.23 -55.03
N LYS Q 99 -50.81 -7.39 -54.00
CA LYS Q 99 -51.79 -7.58 -52.93
C LYS Q 99 -53.24 -7.56 -53.42
N PRO Q 100 -53.67 -6.64 -54.28
CA PRO Q 100 -55.07 -6.71 -54.75
C PRO Q 100 -55.38 -8.00 -55.50
N LEU Q 101 -54.49 -8.41 -56.41
CA LEU Q 101 -54.69 -9.65 -57.14
C LEU Q 101 -54.70 -10.84 -56.19
N GLU Q 102 -53.81 -10.84 -55.20
CA GLU Q 102 -53.74 -11.94 -54.26
C GLU Q 102 -55.01 -12.02 -53.42
N GLU Q 103 -55.53 -10.87 -52.99
CA GLU Q 103 -56.71 -10.87 -52.15
C GLU Q 103 -57.98 -11.20 -52.92
N ILE Q 104 -58.05 -10.84 -54.20
CA ILE Q 104 -59.28 -11.04 -54.94
C ILE Q 104 -59.30 -12.37 -55.68
N GLY Q 105 -58.23 -12.74 -56.38
CA GLY Q 105 -58.30 -13.92 -57.22
C GLY Q 105 -57.16 -14.91 -57.08
N THR Q 106 -56.48 -14.91 -55.93
CA THR Q 106 -55.39 -15.85 -55.70
C THR Q 106 -55.53 -16.65 -54.41
N ILE Q 107 -56.02 -16.05 -53.33
CA ILE Q 107 -56.24 -16.80 -52.10
C ILE Q 107 -57.47 -17.67 -52.30
N GLY Q 108 -57.30 -18.98 -52.23
CA GLY Q 108 -58.40 -19.90 -52.43
C GLY Q 108 -58.78 -20.15 -53.87
N ILE Q 109 -57.92 -19.80 -54.82
CA ILE Q 109 -58.24 -20.01 -56.23
C ILE Q 109 -58.31 -21.51 -56.54
N LYS Q 110 -57.38 -22.28 -55.98
CA LYS Q 110 -57.37 -23.71 -56.24
C LYS Q 110 -58.63 -24.39 -55.69
N GLU Q 111 -59.05 -24.01 -54.48
CA GLU Q 111 -60.27 -24.58 -53.92
C GLU Q 111 -61.49 -24.21 -54.76
N MET Q 112 -61.57 -22.95 -55.19
CA MET Q 112 -62.71 -22.51 -56.00
C MET Q 112 -62.77 -23.26 -57.31
N TYR Q 113 -61.63 -23.42 -57.99
CA TYR Q 113 -61.66 -24.08 -59.29
C TYR Q 113 -61.78 -25.59 -59.17
N ASN Q 114 -61.31 -26.18 -58.08
CA ASN Q 114 -61.54 -27.59 -57.87
C ASN Q 114 -63.00 -27.87 -57.55
N ASN Q 115 -63.65 -26.95 -56.83
CA ASN Q 115 -65.09 -27.07 -56.66
C ASN Q 115 -65.81 -26.92 -57.99
N LEU Q 116 -65.34 -26.03 -58.85
CA LEU Q 116 -65.94 -25.87 -60.17
C LEU Q 116 -65.60 -27.00 -61.11
N GLU Q 117 -64.69 -27.89 -60.72
CA GLU Q 117 -64.29 -29.05 -61.53
C GLU Q 117 -63.66 -28.60 -62.85
N ILE Q 118 -62.67 -27.72 -62.75
CA ILE Q 118 -61.91 -27.24 -63.89
C ILE Q 118 -60.45 -27.55 -63.63
N PRO Q 119 -59.76 -28.26 -64.53
CA PRO Q 119 -58.35 -28.60 -64.28
C PRO Q 119 -57.50 -27.36 -64.14
N LEU Q 120 -56.60 -27.38 -63.14
CA LEU Q 120 -55.79 -26.21 -62.86
C LEU Q 120 -54.69 -26.02 -63.90
N ARG Q 121 -54.21 -27.12 -64.51
CA ARG Q 121 -53.20 -27.00 -65.54
C ARG Q 121 -53.73 -26.26 -66.76
N ASN Q 122 -55.00 -26.48 -67.09
CA ASN Q 122 -55.61 -25.73 -68.18
C ASN Q 122 -55.67 -24.25 -67.88
N ILE Q 123 -55.98 -23.88 -66.63
CA ILE Q 123 -56.00 -22.47 -66.26
C ILE Q 123 -54.59 -21.89 -66.30
N VAL Q 124 -53.59 -22.69 -65.94
CA VAL Q 124 -52.20 -22.23 -66.05
C VAL Q 124 -51.85 -21.96 -67.51
N GLU Q 125 -52.27 -22.85 -68.41
CA GLU Q 125 -52.01 -22.64 -69.83
C GLU Q 125 -52.71 -21.40 -70.36
N CYS Q 126 -53.97 -21.19 -69.95
CA CYS Q 126 -54.68 -20.00 -70.37
C CYS Q 126 -54.02 -18.73 -69.83
N MET Q 127 -53.54 -18.78 -68.59
CA MET Q 127 -52.83 -17.62 -68.04
C MET Q 127 -51.55 -17.35 -68.81
N ARG Q 128 -50.84 -18.41 -69.22
CA ARG Q 128 -49.65 -18.22 -70.04
C ARG Q 128 -49.99 -17.58 -71.37
N CYS Q 129 -51.07 -18.03 -72.01
CA CYS Q 129 -51.49 -17.43 -73.28
C CYS Q 129 -51.88 -15.97 -73.10
N LEU Q 130 -52.61 -15.67 -72.02
CA LEU Q 130 -52.99 -14.29 -71.75
C LEU Q 130 -51.75 -13.43 -71.50
N LYS Q 131 -50.77 -13.96 -70.78
CA LYS Q 131 -49.55 -13.22 -70.52
C LYS Q 131 -48.80 -12.93 -71.80
N GLU Q 132 -48.69 -13.92 -72.69
CA GLU Q 132 -47.99 -13.69 -73.94
C GLU Q 132 -48.75 -12.74 -74.85
N GLU Q 133 -50.08 -12.70 -74.72
CA GLU Q 133 -50.86 -11.73 -75.50
C GLU Q 133 -50.71 -10.33 -74.95
N ALA Q 134 -50.64 -10.19 -73.63
CA ALA Q 134 -50.57 -8.87 -73.01
C ALA Q 134 -49.18 -8.26 -73.15
N LEU Q 135 -48.13 -9.08 -73.07
CA LEU Q 135 -46.78 -8.56 -73.18
C LEU Q 135 -46.54 -7.92 -74.54
N SER Q 136 -47.09 -8.52 -75.59
CA SER Q 136 -46.87 -8.02 -76.94
C SER Q 136 -47.44 -6.61 -77.15
N LEU Q 137 -48.37 -6.19 -76.31
CA LEU Q 137 -48.99 -4.87 -76.44
C LEU Q 137 -48.29 -3.81 -75.61
N MET Q 138 -47.20 -4.14 -74.94
CA MET Q 138 -46.46 -3.20 -74.13
C MET Q 138 -44.96 -3.33 -74.43
N SER Q 139 -44.22 -2.28 -74.11
CA SER Q 139 -42.79 -2.24 -74.35
C SER Q 139 -42.05 -2.87 -73.17
N GLU Q 140 -40.76 -3.11 -73.38
CA GLU Q 140 -39.92 -3.59 -72.31
C GLU Q 140 -39.69 -2.49 -71.28
N GLU Q 141 -39.32 -2.90 -70.08
CA GLU Q 141 -39.24 -2.05 -68.89
C GLU Q 141 -40.59 -1.44 -68.54
N ASP Q 142 -41.65 -1.86 -69.22
CA ASP Q 142 -43.01 -1.42 -68.96
C ASP Q 142 -43.95 -2.56 -68.63
N ALA Q 143 -43.68 -3.76 -69.13
CA ALA Q 143 -44.51 -4.93 -68.88
C ALA Q 143 -43.83 -5.92 -67.94
N LEU Q 144 -42.81 -5.49 -67.20
CA LEU Q 144 -42.16 -6.37 -66.24
C LEU Q 144 -43.11 -6.73 -65.11
N GLU Q 145 -43.81 -5.73 -64.57
CA GLU Q 145 -44.75 -6.00 -63.49
C GLU Q 145 -45.93 -6.82 -63.97
N VAL Q 146 -46.38 -6.61 -65.21
CA VAL Q 146 -47.49 -7.37 -65.74
C VAL Q 146 -47.13 -8.85 -65.85
N SER Q 147 -45.94 -9.13 -66.38
CA SER Q 147 -45.48 -10.51 -66.46
C SER Q 147 -45.29 -11.11 -65.07
N ALA Q 148 -44.82 -10.29 -64.13
CA ALA Q 148 -44.66 -10.78 -62.76
C ALA Q 148 -46.00 -11.16 -62.15
N TYR Q 149 -47.04 -10.37 -62.39
CA TYR Q 149 -48.36 -10.68 -61.84
C TYR Q 149 -48.97 -11.90 -62.51
N PHE Q 150 -48.76 -12.05 -63.82
CA PHE Q 150 -49.22 -13.25 -64.49
C PHE Q 150 -48.52 -14.49 -63.94
N ASP Q 151 -47.21 -14.39 -63.70
CA ASP Q 151 -46.48 -15.49 -63.07
C ASP Q 151 -47.00 -15.75 -61.66
N TYR Q 152 -47.40 -14.69 -60.95
CA TYR Q 152 -47.98 -14.87 -59.62
C TYR Q 152 -49.26 -15.69 -59.69
N VAL Q 153 -50.13 -15.38 -60.66
CA VAL Q 153 -51.37 -16.15 -60.81
C VAL Q 153 -51.04 -17.59 -61.15
N MET Q 154 -50.12 -17.81 -62.09
CA MET Q 154 -49.76 -19.17 -62.48
C MET Q 154 -49.19 -19.94 -61.30
N ARG Q 155 -48.34 -19.30 -60.51
CA ARG Q 155 -47.74 -19.96 -59.35
C ARG Q 155 -48.78 -20.31 -58.32
N SER Q 156 -49.76 -19.43 -58.10
CA SER Q 156 -50.83 -19.76 -57.17
C SER Q 156 -51.64 -20.95 -57.67
N LEU Q 157 -51.87 -21.02 -58.98
CA LEU Q 157 -52.60 -22.15 -59.53
C LEU Q 157 -51.82 -23.45 -59.40
N SER Q 158 -50.51 -23.41 -59.63
CA SER Q 158 -49.68 -24.61 -59.57
C SER Q 158 -49.24 -24.91 -58.15
N MET R 1 -56.17 -2.25 -43.47
CA MET R 1 -56.34 -0.88 -43.87
C MET R 1 -56.40 -0.73 -45.38
N GLN R 2 -56.78 0.46 -45.83
CA GLN R 2 -56.77 0.80 -47.25
C GLN R 2 -56.19 2.19 -47.42
N ASP R 3 -55.59 2.44 -48.57
CA ASP R 3 -55.16 3.76 -48.96
C ASP R 3 -56.05 4.24 -50.09
N ALA R 4 -55.69 5.37 -50.70
CA ALA R 4 -56.51 5.92 -51.78
C ALA R 4 -56.62 4.92 -52.94
N ILE R 5 -55.50 4.32 -53.34
CA ILE R 5 -55.52 3.38 -54.45
C ILE R 5 -56.38 2.16 -54.12
N THR R 6 -56.20 1.62 -52.92
CA THR R 6 -56.96 0.44 -52.53
C THR R 6 -58.45 0.76 -52.39
N ALA R 7 -58.78 1.96 -51.90
CA ALA R 7 -60.18 2.36 -51.82
C ALA R 7 -60.82 2.46 -53.19
N LEU R 8 -60.10 3.06 -54.16
CA LEU R 8 -60.62 3.12 -55.52
C LEU R 8 -60.77 1.73 -56.11
N ILE R 9 -59.79 0.85 -55.85
CA ILE R 9 -59.85 -0.52 -56.35
C ILE R 9 -61.06 -1.24 -55.77
N ASN R 10 -61.32 -1.06 -54.48
CA ASN R 10 -62.48 -1.69 -53.84
C ASN R 10 -63.78 -1.19 -54.44
N SER R 11 -63.90 0.13 -54.62
CA SER R 11 -65.12 0.68 -55.18
C SER R 11 -65.34 0.19 -56.60
N SER R 12 -64.27 0.04 -57.38
CA SER R 12 -64.41 -0.48 -58.73
C SER R 12 -64.69 -1.98 -58.76
N ASP R 13 -64.11 -2.73 -57.82
CA ASP R 13 -64.25 -4.18 -57.81
C ASP R 13 -65.61 -4.63 -57.31
N VAL R 14 -66.24 -3.86 -56.42
CA VAL R 14 -67.57 -4.21 -55.95
C VAL R 14 -68.55 -4.26 -57.12
N GLN R 15 -68.41 -3.31 -58.04
CA GLN R 15 -69.22 -3.32 -59.26
C GLN R 15 -68.56 -4.08 -60.40
N GLY R 16 -67.37 -4.65 -60.19
CA GLY R 16 -66.75 -5.54 -61.14
C GLY R 16 -66.34 -4.91 -62.47
N ARG R 17 -65.71 -3.74 -62.43
CA ARG R 17 -65.28 -3.10 -63.66
C ARG R 17 -64.02 -2.27 -63.38
N TYR R 18 -63.28 -2.00 -64.45
CA TYR R 18 -62.04 -1.25 -64.34
C TYR R 18 -62.30 0.15 -63.76
N LEU R 19 -61.23 0.82 -63.39
CA LEU R 19 -61.35 2.16 -62.85
C LEU R 19 -61.86 3.11 -63.93
N ASP R 20 -63.01 3.73 -63.68
CA ASP R 20 -63.58 4.69 -64.61
C ASP R 20 -62.76 5.97 -64.60
N PRO R 21 -62.93 6.83 -65.62
CA PRO R 21 -62.08 8.03 -65.69
C PRO R 21 -62.10 8.90 -64.46
N SER R 22 -63.22 8.97 -63.73
CA SER R 22 -63.23 9.74 -62.49
C SER R 22 -62.31 9.13 -61.44
N SER R 23 -62.31 7.81 -61.32
CA SER R 23 -61.41 7.15 -60.38
C SER R 23 -59.96 7.37 -60.78
N LEU R 24 -59.67 7.33 -62.08
CA LEU R 24 -58.31 7.58 -62.54
C LEU R 24 -57.90 9.03 -62.26
N ASP R 25 -58.84 9.97 -62.39
CA ASP R 25 -58.54 11.36 -62.05
C ASP R 25 -58.23 11.49 -60.57
N LYS R 26 -59.00 10.83 -59.71
CA LYS R 26 -58.72 10.87 -58.28
C LYS R 26 -57.37 10.22 -57.96
N LEU R 27 -57.04 9.14 -58.66
CA LEU R 27 -55.74 8.50 -58.48
C LEU R 27 -54.61 9.42 -58.88
N GLN R 28 -54.76 10.14 -59.99
CA GLN R 28 -53.74 11.10 -60.40
C GLN R 28 -53.61 12.23 -59.39
N ASN R 29 -54.74 12.68 -58.84
CA ASN R 29 -54.70 13.72 -57.82
C ASN R 29 -53.93 13.25 -56.60
N TYR R 30 -54.17 12.02 -56.16
CA TYR R 30 -53.43 11.48 -55.03
C TYR R 30 -51.94 11.37 -55.34
N PHE R 31 -51.61 10.90 -56.54
CA PHE R 31 -50.22 10.78 -56.93
C PHE R 31 -49.52 12.13 -56.91
N GLN R 32 -50.21 13.17 -57.39
CA GLN R 32 -49.63 14.51 -57.35
C GLN R 32 -49.46 15.01 -55.92
N SER R 33 -50.44 14.75 -55.06
CA SER R 33 -50.35 15.20 -53.67
C SER R 33 -49.36 14.39 -52.84
N GLY R 34 -48.84 13.30 -53.40
CA GLY R 34 -47.92 12.46 -52.64
C GLY R 34 -46.70 13.19 -52.11
N ASP R 35 -46.16 14.11 -52.89
CA ASP R 35 -44.97 14.84 -52.43
C ASP R 35 -45.26 15.70 -51.22
N MET R 36 -46.38 16.44 -51.26
CA MET R 36 -46.78 17.22 -50.09
C MET R 36 -47.05 16.33 -48.90
N ARG R 37 -47.67 15.17 -49.13
CA ARG R 37 -47.92 14.24 -48.04
C ARG R 37 -46.62 13.76 -47.41
N ALA R 38 -45.62 13.46 -48.24
CA ALA R 38 -44.33 13.02 -47.72
C ALA R 38 -43.65 14.11 -46.91
N LYS R 39 -43.70 15.35 -47.39
CA LYS R 39 -43.10 16.44 -46.64
C LYS R 39 -43.80 16.65 -45.29
N THR R 40 -45.13 16.58 -45.29
CA THR R 40 -45.87 16.72 -44.04
C THR R 40 -45.54 15.59 -43.08
N ALA R 41 -45.44 14.36 -43.59
CA ALA R 41 -45.09 13.24 -42.73
C ALA R 41 -43.71 13.41 -42.12
N ILE R 42 -42.75 13.90 -42.91
CA ILE R 42 -41.40 14.13 -42.39
C ILE R 42 -41.45 15.18 -41.28
N ALA R 43 -42.18 16.28 -41.51
CA ALA R 43 -42.25 17.33 -40.50
C ALA R 43 -42.88 16.85 -39.20
N VAL R 44 -43.99 16.10 -39.31
CA VAL R 44 -44.66 15.61 -38.11
C VAL R 44 -43.78 14.59 -37.40
N SER R 45 -43.08 13.75 -38.16
CA SER R 45 -42.14 12.81 -37.54
C SER R 45 -41.06 13.54 -36.76
N ALA R 46 -40.56 14.64 -37.33
CA ALA R 46 -39.51 15.39 -36.66
C ALA R 46 -40.00 16.11 -35.41
N ASN R 47 -41.26 16.55 -35.39
CA ASN R 47 -41.74 17.37 -34.28
C ASN R 47 -42.84 16.70 -33.46
N ALA R 48 -42.92 15.37 -33.50
CA ALA R 48 -43.98 14.66 -32.78
C ALA R 48 -43.97 14.95 -31.28
N LYS R 49 -42.80 14.89 -30.66
CA LYS R 49 -42.74 15.10 -29.21
C LYS R 49 -43.19 16.50 -28.84
N ASN R 50 -42.73 17.51 -29.58
CA ASN R 50 -43.16 18.88 -29.31
C ASN R 50 -44.64 19.04 -29.55
N ILE R 51 -45.17 18.38 -30.58
CA ILE R 51 -46.59 18.49 -30.87
C ILE R 51 -47.41 17.98 -29.70
N VAL R 52 -47.04 16.81 -29.18
CA VAL R 52 -47.79 16.24 -28.06
C VAL R 52 -47.59 17.08 -26.79
N THR R 53 -46.39 17.62 -26.59
CA THR R 53 -46.15 18.48 -25.44
C THR R 53 -47.05 19.71 -25.47
N LYS R 54 -47.12 20.36 -26.62
CA LYS R 54 -47.95 21.55 -26.74
C LYS R 54 -49.43 21.20 -26.64
N THR R 55 -49.83 20.06 -27.20
CA THR R 55 -51.22 19.63 -27.08
C THR R 55 -51.62 19.45 -25.61
N VAL R 56 -50.80 18.73 -24.85
CA VAL R 56 -51.11 18.51 -23.44
C VAL R 56 -51.09 19.83 -22.69
N ALA R 57 -50.11 20.68 -22.99
CA ALA R 57 -49.99 21.95 -22.26
C ALA R 57 -51.20 22.83 -22.47
N LYS R 58 -51.69 22.93 -23.71
CA LYS R 58 -52.80 23.82 -24.01
C LYS R 58 -54.16 23.16 -23.88
N SER R 59 -54.22 21.87 -23.59
CA SER R 59 -55.51 21.19 -23.53
C SER R 59 -55.83 20.57 -22.18
N LEU R 60 -54.87 19.94 -21.51
CA LEU R 60 -55.15 19.15 -20.32
C LEU R 60 -54.46 19.64 -19.06
N LEU R 61 -53.38 20.40 -19.17
CA LEU R 61 -52.63 20.79 -17.98
C LEU R 61 -53.40 21.84 -17.17
N TYR R 62 -53.19 21.80 -15.86
CA TYR R 62 -53.76 22.76 -14.93
C TYR R 62 -55.28 22.77 -14.97
N THR R 63 -55.86 21.59 -15.11
CA THR R 63 -57.30 21.39 -14.99
C THR R 63 -57.56 20.36 -13.90
N ASP R 64 -58.84 20.04 -13.70
CA ASP R 64 -59.19 19.01 -12.73
C ASP R 64 -58.77 17.62 -13.18
N ILE R 65 -58.37 17.46 -14.44
CA ILE R 65 -57.96 16.14 -14.94
C ILE R 65 -56.64 15.72 -14.31
N THR R 66 -55.68 16.64 -14.22
CA THR R 66 -54.38 16.31 -13.65
C THR R 66 -54.34 16.42 -12.14
N ALA R 67 -55.36 17.00 -11.52
CA ALA R 67 -55.43 17.07 -10.08
C ALA R 67 -55.72 15.69 -9.49
N PRO R 68 -55.45 15.49 -8.20
CA PRO R 68 -55.80 14.20 -7.58
C PRO R 68 -57.27 13.91 -7.74
N GLY R 69 -57.57 12.65 -8.05
CA GLY R 69 -58.91 12.23 -8.37
C GLY R 69 -59.29 12.39 -9.83
N GLY R 70 -58.47 13.09 -10.61
CA GLY R 70 -58.72 13.22 -12.04
C GLY R 70 -58.20 11.99 -12.76
N MEN R 71 -58.38 11.95 -14.07
CA MEN R 71 -58.02 10.75 -14.82
C MEN R 71 -56.58 10.80 -15.33
O MEN R 71 -56.07 9.80 -15.82
CB MEN R 71 -58.97 10.56 -16.00
CG MEN R 71 -58.91 9.16 -16.57
OD1 MEN R 71 -58.68 8.93 -17.74
ND2 MEN R 71 -59.11 8.17 -15.68
CE2 MEN R 71 -59.07 6.78 -16.08
N MET R 72 -55.94 11.95 -15.20
CA MET R 72 -54.54 12.08 -15.60
C MET R 72 -53.66 12.15 -14.37
N TYR R 73 -54.25 11.96 -13.20
CA TYR R 73 -53.47 11.88 -11.97
C TYR R 73 -52.65 10.59 -11.96
N THR R 74 -51.59 10.60 -11.15
CA THR R 74 -50.54 9.59 -11.11
C THR R 74 -49.75 9.58 -12.41
N CYS R 75 -48.48 9.16 -12.33
CA CYS R 75 -47.63 9.19 -13.50
C CYS R 75 -48.05 8.15 -14.54
N ARG R 76 -48.61 7.04 -14.10
CA ARG R 76 -49.03 6.01 -15.04
C ARG R 76 -50.14 6.49 -15.95
N ARG R 77 -51.14 7.17 -15.38
CA ARG R 77 -52.25 7.66 -16.20
C ARG R 77 -51.82 8.82 -17.08
N TYR R 78 -50.93 9.69 -16.58
CA TYR R 78 -50.39 10.75 -17.42
C TYR R 78 -49.63 10.17 -18.60
N ALA R 79 -48.80 9.17 -18.36
CA ALA R 79 -48.05 8.54 -19.43
C ALA R 79 -48.98 7.84 -20.41
N ALA R 80 -50.06 7.24 -19.89
CA ALA R 80 -51.03 6.59 -20.77
C ALA R 80 -51.74 7.59 -21.67
N CYS R 81 -52.11 8.76 -21.14
CA CYS R 81 -52.72 9.79 -21.98
C CYS R 81 -51.74 10.30 -23.01
N VAL R 82 -50.49 10.52 -22.62
CA VAL R 82 -49.47 10.97 -23.57
C VAL R 82 -49.27 9.92 -24.66
N ARG R 83 -49.29 8.64 -24.28
CA ARG R 83 -49.15 7.57 -25.25
C ARG R 83 -50.34 7.52 -26.20
N ASP R 84 -51.54 7.76 -25.69
CA ASP R 84 -52.71 7.80 -26.57
C ASP R 84 -52.62 8.96 -27.56
N LEU R 85 -52.14 10.11 -27.10
CA LEU R 85 -51.95 11.23 -28.01
C LEU R 85 -50.87 10.93 -29.05
N ASP R 86 -49.81 10.23 -28.63
CA ASP R 86 -48.80 9.77 -29.58
C ASP R 86 -49.42 8.86 -30.63
N TYR R 87 -50.28 7.94 -30.20
CA TYR R 87 -50.98 7.07 -31.14
C TYR R 87 -51.81 7.87 -32.12
N PHE R 88 -52.55 8.86 -31.61
CA PHE R 88 -53.40 9.65 -32.48
C PHE R 88 -52.58 10.38 -33.52
N LEU R 89 -51.47 10.99 -33.10
CA LEU R 89 -50.63 11.73 -34.05
C LEU R 89 -50.02 10.81 -35.08
N ARG R 90 -49.47 9.68 -34.64
CA ARG R 90 -48.80 8.77 -35.57
C ARG R 90 -49.78 8.18 -36.57
N TYR R 91 -50.96 7.76 -36.13
CA TYR R 91 -51.90 7.16 -37.05
C TYR R 91 -52.57 8.21 -37.93
N ALA R 92 -52.70 9.45 -37.46
CA ALA R 92 -53.13 10.52 -38.35
C ALA R 92 -52.11 10.75 -39.44
N THR R 93 -50.81 10.69 -39.10
CA THR R 93 -49.78 10.80 -40.12
C THR R 93 -49.85 9.63 -41.10
N TYR R 94 -50.08 8.42 -40.59
CA TYR R 94 -50.26 7.26 -41.46
C TYR R 94 -51.41 7.47 -42.43
N ALA R 95 -52.55 7.93 -41.92
CA ALA R 95 -53.73 8.15 -42.75
C ALA R 95 -53.47 9.24 -43.78
N MET R 96 -52.76 10.29 -43.38
CA MET R 96 -52.44 11.36 -44.33
C MET R 96 -51.54 10.83 -45.44
N LEU R 97 -50.56 10.00 -45.11
CA LEU R 97 -49.71 9.41 -46.14
C LEU R 97 -50.53 8.49 -47.05
N ALA R 98 -51.46 7.73 -46.47
CA ALA R 98 -52.25 6.81 -47.27
C ALA R 98 -53.29 7.52 -48.11
N GLY R 99 -53.79 8.66 -47.65
CA GLY R 99 -54.90 9.31 -48.30
C GLY R 99 -56.27 8.77 -47.92
N ASP R 100 -56.33 7.85 -46.97
CA ASP R 100 -57.58 7.24 -46.53
C ASP R 100 -57.62 7.20 -45.01
N THR R 101 -58.83 7.22 -44.47
CA THR R 101 -59.04 7.22 -43.03
C THR R 101 -59.28 5.82 -42.46
N SER R 102 -59.16 4.78 -43.29
CA SER R 102 -59.49 3.43 -42.82
C SER R 102 -58.53 2.94 -41.76
N ILE R 103 -57.27 3.41 -41.77
CA ILE R 103 -56.33 3.01 -40.73
C ILE R 103 -56.81 3.50 -39.37
N LEU R 104 -57.38 4.70 -39.33
CA LEU R 104 -57.91 5.23 -38.09
C LEU R 104 -59.07 4.39 -37.57
N ASP R 105 -59.97 4.01 -38.47
CA ASP R 105 -61.11 3.18 -38.06
C ASP R 105 -60.65 1.82 -37.57
N GLU R 106 -59.71 1.20 -38.27
CA GLU R 106 -59.31 -0.16 -37.94
C GLU R 106 -58.45 -0.21 -36.69
N ARG R 107 -57.51 0.71 -36.55
CA ARG R 107 -56.50 0.62 -35.51
C ARG R 107 -56.78 1.51 -34.31
N ILE R 108 -57.46 2.63 -34.49
CA ILE R 108 -57.67 3.61 -33.42
C ILE R 108 -59.10 3.56 -32.90
N LEU R 109 -60.08 3.84 -33.76
CA LEU R 109 -61.45 4.06 -33.35
C LEU R 109 -62.25 2.79 -33.20
N ASN R 110 -61.68 1.63 -33.46
CA ASN R 110 -62.42 0.38 -33.36
C ASN R 110 -62.64 0.01 -31.89
N GLY R 111 -63.79 0.41 -31.36
CA GLY R 111 -64.07 0.14 -29.96
C GLY R 111 -63.31 1.00 -28.99
N LEU R 112 -62.80 2.15 -29.44
CA LEU R 112 -62.09 3.04 -28.52
C LEU R 112 -63.04 3.70 -27.54
N ARG R 113 -64.24 4.08 -28.01
CA ARG R 113 -65.18 4.74 -27.12
C ARG R 113 -65.61 3.82 -25.99
N GLU R 114 -65.84 2.55 -26.29
CA GLU R 114 -66.24 1.60 -25.24
C GLU R 114 -65.11 1.39 -24.24
N THR R 115 -63.87 1.28 -24.71
CA THR R 115 -62.74 1.16 -23.81
C THR R 115 -62.61 2.38 -22.91
N TYR R 116 -62.75 3.57 -23.48
CA TYR R 116 -62.67 4.79 -22.69
C TYR R 116 -63.79 4.86 -21.65
N ASN R 117 -65.00 4.47 -22.05
CA ASN R 117 -66.13 4.51 -21.13
C ASN R 117 -65.96 3.52 -20.00
N SER R 118 -65.48 2.31 -20.31
CA SER R 118 -65.25 1.32 -19.27
C SER R 118 -64.16 1.76 -18.32
N LEU R 119 -63.11 2.38 -18.86
CA LEU R 119 -61.99 2.80 -18.01
C LEU R 119 -62.32 4.05 -17.21
N GLY R 120 -63.12 4.95 -17.78
CA GLY R 120 -63.47 6.18 -17.11
C GLY R 120 -62.78 7.38 -17.73
N VAL R 121 -62.18 7.18 -18.89
CA VAL R 121 -61.43 8.23 -19.58
C VAL R 121 -62.42 9.26 -20.13
N PRO R 122 -62.31 10.53 -19.75
CA PRO R 122 -63.25 11.54 -20.26
C PRO R 122 -63.17 11.70 -21.77
N ILE R 123 -64.28 11.44 -22.45
CA ILE R 123 -64.29 11.50 -23.91
C ILE R 123 -64.18 12.95 -24.38
N GLY R 124 -64.89 13.86 -23.71
CA GLY R 124 -64.85 15.26 -24.12
C GLY R 124 -63.47 15.87 -24.02
N ALA R 125 -62.74 15.53 -22.94
CA ALA R 125 -61.38 16.01 -22.80
C ALA R 125 -60.48 15.46 -23.91
N THR R 126 -60.68 14.20 -24.28
CA THR R 126 -59.90 13.61 -25.36
C THR R 126 -60.20 14.29 -26.69
N ILE R 127 -61.46 14.62 -26.94
CA ILE R 127 -61.83 15.32 -28.17
C ILE R 127 -61.20 16.71 -28.19
N ARG R 128 -61.22 17.41 -27.05
CA ARG R 128 -60.56 18.71 -26.99
C ARG R 128 -59.06 18.59 -27.21
N SER R 129 -58.46 17.51 -26.70
CA SER R 129 -57.05 17.28 -26.93
C SER R 129 -56.76 17.04 -28.41
N VAL R 130 -57.63 16.29 -29.09
CA VAL R 130 -57.44 16.03 -30.52
C VAL R 130 -57.56 17.33 -31.30
N GLN R 131 -58.52 18.19 -30.93
CA GLN R 131 -58.64 19.48 -31.60
C GLN R 131 -57.43 20.37 -31.36
N ALA R 132 -56.91 20.37 -30.12
CA ALA R 132 -55.70 21.13 -29.84
C ALA R 132 -54.51 20.59 -30.62
N MET R 133 -54.42 19.27 -30.76
CA MET R 133 -53.38 18.66 -31.57
C MET R 133 -53.50 19.10 -33.02
N LYS R 134 -54.72 19.17 -33.54
CA LYS R 134 -54.93 19.68 -34.89
C LYS R 134 -54.44 21.11 -35.02
N GLU R 135 -54.74 21.94 -34.03
CA GLU R 135 -54.27 23.33 -34.05
C GLU R 135 -52.75 23.40 -34.05
N VAL R 136 -52.10 22.59 -33.22
CA VAL R 136 -50.65 22.60 -33.13
C VAL R 136 -50.02 22.14 -34.44
N VAL R 137 -50.56 21.08 -35.02
CA VAL R 137 -50.01 20.58 -36.28
C VAL R 137 -50.21 21.61 -37.38
N THR R 138 -51.35 22.29 -37.40
CA THR R 138 -51.58 23.35 -38.39
C THR R 138 -50.57 24.47 -38.22
N SER R 139 -50.32 24.87 -36.97
CA SER R 139 -49.35 25.93 -36.74
C SER R 139 -47.95 25.50 -37.14
N LEU R 140 -47.65 24.21 -37.07
CA LEU R 140 -46.31 23.74 -37.41
C LEU R 140 -46.12 23.61 -38.92
N VAL R 141 -47.02 22.91 -39.61
CA VAL R 141 -46.79 22.53 -41.00
C VAL R 141 -47.37 23.52 -42.00
N GLY R 142 -48.24 24.43 -41.58
CA GLY R 142 -48.82 25.38 -42.50
C GLY R 142 -50.33 25.27 -42.60
N ALA R 143 -50.92 25.91 -43.60
CA ALA R 143 -52.37 25.92 -43.73
C ALA R 143 -52.88 24.76 -44.59
N ASP R 144 -52.24 24.52 -45.73
CA ASP R 144 -52.70 23.44 -46.61
C ASP R 144 -52.44 22.08 -46.00
N ALA R 145 -51.18 21.79 -45.66
CA ALA R 145 -50.87 20.55 -44.96
C ALA R 145 -51.55 20.50 -43.61
N GLY R 146 -51.71 21.66 -42.96
CA GLY R 146 -52.42 21.70 -41.70
C GLY R 146 -53.84 21.19 -41.82
N ARG R 147 -54.56 21.64 -42.86
CA ARG R 147 -55.92 21.16 -43.05
C ARG R 147 -55.96 19.73 -43.57
N GLU R 148 -54.93 19.32 -44.31
CA GLU R 148 -54.85 17.92 -44.74
C GLU R 148 -54.76 16.99 -43.54
N MET R 149 -53.91 17.33 -42.57
CA MET R 149 -53.85 16.54 -41.34
C MET R 149 -55.10 16.75 -40.49
N GLY R 150 -55.69 17.94 -40.55
CA GLY R 150 -56.89 18.22 -39.79
C GLY R 150 -58.08 17.39 -40.23
N VAL R 151 -58.12 16.97 -41.49
CA VAL R 151 -59.17 16.07 -41.93
C VAL R 151 -59.18 14.81 -41.08
N TYR R 152 -58.01 14.21 -40.90
CA TYR R 152 -57.92 12.96 -40.14
C TYR R 152 -58.04 13.21 -38.64
N PHE R 153 -57.54 14.35 -38.16
CA PHE R 153 -57.77 14.70 -36.75
C PHE R 153 -59.26 14.83 -36.47
N ASP R 154 -60.00 15.49 -37.37
CA ASP R 154 -61.43 15.61 -37.22
C ASP R 154 -62.13 14.28 -37.35
N HIS R 155 -61.62 13.38 -38.19
CA HIS R 155 -62.18 12.03 -38.26
C HIS R 155 -62.04 11.32 -36.92
N ILE R 156 -60.86 11.44 -36.30
CA ILE R 156 -60.67 10.83 -34.98
C ILE R 156 -61.61 11.44 -33.96
N ALA R 157 -61.73 12.77 -33.96
CA ALA R 157 -62.60 13.42 -32.99
C ALA R 157 -64.06 13.02 -33.18
N ALA R 158 -64.51 12.91 -34.44
CA ALA R 158 -65.88 12.51 -34.71
C ALA R 158 -66.12 11.05 -34.33
N GLY R 159 -65.13 10.20 -34.57
CA GLY R 159 -65.27 8.80 -34.18
C GLY R 159 -65.28 8.61 -32.68
N LEU R 160 -64.65 9.52 -31.94
CA LEU R 160 -64.71 9.46 -30.49
C LEU R 160 -66.05 9.94 -29.96
N SER R 161 -66.64 10.95 -30.60
CA SER R 161 -67.90 11.51 -30.13
C SER R 161 -69.07 10.67 -30.61
N MET S 1 19.48 -52.55 -39.13
CA MET S 1 19.66 -51.62 -38.02
C MET S 1 20.60 -52.21 -36.98
N ARG S 2 21.32 -51.34 -36.29
CA ARG S 2 22.28 -51.78 -35.28
C ARG S 2 21.55 -52.37 -34.08
N MET S 3 22.01 -53.53 -33.63
CA MET S 3 21.43 -54.22 -32.48
C MET S 3 22.53 -54.58 -31.49
N PHE S 4 22.21 -54.44 -30.21
CA PHE S 4 23.10 -54.80 -29.11
C PHE S 4 22.63 -56.13 -28.53
N LYS S 5 23.55 -57.05 -28.31
CA LYS S 5 23.26 -58.26 -27.55
C LYS S 5 23.65 -58.00 -26.09
N VAL S 6 22.66 -57.88 -25.22
CA VAL S 6 22.86 -57.42 -23.86
C VAL S 6 22.43 -58.51 -22.89
N THR S 7 23.31 -58.82 -21.94
CA THR S 7 23.02 -59.69 -20.81
C THR S 7 22.96 -58.86 -19.55
N ALA S 8 21.90 -59.05 -18.76
CA ALA S 8 21.75 -58.24 -17.55
C ALA S 8 21.01 -59.04 -16.50
N CYS S 9 21.13 -58.57 -15.25
CA CYS S 9 20.38 -59.10 -14.12
C CYS S 9 19.74 -57.92 -13.40
N VAL S 10 18.42 -57.85 -13.44
CA VAL S 10 17.69 -56.69 -12.93
C VAL S 10 16.72 -57.13 -11.86
N PRO S 11 17.16 -57.30 -10.62
CA PRO S 11 16.24 -57.71 -9.55
C PRO S 11 15.23 -56.62 -9.23
N SER S 12 14.05 -57.06 -8.77
CA SER S 12 12.99 -56.14 -8.40
C SER S 12 13.26 -55.56 -7.02
N GLN S 13 13.10 -54.25 -6.89
CA GLN S 13 13.35 -53.55 -5.64
C GLN S 13 12.11 -53.37 -4.78
N THR S 14 10.93 -53.78 -5.26
CA THR S 14 9.70 -53.53 -4.53
C THR S 14 8.78 -54.74 -4.52
N ARG S 15 9.34 -55.95 -4.68
CA ARG S 15 8.50 -57.13 -4.77
C ARG S 15 7.85 -57.52 -3.45
N ILE S 16 8.46 -57.16 -2.31
CA ILE S 16 7.83 -57.42 -1.03
C ILE S 16 6.61 -56.53 -0.79
N ARG S 17 6.68 -55.25 -1.18
CA ARG S 17 5.60 -54.31 -0.96
C ARG S 17 4.41 -54.54 -1.88
N THR S 18 4.65 -54.83 -3.15
CA THR S 18 3.59 -55.07 -4.11
C THR S 18 3.16 -56.53 -4.18
N GLN S 19 3.96 -57.44 -3.62
CA GLN S 19 3.69 -58.87 -3.67
C GLN S 19 3.42 -59.35 -5.09
N ARG S 20 4.20 -58.83 -6.05
CA ARG S 20 4.12 -59.35 -7.41
C ARG S 20 4.70 -60.75 -7.47
N GLU S 21 4.23 -61.53 -8.44
CA GLU S 21 4.73 -62.88 -8.63
C GLU S 21 6.20 -62.83 -9.02
N LEU S 22 6.95 -63.83 -8.58
CA LEU S 22 8.38 -63.88 -8.85
C LEU S 22 8.64 -64.05 -10.34
N GLN S 23 9.64 -63.33 -10.83
CA GLN S 23 10.00 -63.37 -12.24
C GLN S 23 11.50 -63.57 -12.38
N ASN S 24 11.88 -64.24 -13.46
CA ASN S 24 13.30 -64.36 -13.78
C ASN S 24 13.87 -63.00 -14.13
N THR S 25 14.99 -62.64 -13.50
CA THR S 25 15.58 -61.32 -13.67
C THR S 25 16.88 -61.34 -14.44
N TYR S 26 17.41 -62.52 -14.77
CA TYR S 26 18.64 -62.63 -15.54
C TYR S 26 18.28 -62.96 -16.99
N PHE S 27 18.57 -62.03 -17.90
CA PHE S 27 18.16 -62.19 -19.29
C PHE S 27 19.29 -61.85 -20.24
N THR S 28 19.18 -62.37 -21.45
CA THR S 28 20.01 -61.98 -22.58
C THR S 28 19.08 -61.71 -23.75
N LYS S 29 19.26 -60.58 -24.42
CA LYS S 29 18.33 -60.21 -25.48
C LYS S 29 18.99 -59.23 -26.43
N LEU S 30 18.36 -59.08 -27.59
CA LEU S 30 18.77 -58.11 -28.59
C LEU S 30 17.96 -56.84 -28.38
N VAL S 31 18.65 -55.72 -28.19
CA VAL S 31 18.03 -54.41 -27.99
C VAL S 31 18.40 -53.54 -29.18
N PRO S 32 17.45 -52.86 -29.81
CA PRO S 32 17.81 -51.94 -30.90
C PRO S 32 18.70 -50.83 -30.38
N TYR S 33 19.56 -50.33 -31.27
CA TYR S 33 20.46 -49.24 -30.90
C TYR S 33 19.68 -48.04 -30.39
N ASP S 34 18.56 -47.71 -31.03
CA ASP S 34 17.81 -46.51 -30.68
C ASP S 34 17.17 -46.61 -29.30
N ASN S 35 17.02 -47.81 -28.76
CA ASN S 35 16.44 -47.99 -27.44
C ASN S 35 17.47 -48.37 -26.37
N TRP S 36 18.73 -48.56 -26.75
CA TRP S 36 19.69 -49.10 -25.81
C TRP S 36 20.05 -48.09 -24.73
N PHE S 37 20.15 -46.81 -25.06
CA PHE S 37 20.47 -45.83 -24.02
C PHE S 37 19.40 -45.81 -22.94
N ARG S 38 18.14 -45.77 -23.36
CA ARG S 38 17.04 -45.76 -22.40
C ARG S 38 16.98 -47.06 -21.62
N GLU S 39 17.20 -48.20 -22.29
CA GLU S 39 17.17 -49.48 -21.60
C GLU S 39 18.28 -49.57 -20.55
N GLN S 40 19.49 -49.12 -20.91
CA GLN S 40 20.60 -49.13 -19.97
C GLN S 40 20.33 -48.21 -18.80
N GLN S 41 19.77 -47.04 -19.06
CA GLN S 41 19.45 -46.12 -17.97
C GLN S 41 18.39 -46.73 -17.05
N ARG S 42 17.39 -47.40 -17.61
CA ARG S 42 16.37 -48.06 -16.78
C ARG S 42 16.99 -49.15 -15.92
N ILE S 43 17.85 -49.98 -16.50
CA ILE S 43 18.49 -51.05 -15.74
C ILE S 43 19.35 -50.45 -14.62
N MET S 44 20.12 -49.42 -14.93
CA MET S 44 20.95 -48.78 -13.91
C MET S 44 20.11 -48.21 -12.78
N LYS S 45 19.01 -47.53 -13.12
CA LYS S 45 18.18 -46.91 -12.10
C LYS S 45 17.37 -47.92 -11.32
N MET S 46 17.21 -49.14 -11.82
CA MET S 46 16.56 -50.20 -11.06
C MET S 46 17.53 -50.97 -10.17
N GLY S 47 18.80 -50.59 -10.16
CA GLY S 47 19.80 -51.30 -9.40
C GLY S 47 20.35 -52.52 -10.07
N GLY S 48 19.95 -52.81 -11.29
CA GLY S 48 20.45 -53.97 -12.00
C GLY S 48 21.89 -53.80 -12.43
N LYS S 49 22.47 -54.89 -12.91
CA LYS S 49 23.84 -54.92 -13.38
C LYS S 49 23.88 -55.37 -14.82
N ILE S 50 24.52 -54.58 -15.68
CA ILE S 50 24.72 -54.95 -17.07
C ILE S 50 25.98 -55.80 -17.14
N VAL S 51 25.83 -57.05 -17.53
CA VAL S 51 26.92 -58.02 -17.50
C VAL S 51 27.75 -57.97 -18.78
N LYS S 52 27.10 -58.05 -19.92
CA LYS S 52 27.79 -58.12 -21.20
C LYS S 52 27.04 -57.31 -22.24
N VAL S 53 27.78 -56.55 -23.03
CA VAL S 53 27.23 -55.79 -24.15
C VAL S 53 28.06 -56.11 -25.39
N GLN S 54 27.38 -56.48 -26.48
CA GLN S 54 28.02 -56.73 -27.75
C GLN S 54 27.24 -56.02 -28.84
N LEU S 55 27.94 -55.57 -29.87
CA LEU S 55 27.27 -55.01 -31.05
C LEU S 55 26.92 -56.19 -31.95
N ALA S 56 25.75 -56.78 -31.69
CA ALA S 56 25.34 -57.96 -32.43
C ALA S 56 25.14 -57.65 -33.91
N THR S 57 24.51 -56.52 -34.23
CA THR S 57 24.20 -56.16 -35.60
C THR S 57 24.72 -54.76 -35.89
N GLY S 58 25.38 -54.62 -37.04
CA GLY S 58 25.98 -53.36 -37.44
C GLY S 58 27.49 -53.39 -37.31
N LYS S 59 28.11 -52.32 -37.80
CA LYS S 59 29.56 -52.19 -37.74
C LYS S 59 29.92 -50.88 -37.04
N PRO S 60 30.97 -50.90 -36.22
CA PRO S 60 31.39 -49.66 -35.55
C PRO S 60 31.87 -48.63 -36.56
N GLY S 61 31.58 -47.37 -36.27
CA GLY S 61 32.06 -46.28 -37.08
C GLY S 61 31.36 -46.11 -38.41
N MET S 62 30.25 -46.79 -38.63
CA MET S 62 29.51 -46.61 -39.87
C MET S 62 28.94 -45.20 -39.94
N ASN S 63 29.04 -44.59 -41.12
CA ASN S 63 28.52 -43.25 -41.33
C ASN S 63 27.14 -43.24 -41.95
N THR S 64 26.88 -44.18 -42.86
CA THR S 64 25.57 -44.33 -43.49
C THR S 64 25.20 -45.80 -43.50
N GLY S 65 24.00 -46.10 -43.98
CA GLY S 65 23.53 -47.46 -44.00
C GLY S 65 23.08 -48.00 -42.66
N LEU S 66 22.71 -47.12 -41.73
CA LEU S 66 22.23 -47.59 -40.44
C LEU S 66 20.83 -48.16 -40.52
N LEU S 67 20.03 -47.75 -41.50
CA LEU S 67 18.67 -48.24 -41.63
C LEU S 67 18.65 -49.64 -42.24
N SER T 2 -28.38 -1.93 -43.50
CA SER T 2 -28.48 -1.80 -44.94
C SER T 2 -29.88 -2.11 -45.44
N ILE T 3 -30.33 -1.36 -46.44
CA ILE T 3 -31.66 -1.58 -46.97
C ILE T 3 -31.74 -2.88 -47.74
N VAL T 4 -30.61 -3.34 -48.28
CA VAL T 4 -30.58 -4.64 -48.95
C VAL T 4 -30.86 -5.75 -47.95
N THR T 5 -30.22 -5.70 -46.79
CA THR T 5 -30.52 -6.65 -45.73
C THR T 5 -31.97 -6.53 -45.28
N GLU T 6 -32.49 -5.31 -45.24
CA GLU T 6 -33.90 -5.12 -44.90
C GLU T 6 -34.81 -5.87 -45.86
N LEU T 7 -34.57 -5.72 -47.17
CA LEU T 7 -35.39 -6.42 -48.15
C LEU T 7 -35.23 -7.92 -48.05
N ILE T 8 -33.98 -8.40 -47.89
CA ILE T 8 -33.74 -9.82 -47.83
C ILE T 8 -34.45 -10.43 -46.62
N LEU T 9 -34.36 -9.77 -45.47
CA LEU T 9 -34.99 -10.29 -44.27
C LEU T 9 -36.50 -10.19 -44.33
N ASN T 10 -37.04 -9.16 -44.99
CA ASN T 10 -38.48 -9.10 -45.20
C ASN T 10 -38.96 -10.26 -46.05
N ALA T 11 -38.22 -10.58 -47.11
CA ALA T 11 -38.59 -11.73 -47.94
C ALA T 11 -38.45 -13.03 -47.16
N ASP T 12 -37.40 -13.14 -46.32
CA ASP T 12 -37.18 -14.35 -45.55
C ASP T 12 -38.23 -14.54 -44.48
N SER T 13 -38.83 -13.46 -43.98
CA SER T 13 -39.87 -13.58 -42.98
C SER T 13 -41.05 -14.37 -43.51
N GLU T 14 -41.41 -14.15 -44.77
CA GLU T 14 -42.50 -14.87 -45.42
C GLU T 14 -42.03 -16.09 -46.18
N SER T 15 -40.74 -16.42 -46.10
CA SER T 15 -40.18 -17.60 -46.77
C SER T 15 -40.46 -17.59 -48.26
N ARG T 16 -40.32 -16.42 -48.87
CA ARG T 16 -40.59 -16.23 -50.28
C ARG T 16 -39.46 -15.47 -50.92
N TYR T 17 -39.31 -15.63 -52.22
CA TYR T 17 -38.31 -14.89 -52.97
C TYR T 17 -38.66 -13.40 -52.95
N PRO T 18 -37.68 -12.53 -53.12
CA PRO T 18 -37.96 -11.09 -53.18
C PRO T 18 -39.00 -10.78 -54.25
N ALA T 19 -40.05 -10.08 -53.84
CA ALA T 19 -41.12 -9.72 -54.74
C ALA T 19 -40.65 -8.64 -55.72
N PRO T 20 -41.35 -8.46 -56.83
CA PRO T 20 -40.96 -7.41 -57.79
C PRO T 20 -40.93 -6.02 -57.19
N LYS T 21 -41.80 -5.72 -56.21
CA LYS T 21 -41.73 -4.44 -55.52
C LYS T 21 -40.41 -4.29 -54.77
N GLU T 22 -39.98 -5.35 -54.07
CA GLU T 22 -38.72 -5.30 -53.34
C GLU T 22 -37.54 -5.20 -54.30
N ILE T 23 -37.61 -5.88 -55.44
CA ILE T 23 -36.56 -5.76 -56.44
C ILE T 23 -36.51 -4.34 -56.98
N GLN T 24 -37.68 -3.72 -57.16
CA GLN T 24 -37.71 -2.33 -57.61
C GLN T 24 -37.06 -1.41 -56.59
N VAL T 25 -37.36 -1.62 -55.32
CA VAL T 25 -36.73 -0.83 -54.26
C VAL T 25 -35.23 -1.03 -54.28
N TYR T 26 -34.79 -2.27 -54.46
CA TYR T 26 -33.36 -2.58 -54.51
C TYR T 26 -32.68 -1.89 -55.68
N GLN T 27 -33.31 -1.91 -56.85
CA GLN T 27 -32.73 -1.26 -58.02
C GLN T 27 -32.66 0.25 -57.84
N ASN T 28 -33.71 0.85 -57.28
CA ASN T 28 -33.68 2.28 -57.02
C ASN T 28 -32.58 2.64 -56.03
N PHE T 29 -32.38 1.81 -55.01
CA PHE T 29 -31.32 2.08 -54.03
C PHE T 29 -29.95 1.94 -54.65
N VAL T 30 -29.73 0.91 -55.47
CA VAL T 30 -28.39 0.73 -56.02
C VAL T 30 -28.09 1.76 -57.10
N LYS T 31 -29.12 2.32 -57.72
CA LYS T 31 -28.85 3.36 -58.71
C LYS T 31 -28.68 4.73 -58.09
N THR T 32 -28.85 4.85 -56.78
CA THR T 32 -28.59 6.10 -56.07
C THR T 32 -27.35 6.03 -55.19
N GLY T 33 -26.55 4.97 -55.31
CA GLY T 33 -25.40 4.82 -54.44
C GLY T 33 -24.28 5.80 -54.74
N GLU T 34 -24.23 6.32 -55.97
CA GLU T 34 -23.20 7.30 -56.31
C GLU T 34 -23.41 8.59 -55.53
N GLN T 35 -24.65 9.02 -55.36
CA GLN T 35 -24.94 10.19 -54.54
C GLN T 35 -24.65 9.93 -53.07
N ARG T 36 -24.91 8.72 -52.59
CA ARG T 36 -24.59 8.38 -51.21
C ARG T 36 -23.10 8.39 -50.95
N ILE T 37 -22.30 7.91 -51.92
CA ILE T 37 -20.85 7.97 -51.77
C ILE T 37 -20.37 9.41 -51.71
N ARG T 38 -20.97 10.27 -52.52
CA ARG T 38 -20.61 11.69 -52.48
C ARG T 38 -20.94 12.30 -51.12
N ILE T 39 -22.11 11.98 -50.57
CA ILE T 39 -22.47 12.51 -49.25
C ILE T 39 -21.52 11.98 -48.18
N ALA T 40 -21.18 10.70 -48.24
CA ALA T 40 -20.27 10.13 -47.26
C ALA T 40 -18.90 10.77 -47.35
N LYS T 41 -18.42 11.01 -48.57
CA LYS T 41 -17.15 11.71 -48.74
C LYS T 41 -17.21 13.12 -48.18
N ILE T 42 -18.32 13.81 -48.40
CA ILE T 42 -18.47 15.15 -47.85
C ILE T 42 -18.40 15.12 -46.32
N LEU T 43 -19.08 14.17 -45.71
CA LEU T 43 -19.02 14.06 -44.25
C LEU T 43 -17.62 13.72 -43.77
N ALA T 44 -16.92 12.83 -44.49
CA ALA T 44 -15.58 12.45 -44.07
C ALA T 44 -14.59 13.60 -44.18
N GLU T 45 -14.61 14.34 -45.28
CA GLU T 45 -13.66 15.41 -45.50
C GLU T 45 -13.87 16.60 -44.58
N ASN T 46 -15.11 16.86 -44.19
CA ASN T 46 -15.45 18.01 -43.36
C ASN T 46 -15.64 17.63 -41.90
N GLU T 47 -15.20 16.43 -41.50
CA GLU T 47 -15.48 15.96 -40.15
C GLU T 47 -14.84 16.86 -39.11
N GLN T 48 -13.59 17.27 -39.33
CA GLN T 48 -12.92 18.13 -38.36
C GLN T 48 -13.60 19.49 -38.27
N ARG T 49 -13.97 20.07 -39.41
CA ARG T 49 -14.67 21.35 -39.38
C ARG T 49 -15.98 21.25 -38.64
N ILE T 50 -16.76 20.19 -38.93
CA ILE T 50 -18.03 19.98 -38.25
C ILE T 50 -17.81 19.82 -36.75
N VAL T 51 -16.80 19.04 -36.36
CA VAL T 51 -16.54 18.80 -34.95
C VAL T 51 -16.18 20.10 -34.24
N GLN T 52 -15.28 20.88 -34.83
CA GLN T 52 -14.82 22.10 -34.16
C GLN T 52 -15.95 23.12 -34.06
N ASN T 53 -16.69 23.33 -35.14
CA ASN T 53 -17.76 24.32 -35.09
C ASN T 53 -18.89 23.88 -34.16
N GLY T 54 -19.26 22.60 -34.21
CA GLY T 54 -20.29 22.11 -33.31
C GLY T 54 -19.85 22.15 -31.87
N SER T 55 -18.58 21.88 -31.59
CA SER T 55 -18.08 22.00 -30.22
C SER T 55 -18.13 23.44 -29.75
N ALA T 56 -17.79 24.39 -30.63
CA ALA T 56 -17.88 25.80 -30.25
C ALA T 56 -19.30 26.18 -29.91
N ARG T 57 -20.26 25.79 -30.76
CA ARG T 57 -21.66 26.13 -30.48
C ARG T 57 -22.17 25.43 -29.22
N PHE T 58 -21.79 24.17 -29.04
CA PHE T 58 -22.28 23.39 -27.90
C PHE T 58 -21.70 23.91 -26.59
N TRP T 59 -20.44 24.34 -26.60
CA TRP T 59 -19.87 24.94 -25.39
C TRP T 59 -20.41 26.35 -25.18
N GLU T 60 -20.82 27.02 -26.24
CA GLU T 60 -21.53 28.29 -26.06
C GLU T 60 -22.83 28.07 -25.33
N ARG T 61 -23.58 27.03 -25.70
CA ARG T 61 -24.84 26.74 -25.02
C ARG T 61 -24.62 26.11 -23.64
N VAL T 62 -23.69 25.16 -23.54
CA VAL T 62 -23.45 24.40 -22.31
C VAL T 62 -21.96 24.47 -21.96
N PRO T 63 -21.49 25.54 -21.33
CA PRO T 63 -20.05 25.63 -21.06
C PRO T 63 -19.57 24.74 -19.94
N ASN T 64 -20.41 24.48 -18.92
CA ASN T 64 -19.99 23.70 -17.76
C ASN T 64 -20.32 22.24 -18.01
N THR T 65 -19.43 21.59 -18.74
CA THR T 65 -19.59 20.21 -19.17
C THR T 65 -18.25 19.52 -19.02
N PRO T 66 -18.24 18.18 -18.91
CA PRO T 66 -16.95 17.49 -18.73
C PRO T 66 -15.94 17.76 -19.83
N SER T 67 -16.39 17.94 -21.08
CA SER T 67 -15.47 18.24 -22.16
C SER T 67 -14.94 19.66 -22.11
N ASN T 68 -15.48 20.51 -21.24
CA ASN T 68 -15.05 21.90 -21.15
C ASN T 68 -14.71 22.27 -19.71
N SER T 69 -14.12 21.34 -18.97
CA SER T 69 -13.76 21.56 -17.57
C SER T 69 -12.26 21.68 -17.38
N GLY T 70 -11.53 22.09 -18.41
CA GLY T 70 -10.10 22.25 -18.31
C GLY T 70 -9.30 20.97 -18.37
N ASN T 71 -9.96 19.84 -18.63
CA ASN T 71 -9.28 18.55 -18.77
C ASN T 71 -9.02 18.30 -20.24
N GLU T 72 -7.75 18.19 -20.61
CA GLU T 72 -7.39 18.01 -22.02
C GLU T 72 -7.89 16.69 -22.56
N ARG T 73 -7.70 15.61 -21.79
CA ARG T 73 -8.12 14.29 -22.25
C ARG T 73 -9.63 14.19 -22.42
N LYS T 74 -10.40 14.81 -21.52
CA LYS T 74 -11.84 14.76 -21.63
C LYS T 74 -12.32 15.50 -22.88
N THR T 75 -11.71 16.65 -23.18
CA THR T 75 -12.03 17.35 -24.41
C THR T 75 -11.71 16.50 -25.62
N ALA T 76 -10.54 15.86 -25.63
CA ALA T 76 -10.17 15.01 -26.75
C ALA T 76 -11.14 13.86 -26.91
N SER T 77 -11.55 13.24 -25.80
CA SER T 77 -12.48 12.12 -25.88
C SER T 77 -13.84 12.56 -26.39
N CYS T 78 -14.34 13.70 -25.93
CA CYS T 78 -15.64 14.17 -26.41
C CYS T 78 -15.59 14.48 -27.90
N GLN T 79 -14.53 15.16 -28.35
CA GLN T 79 -14.45 15.48 -29.77
C GLN T 79 -14.24 14.23 -30.62
N ARG T 80 -13.54 13.24 -30.08
CA ARG T 80 -13.45 11.95 -30.78
C ARG T 80 -14.81 11.29 -30.87
N ASP T 81 -15.63 11.38 -29.83
CA ASP T 81 -16.98 10.85 -29.89
C ASP T 81 -17.81 11.55 -30.96
N GLN T 82 -17.67 12.87 -31.05
CA GLN T 82 -18.37 13.62 -32.10
C GLN T 82 -17.96 13.14 -33.48
N GLY T 83 -16.65 13.00 -33.71
CA GLY T 83 -16.18 12.45 -34.96
C GLY T 83 -16.68 11.04 -35.23
N TRP T 84 -16.74 10.21 -34.19
CA TRP T 84 -17.22 8.85 -34.33
C TRP T 84 -18.69 8.82 -34.75
N TYR T 85 -19.50 9.71 -34.18
CA TYR T 85 -20.90 9.73 -34.58
C TYR T 85 -21.08 10.27 -35.99
N ILE T 86 -20.26 11.23 -36.40
CA ILE T 86 -20.29 11.64 -37.81
C ILE T 86 -19.91 10.47 -38.70
N ARG T 87 -18.93 9.67 -38.28
CA ARG T 87 -18.54 8.49 -39.04
C ARG T 87 -19.68 7.48 -39.15
N LEU T 88 -20.38 7.25 -38.04
CA LEU T 88 -21.50 6.30 -38.06
C LEU T 88 -22.63 6.81 -38.94
N ILE T 89 -22.87 8.12 -38.95
CA ILE T 89 -23.90 8.68 -39.82
C ILE T 89 -23.49 8.54 -41.28
N ALA T 90 -22.20 8.70 -41.58
CA ALA T 90 -21.73 8.43 -42.93
C ALA T 90 -21.94 6.97 -43.31
N TYR T 91 -21.68 6.05 -42.39
CA TYR T 91 -21.97 4.64 -42.62
C TYR T 91 -23.45 4.44 -42.94
N SER T 92 -24.33 5.07 -42.17
CA SER T 92 -25.76 4.92 -42.39
C SER T 92 -26.19 5.49 -43.73
N VAL T 93 -25.59 6.60 -44.15
CA VAL T 93 -25.89 7.15 -45.47
C VAL T 93 -25.48 6.16 -46.55
N LEU T 94 -24.31 5.55 -46.40
CA LEU T 94 -23.87 4.56 -47.38
C LEU T 94 -24.81 3.35 -47.41
N ALA T 95 -25.22 2.88 -46.24
CA ALA T 95 -26.02 1.65 -46.17
C ALA T 95 -27.49 1.87 -46.52
N GLY T 96 -27.95 3.11 -46.54
CA GLY T 96 -29.33 3.39 -46.86
C GLY T 96 -30.30 3.25 -45.71
N SER T 97 -29.82 2.91 -44.51
CA SER T 97 -30.67 2.79 -43.34
C SER T 97 -29.85 3.09 -42.10
N GLU T 98 -30.54 3.23 -40.98
CA GLU T 98 -29.91 3.59 -39.72
C GLU T 98 -29.26 2.40 -39.01
N LYS T 99 -29.33 1.21 -39.60
CA LYS T 99 -28.81 0.02 -38.93
C LYS T 99 -27.34 0.12 -38.54
N PRO T 100 -26.42 0.62 -39.37
CA PRO T 100 -25.05 0.79 -38.87
C PRO T 100 -24.96 1.68 -37.65
N LEU T 101 -25.62 2.83 -37.69
CA LEU T 101 -25.60 3.75 -36.57
C LEU T 101 -26.23 3.11 -35.33
N GLU T 102 -27.36 2.44 -35.50
CA GLU T 102 -28.04 1.82 -34.37
C GLU T 102 -27.19 0.71 -33.76
N GLU T 103 -26.58 -0.12 -34.59
CA GLU T 103 -25.84 -1.26 -34.08
C GLU T 103 -24.50 -0.86 -33.49
N ILE T 104 -23.89 0.22 -33.97
CA ILE T 104 -22.57 0.59 -33.50
C ILE T 104 -22.63 1.60 -32.37
N GLY T 105 -23.51 2.60 -32.44
CA GLY T 105 -23.47 3.65 -31.45
C GLY T 105 -24.79 4.11 -30.87
N THR T 106 -25.82 3.28 -30.92
CA THR T 106 -27.11 3.65 -30.34
C THR T 106 -27.63 2.64 -29.33
N ILE T 107 -27.48 1.35 -29.58
CA ILE T 107 -27.93 0.36 -28.62
C ILE T 107 -27.02 0.43 -27.40
N GLY T 108 -27.61 0.70 -26.24
CA GLY T 108 -26.82 0.83 -25.03
C GLY T 108 -26.03 2.10 -24.90
N ILE T 109 -26.37 3.13 -25.67
CA ILE T 109 -25.65 4.40 -25.58
C ILE T 109 -25.90 5.06 -24.23
N LYS T 110 -27.14 4.98 -23.74
CA LYS T 110 -27.46 5.56 -22.44
C LYS T 110 -26.67 4.88 -21.34
N GLU T 111 -26.58 3.55 -21.38
CA GLU T 111 -25.84 2.83 -20.35
C GLU T 111 -24.36 3.18 -20.39
N MET T 112 -23.78 3.26 -21.59
CA MET T 112 -22.37 3.59 -21.71
C MET T 112 -22.09 4.98 -21.17
N TYR T 113 -22.90 5.96 -21.57
CA TYR T 113 -22.63 7.33 -21.13
C TYR T 113 -23.03 7.57 -19.68
N ASN T 114 -23.92 6.76 -19.13
CA ASN T 114 -24.17 6.83 -17.69
C ASN T 114 -23.01 6.23 -16.90
N ASN T 115 -22.38 5.20 -17.45
CA ASN T 115 -21.19 4.65 -16.82
C ASN T 115 -20.03 5.64 -16.85
N LEU T 116 -19.92 6.41 -17.94
CA LEU T 116 -18.90 7.44 -18.03
C LEU T 116 -19.26 8.71 -17.26
N GLU T 117 -20.46 8.77 -16.71
CA GLU T 117 -20.93 9.94 -15.95
C GLU T 117 -20.93 11.19 -16.81
N ILE T 118 -21.33 11.04 -18.07
CA ILE T 118 -21.54 12.16 -18.99
C ILE T 118 -23.05 12.39 -19.09
N PRO T 119 -23.56 13.54 -18.65
CA PRO T 119 -25.01 13.77 -18.71
C PRO T 119 -25.53 13.70 -20.14
N LEU T 120 -26.69 13.06 -20.31
CA LEU T 120 -27.20 12.79 -21.65
C LEU T 120 -27.78 14.03 -22.30
N ARG T 121 -28.27 14.98 -21.50
CA ARG T 121 -28.77 16.24 -22.05
C ARG T 121 -27.67 16.97 -22.79
N ASN T 122 -26.46 16.98 -22.23
CA ASN T 122 -25.33 17.63 -22.89
C ASN T 122 -25.02 16.95 -24.22
N ILE T 123 -25.07 15.62 -24.26
CA ILE T 123 -24.79 14.90 -25.50
C ILE T 123 -25.85 15.19 -26.54
N VAL T 124 -27.12 15.30 -26.12
CA VAL T 124 -28.17 15.66 -27.07
C VAL T 124 -27.92 17.06 -27.64
N GLU T 125 -27.52 18.00 -26.79
CA GLU T 125 -27.24 19.35 -27.27
C GLU T 125 -26.06 19.36 -28.24
N CYS T 126 -25.01 18.58 -27.93
CA CYS T 126 -23.87 18.49 -28.83
C CYS T 126 -24.26 17.86 -30.16
N MET T 127 -25.11 16.83 -30.12
CA MET T 127 -25.58 16.21 -31.36
C MET T 127 -26.39 17.20 -32.17
N ARG T 128 -27.19 18.03 -31.51
CA ARG T 128 -27.95 19.05 -32.22
C ARG T 128 -27.02 20.03 -32.93
N CYS T 129 -26.00 20.51 -32.22
CA CYS T 129 -25.05 21.43 -32.83
C CYS T 129 -24.31 20.79 -33.99
N LEU T 130 -23.90 19.52 -33.83
CA LEU T 130 -23.26 18.79 -34.91
C LEU T 130 -24.19 18.66 -36.10
N LYS T 131 -25.47 18.40 -35.86
CA LYS T 131 -26.43 18.30 -36.96
C LYS T 131 -26.54 19.61 -37.72
N GLU T 132 -26.62 20.73 -37.00
CA GLU T 132 -26.68 22.02 -37.69
C GLU T 132 -25.43 22.25 -38.52
N GLU T 133 -24.27 21.98 -37.95
CA GLU T 133 -23.02 22.19 -38.68
C GLU T 133 -22.93 21.30 -39.91
N ALA T 134 -23.37 20.04 -39.80
CA ALA T 134 -23.31 19.12 -40.92
C ALA T 134 -24.30 19.51 -42.01
N LEU T 135 -25.51 19.92 -41.63
CA LEU T 135 -26.50 20.34 -42.61
C LEU T 135 -26.07 21.61 -43.32
N SER T 136 -25.30 22.46 -42.66
CA SER T 136 -24.84 23.66 -43.36
C SER T 136 -23.80 23.36 -44.44
N LEU T 137 -23.53 22.09 -44.77
CA LEU T 137 -22.53 21.74 -45.77
C LEU T 137 -23.10 20.91 -46.91
N MET T 138 -24.43 20.77 -46.98
CA MET T 138 -25.05 19.95 -48.00
C MET T 138 -26.33 20.61 -48.48
N SER T 139 -26.75 20.24 -49.68
CA SER T 139 -28.07 20.63 -50.15
C SER T 139 -29.15 19.89 -49.36
N GLU T 140 -30.38 20.39 -49.44
CA GLU T 140 -31.46 19.82 -48.65
C GLU T 140 -31.74 18.37 -49.05
N GLU T 141 -31.67 18.06 -50.36
CA GLU T 141 -31.89 16.69 -50.80
C GLU T 141 -30.84 15.75 -50.24
N ASP T 142 -29.58 16.19 -50.22
CA ASP T 142 -28.53 15.40 -49.59
C ASP T 142 -28.73 15.32 -48.09
N ALA T 143 -29.29 16.37 -47.49
CA ALA T 143 -29.36 16.50 -46.05
C ALA T 143 -30.57 15.83 -45.43
N LEU T 144 -31.53 15.36 -46.22
CA LEU T 144 -32.71 14.70 -45.65
C LEU T 144 -32.31 13.52 -44.77
N GLU T 145 -31.52 12.60 -45.32
CA GLU T 145 -31.15 11.41 -44.57
C GLU T 145 -30.20 11.73 -43.42
N VAL T 146 -29.31 12.70 -43.62
CA VAL T 146 -28.40 13.10 -42.54
C VAL T 146 -29.18 13.68 -41.37
N SER T 147 -30.17 14.52 -41.65
CA SER T 147 -31.03 15.03 -40.59
C SER T 147 -31.77 13.90 -39.90
N ALA T 148 -32.28 12.94 -40.67
CA ALA T 148 -32.99 11.83 -40.07
C ALA T 148 -32.09 11.03 -39.12
N TYR T 149 -30.85 10.79 -39.53
CA TYR T 149 -29.96 9.99 -38.69
C TYR T 149 -29.50 10.75 -37.47
N PHE T 150 -29.27 12.06 -37.60
CA PHE T 150 -28.95 12.87 -36.43
C PHE T 150 -30.12 12.87 -35.46
N ASP T 151 -31.34 12.97 -35.96
CA ASP T 151 -32.52 12.88 -35.11
C ASP T 151 -32.60 11.52 -34.43
N TYR T 152 -32.23 10.46 -35.16
CA TYR T 152 -32.21 9.12 -34.56
C TYR T 152 -31.26 9.06 -33.39
N VAL T 153 -30.05 9.61 -33.56
CA VAL T 153 -29.08 9.63 -32.46
C VAL T 153 -29.64 10.41 -31.27
N MET T 154 -30.21 11.59 -31.54
CA MET T 154 -30.72 12.42 -30.46
C MET T 154 -31.87 11.73 -29.73
N ARG T 155 -32.74 11.04 -30.47
CA ARG T 155 -33.85 10.34 -29.84
C ARG T 155 -33.38 9.16 -29.01
N SER T 156 -32.30 8.49 -29.43
CA SER T 156 -31.80 7.37 -28.65
C SER T 156 -31.29 7.81 -27.29
N LEU T 157 -30.84 9.05 -27.17
CA LEU T 157 -30.31 9.58 -25.91
C LEU T 157 -31.38 10.18 -25.01
N SER T 158 -32.59 10.36 -25.52
CA SER T 158 -33.64 11.01 -24.75
C SER T 158 -34.83 10.09 -24.59
N MET U 1 -26.90 -10.64 -40.06
CA MET U 1 -26.68 -10.81 -41.48
C MET U 1 -25.92 -9.63 -42.07
N GLN U 2 -24.96 -9.92 -42.93
CA GLN U 2 -24.16 -8.91 -43.61
C GLN U 2 -24.43 -8.98 -45.09
N ASP U 3 -24.45 -7.83 -45.74
CA ASP U 3 -24.39 -7.73 -47.19
C ASP U 3 -23.04 -7.11 -47.55
N ALA U 4 -22.84 -6.82 -48.83
CA ALA U 4 -21.56 -6.27 -49.26
C ALA U 4 -21.32 -4.91 -48.62
N ILE U 5 -22.34 -4.05 -48.60
CA ILE U 5 -22.19 -2.72 -48.02
C ILE U 5 -21.90 -2.83 -46.53
N THR U 6 -22.66 -3.65 -45.82
CA THR U 6 -22.44 -3.80 -44.39
C THR U 6 -21.10 -4.45 -44.08
N ALA U 7 -20.66 -5.37 -44.93
CA ALA U 7 -19.34 -5.98 -44.74
C ALA U 7 -18.24 -4.94 -44.87
N LEU U 8 -18.31 -4.09 -45.91
CA LEU U 8 -17.32 -3.05 -46.06
C LEU U 8 -17.38 -2.06 -44.90
N ILE U 9 -18.59 -1.71 -44.47
CA ILE U 9 -18.75 -0.77 -43.36
C ILE U 9 -18.13 -1.34 -42.09
N ASN U 10 -18.36 -2.62 -41.81
CA ASN U 10 -17.80 -3.23 -40.61
C ASN U 10 -16.29 -3.34 -40.68
N SER U 11 -15.76 -3.67 -41.86
CA SER U 11 -14.31 -3.76 -42.01
C SER U 11 -13.66 -2.39 -41.81
N SER U 12 -14.32 -1.32 -42.26
CA SER U 12 -13.82 0.01 -41.97
C SER U 12 -14.06 0.41 -40.53
N ASP U 13 -15.10 -0.14 -39.89
CA ASP U 13 -15.48 0.23 -38.54
C ASP U 13 -14.53 -0.34 -37.50
N VAL U 14 -14.05 -1.57 -37.71
CA VAL U 14 -13.10 -2.14 -36.76
C VAL U 14 -11.81 -1.34 -36.72
N GLN U 15 -11.48 -0.63 -37.80
CA GLN U 15 -10.33 0.26 -37.81
C GLN U 15 -10.67 1.66 -37.33
N GLY U 16 -11.94 1.95 -37.08
CA GLY U 16 -12.34 3.27 -36.63
C GLY U 16 -12.07 4.36 -37.64
N ARG U 17 -12.24 4.06 -38.92
CA ARG U 17 -11.94 5.01 -39.99
C ARG U 17 -13.04 4.93 -41.05
N TYR U 18 -13.17 6.02 -41.80
CA TYR U 18 -14.09 6.03 -42.92
C TYR U 18 -13.62 5.07 -44.00
N LEU U 19 -14.50 4.82 -44.97
CA LEU U 19 -14.16 3.91 -46.05
C LEU U 19 -13.05 4.52 -46.92
N ASP U 20 -11.93 3.81 -47.01
CA ASP U 20 -10.80 4.25 -47.81
C ASP U 20 -11.14 4.09 -49.30
N PRO U 21 -10.33 4.66 -50.19
CA PRO U 21 -10.66 4.57 -51.63
C PRO U 21 -10.84 3.16 -52.15
N SER U 22 -10.11 2.18 -51.62
CA SER U 22 -10.32 0.80 -52.04
C SER U 22 -11.71 0.31 -51.67
N SER U 23 -12.15 0.59 -50.44
CA SER U 23 -13.49 0.19 -50.02
C SER U 23 -14.55 0.92 -50.83
N LEU U 24 -14.31 2.20 -51.15
CA LEU U 24 -15.26 2.94 -51.98
C LEU U 24 -15.34 2.34 -53.38
N ASP U 25 -14.21 1.91 -53.93
CA ASP U 25 -14.22 1.25 -55.23
C ASP U 25 -15.00 -0.06 -55.18
N LYS U 26 -14.80 -0.84 -54.12
CA LYS U 26 -15.56 -2.08 -53.98
C LYS U 26 -17.06 -1.80 -53.85
N LEU U 27 -17.41 -0.74 -53.11
CA LEU U 27 -18.82 -0.35 -53.00
C LEU U 27 -19.39 0.06 -54.34
N GLN U 28 -18.61 0.80 -55.14
CA GLN U 28 -19.05 1.16 -56.48
C GLN U 28 -19.25 -0.07 -57.34
N ASN U 29 -18.36 -1.06 -57.19
CA ASN U 29 -18.52 -2.31 -57.94
C ASN U 29 -19.81 -3.01 -57.57
N TYR U 30 -20.12 -3.06 -56.27
CA TYR U 30 -21.37 -3.69 -55.86
C TYR U 30 -22.57 -2.94 -56.41
N PHE U 31 -22.53 -1.61 -56.35
CA PHE U 31 -23.65 -0.82 -56.87
C PHE U 31 -23.80 -1.05 -58.38
N GLN U 32 -22.69 -1.18 -59.10
CA GLN U 32 -22.76 -1.44 -60.53
C GLN U 32 -23.35 -2.81 -60.82
N SER U 33 -22.97 -3.82 -60.03
CA SER U 33 -23.47 -5.17 -60.23
C SER U 33 -24.89 -5.36 -59.70
N GLY U 34 -25.43 -4.36 -59.00
CA GLY U 34 -26.77 -4.50 -58.45
C GLY U 34 -27.83 -4.81 -59.48
N ASP U 35 -27.72 -4.21 -60.67
CA ASP U 35 -28.72 -4.44 -61.70
C ASP U 35 -28.72 -5.90 -62.15
N MET U 36 -27.54 -6.45 -62.42
CA MET U 36 -27.43 -7.86 -62.78
C MET U 36 -27.92 -8.76 -61.65
N ARG U 37 -27.62 -8.39 -60.41
CA ARG U 37 -28.08 -9.18 -59.28
C ARG U 37 -29.60 -9.20 -59.20
N ALA U 38 -30.23 -8.05 -59.40
CA ALA U 38 -31.70 -8.01 -59.37
C ALA U 38 -32.30 -8.82 -60.51
N LYS U 39 -31.70 -8.74 -61.70
CA LYS U 39 -32.20 -9.51 -62.83
C LYS U 39 -32.09 -11.01 -62.57
N THR U 40 -30.97 -11.44 -62.01
CA THR U 40 -30.79 -12.85 -61.68
C THR U 40 -31.77 -13.30 -60.62
N ALA U 41 -32.01 -12.47 -59.61
CA ALA U 41 -32.97 -12.83 -58.56
C ALA U 41 -34.37 -12.98 -59.15
N ILE U 42 -34.74 -12.08 -60.06
CA ILE U 42 -36.04 -12.18 -60.71
C ILE U 42 -36.16 -13.50 -61.48
N ALA U 43 -35.13 -13.82 -62.26
CA ALA U 43 -35.18 -15.04 -63.06
C ALA U 43 -35.26 -16.28 -62.19
N VAL U 44 -34.47 -16.34 -61.12
CA VAL U 44 -34.48 -17.50 -60.25
C VAL U 44 -35.81 -17.62 -59.54
N SER U 45 -36.38 -16.50 -59.07
CA SER U 45 -37.68 -16.55 -58.44
C SER U 45 -38.74 -17.06 -59.40
N ALA U 46 -38.66 -16.65 -60.67
CA ALA U 46 -39.62 -17.11 -61.65
C ALA U 46 -39.46 -18.58 -62.00
N ASN U 47 -38.24 -19.12 -61.94
CA ASN U 47 -38.02 -20.49 -62.43
C ASN U 47 -37.55 -21.45 -61.32
N ALA U 48 -37.82 -21.13 -60.05
CA ALA U 48 -37.33 -21.96 -58.96
C ALA U 48 -37.84 -23.39 -59.02
N LYS U 49 -39.13 -23.58 -59.31
CA LYS U 49 -39.71 -24.92 -59.28
C LYS U 49 -39.05 -25.82 -60.31
N ASN U 50 -38.97 -25.38 -61.56
CA ASN U 50 -38.35 -26.22 -62.57
C ASN U 50 -36.83 -26.25 -62.42
N ILE U 51 -36.22 -25.29 -61.75
CA ILE U 51 -34.79 -25.41 -61.44
C ILE U 51 -34.55 -26.60 -60.54
N VAL U 52 -35.35 -26.71 -59.47
CA VAL U 52 -35.21 -27.85 -58.57
C VAL U 52 -35.61 -29.14 -59.27
N THR U 53 -36.61 -29.07 -60.14
CA THR U 53 -36.99 -30.25 -60.93
C THR U 53 -35.83 -30.76 -61.77
N LYS U 54 -35.17 -29.85 -62.51
CA LYS U 54 -34.04 -30.25 -63.34
C LYS U 54 -32.89 -30.75 -62.49
N THR U 55 -32.65 -30.12 -61.34
CA THR U 55 -31.58 -30.56 -60.45
C THR U 55 -31.80 -32.00 -60.01
N VAL U 56 -33.00 -32.31 -59.52
CA VAL U 56 -33.30 -33.67 -59.08
C VAL U 56 -33.21 -34.63 -60.26
N ALA U 57 -33.72 -34.23 -61.42
CA ALA U 57 -33.71 -35.12 -62.58
C ALA U 57 -32.29 -35.47 -62.99
N LYS U 58 -31.38 -34.50 -62.99
CA LYS U 58 -30.04 -34.74 -63.49
C LYS U 58 -29.05 -35.13 -62.40
N SER U 59 -29.47 -35.24 -61.14
CA SER U 59 -28.54 -35.63 -60.09
C SER U 59 -29.02 -36.76 -59.20
N LEU U 60 -30.33 -37.01 -59.09
CA LEU U 60 -30.80 -37.96 -58.09
C LEU U 60 -31.72 -39.02 -58.68
N LEU U 61 -32.45 -38.68 -59.73
CA LEU U 61 -33.44 -39.61 -60.28
C LEU U 61 -32.74 -40.81 -60.90
N TYR U 62 -33.41 -41.97 -60.79
CA TYR U 62 -32.94 -43.22 -61.40
C TYR U 62 -31.56 -43.61 -60.90
N THR U 63 -31.30 -43.35 -59.63
CA THR U 63 -30.12 -43.86 -58.95
C THR U 63 -30.57 -44.72 -57.77
N ASP U 64 -29.59 -45.16 -56.97
CA ASP U 64 -29.94 -45.99 -55.82
C ASP U 64 -30.62 -45.20 -54.71
N ILE U 65 -30.55 -43.88 -54.75
CA ILE U 65 -31.15 -43.07 -53.70
C ILE U 65 -32.67 -43.14 -53.77
N THR U 66 -33.24 -43.13 -54.97
CA THR U 66 -34.67 -43.19 -55.14
C THR U 66 -35.21 -44.62 -55.19
N ALA U 67 -34.34 -45.62 -55.25
CA ALA U 67 -34.76 -47.01 -55.18
C ALA U 67 -35.14 -47.35 -53.74
N PRO U 68 -35.90 -48.43 -53.54
CA PRO U 68 -36.24 -48.82 -52.17
C PRO U 68 -34.99 -49.06 -51.33
N GLY U 69 -35.02 -48.54 -50.12
CA GLY U 69 -33.86 -48.55 -49.25
C GLY U 69 -32.93 -47.37 -49.43
N GLY U 70 -33.15 -46.53 -50.43
CA GLY U 70 -32.37 -45.32 -50.62
C GLY U 70 -32.90 -44.21 -49.74
N MEN U 71 -32.13 -43.15 -49.60
CA MEN U 71 -32.51 -42.07 -48.69
C MEN U 71 -33.66 -41.24 -49.22
O MEN U 71 -34.33 -40.55 -48.46
CB MEN U 71 -31.30 -41.18 -48.41
CG MEN U 71 -31.44 -40.39 -47.14
OD1 MEN U 71 -31.30 -39.18 -47.10
ND2 MEN U 71 -31.74 -41.11 -46.05
CE2 MEN U 71 -31.91 -40.50 -44.75
N MET U 72 -33.90 -41.30 -50.52
CA MET U 72 -34.99 -40.54 -51.13
C MET U 72 -36.20 -41.43 -51.38
N TYR U 73 -36.17 -42.64 -50.86
CA TYR U 73 -37.32 -43.52 -50.96
C TYR U 73 -38.44 -43.03 -50.05
N THR U 74 -39.66 -43.45 -50.38
CA THR U 74 -40.93 -42.98 -49.81
C THR U 74 -41.17 -41.51 -50.16
N CYS U 75 -42.43 -41.12 -50.23
CA CYS U 75 -42.76 -39.76 -50.64
C CYS U 75 -42.32 -38.72 -49.62
N ARG U 76 -42.33 -39.09 -48.33
CA ARG U 76 -41.94 -38.15 -47.29
C ARG U 76 -40.48 -37.72 -47.45
N ARG U 77 -39.60 -38.68 -47.69
CA ARG U 77 -38.18 -38.34 -47.80
C ARG U 77 -37.86 -37.68 -49.14
N TYR U 78 -38.53 -38.08 -50.21
CA TYR U 78 -38.40 -37.36 -51.47
C TYR U 78 -38.81 -35.90 -51.31
N ALA U 79 -39.94 -35.67 -50.66
CA ALA U 79 -40.40 -34.30 -50.42
C ALA U 79 -39.43 -33.54 -49.53
N ALA U 80 -38.83 -34.23 -48.55
CA ALA U 80 -37.86 -33.57 -47.69
C ALA U 80 -36.62 -33.15 -48.47
N CYS U 81 -36.14 -34.01 -49.37
CA CYS U 81 -34.99 -33.64 -50.19
C CYS U 81 -35.33 -32.47 -51.11
N VAL U 82 -36.52 -32.48 -51.71
CA VAL U 82 -36.93 -31.37 -52.56
C VAL U 82 -37.05 -30.09 -51.75
N ARG U 83 -37.55 -30.18 -50.52
CA ARG U 83 -37.66 -29.03 -49.65
C ARG U 83 -36.29 -28.46 -49.30
N ASP U 84 -35.33 -29.35 -49.01
CA ASP U 84 -33.97 -28.90 -48.71
C ASP U 84 -33.35 -28.21 -49.91
N LEU U 85 -33.58 -28.75 -51.12
CA LEU U 85 -33.06 -28.11 -52.32
C LEU U 85 -33.71 -26.76 -52.54
N ASP U 86 -35.01 -26.63 -52.25
CA ASP U 86 -35.67 -25.34 -52.31
C ASP U 86 -35.05 -24.34 -51.36
N TYR U 87 -34.74 -24.79 -50.13
CA TYR U 87 -34.08 -23.92 -49.17
C TYR U 87 -32.73 -23.47 -49.70
N PHE U 88 -31.96 -24.40 -50.26
CA PHE U 88 -30.64 -24.05 -50.79
C PHE U 88 -30.77 -23.00 -51.89
N LEU U 89 -31.70 -23.20 -52.81
CA LEU U 89 -31.86 -22.26 -53.92
C LEU U 89 -32.30 -20.88 -53.42
N ARG U 90 -33.29 -20.85 -52.52
CA ARG U 90 -33.79 -19.56 -52.03
C ARG U 90 -32.71 -18.80 -51.29
N TYR U 91 -31.95 -19.49 -50.43
CA TYR U 91 -30.93 -18.76 -49.67
C TYR U 91 -29.72 -18.42 -50.52
N ALA U 92 -29.43 -19.21 -51.55
CA ALA U 92 -28.40 -18.80 -52.50
C ALA U 92 -28.83 -17.54 -53.25
N THR U 93 -30.12 -17.44 -53.60
CA THR U 93 -30.61 -16.21 -54.21
C THR U 93 -30.49 -15.03 -53.24
N TYR U 94 -30.84 -15.24 -51.98
CA TYR U 94 -30.67 -14.19 -50.98
C TYR U 94 -29.22 -13.73 -50.90
N ALA U 95 -28.30 -14.69 -50.84
CA ALA U 95 -26.88 -14.37 -50.71
C ALA U 95 -26.37 -13.65 -51.95
N MET U 96 -26.82 -14.07 -53.14
CA MET U 96 -26.42 -13.38 -54.35
C MET U 96 -26.92 -11.96 -54.37
N LEU U 97 -28.16 -11.74 -53.95
CA LEU U 97 -28.69 -10.38 -53.91
C LEU U 97 -27.94 -9.53 -52.89
N ALA U 98 -27.56 -10.12 -51.76
CA ALA U 98 -26.84 -9.38 -50.72
C ALA U 98 -25.38 -9.18 -51.07
N GLY U 99 -24.83 -9.98 -51.97
CA GLY U 99 -23.41 -9.91 -52.25
C GLY U 99 -22.53 -10.51 -51.19
N ASP U 100 -23.10 -11.21 -50.21
CA ASP U 100 -22.36 -11.76 -49.10
C ASP U 100 -22.91 -13.15 -48.78
N THR U 101 -22.07 -13.99 -48.19
CA THR U 101 -22.46 -15.35 -47.83
C THR U 101 -22.87 -15.48 -46.37
N SER U 102 -23.05 -14.36 -45.67
CA SER U 102 -23.32 -14.41 -44.24
C SER U 102 -24.66 -15.09 -43.95
N ILE U 103 -25.68 -14.80 -44.76
CA ILE U 103 -27.00 -15.37 -44.51
C ILE U 103 -26.97 -16.89 -44.66
N LEU U 104 -26.20 -17.39 -45.63
CA LEU U 104 -26.04 -18.82 -45.76
C LEU U 104 -25.40 -19.41 -44.52
N ASP U 105 -24.38 -18.75 -43.98
CA ASP U 105 -23.66 -19.28 -42.83
C ASP U 105 -24.54 -19.31 -41.59
N GLU U 106 -25.36 -18.28 -41.39
CA GLU U 106 -26.13 -18.16 -40.16
C GLU U 106 -27.55 -18.69 -40.26
N ARG U 107 -28.00 -19.11 -41.45
CA ARG U 107 -29.36 -19.59 -41.62
C ARG U 107 -29.49 -20.95 -42.26
N ILE U 108 -28.45 -21.45 -42.94
CA ILE U 108 -28.51 -22.72 -43.64
C ILE U 108 -27.40 -23.66 -43.18
N LEU U 109 -26.16 -23.19 -43.25
CA LEU U 109 -25.01 -24.07 -43.08
C LEU U 109 -24.62 -24.30 -41.62
N ASN U 110 -25.30 -23.67 -40.67
CA ASN U 110 -24.97 -23.88 -39.26
C ASN U 110 -25.52 -25.24 -38.83
N GLY U 111 -24.63 -26.20 -38.64
CA GLY U 111 -25.04 -27.52 -38.22
C GLY U 111 -25.70 -28.36 -39.28
N LEU U 112 -25.66 -27.94 -40.54
CA LEU U 112 -26.28 -28.73 -41.60
C LEU U 112 -25.53 -30.04 -41.82
N ARG U 113 -24.21 -29.99 -41.83
CA ARG U 113 -23.43 -31.22 -42.00
C ARG U 113 -23.67 -32.19 -40.85
N GLU U 114 -23.70 -31.68 -39.62
CA GLU U 114 -24.01 -32.52 -38.47
C GLU U 114 -25.42 -33.08 -38.55
N THR U 115 -26.37 -32.27 -39.02
CA THR U 115 -27.74 -32.72 -39.18
C THR U 115 -27.82 -33.88 -40.17
N TYR U 116 -27.16 -33.72 -41.32
CA TYR U 116 -27.19 -34.77 -42.33
C TYR U 116 -26.48 -36.03 -41.86
N ASN U 117 -25.37 -35.87 -41.12
CA ASN U 117 -24.70 -37.04 -40.56
C ASN U 117 -25.59 -37.76 -39.57
N SER U 118 -26.32 -37.01 -38.74
CA SER U 118 -27.24 -37.62 -37.79
C SER U 118 -28.36 -38.36 -38.50
N LEU U 119 -28.90 -37.77 -39.57
CA LEU U 119 -30.02 -38.39 -40.28
C LEU U 119 -29.58 -39.53 -41.19
N GLY U 120 -28.29 -39.61 -41.52
CA GLY U 120 -27.85 -40.56 -42.51
C GLY U 120 -28.01 -40.10 -43.93
N VAL U 121 -28.31 -38.82 -44.15
CA VAL U 121 -28.43 -38.28 -45.51
C VAL U 121 -27.06 -38.32 -46.18
N PRO U 122 -26.96 -38.85 -47.41
CA PRO U 122 -25.65 -38.92 -48.08
C PRO U 122 -25.14 -37.53 -48.41
N ILE U 123 -23.98 -37.18 -47.84
CA ILE U 123 -23.39 -35.87 -48.06
C ILE U 123 -22.93 -35.72 -49.51
N GLY U 124 -22.30 -36.77 -50.05
CA GLY U 124 -21.82 -36.70 -51.42
C GLY U 124 -22.94 -36.49 -52.43
N ALA U 125 -24.07 -37.17 -52.22
CA ALA U 125 -25.22 -36.97 -53.09
C ALA U 125 -25.73 -35.54 -53.01
N THR U 126 -25.75 -34.97 -51.80
CA THR U 126 -26.18 -33.57 -51.65
C THR U 126 -25.24 -32.63 -52.36
N ILE U 127 -23.93 -32.88 -52.27
CA ILE U 127 -22.97 -32.03 -52.97
C ILE U 127 -23.15 -32.13 -54.47
N ARG U 128 -23.37 -33.34 -54.98
CA ARG U 128 -23.61 -33.51 -56.41
C ARG U 128 -24.89 -32.79 -56.83
N SER U 129 -25.92 -32.84 -55.98
CA SER U 129 -27.16 -32.13 -56.29
C SER U 129 -26.95 -30.62 -56.31
N VAL U 130 -26.14 -30.11 -55.39
CA VAL U 130 -25.86 -28.67 -55.36
C VAL U 130 -25.10 -28.26 -56.61
N GLN U 131 -24.14 -29.08 -57.04
CA GLN U 131 -23.42 -28.79 -58.29
C GLN U 131 -24.36 -28.82 -59.50
N ALA U 132 -25.28 -29.80 -59.53
CA ALA U 132 -26.25 -29.86 -60.61
C ALA U 132 -27.14 -28.63 -60.61
N MET U 133 -27.55 -28.17 -59.43
CA MET U 133 -28.35 -26.96 -59.33
C MET U 133 -27.58 -25.75 -59.83
N LYS U 134 -26.29 -25.68 -59.51
CA LYS U 134 -25.46 -24.59 -60.01
C LYS U 134 -25.39 -24.59 -61.53
N GLU U 135 -25.22 -25.78 -62.12
CA GLU U 135 -25.19 -25.88 -63.57
C GLU U 135 -26.53 -25.47 -64.19
N VAL U 136 -27.62 -25.89 -63.57
CA VAL U 136 -28.95 -25.56 -64.09
C VAL U 136 -29.18 -24.04 -64.04
N VAL U 137 -28.81 -23.42 -62.92
CA VAL U 137 -28.96 -21.97 -62.80
C VAL U 137 -28.09 -21.26 -63.82
N THR U 138 -26.87 -21.75 -64.03
CA THR U 138 -26.00 -21.15 -65.03
C THR U 138 -26.63 -21.24 -66.42
N SER U 139 -27.25 -22.37 -66.74
CA SER U 139 -27.94 -22.49 -68.02
C SER U 139 -29.10 -21.49 -68.10
N LEU U 140 -29.81 -21.28 -66.99
CA LEU U 140 -30.97 -20.41 -67.02
C LEU U 140 -30.59 -18.94 -67.19
N VAL U 141 -29.64 -18.46 -66.39
CA VAL U 141 -29.39 -17.02 -66.28
C VAL U 141 -28.10 -16.59 -66.96
N GLY U 142 -27.45 -17.48 -67.69
CA GLY U 142 -26.27 -17.11 -68.45
C GLY U 142 -24.97 -17.40 -67.73
N ALA U 143 -23.90 -16.84 -68.29
CA ALA U 143 -22.54 -17.14 -67.82
C ALA U 143 -22.13 -16.29 -66.61
N ASP U 144 -22.19 -14.96 -66.76
CA ASP U 144 -21.77 -14.08 -65.68
C ASP U 144 -22.66 -14.24 -64.45
N ALA U 145 -23.97 -14.12 -64.63
CA ALA U 145 -24.89 -14.34 -63.52
C ALA U 145 -24.81 -15.78 -63.03
N GLY U 146 -24.57 -16.72 -63.93
CA GLY U 146 -24.41 -18.10 -63.52
C GLY U 146 -23.24 -18.30 -62.57
N ARG U 147 -22.10 -17.68 -62.88
CA ARG U 147 -20.95 -17.82 -61.99
C ARG U 147 -21.15 -17.03 -60.70
N GLU U 148 -21.86 -15.90 -60.78
CA GLU U 148 -22.15 -15.15 -59.56
C GLU U 148 -22.98 -15.98 -58.60
N MET U 149 -24.00 -16.67 -59.11
CA MET U 149 -24.78 -17.57 -58.26
C MET U 149 -23.96 -18.80 -57.87
N GLY U 150 -23.07 -19.26 -58.75
CA GLY U 150 -22.24 -20.39 -58.44
C GLY U 150 -21.27 -20.15 -57.32
N VAL U 151 -20.89 -18.90 -57.08
CA VAL U 151 -20.07 -18.59 -55.90
C VAL U 151 -20.77 -19.08 -54.64
N TYR U 152 -22.04 -18.74 -54.49
CA TYR U 152 -22.78 -19.11 -53.29
C TYR U 152 -23.21 -20.57 -53.31
N PHE U 153 -23.47 -21.13 -54.49
CA PHE U 153 -23.71 -22.57 -54.56
C PHE U 153 -22.48 -23.35 -54.10
N ASP U 154 -21.29 -22.92 -54.51
CA ASP U 154 -20.06 -23.56 -54.08
C ASP U 154 -19.81 -23.32 -52.60
N HIS U 155 -20.19 -22.16 -52.08
CA HIS U 155 -20.09 -21.95 -50.64
C HIS U 155 -20.95 -22.95 -49.88
N ILE U 156 -22.18 -23.19 -50.36
CA ILE U 156 -23.04 -24.20 -49.73
C ILE U 156 -22.40 -25.58 -49.83
N ALA U 157 -21.86 -25.93 -51.00
CA ALA U 157 -21.26 -27.24 -51.19
C ALA U 157 -20.06 -27.43 -50.26
N ALA U 158 -19.23 -26.40 -50.11
CA ALA U 158 -18.10 -26.47 -49.20
C ALA U 158 -18.55 -26.56 -47.75
N GLY U 159 -19.61 -25.84 -47.39
CA GLY U 159 -20.14 -25.95 -46.04
C GLY U 159 -20.63 -27.35 -45.73
N LEU U 160 -21.21 -28.04 -46.72
CA LEU U 160 -21.57 -29.44 -46.53
C LEU U 160 -20.37 -30.35 -46.45
N SER U 161 -19.22 -29.93 -46.96
CA SER U 161 -18.03 -30.77 -46.97
C SER U 161 -17.25 -30.66 -45.66
N SER V 2 -49.76 -48.94 -38.18
CA SER V 2 -50.51 -50.02 -37.55
C SER V 2 -51.46 -49.46 -36.50
N ILE V 3 -52.61 -50.11 -36.34
CA ILE V 3 -53.58 -49.65 -35.35
C ILE V 3 -53.06 -49.89 -33.94
N VAL V 4 -52.19 -50.87 -33.75
CA VAL V 4 -51.60 -51.10 -32.43
C VAL V 4 -50.73 -49.91 -32.03
N THR V 5 -49.91 -49.41 -32.96
CA THR V 5 -49.10 -48.23 -32.69
C THR V 5 -49.99 -47.03 -32.40
N GLU V 6 -51.09 -46.88 -33.13
CA GLU V 6 -52.01 -45.78 -32.89
C GLU V 6 -52.58 -45.85 -31.48
N LEU V 7 -53.05 -47.03 -31.08
CA LEU V 7 -53.62 -47.17 -29.74
C LEU V 7 -52.58 -46.89 -28.66
N ILE V 8 -51.37 -47.42 -28.84
CA ILE V 8 -50.33 -47.23 -27.84
C ILE V 8 -49.94 -45.76 -27.74
N LEU V 9 -49.79 -45.09 -28.88
CA LEU V 9 -49.43 -43.67 -28.85
C LEU V 9 -50.54 -42.82 -28.27
N ASN V 10 -51.79 -43.17 -28.57
CA ASN V 10 -52.92 -42.45 -27.98
C ASN V 10 -52.93 -42.61 -26.46
N ALA V 11 -52.69 -43.83 -25.97
CA ALA V 11 -52.61 -44.05 -24.53
C ALA V 11 -51.43 -43.28 -23.93
N ASP V 12 -50.30 -43.24 -24.64
CA ASP V 12 -49.11 -42.61 -24.10
C ASP V 12 -49.24 -41.09 -24.05
N SER V 13 -49.96 -40.50 -24.99
CA SER V 13 -50.16 -39.05 -24.95
C SER V 13 -50.85 -38.62 -23.67
N GLU V 14 -51.69 -39.48 -23.10
CA GLU V 14 -52.35 -39.22 -21.84
C GLU V 14 -51.60 -39.81 -20.65
N SER V 15 -50.46 -40.46 -20.89
CA SER V 15 -49.65 -41.07 -19.83
C SER V 15 -50.46 -42.06 -19.00
N ARG V 16 -51.20 -42.91 -19.68
CA ARG V 16 -52.07 -43.88 -19.01
C ARG V 16 -52.02 -45.20 -19.77
N TYR V 17 -52.33 -46.27 -19.06
CA TYR V 17 -52.45 -47.57 -19.68
C TYR V 17 -53.67 -47.57 -20.61
N PRO V 18 -53.68 -48.44 -21.62
CA PRO V 18 -54.81 -48.45 -22.56
C PRO V 18 -56.13 -48.68 -21.86
N ALA V 19 -57.13 -47.92 -22.28
CA ALA V 19 -58.46 -48.01 -21.71
C ALA V 19 -59.14 -49.29 -22.16
N PRO V 20 -60.18 -49.73 -21.46
CA PRO V 20 -60.88 -50.95 -21.88
C PRO V 20 -61.39 -50.91 -23.31
N LYS V 21 -61.84 -49.74 -23.78
CA LYS V 21 -62.28 -49.63 -25.17
C LYS V 21 -61.12 -49.85 -26.13
N GLU V 22 -59.94 -49.31 -25.80
CA GLU V 22 -58.78 -49.51 -26.65
C GLU V 22 -58.34 -50.97 -26.64
N ILE V 23 -58.45 -51.63 -25.49
CA ILE V 23 -58.14 -53.06 -25.43
C ILE V 23 -59.12 -53.85 -26.28
N GLN V 24 -60.40 -53.46 -26.27
CA GLN V 24 -61.37 -54.12 -27.13
C GLN V 24 -61.03 -53.93 -28.60
N VAL V 25 -60.62 -52.71 -28.98
CA VAL V 25 -60.21 -52.45 -30.36
C VAL V 25 -59.03 -53.34 -30.73
N TYR V 26 -58.05 -53.44 -29.83
CA TYR V 26 -56.88 -54.28 -30.08
C TYR V 26 -57.27 -55.74 -30.25
N GLN V 27 -58.14 -56.24 -29.38
CA GLN V 27 -58.56 -57.65 -29.46
C GLN V 27 -59.32 -57.91 -30.74
N ASN V 28 -60.21 -57.00 -31.13
CA ASN V 28 -60.96 -57.17 -32.37
C ASN V 28 -60.04 -57.13 -33.58
N PHE V 29 -59.01 -56.28 -33.55
CA PHE V 29 -58.08 -56.22 -34.66
C PHE V 29 -57.28 -57.50 -34.79
N VAL V 30 -56.67 -57.95 -33.68
CA VAL V 30 -55.86 -59.17 -33.74
C VAL V 30 -56.73 -60.38 -34.02
N LYS V 31 -58.03 -60.29 -33.76
CA LYS V 31 -58.94 -61.38 -34.08
C LYS V 31 -59.06 -61.57 -35.59
N THR V 32 -58.99 -60.49 -36.36
CA THR V 32 -59.20 -60.54 -37.80
C THR V 32 -57.90 -60.59 -38.60
N GLY V 33 -56.81 -61.06 -38.01
CA GLY V 33 -55.54 -61.08 -38.72
C GLY V 33 -55.52 -62.03 -39.91
N GLU V 34 -56.21 -63.16 -39.79
CA GLU V 34 -56.20 -64.16 -40.85
C GLU V 34 -56.81 -63.60 -42.14
N GLN V 35 -57.94 -62.91 -42.03
CA GLN V 35 -58.56 -62.32 -43.22
C GLN V 35 -57.67 -61.25 -43.83
N ARG V 36 -57.00 -60.45 -43.01
CA ARG V 36 -56.09 -59.44 -43.55
C ARG V 36 -54.94 -60.07 -44.30
N ILE V 37 -54.38 -61.16 -43.75
CA ILE V 37 -53.30 -61.86 -44.45
C ILE V 37 -53.80 -62.43 -45.76
N ARG V 38 -55.02 -62.98 -45.77
CA ARG V 38 -55.58 -63.50 -47.01
C ARG V 38 -55.76 -62.41 -48.05
N ILE V 39 -56.27 -61.24 -47.64
CA ILE V 39 -56.48 -60.15 -48.57
C ILE V 39 -55.14 -59.64 -49.11
N ALA V 40 -54.13 -59.53 -48.24
CA ALA V 40 -52.82 -59.10 -48.70
C ALA V 40 -52.22 -60.08 -49.68
N LYS V 41 -52.39 -61.38 -49.43
CA LYS V 41 -51.92 -62.39 -50.38
C LYS V 41 -52.66 -62.28 -51.71
N ILE V 42 -53.97 -61.99 -51.66
CA ILE V 42 -54.74 -61.81 -52.89
C ILE V 42 -54.18 -60.63 -53.68
N LEU V 43 -53.91 -59.52 -53.01
CA LEU V 43 -53.37 -58.35 -53.68
C LEU V 43 -51.99 -58.62 -54.25
N ALA V 44 -51.15 -59.36 -53.52
CA ALA V 44 -49.81 -59.67 -53.99
C ALA V 44 -49.84 -60.58 -55.22
N GLU V 45 -50.73 -61.58 -55.22
CA GLU V 45 -50.77 -62.52 -56.34
C GLU V 45 -51.29 -61.85 -57.61
N ASN V 46 -52.27 -60.97 -57.49
CA ASN V 46 -52.93 -60.37 -58.63
C ASN V 46 -52.39 -58.99 -58.99
N GLU V 47 -51.25 -58.60 -58.41
CA GLU V 47 -50.75 -57.25 -58.61
C GLU V 47 -50.46 -56.97 -60.07
N GLN V 48 -49.82 -57.91 -60.77
CA GLN V 48 -49.39 -57.65 -62.13
C GLN V 48 -50.58 -57.50 -63.07
N ARG V 49 -51.58 -58.38 -62.97
CA ARG V 49 -52.72 -58.26 -63.87
C ARG V 49 -53.56 -57.04 -63.54
N ILE V 50 -53.63 -56.67 -62.25
CA ILE V 50 -54.29 -55.42 -61.88
C ILE V 50 -53.57 -54.24 -62.53
N VAL V 51 -52.24 -54.23 -62.47
CA VAL V 51 -51.49 -53.13 -63.06
C VAL V 51 -51.70 -53.09 -64.57
N GLN V 52 -51.67 -54.26 -65.23
CA GLN V 52 -51.83 -54.28 -66.68
C GLN V 52 -53.20 -53.77 -67.10
N ASN V 53 -54.26 -54.31 -66.49
CA ASN V 53 -55.60 -53.90 -66.87
C ASN V 53 -55.87 -52.44 -66.51
N GLY V 54 -55.41 -52.01 -65.33
CA GLY V 54 -55.58 -50.63 -64.95
C GLY V 54 -54.83 -49.67 -65.86
N SER V 55 -53.63 -50.06 -66.30
CA SER V 55 -52.89 -49.25 -67.24
C SER V 55 -53.60 -49.17 -68.58
N ALA V 56 -54.18 -50.29 -69.03
CA ALA V 56 -54.94 -50.27 -70.28
C ALA V 56 -56.12 -49.30 -70.18
N ARG V 57 -56.89 -49.39 -69.09
CA ARG V 57 -58.03 -48.50 -68.92
C ARG V 57 -57.60 -47.05 -68.76
N PHE V 58 -56.49 -46.83 -68.05
CA PHE V 58 -56.03 -45.47 -67.80
C PHE V 58 -55.51 -44.82 -69.07
N TRP V 59 -54.86 -45.59 -69.94
CA TRP V 59 -54.40 -45.03 -71.21
C TRP V 59 -55.54 -44.86 -72.19
N GLU V 60 -56.57 -45.72 -72.11
CA GLU V 60 -57.75 -45.49 -72.93
C GLU V 60 -58.49 -44.23 -72.50
N ARG V 61 -58.56 -43.97 -71.19
CA ARG V 61 -59.33 -42.84 -70.68
C ARG V 61 -58.53 -41.55 -70.69
N VAL V 62 -57.23 -41.62 -70.43
CA VAL V 62 -56.37 -40.44 -70.41
C VAL V 62 -55.20 -40.68 -71.35
N PRO V 63 -55.38 -40.49 -72.67
CA PRO V 63 -54.28 -40.77 -73.59
C PRO V 63 -53.17 -39.73 -73.58
N ASN V 64 -53.43 -38.53 -73.08
CA ASN V 64 -52.44 -37.47 -73.07
C ASN V 64 -51.73 -37.43 -71.71
N THR V 65 -50.94 -38.47 -71.47
CA THR V 65 -50.26 -38.62 -70.21
C THR V 65 -48.79 -38.94 -70.45
N PRO V 66 -47.91 -38.59 -69.51
CA PRO V 66 -46.48 -38.86 -69.70
C PRO V 66 -46.15 -40.35 -69.84
N SER V 67 -47.00 -41.25 -69.38
CA SER V 67 -46.70 -42.68 -69.50
C SER V 67 -46.66 -43.11 -70.96
N ASN V 68 -47.70 -42.80 -71.72
CA ASN V 68 -47.78 -43.26 -73.11
C ASN V 68 -47.35 -42.18 -74.09
N SER V 69 -46.37 -41.36 -73.72
CA SER V 69 -45.79 -40.38 -74.62
C SER V 69 -44.64 -40.97 -75.44
N GLY V 70 -44.56 -42.28 -75.56
CA GLY V 70 -43.53 -42.94 -76.32
C GLY V 70 -42.24 -43.21 -75.57
N ASN V 71 -42.14 -42.80 -74.31
CA ASN V 71 -40.94 -43.01 -73.51
C ASN V 71 -41.08 -44.33 -72.77
N GLU V 72 -40.20 -45.28 -73.09
CA GLU V 72 -40.26 -46.59 -72.44
C GLU V 72 -39.95 -46.47 -70.95
N ARG V 73 -38.98 -45.63 -70.58
CA ARG V 73 -38.64 -45.46 -69.18
C ARG V 73 -39.81 -44.86 -68.40
N LYS V 74 -40.50 -43.89 -68.99
CA LYS V 74 -41.65 -43.31 -68.31
C LYS V 74 -42.78 -44.32 -68.14
N THR V 75 -43.03 -45.14 -69.15
CA THR V 75 -44.03 -46.19 -69.02
C THR V 75 -43.67 -47.16 -67.90
N ALA V 76 -42.40 -47.59 -67.88
CA ALA V 76 -41.96 -48.51 -66.83
C ALA V 76 -42.08 -47.89 -65.46
N SER V 77 -41.73 -46.60 -65.33
CA SER V 77 -41.84 -45.94 -64.04
C SER V 77 -43.29 -45.82 -63.59
N CYS V 78 -44.20 -45.54 -64.51
CA CYS V 78 -45.61 -45.49 -64.15
C CYS V 78 -46.11 -46.86 -63.69
N GLN V 79 -45.74 -47.93 -64.42
CA GLN V 79 -46.13 -49.26 -64.01
C GLN V 79 -45.58 -49.60 -62.63
N ARG V 80 -44.32 -49.24 -62.38
CA ARG V 80 -43.71 -49.51 -61.08
C ARG V 80 -44.41 -48.74 -59.99
N ASP V 81 -44.81 -47.49 -60.25
CA ASP V 81 -45.55 -46.72 -59.26
C ASP V 81 -46.88 -47.36 -58.95
N GLN V 82 -47.58 -47.86 -59.97
CA GLN V 82 -48.84 -48.55 -59.73
C GLN V 82 -48.64 -49.78 -58.86
N GLY V 83 -47.62 -50.58 -59.17
CA GLY V 83 -47.31 -51.73 -58.34
C GLY V 83 -46.96 -51.34 -56.91
N TRP V 84 -46.23 -50.24 -56.75
CA TRP V 84 -45.84 -49.78 -55.43
C TRP V 84 -47.05 -49.35 -54.63
N TYR V 85 -48.01 -48.68 -55.25
CA TYR V 85 -49.20 -48.27 -54.52
C TYR V 85 -50.09 -49.45 -54.17
N ILE V 86 -50.15 -50.45 -55.06
CA ILE V 86 -50.84 -51.68 -54.70
C ILE V 86 -50.18 -52.33 -53.49
N ARG V 87 -48.85 -52.36 -53.47
CA ARG V 87 -48.11 -52.93 -52.35
C ARG V 87 -48.37 -52.16 -51.06
N LEU V 88 -48.43 -50.83 -51.14
CA LEU V 88 -48.69 -50.03 -49.95
C LEU V 88 -50.11 -50.25 -49.43
N ILE V 89 -51.06 -50.42 -50.34
CA ILE V 89 -52.43 -50.73 -49.92
C ILE V 89 -52.47 -52.10 -49.24
N ALA V 90 -51.69 -53.05 -49.75
CA ALA V 90 -51.59 -54.35 -49.09
C ALA V 90 -51.00 -54.21 -47.68
N TYR V 91 -49.97 -53.37 -47.55
CA TYR V 91 -49.39 -53.10 -46.23
C TYR V 91 -50.43 -52.53 -45.29
N SER V 92 -51.22 -51.57 -45.77
CA SER V 92 -52.25 -50.97 -44.93
C SER V 92 -53.31 -51.97 -44.54
N VAL V 93 -53.69 -52.85 -45.45
CA VAL V 93 -54.64 -53.92 -45.12
C VAL V 93 -54.05 -54.79 -44.01
N LEU V 94 -52.77 -55.13 -44.12
CA LEU V 94 -52.13 -55.96 -43.09
C LEU V 94 -52.12 -55.25 -41.74
N ALA V 95 -51.81 -53.96 -41.73
CA ALA V 95 -51.65 -53.23 -40.48
C ALA V 95 -52.97 -52.77 -39.87
N GLY V 96 -54.08 -52.91 -40.58
CA GLY V 96 -55.34 -52.45 -40.06
C GLY V 96 -55.51 -50.95 -40.02
N SER V 97 -54.62 -50.21 -40.66
CA SER V 97 -54.65 -48.76 -40.65
C SER V 97 -53.97 -48.26 -41.90
N GLU V 98 -54.25 -47.01 -42.25
CA GLU V 98 -53.63 -46.38 -43.40
C GLU V 98 -52.27 -45.79 -43.08
N LYS V 99 -51.76 -46.01 -41.88
CA LYS V 99 -50.45 -45.48 -41.50
C LYS V 99 -49.32 -45.95 -42.41
N PRO V 100 -49.22 -47.22 -42.80
CA PRO V 100 -48.14 -47.58 -43.74
C PRO V 100 -48.25 -46.85 -45.06
N LEU V 101 -49.44 -46.82 -45.65
CA LEU V 101 -49.62 -46.16 -46.93
C LEU V 101 -49.36 -44.66 -46.80
N GLU V 102 -49.83 -44.04 -45.72
CA GLU V 102 -49.65 -42.60 -45.59
C GLU V 102 -48.20 -42.25 -45.29
N GLU V 103 -47.49 -43.11 -44.58
CA GLU V 103 -46.11 -42.81 -44.22
C GLU V 103 -45.12 -43.20 -45.31
N ILE V 104 -45.53 -44.02 -46.27
CA ILE V 104 -44.60 -44.42 -47.32
C ILE V 104 -44.93 -43.72 -48.64
N GLY V 105 -46.20 -43.49 -48.92
CA GLY V 105 -46.55 -42.98 -50.23
C GLY V 105 -47.65 -41.94 -50.30
N THR V 106 -47.96 -41.29 -49.20
CA THR V 106 -49.00 -40.26 -49.23
C THR V 106 -48.53 -38.93 -48.68
N ILE V 107 -47.75 -38.93 -47.60
CA ILE V 107 -47.21 -37.67 -47.08
C ILE V 107 -46.15 -37.17 -48.06
N GLY V 108 -46.37 -35.98 -48.62
CA GLY V 108 -45.45 -35.45 -49.60
C GLY V 108 -45.62 -35.99 -51.00
N ILE V 109 -46.75 -36.66 -51.28
CA ILE V 109 -46.96 -37.23 -52.60
C ILE V 109 -47.11 -36.12 -53.63
N LYS V 110 -47.83 -35.05 -53.28
CA LYS V 110 -48.02 -33.95 -54.21
C LYS V 110 -46.70 -33.25 -54.50
N GLU V 111 -45.86 -33.05 -53.48
CA GLU V 111 -44.56 -32.44 -53.70
C GLU V 111 -43.69 -33.30 -54.62
N MET V 112 -43.68 -34.61 -54.37
CA MET V 112 -42.85 -35.50 -55.18
C MET V 112 -43.31 -35.52 -56.63
N TYR V 113 -44.62 -35.62 -56.86
CA TYR V 113 -45.10 -35.70 -58.23
C TYR V 113 -45.11 -34.34 -58.92
N ASN V 114 -45.13 -33.24 -58.17
CA ASN V 114 -44.94 -31.93 -58.78
C ASN V 114 -43.49 -31.74 -59.20
N ASN V 115 -42.55 -32.21 -58.38
CA ASN V 115 -41.15 -32.17 -58.77
C ASN V 115 -40.90 -33.05 -59.98
N LEU V 116 -41.57 -34.21 -60.05
CA LEU V 116 -41.46 -35.08 -61.20
C LEU V 116 -42.20 -34.55 -62.42
N GLU V 117 -43.00 -33.49 -62.25
CA GLU V 117 -43.82 -32.93 -63.32
C GLU V 117 -44.77 -33.97 -63.89
N ILE V 118 -45.48 -34.67 -63.01
CA ILE V 118 -46.52 -35.61 -63.41
C ILE V 118 -47.85 -34.99 -63.01
N PRO V 119 -48.80 -34.83 -63.93
CA PRO V 119 -50.09 -34.24 -63.55
C PRO V 119 -50.80 -35.08 -62.50
N LEU V 120 -51.27 -34.41 -61.45
CA LEU V 120 -51.90 -35.11 -60.33
C LEU V 120 -53.24 -35.69 -60.72
N ARG V 121 -53.99 -35.03 -61.60
CA ARG V 121 -55.27 -35.56 -62.06
C ARG V 121 -55.09 -36.89 -62.77
N ASN V 122 -54.03 -37.01 -63.57
CA ASN V 122 -53.76 -38.27 -64.26
C ASN V 122 -53.48 -39.38 -63.26
N ILE V 123 -52.73 -39.08 -62.20
CA ILE V 123 -52.46 -40.08 -61.18
C ILE V 123 -53.75 -40.47 -60.47
N VAL V 124 -54.65 -39.51 -60.25
CA VAL V 124 -55.94 -39.84 -59.64
C VAL V 124 -56.73 -40.78 -60.54
N GLU V 125 -56.74 -40.49 -61.84
CA GLU V 125 -57.46 -41.35 -62.78
C GLU V 125 -56.87 -42.77 -62.81
N CYS V 126 -55.54 -42.86 -62.82
CA CYS V 126 -54.90 -44.17 -62.81
C CYS V 126 -55.23 -44.92 -61.53
N MET V 127 -55.22 -44.22 -60.39
CA MET V 127 -55.57 -44.87 -59.13
C MET V 127 -57.00 -45.37 -59.16
N ARG V 128 -57.91 -44.59 -59.76
CA ARG V 128 -59.30 -45.05 -59.88
C ARG V 128 -59.40 -46.30 -60.74
N CYS V 129 -58.67 -46.33 -61.86
CA CYS V 129 -58.69 -47.52 -62.71
C CYS V 129 -58.14 -48.74 -61.98
N LEU V 130 -57.04 -48.54 -61.23
CA LEU V 130 -56.47 -49.64 -60.44
C LEU V 130 -57.46 -50.10 -59.38
N LYS V 131 -58.17 -49.17 -58.75
CA LYS V 131 -59.16 -49.53 -57.74
C LYS V 131 -60.26 -50.37 -58.36
N GLU V 132 -60.74 -49.98 -59.54
CA GLU V 132 -61.76 -50.77 -60.21
C GLU V 132 -61.25 -52.17 -60.52
N GLU V 133 -60.03 -52.27 -61.05
CA GLU V 133 -59.48 -53.58 -61.37
C GLU V 133 -59.33 -54.45 -60.13
N ALA V 134 -58.83 -53.86 -59.04
CA ALA V 134 -58.65 -54.63 -57.80
C ALA V 134 -59.99 -55.06 -57.23
N LEU V 135 -60.99 -54.19 -57.26
CA LEU V 135 -62.30 -54.54 -56.74
C LEU V 135 -62.96 -55.61 -57.59
N SER V 136 -62.59 -55.71 -58.86
CA SER V 136 -63.10 -56.79 -59.70
C SER V 136 -62.70 -58.15 -59.16
N LEU V 137 -61.43 -58.28 -58.77
CA LEU V 137 -60.86 -59.57 -58.36
C LEU V 137 -60.91 -59.75 -56.84
N MET V 138 -62.09 -59.55 -56.27
CA MET V 138 -62.23 -59.63 -54.82
C MET V 138 -63.70 -59.54 -54.45
N SER V 139 -64.05 -60.21 -53.35
CA SER V 139 -65.40 -60.09 -52.80
C SER V 139 -65.55 -58.72 -52.14
N GLU V 140 -66.78 -58.23 -52.09
CA GLU V 140 -67.03 -56.86 -51.62
C GLU V 140 -66.60 -56.67 -50.17
N GLU V 141 -66.85 -57.68 -49.32
CA GLU V 141 -66.49 -57.56 -47.92
C GLU V 141 -64.98 -57.43 -47.75
N ASP V 142 -64.21 -58.16 -48.55
CA ASP V 142 -62.77 -58.01 -48.51
C ASP V 142 -62.31 -56.74 -49.22
N ALA V 143 -63.08 -56.27 -50.19
CA ALA V 143 -62.73 -55.10 -50.97
C ALA V 143 -63.09 -53.79 -50.28
N LEU V 144 -63.77 -53.86 -49.13
CA LEU V 144 -64.12 -52.62 -48.42
C LEU V 144 -62.88 -51.79 -48.09
N GLU V 145 -61.91 -52.40 -47.40
CA GLU V 145 -60.70 -51.65 -47.04
C GLU V 145 -59.86 -51.32 -48.26
N VAL V 146 -59.84 -52.19 -49.27
CA VAL V 146 -59.06 -51.91 -50.47
C VAL V 146 -59.59 -50.66 -51.15
N SER V 147 -60.91 -50.56 -51.31
CA SER V 147 -61.51 -49.37 -51.89
C SER V 147 -61.29 -48.16 -51.00
N ALA V 148 -61.37 -48.32 -49.68
CA ALA V 148 -61.15 -47.20 -48.77
C ALA V 148 -59.75 -46.65 -48.92
N TYR V 149 -58.74 -47.52 -49.03
CA TYR V 149 -57.37 -47.06 -49.13
C TYR V 149 -57.06 -46.50 -50.52
N PHE V 150 -57.66 -47.05 -51.57
CA PHE V 150 -57.53 -46.43 -52.88
C PHE V 150 -58.12 -45.03 -52.86
N ASP V 151 -59.27 -44.86 -52.22
CA ASP V 151 -59.87 -43.53 -52.09
C ASP V 151 -58.98 -42.62 -51.26
N TYR V 152 -58.31 -43.18 -50.25
CA TYR V 152 -57.38 -42.38 -49.45
C TYR V 152 -56.25 -41.84 -50.31
N VAL V 153 -55.69 -42.70 -51.18
CA VAL V 153 -54.64 -42.24 -52.10
C VAL V 153 -55.18 -41.16 -53.02
N MET V 154 -56.38 -41.39 -53.59
CA MET V 154 -56.94 -40.43 -54.53
C MET V 154 -57.19 -39.08 -53.87
N ARG V 155 -57.70 -39.09 -52.64
CA ARG V 155 -57.91 -37.85 -51.90
C ARG V 155 -56.58 -37.16 -51.59
N SER V 156 -55.56 -37.92 -51.24
CA SER V 156 -54.25 -37.31 -50.98
C SER V 156 -53.68 -36.67 -52.23
N LEU V 157 -53.98 -37.21 -53.41
CA LEU V 157 -53.48 -36.64 -54.65
C LEU V 157 -54.30 -35.45 -55.14
N SER V 158 -55.56 -35.36 -54.78
CA SER V 158 -56.44 -34.31 -55.29
C SER V 158 -56.37 -33.07 -54.41
N MET W 1 -42.56 -44.75 -32.66
CA MET W 1 -42.30 -46.14 -32.32
C MET W 1 -42.57 -47.05 -33.50
N GLN W 2 -42.65 -48.35 -33.22
CA GLN W 2 -42.84 -49.36 -34.26
C GLN W 2 -43.18 -50.69 -33.59
N ASP W 3 -44.24 -51.34 -34.06
CA ASP W 3 -44.67 -52.61 -33.50
C ASP W 3 -44.23 -53.76 -34.40
N ALA W 4 -44.72 -54.96 -34.11
CA ALA W 4 -44.33 -56.13 -34.89
C ALA W 4 -44.80 -56.03 -36.34
N ILE W 5 -46.05 -55.61 -36.54
CA ILE W 5 -46.58 -55.51 -37.89
C ILE W 5 -45.81 -54.47 -38.69
N THR W 6 -45.55 -53.31 -38.08
CA THR W 6 -44.79 -52.28 -38.75
C THR W 6 -43.36 -52.72 -39.00
N ALA W 7 -42.79 -53.49 -38.08
CA ALA W 7 -41.42 -54.00 -38.29
C ALA W 7 -41.36 -54.91 -39.50
N LEU W 8 -42.31 -55.85 -39.62
CA LEU W 8 -42.33 -56.72 -40.78
C LEU W 8 -42.60 -55.94 -42.06
N ILE W 9 -43.52 -54.97 -41.99
CA ILE W 9 -43.83 -54.15 -43.16
C ILE W 9 -42.60 -53.39 -43.62
N ASN W 10 -41.84 -52.81 -42.68
CA ASN W 10 -40.65 -52.07 -43.05
C ASN W 10 -39.55 -52.98 -43.57
N SER W 11 -39.42 -54.18 -43.00
CA SER W 11 -38.44 -55.12 -43.51
C SER W 11 -38.75 -55.50 -44.95
N SER W 12 -40.03 -55.66 -45.28
CA SER W 12 -40.39 -55.92 -46.66
C SER W 12 -40.23 -54.67 -47.53
N ASP W 13 -40.48 -53.50 -46.96
CA ASP W 13 -40.52 -52.26 -47.73
C ASP W 13 -39.14 -51.76 -48.13
N VAL W 14 -38.13 -51.97 -47.29
CA VAL W 14 -36.78 -51.56 -47.66
C VAL W 14 -36.29 -52.34 -48.88
N GLN W 15 -36.82 -53.55 -49.09
CA GLN W 15 -36.54 -54.31 -50.29
C GLN W 15 -37.53 -54.05 -51.41
N GLY W 16 -38.59 -53.29 -51.14
CA GLY W 16 -39.58 -52.97 -52.16
C GLY W 16 -40.36 -54.16 -52.65
N ARG W 17 -40.71 -55.08 -51.75
CA ARG W 17 -41.41 -56.31 -52.12
C ARG W 17 -42.44 -56.64 -51.07
N TYR W 18 -43.43 -57.44 -51.47
CA TYR W 18 -44.47 -57.88 -50.56
C TYR W 18 -43.88 -58.78 -49.47
N LEU W 19 -44.68 -59.04 -48.44
CA LEU W 19 -44.24 -59.85 -47.33
C LEU W 19 -44.03 -61.29 -47.77
N ASP W 20 -42.81 -61.80 -47.57
CA ASP W 20 -42.49 -63.17 -47.91
C ASP W 20 -43.13 -64.12 -46.90
N PRO W 21 -43.25 -65.41 -47.25
CA PRO W 21 -43.97 -66.34 -46.37
C PRO W 21 -43.46 -66.39 -44.94
N SER W 22 -42.16 -66.21 -44.72
CA SER W 22 -41.65 -66.18 -43.35
C SER W 22 -42.20 -64.98 -42.58
N SER W 23 -42.25 -63.81 -43.22
CA SER W 23 -42.82 -62.64 -42.57
C SER W 23 -44.31 -62.83 -42.31
N LEU W 24 -45.01 -63.50 -43.24
CA LEU W 24 -46.42 -63.79 -43.01
C LEU W 24 -46.60 -64.74 -41.83
N ASP W 25 -45.72 -65.72 -41.69
CA ASP W 25 -45.79 -66.61 -40.54
C ASP W 25 -45.54 -65.87 -39.24
N LYS W 26 -44.55 -64.97 -39.23
CA LYS W 26 -44.30 -64.16 -38.04
C LYS W 26 -45.49 -63.28 -37.70
N LEU W 27 -46.12 -62.70 -38.72
CA LEU W 27 -47.31 -61.88 -38.52
C LEU W 27 -48.45 -62.71 -37.94
N GLN W 28 -48.63 -63.92 -38.43
CA GLN W 28 -49.65 -64.80 -37.88
C GLN W 28 -49.34 -65.15 -36.43
N ASN W 29 -48.08 -65.37 -36.11
CA ASN W 29 -47.70 -65.62 -34.71
C ASN W 29 -48.06 -64.45 -33.83
N TYR W 30 -47.77 -63.22 -34.28
CA TYR W 30 -48.13 -62.05 -33.50
C TYR W 30 -49.64 -61.93 -33.35
N PHE W 31 -50.38 -62.17 -34.43
CA PHE W 31 -51.83 -62.10 -34.37
C PHE W 31 -52.40 -63.10 -33.38
N GLN W 32 -51.81 -64.30 -33.32
CA GLN W 32 -52.28 -65.30 -32.38
C GLN W 32 -51.89 -64.99 -30.95
N SER W 33 -50.74 -64.36 -30.75
CA SER W 33 -50.32 -63.97 -29.40
C SER W 33 -50.98 -62.69 -28.91
N GLY W 34 -51.71 -62.00 -29.78
CA GLY W 34 -52.34 -60.75 -29.38
C GLY W 34 -53.31 -60.90 -28.21
N ASP W 35 -54.04 -62.02 -28.16
CA ASP W 35 -54.98 -62.22 -27.06
C ASP W 35 -54.27 -62.31 -25.72
N MET W 36 -53.19 -63.09 -25.66
CA MET W 36 -52.40 -63.18 -24.44
C MET W 36 -51.79 -61.83 -24.09
N ARG W 37 -51.33 -61.09 -25.09
CA ARG W 37 -50.77 -59.77 -24.84
C ARG W 37 -51.80 -58.83 -24.24
N ALA W 38 -53.03 -58.86 -24.77
CA ALA W 38 -54.09 -58.01 -24.23
C ALA W 38 -54.43 -58.39 -22.79
N LYS W 39 -54.51 -59.69 -22.51
CA LYS W 39 -54.79 -60.11 -21.14
C LYS W 39 -53.70 -59.66 -20.18
N THR W 40 -52.43 -59.80 -20.59
CA THR W 40 -51.33 -59.34 -19.76
C THR W 40 -51.39 -57.83 -19.54
N ALA W 41 -51.72 -57.08 -20.60
CA ALA W 41 -51.82 -55.63 -20.45
C ALA W 41 -52.92 -55.25 -19.48
N ILE W 42 -54.07 -55.93 -19.55
CA ILE W 42 -55.14 -55.68 -18.60
C ILE W 42 -54.67 -55.96 -17.18
N ALA W 43 -54.00 -57.09 -16.98
CA ALA W 43 -53.54 -57.45 -15.64
C ALA W 43 -52.55 -56.42 -15.10
N VAL W 44 -51.63 -55.97 -15.93
CA VAL W 44 -50.63 -54.99 -15.48
C VAL W 44 -51.28 -53.65 -15.20
N SER W 45 -52.25 -53.25 -16.03
CA SER W 45 -52.96 -51.99 -15.77
C SER W 45 -53.69 -52.04 -14.44
N ALA W 46 -54.33 -53.17 -14.13
CA ALA W 46 -55.11 -53.25 -12.90
C ALA W 46 -54.23 -53.10 -11.66
N ASN W 47 -53.02 -53.66 -11.68
CA ASN W 47 -52.17 -53.74 -10.51
C ASN W 47 -50.87 -52.97 -10.69
N ALA W 48 -50.90 -51.84 -11.40
CA ALA W 48 -49.66 -51.12 -11.70
C ALA W 48 -49.03 -50.56 -10.43
N LYS W 49 -49.81 -49.86 -9.62
CA LYS W 49 -49.26 -49.28 -8.39
C LYS W 49 -48.84 -50.36 -7.42
N ASN W 50 -49.59 -51.46 -7.35
CA ASN W 50 -49.20 -52.58 -6.50
C ASN W 50 -47.90 -53.20 -6.99
N ILE W 51 -47.73 -53.32 -8.31
CA ILE W 51 -46.49 -53.86 -8.86
C ILE W 51 -45.31 -52.99 -8.46
N VAL W 52 -45.47 -51.67 -8.58
CA VAL W 52 -44.36 -50.79 -8.23
C VAL W 52 -44.09 -50.84 -6.73
N THR W 53 -45.14 -50.93 -5.92
CA THR W 53 -44.96 -51.04 -4.47
C THR W 53 -44.18 -52.30 -4.11
N LYS W 54 -44.55 -53.43 -4.72
CA LYS W 54 -43.84 -54.68 -4.45
C LYS W 54 -42.40 -54.61 -4.94
N THR W 55 -42.18 -53.95 -6.09
CA THR W 55 -40.83 -53.80 -6.60
C THR W 55 -39.95 -53.01 -5.62
N VAL W 56 -40.47 -51.89 -5.13
CA VAL W 56 -39.70 -51.07 -4.20
C VAL W 56 -39.45 -51.82 -2.90
N ALA W 57 -40.46 -52.54 -2.40
CA ALA W 57 -40.28 -53.31 -1.18
C ALA W 57 -39.26 -54.41 -1.35
N LYS W 58 -39.24 -55.03 -2.54
CA LYS W 58 -38.36 -56.16 -2.77
C LYS W 58 -36.91 -55.73 -3.01
N SER W 59 -36.68 -54.61 -3.69
CA SER W 59 -35.34 -54.27 -4.12
C SER W 59 -34.73 -53.04 -3.49
N LEU W 60 -35.51 -52.18 -2.85
CA LEU W 60 -34.97 -50.89 -2.45
C LEU W 60 -35.17 -50.56 -0.97
N LEU W 61 -36.23 -51.07 -0.38
CA LEU W 61 -36.51 -50.73 1.01
C LEU W 61 -35.51 -51.39 1.95
N TYR W 62 -35.22 -50.68 3.05
CA TYR W 62 -34.36 -51.17 4.11
C TYR W 62 -32.95 -51.48 3.62
N THR W 63 -32.51 -50.76 2.61
CA THR W 63 -31.14 -50.78 2.15
C THR W 63 -30.52 -49.40 2.39
N ASP W 64 -29.24 -49.27 2.07
CA ASP W 64 -28.57 -48.00 2.25
C ASP W 64 -29.05 -46.94 1.28
N ILE W 65 -29.83 -47.32 0.27
CA ILE W 65 -30.35 -46.34 -0.68
C ILE W 65 -31.39 -45.43 -0.04
N THR W 66 -32.26 -45.99 0.79
CA THR W 66 -33.28 -45.20 1.44
C THR W 66 -32.84 -44.63 2.78
N ALA W 67 -31.67 -45.02 3.27
CA ALA W 67 -31.14 -44.47 4.51
C ALA W 67 -30.72 -43.02 4.29
N PRO W 68 -30.56 -42.24 5.36
CA PRO W 68 -30.14 -40.85 5.19
C PRO W 68 -28.83 -40.76 4.42
N GLY W 69 -28.78 -39.80 3.49
CA GLY W 69 -27.66 -39.67 2.58
C GLY W 69 -27.75 -40.53 1.35
N GLY W 70 -28.73 -41.43 1.27
CA GLY W 70 -28.90 -42.29 0.13
C GLY W 70 -29.59 -41.56 -1.00
N MEN W 71 -29.69 -42.21 -2.16
CA MEN W 71 -30.28 -41.55 -3.33
C MEN W 71 -31.79 -41.57 -3.27
O MEN W 71 -32.43 -40.73 -3.90
CB MEN W 71 -29.79 -42.21 -4.61
CG MEN W 71 -30.01 -41.35 -5.82
OD1 MEN W 71 -30.66 -41.70 -6.79
ND2 MEN W 71 -29.46 -40.12 -5.75
CE2 MEN W 71 -29.58 -39.17 -6.82
N MET W 72 -32.37 -42.50 -2.53
CA MET W 72 -33.81 -42.54 -2.35
C MET W 72 -34.20 -41.91 -1.03
N TYR W 73 -33.23 -41.28 -0.37
CA TYR W 73 -33.55 -40.50 0.81
C TYR W 73 -34.29 -39.23 0.42
N THR W 74 -34.94 -38.61 1.40
CA THR W 74 -35.90 -37.53 1.24
C THR W 74 -37.13 -38.02 0.48
N CYS W 75 -38.26 -37.36 0.67
CA CYS W 75 -39.50 -37.82 0.04
C CYS W 75 -39.51 -37.54 -1.45
N ARG W 76 -38.89 -36.43 -1.88
CA ARG W 76 -38.92 -36.08 -3.29
C ARG W 76 -38.12 -37.07 -4.13
N ARG W 77 -36.98 -37.54 -3.63
CA ARG W 77 -36.19 -38.50 -4.39
C ARG W 77 -36.84 -39.88 -4.38
N TYR W 78 -37.47 -40.26 -3.27
CA TYR W 78 -38.26 -41.49 -3.24
C TYR W 78 -39.36 -41.44 -4.28
N ALA W 79 -40.11 -40.33 -4.33
CA ALA W 79 -41.19 -40.20 -5.30
C ALA W 79 -40.65 -40.18 -6.72
N ALA W 80 -39.46 -39.61 -6.92
CA ALA W 80 -38.86 -39.60 -8.26
C ALA W 80 -38.48 -40.99 -8.71
N CYS W 81 -37.92 -41.80 -7.80
CA CYS W 81 -37.63 -43.20 -8.15
C CYS W 81 -38.92 -43.95 -8.47
N VAL W 82 -39.97 -43.72 -7.69
CA VAL W 82 -41.25 -44.37 -7.96
C VAL W 82 -41.79 -43.95 -9.32
N ARG W 83 -41.63 -42.67 -9.66
CA ARG W 83 -42.08 -42.19 -10.96
C ARG W 83 -41.32 -42.85 -12.10
N ASP W 84 -40.01 -43.01 -11.94
CA ASP W 84 -39.22 -43.70 -12.97
C ASP W 84 -39.66 -45.15 -13.11
N LEU W 85 -39.92 -45.82 -11.99
CA LEU W 85 -40.39 -47.20 -12.05
C LEU W 85 -41.76 -47.29 -12.73
N ASP W 86 -42.63 -46.33 -12.48
CA ASP W 86 -43.92 -46.28 -13.15
C ASP W 86 -43.74 -46.14 -14.65
N TYR W 87 -42.82 -45.28 -15.06
CA TYR W 87 -42.52 -45.13 -16.48
C TYR W 87 -42.04 -46.45 -17.08
N PHE W 88 -41.12 -47.12 -16.38
CA PHE W 88 -40.60 -48.39 -16.88
C PHE W 88 -41.72 -49.41 -17.04
N LEU W 89 -42.60 -49.52 -16.05
CA LEU W 89 -43.68 -50.49 -16.13
C LEU W 89 -44.63 -50.19 -17.26
N ARG W 90 -45.03 -48.92 -17.40
CA ARG W 90 -45.97 -48.55 -18.45
C ARG W 90 -45.38 -48.80 -19.83
N TYR W 91 -44.12 -48.45 -20.03
CA TYR W 91 -43.53 -48.66 -21.34
C TYR W 91 -43.19 -50.11 -21.61
N ALA W 92 -42.91 -50.92 -20.58
CA ALA W 92 -42.80 -52.35 -20.78
C ALA W 92 -44.12 -52.94 -21.23
N THR W 93 -45.22 -52.47 -20.64
CA THR W 93 -46.54 -52.91 -21.09
C THR W 93 -46.81 -52.49 -22.53
N TYR W 94 -46.43 -51.26 -22.89
CA TYR W 94 -46.57 -50.80 -24.27
C TYR W 94 -45.79 -51.70 -25.22
N ALA W 95 -44.54 -51.98 -24.88
CA ALA W 95 -43.70 -52.80 -25.75
C ALA W 95 -44.23 -54.22 -25.87
N MET W 96 -44.75 -54.77 -24.76
CA MET W 96 -45.33 -56.10 -24.81
C MET W 96 -46.56 -56.12 -25.70
N LEU W 97 -47.40 -55.10 -25.62
CA LEU W 97 -48.56 -55.02 -26.51
C LEU W 97 -48.12 -54.91 -27.97
N ALA W 98 -47.10 -54.10 -28.23
CA ALA W 98 -46.64 -53.89 -29.59
C ALA W 98 -45.87 -55.07 -30.15
N GLY W 99 -45.31 -55.91 -29.29
CA GLY W 99 -44.45 -56.98 -29.76
C GLY W 99 -43.07 -56.54 -30.19
N ASP W 100 -42.69 -55.31 -29.91
CA ASP W 100 -41.39 -54.78 -30.30
C ASP W 100 -40.84 -53.92 -29.19
N THR W 101 -39.51 -53.87 -29.11
CA THR W 101 -38.82 -53.04 -28.13
C THR W 101 -38.48 -51.67 -28.68
N SER W 102 -38.99 -51.32 -29.86
CA SER W 102 -38.62 -50.06 -30.49
C SER W 102 -39.03 -48.86 -29.63
N ILE W 103 -40.21 -48.91 -29.04
CA ILE W 103 -40.68 -47.80 -28.22
C ILE W 103 -39.78 -47.63 -26.99
N LEU W 104 -39.29 -48.74 -26.44
CA LEU W 104 -38.39 -48.66 -25.30
C LEU W 104 -37.10 -47.95 -25.67
N ASP W 105 -36.53 -48.30 -26.83
CA ASP W 105 -35.30 -47.64 -27.28
C ASP W 105 -35.55 -46.16 -27.57
N GLU W 106 -36.68 -45.85 -28.20
CA GLU W 106 -36.93 -44.46 -28.59
C GLU W 106 -37.22 -43.57 -27.39
N ARG W 107 -38.08 -44.02 -26.49
CA ARG W 107 -38.65 -43.15 -25.47
C ARG W 107 -37.95 -43.23 -24.12
N ILE W 108 -37.41 -44.39 -23.76
CA ILE W 108 -36.93 -44.63 -22.41
C ILE W 108 -35.41 -44.66 -22.33
N LEU W 109 -34.75 -45.34 -23.27
CA LEU W 109 -33.34 -45.66 -23.12
C LEU W 109 -32.40 -44.67 -23.79
N ASN W 110 -32.88 -43.84 -24.72
CA ASN W 110 -31.99 -42.98 -25.49
C ASN W 110 -31.67 -41.73 -24.70
N GLY W 111 -30.68 -41.86 -23.82
CA GLY W 111 -30.25 -40.77 -22.96
C GLY W 111 -30.45 -41.02 -21.49
N LEU W 112 -30.98 -42.17 -21.10
CA LEU W 112 -31.21 -42.44 -19.69
C LEU W 112 -29.90 -42.63 -18.94
N ARG W 113 -28.91 -43.23 -19.57
CA ARG W 113 -27.64 -43.48 -18.89
C ARG W 113 -26.94 -42.17 -18.53
N GLU W 114 -26.84 -41.25 -19.49
CA GLU W 114 -26.19 -39.97 -19.20
C GLU W 114 -27.00 -39.16 -18.21
N THR W 115 -28.32 -39.23 -18.28
CA THR W 115 -29.15 -38.54 -17.29
C THR W 115 -28.89 -39.07 -15.89
N TYR W 116 -28.88 -40.40 -15.73
CA TYR W 116 -28.63 -40.98 -14.43
C TYR W 116 -27.23 -40.66 -13.94
N ASN W 117 -26.24 -40.67 -14.84
CA ASN W 117 -24.89 -40.32 -14.45
C ASN W 117 -24.80 -38.88 -13.98
N SER W 118 -25.50 -37.97 -14.67
CA SER W 118 -25.51 -36.57 -14.25
C SER W 118 -26.21 -36.39 -12.91
N LEU W 119 -27.31 -37.12 -12.68
CA LEU W 119 -28.04 -36.99 -11.44
C LEU W 119 -27.40 -37.73 -10.27
N GLY W 120 -26.49 -38.67 -10.55
CA GLY W 120 -25.95 -39.50 -9.50
C GLY W 120 -26.80 -40.69 -9.14
N VAL W 121 -27.78 -41.05 -9.97
CA VAL W 121 -28.64 -42.19 -9.69
C VAL W 121 -27.84 -43.48 -9.85
N PRO W 122 -27.85 -44.38 -8.87
CA PRO W 122 -27.11 -45.65 -9.01
C PRO W 122 -27.76 -46.53 -10.07
N ILE W 123 -27.02 -46.80 -11.13
CA ILE W 123 -27.56 -47.58 -12.24
C ILE W 123 -27.68 -49.05 -11.88
N GLY W 124 -26.74 -49.57 -11.09
CA GLY W 124 -26.85 -50.94 -10.64
C GLY W 124 -28.09 -51.17 -9.81
N ALA W 125 -28.40 -50.23 -8.92
CA ALA W 125 -29.58 -50.35 -8.08
C ALA W 125 -30.85 -50.33 -8.93
N THR W 126 -30.90 -49.47 -9.95
CA THR W 126 -32.10 -49.42 -10.78
C THR W 126 -32.22 -50.64 -11.68
N ILE W 127 -31.09 -51.25 -12.08
CA ILE W 127 -31.16 -52.50 -12.82
C ILE W 127 -31.70 -53.61 -11.93
N ARG W 128 -31.24 -53.67 -10.69
CA ARG W 128 -31.77 -54.67 -9.76
C ARG W 128 -33.26 -54.41 -9.50
N SER W 129 -33.67 -53.15 -9.44
CA SER W 129 -35.09 -52.83 -9.29
C SER W 129 -35.90 -53.29 -10.49
N VAL W 130 -35.37 -53.11 -11.69
CA VAL W 130 -36.09 -53.56 -12.89
C VAL W 130 -36.23 -55.08 -12.89
N GLN W 131 -35.17 -55.77 -12.47
CA GLN W 131 -35.25 -57.23 -12.41
C GLN W 131 -36.25 -57.68 -11.34
N ALA W 132 -36.29 -56.99 -10.20
CA ALA W 132 -37.29 -57.29 -9.18
C ALA W 132 -38.69 -57.03 -9.70
N MET W 133 -38.85 -55.97 -10.50
CA MET W 133 -40.15 -55.70 -11.12
C MET W 133 -40.54 -56.81 -12.07
N LYS W 134 -39.57 -57.34 -12.82
CA LYS W 134 -39.84 -58.47 -13.69
C LYS W 134 -40.31 -59.67 -12.89
N GLU W 135 -39.67 -59.93 -11.75
CA GLU W 135 -40.09 -61.02 -10.88
C GLU W 135 -41.51 -60.80 -10.36
N VAL W 136 -41.81 -59.56 -9.94
CA VAL W 136 -43.15 -59.26 -9.42
C VAL W 136 -44.21 -59.47 -10.50
N VAL W 137 -43.93 -59.00 -11.71
CA VAL W 137 -44.89 -59.16 -12.80
C VAL W 137 -45.08 -60.63 -13.14
N THR W 138 -43.99 -61.40 -13.21
CA THR W 138 -44.14 -62.81 -13.52
C THR W 138 -44.84 -63.57 -12.41
N SER W 139 -44.78 -63.09 -11.17
CA SER W 139 -45.57 -63.72 -10.12
C SER W 139 -47.03 -63.33 -10.22
N LEU W 140 -47.32 -62.10 -10.63
CA LEU W 140 -48.71 -61.66 -10.72
C LEU W 140 -49.43 -62.30 -11.90
N VAL W 141 -48.79 -62.33 -13.06
CA VAL W 141 -49.47 -62.74 -14.29
C VAL W 141 -49.35 -64.24 -14.49
N GLY W 142 -48.12 -64.74 -14.60
CA GLY W 142 -47.91 -66.16 -14.83
C GLY W 142 -46.51 -66.40 -15.36
N ALA W 143 -46.32 -67.61 -15.88
CA ALA W 143 -45.01 -68.00 -16.39
C ALA W 143 -44.81 -67.53 -17.83
N ASP W 144 -45.76 -67.88 -18.72
CA ASP W 144 -45.59 -67.54 -20.13
C ASP W 144 -45.68 -66.04 -20.36
N ALA W 145 -46.74 -65.40 -19.83
CA ALA W 145 -46.86 -63.96 -19.97
C ALA W 145 -45.81 -63.24 -19.14
N GLY W 146 -45.43 -63.81 -18.00
CA GLY W 146 -44.34 -63.26 -17.23
C GLY W 146 -43.04 -63.26 -18.00
N ARG W 147 -42.77 -64.34 -18.73
CA ARG W 147 -41.57 -64.39 -19.58
C ARG W 147 -41.67 -63.40 -20.73
N GLU W 148 -42.86 -63.26 -21.33
CA GLU W 148 -43.01 -62.31 -22.42
C GLU W 148 -42.75 -60.89 -21.95
N MET W 149 -43.27 -60.52 -20.77
CA MET W 149 -42.97 -59.19 -20.23
C MET W 149 -41.53 -59.08 -19.78
N GLY W 150 -40.93 -60.18 -19.30
CA GLY W 150 -39.55 -60.17 -18.91
C GLY W 150 -38.60 -59.96 -20.06
N VAL W 151 -39.02 -60.29 -21.29
CA VAL W 151 -38.21 -59.94 -22.45
C VAL W 151 -37.95 -58.45 -22.49
N TYR W 152 -39.01 -57.65 -22.33
CA TYR W 152 -38.87 -56.21 -22.42
C TYR W 152 -38.24 -55.63 -21.15
N PHE W 153 -38.50 -56.25 -20.00
CA PHE W 153 -37.80 -55.83 -18.79
C PHE W 153 -36.29 -56.06 -18.93
N ASP W 154 -35.90 -57.19 -19.53
CA ASP W 154 -34.49 -57.46 -19.76
C ASP W 154 -33.91 -56.49 -20.78
N HIS W 155 -34.69 -56.11 -21.79
CA HIS W 155 -34.20 -55.10 -22.72
C HIS W 155 -33.95 -53.78 -22.02
N ILE W 156 -34.85 -53.38 -21.12
CA ILE W 156 -34.63 -52.16 -20.35
C ILE W 156 -33.37 -52.28 -19.51
N ALA W 157 -33.18 -53.42 -18.85
CA ALA W 157 -32.01 -53.61 -18.00
C ALA W 157 -30.73 -53.56 -18.81
N ALA W 158 -30.73 -54.17 -19.99
CA ALA W 158 -29.55 -54.14 -20.85
C ALA W 158 -29.28 -52.73 -21.36
N GLY W 159 -30.32 -51.98 -21.70
CA GLY W 159 -30.14 -50.61 -22.13
C GLY W 159 -29.68 -49.67 -21.03
N LEU W 160 -29.95 -50.01 -19.77
CA LEU W 160 -29.47 -49.19 -18.67
C LEU W 160 -27.99 -49.37 -18.37
N SER W 161 -27.39 -50.48 -18.82
CA SER W 161 -25.97 -50.71 -18.58
C SER W 161 -25.13 -50.21 -19.75
N SER X 2 -33.62 -21.84 3.95
CA SER X 2 -33.52 -20.80 4.97
C SER X 2 -34.16 -19.52 4.50
N ILE X 3 -34.54 -18.66 5.45
CA ILE X 3 -35.17 -17.39 5.09
C ILE X 3 -34.19 -16.51 4.32
N VAL X 4 -32.90 -16.63 4.59
CA VAL X 4 -31.90 -15.84 3.87
C VAL X 4 -31.91 -16.19 2.39
N THR X 5 -31.99 -17.49 2.08
CA THR X 5 -32.07 -17.91 0.68
C THR X 5 -33.34 -17.39 0.03
N GLU X 6 -34.46 -17.40 0.75
CA GLU X 6 -35.69 -16.87 0.20
C GLU X 6 -35.58 -15.38 -0.09
N LEU X 7 -34.97 -14.61 0.82
CA LEU X 7 -34.79 -13.19 0.59
C LEU X 7 -33.90 -12.94 -0.62
N ILE X 8 -32.79 -13.66 -0.72
CA ILE X 8 -31.87 -13.47 -1.83
C ILE X 8 -32.53 -13.86 -3.15
N LEU X 9 -33.29 -14.94 -3.16
CA LEU X 9 -33.98 -15.35 -4.38
C LEU X 9 -35.10 -14.39 -4.74
N ASN X 10 -35.78 -13.82 -3.75
CA ASN X 10 -36.78 -12.80 -4.04
C ASN X 10 -36.15 -11.57 -4.67
N ALA X 11 -35.00 -11.14 -4.15
CA ALA X 11 -34.30 -10.02 -4.77
C ALA X 11 -33.82 -10.38 -6.17
N ASP X 12 -33.31 -11.60 -6.35
CA ASP X 12 -32.81 -12.02 -7.65
C ASP X 12 -33.91 -12.16 -8.67
N SER X 13 -35.13 -12.49 -8.23
CA SER X 13 -36.26 -12.57 -9.15
C SER X 13 -36.53 -11.23 -9.82
N GLU X 14 -36.20 -10.13 -9.15
CA GLU X 14 -36.37 -8.80 -9.71
C GLU X 14 -35.06 -8.18 -10.18
N SER X 15 -33.97 -8.95 -10.16
CA SER X 15 -32.67 -8.50 -10.63
C SER X 15 -32.24 -7.20 -9.94
N ARG X 16 -32.36 -7.20 -8.62
CA ARG X 16 -32.07 -6.01 -7.83
C ARG X 16 -31.43 -6.42 -6.51
N TYR X 17 -30.71 -5.47 -5.92
CA TYR X 17 -30.18 -5.69 -4.59
C TYR X 17 -31.34 -5.77 -3.59
N PRO X 18 -31.13 -6.43 -2.45
CA PRO X 18 -32.21 -6.55 -1.47
C PRO X 18 -32.80 -5.21 -1.07
N ALA X 19 -34.12 -5.13 -1.15
CA ALA X 19 -34.87 -3.95 -0.77
C ALA X 19 -34.88 -3.83 0.75
N PRO X 20 -35.29 -2.67 1.30
CA PRO X 20 -35.32 -2.55 2.76
C PRO X 20 -36.17 -3.58 3.46
N LYS X 21 -37.25 -4.06 2.84
CA LYS X 21 -38.04 -5.11 3.47
C LYS X 21 -37.25 -6.39 3.64
N GLU X 22 -36.52 -6.79 2.59
CA GLU X 22 -35.67 -7.98 2.69
C GLU X 22 -34.59 -7.79 3.74
N ILE X 23 -33.97 -6.61 3.79
CA ILE X 23 -32.93 -6.35 4.77
C ILE X 23 -33.48 -6.42 6.18
N GLN X 24 -34.68 -5.87 6.39
CA GLN X 24 -35.30 -5.92 7.72
C GLN X 24 -35.61 -7.34 8.12
N VAL X 25 -36.13 -8.15 7.20
CA VAL X 25 -36.39 -9.55 7.51
C VAL X 25 -35.08 -10.26 7.88
N TYR X 26 -34.03 -10.00 7.11
CA TYR X 26 -32.74 -10.62 7.37
C TYR X 26 -32.20 -10.22 8.74
N GLN X 27 -32.31 -8.95 9.10
CA GLN X 27 -31.79 -8.48 10.37
C GLN X 27 -32.58 -9.05 11.54
N ASN X 28 -33.91 -9.11 11.40
CA ASN X 28 -34.73 -9.74 12.44
C ASN X 28 -34.34 -11.20 12.64
N PHE X 29 -34.18 -11.93 11.55
CA PHE X 29 -33.81 -13.34 11.64
C PHE X 29 -32.44 -13.51 12.31
N VAL X 30 -31.48 -12.67 11.92
CA VAL X 30 -30.15 -12.74 12.52
C VAL X 30 -30.22 -12.46 14.02
N LYS X 31 -31.08 -11.52 14.42
CA LYS X 31 -31.26 -11.25 15.84
C LYS X 31 -31.84 -12.45 16.58
N THR X 32 -32.82 -13.13 15.97
CA THR X 32 -33.47 -14.25 16.64
C THR X 32 -32.66 -15.56 16.56
N GLY X 33 -31.55 -15.55 15.85
CA GLY X 33 -30.78 -16.78 15.67
C GLY X 33 -30.42 -17.51 16.95
N GLU X 34 -30.09 -16.76 18.02
CA GLU X 34 -29.71 -17.42 19.27
C GLU X 34 -30.89 -18.18 19.88
N GLN X 35 -32.07 -17.57 19.88
CA GLN X 35 -33.27 -18.26 20.33
C GLN X 35 -33.56 -19.47 19.46
N ARG X 36 -33.35 -19.34 18.15
CA ARG X 36 -33.57 -20.47 17.26
C ARG X 36 -32.64 -21.63 17.61
N ILE X 37 -31.37 -21.33 17.89
CA ILE X 37 -30.43 -22.37 18.27
C ILE X 37 -30.86 -23.03 19.58
N ARG X 38 -31.33 -22.23 20.55
CA ARG X 38 -31.79 -22.80 21.80
C ARG X 38 -32.98 -23.73 21.58
N ILE X 39 -33.92 -23.33 20.74
CA ILE X 39 -35.09 -24.16 20.47
C ILE X 39 -34.68 -25.46 19.77
N ALA X 40 -33.74 -25.36 18.82
CA ALA X 40 -33.27 -26.57 18.15
C ALA X 40 -32.57 -27.51 19.12
N LYS X 41 -31.81 -26.97 20.06
CA LYS X 41 -31.18 -27.81 21.07
C LYS X 41 -32.22 -28.49 21.95
N ILE X 42 -33.28 -27.76 22.31
CA ILE X 42 -34.36 -28.34 23.09
C ILE X 42 -35.00 -29.49 22.34
N LEU X 43 -35.27 -29.30 21.05
CA LEU X 43 -35.86 -30.36 20.24
C LEU X 43 -34.94 -31.56 20.13
N ALA X 44 -33.64 -31.32 19.97
CA ALA X 44 -32.70 -32.42 19.82
C ALA X 44 -32.58 -33.23 21.11
N GLU X 45 -32.45 -32.56 22.26
CA GLU X 45 -32.23 -33.27 23.50
C GLU X 45 -33.49 -33.94 24.04
N ASN X 46 -34.67 -33.54 23.56
CA ASN X 46 -35.93 -34.11 24.04
C ASN X 46 -36.63 -34.92 22.97
N GLU X 47 -35.91 -35.30 21.91
CA GLU X 47 -36.55 -35.97 20.78
C GLU X 47 -37.14 -37.31 21.20
N GLN X 48 -36.42 -38.09 22.00
CA GLN X 48 -36.85 -39.44 22.31
C GLN X 48 -38.12 -39.45 23.14
N ARG X 49 -38.18 -38.59 24.16
CA ARG X 49 -39.39 -38.55 24.98
C ARG X 49 -40.56 -37.98 24.20
N ILE X 50 -40.31 -37.03 23.31
CA ILE X 50 -41.38 -36.54 22.44
C ILE X 50 -41.93 -37.69 21.60
N VAL X 51 -41.04 -38.49 21.02
CA VAL X 51 -41.48 -39.61 20.18
C VAL X 51 -42.28 -40.61 21.01
N GLN X 52 -41.79 -40.94 22.20
CA GLN X 52 -42.46 -41.95 23.02
C GLN X 52 -43.86 -41.47 23.44
N ASN X 53 -43.94 -40.25 23.99
CA ASN X 53 -45.23 -39.76 24.46
C ASN X 53 -46.19 -39.53 23.30
N GLY X 54 -45.71 -38.99 22.19
CA GLY X 54 -46.56 -38.81 21.03
C GLY X 54 -47.05 -40.13 20.48
N SER X 55 -46.19 -41.16 20.46
CA SER X 55 -46.62 -42.47 20.00
C SER X 55 -47.67 -43.07 20.92
N ALA X 56 -47.49 -42.90 22.23
CA ALA X 56 -48.50 -43.40 23.17
C ALA X 56 -49.84 -42.74 22.92
N ARG X 57 -49.86 -41.41 22.82
CA ARG X 57 -51.12 -40.70 22.57
C ARG X 57 -51.70 -41.07 21.21
N PHE X 58 -50.83 -41.24 20.21
CA PHE X 58 -51.27 -41.53 18.85
C PHE X 58 -51.89 -42.92 18.75
N TRP X 59 -51.32 -43.90 19.46
CA TRP X 59 -51.91 -45.23 19.46
C TRP X 59 -53.18 -45.27 20.29
N GLU X 60 -53.26 -44.45 21.34
CA GLU X 60 -54.52 -44.35 22.08
C GLU X 60 -55.62 -43.75 21.21
N ARG X 61 -55.28 -42.74 20.42
CA ARG X 61 -56.29 -42.04 19.62
C ARG X 61 -56.60 -42.77 18.33
N VAL X 62 -55.58 -43.35 17.69
CA VAL X 62 -55.73 -44.04 16.41
C VAL X 62 -55.15 -45.44 16.54
N PRO X 63 -55.87 -46.39 17.15
CA PRO X 63 -55.29 -47.73 17.34
C PRO X 63 -55.15 -48.53 16.05
N ASN X 64 -55.85 -48.16 14.98
CA ASN X 64 -55.84 -48.93 13.74
C ASN X 64 -54.82 -48.34 12.77
N THR X 65 -53.55 -48.61 13.06
CA THR X 65 -52.43 -48.13 12.26
C THR X 65 -51.44 -49.26 12.07
N PRO X 66 -50.63 -49.21 11.00
CA PRO X 66 -49.57 -50.22 10.84
C PRO X 66 -48.60 -50.26 12.00
N SER X 67 -48.33 -49.12 12.62
CA SER X 67 -47.44 -49.06 13.77
C SER X 67 -48.03 -49.73 15.00
N ASN X 68 -49.33 -50.00 15.01
CA ASN X 68 -49.99 -50.65 16.14
C ASN X 68 -50.61 -51.96 15.73
N SER X 69 -49.95 -52.69 14.83
CA SER X 69 -50.47 -53.94 14.31
C SER X 69 -49.67 -55.15 14.79
N GLY X 70 -48.88 -54.99 15.85
CA GLY X 70 -48.09 -56.08 16.37
C GLY X 70 -46.78 -56.33 15.66
N ASN X 71 -46.47 -55.56 14.63
CA ASN X 71 -45.24 -55.71 13.88
C ASN X 71 -44.16 -54.82 14.50
N GLU X 72 -43.10 -55.45 15.02
CA GLU X 72 -42.03 -54.67 15.64
C GLU X 72 -41.34 -53.77 14.63
N ARG X 73 -41.10 -54.28 13.43
CA ARG X 73 -40.42 -53.49 12.41
C ARG X 73 -41.24 -52.27 12.00
N LYS X 74 -42.55 -52.45 11.84
CA LYS X 74 -43.40 -51.32 11.47
C LYS X 74 -43.42 -50.27 12.57
N THR X 75 -43.50 -50.69 13.83
CA THR X 75 -43.46 -49.74 14.93
C THR X 75 -42.13 -48.99 14.97
N ALA X 76 -41.03 -49.72 14.78
CA ALA X 76 -39.72 -49.08 14.78
C ALA X 76 -39.60 -48.07 13.64
N SER X 77 -40.12 -48.42 12.46
CA SER X 77 -40.07 -47.51 11.33
C SER X 77 -40.92 -46.27 11.57
N CYS X 78 -42.10 -46.43 12.17
CA CYS X 78 -42.93 -45.27 12.47
C CYS X 78 -42.24 -44.35 13.47
N GLN X 79 -41.64 -44.92 14.51
CA GLN X 79 -40.97 -44.07 15.50
C GLN X 79 -39.73 -43.41 14.90
N ARG X 80 -39.05 -44.10 13.99
CA ARG X 80 -37.93 -43.49 13.28
C ARG X 80 -38.42 -42.33 12.41
N ASP X 81 -39.56 -42.48 11.75
CA ASP X 81 -40.12 -41.41 10.96
C ASP X 81 -40.49 -40.21 11.83
N GLN X 82 -41.05 -40.46 13.00
CA GLN X 82 -41.35 -39.38 13.92
C GLN X 82 -40.09 -38.64 14.34
N GLY X 83 -39.04 -39.38 14.66
CA GLY X 83 -37.77 -38.74 14.98
C GLY X 83 -37.21 -37.94 13.83
N TRP X 84 -37.35 -38.47 12.61
CA TRP X 84 -36.88 -37.76 11.43
C TRP X 84 -37.64 -36.45 11.23
N TYR X 85 -38.95 -36.47 11.44
CA TYR X 85 -39.72 -35.25 11.27
C TYR X 85 -39.45 -34.24 12.36
N ILE X 86 -39.17 -34.69 13.58
CA ILE X 86 -38.72 -33.76 14.61
C ILE X 86 -37.39 -33.15 14.22
N ARG X 87 -36.49 -33.95 13.64
CA ARG X 87 -35.20 -33.43 13.19
C ARG X 87 -35.38 -32.40 12.08
N LEU X 88 -36.29 -32.66 11.14
CA LEU X 88 -36.54 -31.71 10.06
C LEU X 88 -37.13 -30.41 10.61
N ILE X 89 -38.02 -30.51 11.59
CA ILE X 89 -38.58 -29.31 12.18
C ILE X 89 -37.51 -28.53 12.93
N ALA X 90 -36.56 -29.23 13.56
CA ALA X 90 -35.43 -28.55 14.19
C ALA X 90 -34.58 -27.84 13.14
N TYR X 91 -34.34 -28.49 11.99
CA TYR X 91 -33.63 -27.85 10.90
C TYR X 91 -34.34 -26.57 10.46
N SER X 92 -35.66 -26.64 10.31
CA SER X 92 -36.42 -25.48 9.87
C SER X 92 -36.38 -24.37 10.89
N VAL X 93 -36.43 -24.71 12.18
CA VAL X 93 -36.29 -23.70 13.22
C VAL X 93 -34.94 -23.03 13.12
N LEU X 94 -33.88 -23.81 12.88
CA LEU X 94 -32.56 -23.23 12.72
C LEU X 94 -32.49 -22.31 11.51
N ALA X 95 -33.09 -22.72 10.39
CA ALA X 95 -32.99 -21.97 9.14
C ALA X 95 -33.96 -20.81 9.05
N GLY X 96 -34.91 -20.70 9.96
CA GLY X 96 -35.86 -19.62 9.92
C GLY X 96 -36.92 -19.75 8.84
N SER X 97 -37.01 -20.90 8.19
CA SER X 97 -37.99 -21.13 7.14
C SER X 97 -38.26 -22.62 7.07
N GLU X 98 -39.40 -22.97 6.48
CA GLU X 98 -39.76 -24.37 6.32
C GLU X 98 -39.05 -25.03 5.15
N LYS X 99 -38.05 -24.37 4.57
CA LYS X 99 -37.35 -24.92 3.41
C LYS X 99 -36.71 -26.27 3.68
N PRO X 100 -35.97 -26.49 4.77
CA PRO X 100 -35.41 -27.84 4.99
C PRO X 100 -36.48 -28.90 5.11
N LEU X 101 -37.53 -28.63 5.89
CA LEU X 101 -38.61 -29.60 6.05
C LEU X 101 -39.32 -29.85 4.73
N GLU X 102 -39.57 -28.80 3.95
CA GLU X 102 -40.22 -28.97 2.66
C GLU X 102 -39.38 -29.79 1.70
N GLU X 103 -38.08 -29.52 1.64
CA GLU X 103 -37.22 -30.18 0.68
C GLU X 103 -36.94 -31.63 1.06
N ILE X 104 -36.85 -31.92 2.35
CA ILE X 104 -36.43 -33.26 2.76
C ILE X 104 -37.63 -34.15 3.08
N GLY X 105 -38.72 -33.62 3.63
CA GLY X 105 -39.77 -34.50 4.09
C GLY X 105 -41.19 -34.16 3.69
N THR X 106 -41.38 -33.14 2.84
CA THR X 106 -42.72 -32.72 2.45
C THR X 106 -42.99 -32.88 0.97
N ILE X 107 -42.07 -32.47 0.10
CA ILE X 107 -42.28 -32.64 -1.33
C ILE X 107 -42.28 -34.12 -1.66
N GLY X 108 -43.36 -34.60 -2.26
CA GLY X 108 -43.47 -36.01 -2.57
C GLY X 108 -43.81 -36.88 -1.37
N ILE X 109 -44.30 -36.31 -0.28
CA ILE X 109 -44.62 -37.09 0.90
C ILE X 109 -45.81 -37.99 0.64
N LYS X 110 -46.82 -37.49 -0.09
CA LYS X 110 -47.99 -38.28 -0.40
C LYS X 110 -47.63 -39.48 -1.26
N GLU X 111 -46.81 -39.26 -2.29
CA GLU X 111 -46.41 -40.36 -3.16
C GLU X 111 -45.62 -41.41 -2.40
N MET X 112 -44.68 -40.97 -1.56
CA MET X 112 -43.85 -41.90 -0.81
C MET X 112 -44.70 -42.74 0.13
N TYR X 113 -45.59 -42.09 0.88
CA TYR X 113 -46.38 -42.83 1.85
C TYR X 113 -47.52 -43.63 1.21
N ASN X 114 -47.95 -43.26 0.02
CA ASN X 114 -48.90 -44.09 -0.70
C ASN X 114 -48.23 -45.31 -1.29
N ASN X 115 -46.98 -45.19 -1.71
CA ASN X 115 -46.21 -46.35 -2.13
C ASN X 115 -46.02 -47.32 -0.96
N LEU X 116 -45.74 -46.80 0.22
CA LEU X 116 -45.58 -47.62 1.41
C LEU X 116 -46.91 -48.09 1.98
N GLU X 117 -48.04 -47.63 1.43
CA GLU X 117 -49.37 -48.04 1.85
C GLU X 117 -49.64 -47.68 3.31
N ILE X 118 -49.15 -46.52 3.72
CA ILE X 118 -49.39 -45.98 5.05
C ILE X 118 -50.51 -44.94 4.94
N PRO X 119 -51.61 -45.07 5.67
CA PRO X 119 -52.67 -44.08 5.56
C PRO X 119 -52.18 -42.69 5.96
N LEU X 120 -52.60 -41.69 5.19
CA LEU X 120 -52.13 -40.33 5.44
C LEU X 120 -52.81 -39.69 6.63
N ARG X 121 -54.08 -40.03 6.89
CA ARG X 121 -54.76 -39.49 8.06
C ARG X 121 -54.07 -39.93 9.34
N ASN X 122 -53.57 -41.16 9.37
CA ASN X 122 -52.85 -41.63 10.55
C ASN X 122 -51.57 -40.83 10.76
N ILE X 123 -50.86 -40.51 9.68
CA ILE X 123 -49.66 -39.70 9.81
C ILE X 123 -50.00 -38.29 10.27
N VAL X 124 -51.13 -37.76 9.82
CA VAL X 124 -51.57 -36.45 10.29
C VAL X 124 -51.84 -36.49 11.79
N GLU X 125 -52.52 -37.54 12.26
CA GLU X 125 -52.80 -37.67 13.69
C GLU X 125 -51.51 -37.81 14.49
N CYS X 126 -50.55 -38.59 13.98
CA CYS X 126 -49.28 -38.73 14.66
C CYS X 126 -48.54 -37.41 14.72
N MET X 127 -48.57 -36.64 13.63
CA MET X 127 -47.96 -35.31 13.65
C MET X 127 -48.62 -34.41 14.66
N ARG X 128 -49.95 -34.50 14.78
CA ARG X 128 -50.66 -33.71 15.77
C ARG X 128 -50.24 -34.08 17.19
N CYS X 129 -50.12 -35.39 17.46
CA CYS X 129 -49.68 -35.82 18.78
C CYS X 129 -48.26 -35.38 19.08
N LEU X 130 -47.37 -35.48 18.09
CA LEU X 130 -46.00 -35.03 18.28
C LEU X 130 -45.95 -33.53 18.52
N LYS X 131 -46.79 -32.76 17.82
CA LYS X 131 -46.86 -31.33 18.04
C LYS X 131 -47.33 -31.02 19.46
N GLU X 132 -48.36 -31.74 19.93
CA GLU X 132 -48.84 -31.53 21.29
C GLU X 132 -47.76 -31.83 22.31
N GLU X 133 -46.98 -32.88 22.10
CA GLU X 133 -45.97 -33.25 23.08
C GLU X 133 -44.73 -32.34 22.98
N ALA X 134 -44.44 -31.82 21.80
CA ALA X 134 -43.29 -30.92 21.66
C ALA X 134 -43.59 -29.54 22.20
N LEU X 135 -44.82 -29.05 22.01
CA LEU X 135 -45.17 -27.71 22.47
C LEU X 135 -45.15 -27.61 23.99
N SER X 136 -45.31 -28.71 24.71
CA SER X 136 -45.34 -28.65 26.17
C SER X 136 -43.94 -28.44 26.74
N LEU X 137 -42.90 -28.69 25.95
CA LEU X 137 -41.54 -28.59 26.42
C LEU X 137 -40.92 -27.21 26.23
N MET X 138 -41.63 -26.29 25.58
CA MET X 138 -41.09 -24.97 25.29
C MET X 138 -42.05 -23.90 25.78
N SER X 139 -41.53 -22.68 25.85
CA SER X 139 -42.35 -21.51 26.13
C SER X 139 -43.27 -21.22 24.95
N GLU X 140 -44.26 -20.36 25.18
CA GLU X 140 -45.22 -20.04 24.12
C GLU X 140 -44.52 -19.41 22.91
N GLU X 141 -43.61 -18.46 23.16
CA GLU X 141 -42.91 -17.84 22.04
C GLU X 141 -41.97 -18.82 21.36
N ASP X 142 -41.38 -19.74 22.11
CA ASP X 142 -40.58 -20.80 21.49
C ASP X 142 -41.45 -21.73 20.67
N ALA X 143 -42.67 -21.99 21.13
CA ALA X 143 -43.59 -22.88 20.44
C ALA X 143 -44.25 -22.24 19.24
N LEU X 144 -44.17 -20.90 19.11
CA LEU X 144 -44.86 -20.21 18.03
C LEU X 144 -44.46 -20.73 16.66
N GLU X 145 -43.17 -20.95 16.43
CA GLU X 145 -42.69 -21.41 15.14
C GLU X 145 -42.74 -22.93 15.00
N VAL X 146 -42.50 -23.65 16.09
CA VAL X 146 -42.56 -25.10 16.06
C VAL X 146 -43.95 -25.57 15.69
N SER X 147 -44.97 -24.93 16.25
CA SER X 147 -46.34 -25.27 15.90
C SER X 147 -46.61 -25.01 14.42
N ALA X 148 -46.06 -23.92 13.89
CA ALA X 148 -46.25 -23.62 12.47
C ALA X 148 -45.62 -24.69 11.59
N TYR X 149 -44.44 -25.18 11.96
CA TYR X 149 -43.80 -26.20 11.15
C TYR X 149 -44.55 -27.53 11.24
N PHE X 150 -45.03 -27.88 12.43
CA PHE X 150 -45.85 -29.08 12.56
C PHE X 150 -47.11 -28.97 11.72
N ASP X 151 -47.75 -27.79 11.74
CA ASP X 151 -48.92 -27.56 10.91
C ASP X 151 -48.58 -27.66 9.44
N TYR X 152 -47.38 -27.23 9.06
CA TYR X 152 -46.95 -27.35 7.68
C TYR X 152 -46.87 -28.81 7.25
N VAL X 153 -46.30 -29.66 8.10
CA VAL X 153 -46.25 -31.10 7.78
C VAL X 153 -47.66 -31.65 7.64
N MET X 154 -48.52 -31.32 8.61
CA MET X 154 -49.89 -31.83 8.60
C MET X 154 -50.64 -31.39 7.35
N ARG X 155 -50.47 -30.13 6.95
CA ARG X 155 -51.14 -29.63 5.76
C ARG X 155 -50.60 -30.30 4.51
N SER X 156 -49.29 -30.53 4.44
CA SER X 156 -48.72 -31.21 3.29
C SER X 156 -49.20 -32.64 3.18
N LEU X 157 -49.51 -33.29 4.30
CA LEU X 157 -49.98 -34.67 4.26
C LEU X 157 -51.43 -34.80 3.82
N SER X 158 -52.18 -33.70 3.74
CA SER X 158 -53.58 -33.78 3.34
C SER X 158 -53.76 -33.33 1.90
N MET Y 1 -29.40 -23.26 -4.51
CA MET Y 1 -28.63 -22.30 -3.75
C MET Y 1 -28.67 -22.64 -2.27
N GLN Y 2 -27.52 -22.55 -1.62
CA GLN Y 2 -27.41 -22.82 -0.20
C GLN Y 2 -26.66 -21.68 0.47
N ASP Y 3 -27.10 -21.30 1.66
CA ASP Y 3 -26.40 -20.37 2.50
C ASP Y 3 -25.65 -21.13 3.57
N ALA Y 4 -25.08 -20.42 4.55
CA ALA Y 4 -24.31 -21.09 5.59
C ALA Y 4 -25.17 -22.06 6.38
N ILE Y 5 -26.36 -21.63 6.77
CA ILE Y 5 -27.25 -22.47 7.57
C ILE Y 5 -27.67 -23.70 6.77
N THR Y 6 -28.05 -23.50 5.51
CA THR Y 6 -28.48 -24.62 4.69
C THR Y 6 -27.33 -25.59 4.43
N ALA Y 7 -26.12 -25.08 4.25
CA ALA Y 7 -24.98 -25.96 4.08
C ALA Y 7 -24.74 -26.81 5.31
N LEU Y 8 -24.78 -26.19 6.50
CA LEU Y 8 -24.60 -26.96 7.73
C LEU Y 8 -25.73 -27.99 7.90
N ILE Y 9 -26.96 -27.60 7.59
CA ILE Y 9 -28.08 -28.52 7.71
C ILE Y 9 -27.92 -29.68 6.75
N ASN Y 10 -27.46 -29.42 5.53
CA ASN Y 10 -27.23 -30.50 4.57
C ASN Y 10 -26.18 -31.46 5.07
N SER Y 11 -25.06 -30.94 5.58
CA SER Y 11 -24.00 -31.80 6.08
C SER Y 11 -24.48 -32.65 7.25
N SER Y 12 -25.33 -32.09 8.11
CA SER Y 12 -25.88 -32.89 9.20
C SER Y 12 -26.93 -33.87 8.73
N ASP Y 13 -27.67 -33.52 7.67
CA ASP Y 13 -28.79 -34.33 7.22
C ASP Y 13 -28.33 -35.57 6.48
N VAL Y 14 -27.24 -35.48 5.71
CA VAL Y 14 -26.76 -36.68 5.04
C VAL Y 14 -26.32 -37.72 6.06
N GLN Y 15 -25.91 -37.30 7.25
CA GLN Y 15 -25.58 -38.23 8.32
C GLN Y 15 -26.80 -38.60 9.16
N GLY Y 16 -27.94 -37.96 8.94
CA GLY Y 16 -29.13 -38.23 9.73
C GLY Y 16 -28.98 -37.85 11.18
N ARG Y 17 -28.32 -36.74 11.46
CA ARG Y 17 -28.04 -36.32 12.83
C ARG Y 17 -28.39 -34.85 13.01
N TYR Y 18 -28.72 -34.49 14.24
CA TYR Y 18 -28.87 -33.07 14.57
C TYR Y 18 -27.53 -32.38 14.47
N LEU Y 19 -27.56 -31.06 14.41
CA LEU Y 19 -26.33 -30.29 14.25
C LEU Y 19 -25.41 -30.49 15.45
N ASP Y 20 -24.20 -30.96 15.18
CA ASP Y 20 -23.22 -31.19 16.22
C ASP Y 20 -22.68 -29.86 16.74
N PRO Y 21 -22.03 -29.86 17.91
CA PRO Y 21 -21.57 -28.59 18.49
C PRO Y 21 -20.65 -27.78 17.58
N SER Y 22 -19.86 -28.43 16.72
CA SER Y 22 -19.01 -27.67 15.80
C SER Y 22 -19.84 -26.91 14.78
N SER Y 23 -20.82 -27.58 14.18
CA SER Y 23 -21.69 -26.89 13.23
C SER Y 23 -22.55 -25.85 13.93
N LEU Y 24 -22.95 -26.10 15.17
CA LEU Y 24 -23.68 -25.08 15.92
C LEU Y 24 -22.81 -23.85 16.19
N ASP Y 25 -21.52 -24.06 16.47
CA ASP Y 25 -20.62 -22.93 16.63
C ASP Y 25 -20.47 -22.15 15.33
N LYS Y 26 -20.37 -22.87 14.21
CA LYS Y 26 -20.31 -22.20 12.91
C LYS Y 26 -21.59 -21.39 12.65
N LEU Y 27 -22.73 -21.95 13.02
CA LEU Y 27 -24.00 -21.25 12.86
C LEU Y 27 -24.04 -19.99 13.72
N GLN Y 28 -23.54 -20.08 14.95
CA GLN Y 28 -23.49 -18.91 15.81
C GLN Y 28 -22.56 -17.85 15.23
N ASN Y 29 -21.44 -18.27 14.64
CA ASN Y 29 -20.55 -17.33 13.99
C ASN Y 29 -21.25 -16.62 12.84
N TYR Y 30 -22.02 -17.36 12.04
CA TYR Y 30 -22.76 -16.73 10.95
C TYR Y 30 -23.79 -15.74 11.48
N PHE Y 31 -24.50 -16.11 12.53
CA PHE Y 31 -25.50 -15.21 13.11
C PHE Y 31 -24.84 -13.95 13.64
N GLN Y 32 -23.66 -14.08 14.26
CA GLN Y 32 -22.96 -12.90 14.75
C GLN Y 32 -22.50 -12.00 13.61
N SER Y 33 -22.05 -12.61 12.51
CA SER Y 33 -21.60 -11.82 11.36
C SER Y 33 -22.73 -11.27 10.51
N GLY Y 34 -23.98 -11.70 10.77
CA GLY Y 34 -25.09 -11.26 9.95
C GLY Y 34 -25.28 -9.75 9.90
N ASP Y 35 -25.04 -9.07 11.02
CA ASP Y 35 -25.22 -7.63 11.05
C ASP Y 35 -24.23 -6.94 10.11
N MET Y 36 -22.97 -7.34 10.16
CA MET Y 36 -21.97 -6.79 9.25
C MET Y 36 -22.31 -7.15 7.80
N ARG Y 37 -22.82 -8.35 7.57
CA ARG Y 37 -23.19 -8.74 6.21
C ARG Y 37 -24.31 -7.85 5.67
N ALA Y 38 -25.31 -7.56 6.51
CA ALA Y 38 -26.40 -6.68 6.07
C ALA Y 38 -25.89 -5.26 5.82
N LYS Y 39 -25.00 -4.77 6.67
CA LYS Y 39 -24.43 -3.44 6.45
C LYS Y 39 -23.64 -3.38 5.14
N THR Y 40 -22.85 -4.42 4.86
CA THR Y 40 -22.09 -4.44 3.62
C THR Y 40 -23.00 -4.54 2.41
N ALA Y 41 -24.08 -5.31 2.51
CA ALA Y 41 -25.04 -5.38 1.41
C ALA Y 41 -25.66 -4.02 1.15
N ILE Y 42 -26.03 -3.31 2.21
CA ILE Y 42 -26.60 -1.97 2.05
C ILE Y 42 -25.59 -1.04 1.39
N ALA Y 43 -24.34 -1.08 1.86
CA ALA Y 43 -23.32 -0.19 1.33
C ALA Y 43 -23.06 -0.45 -0.15
N VAL Y 44 -22.99 -1.74 -0.54
CA VAL Y 44 -22.74 -2.06 -1.94
C VAL Y 44 -23.93 -1.69 -2.80
N SER Y 45 -25.15 -1.91 -2.30
CA SER Y 45 -26.33 -1.53 -3.07
C SER Y 45 -26.39 -0.03 -3.29
N ALA Y 46 -25.99 0.75 -2.28
CA ALA Y 46 -26.07 2.20 -2.40
C ALA Y 46 -25.07 2.75 -3.42
N ASN Y 47 -23.97 2.04 -3.63
CA ASN Y 47 -22.88 2.52 -4.46
C ASN Y 47 -22.58 1.62 -5.65
N ALA Y 48 -23.57 0.84 -6.10
CA ALA Y 48 -23.30 -0.14 -7.16
C ALA Y 48 -22.88 0.54 -8.45
N LYS Y 49 -23.60 1.58 -8.86
CA LYS Y 49 -23.26 2.29 -10.09
C LYS Y 49 -21.87 2.92 -9.99
N ASN Y 50 -21.57 3.55 -8.86
CA ASN Y 50 -20.26 4.16 -8.69
C ASN Y 50 -19.15 3.11 -8.65
N ILE Y 51 -19.42 1.96 -8.02
CA ILE Y 51 -18.44 0.89 -7.97
C ILE Y 51 -18.09 0.44 -9.38
N VAL Y 52 -19.12 0.21 -10.21
CA VAL Y 52 -18.86 -0.25 -11.57
C VAL Y 52 -18.20 0.83 -12.40
N THR Y 53 -18.58 2.10 -12.19
CA THR Y 53 -17.95 3.20 -12.89
C THR Y 53 -16.46 3.26 -12.59
N LYS Y 54 -16.11 3.17 -11.31
CA LYS Y 54 -14.70 3.22 -10.92
C LYS Y 54 -13.95 1.99 -11.43
N THR Y 55 -14.59 0.81 -11.40
CA THR Y 55 -13.97 -0.39 -11.91
C THR Y 55 -13.62 -0.25 -13.39
N VAL Y 56 -14.58 0.23 -14.19
CA VAL Y 56 -14.33 0.41 -15.61
C VAL Y 56 -13.25 1.47 -15.82
N ALA Y 57 -13.31 2.56 -15.06
CA ALA Y 57 -12.35 3.64 -15.24
C ALA Y 57 -10.93 3.18 -14.94
N LYS Y 58 -10.75 2.38 -13.89
CA LYS Y 58 -9.42 1.99 -13.47
C LYS Y 58 -8.94 0.68 -14.10
N SER Y 59 -9.78 -0.04 -14.83
CA SER Y 59 -9.36 -1.30 -15.41
C SER Y 59 -9.59 -1.44 -16.91
N LEU Y 60 -10.49 -0.66 -17.51
CA LEU Y 60 -10.84 -0.92 -18.91
C LEU Y 60 -10.75 0.32 -19.79
N LEU Y 61 -11.00 1.49 -19.23
CA LEU Y 61 -11.04 2.70 -20.04
C LEU Y 61 -9.67 3.06 -20.58
N TYR Y 62 -9.66 3.67 -21.76
CA TYR Y 62 -8.43 4.17 -22.39
C TYR Y 62 -7.41 3.08 -22.62
N THR Y 63 -7.88 1.87 -22.89
CA THR Y 63 -7.06 0.76 -23.33
C THR Y 63 -7.52 0.35 -24.73
N ASP Y 64 -6.89 -0.68 -25.28
CA ASP Y 64 -7.28 -1.14 -26.60
C ASP Y 64 -8.61 -1.91 -26.58
N ILE Y 65 -9.14 -2.22 -25.40
CA ILE Y 65 -10.43 -2.89 -25.33
C ILE Y 65 -11.55 -1.96 -25.75
N THR Y 66 -11.48 -0.69 -25.34
CA THR Y 66 -12.49 0.28 -25.74
C THR Y 66 -12.19 0.93 -27.10
N ALA Y 67 -11.00 0.71 -27.64
CA ALA Y 67 -10.65 1.22 -28.95
C ALA Y 67 -11.37 0.42 -30.03
N PRO Y 68 -11.51 0.96 -31.23
CA PRO Y 68 -12.12 0.18 -32.31
C PRO Y 68 -11.36 -1.11 -32.55
N GLY Y 69 -12.11 -2.18 -32.77
CA GLY Y 69 -11.54 -3.51 -32.83
C GLY Y 69 -11.40 -4.19 -31.48
N GLY Y 70 -11.71 -3.50 -30.39
CA GLY Y 70 -11.68 -4.08 -29.07
C GLY Y 70 -13.05 -4.62 -28.71
N MEN Y 71 -13.11 -5.41 -27.65
CA MEN Y 71 -14.35 -6.09 -27.30
C MEN Y 71 -15.32 -5.19 -26.57
O MEN Y 71 -16.48 -5.53 -26.40
CB MEN Y 71 -14.06 -7.34 -26.47
CG MEN Y 71 -15.22 -8.28 -26.42
OD1 MEN Y 71 -15.74 -8.66 -25.38
ND2 MEN Y 71 -15.68 -8.71 -27.61
CE2 MEN Y 71 -16.79 -9.62 -27.71
N MET Y 72 -14.85 -4.02 -26.15
CA MET Y 72 -15.73 -3.06 -25.50
C MET Y 72 -16.06 -1.93 -26.46
N TYR Y 73 -15.66 -2.09 -27.71
CA TYR Y 73 -16.02 -1.13 -28.73
C TYR Y 73 -17.49 -1.29 -29.10
N THR Y 74 -18.06 -0.23 -29.69
CA THR Y 74 -19.48 -0.03 -29.93
C THR Y 74 -20.24 0.08 -28.61
N CYS Y 75 -21.38 0.79 -28.63
CA CYS Y 75 -22.10 1.06 -27.39
C CYS Y 75 -22.72 -0.21 -26.83
N ARG Y 76 -23.17 -1.12 -27.67
CA ARG Y 76 -23.81 -2.34 -27.19
C ARG Y 76 -22.84 -3.18 -26.38
N ARG Y 77 -21.60 -3.32 -26.86
CA ARG Y 77 -20.63 -4.14 -26.15
C ARG Y 77 -20.16 -3.47 -24.87
N TYR Y 78 -20.00 -2.14 -24.89
CA TYR Y 78 -19.69 -1.42 -23.67
C TYR Y 78 -20.78 -1.62 -22.62
N ALA Y 79 -22.04 -1.47 -23.04
CA ALA Y 79 -23.15 -1.66 -22.12
C ALA Y 79 -23.22 -3.10 -21.62
N ALA Y 80 -22.90 -4.06 -22.48
CA ALA Y 80 -22.91 -5.46 -22.05
C ALA Y 80 -21.81 -5.74 -21.03
N CYS Y 81 -20.62 -5.14 -21.22
CA CYS Y 81 -19.57 -5.31 -20.22
C CYS Y 81 -19.97 -4.68 -18.89
N VAL Y 82 -20.58 -3.49 -18.93
CA VAL Y 82 -21.05 -2.87 -17.71
C VAL Y 82 -22.11 -3.73 -17.04
N ARG Y 83 -22.99 -4.32 -17.84
CA ARG Y 83 -24.01 -5.22 -17.32
C ARG Y 83 -23.39 -6.45 -16.66
N ASP Y 84 -22.34 -6.99 -17.27
CA ASP Y 84 -21.67 -8.15 -16.69
C ASP Y 84 -21.02 -7.79 -15.36
N LEU Y 85 -20.41 -6.61 -15.28
CA LEU Y 85 -19.83 -6.17 -14.02
C LEU Y 85 -20.92 -5.97 -12.96
N ASP Y 86 -22.08 -5.47 -13.37
CA ASP Y 86 -23.22 -5.39 -12.47
C ASP Y 86 -23.62 -6.77 -11.98
N TYR Y 87 -23.65 -7.76 -12.88
CA TYR Y 87 -23.97 -9.13 -12.51
C TYR Y 87 -23.01 -9.63 -11.46
N PHE Y 88 -21.71 -9.45 -11.69
CA PHE Y 88 -20.71 -9.95 -10.76
C PHE Y 88 -20.85 -9.28 -9.40
N LEU Y 89 -21.05 -7.96 -9.38
CA LEU Y 89 -21.20 -7.26 -8.11
C LEU Y 89 -22.43 -7.73 -7.36
N ARG Y 90 -23.57 -7.84 -8.06
CA ARG Y 90 -24.81 -8.23 -7.40
C ARG Y 90 -24.73 -9.64 -6.86
N TYR Y 91 -24.16 -10.56 -7.64
CA TYR Y 91 -24.10 -11.94 -7.17
C TYR Y 91 -23.05 -12.13 -6.09
N ALA Y 92 -21.97 -11.35 -6.12
CA ALA Y 92 -21.03 -11.36 -5.00
C ALA Y 92 -21.71 -10.85 -3.73
N THR Y 93 -22.55 -9.83 -3.84
CA THR Y 93 -23.31 -9.37 -2.69
C THR Y 93 -24.27 -10.45 -2.19
N TYR Y 94 -24.94 -11.15 -3.11
CA TYR Y 94 -25.81 -12.26 -2.72
C TYR Y 94 -25.02 -13.32 -1.96
N ALA Y 95 -23.87 -13.70 -2.49
CA ALA Y 95 -23.06 -14.73 -1.85
C ALA Y 95 -22.54 -14.28 -0.49
N MET Y 96 -22.19 -13.01 -0.37
CA MET Y 96 -21.76 -12.49 0.93
C MET Y 96 -22.90 -12.52 1.93
N LEU Y 97 -24.11 -12.16 1.50
CA LEU Y 97 -25.26 -12.22 2.40
C LEU Y 97 -25.53 -13.66 2.83
N ALA Y 98 -25.45 -14.60 1.90
CA ALA Y 98 -25.68 -16.00 2.23
C ALA Y 98 -24.54 -16.61 3.00
N GLY Y 99 -23.34 -16.05 2.91
CA GLY Y 99 -22.20 -16.67 3.55
C GLY Y 99 -21.75 -17.95 2.88
N ASP Y 100 -22.08 -18.13 1.60
CA ASP Y 100 -21.75 -19.35 0.88
C ASP Y 100 -21.60 -19.03 -0.59
N THR Y 101 -20.69 -19.74 -1.26
CA THR Y 101 -20.35 -19.47 -2.65
C THR Y 101 -21.15 -20.31 -3.63
N SER Y 102 -22.11 -21.09 -3.17
CA SER Y 102 -22.84 -21.98 -4.07
C SER Y 102 -23.65 -21.22 -5.11
N ILE Y 103 -24.11 -20.03 -4.78
CA ILE Y 103 -24.88 -19.23 -5.75
C ILE Y 103 -24.00 -18.89 -6.95
N LEU Y 104 -22.74 -18.55 -6.71
CA LEU Y 104 -21.83 -18.27 -7.82
C LEU Y 104 -21.55 -19.51 -8.65
N ASP Y 105 -21.46 -20.67 -8.00
CA ASP Y 105 -21.23 -21.92 -8.73
C ASP Y 105 -22.43 -22.26 -9.62
N GLU Y 106 -23.64 -22.03 -9.15
CA GLU Y 106 -24.82 -22.44 -9.89
C GLU Y 106 -25.34 -21.40 -10.87
N ARG Y 107 -24.99 -20.13 -10.69
CA ARG Y 107 -25.58 -19.09 -11.51
C ARG Y 107 -24.59 -18.19 -12.23
N ILE Y 108 -23.30 -18.24 -11.92
CA ILE Y 108 -22.35 -17.35 -12.54
C ILE Y 108 -21.30 -18.15 -13.31
N LEU Y 109 -20.67 -19.10 -12.63
CA LEU Y 109 -19.53 -19.80 -13.21
C LEU Y 109 -19.90 -20.98 -14.09
N ASN Y 110 -21.16 -21.44 -14.06
CA ASN Y 110 -21.54 -22.62 -14.82
C ASN Y 110 -21.65 -22.25 -16.30
N GLY Y 111 -20.73 -22.75 -17.10
CA GLY Y 111 -20.74 -22.44 -18.52
C GLY Y 111 -20.28 -21.06 -18.87
N LEU Y 112 -19.75 -20.30 -17.91
CA LEU Y 112 -19.32 -18.93 -18.20
C LEU Y 112 -18.13 -18.92 -19.14
N ARG Y 113 -17.18 -19.82 -18.95
CA ARG Y 113 -16.00 -19.85 -19.80
C ARG Y 113 -16.37 -20.20 -21.25
N GLU Y 114 -17.22 -21.20 -21.43
CA GLU Y 114 -17.64 -21.56 -22.78
C GLU Y 114 -18.40 -20.41 -23.44
N THR Y 115 -19.28 -19.75 -22.70
CA THR Y 115 -20.03 -18.63 -23.25
C THR Y 115 -19.10 -17.49 -23.65
N TYR Y 116 -18.15 -17.15 -22.78
CA TYR Y 116 -17.23 -16.06 -23.09
C TYR Y 116 -16.33 -16.41 -24.27
N ASN Y 117 -15.85 -17.65 -24.33
CA ASN Y 117 -15.02 -18.05 -25.46
C ASN Y 117 -15.82 -18.06 -26.76
N SER Y 118 -17.11 -18.40 -26.68
CA SER Y 118 -17.97 -18.35 -27.85
C SER Y 118 -18.19 -16.93 -28.32
N LEU Y 119 -18.37 -15.99 -27.39
CA LEU Y 119 -18.60 -14.59 -27.75
C LEU Y 119 -17.31 -13.84 -28.06
N GLY Y 120 -16.16 -14.37 -27.68
CA GLY Y 120 -14.92 -13.63 -27.84
C GLY Y 120 -14.60 -12.67 -26.71
N VAL Y 121 -15.29 -12.81 -25.58
CA VAL Y 121 -15.05 -11.90 -24.45
C VAL Y 121 -13.70 -12.23 -23.81
N PRO Y 122 -12.83 -11.24 -23.60
CA PRO Y 122 -11.51 -11.51 -23.02
C PRO Y 122 -11.60 -11.97 -21.58
N ILE Y 123 -11.11 -13.18 -21.31
CA ILE Y 123 -11.18 -13.74 -19.97
C ILE Y 123 -10.23 -13.02 -19.01
N GLY Y 124 -9.01 -12.74 -19.46
CA GLY Y 124 -8.05 -12.08 -18.59
C GLY Y 124 -8.46 -10.68 -18.21
N ALA Y 125 -9.01 -9.93 -19.17
CA ALA Y 125 -9.52 -8.59 -18.86
C ALA Y 125 -10.67 -8.67 -17.87
N THR Y 126 -11.52 -9.69 -18.00
CA THR Y 126 -12.60 -9.87 -17.04
C THR Y 126 -12.07 -10.17 -15.64
N ILE Y 127 -11.04 -11.00 -15.54
CA ILE Y 127 -10.44 -11.31 -14.24
C ILE Y 127 -9.83 -10.05 -13.63
N ARG Y 128 -9.13 -9.27 -14.44
CA ARG Y 128 -8.54 -8.03 -13.93
C ARG Y 128 -9.61 -7.04 -13.50
N SER Y 129 -10.72 -6.98 -14.24
CA SER Y 129 -11.82 -6.12 -13.85
C SER Y 129 -12.45 -6.56 -12.53
N VAL Y 130 -12.56 -7.87 -12.33
CA VAL Y 130 -13.09 -8.38 -11.06
C VAL Y 130 -12.15 -8.03 -9.92
N GLN Y 131 -10.84 -8.13 -10.16
CA GLN Y 131 -9.87 -7.72 -9.14
C GLN Y 131 -10.00 -6.24 -8.81
N ALA Y 132 -10.16 -5.41 -9.85
CA ALA Y 132 -10.34 -3.98 -9.63
C ALA Y 132 -11.62 -3.70 -8.85
N MET Y 133 -12.69 -4.43 -9.16
CA MET Y 133 -13.94 -4.25 -8.44
C MET Y 133 -13.78 -4.65 -6.98
N LYS Y 134 -13.04 -5.72 -6.72
CA LYS Y 134 -12.79 -6.11 -5.33
C LYS Y 134 -12.02 -5.03 -4.60
N GLU Y 135 -11.01 -4.44 -5.26
CA GLU Y 135 -10.25 -3.36 -4.63
C GLU Y 135 -11.14 -2.16 -4.34
N VAL Y 136 -12.01 -1.79 -5.28
CA VAL Y 136 -12.90 -0.66 -5.09
C VAL Y 136 -13.86 -0.92 -3.92
N VAL Y 137 -14.45 -2.11 -3.88
CA VAL Y 137 -15.38 -2.44 -2.81
C VAL Y 137 -14.67 -2.43 -1.47
N THR Y 138 -13.44 -2.95 -1.42
CA THR Y 138 -12.69 -2.94 -0.17
C THR Y 138 -12.39 -1.51 0.29
N SER Y 139 -12.02 -0.65 -0.65
CA SER Y 139 -11.80 0.76 -0.29
C SER Y 139 -13.09 1.41 0.18
N LEU Y 140 -14.24 0.92 -0.28
CA LEU Y 140 -15.50 1.55 0.07
C LEU Y 140 -16.04 1.08 1.42
N VAL Y 141 -15.93 -0.21 1.73
CA VAL Y 141 -16.58 -0.76 2.91
C VAL Y 141 -15.60 -1.12 4.01
N GLY Y 142 -14.30 -0.92 3.81
CA GLY Y 142 -13.32 -1.17 4.84
C GLY Y 142 -12.57 -2.47 4.63
N ALA Y 143 -11.63 -2.72 5.54
CA ALA Y 143 -10.74 -3.86 5.37
C ALA Y 143 -11.43 -5.18 5.68
N ASP Y 144 -12.23 -5.23 6.74
CA ASP Y 144 -12.84 -6.50 7.15
C ASP Y 144 -13.97 -6.90 6.23
N ALA Y 145 -14.96 -6.02 6.07
CA ALA Y 145 -16.03 -6.30 5.11
C ALA Y 145 -15.48 -6.39 3.70
N GLY Y 146 -14.44 -5.62 3.39
CA GLY Y 146 -13.80 -5.72 2.09
C GLY Y 146 -13.21 -7.10 1.85
N ARG Y 147 -12.55 -7.66 2.87
CA ARG Y 147 -11.99 -9.01 2.74
C ARG Y 147 -13.10 -10.04 2.62
N GLU Y 148 -14.19 -9.87 3.36
CA GLU Y 148 -15.30 -10.81 3.26
C GLU Y 148 -15.91 -10.79 1.87
N MET Y 149 -16.11 -9.61 1.27
CA MET Y 149 -16.59 -9.55 -0.10
C MET Y 149 -15.54 -10.07 -1.08
N GLY Y 150 -14.26 -9.83 -0.79
CA GLY Y 150 -13.20 -10.32 -1.63
C GLY Y 150 -13.11 -11.82 -1.68
N VAL Y 151 -13.58 -12.51 -0.65
CA VAL Y 151 -13.63 -13.96 -0.71
C VAL Y 151 -14.44 -14.42 -1.93
N TYR Y 152 -15.62 -13.83 -2.11
CA TYR Y 152 -16.49 -14.22 -3.22
C TYR Y 152 -16.03 -13.61 -4.54
N PHE Y 153 -15.45 -12.41 -4.50
CA PHE Y 153 -14.83 -11.88 -5.72
C PHE Y 153 -13.71 -12.80 -6.21
N ASP Y 154 -12.89 -13.31 -5.29
CA ASP Y 154 -11.83 -14.24 -5.63
C ASP Y 154 -12.39 -15.58 -6.08
N HIS Y 155 -13.51 -16.01 -5.52
CA HIS Y 155 -14.14 -17.23 -6.01
C HIS Y 155 -14.54 -17.07 -7.47
N ILE Y 156 -15.14 -15.92 -7.81
CA ILE Y 156 -15.50 -15.66 -9.21
C ILE Y 156 -14.26 -15.64 -10.09
N ALA Y 157 -13.23 -14.93 -9.65
CA ALA Y 157 -12.01 -14.81 -10.44
C ALA Y 157 -11.34 -16.16 -10.65
N ALA Y 158 -11.29 -16.99 -9.62
CA ALA Y 158 -10.69 -18.30 -9.73
C ALA Y 158 -11.50 -19.22 -10.62
N GLY Y 159 -12.82 -19.09 -10.59
CA GLY Y 159 -13.65 -19.83 -11.53
C GLY Y 159 -13.39 -19.42 -12.96
N LEU Y 160 -13.14 -18.12 -13.18
CA LEU Y 160 -12.84 -17.66 -14.53
C LEU Y 160 -11.46 -18.07 -14.98
N SER Y 161 -10.59 -18.50 -14.08
CA SER Y 161 -9.24 -18.89 -14.44
C SER Y 161 -8.97 -20.35 -14.08
N SER Z 2 -3.15 59.96 63.23
CA SER Z 2 -2.41 59.69 64.45
C SER Z 2 -1.49 58.49 64.28
N ILE Z 3 -0.70 58.20 65.31
CA ILE Z 3 0.17 57.03 65.28
C ILE Z 3 -0.65 55.75 65.30
N VAL Z 4 -1.76 55.74 66.05
CA VAL Z 4 -2.56 54.54 66.21
C VAL Z 4 -3.11 54.09 64.87
N THR Z 5 -3.72 55.01 64.12
CA THR Z 5 -4.29 54.64 62.84
C THR Z 5 -3.21 54.27 61.84
N GLU Z 6 -2.03 54.90 61.93
CA GLU Z 6 -0.93 54.53 61.04
C GLU Z 6 -0.49 53.09 61.30
N LEU Z 7 -0.34 52.71 62.57
CA LEU Z 7 0.03 51.34 62.90
C LEU Z 7 -1.05 50.35 62.46
N ILE Z 8 -2.32 50.71 62.68
CA ILE Z 8 -3.41 49.82 62.32
C ILE Z 8 -3.49 49.63 60.81
N LEU Z 9 -3.30 50.71 60.05
CA LEU Z 9 -3.30 50.59 58.59
C LEU Z 9 -2.09 49.82 58.10
N ASN Z 10 -0.95 49.97 58.75
CA ASN Z 10 0.22 49.15 58.41
C ASN Z 10 -0.07 47.67 58.60
N ALA Z 11 -0.72 47.32 59.71
CA ALA Z 11 -1.08 45.92 59.93
C ALA Z 11 -2.15 45.46 58.96
N ASP Z 12 -3.09 46.34 58.61
CA ASP Z 12 -4.21 45.96 57.75
C ASP Z 12 -3.76 45.74 56.31
N SER Z 13 -2.78 46.52 55.85
CA SER Z 13 -2.29 46.34 54.48
C SER Z 13 -1.65 44.98 54.29
N GLU Z 14 -1.15 44.37 55.36
CA GLU Z 14 -0.56 43.04 55.30
C GLU Z 14 -1.53 41.95 55.72
N SER Z 15 -2.79 42.30 56.01
CA SER Z 15 -3.83 41.32 56.36
C SER Z 15 -3.42 40.46 57.54
N ARG Z 16 -2.90 41.09 58.58
CA ARG Z 16 -2.42 40.38 59.76
C ARG Z 16 -2.69 41.22 61.00
N TYR Z 17 -2.76 40.55 62.13
CA TYR Z 17 -2.91 41.25 63.40
C TYR Z 17 -1.68 42.09 63.66
N PRO Z 18 -1.80 43.16 64.45
CA PRO Z 18 -0.64 44.01 64.73
C PRO Z 18 0.50 43.20 65.33
N ALA Z 19 1.71 43.47 64.84
CA ALA Z 19 2.89 42.77 65.31
C ALA Z 19 3.26 43.24 66.71
N PRO Z 20 4.01 42.43 67.46
CA PRO Z 20 4.42 42.86 68.81
C PRO Z 20 5.17 44.17 68.84
N LYS Z 21 5.99 44.46 67.83
CA LYS Z 21 6.69 45.75 67.81
C LYS Z 21 5.71 46.90 67.59
N GLU Z 22 4.70 46.71 66.74
CA GLU Z 22 3.68 47.74 66.58
C GLU Z 22 2.93 47.96 67.88
N ILE Z 23 2.62 46.87 68.60
CA ILE Z 23 1.95 47.00 69.88
C ILE Z 23 2.82 47.76 70.87
N GLN Z 24 4.12 47.48 70.87
CA GLN Z 24 5.02 48.20 71.77
C GLN Z 24 5.09 49.68 71.43
N VAL Z 25 5.13 50.02 70.15
CA VAL Z 25 5.12 51.42 69.75
C VAL Z 25 3.83 52.09 70.18
N TYR Z 26 2.70 51.39 70.01
CA TYR Z 26 1.41 51.92 70.44
C TYR Z 26 1.39 52.17 71.94
N GLN Z 27 1.92 51.25 72.73
CA GLN Z 27 1.96 51.43 74.18
C GLN Z 27 2.86 52.60 74.58
N ASN Z 28 4.04 52.69 73.96
CA ASN Z 28 4.91 53.83 74.22
C ASN Z 28 4.25 55.14 73.86
N PHE Z 29 3.44 55.15 72.80
CA PHE Z 29 2.76 56.37 72.41
C PHE Z 29 1.68 56.75 73.42
N VAL Z 30 0.83 55.79 73.80
CA VAL Z 30 -0.23 56.10 74.74
C VAL Z 30 0.32 56.45 76.11
N LYS Z 31 1.55 56.04 76.43
CA LYS Z 31 2.15 56.47 77.69
C LYS Z 31 2.42 57.98 77.71
N THR Z 32 2.84 58.54 76.58
CA THR Z 32 3.19 59.95 76.49
C THR Z 32 1.98 60.86 76.27
N GLY Z 33 0.78 60.34 76.50
CA GLY Z 33 -0.41 61.13 76.25
C GLY Z 33 -0.51 62.36 77.12
N GLU Z 34 -0.13 62.23 78.39
CA GLU Z 34 -0.18 63.37 79.29
C GLU Z 34 0.77 64.48 78.84
N GLN Z 35 1.97 64.11 78.41
CA GLN Z 35 2.91 65.11 77.91
C GLN Z 35 2.39 65.77 76.64
N ARG Z 36 1.79 64.98 75.74
CA ARG Z 36 1.23 65.58 74.53
C ARG Z 36 0.09 66.53 74.86
N ILE Z 37 -0.76 66.17 75.82
CA ILE Z 37 -1.84 67.05 76.24
C ILE Z 37 -1.28 68.33 76.85
N ARG Z 38 -0.23 68.20 77.64
CA ARG Z 38 0.37 69.38 78.25
C ARG Z 38 0.96 70.32 77.20
N ILE Z 39 1.62 69.75 76.18
CA ILE Z 39 2.17 70.60 75.12
C ILE Z 39 1.05 71.25 74.32
N ALA Z 40 -0.04 70.53 74.09
CA ALA Z 40 -1.18 71.12 73.40
C ALA Z 40 -1.77 72.26 74.21
N LYS Z 41 -1.84 72.10 75.53
CA LYS Z 41 -2.29 73.19 76.41
C LYS Z 41 -1.35 74.38 76.34
N ILE Z 42 -0.04 74.15 76.29
CA ILE Z 42 0.91 75.25 76.14
C ILE Z 42 0.68 75.99 74.84
N LEU Z 43 0.48 75.26 73.74
CA LEU Z 43 0.20 75.91 72.46
C LEU Z 43 -1.10 76.70 72.51
N ALA Z 44 -2.15 76.14 73.13
CA ALA Z 44 -3.44 76.82 73.18
C ALA Z 44 -3.42 78.06 74.06
N GLU Z 45 -2.72 78.03 75.18
CA GLU Z 45 -2.71 79.16 76.10
C GLU Z 45 -1.86 80.32 75.62
N ASN Z 46 -0.79 80.06 74.88
CA ASN Z 46 0.12 81.09 74.40
C ASN Z 46 -0.07 81.34 72.91
N GLU Z 47 -1.22 80.96 72.37
CA GLU Z 47 -1.47 81.14 70.94
C GLU Z 47 -1.47 82.60 70.54
N GLN Z 48 -2.11 83.46 71.33
CA GLN Z 48 -2.20 84.87 70.96
C GLN Z 48 -0.84 85.56 71.04
N ARG Z 49 -0.07 85.29 72.10
CA ARG Z 49 1.25 85.90 72.20
C ARG Z 49 2.18 85.37 71.11
N ILE Z 50 2.06 84.09 70.78
CA ILE Z 50 2.84 83.53 69.68
C ILE Z 50 2.49 84.23 68.38
N VAL Z 51 1.20 84.43 68.12
CA VAL Z 51 0.78 85.10 66.89
C VAL Z 51 1.31 86.53 66.86
N GLN Z 52 1.17 87.26 67.98
CA GLN Z 52 1.60 88.66 68.00
C GLN Z 52 3.10 88.78 67.80
N ASN Z 53 3.88 87.98 68.52
CA ASN Z 53 5.33 88.06 68.38
C ASN Z 53 5.79 87.60 67.01
N GLY Z 54 5.19 86.53 66.49
CA GLY Z 54 5.59 86.05 65.18
C GLY Z 54 5.24 87.02 64.07
N SER Z 55 4.10 87.69 64.19
CA SER Z 55 3.73 88.72 63.22
C SER Z 55 4.46 90.03 63.45
N ALA Z 56 5.10 90.20 64.60
CA ALA Z 56 6.00 91.32 64.80
C ALA Z 56 7.36 91.06 64.18
N ARG Z 57 7.89 89.84 64.34
CA ARG Z 57 9.10 89.46 63.61
C ARG Z 57 8.84 89.35 62.12
N PHE Z 58 7.66 88.89 61.72
CA PHE Z 58 7.16 89.08 60.38
C PHE Z 58 6.83 90.57 60.22
N TRP Z 59 6.84 91.06 58.99
CA TRP Z 59 6.70 92.47 58.63
C TRP Z 59 7.95 93.27 58.97
N GLU Z 60 8.92 92.70 59.67
CA GLU Z 60 10.19 93.38 59.88
C GLU Z 60 11.28 92.88 58.93
N ARG Z 61 11.08 91.72 58.33
CA ARG Z 61 11.99 91.22 57.30
C ARG Z 61 11.23 91.04 55.99
N VAL Z 62 9.90 90.91 56.09
CA VAL Z 62 9.05 90.83 54.92
C VAL Z 62 7.96 91.90 55.05
N PRO Z 63 8.28 93.17 54.86
CA PRO Z 63 7.25 94.22 54.98
C PRO Z 63 6.37 94.28 53.75
N ASN Z 64 6.91 93.86 52.60
CA ASN Z 64 6.17 93.84 51.35
C ASN Z 64 5.36 92.56 51.28
N THR Z 65 4.29 92.53 52.08
CA THR Z 65 3.42 91.37 52.18
C THR Z 65 1.97 91.85 52.25
N PRO Z 66 1.02 91.03 51.78
CA PRO Z 66 -0.38 91.49 51.78
C PRO Z 66 -0.90 91.91 53.14
N SER Z 67 -0.51 91.22 54.21
CA SER Z 67 -0.98 91.61 55.54
C SER Z 67 -0.46 92.99 55.93
N ASN Z 68 0.82 93.24 55.71
CA ASN Z 68 1.42 94.54 56.04
C ASN Z 68 1.30 95.50 54.85
N SER Z 69 0.07 95.70 54.40
CA SER Z 69 -0.21 96.58 53.28
C SER Z 69 -1.25 97.63 53.61
N GLY Z 70 -1.52 97.86 54.90
CA GLY Z 70 -2.47 98.87 55.31
C GLY Z 70 -3.92 98.46 55.24
N ASN Z 71 -4.21 97.19 54.96
CA ASN Z 71 -5.57 96.68 54.92
C ASN Z 71 -5.87 96.00 56.25
N GLU Z 72 -6.90 96.47 56.94
CA GLU Z 72 -7.25 95.90 58.23
C GLU Z 72 -7.70 94.45 58.09
N ARG Z 73 -8.57 94.16 57.13
CA ARG Z 73 -9.10 92.82 56.97
C ARG Z 73 -8.01 91.83 56.59
N LYS Z 74 -7.07 92.25 55.74
CA LYS Z 74 -5.98 91.35 55.35
C LYS Z 74 -5.11 91.00 56.55
N THR Z 75 -4.78 92.00 57.38
CA THR Z 75 -4.00 91.71 58.58
C THR Z 75 -4.76 90.78 59.52
N ALA Z 76 -6.05 91.04 59.71
CA ALA Z 76 -6.85 90.20 60.60
C ALA Z 76 -6.89 88.76 60.10
N SER Z 77 -7.08 88.58 58.79
CA SER Z 77 -7.15 87.23 58.25
C SER Z 77 -5.80 86.53 58.29
N CYS Z 78 -4.70 87.27 58.11
CA CYS Z 78 -3.39 86.66 58.24
C CYS Z 78 -3.15 86.18 59.67
N GLN Z 79 -3.50 86.99 60.66
CA GLN Z 79 -3.32 86.58 62.05
C GLN Z 79 -4.25 85.43 62.41
N ARG Z 80 -5.46 85.42 61.82
CA ARG Z 80 -6.36 84.29 61.99
C ARG Z 80 -5.74 83.02 61.42
N ASP Z 81 -5.11 83.12 60.25
CA ASP Z 81 -4.45 81.96 59.66
C ASP Z 81 -3.31 81.47 60.52
N GLN Z 82 -2.54 82.40 61.09
CA GLN Z 82 -1.47 82.02 62.00
C GLN Z 82 -2.01 81.25 63.19
N GLY Z 83 -3.08 81.76 63.79
CA GLY Z 83 -3.69 81.05 64.91
C GLY Z 83 -4.22 79.69 64.51
N TRP Z 84 -4.81 79.59 63.32
CA TRP Z 84 -5.33 78.33 62.84
C TRP Z 84 -4.22 77.30 62.66
N TYR Z 85 -3.06 77.74 62.14
CA TYR Z 85 -1.96 76.80 61.96
C TYR Z 85 -1.35 76.42 63.30
N ILE Z 86 -1.34 77.32 64.28
CA ILE Z 86 -0.93 76.95 65.62
C ILE Z 86 -1.86 75.88 66.18
N ARG Z 87 -3.17 76.05 65.96
CA ARG Z 87 -4.13 75.05 66.42
C ARG Z 87 -3.92 73.72 65.73
N LEU Z 88 -3.64 73.73 64.43
CA LEU Z 88 -3.40 72.49 63.71
C LEU Z 88 -2.13 71.80 64.20
N ILE Z 89 -1.11 72.57 64.54
CA ILE Z 89 0.11 71.97 65.10
C ILE Z 89 -0.18 71.38 66.46
N ALA Z 90 -1.04 72.02 67.25
CA ALA Z 90 -1.47 71.42 68.51
C ALA Z 90 -2.20 70.11 68.28
N TYR Z 91 -3.05 70.06 67.26
CA TYR Z 91 -3.73 68.82 66.89
C TYR Z 91 -2.71 67.73 66.55
N SER Z 92 -1.71 68.08 65.76
CA SER Z 92 -0.70 67.10 65.37
C SER Z 92 0.11 66.63 66.57
N VAL Z 93 0.38 67.53 67.51
CA VAL Z 93 1.06 67.13 68.74
C VAL Z 93 0.21 66.13 69.51
N LEU Z 94 -1.09 66.39 69.60
CA LEU Z 94 -1.98 65.46 70.29
C LEU Z 94 -2.02 64.10 69.61
N ALA Z 95 -2.09 64.10 68.28
CA ALA Z 95 -2.24 62.85 67.54
C ALA Z 95 -0.94 62.07 67.44
N GLY Z 96 0.20 62.70 67.69
CA GLY Z 96 1.47 62.03 67.55
C GLY Z 96 1.99 61.95 66.13
N SER Z 97 1.27 62.50 65.17
CA SER Z 97 1.70 62.50 63.77
C SER Z 97 1.09 63.70 63.08
N GLU Z 98 1.66 64.05 61.93
CA GLU Z 98 1.24 65.22 61.18
C GLU Z 98 -0.04 64.99 60.38
N LYS Z 99 -0.77 63.91 60.64
CA LYS Z 99 -1.99 63.63 59.89
C LYS Z 99 -3.06 64.70 60.05
N PRO Z 100 -3.39 65.19 61.25
CA PRO Z 100 -4.37 66.29 61.32
C PRO Z 100 -3.93 67.52 60.55
N LEU Z 101 -2.64 67.85 60.63
CA LEU Z 101 -2.11 68.97 59.88
C LEU Z 101 -2.25 68.77 58.38
N GLU Z 102 -1.92 67.56 57.92
CA GLU Z 102 -2.02 67.26 56.49
C GLU Z 102 -3.47 67.30 56.02
N GLU Z 103 -4.38 66.76 56.81
CA GLU Z 103 -5.78 66.68 56.37
C GLU Z 103 -6.46 68.03 56.41
N ILE Z 104 -6.16 68.86 57.39
CA ILE Z 104 -6.92 70.08 57.60
C ILE Z 104 -6.26 71.27 56.91
N GLY Z 105 -4.94 71.36 56.97
CA GLY Z 105 -4.29 72.58 56.51
C GLY Z 105 -3.14 72.45 55.53
N THR Z 106 -2.80 71.24 55.11
CA THR Z 106 -1.66 71.03 54.22
C THR Z 106 -2.03 70.57 52.82
N ILE Z 107 -2.92 69.59 52.69
CA ILE Z 107 -3.32 69.12 51.36
C ILE Z 107 -4.06 70.25 50.67
N GLY Z 108 -3.54 70.69 49.53
CA GLY Z 108 -4.15 71.78 48.80
C GLY Z 108 -3.86 73.16 49.33
N ILE Z 109 -2.84 73.31 50.19
CA ILE Z 109 -2.53 74.63 50.73
C ILE Z 109 -2.02 75.56 49.63
N LYS Z 110 -1.20 75.03 48.72
CA LYS Z 110 -0.63 75.85 47.66
C LYS Z 110 -1.72 76.37 46.73
N GLU Z 111 -2.67 75.51 46.36
CA GLU Z 111 -3.75 75.94 45.49
C GLU Z 111 -4.61 77.00 46.17
N MET Z 112 -4.92 76.80 47.45
CA MET Z 112 -5.74 77.76 48.17
C MET Z 112 -5.06 79.12 48.27
N TYR Z 113 -3.76 79.12 48.59
CA TYR Z 113 -3.07 80.39 48.77
C TYR Z 113 -2.72 81.05 47.44
N ASN Z 114 -2.56 80.27 46.37
CA ASN Z 114 -2.41 80.87 45.05
C ASN Z 114 -3.71 81.49 44.57
N ASN Z 115 -4.83 80.86 44.90
CA ASN Z 115 -6.12 81.47 44.59
C ASN Z 115 -6.32 82.77 45.34
N LEU Z 116 -5.78 82.87 46.55
CA LEU Z 116 -5.88 84.09 47.34
C LEU Z 116 -4.82 85.12 46.97
N GLU Z 117 -3.90 84.77 46.08
CA GLU Z 117 -2.82 85.66 45.64
C GLU Z 117 -1.95 86.09 46.82
N ILE Z 118 -1.72 85.16 47.74
CA ILE Z 118 -0.80 85.36 48.86
C ILE Z 118 0.51 84.67 48.50
N PRO Z 119 1.63 85.38 48.42
CA PRO Z 119 2.90 84.73 48.06
C PRO Z 119 3.25 83.64 49.06
N LEU Z 120 3.70 82.50 48.54
CA LEU Z 120 3.99 81.35 49.38
C LEU Z 120 5.26 81.53 50.20
N ARG Z 121 6.25 82.23 49.65
CA ARG Z 121 7.48 82.47 50.40
C ARG Z 121 7.20 83.32 51.63
N ASN Z 122 6.28 84.27 51.52
CA ASN Z 122 5.91 85.09 52.68
C ASN Z 122 5.29 84.23 53.78
N ILE Z 123 4.41 83.30 53.41
CA ILE Z 123 3.81 82.44 54.41
C ILE Z 123 4.85 81.50 55.02
N VAL Z 124 5.82 81.06 54.23
CA VAL Z 124 6.90 80.23 54.78
C VAL Z 124 7.70 81.04 55.80
N GLU Z 125 8.00 82.31 55.48
CA GLU Z 125 8.70 83.16 56.44
C GLU Z 125 7.88 83.34 57.71
N CYS Z 126 6.57 83.55 57.58
CA CYS Z 126 5.73 83.72 58.76
C CYS Z 126 5.69 82.44 59.59
N MET Z 127 5.65 81.29 58.93
CA MET Z 127 5.68 80.02 59.65
C MET Z 127 7.00 79.85 60.40
N ARG Z 128 8.11 80.25 59.77
CA ARG Z 128 9.39 80.18 60.46
C ARG Z 128 9.41 81.07 61.69
N CYS Z 129 8.89 82.29 61.56
CA CYS Z 129 8.81 83.19 62.71
C CYS Z 129 7.93 82.60 63.81
N LEU Z 130 6.79 82.02 63.43
CA LEU Z 130 5.90 81.40 64.41
C LEU Z 130 6.59 80.24 65.11
N LYS Z 131 7.36 79.44 64.37
CA LYS Z 131 8.08 78.33 64.97
C LYS Z 131 9.11 78.81 65.96
N GLU Z 132 9.89 79.83 65.58
CA GLU Z 132 10.91 80.33 66.47
C GLU Z 132 10.30 80.98 67.71
N GLU Z 133 9.08 81.52 67.58
CA GLU Z 133 8.41 82.07 68.74
C GLU Z 133 7.86 80.96 69.64
N ALA Z 134 7.29 79.92 69.04
CA ALA Z 134 6.64 78.87 69.82
C ALA Z 134 7.65 78.00 70.54
N LEU Z 135 8.80 77.73 69.90
CA LEU Z 135 9.80 76.86 70.51
C LEU Z 135 10.36 77.47 71.79
N SER Z 136 10.53 78.79 71.80
CA SER Z 136 11.08 79.50 72.95
C SER Z 136 10.22 79.31 74.19
N LEU Z 137 8.91 79.18 74.01
CA LEU Z 137 7.98 79.12 75.13
C LEU Z 137 7.83 77.72 75.72
N MET Z 138 8.73 76.79 75.40
CA MET Z 138 8.61 75.44 75.93
C MET Z 138 9.99 74.81 76.05
N SER Z 139 10.03 73.69 76.76
CA SER Z 139 11.26 72.94 76.92
C SER Z 139 11.73 72.37 75.58
N GLU Z 140 13.05 72.17 75.47
CA GLU Z 140 13.62 71.58 74.27
C GLU Z 140 13.16 70.16 74.03
N GLU Z 141 12.90 69.39 75.09
CA GLU Z 141 12.35 68.05 74.92
C GLU Z 141 10.94 68.11 74.35
N ASP Z 142 10.14 69.06 74.82
CA ASP Z 142 8.78 69.20 74.29
C ASP Z 142 8.81 69.79 72.88
N ALA Z 143 9.89 70.49 72.52
CA ALA Z 143 9.91 71.26 71.29
C ALA Z 143 10.14 70.41 70.06
N LEU Z 144 10.52 69.15 70.22
CA LEU Z 144 10.87 68.32 69.06
C LEU Z 144 9.66 68.12 68.15
N GLU Z 145 8.53 67.70 68.73
CA GLU Z 145 7.32 67.48 67.95
C GLU Z 145 6.86 68.76 67.27
N VAL Z 146 6.87 69.87 68.01
CA VAL Z 146 6.39 71.14 67.52
C VAL Z 146 7.23 71.61 66.35
N SER Z 147 8.56 71.51 66.50
CA SER Z 147 9.46 71.91 65.42
C SER Z 147 9.27 71.02 64.21
N ALA Z 148 9.07 69.72 64.42
CA ALA Z 148 8.85 68.82 63.29
C ALA Z 148 7.59 69.21 62.51
N TYR Z 149 6.52 69.55 63.23
CA TYR Z 149 5.27 69.89 62.54
C TYR Z 149 5.35 71.24 61.86
N PHE Z 150 6.06 72.20 62.47
CA PHE Z 150 6.30 73.47 61.80
C PHE Z 150 7.10 73.27 60.52
N ASP Z 151 8.13 72.42 60.57
CA ASP Z 151 8.90 72.10 59.38
C ASP Z 151 8.04 71.41 58.34
N TYR Z 152 7.10 70.57 58.78
CA TYR Z 152 6.18 69.94 57.84
C TYR Z 152 5.34 70.99 57.11
N VAL Z 153 4.82 71.96 57.85
CA VAL Z 153 4.04 73.04 57.21
C VAL Z 153 4.90 73.77 56.20
N MET Z 154 6.12 74.14 56.61
CA MET Z 154 6.98 74.91 55.72
C MET Z 154 7.33 74.12 54.46
N ARG Z 155 7.64 72.83 54.61
CA ARG Z 155 7.97 72.01 53.44
C ARG Z 155 6.77 71.86 52.52
N SER Z 156 5.58 71.63 53.08
CA SER Z 156 4.40 71.50 52.25
C SER Z 156 4.05 72.79 51.52
N LEU Z 157 4.39 73.94 52.11
CA LEU Z 157 4.11 75.22 51.49
C LEU Z 157 5.14 75.59 50.44
N SER Z 158 6.21 74.81 50.30
CA SER Z 158 7.21 75.06 49.28
C SER Z 158 6.97 74.18 48.06
N MET AA 1 -11.35 56.08 57.95
CA MET AA 1 -10.62 55.42 59.02
C MET AA 1 -10.15 56.44 60.04
N GLN AA 2 -10.70 56.33 61.25
CA GLN AA 2 -10.36 57.21 62.35
C GLN AA 2 -10.07 56.37 63.59
N ASP AA 3 -9.35 56.98 64.52
CA ASP AA 3 -9.23 56.48 65.87
C ASP AA 3 -9.85 57.52 66.81
N ALA AA 4 -9.77 57.25 68.11
CA ALA AA 4 -10.40 58.13 69.08
C ALA AA 4 -9.78 59.53 69.04
N ILE AA 5 -8.46 59.60 68.93
CA ILE AA 5 -7.77 60.88 68.93
C ILE AA 5 -8.21 61.71 67.73
N THR AA 6 -8.24 61.09 66.55
CA THR AA 6 -8.62 61.82 65.35
C THR AA 6 -10.09 62.22 65.38
N ALA AA 7 -10.94 61.38 65.96
CA ALA AA 7 -12.35 61.73 66.09
C ALA AA 7 -12.53 62.95 66.97
N LEU AA 8 -11.83 62.99 68.11
CA LEU AA 8 -11.90 64.17 68.97
C LEU AA 8 -11.33 65.40 68.27
N ILE AA 9 -10.24 65.22 67.54
CA ILE AA 9 -9.62 66.33 66.83
C ILE AA 9 -10.59 66.90 65.80
N ASN AA 10 -11.27 66.04 65.06
CA ASN AA 10 -12.23 66.51 64.05
C ASN AA 10 -13.43 67.18 64.72
N SER AA 11 -13.90 66.63 65.84
CA SER AA 11 -15.02 67.25 66.56
C SER AA 11 -14.65 68.65 67.01
N SER AA 12 -13.42 68.85 67.47
CA SER AA 12 -12.99 70.18 67.85
C SER AA 12 -12.71 71.06 66.64
N ASP AA 13 -12.32 70.46 65.52
CA ASP AA 13 -11.95 71.22 64.33
C ASP AA 13 -13.16 71.78 63.60
N VAL AA 14 -14.28 71.05 63.57
CA VAL AA 14 -15.47 71.59 62.92
C VAL AA 14 -15.95 72.85 63.63
N GLN AA 15 -15.60 73.02 64.90
CA GLN AA 15 -15.94 74.22 65.64
C GLN AA 15 -14.87 75.30 65.54
N GLY AA 16 -13.71 74.98 64.98
CA GLY AA 16 -12.65 75.96 64.86
C GLY AA 16 -12.00 76.33 66.17
N ARG AA 17 -12.04 75.44 67.16
CA ARG AA 17 -11.52 75.72 68.48
C ARG AA 17 -10.69 74.56 68.98
N TYR AA 18 -9.81 74.84 69.94
CA TYR AA 18 -8.98 73.82 70.55
C TYR AA 18 -9.85 72.82 71.31
N LEU AA 19 -9.22 71.71 71.72
CA LEU AA 19 -9.94 70.69 72.46
C LEU AA 19 -10.35 71.21 73.82
N ASP AA 20 -11.66 71.27 74.07
CA ASP AA 20 -12.17 71.74 75.34
C ASP AA 20 -11.90 70.70 76.43
N PRO AA 21 -12.03 71.09 77.71
CA PRO AA 21 -11.71 70.14 78.79
C PRO AA 21 -12.45 68.81 78.70
N SER AA 22 -13.66 68.80 78.16
CA SER AA 22 -14.36 67.52 77.97
C SER AA 22 -13.62 66.64 76.97
N SER AA 23 -13.19 67.22 75.85
CA SER AA 23 -12.44 66.45 74.87
C SER AA 23 -11.10 65.99 75.42
N LEU AA 24 -10.46 66.83 76.25
CA LEU AA 24 -9.20 66.40 76.86
C LEU AA 24 -9.43 65.28 77.87
N ASP AA 25 -10.54 65.31 78.58
CA ASP AA 25 -10.88 64.19 79.46
C ASP AA 25 -11.07 62.91 78.67
N LYS AA 26 -11.78 63.00 77.54
CA LYS AA 26 -11.98 61.81 76.71
C LYS AA 26 -10.65 61.29 76.16
N LEU AA 27 -9.77 62.21 75.73
CA LEU AA 27 -8.46 61.83 75.24
C LEU AA 27 -7.65 61.13 76.33
N GLN AA 28 -7.68 61.67 77.54
CA GLN AA 28 -6.98 61.03 78.65
C GLN AA 28 -7.55 59.65 78.94
N ASN AA 29 -8.88 59.51 78.87
CA ASN AA 29 -9.48 58.20 79.11
C ASN AA 29 -9.00 57.19 78.08
N TYR AA 30 -8.93 57.60 76.81
CA TYR AA 30 -8.40 56.70 75.78
C TYR AA 30 -6.95 56.34 76.06
N PHE AA 31 -6.15 57.33 76.46
CA PHE AA 31 -4.74 57.07 76.73
C PHE AA 31 -4.57 56.07 77.87
N GLN AA 32 -5.38 56.19 78.92
CA GLN AA 32 -5.32 55.20 80.00
C GLN AA 32 -5.79 53.83 79.54
N SER AA 33 -6.84 53.77 78.72
CA SER AA 33 -7.33 52.49 78.25
C SER AA 33 -6.40 51.83 77.25
N GLY AA 34 -5.40 52.56 76.75
CA GLY AA 34 -4.51 52.01 75.73
C GLY AA 34 -3.81 50.72 76.15
N ASP AA 35 -3.38 50.64 77.40
CA ASP AA 35 -2.65 49.44 77.83
C ASP AA 35 -3.55 48.21 77.83
N MET AA 36 -4.77 48.35 78.34
CA MET AA 36 -5.71 47.24 78.29
C MET AA 36 -6.04 46.88 76.85
N ARG AA 37 -6.17 47.89 75.98
CA ARG AA 37 -6.45 47.61 74.58
C ARG AA 37 -5.32 46.82 73.93
N ALA AA 38 -4.07 47.18 74.24
CA ALA AA 38 -2.93 46.44 73.71
C ALA AA 38 -2.92 45.01 74.21
N LYS AA 39 -3.23 44.80 75.49
CA LYS AA 39 -3.28 43.44 76.02
C LYS AA 39 -4.37 42.62 75.33
N THR AA 40 -5.53 43.22 75.11
CA THR AA 40 -6.60 42.51 74.40
C THR AA 40 -6.19 42.18 72.98
N ALA AA 41 -5.52 43.12 72.30
CA ALA AA 41 -5.08 42.86 70.94
C ALA AA 41 -4.10 41.70 70.90
N ILE AA 42 -3.16 41.66 71.84
CA ILE AA 42 -2.21 40.55 71.89
C ILE AA 42 -2.93 39.22 72.11
N ALA AA 43 -3.88 39.21 73.06
CA ALA AA 43 -4.57 37.95 73.36
C ALA AA 43 -5.39 37.48 72.16
N VAL AA 44 -6.10 38.38 71.48
CA VAL AA 44 -6.90 37.98 70.35
C VAL AA 44 -6.02 37.54 69.19
N SER AA 45 -4.90 38.24 68.97
CA SER AA 45 -3.97 37.82 67.92
C SER AA 45 -3.44 36.42 68.20
N ALA AA 46 -3.20 36.10 69.46
CA ALA AA 46 -2.72 34.78 69.82
C ALA AA 46 -3.79 33.70 69.75
N ASN AA 47 -5.07 34.05 69.93
CA ASN AA 47 -6.10 33.03 70.01
C ASN AA 47 -7.20 33.20 68.96
N ALA AA 48 -6.88 33.80 67.82
CA ALA AA 48 -7.89 34.02 66.78
C ALA AA 48 -8.53 32.72 66.30
N LYS AA 49 -7.72 31.71 65.99
CA LYS AA 49 -8.27 30.46 65.48
C LYS AA 49 -9.15 29.79 66.53
N ASN AA 50 -8.70 29.77 67.78
CA ASN AA 50 -9.50 29.17 68.84
C ASN AA 50 -10.80 29.94 69.03
N ILE AA 51 -10.75 31.26 68.95
CA ILE AA 51 -11.96 32.06 69.13
C ILE AA 51 -12.98 31.73 68.04
N VAL AA 52 -12.52 31.66 66.79
CA VAL AA 52 -13.44 31.37 65.70
C VAL AA 52 -13.99 29.95 65.82
N THR AA 53 -13.15 29.00 66.19
CA THR AA 53 -13.62 27.62 66.36
C THR AA 53 -14.66 27.52 67.46
N LYS AA 54 -14.42 28.17 68.59
CA LYS AA 54 -15.38 28.14 69.69
C LYS AA 54 -16.66 28.85 69.31
N THR AA 55 -16.57 29.95 68.55
CA THR AA 55 -17.76 30.65 68.08
C THR AA 55 -18.62 29.75 67.20
N VAL AA 56 -17.98 29.06 66.26
CA VAL AA 56 -18.72 28.17 65.37
C VAL AA 56 -19.36 27.03 66.17
N ALA AA 57 -18.61 26.47 67.12
CA ALA AA 57 -19.16 25.38 67.92
C ALA AA 57 -20.33 25.86 68.77
N LYS AA 58 -20.24 27.08 69.29
CA LYS AA 58 -21.28 27.58 70.19
C LYS AA 58 -22.55 27.95 69.45
N SER AA 59 -22.42 28.61 68.30
CA SER AA 59 -23.59 29.20 67.66
C SER AA 59 -24.05 28.48 66.40
N LEU AA 60 -23.14 28.09 65.50
CA LEU AA 60 -23.53 27.63 64.18
C LEU AA 60 -23.61 26.12 64.07
N LEU AA 61 -22.80 25.36 64.78
CA LEU AA 61 -22.80 23.92 64.65
C LEU AA 61 -24.08 23.32 65.21
N TYR AA 62 -24.51 22.21 64.61
CA TYR AA 62 -25.67 21.45 65.06
C TYR AA 62 -26.96 22.26 65.05
N THR AA 63 -27.05 23.19 64.11
CA THR AA 63 -28.27 23.96 63.89
C THR AA 63 -28.79 23.67 62.50
N ASP AA 64 -29.83 24.39 62.09
CA ASP AA 64 -30.43 24.16 60.78
C ASP AA 64 -29.58 24.72 59.64
N ILE AA 65 -28.69 25.67 59.93
CA ILE AA 65 -27.91 26.25 58.84
C ILE AA 65 -26.78 25.33 58.42
N THR AA 66 -26.29 24.50 59.32
CA THR AA 66 -25.24 23.55 58.98
C THR AA 66 -25.79 22.22 58.46
N ALA AA 67 -27.07 21.96 58.65
CA ALA AA 67 -27.71 20.79 58.07
C ALA AA 67 -27.94 21.01 56.58
N PRO AA 68 -28.15 19.94 55.81
CA PRO AA 68 -28.42 20.11 54.38
C PRO AA 68 -29.62 21.00 54.15
N GLY AA 69 -29.51 21.84 53.13
CA GLY AA 69 -30.48 22.89 52.89
C GLY AA 69 -30.19 24.18 53.61
N GLY AA 70 -29.19 24.21 54.47
CA GLY AA 70 -28.78 25.44 55.15
C GLY AA 70 -27.66 26.10 54.38
N MEN AA 71 -27.40 27.35 54.68
CA MEN AA 71 -26.41 28.11 53.92
C MEN AA 71 -24.99 27.70 54.28
O MEN AA 71 -24.05 27.99 53.54
CB MEN AA 71 -26.60 29.60 54.16
CG MEN AA 71 -25.71 30.45 53.27
OD1 MEN AA 71 -24.84 31.18 53.71
ND2 MEN AA 71 -25.94 30.33 51.95
CE2 MEN AA 71 -25.18 31.07 50.98
N MET AA 72 -24.83 27.04 55.41
CA MET AA 72 -23.52 26.60 55.84
C MET AA 72 -23.29 25.14 55.47
N TYR AA 73 -24.22 24.59 54.70
CA TYR AA 73 -24.03 23.26 54.16
C TYR AA 73 -22.98 23.27 53.07
N THR AA 74 -22.41 22.09 52.80
CA THR AA 74 -21.27 21.84 51.91
C THR AA 74 -20.00 22.48 52.48
N CYS AA 75 -18.85 21.87 52.21
CA CYS AA 75 -17.63 22.29 52.87
C CYS AA 75 -17.19 23.67 52.42
N ARG AA 76 -17.45 24.02 51.17
CA ARG AA 76 -17.03 25.31 50.65
C ARG AA 76 -17.70 26.46 51.39
N ARG AA 77 -19.01 26.35 51.61
CA ARG AA 77 -19.71 27.41 52.32
C ARG AA 77 -19.35 27.45 53.80
N TYR AA 78 -19.09 26.30 54.40
CA TYR AA 78 -18.58 26.28 55.76
C TYR AA 78 -17.26 27.03 55.87
N ALA AA 79 -16.34 26.75 54.94
CA ALA AA 79 -15.05 27.43 54.96
C ALA AA 79 -15.21 28.92 54.72
N ALA AA 80 -16.14 29.31 53.84
CA ALA AA 80 -16.40 30.72 53.61
C ALA AA 80 -16.92 31.41 54.86
N CYS AA 81 -17.82 30.75 55.59
CA CYS AA 81 -18.33 31.33 56.83
C CYS AA 81 -17.22 31.48 57.86
N VAL AA 82 -16.36 30.48 57.97
CA VAL AA 82 -15.24 30.55 58.91
C VAL AA 82 -14.31 31.71 58.55
N ARG AA 83 -14.03 31.89 57.26
CA ARG AA 83 -13.18 32.99 56.82
C ARG AA 83 -13.82 34.33 57.14
N ASP AA 84 -15.14 34.43 56.94
CA ASP AA 84 -15.85 35.67 57.29
C ASP AA 84 -15.73 35.98 58.77
N LEU AA 85 -15.87 34.95 59.61
CA LEU AA 85 -15.73 35.16 61.05
C LEU AA 85 -14.32 35.61 61.41
N ASP AA 86 -13.32 35.03 60.74
CA ASP AA 86 -11.94 35.44 60.97
C ASP AA 86 -11.75 36.92 60.66
N TYR AA 87 -12.30 37.36 59.53
CA TYR AA 87 -12.20 38.78 59.16
C TYR AA 87 -12.93 39.66 60.15
N PHE AA 88 -14.12 39.24 60.59
CA PHE AA 88 -14.86 39.99 61.59
C PHE AA 88 -14.02 40.18 62.86
N LEU AA 89 -13.41 39.10 63.33
CA LEU AA 89 -12.60 39.18 64.54
C LEU AA 89 -11.40 40.11 64.37
N ARG AA 90 -10.70 39.98 63.24
CA ARG AA 90 -9.53 40.82 63.03
C ARG AA 90 -9.89 42.30 62.96
N TYR AA 91 -10.98 42.64 62.26
CA TYR AA 91 -11.33 44.05 62.16
C TYR AA 91 -11.96 44.58 63.44
N ALA AA 92 -12.61 43.71 64.23
CA ALA AA 92 -13.03 44.14 65.56
C ALA AA 92 -11.84 44.45 66.44
N THR AA 93 -10.76 43.66 66.31
CA THR AA 93 -9.54 43.97 67.04
C THR AA 93 -8.95 45.30 66.58
N TYR AA 94 -8.96 45.55 65.27
CA TYR AA 94 -8.50 46.83 64.75
C TYR AA 94 -9.30 47.98 65.37
N ALA AA 95 -10.62 47.85 65.37
CA ALA AA 95 -11.48 48.90 65.91
C ALA AA 95 -11.25 49.09 67.41
N MET AA 96 -11.06 48.00 68.13
CA MET AA 96 -10.81 48.10 69.56
C MET AA 96 -9.50 48.83 69.83
N LEU AA 97 -8.46 48.53 69.06
CA LEU AA 97 -7.20 49.25 69.22
C LEU AA 97 -7.36 50.72 68.89
N ALA AA 98 -8.10 51.03 67.81
CA ALA AA 98 -8.27 52.42 67.41
C ALA AA 98 -9.14 53.18 68.39
N GLY AA 99 -10.09 52.51 69.04
CA GLY AA 99 -11.05 53.22 69.86
C GLY AA 99 -12.20 53.81 69.10
N ASP AA 100 -12.35 53.49 67.81
CA ASP AA 100 -13.41 54.01 66.98
C ASP AA 100 -13.98 52.87 66.14
N THR AA 101 -15.24 53.05 65.73
CA THR AA 101 -15.92 52.08 64.89
C THR AA 101 -15.83 52.41 63.41
N SER AA 102 -15.07 53.45 63.05
CA SER AA 102 -15.06 53.91 61.66
C SER AA 102 -14.47 52.86 60.73
N ILE AA 103 -13.46 52.12 61.20
CA ILE AA 103 -12.86 51.09 60.35
C ILE AA 103 -13.87 49.98 60.07
N LEU AA 104 -14.74 49.68 61.03
CA LEU AA 104 -15.77 48.67 60.81
C LEU AA 104 -16.74 49.12 59.72
N ASP AA 105 -17.15 50.40 59.76
CA ASP AA 105 -18.04 50.90 58.74
C ASP AA 105 -17.37 50.93 57.37
N GLU AA 106 -16.10 51.33 57.34
CA GLU AA 106 -15.41 51.52 56.06
C GLU AA 106 -15.07 50.17 55.42
N ARG AA 107 -14.58 49.22 56.20
CA ARG AA 107 -14.08 47.96 55.66
C ARG AA 107 -15.11 46.84 55.73
N ILE AA 108 -15.62 46.54 56.92
CA ILE AA 108 -16.48 45.38 57.10
C ILE AA 108 -17.87 45.65 56.55
N LEU AA 109 -18.52 46.72 57.00
CA LEU AA 109 -19.94 46.92 56.76
C LEU AA 109 -20.24 47.63 55.45
N ASN AA 110 -19.24 47.95 54.65
CA ASN AA 110 -19.46 48.56 53.34
C ASN AA 110 -19.82 47.46 52.35
N GLY AA 111 -21.09 47.39 51.99
CA GLY AA 111 -21.54 46.42 51.00
C GLY AA 111 -21.73 45.01 51.51
N LEU AA 112 -21.51 44.77 52.81
CA LEU AA 112 -21.63 43.42 53.34
C LEU AA 112 -23.09 42.97 53.38
N ARG AA 113 -23.99 43.86 53.80
CA ARG AA 113 -25.40 43.50 53.84
C ARG AA 113 -25.95 43.20 52.45
N GLU AA 114 -25.57 43.99 51.46
CA GLU AA 114 -26.01 43.75 50.10
C GLU AA 114 -25.46 42.44 49.56
N THR AA 115 -24.18 42.17 49.83
CA THR AA 115 -23.60 40.90 49.40
C THR AA 115 -24.31 39.71 50.04
N TYR AA 116 -24.60 39.81 51.34
CA TYR AA 116 -25.28 38.74 52.04
C TYR AA 116 -26.68 38.53 51.50
N ASN AA 117 -27.41 39.63 51.22
CA ASN AA 117 -28.74 39.50 50.66
C ASN AA 117 -28.70 38.88 49.27
N SER AA 118 -27.73 39.27 48.45
CA SER AA 118 -27.63 38.72 47.11
C SER AA 118 -27.28 37.24 47.15
N LEU AA 119 -26.40 36.83 48.06
CA LEU AA 119 -25.97 35.44 48.14
C LEU AA 119 -26.91 34.57 48.95
N GLY AA 120 -27.86 35.15 49.67
CA GLY AA 120 -28.73 34.36 50.51
C GLY AA 120 -28.14 33.95 51.84
N VAL AA 121 -27.09 34.62 52.30
CA VAL AA 121 -26.53 34.35 53.62
C VAL AA 121 -27.52 34.81 54.69
N PRO AA 122 -27.87 33.96 55.65
CA PRO AA 122 -28.83 34.38 56.68
C PRO AA 122 -28.22 35.37 57.66
N ILE AA 123 -28.78 36.59 57.68
CA ILE AA 123 -28.21 37.64 58.52
C ILE AA 123 -28.48 37.37 59.99
N GLY AA 124 -29.60 36.73 60.32
CA GLY AA 124 -29.87 36.40 61.72
C GLY AA 124 -28.84 35.46 62.30
N ALA AA 125 -28.46 34.43 61.54
CA ALA AA 125 -27.43 33.51 62.01
C ALA AA 125 -26.08 34.21 62.13
N THR AA 126 -25.79 35.12 61.22
CA THR AA 126 -24.54 35.88 61.30
C THR AA 126 -24.50 36.74 62.55
N ILE AA 127 -25.61 37.39 62.88
CA ILE AA 127 -25.67 38.21 64.09
C ILE AA 127 -25.52 37.32 65.32
N ARG AA 128 -26.17 36.14 65.31
CA ARG AA 128 -26.04 35.21 66.42
C ARG AA 128 -24.60 34.79 66.61
N SER AA 129 -23.90 34.48 65.51
CA SER AA 129 -22.51 34.07 65.61
C SER AA 129 -21.63 35.21 66.07
N VAL AA 130 -21.95 36.44 65.67
CA VAL AA 130 -21.17 37.59 66.14
C VAL AA 130 -21.33 37.75 67.65
N GLN AA 131 -22.55 37.58 68.15
CA GLN AA 131 -22.77 37.67 69.60
C GLN AA 131 -22.05 36.53 70.33
N ALA AA 132 -22.05 35.34 69.74
CA ALA AA 132 -21.30 34.23 70.33
C ALA AA 132 -19.81 34.52 70.35
N MET AA 133 -19.30 35.14 69.29
CA MET AA 133 -17.89 35.52 69.25
C MET AA 133 -17.58 36.55 70.33
N LYS AA 134 -18.49 37.49 70.55
CA LYS AA 134 -18.32 38.45 71.63
C LYS AA 134 -18.25 37.74 72.98
N GLU AA 135 -19.13 36.77 73.20
CA GLU AA 135 -19.11 36.02 74.46
C GLU AA 135 -17.81 35.26 74.62
N VAL AA 136 -17.32 34.62 73.55
CA VAL AA 136 -16.08 33.86 73.61
C VAL AA 136 -14.90 34.77 73.91
N VAL AA 137 -14.84 35.93 73.26
CA VAL AA 137 -13.76 36.87 73.51
C VAL AA 137 -13.82 37.36 74.96
N THR AA 138 -15.03 37.63 75.46
CA THR AA 138 -15.16 38.05 76.86
C THR AA 138 -14.66 36.97 77.80
N SER AA 139 -15.03 35.70 77.54
CA SER AA 139 -14.55 34.62 78.40
C SER AA 139 -13.04 34.46 78.31
N LEU AA 140 -12.44 34.85 77.20
CA LEU AA 140 -10.99 34.71 77.06
C LEU AA 140 -10.24 35.85 77.75
N VAL AA 141 -10.53 37.09 77.39
CA VAL AA 141 -9.70 38.21 77.82
C VAL AA 141 -10.11 38.75 79.19
N GLY AA 142 -11.40 38.80 79.49
CA GLY AA 142 -11.83 39.31 80.78
C GLY AA 142 -13.15 40.06 80.63
N ALA AA 143 -13.40 40.94 81.60
CA ALA AA 143 -14.68 41.62 81.68
C ALA AA 143 -14.66 43.00 81.02
N ASP AA 144 -13.71 43.85 81.40
CA ASP AA 144 -13.64 45.19 80.81
C ASP AA 144 -13.20 45.10 79.34
N ALA AA 145 -12.12 44.36 79.08
CA ALA AA 145 -11.69 44.15 77.71
C ALA AA 145 -12.77 43.41 76.92
N GLY AA 146 -13.42 42.45 77.55
CA GLY AA 146 -14.56 41.81 76.93
C GLY AA 146 -15.66 42.80 76.61
N ARG AA 147 -15.87 43.79 77.49
CA ARG AA 147 -16.87 44.81 77.23
C ARG AA 147 -16.52 45.66 76.02
N GLU AA 148 -15.26 46.05 75.89
CA GLU AA 148 -14.87 46.88 74.75
C GLU AA 148 -14.99 46.09 73.44
N MET AA 149 -14.39 44.89 73.40
CA MET AA 149 -14.55 44.06 72.23
C MET AA 149 -16.02 43.79 71.95
N GLY AA 150 -16.84 43.69 72.99
CA GLY AA 150 -18.26 43.48 72.80
C GLY AA 150 -18.95 44.67 72.19
N VAL AA 151 -18.54 45.88 72.55
CA VAL AA 151 -19.17 47.04 71.94
C VAL AA 151 -18.84 47.09 70.46
N TYR AA 152 -17.62 46.67 70.08
CA TYR AA 152 -17.29 46.68 68.66
C TYR AA 152 -18.00 45.55 67.91
N PHE AA 153 -18.11 44.37 68.54
CA PHE AA 153 -18.89 43.29 67.95
C PHE AA 153 -20.35 43.67 67.80
N ASP AA 154 -20.89 44.40 68.79
CA ASP AA 154 -22.26 44.87 68.72
C ASP AA 154 -22.44 45.88 67.59
N HIS AA 155 -21.44 46.73 67.38
CA HIS AA 155 -21.51 47.62 66.23
C HIS AA 155 -21.56 46.84 64.93
N ILE AA 156 -20.74 45.78 64.82
CA ILE AA 156 -20.77 44.96 63.62
C ILE AA 156 -22.15 44.33 63.43
N ALA AA 157 -22.70 43.78 64.51
CA ALA AA 157 -24.01 43.12 64.43
C ALA AA 157 -25.11 44.11 64.05
N ALA AA 158 -25.07 45.31 64.63
CA ALA AA 158 -26.05 46.33 64.28
C ALA AA 158 -25.92 46.77 62.84
N GLY AA 159 -24.68 46.88 62.35
CA GLY AA 159 -24.47 47.23 60.96
C GLY AA 159 -24.99 46.17 60.02
N LEU AA 160 -24.87 44.90 60.40
CA LEU AA 160 -25.42 43.83 59.58
C LEU AA 160 -26.94 43.93 59.47
N SER AA 161 -27.60 44.24 60.57
CA SER AA 161 -29.05 44.46 60.58
C SER AA 161 -29.46 45.26 61.80
N SER BA 2 -21.89 18.41 36.05
CA SER BA 2 -21.97 17.27 35.15
C SER BA 2 -21.04 17.45 33.96
N ILE BA 3 -20.94 16.40 33.14
CA ILE BA 3 -20.08 16.47 31.96
C ILE BA 3 -20.67 17.42 30.92
N VAL BA 4 -22.00 17.41 30.77
CA VAL BA 4 -22.65 18.32 29.84
C VAL BA 4 -22.41 19.77 30.26
N LYS BA 5 -22.56 20.04 31.56
CA LYS BA 5 -22.31 21.38 32.06
C LYS BA 5 -20.86 21.81 31.85
N GLN BA 6 -19.92 20.89 32.07
CA GLN BA 6 -18.51 21.22 31.87
C GLN BA 6 -18.22 21.52 30.41
N MET BA 7 -18.78 20.73 29.49
CA MET BA 7 -18.58 21.01 28.07
C MET BA 7 -19.18 22.35 27.69
N ILE BA 8 -20.36 22.67 28.20
CA ILE BA 8 -20.99 23.94 27.87
C ILE BA 8 -20.17 25.09 28.42
N LEU BA 9 -19.66 24.96 29.64
CA LEU BA 9 -18.83 26.01 30.22
C LEU BA 9 -17.54 26.21 29.43
N ASN BA 10 -16.91 25.11 29.03
CA ASN BA 10 -15.68 25.23 28.24
C ASN BA 10 -15.96 25.89 26.89
N ALA BA 11 -17.06 25.52 26.25
CA ALA BA 11 -17.42 26.15 24.98
C ALA BA 11 -17.74 27.62 25.15
N ASP BA 12 -18.46 27.98 26.22
CA ASP BA 12 -18.83 29.36 26.43
C ASP BA 12 -17.64 30.24 26.80
N GLU BA 13 -16.65 29.66 27.48
CA GLU BA 13 -15.45 30.41 27.81
C GLU BA 13 -14.72 30.84 26.54
N GLU BA 14 -14.70 29.99 25.53
CA GLU BA 14 -14.07 30.29 24.26
C GLU BA 14 -15.03 30.88 23.23
N VAL BA 15 -16.29 31.12 23.62
CA VAL BA 15 -17.28 31.76 22.78
C VAL BA 15 -17.44 31.00 21.47
N ARG BA 16 -17.94 29.77 21.55
CA ARG BA 16 -18.07 28.93 20.37
C ARG BA 16 -19.04 27.80 20.68
N TYR BA 17 -19.63 27.25 19.63
CA TYR BA 17 -20.47 26.07 19.79
C TYR BA 17 -19.60 24.85 20.12
N LEU BA 18 -20.25 23.83 20.67
CA LEU BA 18 -19.54 22.59 20.97
C LEU BA 18 -19.04 21.95 19.67
N THR BA 19 -17.79 21.47 19.72
CA THR BA 19 -17.20 20.84 18.56
C THR BA 19 -17.81 19.46 18.35
N PRO BA 20 -17.66 18.89 17.14
CA PRO BA 20 -18.20 17.54 16.90
C PRO BA 20 -17.70 16.50 17.89
N GLY BA 21 -16.43 16.57 18.29
CA GLY BA 21 -15.92 15.61 19.26
C GLY BA 21 -16.58 15.73 20.61
N GLU BA 22 -16.81 16.97 21.06
CA GLU BA 22 -17.52 17.18 22.32
C GLU BA 22 -18.95 16.66 22.24
N ILE BA 23 -19.61 16.86 21.10
CA ILE BA 23 -20.96 16.33 20.93
C ILE BA 23 -20.94 14.81 20.97
N HIS BA 24 -19.94 14.18 20.35
CA HIS BA 24 -19.86 12.73 20.39
C HIS BA 24 -19.61 12.22 21.80
N ALA BA 25 -18.77 12.92 22.56
CA ALA BA 25 -18.58 12.54 23.96
C ALA BA 25 -19.87 12.67 24.75
N LEU BA 26 -20.64 13.73 24.49
CA LEU BA 26 -21.94 13.88 25.13
C LEU BA 26 -22.88 12.74 24.76
N GLN BA 27 -22.84 12.32 23.49
CA GLN BA 27 -23.70 11.22 23.06
C GLN BA 27 -23.32 9.91 23.74
N ASN BA 28 -22.02 9.67 23.89
CA ASN BA 28 -21.58 8.50 24.63
C ASN BA 28 -22.06 8.55 26.08
N PHE BA 29 -21.95 9.72 26.70
CA PHE BA 29 -22.41 9.86 28.08
C PHE BA 29 -23.91 9.62 28.19
N TYR BA 30 -24.68 10.13 27.23
CA TYR BA 30 -26.13 9.90 27.23
C TYR BA 30 -26.44 8.43 27.07
N ARG BA 31 -25.71 7.74 26.19
CA ARG BA 31 -25.88 6.32 25.99
C ARG BA 31 -25.54 5.50 27.22
N SER BA 32 -24.64 5.97 28.08
CA SER BA 32 -24.27 5.25 29.30
C SER BA 32 -25.19 5.57 30.49
N GLY BA 33 -26.27 6.32 30.26
CA GLY BA 33 -27.08 6.81 31.36
C GLY BA 33 -27.80 5.73 32.13
N THR BA 34 -28.32 4.72 31.43
CA THR BA 34 -29.03 3.66 32.12
C THR BA 34 -28.12 2.89 33.06
N GLU BA 35 -26.91 2.57 32.60
CA GLU BA 35 -25.95 1.89 33.46
C GLU BA 35 -25.56 2.78 34.64
N ARG BA 36 -25.37 4.08 34.39
CA ARG BA 36 -25.05 4.97 35.50
C ARG BA 36 -26.15 4.99 36.55
N ILE BA 37 -27.41 5.02 36.10
CA ILE BA 37 -28.53 5.06 37.03
C ILE BA 37 -28.62 3.75 37.81
N ARG BA 38 -28.38 2.62 37.14
CA ARG BA 38 -28.39 1.34 37.85
C ARG BA 38 -27.30 1.30 38.92
N LEU BA 39 -26.10 1.79 38.58
CA LEU BA 39 -25.03 1.83 39.58
C LEU BA 39 -25.39 2.73 40.75
N ALA BA 40 -26.00 3.88 40.47
CA ALA BA 40 -26.40 4.79 41.54
C ALA BA 40 -27.44 4.14 42.45
N LYS BA 41 -28.41 3.43 41.86
CA LYS BA 41 -29.40 2.73 42.66
C LYS BA 41 -28.76 1.66 43.52
N VAL BA 42 -27.82 0.91 42.95
CA VAL BA 42 -27.13 -0.13 43.71
C VAL BA 42 -26.39 0.48 44.89
N LEU BA 43 -25.70 1.60 44.66
CA LEU BA 43 -24.97 2.25 45.74
C LEU BA 43 -25.93 2.78 46.81
N ALA BA 44 -27.07 3.32 46.38
CA ALA BA 44 -28.04 3.86 47.34
C ALA BA 44 -28.63 2.76 48.22
N GLN BA 45 -28.93 1.60 47.63
CA GLN BA 45 -29.59 0.55 48.40
C GLN BA 45 -28.65 -0.12 49.39
N ASN BA 46 -27.34 -0.04 49.19
CA ASN BA 46 -26.36 -0.68 50.06
C ASN BA 46 -25.69 0.33 50.99
N GLU BA 47 -26.26 1.52 51.13
CA GLU BA 47 -25.60 2.57 51.91
C GLU BA 47 -25.51 2.20 53.39
N LYS BA 48 -26.63 1.79 53.98
CA LYS BA 48 -26.66 1.59 55.44
C LYS BA 48 -25.75 0.46 55.85
N LYS BA 49 -25.80 -0.67 55.14
CA LYS BA 49 -24.99 -1.83 55.53
C LYS BA 49 -23.51 -1.55 55.32
N ILE BA 50 -23.16 -0.88 54.22
CA ILE BA 50 -21.77 -0.49 53.99
C ILE BA 50 -21.28 0.41 55.10
N VAL BA 51 -22.10 1.39 55.48
CA VAL BA 51 -21.72 2.32 56.54
C VAL BA 51 -21.50 1.57 57.84
N GLU BA 52 -22.42 0.65 58.19
CA GLU BA 52 -22.31 -0.07 59.45
C GLU BA 52 -21.05 -0.92 59.49
N ARG BA 53 -20.80 -1.70 58.43
CA ARG BA 53 -19.62 -2.56 58.41
C ARG BA 53 -18.34 -1.73 58.44
N ALA BA 54 -18.32 -0.62 57.70
CA ALA BA 54 -17.15 0.24 57.70
C ALA BA 54 -16.91 0.85 59.07
N THR BA 55 -17.98 1.23 59.78
CA THR BA 55 -17.81 1.75 61.13
C THR BA 55 -17.23 0.71 62.05
N GLN BA 56 -17.71 -0.54 61.94
CA GLN BA 56 -17.15 -1.61 62.75
C GLN BA 56 -15.65 -1.77 62.48
N LYS BA 57 -15.27 -1.84 61.21
CA LYS BA 57 -13.87 -2.00 60.86
C LYS BA 57 -13.03 -0.82 61.35
N PHE BA 58 -13.55 0.40 61.19
CA PHE BA 58 -12.83 1.59 61.61
C PHE BA 58 -12.60 1.63 63.10
N TRP BA 59 -13.63 1.29 63.89
CA TRP BA 59 -13.46 1.26 65.33
C TRP BA 59 -12.50 0.15 65.75
N LYS BA 60 -12.47 -0.95 65.00
CA LYS BA 60 -11.46 -1.97 65.27
C LYS BA 60 -10.07 -1.44 64.99
N ILE BA 61 -9.92 -0.61 63.95
CA ILE BA 61 -8.60 -0.12 63.56
C ILE BA 61 -8.16 1.02 64.48
N CYS BA 62 -8.89 2.13 64.45
CA CYS BA 62 -8.51 3.32 65.20
C CYS BA 62 -9.52 3.58 66.30
N PRO BA 63 -9.24 3.22 67.55
CA PRO BA 63 -10.22 3.41 68.62
C PRO BA 63 -10.22 4.81 69.19
N ARG BA 64 -9.07 5.49 69.13
CA ARG BA 64 -8.91 6.82 69.70
C ARG BA 64 -9.40 7.85 68.68
N THR BA 65 -10.72 7.92 68.54
CA THR BA 65 -11.37 8.79 67.56
C THR BA 65 -12.52 9.52 68.24
N PRO BA 66 -12.91 10.68 67.71
CA PRO BA 66 -14.11 11.35 68.25
C PRO BA 66 -15.37 10.52 68.12
N SER BA 67 -15.49 9.70 67.08
CA SER BA 67 -16.66 8.86 66.92
C SER BA 67 -16.66 7.66 67.86
N ASN BA 68 -15.56 7.42 68.57
CA ASN BA 68 -15.46 6.33 69.54
C ASN BA 68 -15.07 6.88 70.90
N SER BA 69 -15.58 8.06 71.23
CA SER BA 69 -15.29 8.72 72.49
C SER BA 69 -16.43 8.57 73.50
N GLY BA 70 -17.39 7.69 73.24
CA GLY BA 70 -18.50 7.49 74.12
C GLY BA 70 -19.64 8.47 73.96
N ASN BA 71 -19.56 9.37 72.99
CA ASN BA 71 -20.61 10.33 72.72
C ASN BA 71 -21.48 9.80 71.57
N ALA BA 72 -22.78 9.65 71.84
CA ALA BA 72 -23.68 9.16 70.80
C ALA BA 72 -23.83 10.16 69.67
N ARG BA 73 -23.85 11.46 70.02
CA ARG BA 73 -23.98 12.48 68.99
C ARG BA 73 -22.81 12.44 68.02
N LYS BA 74 -21.59 12.29 68.53
CA LYS BA 74 -20.42 12.22 67.66
C LYS BA 74 -20.46 10.98 66.77
N THR BA 75 -20.87 9.84 67.32
CA THR BA 75 -20.98 8.63 66.52
C THR BA 75 -21.98 8.81 65.39
N GLU BA 76 -23.15 9.36 65.71
CA GLU BA 76 -24.16 9.60 64.68
C GLU BA 76 -23.65 10.58 63.63
N ALA BA 77 -22.92 11.62 64.06
CA ALA BA 77 -22.39 12.58 63.12
C ALA BA 77 -21.37 11.94 62.18
N ALA BA 78 -20.51 11.07 62.71
CA ALA BA 78 -19.52 10.41 61.85
C ALA BA 78 -20.19 9.50 60.84
N MET BA 79 -21.16 8.70 61.29
CA MET BA 79 -21.86 7.81 60.37
C MET BA 79 -22.63 8.63 59.33
N ARG BA 80 -23.19 9.76 59.74
CA ARG BA 80 -23.90 10.63 58.80
C ARG BA 80 -22.95 11.21 57.78
N ASP BA 81 -21.75 11.62 58.20
CA ASP BA 81 -20.77 12.16 57.26
C ASP BA 81 -20.37 11.11 56.24
N ILE BA 82 -20.15 9.89 56.69
CA ILE BA 82 -19.79 8.84 55.75
C ILE BA 82 -20.93 8.52 54.78
N GLY BA 83 -22.17 8.47 55.27
CA GLY BA 83 -23.29 8.31 54.37
C GLY BA 83 -23.39 9.45 53.38
N TRP BA 84 -23.09 10.67 53.81
CA TRP BA 84 -23.09 11.82 52.91
C TRP BA 84 -22.05 11.65 51.81
N TYR BA 85 -20.86 11.17 52.16
CA TYR BA 85 -19.83 11.00 51.14
C TYR BA 85 -20.20 9.90 50.15
N ILE BA 86 -20.84 8.83 50.63
CA ILE BA 86 -21.33 7.80 49.71
C ILE BA 86 -22.41 8.39 48.79
N ARG BA 87 -23.28 9.22 49.34
CA ARG BA 87 -24.32 9.87 48.53
C ARG BA 87 -23.70 10.77 47.47
N LEU BA 88 -22.65 11.51 47.82
CA LEU BA 88 -21.97 12.35 46.85
C LEU BA 88 -21.31 11.51 45.76
N VAL BA 89 -20.77 10.35 46.12
CA VAL BA 89 -20.21 9.47 45.11
C VAL BA 89 -21.30 8.99 44.15
N SER BA 90 -22.49 8.71 44.68
CA SER BA 90 -23.61 8.34 43.81
C SER BA 90 -23.99 9.49 42.88
N TYR BA 91 -23.96 10.73 43.41
CA TYR BA 91 -24.18 11.89 42.57
C TYR BA 91 -23.16 11.96 41.45
N CYS BA 92 -21.90 11.66 41.76
CA CYS BA 92 -20.85 11.65 40.75
C CYS BA 92 -21.10 10.58 39.69
N LEU BA 93 -21.57 9.42 40.13
CA LEU BA 93 -21.94 8.37 39.18
C LEU BA 93 -23.02 8.85 38.22
N LEU BA 94 -24.01 9.56 38.74
CA LEU BA 94 -25.08 10.06 37.88
C LEU BA 94 -24.59 11.18 36.96
N ALA BA 95 -23.74 12.06 37.47
CA ALA BA 95 -23.38 13.27 36.76
C ALA BA 95 -22.30 13.06 35.71
N GLY BA 96 -21.59 11.95 35.75
CA GLY BA 96 -20.57 11.66 34.76
C GLY BA 96 -19.21 12.26 35.06
N ASN BA 97 -19.08 13.05 36.12
CA ASN BA 97 -17.78 13.55 36.55
C ASN BA 97 -17.83 13.76 38.06
N GLU BA 98 -16.71 14.24 38.60
CA GLU BA 98 -16.53 14.39 40.03
C GLU BA 98 -17.02 15.74 40.56
N LYS BA 99 -17.60 16.56 39.70
CA LYS BA 99 -17.99 17.91 40.12
C LYS BA 99 -18.94 17.96 41.31
N PRO BA 100 -19.97 17.11 41.43
CA PRO BA 100 -20.76 17.14 42.67
C PRO BA 100 -19.93 16.90 43.91
N LEU BA 101 -18.99 15.95 43.85
CA LEU BA 101 -18.10 15.68 44.98
C LEU BA 101 -17.27 16.90 45.33
N GLU BA 102 -16.64 17.52 44.32
CA GLU BA 102 -15.81 18.69 44.58
C GLU BA 102 -16.63 19.84 45.16
N GLU BA 103 -17.81 20.08 44.59
CA GLU BA 103 -18.58 21.26 44.94
C GLU BA 103 -19.38 21.08 46.22
N ILE BA 104 -19.55 19.87 46.72
CA ILE BA 104 -20.31 19.64 47.94
C ILE BA 104 -19.41 19.20 49.10
N GLY BA 105 -18.48 18.29 48.86
CA GLY BA 105 -17.73 17.74 49.97
C GLY BA 105 -16.23 17.69 49.87
N LEU BA 106 -15.64 18.34 48.86
CA LEU BA 106 -14.19 18.29 48.71
C LEU BA 106 -13.53 19.65 48.83
N ILE BA 107 -14.08 20.68 48.18
CA ILE BA 107 -13.53 22.02 48.32
C ILE BA 107 -13.83 22.51 49.72
N GLY BA 108 -12.78 22.82 50.49
CA GLY BA 108 -12.95 23.26 51.85
C GLY BA 108 -13.12 22.15 52.86
N MET BA 109 -12.97 20.90 52.45
CA MET BA 109 -13.17 19.77 53.36
C MET BA 109 -12.17 19.80 54.50
N LYS BA 110 -10.89 20.04 54.18
CA LYS BA 110 -9.86 20.09 55.20
C LYS BA 110 -10.10 21.24 56.17
N GLU BA 111 -10.51 22.40 55.64
CA GLU BA 111 -10.83 23.53 56.50
C GLU BA 111 -12.01 23.22 57.41
N LEU BA 112 -13.04 22.57 56.86
CA LEU BA 112 -14.19 22.21 57.67
C LEU BA 112 -13.81 21.27 58.80
N TYR BA 113 -12.99 20.26 58.51
CA TYR BA 113 -12.64 19.30 59.55
C TYR BA 113 -11.64 19.88 60.54
N ASN BA 114 -10.81 20.83 60.10
CA ASN BA 114 -9.97 21.54 61.06
C ASN BA 114 -10.80 22.38 62.01
N SER BA 115 -11.84 23.03 61.49
CA SER BA 115 -12.70 23.86 62.34
C SER BA 115 -13.53 23.01 63.30
N VAL BA 116 -14.10 21.92 62.79
CA VAL BA 116 -14.92 21.05 63.64
C VAL BA 116 -14.07 20.36 64.68
N GLY BA 117 -12.88 19.91 64.31
CA GLY BA 117 -11.95 19.30 65.22
C GLY BA 117 -11.67 17.83 64.98
N ILE BA 118 -11.96 17.31 63.79
CA ILE BA 118 -11.79 15.90 63.50
C ILE BA 118 -10.43 15.71 62.84
N PRO BA 119 -9.56 14.85 63.37
CA PRO BA 119 -8.29 14.58 62.69
C PRO BA 119 -8.53 14.00 61.31
N LEU BA 120 -7.79 14.48 60.33
CA LEU BA 120 -7.98 14.05 58.95
C LEU BA 120 -7.40 12.68 58.68
N GLU BA 121 -6.41 12.23 59.45
CA GLU BA 121 -5.94 10.87 59.31
C GLU BA 121 -7.01 9.87 59.75
N ASN BA 122 -7.78 10.22 60.77
CA ASN BA 122 -8.92 9.39 61.16
C ASN BA 122 -9.96 9.33 60.05
N VAL BA 123 -10.23 10.48 59.42
CA VAL BA 123 -11.17 10.49 58.31
C VAL BA 123 -10.65 9.63 57.17
N ARG BA 124 -9.34 9.68 56.91
CA ARG BA 124 -8.76 8.89 55.84
C ARG BA 124 -8.86 7.40 56.14
N GLN BA 125 -8.60 7.00 57.38
CA GLN BA 125 -8.75 5.60 57.75
C GLN BA 125 -10.19 5.14 57.64
N TYR BA 126 -11.13 5.99 58.08
CA TYR BA 126 -12.55 5.68 57.93
C TYR BA 126 -12.89 5.46 56.46
N MET BA 127 -12.42 6.35 55.59
CA MET BA 127 -12.74 6.26 54.17
C MET BA 127 -12.08 5.06 53.52
N LEU BA 128 -10.89 4.67 53.98
CA LEU BA 128 -10.28 3.44 53.50
C LEU BA 128 -11.12 2.23 53.87
N CYS BA 129 -11.64 2.22 55.11
CA CYS BA 129 -12.55 1.15 55.50
C CYS BA 129 -13.81 1.13 54.66
N VAL BA 130 -14.35 2.32 54.36
CA VAL BA 130 -15.53 2.42 53.51
C VAL BA 130 -15.25 1.89 52.12
N LYS BA 131 -14.08 2.24 51.58
CA LYS BA 131 -13.70 1.76 50.25
C LYS BA 131 -13.57 0.24 50.24
N ALA BA 132 -12.98 -0.32 51.30
CA ALA BA 132 -12.89 -1.78 51.40
C ALA BA 132 -14.27 -2.42 51.44
N GLU BA 133 -15.19 -1.84 52.21
CA GLU BA 133 -16.55 -2.38 52.27
C GLU BA 133 -17.23 -2.31 50.92
N VAL BA 134 -17.08 -1.18 50.21
CA VAL BA 134 -17.72 -1.03 48.90
C VAL BA 134 -17.16 -2.05 47.93
N SER BA 135 -15.84 -2.25 47.95
CA SER BA 135 -15.25 -3.28 47.10
C SER BA 135 -15.76 -4.66 47.45
N ALA BA 136 -15.92 -4.94 48.74
CA ALA BA 136 -16.41 -6.26 49.16
C ALA BA 136 -17.84 -6.50 48.70
N MET BA 137 -18.70 -5.49 48.77
CA MET BA 137 -20.11 -5.71 48.49
C MET BA 137 -20.41 -5.70 46.99
N LEU BA 138 -19.87 -4.74 46.26
CA LEU BA 138 -20.19 -4.63 44.85
C LEU BA 138 -19.48 -5.71 44.04
N THR BA 139 -20.01 -5.97 42.85
CA THR BA 139 -19.36 -6.86 41.91
C THR BA 139 -18.06 -6.23 41.42
N PRO BA 140 -17.15 -7.03 40.86
CA PRO BA 140 -15.90 -6.44 40.36
C PRO BA 140 -16.09 -5.30 39.37
N GLU BA 141 -17.10 -5.37 38.49
CA GLU BA 141 -17.34 -4.28 37.56
C GLU BA 141 -17.90 -3.05 38.28
N ASP BA 142 -18.88 -3.26 39.17
CA ASP BA 142 -19.44 -2.14 39.91
C ASP BA 142 -18.37 -1.49 40.78
N ALA BA 143 -17.54 -2.30 41.43
CA ALA BA 143 -16.43 -1.75 42.19
C ALA BA 143 -15.46 -1.01 41.30
N ALA BA 144 -15.13 -1.56 40.13
CA ALA BA 144 -14.20 -0.89 39.23
C ALA BA 144 -14.78 0.45 38.75
N GLU BA 145 -16.10 0.58 38.76
CA GLU BA 145 -16.72 1.84 38.34
C GLU BA 145 -16.88 2.84 39.49
N VAL BA 146 -17.03 2.37 40.72
CA VAL BA 146 -17.33 3.25 41.85
C VAL BA 146 -16.08 3.60 42.66
N ILE BA 147 -15.19 2.63 42.86
CA ILE BA 147 -14.02 2.85 43.72
C ILE BA 147 -13.20 4.06 43.31
N PRO BA 148 -12.97 4.37 42.03
CA PRO BA 148 -12.18 5.56 41.69
C PRO BA 148 -12.65 6.84 42.34
N TYR BA 149 -13.95 7.01 42.56
CA TYR BA 149 -14.42 8.23 43.23
C TYR BA 149 -14.03 8.24 44.70
N PHE BA 150 -14.06 7.08 45.35
CA PHE BA 150 -13.58 7.01 46.73
C PHE BA 150 -12.09 7.26 46.81
N ASP BA 151 -11.33 6.76 45.83
CA ASP BA 151 -9.91 7.08 45.76
C ASP BA 151 -9.69 8.58 45.53
N LEU BA 152 -10.55 9.20 44.74
CA LEU BA 152 -10.49 10.65 44.56
C LEU BA 152 -10.75 11.39 45.85
N ILE BA 153 -11.70 10.92 46.66
CA ILE BA 153 -11.90 11.51 47.99
C ILE BA 153 -10.64 11.34 48.83
N LEU BA 154 -10.06 10.14 48.83
CA LEU BA 154 -8.91 9.86 49.68
C LEU BA 154 -7.71 10.71 49.29
N GLN BA 155 -7.56 10.98 47.99
CA GLN BA 155 -6.40 11.74 47.52
C GLN BA 155 -6.39 13.15 48.10
N VAL BA 156 -7.54 13.69 48.46
CA VAL BA 156 -7.60 15.04 49.01
C VAL BA 156 -6.97 15.10 50.39
N ILE BA 157 -7.15 14.05 51.19
CA ILE BA 157 -6.77 14.08 52.59
C ILE BA 157 -5.68 13.04 52.87
N SER BA 158 -4.83 12.77 51.88
CA SER BA 158 -3.80 11.75 52.01
C SER BA 158 -2.40 12.31 52.27
N SER BA 159 -2.22 13.63 52.20
CA SER BA 159 -0.89 14.20 52.33
C SER BA 159 -0.93 15.45 53.20
N PRO BA 160 -0.05 15.56 54.20
CA PRO BA 160 0.96 14.60 54.62
C PRO BA 160 0.37 13.47 55.47
N GLY BA 161 1.02 12.32 55.53
CA GLY BA 161 0.49 11.22 56.33
C GLY BA 161 1.19 9.92 55.97
N ALA BA 162 0.49 8.83 56.24
CA ALA BA 162 1.03 7.50 55.94
C ALA BA 162 1.22 7.33 54.43
N PRO BA 163 2.15 6.48 54.01
CA PRO BA 163 3.02 5.59 54.80
C PRO BA 163 4.23 6.29 55.40
N TYR BA 164 4.88 5.64 56.36
CA TYR BA 164 6.13 6.10 56.93
C TYR BA 164 7.17 4.99 56.79
N PHE BA 165 8.35 5.35 56.29
CA PHE BA 165 9.38 4.36 55.99
C PHE BA 165 10.66 4.53 56.77
N GLN BA 166 10.82 5.61 57.53
CA GLN BA 166 12.03 5.81 58.31
C GLN BA 166 11.82 5.18 59.70
N ASN BA 167 11.73 3.85 59.69
CA ASN BA 167 11.49 3.10 60.92
C ASN BA 167 11.99 1.68 60.71
N ASN BA 168 11.94 0.90 61.78
CA ASN BA 168 12.28 -0.51 61.75
C ASN BA 168 11.10 -1.41 61.42
N GLY BA 169 9.92 -0.84 61.23
CA GLY BA 169 8.74 -1.61 60.88
C GLY BA 169 7.93 -2.12 62.05
N ARG BA 170 8.39 -1.93 63.28
CA ARG BA 170 7.68 -2.42 64.44
C ARG BA 170 6.55 -1.47 64.81
N THR BA 171 5.41 -2.04 65.21
CA THR BA 171 4.24 -1.27 65.59
C THR BA 171 3.85 -1.45 67.05
N ASP BA 172 4.64 -2.19 67.83
CA ASP BA 172 4.31 -2.48 69.22
C ASP BA 172 5.01 -1.53 70.19
N TRP BA 173 5.60 -0.45 69.70
CA TRP BA 173 6.33 0.48 70.55
C TRP BA 173 5.42 1.23 71.52
N GLN BA 174 4.10 1.17 71.33
CA GLN BA 174 3.18 1.85 72.24
C GLN BA 174 3.19 1.15 73.59
N ARG BA 175 3.39 1.93 74.64
CA ARG BA 175 3.42 1.38 76.00
C ARG BA 175 3.11 2.46 77.03
N MET CA 1 -23.96 28.07 36.08
CA MET CA 1 -25.28 27.64 35.67
C MET CA 1 -25.57 26.21 36.13
N GLN CA 2 -26.60 25.61 35.54
CA GLN CA 2 -26.98 24.24 35.86
C GLN CA 2 -27.51 23.57 34.61
N ASP CA 3 -27.44 22.25 34.59
CA ASP CA 3 -28.11 21.44 33.59
C ASP CA 3 -29.12 20.55 34.29
N ALA CA 4 -29.75 19.65 33.53
CA ALA CA 4 -30.80 18.82 34.09
C ALA CA 4 -30.26 17.92 35.20
N ILE CA 5 -29.13 17.29 34.95
CA ILE CA 5 -28.54 16.40 35.96
C ILE CA 5 -28.16 17.19 37.20
N THR CA 6 -27.52 18.34 37.02
CA THR CA 6 -27.10 19.14 38.16
C THR CA 6 -28.30 19.66 38.93
N ALA CA 7 -29.36 20.06 38.23
CA ALA CA 7 -30.57 20.54 38.89
C ALA CA 7 -31.19 19.45 39.74
N LEU CA 8 -31.30 18.23 39.19
CA LEU CA 8 -31.87 17.12 39.94
C LEU CA 8 -30.99 16.77 41.14
N ILE CA 9 -29.67 16.76 40.93
CA ILE CA 9 -28.75 16.43 42.02
C ILE CA 9 -28.85 17.45 43.13
N ASN CA 10 -28.93 18.74 42.80
CA ASN CA 10 -29.03 19.77 43.82
C ASN CA 10 -30.38 19.68 44.55
N SER CA 11 -31.46 19.43 43.82
CA SER CA 11 -32.76 19.30 44.46
C SER CA 11 -32.81 18.11 45.41
N SER CA 12 -32.07 17.04 45.09
CA SER CA 12 -31.97 15.92 46.02
C SER CA 12 -31.02 16.20 47.16
N ASP CA 13 -29.97 16.99 46.92
CA ASP CA 13 -28.93 17.23 47.91
C ASP CA 13 -29.36 18.23 48.96
N VAL CA 14 -30.22 19.19 48.62
CA VAL CA 14 -30.65 20.17 49.61
C VAL CA 14 -31.42 19.50 50.74
N GLN CA 15 -32.12 18.40 50.44
CA GLN CA 15 -32.80 17.64 51.47
C GLN CA 15 -31.96 16.49 52.01
N GLY CA 16 -30.71 16.38 51.57
CA GLY CA 16 -29.80 15.39 52.12
C GLY CA 16 -30.23 13.96 51.89
N ARG CA 17 -30.76 13.66 50.71
CA ARG CA 17 -31.26 12.33 50.40
C ARG CA 17 -30.87 11.96 48.99
N TYR CA 18 -30.82 10.66 48.72
CA TYR CA 18 -30.51 10.17 47.39
C TYR CA 18 -31.61 10.60 46.40
N LEU CA 19 -31.34 10.38 45.13
CA LEU CA 19 -32.33 10.72 44.11
C LEU CA 19 -33.52 9.77 44.22
N ASP CA 20 -34.69 10.33 44.52
CA ASP CA 20 -35.90 9.55 44.64
C ASP CA 20 -36.33 9.04 43.25
N PRO CA 21 -37.18 8.02 43.20
CA PRO CA 21 -37.52 7.42 41.90
C PRO CA 21 -38.09 8.40 40.90
N SER CA 22 -38.79 9.44 41.34
CA SER CA 22 -39.26 10.47 40.40
C SER CA 22 -38.07 11.17 39.74
N SER CA 23 -37.08 11.54 40.53
CA SER CA 23 -35.89 12.18 39.98
C SER CA 23 -35.13 11.23 39.06
N LEU CA 24 -35.09 9.95 39.40
CA LEU CA 24 -34.41 8.98 38.54
C LEU CA 24 -35.14 8.82 37.22
N ASP CA 25 -36.48 8.83 37.24
CA ASP CA 25 -37.24 8.78 36.01
C ASP CA 25 -37.00 10.02 35.16
N LYS CA 26 -36.95 11.20 35.80
CA LYS CA 26 -36.65 12.42 35.06
C LYS CA 26 -35.25 12.38 34.45
N LEU CA 27 -34.29 11.86 35.20
CA LEU CA 27 -32.94 11.72 34.69
C LEU CA 27 -32.90 10.77 33.50
N GLN CA 28 -33.64 9.66 33.59
CA GLN CA 28 -33.70 8.75 32.45
C GLN CA 28 -34.33 9.41 31.24
N ASN CA 29 -35.37 10.21 31.45
CA ASN CA 29 -35.99 10.93 30.34
C ASN CA 29 -35.00 11.88 29.69
N TYR CA 30 -34.22 12.59 30.49
CA TYR CA 30 -33.21 13.48 29.92
C TYR CA 30 -32.15 12.70 29.15
N PHE CA 31 -31.72 11.55 29.68
CA PHE CA 31 -30.73 10.73 28.99
C PHE CA 31 -31.27 10.25 27.65
N GLN CA 32 -32.54 9.85 27.62
CA GLN CA 32 -33.13 9.40 26.36
C GLN CA 32 -33.25 10.54 25.36
N SER CA 33 -33.63 11.74 25.83
CA SER CA 33 -33.74 12.88 24.94
C SER CA 33 -32.38 13.43 24.51
N GLY CA 34 -31.30 12.99 25.15
CA GLY CA 34 -29.99 13.52 24.84
C GLY CA 34 -29.56 13.34 23.39
N ASP CA 35 -29.96 12.25 22.76
CA ASP CA 35 -29.59 12.03 21.36
C ASP CA 35 -30.19 13.11 20.47
N MET CA 36 -31.49 13.38 20.64
CA MET CA 36 -32.13 14.44 19.89
C MET CA 36 -31.52 15.79 20.22
N ARG CA 37 -31.19 16.01 21.49
CA ARG CA 37 -30.58 17.28 21.87
C ARG CA 37 -29.24 17.50 21.17
N ALA CA 38 -28.41 16.46 21.14
CA ALA CA 38 -27.11 16.58 20.49
C ALA CA 38 -27.26 16.78 18.99
N LYS CA 39 -28.21 16.07 18.37
CA LYS CA 39 -28.44 16.27 16.94
C LYS CA 39 -28.89 17.71 16.64
N THR CA 40 -29.78 18.25 17.47
CA THR CA 40 -30.23 19.62 17.28
C THR CA 40 -29.09 20.60 17.49
N ALA CA 41 -28.23 20.35 18.48
CA ALA CA 41 -27.09 21.23 18.70
C ALA CA 41 -26.15 21.23 17.50
N ILE CA 42 -25.90 20.04 16.94
CA ILE CA 42 -25.07 19.96 15.75
C ILE CA 42 -25.70 20.72 14.59
N ALA CA 43 -27.00 20.54 14.39
CA ALA CA 43 -27.68 21.21 13.28
C ALA CA 43 -27.65 22.73 13.44
N VAL CA 44 -27.89 23.21 14.66
CA VAL CA 44 -27.88 24.66 14.88
C VAL CA 44 -26.48 25.23 14.72
N SER CA 45 -25.47 24.52 15.22
CA SER CA 45 -24.09 24.98 15.06
C SER CA 45 -23.70 25.02 13.60
N ALA CA 46 -24.20 24.08 12.80
CA ALA CA 46 -23.82 24.03 11.38
C ALA CA 46 -24.42 25.17 10.58
N ASN CA 47 -25.45 25.83 11.10
CA ASN CA 47 -26.19 26.85 10.36
C ASN CA 47 -26.40 28.13 11.17
N ALA CA 48 -25.46 28.48 12.05
CA ALA CA 48 -25.68 29.62 12.95
C ALA CA 48 -25.81 30.92 12.18
N LYS CA 49 -24.84 31.20 11.29
CA LYS CA 49 -24.85 32.47 10.58
C LYS CA 49 -26.05 32.58 9.65
N ASN CA 50 -26.40 31.49 8.97
CA ASN CA 50 -27.60 31.51 8.14
C ASN CA 50 -28.86 31.70 8.96
N ILE CA 51 -28.90 31.11 10.16
CA ILE CA 51 -30.06 31.29 11.04
C ILE CA 51 -30.23 32.76 11.39
N VAL CA 52 -29.13 33.42 11.74
CA VAL CA 52 -29.22 34.83 12.10
C VAL CA 52 -29.60 35.68 10.89
N THR CA 53 -29.05 35.35 9.72
CA THR CA 53 -29.40 36.07 8.50
C THR CA 53 -30.89 35.98 8.22
N LYS CA 54 -31.44 34.76 8.29
CA LYS CA 54 -32.86 34.55 8.04
C LYS CA 54 -33.71 35.25 9.10
N THR CA 55 -33.27 35.22 10.36
CA THR CA 55 -34.01 35.88 11.43
C THR CA 55 -34.12 37.37 11.16
N VAL CA 56 -33.00 38.01 10.83
CA VAL CA 56 -33.04 39.45 10.54
C VAL CA 56 -33.89 39.72 9.31
N ALA CA 57 -33.76 38.88 8.29
CA ALA CA 57 -34.52 39.11 7.06
C ALA CA 57 -36.01 39.03 7.29
N LYS CA 58 -36.46 38.05 8.07
CA LYS CA 58 -37.88 37.83 8.23
C LYS CA 58 -38.49 38.59 9.40
N SER CA 59 -37.68 39.21 10.25
CA SER CA 59 -38.22 39.92 11.40
C SER CA 59 -38.01 41.41 11.37
N LEU CA 60 -36.80 41.88 11.02
CA LEU CA 60 -36.44 43.27 11.19
C LEU CA 60 -36.22 44.02 9.89
N LEU CA 61 -35.92 43.34 8.79
CA LEU CA 61 -35.64 44.03 7.55
C LEU CA 61 -36.91 44.61 6.95
N TYR CA 62 -36.75 45.75 6.27
CA TYR CA 62 -37.84 46.41 5.55
C TYR CA 62 -38.99 46.78 6.47
N THR CA 63 -38.69 47.05 7.72
CA THR CA 63 -39.64 47.64 8.67
C THR CA 63 -39.13 49.02 9.05
N ASP CA 64 -39.90 49.71 9.89
CA ASP CA 64 -39.50 51.04 10.33
C ASP CA 64 -38.29 51.00 11.26
N ILE CA 65 -37.88 49.83 11.73
CA ILE CA 65 -36.75 49.76 12.64
C ILE CA 65 -35.42 49.89 11.91
N THR CA 66 -35.36 49.55 10.63
CA THR CA 66 -34.15 49.76 9.84
C THR CA 66 -34.18 51.06 9.05
N ALA CA 67 -35.32 51.76 9.03
CA ALA CA 67 -35.40 53.06 8.40
C ALA CA 67 -34.73 54.11 9.28
N PRO CA 68 -34.39 55.26 8.73
CA PRO CA 68 -33.85 56.34 9.56
C PRO CA 68 -34.82 56.69 10.68
N GLY CA 69 -34.27 56.87 11.88
CA GLY CA 69 -35.07 57.02 13.07
C GLY CA 69 -35.36 55.71 13.78
N GLY CA 70 -35.04 54.58 13.18
CA GLY CA 70 -35.23 53.29 13.81
C GLY CA 70 -33.98 52.88 14.57
N MEN CA 71 -34.11 51.92 15.47
CA MEN CA 71 -33.00 51.54 16.33
C MEN CA 71 -31.98 50.67 15.62
O MEN CA 71 -30.86 50.51 16.08
CB MEN CA 71 -33.51 50.83 17.57
CG MEN CA 71 -32.47 50.74 18.65
OD1 MEN CA 71 -32.08 49.68 19.12
ND2 MEN CA 71 -31.97 51.91 19.07
CE2 MEN CA 71 -30.96 51.99 20.09
N MET CA 72 -32.37 50.10 14.48
CA MET CA 72 -31.43 49.30 13.69
C MET CA 72 -30.89 50.10 12.53
N TYR CA 73 -31.15 51.40 12.55
CA TYR CA 73 -30.50 52.31 11.61
C TYR CA 73 -29.03 52.46 12.00
N THR CA 74 -28.23 52.89 11.02
CA THR CA 74 -26.77 52.99 11.08
C THR CA 74 -26.15 51.59 11.16
N CYS CA 75 -24.94 51.44 10.61
CA CYS CA 75 -24.34 50.12 10.53
C CYS CA 75 -23.93 49.59 11.91
N ARG CA 76 -23.53 50.46 12.83
CA ARG CA 76 -23.09 49.99 14.13
C ARG CA 76 -24.24 49.38 14.92
N ARG CA 77 -25.42 49.99 14.88
CA ARG CA 77 -26.55 49.43 15.61
C ARG CA 77 -27.06 48.15 14.95
N TYR CA 78 -27.03 48.10 13.61
CA TYR CA 78 -27.34 46.85 12.91
C TYR CA 78 -26.39 45.74 13.35
N ALA CA 79 -25.10 46.04 13.41
CA ALA CA 79 -24.12 45.04 13.82
C ALA CA 79 -24.34 44.62 15.26
N ALA CA 80 -24.68 45.58 16.13
CA ALA CA 80 -24.95 45.25 17.52
C ALA CA 80 -26.15 44.30 17.64
N CYS CA 81 -27.21 44.57 16.88
CA CYS CA 81 -28.37 43.69 16.90
C CYS CA 81 -28.01 42.30 16.39
N VAL CA 82 -27.20 42.23 15.32
CA VAL CA 82 -26.81 40.94 14.79
C VAL CA 82 -25.98 40.16 15.80
N ARG CA 83 -25.06 40.85 16.49
CA ARG CA 83 -24.26 40.19 17.52
C ARG CA 83 -25.13 39.69 18.66
N ASP CA 84 -26.11 40.49 19.07
CA ASP CA 84 -27.03 40.06 20.11
C ASP CA 84 -27.79 38.81 19.68
N LEU CA 85 -28.24 38.76 18.43
CA LEU CA 85 -28.94 37.58 17.94
C LEU CA 85 -28.03 36.36 17.91
N ASP CA 86 -26.77 36.55 17.52
CA ASP CA 86 -25.80 35.45 17.54
C ASP CA 86 -25.67 34.89 18.94
N TYR CA 87 -25.53 35.76 19.93
CA TYR CA 87 -25.39 35.31 21.31
C TYR CA 87 -26.68 34.63 21.79
N PHE CA 88 -27.84 35.16 21.41
CA PHE CA 88 -29.10 34.54 21.76
C PHE CA 88 -29.16 33.11 21.24
N LEU CA 89 -28.79 32.92 19.97
CA LEU CA 89 -28.84 31.59 19.38
C LEU CA 89 -27.86 30.64 20.06
N ARG CA 90 -26.64 31.10 20.31
CA ARG CA 90 -25.65 30.23 20.93
C ARG CA 90 -26.08 29.82 22.34
N TYR CA 91 -26.60 30.76 23.12
CA TYR CA 91 -27.01 30.42 24.47
C TYR CA 91 -28.28 29.59 24.49
N ALA CA 92 -29.17 29.78 23.52
CA ALA CA 92 -30.34 28.90 23.43
C ALA CA 92 -29.91 27.48 23.12
N THR CA 93 -28.91 27.32 22.24
CA THR CA 93 -28.38 25.98 21.98
C THR CA 93 -27.74 25.39 23.23
N TYR CA 94 -27.01 26.20 23.99
CA TYR CA 94 -26.46 25.75 25.26
C TYR CA 94 -27.56 25.24 26.18
N ALA CA 95 -28.63 26.02 26.32
CA ALA CA 95 -29.72 25.66 27.22
C ALA CA 95 -30.43 24.41 26.75
N MET CA 96 -30.64 24.27 25.44
CA MET CA 96 -31.28 23.06 24.92
C MET CA 96 -30.41 21.84 25.16
N LEU CA 97 -29.09 21.97 24.97
CA LEU CA 97 -28.20 20.85 25.25
C LEU CA 97 -28.24 20.48 26.73
N ALA CA 98 -28.23 21.48 27.60
CA ALA CA 98 -28.26 21.24 29.03
C ALA CA 98 -29.60 20.75 29.52
N GLY CA 99 -30.68 21.03 28.79
CA GLY CA 99 -32.00 20.70 29.26
C GLY CA 99 -32.49 21.56 30.41
N ASP CA 100 -31.94 22.76 30.55
CA ASP CA 100 -32.26 23.61 31.68
C ASP CA 100 -32.13 25.07 31.26
N THR CA 101 -33.00 25.91 31.79
CA THR CA 101 -33.03 27.33 31.43
C THR CA 101 -32.18 28.20 32.35
N SER CA 102 -31.46 27.60 33.30
CA SER CA 102 -30.70 28.40 34.26
C SER CA 102 -29.58 29.19 33.59
N ILE CA 103 -28.97 28.64 32.54
CA ILE CA 103 -27.91 29.37 31.84
C ILE CA 103 -28.50 30.59 31.15
N LEU CA 104 -29.74 30.51 30.70
CA LEU CA 104 -30.40 31.66 30.10
C LEU CA 104 -30.58 32.78 31.13
N ASP CA 105 -30.96 32.42 32.36
CA ASP CA 105 -31.10 33.43 33.39
C ASP CA 105 -29.75 34.00 33.81
N GLU CA 106 -28.71 33.16 33.87
CA GLU CA 106 -27.42 33.62 34.36
C GLU CA 106 -26.69 34.47 33.33
N ARG CA 107 -26.72 34.09 32.05
CA ARG CA 107 -25.84 34.67 31.06
C ARG CA 107 -26.57 35.29 29.88
N ILE CA 108 -27.88 35.46 29.94
CA ILE CA 108 -28.59 36.19 28.90
C ILE CA 108 -29.40 37.32 29.54
N LEU CA 109 -30.28 36.96 30.47
CA LEU CA 109 -31.22 37.92 31.04
C LEU CA 109 -30.67 38.64 32.25
N ASN CA 110 -29.40 38.44 32.59
CA ASN CA 110 -28.78 39.08 33.74
C ASN CA 110 -28.45 40.52 33.38
N GLY CA 111 -29.39 41.41 33.65
CA GLY CA 111 -29.20 42.82 33.35
C GLY CA 111 -29.43 43.20 31.90
N LEU CA 112 -29.87 42.26 31.06
CA LEU CA 112 -30.12 42.58 29.66
C LEU CA 112 -31.31 43.52 29.50
N ARG CA 113 -32.37 43.28 30.26
CA ARG CA 113 -33.54 44.15 30.17
C ARG CA 113 -33.21 45.57 30.59
N GLU CA 114 -32.42 45.73 31.66
CA GLU CA 114 -32.01 47.05 32.11
C GLU CA 114 -31.18 47.75 31.04
N THR CA 115 -30.24 47.02 30.43
CA THR CA 115 -29.41 47.60 29.38
C THR CA 115 -30.26 48.04 28.20
N TYR CA 116 -31.19 47.20 27.77
CA TYR CA 116 -32.05 47.54 26.65
C TYR CA 116 -32.91 48.76 26.97
N ASN CA 117 -33.45 48.82 28.19
CA ASN CA 117 -34.26 49.96 28.58
C ASN CA 117 -33.44 51.25 28.58
N SER CA 118 -32.21 51.19 29.10
CA SER CA 118 -31.39 52.38 29.13
C SER CA 118 -30.95 52.80 27.73
N LEU CA 119 -30.76 51.84 26.83
CA LEU CA 119 -30.30 52.13 25.48
C LEU CA 119 -31.42 52.49 24.52
N GLY CA 120 -32.67 52.28 24.90
CA GLY CA 120 -33.77 52.51 23.98
C GLY CA 120 -33.98 51.41 22.97
N VAL CA 121 -33.42 50.23 23.19
CA VAL CA 121 -33.64 49.10 22.29
C VAL CA 121 -35.11 48.67 22.39
N PRO CA 122 -35.82 48.55 21.28
CA PRO CA 122 -37.25 48.20 21.35
C PRO CA 122 -37.44 46.78 21.85
N ILE CA 123 -38.12 46.65 23.00
CA ILE CA 123 -38.33 45.33 23.59
C ILE CA 123 -39.29 44.52 22.73
N GLY CA 124 -40.33 45.16 22.20
CA GLY CA 124 -41.27 44.45 21.35
C GLY CA 124 -40.62 43.91 20.09
N ALA CA 125 -39.79 44.71 19.45
CA ALA CA 125 -39.09 44.25 18.26
C ALA CA 125 -38.10 43.14 18.60
N THR CA 126 -37.44 43.23 19.75
CA THR CA 126 -36.52 42.17 20.16
C THR CA 126 -37.26 40.86 20.40
N ILE CA 127 -38.43 40.93 21.04
CA ILE CA 127 -39.21 39.72 21.26
C ILE CA 127 -39.69 39.15 19.94
N ARG CA 128 -40.10 40.02 19.02
CA ARG CA 128 -40.51 39.57 17.69
C ARG CA 128 -39.36 38.89 16.96
N SER CA 129 -38.15 39.44 17.07
CA SER CA 129 -36.99 38.84 16.41
C SER CA 129 -36.62 37.51 17.06
N VAL CA 130 -36.77 37.39 18.38
CA VAL CA 130 -36.50 36.12 19.04
C VAL CA 130 -37.50 35.07 18.60
N GLN CA 131 -38.77 35.45 18.45
CA GLN CA 131 -39.78 34.52 17.95
C GLN CA 131 -39.49 34.12 16.51
N ALA CA 132 -39.02 35.07 15.69
CA ALA CA 132 -38.63 34.73 14.32
C ALA CA 132 -37.45 33.78 14.30
N MET CA 133 -36.49 33.97 15.22
CA MET CA 133 -35.39 33.04 15.35
C MET CA 133 -35.88 31.66 15.72
N LYS CA 134 -36.86 31.58 16.62
CA LYS CA 134 -37.45 30.30 16.98
C LYS CA 134 -38.08 29.63 15.76
N GLU CA 135 -38.80 30.41 14.95
CA GLU CA 135 -39.43 29.85 13.75
C GLU CA 135 -38.38 29.36 12.75
N VAL CA 136 -37.30 30.13 12.57
CA VAL CA 136 -36.25 29.73 11.64
C VAL CA 136 -35.59 28.44 12.11
N VAL CA 137 -35.29 28.34 13.40
CA VAL CA 137 -34.69 27.13 13.93
C VAL CA 137 -35.64 25.95 13.78
N THR CA 138 -36.94 26.18 14.03
CA THR CA 138 -37.91 25.11 13.87
C THR CA 138 -37.97 24.62 12.43
N SER CA 139 -37.94 25.54 11.48
CA SER CA 139 -37.93 25.13 10.08
C SER CA 139 -36.65 24.38 9.72
N LEU CA 140 -35.54 24.71 10.39
CA LEU CA 140 -34.29 24.02 10.11
C LEU CA 140 -34.29 22.60 10.67
N VAL CA 141 -34.72 22.43 11.92
CA VAL CA 141 -34.52 21.18 12.65
C VAL CA 141 -35.79 20.36 12.80
N GLY CA 142 -36.92 20.82 12.28
CA GLY CA 142 -38.15 20.06 12.34
C GLY CA 142 -39.07 20.54 13.45
N ALA CA 143 -40.23 19.87 13.53
CA ALA CA 143 -41.27 20.27 14.46
C ALA CA 143 -40.93 19.89 15.90
N ASP CA 144 -40.42 18.68 16.13
CA ASP CA 144 -40.18 18.22 17.49
C ASP CA 144 -38.96 18.91 18.11
N ALA CA 145 -37.81 18.80 17.44
CA ALA CA 145 -36.63 19.52 17.92
C ALA CA 145 -36.85 21.02 17.88
N GLY CA 146 -37.63 21.51 16.91
CA GLY CA 146 -37.96 22.92 16.88
C GLY CA 146 -38.75 23.35 18.09
N ARG CA 147 -39.71 22.53 18.52
CA ARG CA 147 -40.45 22.80 19.75
C ARG CA 147 -39.53 22.78 20.96
N GLU CA 148 -38.62 21.81 21.01
CA GLU CA 148 -37.69 21.73 22.13
C GLU CA 148 -36.82 22.98 22.22
N MET CA 149 -36.30 23.45 21.10
CA MET CA 149 -35.53 24.70 21.10
C MET CA 149 -36.42 25.91 21.37
N GLY CA 150 -37.67 25.85 20.93
CA GLY CA 150 -38.58 26.96 21.14
C GLY CA 150 -38.95 27.14 22.60
N VAL CA 151 -38.84 26.08 23.40
CA VAL CA 151 -39.01 26.22 24.84
C VAL CA 151 -38.05 27.28 25.37
N TYR CA 152 -36.78 27.16 25.01
CA TYR CA 152 -35.76 28.08 25.52
C TYR CA 152 -35.80 29.42 24.81
N PHE CA 153 -36.17 29.45 23.53
CA PHE CA 153 -36.38 30.73 22.87
C PHE CA 153 -37.52 31.52 23.53
N ASP CA 154 -38.60 30.82 23.89
CA ASP CA 154 -39.70 31.46 24.59
C ASP CA 154 -39.31 31.87 26.00
N HIS CA 155 -38.43 31.11 26.65
CA HIS CA 155 -37.92 31.56 27.94
C HIS CA 155 -37.16 32.88 27.80
N ILE CA 156 -36.33 32.99 26.76
CA ILE CA 156 -35.62 34.24 26.52
C ILE CA 156 -36.61 35.38 26.29
N ALA CA 157 -37.62 35.13 25.45
CA ALA CA 157 -38.60 36.17 25.14
C ALA CA 157 -39.37 36.61 26.38
N ALA CA 158 -39.77 35.64 27.22
CA ALA CA 158 -40.48 35.97 28.45
C ALA CA 158 -39.59 36.74 29.41
N GLY CA 159 -38.31 36.39 29.49
CA GLY CA 159 -37.40 37.15 30.32
C GLY CA 159 -37.22 38.57 29.84
N LEU CA 160 -37.22 38.78 28.53
CA LEU CA 160 -37.06 40.12 28.00
C LEU CA 160 -38.33 40.96 28.13
N SER CA 161 -39.48 40.33 28.36
CA SER CA 161 -40.72 41.07 28.47
C SER CA 161 -40.88 41.65 29.87
N SER DA 2 -17.42 65.93 14.22
CA SER DA 2 -16.87 67.13 13.61
C SER DA 2 -15.43 67.36 14.07
N ILE DA 3 -14.66 68.07 13.25
CA ILE DA 3 -13.28 68.36 13.60
C ILE DA 3 -13.22 69.25 14.84
N VAL DA 4 -14.24 70.09 15.03
CA VAL DA 4 -14.30 70.92 16.24
C VAL DA 4 -14.37 70.04 17.48
N THR DA 5 -15.21 69.01 17.45
CA THR DA 5 -15.25 68.06 18.54
C THR DA 5 -13.92 67.37 18.72
N GLU DA 6 -13.27 67.00 17.62
CA GLU DA 6 -11.98 66.31 17.71
C GLU DA 6 -10.93 67.17 18.41
N LEU DA 7 -10.84 68.45 18.03
CA LEU DA 7 -9.82 69.31 18.63
C LEU DA 7 -10.17 69.65 20.08
N ILE DA 8 -11.46 69.84 20.38
CA ILE DA 8 -11.85 70.09 21.77
C ILE DA 8 -11.54 68.90 22.64
N LEU DA 9 -11.80 67.68 22.14
CA LEU DA 9 -11.48 66.49 22.90
C LEU DA 9 -9.98 66.28 23.01
N ASN DA 10 -9.22 66.68 21.99
CA ASN DA 10 -7.77 66.63 22.10
C ASN DA 10 -7.26 67.55 23.21
N ALA DA 11 -7.83 68.76 23.28
CA ALA DA 11 -7.47 69.66 24.37
C ALA DA 11 -7.89 69.09 25.73
N ASP DA 12 -9.08 68.49 25.78
CA ASP DA 12 -9.62 68.01 27.04
C ASP DA 12 -8.89 66.79 27.56
N SER DA 13 -8.37 65.95 26.66
CA SER DA 13 -7.65 64.75 27.08
C SER DA 13 -6.42 65.10 27.90
N GLU DA 14 -5.82 66.25 27.63
CA GLU DA 14 -4.70 66.74 28.42
C GLU DA 14 -5.15 67.70 29.52
N SER DA 15 -6.45 67.89 29.70
CA SER DA 15 -7.02 68.76 30.73
C SER DA 15 -6.45 70.17 30.60
N ARG DA 16 -6.65 70.74 29.43
CA ARG DA 16 -5.90 71.92 29.02
C ARG DA 16 -6.70 72.68 27.97
N TYR DA 17 -6.63 74.01 28.02
CA TYR DA 17 -7.35 74.83 27.07
C TYR DA 17 -6.82 74.60 25.65
N PRO DA 18 -7.64 74.86 24.63
CA PRO DA 18 -7.18 74.66 23.24
C PRO DA 18 -5.88 75.37 22.94
N ALA DA 19 -4.87 74.59 22.55
CA ALA DA 19 -3.56 75.11 22.21
C ALA DA 19 -3.58 75.79 20.85
N PRO DA 20 -2.57 76.60 20.52
CA PRO DA 20 -2.54 77.22 19.19
C PRO DA 20 -2.53 76.22 18.05
N LYS DA 21 -1.92 75.05 18.25
CA LYS DA 21 -1.95 74.03 17.21
C LYS DA 21 -3.35 73.54 16.92
N GLU DA 22 -4.29 73.72 17.84
CA GLU DA 22 -5.69 73.40 17.62
C GLU DA 22 -6.54 74.60 17.27
N ILE DA 23 -6.18 75.78 17.77
CA ILE DA 23 -6.87 77.00 17.36
C ILE DA 23 -6.64 77.27 15.88
N GLN DA 24 -5.44 76.96 15.37
CA GLN DA 24 -5.18 77.11 13.95
C GLN DA 24 -6.04 76.16 13.12
N VAL DA 25 -6.18 74.92 13.59
CA VAL DA 25 -7.04 73.95 12.89
C VAL DA 25 -8.48 74.43 12.90
N TYR DA 26 -8.94 74.94 14.05
CA TYR DA 26 -10.30 75.46 14.16
C TYR DA 26 -10.52 76.63 13.22
N GLN DA 27 -9.55 77.54 13.13
CA GLN DA 27 -9.69 78.69 12.24
C GLN DA 27 -9.70 78.27 10.78
N ASN DA 28 -8.87 77.28 10.40
CA ASN DA 28 -8.90 76.79 9.03
C ASN DA 28 -10.24 76.16 8.70
N PHE DA 29 -10.77 75.34 9.61
CA PHE DA 29 -12.06 74.72 9.38
C PHE DA 29 -13.17 75.75 9.27
N VAL DA 30 -13.13 76.78 10.11
CA VAL DA 30 -14.12 77.85 10.03
C VAL DA 30 -13.99 78.61 8.71
N LYS DA 31 -12.76 78.82 8.25
CA LYS DA 31 -12.56 79.50 6.98
C LYS DA 31 -13.19 78.73 5.82
N THR DA 32 -13.02 77.41 5.80
CA THR DA 32 -13.51 76.60 4.69
C THR DA 32 -15.01 76.32 4.76
N GLY DA 33 -15.75 77.06 5.58
CA GLY DA 33 -17.16 76.76 5.77
C GLY DA 33 -17.98 76.96 4.52
N GLU DA 34 -17.73 78.05 3.79
CA GLU DA 34 -18.50 78.31 2.57
C GLU DA 34 -18.25 77.22 1.54
N GLN DA 35 -17.00 76.82 1.37
CA GLN DA 35 -16.68 75.74 0.42
C GLN DA 35 -17.36 74.44 0.82
N ARG DA 36 -17.33 74.11 2.12
CA ARG DA 36 -17.96 72.87 2.55
C ARG DA 36 -19.46 72.89 2.33
N ILE DA 37 -20.11 74.02 2.62
CA ILE DA 37 -21.54 74.12 2.39
C ILE DA 37 -21.87 74.02 0.90
N ARG DA 38 -21.04 74.64 0.06
CA ARG DA 38 -21.24 74.55 -1.38
C ARG DA 38 -21.12 73.10 -1.87
N ILE DA 39 -20.11 72.38 -1.37
CA ILE DA 39 -19.94 70.99 -1.75
C ILE DA 39 -21.13 70.15 -1.30
N ALA DA 40 -21.62 70.40 -0.09
CA ALA DA 40 -22.78 69.66 0.39
C ALA DA 40 -24.00 69.94 -0.47
N LYS DA 41 -24.19 71.20 -0.88
CA LYS DA 41 -25.31 71.53 -1.77
C LYS DA 41 -25.16 70.82 -3.11
N ILE DA 42 -23.94 70.77 -3.65
CA ILE DA 42 -23.72 70.08 -4.91
C ILE DA 42 -24.07 68.60 -4.78
N LEU DA 43 -23.61 67.97 -3.70
CA LEU DA 43 -23.90 66.55 -3.50
C LEU DA 43 -25.39 66.30 -3.33
N ALA DA 44 -26.09 67.18 -2.60
CA ALA DA 44 -27.52 67.00 -2.39
C ALA DA 44 -28.30 67.17 -3.68
N GLU DA 45 -27.94 68.19 -4.49
CA GLU DA 45 -28.70 68.47 -5.71
C GLU DA 45 -28.51 67.40 -6.76
N ASN DA 46 -27.31 66.82 -6.86
CA ASN DA 46 -26.98 65.86 -7.90
C ASN DA 46 -26.99 64.42 -7.40
N GLU DA 47 -27.66 64.14 -6.29
CA GLU DA 47 -27.63 62.79 -5.72
C GLU DA 47 -28.21 61.78 -6.68
N GLN DA 48 -29.36 62.08 -7.29
CA GLN DA 48 -30.00 61.12 -8.18
C GLN DA 48 -29.18 60.90 -9.44
N ARG DA 49 -28.60 61.96 -10.00
CA ARG DA 49 -27.76 61.81 -11.19
C ARG DA 49 -26.54 60.97 -10.88
N ILE DA 50 -25.89 61.23 -9.74
CA ILE DA 50 -24.73 60.43 -9.34
C ILE DA 50 -25.13 58.98 -9.16
N VAL DA 51 -26.27 58.73 -8.49
CA VAL DA 51 -26.69 57.37 -8.24
C VAL DA 51 -26.97 56.64 -9.55
N GLN DA 52 -27.67 57.30 -10.47
CA GLN DA 52 -28.01 56.65 -11.74
C GLN DA 52 -26.77 56.34 -12.56
N ASN DA 53 -25.88 57.32 -12.72
CA ASN DA 53 -24.69 57.11 -13.54
C ASN DA 53 -23.76 56.08 -12.90
N GLY DA 54 -23.59 56.15 -11.57
CA GLY DA 54 -22.76 55.18 -10.89
C GLY DA 54 -23.34 53.78 -10.96
N SER DA 55 -24.67 53.66 -10.84
CA SER DA 55 -25.29 52.36 -10.98
C SER DA 55 -25.08 51.79 -12.36
N ALA DA 56 -25.21 52.62 -13.39
CA ALA DA 56 -24.97 52.15 -14.75
C ALA DA 56 -23.55 51.64 -14.92
N ARG DA 57 -22.56 52.45 -14.50
CA ARG DA 57 -21.17 52.04 -14.67
C ARG DA 57 -20.85 50.81 -13.83
N PHE DA 58 -21.40 50.74 -12.62
CA PHE DA 58 -21.11 49.63 -11.72
C PHE DA 58 -21.75 48.34 -12.20
N TRP DA 59 -22.94 48.41 -12.80
CA TRP DA 59 -23.53 47.20 -13.39
C TRP DA 59 -22.80 46.78 -14.65
N GLU DA 60 -22.23 47.75 -15.37
CA GLU DA 60 -21.37 47.37 -16.50
C GLU DA 60 -20.11 46.66 -16.02
N ARG DA 61 -19.51 47.14 -14.93
CA ARG DA 61 -18.28 46.55 -14.43
C ARG DA 61 -18.52 45.25 -13.67
N VAL DA 62 -19.61 45.17 -12.92
CA VAL DA 62 -19.93 43.99 -12.11
C VAL DA 62 -21.32 43.50 -12.48
N PRO DA 63 -21.49 42.82 -13.62
CA PRO DA 63 -22.82 42.35 -14.01
C PRO DA 63 -23.40 41.33 -13.04
N ASN DA 64 -22.55 40.56 -12.35
CA ASN DA 64 -23.01 39.50 -11.47
C ASN DA 64 -23.03 40.03 -10.05
N THR DA 65 -24.10 40.74 -9.71
CA THR DA 65 -24.26 41.35 -8.41
C THR DA 65 -25.73 41.26 -8.02
N PRO DA 66 -26.04 41.26 -6.72
CA PRO DA 66 -27.45 41.15 -6.30
C PRO DA 66 -28.32 42.29 -6.78
N SER DA 67 -27.76 43.44 -7.13
CA SER DA 67 -28.57 44.56 -7.57
C SER DA 67 -29.28 44.23 -8.88
N ASN DA 68 -28.54 43.79 -9.90
CA ASN DA 68 -29.12 43.50 -11.20
C ASN DA 68 -29.35 42.00 -11.41
N SER DA 69 -29.73 41.29 -10.34
CA SER DA 69 -30.14 39.90 -10.46
C SER DA 69 -31.61 39.74 -10.82
N GLY DA 70 -32.22 40.78 -11.37
CA GLY DA 70 -33.62 40.72 -11.75
C GLY DA 70 -34.60 40.96 -10.64
N ASN DA 71 -34.13 41.37 -9.46
CA ASN DA 71 -35.00 41.65 -8.32
C ASN DA 71 -35.16 43.16 -8.18
N GLU DA 72 -36.39 43.65 -8.37
CA GLU DA 72 -36.64 45.08 -8.31
C GLU DA 72 -36.37 45.63 -6.91
N ARG DA 73 -36.78 44.88 -5.88
CA ARG DA 73 -36.56 45.33 -4.51
C ARG DA 73 -35.07 45.45 -4.19
N LYS DA 74 -34.27 44.49 -4.66
CA LYS DA 74 -32.84 44.55 -4.40
C LYS DA 74 -32.19 45.71 -5.13
N THR DA 75 -32.62 45.98 -6.37
CA THR DA 75 -32.12 47.15 -7.08
C THR DA 75 -32.44 48.43 -6.33
N ALA DA 76 -33.69 48.55 -5.86
CA ALA DA 76 -34.09 49.74 -5.13
C ALA DA 76 -33.29 49.88 -3.84
N SER DA 77 -33.05 48.77 -3.15
CA SER DA 77 -32.28 48.82 -1.90
C SER DA 77 -30.84 49.25 -2.16
N CYS DA 78 -30.22 48.71 -3.22
CA CYS DA 78 -28.85 49.11 -3.53
C CYS DA 78 -28.77 50.59 -3.90
N GLN DA 79 -29.72 51.08 -4.70
CA GLN DA 79 -29.68 52.49 -5.08
C GLN DA 79 -29.94 53.39 -3.88
N ARG DA 80 -30.83 52.96 -2.97
CA ARG DA 80 -31.03 53.71 -1.74
C ARG DA 80 -29.76 53.72 -0.90
N ASP DA 81 -29.03 52.61 -0.86
CA ASP DA 81 -27.76 52.58 -0.14
C ASP DA 81 -26.77 53.56 -0.74
N GLN DA 82 -26.71 53.62 -2.07
CA GLN DA 82 -25.82 54.57 -2.73
C GLN DA 82 -26.18 56.00 -2.37
N GLY DA 83 -27.48 56.32 -2.39
CA GLY DA 83 -27.91 57.65 -1.99
C GLY DA 83 -27.57 57.96 -0.54
N TRP DA 84 -27.75 56.97 0.34
CA TRP DA 84 -27.43 57.16 1.75
C TRP DA 84 -25.94 57.43 1.95
N TYR DA 85 -25.10 56.72 1.22
CA TYR DA 85 -23.66 56.95 1.36
C TYR DA 85 -23.25 58.30 0.79
N ILE DA 86 -23.91 58.75 -0.28
CA ILE DA 86 -23.66 60.11 -0.76
C ILE DA 86 -24.06 61.13 0.31
N ARG DA 87 -25.18 60.89 0.97
CA ARG DA 87 -25.62 61.78 2.05
C ARG DA 87 -24.63 61.80 3.20
N LEU DA 88 -24.11 60.63 3.57
CA LEU DA 88 -23.14 60.56 4.66
C LEU DA 88 -21.84 61.25 4.28
N ILE DA 89 -21.42 61.15 3.02
CA ILE DA 89 -20.25 61.89 2.57
C ILE DA 89 -20.50 63.38 2.63
N ALA DA 90 -21.73 63.81 2.32
CA ALA DA 90 -22.08 65.22 2.49
C ALA DA 90 -21.99 65.64 3.94
N TYR DA 91 -22.47 64.80 4.86
CA TYR DA 91 -22.34 65.08 6.28
C TYR DA 91 -20.88 65.24 6.68
N SER DA 92 -20.04 64.32 6.21
CA SER DA 92 -18.62 64.37 6.54
C SER DA 92 -17.96 65.62 5.98
N VAL DA 93 -18.34 66.02 4.77
CA VAL DA 93 -17.81 67.26 4.20
C VAL DA 93 -18.22 68.44 5.07
N LEU DA 94 -19.47 68.47 5.51
CA LEU DA 94 -19.94 69.58 6.33
C LEU DA 94 -19.21 69.62 7.67
N ALA DA 95 -19.03 68.47 8.30
CA ALA DA 95 -18.42 68.42 9.63
C ALA DA 95 -16.91 68.59 9.60
N GLY DA 96 -16.27 68.41 8.44
CA GLY DA 96 -14.84 68.51 8.35
C GLY DA 96 -14.07 67.30 8.81
N SER DA 97 -14.75 66.24 9.22
CA SER DA 97 -14.11 65.01 9.64
C SER DA 97 -14.96 63.83 9.19
N GLU DA 98 -14.39 62.64 9.32
CA GLU DA 98 -15.08 61.42 8.92
C GLU DA 98 -15.97 60.87 10.02
N LYS DA 99 -16.11 61.58 11.13
CA LYS DA 99 -16.88 61.05 12.27
C LYS DA 99 -18.33 60.79 11.95
N PRO DA 100 -19.07 61.67 11.25
CA PRO DA 100 -20.46 61.30 10.90
C PRO DA 100 -20.55 60.07 10.03
N LEU DA 101 -19.73 60.01 8.98
CA LEU DA 101 -19.74 58.85 8.09
C LEU DA 101 -19.32 57.59 8.84
N GLU DA 102 -18.32 57.70 9.71
CA GLU DA 102 -17.88 56.55 10.48
C GLU DA 102 -18.95 56.07 11.44
N GLU DA 103 -19.63 56.99 12.12
CA GLU DA 103 -20.61 56.61 13.12
C GLU DA 103 -21.94 56.17 12.54
N ILE DA 104 -22.25 56.53 11.30
CA ILE DA 104 -23.51 56.15 10.69
C ILE DA 104 -23.36 55.00 9.70
N GLY DA 105 -22.32 55.02 8.88
CA GLY DA 105 -22.27 54.04 7.80
C GLY DA 105 -20.98 53.25 7.65
N THR DA 106 -20.06 53.37 8.61
CA THR DA 106 -18.78 52.69 8.52
C THR DA 106 -18.51 51.70 9.64
N ILE DA 107 -18.81 52.03 10.89
CA ILE DA 107 -18.59 51.10 11.98
C ILE DA 107 -19.60 49.97 11.85
N GLY DA 108 -19.12 48.75 11.68
CA GLY DA 108 -19.99 47.61 11.51
C GLY DA 108 -20.58 47.44 10.13
N ILE DA 109 -20.03 48.13 9.12
CA ILE DA 109 -20.54 47.99 7.77
C ILE DA 109 -20.31 46.59 7.25
N LYS DA 110 -19.15 46.00 7.58
CA LYS DA 110 -18.84 44.65 7.15
C LYS DA 110 -19.81 43.65 7.76
N GLU DA 111 -20.09 43.78 9.06
CA GLU DA 111 -21.02 42.87 9.70
C GLU DA 111 -22.42 43.00 9.11
N MET DA 112 -22.88 44.23 8.89
CA MET DA 112 -24.21 44.44 8.34
C MET DA 112 -24.34 43.86 6.95
N TYR DA 113 -23.34 44.10 6.09
CA TYR DA 113 -23.44 43.62 4.72
C TYR DA 113 -23.15 42.12 4.60
N ASN DA 114 -22.39 41.54 5.52
CA ASN DA 114 -22.25 40.09 5.55
C ASN DA 114 -23.54 39.43 6.00
N ASN DA 115 -24.25 40.05 6.94
CA ASN DA 115 -25.56 39.55 7.31
C ASN DA 115 -26.52 39.63 6.13
N LEU DA 116 -26.47 40.71 5.37
CA LEU DA 116 -27.31 40.85 4.18
C LEU DA 116 -26.84 40.00 3.02
N GLU DA 117 -25.66 39.38 3.13
CA GLU DA 117 -25.09 38.54 2.08
C GLU DA 117 -24.80 39.34 0.82
N ILE DA 118 -24.32 40.56 0.99
CA ILE DA 118 -23.89 41.42 -0.11
C ILE DA 118 -22.38 41.34 -0.20
N PRO DA 119 -21.81 40.95 -1.34
CA PRO DA 119 -20.34 40.90 -1.46
C PRO DA 119 -19.73 42.26 -1.24
N LEU DA 120 -18.67 42.31 -0.41
CA LEU DA 120 -18.05 43.59 -0.07
C LEU DA 120 -17.29 44.17 -1.24
N ARG DA 121 -16.68 43.34 -2.08
CA ARG DA 121 -15.97 43.85 -3.25
C ARG DA 121 -16.91 44.54 -4.21
N ASN DA 122 -18.14 44.03 -4.34
CA ASN DA 122 -19.13 44.67 -5.18
C ASN DA 122 -19.47 46.06 -4.66
N ILE DA 123 -19.62 46.19 -3.35
CA ILE DA 123 -19.91 47.50 -2.77
C ILE DA 123 -18.71 48.44 -2.95
N VAL DA 124 -17.49 47.89 -2.88
CA VAL DA 124 -16.31 48.71 -3.13
C VAL DA 124 -16.31 49.24 -4.55
N GLU DA 125 -16.65 48.37 -5.51
CA GLU DA 125 -16.71 48.81 -6.90
C GLU DA 125 -17.80 49.85 -7.12
N CYS DA 126 -18.96 49.66 -6.48
CA CYS DA 126 -20.01 50.65 -6.58
C CYS DA 126 -19.59 51.99 -5.99
N MET DA 127 -18.88 51.95 -4.85
CA MET DA 127 -18.39 53.19 -4.26
C MET DA 127 -17.38 53.86 -5.17
N ARG DA 128 -16.55 53.06 -5.84
CA ARG DA 128 -15.58 53.63 -6.79
C ARG DA 128 -16.29 54.32 -7.95
N CYS DA 129 -17.33 53.68 -8.48
CA CYS DA 129 -18.10 54.30 -9.56
C CYS DA 129 -18.80 55.57 -9.09
N LEU DA 130 -19.35 55.54 -7.87
CA LEU DA 130 -20.00 56.72 -7.32
C LEU DA 130 -18.99 57.86 -7.13
N LYS DA 131 -17.78 57.54 -6.67
CA LYS DA 131 -16.76 58.55 -6.53
C LYS DA 131 -16.38 59.15 -7.87
N GLU DA 132 -16.24 58.30 -8.90
CA GLU DA 132 -15.94 58.81 -10.23
C GLU DA 132 -17.03 59.73 -10.73
N GLU DA 133 -18.30 59.37 -10.49
CA GLU DA 133 -19.39 60.23 -10.93
C GLU DA 133 -19.45 61.53 -10.15
N ALA DA 134 -19.18 61.48 -8.84
CA ALA DA 134 -19.32 62.68 -8.01
C ALA DA 134 -18.18 63.65 -8.24
N LEU DA 135 -16.96 63.14 -8.42
CA LEU DA 135 -15.81 64.02 -8.63
C LEU DA 135 -15.90 64.76 -9.95
N SER DA 136 -16.70 64.28 -10.89
CA SER DA 136 -16.87 64.94 -12.18
C SER DA 136 -17.88 66.07 -12.12
N LEU DA 137 -18.49 66.33 -10.96
CA LEU DA 137 -19.49 67.38 -10.82
C LEU DA 137 -19.00 68.52 -9.93
N MET DA 138 -17.69 68.68 -9.77
CA MET DA 138 -17.16 69.73 -8.93
C MET DA 138 -15.73 70.03 -9.34
N SER DA 139 -15.21 71.15 -8.84
CA SER DA 139 -13.85 71.55 -9.15
C SER DA 139 -12.84 70.64 -8.46
N GLU DA 140 -11.57 70.83 -8.79
CA GLU DA 140 -10.53 69.97 -8.25
C GLU DA 140 -10.40 70.12 -6.73
N GLU DA 141 -10.53 71.35 -6.23
CA GLU DA 141 -10.40 71.57 -4.78
C GLU DA 141 -11.48 70.83 -4.02
N ASP DA 142 -12.73 70.89 -4.50
CA ASP DA 142 -13.80 70.14 -3.87
C ASP DA 142 -13.60 68.64 -4.03
N ALA DA 143 -13.09 68.23 -5.19
CA ALA DA 143 -12.86 66.82 -5.44
C ALA DA 143 -11.84 66.25 -4.46
N LEU DA 144 -10.84 67.05 -4.10
CA LEU DA 144 -9.84 66.59 -3.13
C LEU DA 144 -10.50 66.24 -1.80
N GLU DA 145 -11.46 67.03 -1.36
CA GLU DA 145 -12.13 66.75 -0.08
C GLU DA 145 -13.09 65.58 -0.20
N VAL DA 146 -13.83 65.50 -1.31
CA VAL DA 146 -14.85 64.46 -1.42
C VAL DA 146 -14.22 63.09 -1.61
N SER DA 147 -13.16 63.00 -2.42
CA SER DA 147 -12.52 61.73 -2.68
C SER DA 147 -11.93 61.12 -1.41
N ALA DA 148 -11.52 61.96 -0.46
CA ALA DA 148 -10.99 61.45 0.80
C ALA DA 148 -12.02 60.60 1.51
N TYR DA 149 -13.25 61.09 1.61
CA TYR DA 149 -14.29 60.35 2.32
C TYR DA 149 -14.79 59.17 1.51
N PHE DA 150 -14.82 59.29 0.18
CA PHE DA 150 -15.14 58.12 -0.63
C PHE DA 150 -14.11 57.02 -0.43
N ASP DA 151 -12.83 57.37 -0.40
CA ASP DA 151 -11.78 56.42 -0.11
C ASP DA 151 -11.90 55.87 1.30
N TYR DA 152 -12.35 56.68 2.25
CA TYR DA 152 -12.58 56.18 3.60
C TYR DA 152 -13.63 55.09 3.60
N VAL DA 153 -14.72 55.29 2.87
CA VAL DA 153 -15.76 54.25 2.77
C VAL DA 153 -15.18 52.99 2.15
N MET DA 154 -14.45 53.15 1.05
CA MET DA 154 -13.89 51.98 0.38
C MET DA 154 -12.92 51.23 1.27
N ARG DA 155 -12.09 51.96 2.02
CA ARG DA 155 -11.14 51.32 2.93
C ARG DA 155 -11.85 50.61 4.06
N SER DA 156 -12.93 51.18 4.58
CA SER DA 156 -13.68 50.50 5.62
C SER DA 156 -14.30 49.22 5.10
N LEU DA 157 -14.74 49.21 3.85
CA LEU DA 157 -15.28 47.97 3.28
C LEU DA 157 -14.19 46.92 3.10
N SER DA 158 -12.98 47.35 2.78
CA SER DA 158 -11.87 46.42 2.59
C SER DA 158 -11.33 45.94 3.93
N MET EA 1 -19.41 63.96 22.79
CA MET EA 1 -20.27 65.13 22.81
C MET EA 1 -20.64 65.58 21.41
N GLN EA 2 -21.51 66.58 21.32
CA GLN EA 2 -21.98 67.12 20.06
C GLN EA 2 -21.66 68.61 19.99
N ASP EA 3 -21.23 69.06 18.82
CA ASP EA 3 -21.13 70.47 18.54
C ASP EA 3 -22.34 70.88 17.69
N ALA EA 4 -22.36 72.14 17.25
CA ALA EA 4 -23.48 72.63 16.48
C ALA EA 4 -23.63 71.85 15.18
N ILE EA 5 -22.52 71.63 14.47
CA ILE EA 5 -22.55 70.93 13.20
C ILE EA 5 -23.05 69.50 13.40
N THR EA 6 -22.50 68.81 14.40
CA THR EA 6 -22.89 67.43 14.63
C THR EA 6 -24.34 67.33 15.11
N ALA EA 7 -24.80 68.30 15.90
CA ALA EA 7 -26.20 68.31 16.32
C ALA EA 7 -27.12 68.46 15.13
N LEU EA 8 -26.81 69.38 14.22
CA LEU EA 8 -27.64 69.55 13.03
C LEU EA 8 -27.59 68.32 12.15
N ILE EA 9 -26.40 67.71 12.00
CA ILE EA 9 -26.26 66.52 11.20
C ILE EA 9 -27.08 65.37 11.78
N ASN EA 10 -27.05 65.22 13.11
CA ASN EA 10 -27.82 64.16 13.75
C ASN EA 10 -29.32 64.39 13.57
N SER EA 11 -29.78 65.63 13.75
CA SER EA 11 -31.19 65.91 13.58
C SER EA 11 -31.64 65.64 12.15
N SER EA 12 -30.80 65.97 11.17
CA SER EA 12 -31.15 65.69 9.78
C SER EA 12 -31.07 64.19 9.47
N ASP EA 13 -30.12 63.48 10.07
CA ASP EA 13 -29.93 62.06 9.77
C ASP EA 13 -31.03 61.22 10.39
N VAL EA 14 -31.60 61.66 11.51
CA VAL EA 14 -32.74 60.94 12.07
C VAL EA 14 -33.89 60.90 11.06
N GLN EA 15 -34.10 61.98 10.33
CA GLN EA 15 -35.08 62.00 9.26
C GLN EA 15 -34.58 61.34 7.99
N GLY EA 16 -33.29 61.03 7.90
CA GLY EA 16 -32.73 60.45 6.69
C GLY EA 16 -32.75 61.37 5.50
N ARG EA 17 -32.48 62.65 5.72
CA ARG EA 17 -32.52 63.64 4.65
C ARG EA 17 -31.36 64.60 4.79
N TYR EA 18 -30.99 65.23 3.69
CA TYR EA 18 -29.93 66.21 3.69
C TYR EA 18 -30.34 67.42 4.54
N LEU EA 19 -29.37 68.29 4.80
CA LEU EA 19 -29.65 69.46 5.61
C LEU EA 19 -30.53 70.44 4.84
N ASP EA 20 -31.67 70.80 5.43
CA ASP EA 20 -32.58 71.74 4.82
C ASP EA 20 -31.98 73.14 4.86
N PRO EA 21 -32.51 74.08 4.06
CA PRO EA 21 -31.89 75.42 4.01
C PRO EA 21 -31.79 76.13 5.35
N SER EA 22 -32.72 75.89 6.27
CA SER EA 22 -32.60 76.50 7.60
C SER EA 22 -31.39 75.97 8.35
N SER EA 23 -31.15 74.66 8.28
CA SER EA 23 -29.96 74.09 8.91
C SER EA 23 -28.69 74.60 8.25
N LEU EA 24 -28.70 74.77 6.92
CA LEU EA 24 -27.53 75.32 6.25
C LEU EA 24 -27.29 76.77 6.68
N ASP EA 25 -28.35 77.54 6.89
CA ASP EA 25 -28.19 78.89 7.39
C ASP EA 25 -27.61 78.89 8.81
N LYS EA 26 -28.08 77.96 9.65
CA LYS EA 26 -27.50 77.83 10.99
C LYS EA 26 -26.02 77.47 10.91
N LEU EA 27 -25.67 76.57 9.99
CA LEU EA 27 -24.27 76.21 9.79
C LEU EA 27 -23.44 77.42 9.38
N GLN EA 28 -23.97 78.23 8.47
CA GLN EA 28 -23.27 79.45 8.06
C GLN EA 28 -23.09 80.40 9.23
N ASN EA 29 -24.12 80.54 10.08
CA ASN EA 29 -24.00 81.40 11.24
C ASN EA 29 -22.90 80.93 12.19
N TYR EA 30 -22.86 79.62 12.44
CA TYR EA 30 -21.81 79.07 13.30
C TYR EA 30 -20.43 79.30 12.70
N PHE EA 31 -20.31 79.06 11.39
CA PHE EA 31 -19.03 79.28 10.71
C PHE EA 31 -18.58 80.73 10.77
N GLN EA 32 -19.52 81.67 10.67
CA GLN EA 32 -19.18 83.09 10.76
C GLN EA 32 -18.89 83.54 12.18
N SER EA 33 -19.45 82.87 13.19
CA SER EA 33 -19.12 83.21 14.57
C SER EA 33 -17.87 82.50 15.08
N GLY EA 34 -17.34 81.55 14.31
CA GLY EA 34 -16.18 80.80 14.77
C GLY EA 34 -14.99 81.66 15.15
N ASP EA 35 -14.76 82.75 14.43
CA ASP EA 35 -13.63 83.62 14.75
C ASP EA 35 -13.78 84.26 16.12
N MET EA 36 -14.99 84.77 16.42
CA MET EA 36 -15.25 85.30 17.76
C MET EA 36 -15.12 84.21 18.81
N ARG EA 37 -15.59 83.00 18.50
CA ARG EA 37 -15.45 81.89 19.44
C ARG EA 37 -13.98 81.64 19.78
N ALA EA 38 -13.12 81.62 18.75
CA ALA EA 38 -11.71 81.37 18.97
C ALA EA 38 -11.07 82.49 19.79
N LYS EA 39 -11.41 83.74 19.49
CA LYS EA 39 -10.85 84.85 20.26
C LYS EA 39 -11.26 84.76 21.73
N THR EA 40 -12.53 84.47 21.99
CA THR EA 40 -13.00 84.36 23.36
C THR EA 40 -12.33 83.20 24.08
N ALA EA 41 -12.16 82.07 23.39
CA ALA EA 41 -11.48 80.93 24.01
C ALA EA 41 -10.04 81.28 24.37
N ILE EA 42 -9.35 82.00 23.50
CA ILE EA 42 -7.97 82.38 23.78
C ILE EA 42 -7.92 83.32 24.98
N ALA EA 43 -8.81 84.31 25.04
CA ALA EA 43 -8.82 85.24 26.16
C ALA EA 43 -9.10 84.53 27.48
N VAL EA 44 -10.09 83.63 27.49
CA VAL EA 44 -10.43 82.93 28.71
C VAL EA 44 -9.28 82.01 29.12
N SER EA 45 -8.62 81.37 28.16
CA SER EA 45 -7.46 80.56 28.50
C SER EA 45 -6.37 81.41 29.14
N ALA EA 46 -6.15 82.61 28.60
CA ALA EA 46 -5.12 83.49 29.16
C ALA EA 46 -5.47 84.01 30.55
N ASN EA 47 -6.75 84.16 30.88
CA ASN EA 47 -7.12 84.75 32.16
C ASN EA 47 -7.87 83.79 33.08
N ALA EA 48 -7.73 82.48 32.88
CA ALA EA 48 -8.50 81.51 33.67
C ALA EA 48 -8.22 81.61 35.16
N LYS EA 49 -6.94 81.65 35.54
CA LYS EA 49 -6.61 81.68 36.97
C LYS EA 49 -7.14 82.93 37.64
N ASN EA 50 -6.98 84.08 36.98
CA ASN EA 50 -7.49 85.33 37.53
C ASN EA 50 -9.01 85.34 37.59
N ILE EA 51 -9.66 84.71 36.61
CA ILE EA 51 -11.11 84.62 36.63
C ILE EA 51 -11.58 83.83 37.84
N VAL EA 52 -10.94 82.70 38.09
CA VAL EA 52 -11.35 81.88 39.23
C VAL EA 52 -11.04 82.60 40.55
N THR EA 53 -9.92 83.31 40.61
CA THR EA 53 -9.59 84.09 41.80
C THR EA 53 -10.66 85.14 42.07
N LYS EA 54 -11.06 85.88 41.03
CA LYS EA 54 -12.09 86.90 41.19
C LYS EA 54 -13.42 86.29 41.58
N THR EA 55 -13.77 85.14 40.99
CA THR EA 55 -15.03 84.49 41.31
C THR EA 55 -15.08 84.08 42.78
N VAL EA 56 -14.01 83.46 43.27
CA VAL EA 56 -13.97 83.04 44.67
C VAL EA 56 -14.03 84.26 45.58
N ALA EA 57 -13.28 85.31 45.25
CA ALA EA 57 -13.30 86.51 46.07
C ALA EA 57 -14.65 87.19 46.07
N LYS EA 58 -15.42 87.07 44.98
CA LYS EA 58 -16.68 87.77 44.87
C LYS EA 58 -17.85 87.01 45.48
N SER EA 59 -17.85 85.67 45.41
CA SER EA 59 -19.02 84.91 45.80
C SER EA 59 -18.84 84.02 47.02
N LEU EA 60 -17.61 83.71 47.43
CA LEU EA 60 -17.39 82.71 48.47
C LEU EA 60 -16.54 83.17 49.63
N LEU EA 61 -15.74 84.21 49.50
CA LEU EA 61 -14.84 84.61 50.57
C LEU EA 61 -15.58 85.37 51.66
N TYR EA 62 -15.12 85.18 52.90
CA TYR EA 62 -15.62 85.89 54.07
C TYR EA 62 -17.10 85.61 54.31
N THR EA 63 -17.56 84.42 53.95
CA THR EA 63 -18.88 83.94 54.30
C THR EA 63 -18.75 82.76 55.25
N ASP EA 64 -19.88 82.17 55.61
CA ASP EA 64 -19.83 81.00 56.48
C ASP EA 64 -19.35 79.75 55.74
N ILE EA 65 -19.27 79.78 54.42
CA ILE EA 65 -18.75 78.64 53.68
C ILE EA 65 -17.28 78.41 54.01
N THR EA 66 -16.49 79.48 54.09
CA THR EA 66 -15.08 79.36 54.40
C THR EA 66 -14.79 79.28 55.89
N ALA EA 67 -15.78 79.55 56.73
CA ALA EA 67 -15.61 79.43 58.17
C ALA EA 67 -15.57 77.96 58.57
N PRO EA 68 -15.03 77.65 59.75
CA PRO EA 68 -15.05 76.26 60.21
C PRO EA 68 -16.47 75.71 60.25
N GLY EA 69 -16.62 74.46 59.86
CA GLY EA 69 -17.92 73.86 59.68
C GLY EA 69 -18.54 74.08 58.32
N GLY EA 70 -18.03 75.02 57.55
CA GLY EA 70 -18.51 75.25 56.19
C GLY EA 70 -17.84 74.29 55.24
N MEN EA 71 -18.37 74.18 54.03
CA MEN EA 71 -17.88 73.18 53.10
C MEN EA 71 -16.60 73.63 52.41
O MEN EA 71 -15.95 72.84 51.73
CB MEN EA 71 -18.95 72.86 52.06
CG MEN EA 71 -18.66 71.57 51.32
OD1 MEN EA 71 -18.49 71.51 50.11
ND2 MEN EA 71 -18.58 70.48 52.10
CE2 MEN EA 71 -18.31 69.18 51.55
N MET EA 72 -16.23 74.89 52.57
CA MET EA 72 -15.02 75.40 51.96
C MET EA 72 -13.92 75.53 53.01
N TYR EA 73 -14.21 75.04 54.21
CA TYR EA 73 -13.20 74.99 55.25
C TYR EA 73 -12.19 73.89 54.96
N THR EA 74 -11.01 74.02 55.57
CA THR EA 74 -9.81 73.21 55.34
C THR EA 74 -9.26 73.43 53.93
N CYS EA 75 -7.96 73.25 53.77
CA CYS EA 75 -7.32 73.57 52.50
C CYS EA 75 -7.73 72.61 51.40
N ARG EA 76 -7.98 71.35 51.72
CA ARG EA 76 -8.36 70.38 50.69
C ARG EA 76 -9.70 70.73 50.07
N ARG EA 77 -10.66 71.17 50.90
CA ARG EA 77 -11.97 71.52 50.36
C ARG EA 77 -11.93 72.84 49.59
N TYR EA 78 -11.13 73.80 50.06
CA TYR EA 78 -10.94 75.02 49.29
C TYR EA 78 -10.34 74.72 47.93
N ALA EA 79 -9.31 73.87 47.90
CA ALA EA 79 -8.70 73.49 46.63
C ALA EA 79 -9.69 72.75 45.75
N ALA EA 80 -10.52 71.89 46.33
CA ALA EA 80 -11.51 71.18 45.54
C ALA EA 80 -12.53 72.13 44.94
N CYS EA 81 -12.96 73.14 45.70
CA CYS EA 81 -13.89 74.13 45.16
C CYS EA 81 -13.24 74.92 44.03
N VAL EA 82 -11.99 75.33 44.20
CA VAL EA 82 -11.30 76.06 43.15
C VAL EA 82 -11.14 75.20 41.91
N ARG EA 83 -10.84 73.91 42.11
CA ARG EA 83 -10.72 72.98 41.00
C ARG EA 83 -12.04 72.82 40.26
N ASP EA 84 -13.14 72.76 41.01
CA ASP EA 84 -14.46 72.65 40.38
C ASP EA 84 -14.78 73.91 39.58
N LEU EA 85 -14.44 75.08 40.11
CA LEU EA 85 -14.66 76.31 39.36
C LEU EA 85 -13.83 76.35 38.10
N ASP EA 86 -12.58 75.88 38.18
CA ASP EA 86 -11.73 75.80 37.00
C ASP EA 86 -12.34 74.87 35.96
N TYR EA 87 -12.87 73.72 36.40
CA TYR EA 87 -13.53 72.81 35.49
C TYR EA 87 -14.73 73.47 34.83
N PHE EA 88 -15.53 74.20 35.61
CA PHE EA 88 -16.68 74.88 35.05
C PHE EA 88 -16.27 75.87 33.98
N LEU EA 89 -15.24 76.66 34.26
CA LEU EA 89 -14.79 77.66 33.29
C LEU EA 89 -14.25 77.00 32.02
N ARG EA 90 -13.43 75.96 32.19
CA ARG EA 90 -12.82 75.30 31.02
C ARG EA 90 -13.87 74.63 30.16
N TYR EA 91 -14.84 73.95 30.78
CA TYR EA 91 -15.85 73.28 29.99
C TYR EA 91 -16.87 74.25 29.41
N ALA EA 92 -17.10 75.39 30.06
CA ALA EA 92 -17.89 76.43 29.44
C ALA EA 92 -17.18 76.98 28.21
N THR EA 93 -15.85 77.12 28.27
CA THR EA 93 -15.10 77.52 27.09
C THR EA 93 -15.20 76.47 25.99
N TYR EA 94 -15.12 75.18 26.36
CA TYR EA 94 -15.29 74.11 25.39
C TYR EA 94 -16.65 74.19 24.71
N ALA EA 95 -17.71 74.38 25.51
CA ALA EA 95 -19.05 74.44 24.97
C ALA EA 95 -19.25 75.69 24.11
N MET EA 96 -18.62 76.80 24.50
CA MET EA 96 -18.70 78.00 23.66
C MET EA 96 -18.02 77.78 22.32
N LEU EA 97 -16.86 77.14 22.33
CA LEU EA 97 -16.18 76.83 21.07
C LEU EA 97 -17.02 75.89 20.22
N ALA EA 98 -17.62 74.88 20.84
CA ALA EA 98 -18.41 73.91 20.10
C ALA EA 98 -19.78 74.45 19.69
N GLY EA 99 -20.24 75.52 20.33
CA GLY EA 99 -21.56 76.04 20.03
C GLY EA 99 -22.71 75.22 20.57
N ASP EA 100 -22.43 74.23 21.42
CA ASP EA 100 -23.46 73.32 21.92
C ASP EA 100 -23.16 73.01 23.38
N THR EA 101 -24.23 72.84 24.16
CA THR EA 101 -24.11 72.53 25.58
C THR EA 101 -23.96 71.04 25.83
N SER EA 102 -23.78 70.23 24.79
CA SER EA 102 -23.74 68.78 24.96
C SER EA 102 -22.58 68.36 25.84
N ILE EA 103 -21.41 68.98 25.66
CA ILE EA 103 -20.23 68.59 26.44
C ILE EA 103 -20.46 68.83 27.93
N LEU EA 104 -21.22 69.87 28.28
CA LEU EA 104 -21.53 70.13 29.68
C LEU EA 104 -22.33 68.97 30.29
N ASP EA 105 -23.31 68.47 29.55
CA ASP EA 105 -24.07 67.32 30.05
C ASP EA 105 -23.22 66.06 30.08
N GLU EA 106 -22.33 65.89 29.10
CA GLU EA 106 -21.56 64.66 29.01
C GLU EA 106 -20.50 64.57 30.10
N ARG EA 107 -19.81 65.67 30.38
CA ARG EA 107 -18.61 65.61 31.21
C ARG EA 107 -18.66 66.48 32.46
N ILE EA 108 -19.72 67.24 32.69
CA ILE EA 108 -19.77 68.12 33.85
C ILE EA 108 -20.99 67.80 34.70
N LEU EA 109 -22.16 67.83 34.09
CA LEU EA 109 -23.42 67.71 34.81
C LEU EA 109 -23.92 66.28 34.91
N ASN EA 110 -23.12 65.30 34.50
CA ASN EA 110 -23.53 63.90 34.56
C ASN EA 110 -23.46 63.44 36.01
N GLY EA 111 -24.59 63.57 36.71
CA GLY EA 111 -24.64 63.17 38.10
C GLY EA 111 -23.88 64.06 39.05
N LEU EA 112 -23.58 65.29 38.64
CA LEU EA 112 -22.89 66.22 39.52
C LEU EA 112 -23.73 66.57 40.73
N ARG EA 113 -25.04 66.78 40.52
CA ARG EA 113 -25.93 67.11 41.62
C ARG EA 113 -25.97 65.99 42.65
N GLU EA 114 -25.96 64.75 42.19
CA GLU EA 114 -25.99 63.62 43.12
C GLU EA 114 -24.74 63.56 43.97
N THR EA 115 -23.56 63.75 43.36
CA THR EA 115 -22.32 63.74 44.14
C THR EA 115 -22.28 64.93 45.11
N TYR EA 116 -22.75 66.09 44.66
CA TYR EA 116 -22.79 67.25 45.55
C TYR EA 116 -23.69 67.00 46.75
N ASN EA 117 -24.86 66.41 46.52
CA ASN EA 117 -25.77 66.11 47.62
C ASN EA 117 -25.18 65.05 48.54
N SER EA 118 -24.51 64.04 47.98
CA SER EA 118 -23.92 63.00 48.80
C SER EA 118 -22.81 63.55 49.68
N LEU EA 119 -22.00 64.47 49.15
CA LEU EA 119 -20.88 65.02 49.89
C LEU EA 119 -21.25 66.24 50.72
N GLY EA 120 -22.46 66.77 50.58
CA GLY EA 120 -22.84 67.96 51.31
C GLY EA 120 -22.33 69.26 50.75
N VAL EA 121 -21.98 69.28 49.47
CA VAL EA 121 -21.58 70.54 48.82
C VAL EA 121 -22.80 71.43 48.65
N PRO EA 122 -22.77 72.67 49.10
CA PRO EA 122 -23.95 73.53 48.97
C PRO EA 122 -24.20 73.93 47.52
N ILE EA 123 -25.31 73.44 46.96
CA ILE EA 123 -25.60 73.70 45.55
C ILE EA 123 -25.95 75.17 45.33
N GLY EA 124 -26.61 75.80 46.30
CA GLY EA 124 -26.92 77.22 46.15
C GLY EA 124 -25.68 78.08 46.07
N ALA EA 125 -24.69 77.79 46.92
CA ALA EA 125 -23.42 78.53 46.85
C ALA EA 125 -22.72 78.28 45.53
N THR EA 126 -22.78 77.05 45.03
CA THR EA 126 -22.16 76.74 43.74
C THR EA 126 -22.83 77.51 42.62
N ILE EA 127 -24.16 77.62 42.64
CA ILE EA 127 -24.86 78.36 41.59
C ILE EA 127 -24.52 79.85 41.69
N ARG EA 128 -24.45 80.37 42.91
CA ARG EA 128 -24.07 81.77 43.08
C ARG EA 128 -22.66 82.03 42.56
N SER EA 129 -21.73 81.11 42.83
CA SER EA 129 -20.37 81.26 42.31
C SER EA 129 -20.33 81.14 40.80
N VAL EA 130 -21.19 80.30 40.22
CA VAL EA 130 -21.26 80.21 38.76
C VAL EA 130 -21.74 81.53 38.16
N GLN EA 131 -22.74 82.14 38.79
CA GLN EA 131 -23.20 83.46 38.33
C GLN EA 131 -22.09 84.50 38.46
N ALA EA 132 -21.33 84.45 39.56
CA ALA EA 132 -20.22 85.38 39.74
C ALA EA 132 -19.17 85.17 38.65
N MET EA 133 -18.88 83.92 38.31
CA MET EA 133 -17.92 83.64 37.25
C MET EA 133 -18.42 84.14 35.91
N LYS EA 134 -19.73 84.00 35.66
CA LYS EA 134 -20.30 84.54 34.44
C LYS EA 134 -20.12 86.05 34.36
N GLU EA 135 -20.38 86.74 35.48
CA GLU EA 135 -20.20 88.19 35.49
C GLU EA 135 -18.74 88.57 35.28
N VAL EA 136 -17.82 87.83 35.88
CA VAL EA 136 -16.40 88.12 35.72
C VAL EA 136 -15.97 87.93 34.27
N VAL EA 137 -16.42 86.83 33.64
CA VAL EA 137 -16.07 86.59 32.25
C VAL EA 137 -16.66 87.67 31.35
N THR EA 138 -17.89 88.09 31.64
CA THR EA 138 -18.50 89.18 30.87
C THR EA 138 -17.69 90.46 30.99
N SER EA 139 -17.27 90.80 32.20
CA SER EA 139 -16.47 92.00 32.38
C SER EA 139 -15.07 91.86 31.77
N LEU EA 140 -14.61 90.64 31.55
CA LEU EA 140 -13.30 90.44 30.93
C LEU EA 140 -13.35 90.51 29.41
N VAL EA 141 -14.19 89.70 28.77
CA VAL EA 141 -14.12 89.56 27.32
C VAL EA 141 -15.01 90.56 26.58
N GLY EA 142 -16.13 90.97 27.17
CA GLY EA 142 -16.99 91.93 26.52
C GLY EA 142 -18.44 91.55 26.69
N ALA EA 143 -19.29 92.14 25.86
CA ALA EA 143 -20.74 91.94 25.98
C ALA EA 143 -21.20 90.74 25.15
N ASP EA 144 -20.89 90.72 23.86
CA ASP EA 144 -21.32 89.63 23.00
C ASP EA 144 -20.69 88.31 23.44
N ALA EA 145 -19.36 88.29 23.57
CA ALA EA 145 -18.69 87.08 24.04
C ALA EA 145 -19.06 86.76 25.48
N GLY EA 146 -19.27 87.79 26.31
CA GLY EA 146 -19.72 87.55 27.67
C GLY EA 146 -21.07 86.85 27.71
N ARG EA 147 -22.00 87.29 26.86
CA ARG EA 147 -23.31 86.64 26.81
C ARG EA 147 -23.20 85.24 26.23
N GLU EA 148 -22.33 85.05 25.25
CA GLU EA 148 -22.12 83.71 24.69
C GLU EA 148 -21.63 82.74 25.75
N MET EA 149 -20.65 83.16 26.55
CA MET EA 149 -20.21 82.31 27.65
C MET EA 149 -21.28 82.18 28.73
N GLY EA 150 -22.07 83.24 28.95
CA GLY EA 150 -23.10 83.18 29.96
C GLY EA 150 -24.22 82.21 29.61
N VAL EA 151 -24.43 81.95 28.32
CA VAL EA 151 -25.40 80.93 27.94
C VAL EA 151 -25.04 79.59 28.56
N TYR EA 152 -23.77 79.19 28.42
CA TYR EA 152 -23.34 77.92 28.97
C TYR EA 152 -23.16 77.98 30.48
N PHE EA 153 -22.82 79.14 31.02
CA PHE EA 153 -22.80 79.29 32.48
C PHE EA 153 -24.19 79.08 33.06
N ASP EA 154 -25.22 79.65 32.41
CA ASP EA 154 -26.59 79.43 32.84
C ASP EA 154 -27.01 77.99 32.64
N HIS EA 155 -26.53 77.33 31.59
CA HIS EA 155 -26.82 75.92 31.43
C HIS EA 155 -26.25 75.11 32.59
N ILE EA 156 -25.02 75.42 33.00
CA ILE EA 156 -24.43 74.74 34.16
C ILE EA 156 -25.25 75.01 35.41
N ALA EA 157 -25.64 76.27 35.63
CA ALA EA 157 -26.41 76.62 36.81
C ALA EA 157 -27.75 75.90 36.84
N ALA EA 158 -28.43 75.84 35.70
CA ALA EA 158 -29.71 75.13 35.61
C ALA EA 158 -29.52 73.63 35.85
N GLY EA 159 -28.44 73.06 35.31
CA GLY EA 159 -28.16 71.66 35.56
C GLY EA 159 -27.91 71.35 37.02
N LEU EA 160 -27.28 72.29 37.74
CA LEU EA 160 -27.06 72.09 39.16
C LEU EA 160 -28.35 72.15 39.96
N SER EA 161 -29.29 72.99 39.54
CA SER EA 161 -30.59 73.08 40.21
C SER EA 161 -31.42 71.83 39.97
N SER FA 2 6.73 67.70 17.66
CA SER FA 2 6.23 68.09 16.36
C SER FA 2 4.78 67.66 16.19
N ILE FA 3 4.00 68.47 15.47
CA ILE FA 3 2.61 68.12 15.19
C ILE FA 3 2.53 66.90 14.27
N VAL FA 4 3.48 66.77 13.35
CA VAL FA 4 3.53 65.59 12.49
C VAL FA 4 3.71 64.34 13.33
N THR FA 5 4.61 64.39 14.30
CA THR FA 5 4.84 63.25 15.17
C THR FA 5 3.59 62.93 15.99
N GLU FA 6 2.89 63.94 16.46
CA GLU FA 6 1.67 63.71 17.23
C GLU FA 6 0.59 63.05 16.38
N LEU FA 7 0.40 63.52 15.15
CA LEU FA 7 -0.59 62.90 14.28
C LEU FA 7 -0.22 61.46 13.97
N ILE FA 8 1.05 61.21 13.66
CA ILE FA 8 1.48 59.87 13.33
C ILE FA 8 1.34 58.95 14.54
N LEU FA 9 1.62 59.46 15.74
CA LEU FA 9 1.49 58.64 16.94
C LEU FA 9 0.03 58.34 17.25
N ASN FA 10 -0.87 59.30 17.04
CA ASN FA 10 -2.29 59.02 17.22
C ASN FA 10 -2.76 57.94 16.27
N ALA FA 11 -2.35 58.00 15.01
CA ALA FA 11 -2.70 56.93 14.08
C ALA FA 11 -2.01 55.62 14.44
N ASP FA 12 -0.78 55.70 14.95
CA ASP FA 12 0.04 54.52 15.21
C ASP FA 12 -0.50 53.71 16.38
N SER FA 13 -0.82 54.37 17.48
CA SER FA 13 -1.33 53.67 18.65
C SER FA 13 -2.70 53.07 18.40
N GLU FA 14 -3.40 53.52 17.37
CA GLU FA 14 -4.72 53.00 17.05
C GLU FA 14 -4.71 51.97 15.93
N SER FA 15 -3.54 51.65 15.38
CA SER FA 15 -3.39 50.64 14.33
C SER FA 15 -4.24 50.96 13.10
N ARG FA 16 -4.11 52.19 12.62
CA ARG FA 16 -4.89 52.63 11.47
C ARG FA 16 -4.11 53.68 10.70
N TYR FA 17 -4.35 53.74 9.39
CA TYR FA 17 -3.75 54.77 8.58
C TYR FA 17 -4.29 56.14 8.98
N PRO FA 18 -3.54 57.21 8.72
CA PRO FA 18 -4.01 58.54 9.12
C PRO FA 18 -5.37 58.85 8.52
N ALA FA 19 -6.23 59.46 9.34
CA ALA FA 19 -7.57 59.83 8.90
C ALA FA 19 -7.49 61.00 7.94
N PRO FA 20 -8.52 61.19 7.11
CA PRO FA 20 -8.50 62.32 6.17
C PRO FA 20 -8.31 63.67 6.85
N LYS FA 21 -8.91 63.86 8.03
CA LYS FA 21 -8.72 65.12 8.74
C LYS FA 21 -7.29 65.28 9.21
N GLU FA 22 -6.64 64.18 9.62
CA GLU FA 22 -5.24 64.25 10.02
C GLU FA 22 -4.34 64.60 8.84
N ILE FA 23 -4.64 64.05 7.66
CA ILE FA 23 -3.87 64.41 6.47
C ILE FA 23 -4.09 65.88 6.13
N GLN FA 24 -5.32 66.37 6.29
CA GLN FA 24 -5.58 67.78 6.05
C GLN FA 24 -4.80 68.66 7.03
N VAL FA 25 -4.76 68.26 8.30
CA VAL FA 25 -3.99 69.01 9.29
C VAL FA 25 -2.51 69.02 8.92
N TYR FA 26 -2.00 67.87 8.49
CA TYR FA 26 -0.60 67.77 8.08
C TYR FA 26 -0.29 68.70 6.91
N GLN FA 27 -1.16 68.73 5.91
CA GLN FA 27 -0.94 69.59 4.76
C GLN FA 27 -0.99 71.06 5.15
N ASN FA 28 -1.97 71.43 5.98
CA ASN FA 28 -2.06 72.81 6.43
C ASN FA 28 -0.84 73.21 7.24
N PHE FA 29 -0.32 72.30 8.06
CA PHE FA 29 0.88 72.63 8.84
C PHE FA 29 2.09 72.81 7.95
N VAL FA 30 2.29 71.92 6.98
CA VAL FA 30 3.46 72.05 6.11
C VAL FA 30 3.33 73.25 5.20
N LYS FA 31 2.13 73.79 5.01
CA LYS FA 31 2.01 75.02 4.25
C LYS FA 31 2.55 76.24 4.98
N THR FA 32 2.76 76.16 6.29
CA THR FA 32 3.19 77.31 7.09
C THR FA 32 4.66 77.23 7.49
N GLY FA 33 5.45 76.44 6.76
CA GLY FA 33 6.85 76.28 7.11
C GLY FA 33 7.65 77.56 6.98
N GLU FA 34 7.38 78.34 5.93
CA GLU FA 34 8.12 79.58 5.75
C GLU FA 34 7.82 80.57 6.87
N GLN FA 35 6.55 80.68 7.26
CA GLN FA 35 6.20 81.56 8.37
C GLN FA 35 6.88 81.11 9.66
N ARG FA 36 6.88 79.81 9.93
CA ARG FA 36 7.52 79.32 11.15
C ARG FA 36 9.02 79.57 11.13
N ILE FA 37 9.65 79.36 9.97
CA ILE FA 37 11.09 79.60 9.86
C ILE FA 37 11.40 81.08 10.08
N ARG FA 38 10.58 81.96 9.52
CA ARG FA 38 10.78 83.39 9.72
C ARG FA 38 10.66 83.78 11.18
N ILE FA 39 9.64 83.24 11.87
CA ILE FA 39 9.47 83.57 13.29
C ILE FA 39 10.64 83.04 14.11
N ALA FA 40 11.09 81.83 13.80
CA ALA FA 40 12.23 81.26 14.53
C ALA FA 40 13.48 82.09 14.31
N LYS FA 41 13.71 82.56 13.08
CA LYS FA 41 14.85 83.43 12.82
C LYS FA 41 14.72 84.74 13.58
N ILE FA 42 13.49 85.27 13.67
CA ILE FA 42 13.28 86.50 14.44
C ILE FA 42 13.66 86.28 15.89
N LEU FA 43 13.24 85.16 16.47
CA LEU FA 43 13.60 84.86 17.86
C LEU FA 43 15.10 84.68 18.01
N ALA FA 44 15.74 84.01 17.06
CA ALA FA 44 17.17 83.73 17.17
C ALA FA 44 18.00 85.01 17.08
N GLU FA 45 17.64 85.91 16.16
CA GLU FA 45 18.44 87.10 15.96
C GLU FA 45 18.29 88.12 17.08
N ASN FA 46 17.23 88.00 17.89
CA ASN FA 46 16.97 88.95 18.96
C ASN FA 46 17.10 88.32 20.34
N GLU FA 47 17.78 87.18 20.45
CA GLU FA 47 17.88 86.49 21.72
C GLU FA 47 18.61 87.33 22.76
N GLN FA 48 19.69 88.01 22.34
CA GLN FA 48 20.49 88.77 23.29
C GLN FA 48 19.69 89.93 23.87
N ARG FA 49 19.00 90.70 23.02
CA ARG FA 49 18.26 91.85 23.52
C ARG FA 49 17.06 91.40 24.36
N ILE FA 50 16.42 90.30 23.96
CA ILE FA 50 15.32 89.77 24.76
C ILE FA 50 15.83 89.40 26.15
N VAL FA 51 16.96 88.69 26.22
CA VAL FA 51 17.52 88.29 27.51
C VAL FA 51 17.88 89.51 28.33
N GLN FA 52 18.53 90.51 27.71
CA GLN FA 52 18.96 91.68 28.46
C GLN FA 52 17.77 92.43 29.04
N ASN FA 53 16.79 92.76 28.20
CA ASN FA 53 15.65 93.54 28.67
C ASN FA 53 14.81 92.74 29.66
N GLY FA 54 14.64 91.44 29.41
CA GLY FA 54 13.90 90.61 30.33
C GLY FA 54 14.57 90.49 31.69
N SER FA 55 15.89 90.34 31.71
CA SER FA 55 16.59 90.28 32.97
C SER FA 55 16.50 91.60 33.72
N ALA FA 56 16.61 92.72 32.99
CA ALA FA 56 16.46 94.02 33.64
C ALA FA 56 15.08 94.16 34.28
N ARG FA 57 14.03 93.87 33.51
CA ARG FA 57 12.68 93.99 34.06
C ARG FA 57 12.45 93.00 35.20
N PHE FA 58 12.95 91.78 35.06
CA PHE FA 58 12.75 90.76 36.07
C PHE FA 58 13.45 91.13 37.38
N TRP FA 59 14.66 91.67 37.30
CA TRP FA 59 15.33 92.10 38.52
C TRP FA 59 14.69 93.35 39.10
N GLU FA 60 14.07 94.18 38.25
CA GLU FA 60 13.31 95.31 38.77
C GLU FA 60 12.09 94.84 39.56
N ARG FA 61 11.34 93.88 39.00
CA ARG FA 61 10.13 93.40 39.67
C ARG FA 61 10.45 92.49 40.84
N VAL FA 62 11.44 91.61 40.68
CA VAL FA 62 11.81 90.64 41.72
C VAL FA 62 13.28 90.83 42.07
N PRO FA 63 13.61 91.70 43.01
CA PRO FA 63 15.02 91.92 43.35
C PRO FA 63 15.59 90.82 44.24
N ASN FA 64 14.75 90.23 45.08
CA ASN FA 64 15.18 89.16 45.98
C ASN FA 64 15.15 87.83 45.23
N THR FA 65 16.17 87.63 44.40
CA THR FA 65 16.30 86.44 43.58
C THR FA 65 17.76 86.03 43.55
N PRO FA 66 18.05 84.74 43.37
CA PRO FA 66 19.46 84.32 43.33
C PRO FA 66 20.27 84.97 42.24
N SER FA 67 19.66 85.34 41.12
CA SER FA 67 20.40 86.03 40.07
C SER FA 67 20.87 87.40 40.55
N ASN FA 68 20.02 88.11 41.29
CA ASN FA 68 20.33 89.43 41.79
C ASN FA 68 20.89 89.40 43.20
N SER FA 69 21.63 88.35 43.56
CA SER FA 69 22.21 88.20 44.88
C SER FA 69 23.68 88.59 44.94
N GLY FA 70 24.20 89.22 43.88
CA GLY FA 70 25.59 89.65 43.88
C GLY FA 70 26.58 88.60 43.48
N ASN FA 71 26.14 87.45 42.96
CA ASN FA 71 27.03 86.38 42.51
C ASN FA 71 27.07 86.39 40.99
N GLU FA 72 28.27 86.54 40.43
CA GLU FA 72 28.39 86.63 38.98
C GLU FA 72 27.98 85.33 38.29
N ARG FA 73 28.40 84.19 38.84
CA ARG FA 73 28.10 82.91 38.20
C ARG FA 73 26.61 82.64 38.20
N LYS FA 74 25.92 82.97 39.30
CA LYS FA 74 24.47 82.78 39.33
C LYS FA 74 23.77 83.64 38.29
N THR FA 75 24.21 84.90 38.15
CA THR FA 75 23.62 85.76 37.13
C THR FA 75 23.85 85.20 35.74
N ALA FA 76 25.08 84.76 35.46
CA ALA FA 76 25.38 84.21 34.15
C ALA FA 76 24.55 82.96 33.87
N SER FA 77 24.37 82.12 34.89
CA SER FA 77 23.55 80.92 34.72
C SER FA 77 22.10 81.28 34.44
N CYS FA 78 21.57 82.30 35.13
CA CYS FA 78 20.21 82.73 34.85
C CYS FA 78 20.06 83.27 33.43
N GLN FA 79 21.03 84.07 32.98
CA GLN FA 79 20.98 84.57 31.61
C GLN FA 79 21.03 83.42 30.60
N ARG FA 80 21.89 82.43 30.86
CA ARG FA 80 21.98 81.28 29.98
C ARG FA 80 20.68 80.50 29.97
N ASP FA 81 20.02 80.36 31.13
CA ASP FA 81 18.74 79.68 31.19
C ASP FA 81 17.70 80.42 30.36
N GLN FA 82 17.68 81.75 30.45
CA GLN FA 82 16.75 82.53 29.65
C GLN FA 82 16.99 82.32 28.17
N GLY FA 83 18.26 82.37 27.75
CA GLY FA 83 18.58 82.12 26.36
C GLY FA 83 18.19 80.73 25.91
N TRP FA 84 18.42 79.73 26.76
CA TRP FA 84 18.06 78.37 26.43
C TRP FA 84 16.56 78.21 26.26
N TYR FA 85 15.77 78.86 27.12
CA TYR FA 85 14.33 78.75 26.98
C TYR FA 85 13.80 79.49 25.75
N ILE FA 86 14.42 80.61 25.40
CA ILE FA 86 14.08 81.25 24.13
C ILE FA 86 14.40 80.32 22.97
N ARG FA 87 15.54 79.63 23.03
CA ARG FA 87 15.90 78.68 21.98
C ARG FA 87 14.89 77.54 21.89
N LEU FA 88 14.46 77.02 23.05
CA LEU FA 88 13.47 75.95 23.06
C LEU FA 88 12.14 76.42 22.48
N ILE FA 89 11.76 77.67 22.76
CA ILE FA 89 10.53 78.21 22.19
C ILE FA 89 10.65 78.38 20.70
N ALA FA 90 11.84 78.76 20.21
CA ALA FA 90 12.05 78.81 18.77
C ALA FA 90 11.92 77.42 18.15
N TYR FA 91 12.48 76.41 18.81
CA TYR FA 91 12.30 75.03 18.37
C TYR FA 91 10.82 74.68 18.28
N SER FA 92 10.06 75.04 19.31
CA SER FA 92 8.64 74.72 19.35
C SER FA 92 7.88 75.41 18.22
N VAL FA 93 8.25 76.66 17.93
CA VAL FA 93 7.64 77.35 16.80
C VAL FA 93 7.95 76.62 15.51
N LEU FA 94 9.20 76.17 15.35
CA LEU FA 94 9.58 75.43 14.15
C LEU FA 94 8.77 74.15 14.00
N ALA FA 95 8.58 73.42 15.10
CA ALA FA 95 7.91 72.13 15.04
C ALA FA 95 6.39 72.24 15.05
N GLY FA 96 5.84 73.41 15.29
CA GLY FA 96 4.40 73.56 15.32
C GLY FA 96 3.73 73.00 16.55
N SER FA 97 4.48 72.69 17.59
CA SER FA 97 3.92 72.12 18.80
C SER FA 97 4.89 72.38 19.94
N GLU FA 98 4.38 72.27 21.16
CA GLU FA 98 5.20 72.44 22.36
C GLU FA 98 6.09 71.24 22.64
N LYS FA 99 6.06 70.23 21.77
CA LYS FA 99 6.78 68.98 22.05
C LYS FA 99 8.28 69.17 22.23
N PRO FA 100 9.01 69.91 21.37
CA PRO FA 100 10.44 70.08 21.62
C PRO FA 100 10.73 70.77 22.94
N LEU FA 101 10.00 71.83 23.24
CA LEU FA 101 10.17 72.53 24.50
C LEU FA 101 9.85 71.63 25.69
N GLU FA 102 8.77 70.85 25.57
CA GLU FA 102 8.40 69.94 26.65
C GLU FA 102 9.47 68.89 26.88
N GLU FA 103 10.01 68.32 25.81
CA GLU FA 103 10.96 67.23 25.95
C GLU FA 103 12.33 67.71 26.37
N ILE FA 104 12.69 68.95 26.06
CA ILE FA 104 14.02 69.42 26.39
C ILE FA 104 14.05 70.18 27.72
N GLY FA 105 13.06 71.01 28.00
CA GLY FA 105 13.14 71.84 29.19
C GLY FA 105 11.89 71.94 30.04
N THR FA 106 11.02 70.96 29.97
CA THR FA 106 9.81 71.02 30.78
C THR FA 106 9.58 69.77 31.62
N ILE FA 107 9.89 68.59 31.09
CA ILE FA 107 9.75 67.37 31.88
C ILE FA 107 10.78 67.40 32.98
N GLY FA 108 10.32 67.36 34.23
CA GLY FA 108 11.22 67.42 35.37
C GLY FA 108 11.81 68.79 35.63
N ILE FA 109 11.17 69.85 35.13
CA ILE FA 109 11.71 71.19 35.35
C ILE FA 109 11.60 71.57 36.82
N LYS FA 110 10.48 71.23 37.47
CA LYS FA 110 10.30 71.58 38.86
C LYS FA 110 11.32 70.87 39.75
N GLU FA 111 11.56 69.59 39.48
CA GLU FA 111 12.54 68.85 40.28
C GLU FA 111 13.94 69.42 40.09
N MET FA 112 14.30 69.74 38.85
CA MET FA 112 15.62 70.30 38.59
C MET FA 112 15.81 71.64 39.30
N TYR FA 113 14.81 72.51 39.21
CA TYR FA 113 14.96 73.82 39.82
C TYR FA 113 14.80 73.80 41.33
N ASN FA 114 14.12 72.78 41.88
CA ASN FA 114 14.11 72.61 43.32
C ASN FA 114 15.44 72.07 43.83
N ASN FA 115 16.09 71.22 43.04
CA ASN FA 115 17.43 70.77 43.38
C ASN FA 115 18.42 71.93 43.36
N LEU FA 116 18.21 72.90 42.48
CA LEU FA 116 19.09 74.07 42.40
C LEU FA 116 18.69 75.16 43.39
N GLU FA 117 17.63 74.97 44.16
CA GLU FA 117 17.16 75.95 45.13
C GLU FA 117 16.80 77.28 44.46
N ILE FA 118 16.26 77.20 43.26
CA ILE FA 118 15.79 78.38 42.53
C ILE FA 118 14.27 78.43 42.68
N PRO FA 119 13.72 79.48 43.29
CA PRO FA 119 12.27 79.54 43.46
C PRO FA 119 11.56 79.53 42.12
N LEU FA 120 10.46 78.79 42.04
CA LEU FA 120 9.77 78.63 40.77
C LEU FA 120 8.99 79.87 40.38
N ARG FA 121 8.47 80.61 41.35
CA ARG FA 121 7.76 81.84 41.04
C ARG FA 121 8.67 82.86 40.40
N ASN FA 122 9.94 82.90 40.82
CA ASN FA 122 10.90 83.80 40.19
C ASN FA 122 11.09 83.45 38.73
N ILE FA 123 11.21 82.16 38.42
CA ILE FA 123 11.36 81.75 37.02
C ILE FA 123 10.08 82.06 36.24
N VAL FA 124 8.92 81.93 36.87
CA VAL FA 124 7.67 82.29 36.20
C VAL FA 124 7.67 83.77 35.84
N GLU FA 125 8.08 84.63 36.78
CA GLU FA 125 8.13 86.06 36.51
C GLU FA 125 9.15 86.38 35.42
N CYS FA 126 10.30 85.71 35.45
CA CYS FA 126 11.30 85.95 34.41
C CYS FA 126 10.78 85.53 33.04
N MET FA 127 10.08 84.40 32.97
CA MET FA 127 9.49 83.98 31.70
C MET FA 127 8.43 84.95 31.24
N ARG FA 128 7.67 85.52 32.18
CA ARG FA 128 6.67 86.52 31.81
C ARG FA 128 7.33 87.75 31.22
N CYS FA 129 8.44 88.21 31.82
CA CYS FA 129 9.16 89.35 31.25
C CYS FA 129 9.73 89.03 29.88
N LEU FA 130 10.29 87.83 29.73
CA LEU FA 130 10.83 87.43 28.43
C LEU FA 130 9.74 87.39 27.37
N LYS FA 131 8.56 86.88 27.73
CA LYS FA 131 7.43 86.91 26.81
C LYS FA 131 7.04 88.34 26.46
N GLU FA 132 7.06 89.22 27.45
CA GLU FA 132 6.68 90.62 27.20
C GLU FA 132 7.61 91.25 26.17
N GLU FA 133 8.91 90.98 26.27
CA GLU FA 133 9.84 91.55 25.29
C GLU FA 133 9.78 90.81 23.96
N ALA FA 134 9.56 89.51 23.97
CA ALA FA 134 9.47 88.77 22.72
C ALA FA 134 8.23 89.14 21.91
N LEU FA 135 7.16 89.56 22.59
CA LEU FA 135 5.93 89.96 21.91
C LEU FA 135 6.01 91.37 21.33
N SER FA 136 7.04 92.13 21.69
CA SER FA 136 7.20 93.49 21.18
C SER FA 136 8.21 93.54 20.03
N LEU FA 137 8.64 92.40 19.52
CA LEU FA 137 9.58 92.34 18.41
C LEU FA 137 9.02 91.68 17.17
N MET FA 138 7.78 91.18 17.22
CA MET FA 138 7.18 90.50 16.08
C MET FA 138 5.75 90.98 15.91
N SER FA 139 5.14 90.58 14.80
CA SER FA 139 3.79 90.99 14.48
C SER FA 139 2.79 90.37 15.43
N GLU FA 140 1.55 90.84 15.35
CA GLU FA 140 0.48 90.32 16.20
C GLU FA 140 0.20 88.85 15.89
N GLU FA 141 0.10 88.50 14.61
CA GLU FA 141 -0.21 87.14 14.23
C GLU FA 141 0.92 86.18 14.57
N ASP FA 142 2.17 86.64 14.44
CA ASP FA 142 3.30 85.80 14.79
C ASP FA 142 3.43 85.58 16.29
N ALA FA 143 2.86 86.47 17.09
CA ALA FA 143 3.02 86.41 18.54
C ALA FA 143 2.22 85.31 19.19
N LEU FA 144 1.25 84.72 18.48
CA LEU FA 144 0.36 83.74 19.10
C LEU FA 144 1.14 82.51 19.58
N GLU FA 145 1.94 81.93 18.69
CA GLU FA 145 2.71 80.74 19.05
C GLU FA 145 3.72 81.03 20.16
N VAL FA 146 4.44 82.14 20.04
CA VAL FA 146 5.48 82.47 21.01
C VAL FA 146 4.87 82.70 22.39
N SER FA 147 3.78 83.48 22.43
CA SER FA 147 3.12 83.73 23.70
C SER FA 147 2.55 82.45 24.29
N ALA FA 148 1.98 81.59 23.45
CA ALA FA 148 1.42 80.34 23.96
C ALA FA 148 2.51 79.45 24.54
N TYR FA 149 3.68 79.39 23.91
CA TYR FA 149 4.74 78.55 24.43
C TYR FA 149 5.36 79.13 25.70
N PHE FA 150 5.46 80.46 25.78
CA PHE FA 150 5.88 81.07 27.02
C PHE FA 150 4.90 80.76 28.15
N ASP FA 151 3.60 80.84 27.86
CA ASP FA 151 2.59 80.47 28.84
C ASP FA 151 2.71 78.99 29.20
N TYR FA 152 3.07 78.15 28.24
CA TYR FA 152 3.25 76.74 28.52
C TYR FA 152 4.39 76.52 29.51
N VAL FA 153 5.50 77.22 29.32
CA VAL FA 153 6.61 77.12 30.27
C VAL FA 153 6.18 77.58 31.65
N MET FA 154 5.51 78.74 31.70
CA MET FA 154 5.08 79.28 32.98
C MET FA 154 4.10 78.34 33.68
N ARG FA 155 3.22 77.70 32.91
CA ARG FA 155 2.28 76.76 33.47
C ARG FA 155 2.96 75.50 33.97
N SER FA 156 3.99 75.03 33.27
CA SER FA 156 4.73 73.87 33.74
C SER FA 156 5.48 74.17 35.03
N LEU FA 157 5.99 75.39 35.18
CA LEU FA 157 6.62 75.78 36.43
C LEU FA 157 5.63 76.02 37.55
N SER FA 158 4.38 76.34 37.23
CA SER FA 158 3.38 76.67 38.24
C SER FA 158 2.51 75.46 38.55
N MET GA 1 9.12 58.45 18.81
CA MET GA 1 9.65 58.68 17.47
C MET GA 1 9.95 60.15 17.25
N GLN GA 2 10.85 60.43 16.31
CA GLN GA 2 11.13 61.79 15.87
C GLN GA 2 10.97 61.85 14.37
N ASP GA 3 10.49 62.98 13.87
CA ASP GA 3 10.34 63.22 12.46
C ASP GA 3 11.49 64.10 11.98
N ALA GA 4 11.41 64.58 10.73
CA ALA GA 4 12.52 65.35 10.18
C ALA GA 4 12.75 66.64 10.95
N ILE GA 5 11.67 67.35 11.29
CA ILE GA 5 11.82 68.59 12.07
C ILE GA 5 12.45 68.29 13.42
N THR GA 6 11.97 67.27 14.11
CA THR GA 6 12.52 66.93 15.41
C THR GA 6 13.95 66.41 15.29
N ALA GA 7 14.28 65.73 14.20
CA ALA GA 7 15.66 65.30 13.98
C ALA GA 7 16.59 66.50 13.85
N LEU GA 8 16.18 67.50 13.07
CA LEU GA 8 17.00 68.71 12.95
C LEU GA 8 17.10 69.45 14.27
N ILE GA 9 15.99 69.51 15.01
CA ILE GA 9 16.00 70.19 16.30
C ILE GA 9 16.94 69.49 17.27
N ASN GA 10 16.92 68.16 17.28
CA ASN GA 10 17.82 67.40 18.16
C ASN GA 10 19.27 67.58 17.73
N SER GA 11 19.53 67.61 16.42
CA SER GA 11 20.89 67.84 15.95
C SER GA 11 21.41 69.19 16.38
N SER GA 12 20.57 70.22 16.34
CA SER GA 12 20.99 71.54 16.79
C SER GA 12 21.07 71.63 18.30
N ASP GA 13 20.26 70.85 19.02
CA ASP GA 13 20.15 70.99 20.45
C ASP GA 13 21.34 70.39 21.20
N VAL GA 14 21.92 69.31 20.67
CA VAL GA 14 23.08 68.71 21.33
C VAL GA 14 24.25 69.68 21.34
N GLN GA 15 24.27 70.62 20.41
CA GLN GA 15 25.28 71.68 20.42
C GLN GA 15 24.80 72.94 21.13
N GLY GA 16 23.55 72.97 21.57
CA GLY GA 16 23.01 74.13 22.26
C GLY GA 16 22.95 75.38 21.40
N ARG GA 17 22.62 75.23 20.12
CA ARG GA 17 22.59 76.35 19.20
C ARG GA 17 21.34 76.29 18.35
N TYR GA 18 20.92 77.46 17.86
CA TYR GA 18 19.78 77.53 16.96
C TYR GA 18 20.10 76.81 15.65
N LEU GA 19 19.05 76.59 14.85
CA LEU GA 19 19.23 75.90 13.59
C LEU GA 19 20.08 76.74 12.64
N ASP GA 20 21.19 76.17 12.18
CA ASP GA 20 22.07 76.85 11.25
C ASP GA 20 21.41 76.90 9.86
N PRO GA 21 21.92 77.75 8.96
CA PRO GA 21 21.25 77.90 7.66
C PRO GA 21 21.09 76.61 6.88
N SER GA 22 22.04 75.68 6.94
CA SER GA 22 21.87 74.42 6.24
C SER GA 22 20.72 73.61 6.81
N SER GA 23 20.58 73.60 8.14
CA SER GA 23 19.45 72.92 8.76
C SER GA 23 18.14 73.58 8.37
N LEU GA 24 18.14 74.91 8.26
CA LEU GA 24 16.94 75.61 7.83
C LEU GA 24 16.59 75.27 6.39
N ASP GA 25 17.59 75.09 5.53
CA ASP GA 25 17.33 74.67 4.16
C ASP GA 25 16.77 73.25 4.12
N LYS GA 26 17.30 72.36 4.94
CA LYS GA 26 16.74 71.01 5.03
C LYS GA 26 15.29 71.05 5.52
N LEU GA 27 15.02 71.89 6.50
CA LEU GA 27 13.66 72.06 7.00
C LEU GA 27 12.73 72.57 5.91
N GLN GA 28 13.19 73.54 5.13
CA GLN GA 28 12.36 74.07 4.05
C GLN GA 28 12.13 73.01 2.98
N ASN GA 29 13.14 72.18 2.71
CA ASN GA 29 12.95 71.09 1.78
C ASN GA 29 11.90 70.11 2.26
N TYR GA 30 11.92 69.78 3.55
CA TYR GA 30 10.89 68.90 4.10
C TYR GA 30 9.51 69.53 4.00
N PHE GA 31 9.42 70.82 4.32
CA PHE GA 31 8.13 71.51 4.24
C PHE GA 31 7.61 71.52 2.81
N GLN GA 32 8.50 71.72 1.84
CA GLN GA 32 8.09 71.72 0.44
C GLN GA 32 7.67 70.33 -0.01
N SER GA 33 8.31 69.29 0.51
CA SER GA 33 7.97 67.92 0.12
C SER GA 33 6.75 67.36 0.84
N GLY GA 34 6.28 68.05 1.89
CA GLY GA 34 5.13 67.55 2.63
C GLY GA 34 3.90 67.29 1.78
N ASP GA 35 3.71 68.08 0.72
CA ASP GA 35 2.52 67.92 -0.12
C ASP GA 35 2.53 66.57 -0.84
N MET GA 36 3.63 66.25 -1.52
CA MET GA 36 3.72 64.95 -2.18
C MET GA 36 3.77 63.83 -1.16
N ARG GA 37 4.30 64.07 0.04
CA ARG GA 37 4.27 63.05 1.07
C ARG GA 37 2.83 62.72 1.47
N ALA GA 38 2.01 63.75 1.64
CA ALA GA 38 0.60 63.52 1.96
C ALA GA 38 -0.12 62.81 0.81
N LYS GA 39 0.20 63.19 -0.43
CA LYS GA 39 -0.40 62.52 -1.57
C LYS GA 39 -0.05 61.03 -1.59
N THR GA 40 1.22 60.71 -1.37
CA THR GA 40 1.64 59.31 -1.32
C THR GA 40 0.96 58.56 -0.18
N ALA GA 41 0.84 59.20 0.99
CA ALA GA 41 0.17 58.55 2.10
C ALA GA 41 -1.28 58.26 1.78
N ILE GA 42 -1.96 59.20 1.11
CA ILE GA 42 -3.34 58.97 0.71
C ILE GA 42 -3.45 57.79 -0.24
N ALA GA 43 -2.57 57.74 -1.24
CA ALA GA 43 -2.62 56.64 -2.20
C ALA GA 43 -2.36 55.29 -1.53
N VAL GA 44 -1.36 55.23 -0.66
CA VAL GA 44 -1.05 53.97 0.00
C VAL GA 44 -2.17 53.56 0.94
N SER GA 45 -2.75 54.51 1.67
CA SER GA 45 -3.87 54.19 2.54
C SER GA 45 -5.05 53.65 1.75
N ALA GA 46 -5.30 54.22 0.58
CA ALA GA 46 -6.39 53.74 -0.26
C ALA GA 46 -6.11 52.38 -0.89
N ASN GA 47 -4.84 52.02 -1.12
CA ASN GA 47 -4.57 50.79 -1.85
C ASN GA 47 -3.75 49.79 -1.05
N ALA GA 48 -3.80 49.87 0.28
CA ALA GA 48 -2.97 49.00 1.12
C ALA GA 48 -3.22 47.51 0.87
N LYS GA 49 -4.49 47.09 0.85
CA LYS GA 49 -4.79 45.67 0.67
C LYS GA 49 -4.34 45.18 -0.70
N ASN GA 50 -4.57 45.98 -1.74
CA ASN GA 50 -4.10 45.62 -3.07
C ASN GA 50 -2.58 45.52 -3.11
N ILE GA 51 -1.90 46.44 -2.43
CA ILE GA 51 -0.44 46.44 -2.42
C ILE GA 51 0.07 45.16 -1.79
N VAL GA 52 -0.51 44.75 -0.66
CA VAL GA 52 -0.05 43.55 0.00
C VAL GA 52 -0.39 42.30 -0.81
N THR GA 53 -1.56 42.29 -1.45
CA THR GA 53 -1.92 41.16 -2.29
C THR GA 53 -0.94 41.01 -3.45
N LYS GA 54 -0.60 42.12 -4.11
CA LYS GA 54 0.35 42.07 -5.21
C LYS GA 54 1.73 41.67 -4.72
N THR GA 55 2.13 42.15 -3.54
CA THR GA 55 3.41 41.78 -2.97
C THR GA 55 3.50 40.27 -2.74
N VAL GA 56 2.45 39.69 -2.17
CA VAL GA 56 2.46 38.25 -1.92
C VAL GA 56 2.45 37.48 -3.23
N ALA GA 57 1.64 37.92 -4.20
CA ALA GA 57 1.59 37.23 -5.49
C ALA GA 57 2.92 37.33 -6.22
N LYS GA 58 3.68 38.38 -5.97
CA LYS GA 58 4.95 38.61 -6.66
C LYS GA 58 6.12 37.94 -5.97
N SER GA 59 6.05 37.74 -4.66
CA SER GA 59 7.22 37.29 -3.91
C SER GA 59 7.07 35.94 -3.25
N LEU GA 60 5.87 35.56 -2.80
CA LEU GA 60 5.72 34.39 -1.96
C LEU GA 60 4.85 33.29 -2.54
N LEU GA 61 3.98 33.59 -3.50
CA LEU GA 61 3.06 32.59 -4.01
C LEU GA 61 3.79 31.57 -4.87
N TYR GA 62 3.35 30.32 -4.78
CA TYR GA 62 3.82 29.21 -5.60
C TYR GA 62 5.29 28.90 -5.37
N THR GA 63 5.85 29.37 -4.27
CA THR GA 63 7.17 28.97 -3.83
C THR GA 63 7.01 27.90 -2.75
N ASP GA 64 8.12 27.49 -2.14
CA ASP GA 64 8.02 26.53 -1.07
C ASP GA 64 7.52 27.14 0.23
N ILE GA 65 7.43 28.47 0.31
CA ILE GA 65 6.93 29.10 1.52
C ILE GA 65 5.49 28.69 1.79
N THR GA 66 4.69 28.59 0.74
CA THR GA 66 3.28 28.28 0.89
C THR GA 66 2.99 26.78 0.88
N ALA GA 67 3.97 25.94 0.55
CA ALA GA 67 3.79 24.51 0.57
C ALA GA 67 3.81 24.00 2.01
N PRO GA 68 3.29 22.79 2.25
CA PRO GA 68 3.44 22.20 3.59
C PRO GA 68 4.90 22.08 3.97
N GLY GA 69 5.19 22.41 5.23
CA GLY GA 69 6.55 22.54 5.68
C GLY GA 69 7.14 23.92 5.49
N GLY GA 70 6.53 24.75 4.67
CA GLY GA 70 6.94 26.14 4.52
C GLY GA 70 6.40 26.96 5.66
N MEN GA 71 6.81 28.22 5.74
CA MEN GA 71 6.43 29.05 6.88
C MEN GA 71 5.09 29.75 6.66
O MEN GA 71 4.58 30.40 7.56
CB MEN GA 71 7.51 30.07 7.18
CG MEN GA 71 7.41 30.64 8.56
OD1 MEN GA 71 7.40 31.85 8.79
ND2 MEN GA 71 7.34 29.75 9.55
CE2 MEN GA 71 7.23 30.16 10.93
N MET GA 72 4.53 29.61 5.47
CA MET GA 72 3.22 30.17 5.20
C MET GA 72 2.20 29.07 5.06
N TYR GA 73 2.61 27.86 5.42
CA TYR GA 73 1.71 26.72 5.46
C TYR GA 73 0.70 26.90 6.59
N THR GA 74 -0.51 26.39 6.36
CA THR GA 74 -1.73 26.62 7.14
C THR GA 74 -2.20 28.06 6.99
N CYS GA 75 -3.51 28.28 7.12
CA CYS GA 75 -4.06 29.61 6.89
C CYS GA 75 -3.63 30.60 7.96
N ARG GA 76 -3.38 30.10 9.18
CA ARG GA 76 -2.97 30.98 10.26
C ARG GA 76 -1.63 31.63 9.97
N ARG GA 77 -0.66 30.85 9.47
CA ARG GA 77 0.64 31.42 9.14
C ARG GA 77 0.57 32.33 7.92
N TYR GA 78 -0.26 31.98 6.93
CA TYR GA 78 -0.46 32.85 5.80
C TYR GA 78 -1.00 34.21 6.24
N ALA GA 79 -2.02 34.19 7.10
CA ALA GA 79 -2.58 35.44 7.60
C ALA GA 79 -1.59 36.19 8.47
N ALA GA 80 -0.74 35.48 9.21
CA ALA GA 80 0.29 36.15 10.00
C ALA GA 80 1.30 36.87 9.12
N CYS GA 81 1.72 36.23 8.03
CA CYS GA 81 2.63 36.90 7.10
C CYS GA 81 1.97 38.10 6.45
N VAL GA 82 0.69 37.96 6.07
CA VAL GA 82 -0.03 39.09 5.49
C VAL GA 82 -0.12 40.24 6.50
N ARG GA 83 -0.34 39.91 7.77
CA ARG GA 83 -0.40 40.94 8.80
C ARG GA 83 0.95 41.64 8.97
N ASP GA 84 2.04 40.87 8.91
CA ASP GA 84 3.36 41.47 9.00
C ASP GA 84 3.62 42.41 7.83
N LEU GA 85 3.21 42.02 6.63
CA LEU GA 85 3.35 42.90 5.48
C LEU GA 85 2.49 44.15 5.63
N ASP GA 86 1.30 44.01 6.20
CA ASP GA 86 0.47 45.17 6.50
C ASP GA 86 1.18 46.13 7.43
N TYR GA 87 1.81 45.58 8.47
CA TYR GA 87 2.57 46.41 9.41
C TYR GA 87 3.71 47.13 8.68
N PHE GA 88 4.44 46.41 7.84
CA PHE GA 88 5.56 47.01 7.14
C PHE GA 88 5.09 48.16 6.26
N LEU GA 89 4.00 47.95 5.52
CA LEU GA 89 3.49 49.00 4.65
C LEU GA 89 3.01 50.21 5.44
N ARG GA 90 2.27 49.97 6.53
CA ARG GA 90 1.73 51.08 7.30
C ARG GA 90 2.85 51.90 7.93
N TYR GA 91 3.87 51.25 8.47
CA TYR GA 91 4.92 52.02 9.12
C TYR GA 91 5.89 52.62 8.12
N ALA GA 92 6.02 52.04 6.93
CA ALA GA 92 6.73 52.75 5.86
C ALA GA 92 5.99 54.02 5.47
N THR GA 93 4.66 53.96 5.43
CA THR GA 93 3.89 55.17 5.19
C THR GA 93 4.10 56.19 6.31
N TYR GA 94 4.10 55.74 7.56
CA TYR GA 94 4.36 56.63 8.68
C TYR GA 94 5.71 57.31 8.54
N ALA GA 95 6.74 56.53 8.22
CA ALA GA 95 8.08 57.08 8.10
C ALA GA 95 8.19 58.03 6.91
N MET GA 96 7.50 57.72 5.81
CA MET GA 96 7.51 58.62 4.67
C MET GA 96 6.85 59.94 5.02
N LEU GA 97 5.74 59.91 5.75
CA LEU GA 97 5.11 61.13 6.21
C LEU GA 97 6.03 61.90 7.14
N ALA GA 98 6.69 61.20 8.07
CA ALA GA 98 7.54 61.84 9.06
C ALA GA 98 8.87 62.32 8.48
N GLY GA 99 9.28 61.79 7.33
CA GLY GA 99 10.53 62.19 6.73
C GLY GA 99 11.77 61.51 7.27
N ASP GA 100 11.63 60.52 8.15
CA ASP GA 100 12.80 59.80 8.65
C ASP GA 100 12.37 58.44 9.15
N THR GA 101 13.36 57.58 9.38
CA THR GA 101 13.15 56.17 9.64
C THR GA 101 13.14 55.82 11.12
N SER GA 102 12.99 56.81 12.01
CA SER GA 102 13.05 56.53 13.44
C SER GA 102 11.91 55.63 13.88
N ILE GA 103 10.70 55.85 13.34
CA ILE GA 103 9.56 55.05 13.74
C ILE GA 103 9.76 53.59 13.36
N LEU GA 104 10.39 53.34 12.21
CA LEU GA 104 10.64 51.97 11.78
C LEU GA 104 11.58 51.26 12.74
N ASP GA 105 12.65 51.93 13.15
CA ASP GA 105 13.58 51.33 14.09
C ASP GA 105 12.92 51.09 15.44
N GLU GA 106 12.12 52.04 15.90
CA GLU GA 106 11.58 51.96 17.25
C GLU GA 106 10.45 50.94 17.36
N ARG GA 107 9.55 50.88 16.39
CA ARG GA 107 8.38 50.03 16.51
C ARG GA 107 8.52 48.69 15.83
N ILE GA 108 9.43 48.53 14.88
CA ILE GA 108 9.51 47.29 14.11
C ILE GA 108 10.85 46.63 14.25
N LEU GA 109 11.91 47.32 13.81
CA LEU GA 109 13.18 46.65 13.56
C LEU GA 109 13.93 46.27 14.83
N ASN GA 110 13.55 46.81 15.99
CA ASN GA 110 14.26 46.53 17.23
C ASN GA 110 13.87 45.14 17.70
N GLY GA 111 14.71 44.16 17.38
CA GLY GA 111 14.46 42.79 17.79
C GLY GA 111 13.59 41.99 16.85
N LEU GA 112 13.21 42.53 15.70
CA LEU GA 112 12.41 41.75 14.74
C LEU GA 112 13.22 40.59 14.19
N ARG GA 113 14.51 40.78 13.93
CA ARG GA 113 15.34 39.69 13.44
C ARG GA 113 15.41 38.57 14.47
N GLU GA 114 15.57 38.93 15.75
CA GLU GA 114 15.62 37.91 16.80
C GLU GA 114 14.32 37.15 16.91
N THR GA 115 13.19 37.87 16.83
CA THR GA 115 11.89 37.21 16.88
C THR GA 115 11.71 36.27 15.70
N TYR GA 116 12.08 36.72 14.50
CA TYR GA 116 11.95 35.89 13.32
C TYR GA 116 12.84 34.65 13.42
N ASN GA 117 14.06 34.82 13.92
CA ASN GA 117 14.94 33.67 14.09
C ASN GA 117 14.36 32.68 15.09
N SER GA 118 13.78 33.18 16.19
CA SER GA 118 13.18 32.28 17.16
C SER GA 118 12.00 31.54 16.59
N LEU GA 119 11.17 32.21 15.78
CA LEU GA 119 9.98 31.58 15.24
C LEU GA 119 10.25 30.78 13.97
N GLY GA 120 11.44 30.86 13.41
CA GLY GA 120 11.72 30.17 12.17
C GLY GA 120 11.23 30.89 10.93
N VAL GA 121 10.90 32.16 11.02
CA VAL GA 121 10.49 32.93 9.84
C VAL GA 121 11.70 33.20 8.97
N PRO GA 122 11.67 32.87 7.68
CA PRO GA 122 12.85 33.09 6.82
C PRO GA 122 13.09 34.58 6.60
N ILE GA 123 14.29 35.03 6.93
CA ILE GA 123 14.65 36.43 6.76
C ILE GA 123 14.79 36.78 5.28
N GLY GA 124 15.41 35.88 4.51
CA GLY GA 124 15.59 36.16 3.10
C GLY GA 124 14.27 36.30 2.36
N ALA GA 125 13.30 35.44 2.68
CA ALA GA 125 12.00 35.50 2.03
C ALA GA 125 11.28 36.80 2.36
N THR GA 126 11.35 37.25 3.60
CA THR GA 126 10.65 38.49 3.95
C THR GA 126 11.39 39.71 3.41
N ILE GA 127 12.71 39.65 3.27
CA ILE GA 127 13.42 40.72 2.58
C ILE GA 127 12.99 40.79 1.13
N ARG GA 128 12.86 39.63 0.47
CA ARG GA 128 12.35 39.59 -0.89
C ARG GA 128 10.95 40.16 -0.97
N SER GA 129 10.11 39.85 0.01
CA SER GA 129 8.75 40.39 0.04
C SER GA 129 8.76 41.91 0.19
N VAL GA 130 9.64 42.43 1.04
CA VAL GA 130 9.72 43.88 1.23
C VAL GA 130 10.17 44.57 -0.05
N GLN GA 131 11.13 43.96 -0.75
CA GLN GA 131 11.57 44.54 -2.02
C GLN GA 131 10.48 44.48 -3.08
N ALA GA 132 9.71 43.39 -3.12
CA ALA GA 132 8.57 43.31 -4.02
C ALA GA 132 7.52 44.37 -3.67
N MET GA 133 7.32 44.62 -2.38
CA MET GA 133 6.40 45.67 -1.96
C MET GA 133 6.89 47.03 -2.40
N LYS GA 134 8.20 47.26 -2.35
CA LYS GA 134 8.75 48.50 -2.85
C LYS GA 134 8.46 48.67 -4.33
N GLU GA 135 8.65 47.61 -5.11
CA GLU GA 135 8.33 47.66 -6.53
C GLU GA 135 6.85 47.93 -6.77
N VAL GA 136 5.98 47.29 -5.99
CA VAL GA 136 4.53 47.47 -6.16
C VAL GA 136 4.14 48.91 -5.85
N VAL GA 137 4.67 49.46 -4.76
CA VAL GA 137 4.34 50.84 -4.40
C VAL GA 137 4.86 51.80 -5.45
N THR GA 138 6.05 51.54 -5.98
CA THR GA 138 6.58 52.39 -7.05
C THR GA 138 5.69 52.34 -8.27
N SER GA 139 5.18 51.15 -8.61
CA SER GA 139 4.26 51.04 -9.73
C SER GA 139 2.97 51.78 -9.47
N LEU GA 140 2.53 51.84 -8.21
CA LEU GA 140 1.24 52.46 -7.91
C LEU GA 140 1.33 53.98 -7.86
N VAL GA 141 2.28 54.52 -7.10
CA VAL GA 141 2.31 55.95 -6.81
C VAL GA 141 3.24 56.73 -7.71
N GLY GA 142 3.97 56.06 -8.60
CA GLY GA 142 4.84 56.75 -9.53
C GLY GA 142 6.31 56.60 -9.17
N ALA GA 143 7.13 57.34 -9.91
CA ALA GA 143 8.59 57.19 -9.80
C ALA GA 143 9.15 57.92 -8.59
N ASP GA 144 8.86 59.22 -8.45
CA ASP GA 144 9.44 59.99 -7.37
C ASP GA 144 8.90 59.55 -6.01
N ALA GA 145 7.57 59.46 -5.89
CA ALA GA 145 6.98 58.99 -4.64
C ALA GA 145 7.33 57.54 -4.39
N GLY GA 146 7.43 56.74 -5.45
CA GLY GA 146 7.88 55.36 -5.28
C GLY GA 146 9.28 55.28 -4.72
N ARG GA 147 10.18 56.14 -5.17
CA ARG GA 147 11.54 56.19 -4.63
C ARG GA 147 11.53 56.65 -3.19
N GLU GA 148 10.69 57.63 -2.86
CA GLU GA 148 10.59 58.11 -1.49
C GLU GA 148 10.14 56.99 -0.55
N MET GA 149 9.14 56.21 -0.96
CA MET GA 149 8.71 55.08 -0.15
C MET GA 149 9.76 53.97 -0.16
N GLY GA 150 10.49 53.80 -1.26
CA GLY GA 150 11.49 52.77 -1.34
C GLY GA 150 12.67 53.03 -0.43
N VAL GA 151 12.92 54.30 -0.09
CA VAL GA 151 13.93 54.60 0.91
C VAL GA 151 13.63 53.86 2.21
N TYR GA 152 12.39 53.96 2.68
CA TYR GA 152 12.01 53.33 3.94
C TYR GA 152 11.80 51.84 3.80
N PHE GA 153 11.37 51.37 2.63
CA PHE GA 153 11.33 49.93 2.39
C PHE GA 153 12.73 49.32 2.45
N ASP GA 154 13.71 50.01 1.86
CA ASP GA 154 15.09 49.55 1.92
C ASP GA 154 15.62 49.61 3.34
N HIS GA 155 15.20 50.62 4.10
CA HIS GA 155 15.57 50.66 5.52
C HIS GA 155 15.03 49.44 6.26
N ILE GA 156 13.78 49.07 5.99
CA ILE GA 156 13.21 47.89 6.63
C ILE GA 156 14.00 46.64 6.24
N ALA GA 157 14.31 46.51 4.94
CA ALA GA 157 15.03 45.33 4.48
C ALA GA 157 16.42 45.24 5.11
N ALA GA 158 17.11 46.37 5.21
CA ALA GA 158 18.44 46.38 5.82
C ALA GA 158 18.36 46.07 7.31
N GLY GA 159 17.35 46.61 7.99
CA GLY GA 159 17.20 46.32 9.41
C GLY GA 159 16.90 44.86 9.68
N LEU GA 160 16.13 44.22 8.79
CA LEU GA 160 15.87 42.80 8.93
C LEU GA 160 17.14 41.97 8.77
N SER GA 161 17.99 42.35 7.81
CA SER GA 161 19.22 41.63 7.56
C SER GA 161 20.24 41.89 8.66
N SER HA 2 -7.77 17.76 19.95
CA SER HA 2 -8.52 16.54 20.18
C SER HA 2 -9.19 16.56 21.55
N ILE HA 3 -10.03 15.55 21.80
CA ILE HA 3 -10.69 15.46 23.10
C ILE HA 3 -9.71 15.03 24.17
N ILE HA 4 -8.71 14.22 23.82
CA ILE HA 4 -7.66 13.86 24.78
C ILE HA 4 -6.92 15.11 25.24
N THR HA 5 -6.51 15.94 24.27
CA THR HA 5 -5.80 17.17 24.61
C THR HA 5 -6.69 18.11 25.41
N LYS HA 6 -7.96 18.22 25.05
CA LYS HA 6 -8.87 19.09 25.78
C LYS HA 6 -9.04 18.62 27.21
N ALA HA 7 -9.18 17.31 27.42
CA ALA HA 7 -9.31 16.78 28.77
C ALA HA 7 -8.03 17.01 29.58
N ILE HA 8 -6.87 16.81 28.95
CA ILE HA 8 -5.61 17.03 29.67
C ILE HA 8 -5.46 18.49 30.06
N ALA HA 9 -5.83 19.40 29.15
CA ALA HA 9 -5.76 20.83 29.46
C ALA HA 9 -6.72 21.21 30.57
N SER HA 10 -7.93 20.66 30.55
CA SER HA 10 -8.89 20.95 31.60
C SER HA 10 -8.41 20.44 32.95
N ALA HA 11 -7.84 19.24 32.98
CA ALA HA 11 -7.28 18.73 34.23
C ALA HA 11 -6.09 19.57 34.69
N ASP HA 12 -5.24 19.98 33.75
CA ASP HA 12 -4.05 20.74 34.09
C ASP HA 12 -4.41 22.10 34.67
N ARG HA 13 -5.43 22.76 34.12
CA ARG HA 13 -5.84 24.06 34.62
C ARG HA 13 -6.16 24.01 36.10
N GLU HA 14 -6.81 22.94 36.55
CA GLU HA 14 -7.22 22.79 37.93
C GLU HA 14 -6.18 22.08 38.79
N ALA HA 15 -4.98 21.85 38.24
CA ALA HA 15 -3.87 21.25 38.99
C ALA HA 15 -4.25 19.90 39.59
N ARG HA 16 -4.98 19.10 38.82
CA ARG HA 16 -5.48 17.83 39.30
C ARG HA 16 -5.22 16.75 38.26
N TYR HA 17 -5.18 15.51 38.72
CA TYR HA 17 -5.05 14.39 37.82
C TYR HA 17 -6.35 14.22 37.02
N LEU HA 18 -6.28 13.42 35.96
CA LEU HA 18 -7.45 13.18 35.13
C LEU HA 18 -8.50 12.42 35.93
N SER HA 19 -9.70 12.98 35.99
CA SER HA 19 -10.78 12.40 36.77
C SER HA 19 -11.30 11.13 36.11
N PRO HA 20 -11.97 10.26 36.88
CA PRO HA 20 -12.50 9.02 36.28
C PRO HA 20 -13.44 9.24 35.11
N GLY HA 21 -14.25 10.29 35.13
CA GLY HA 21 -15.12 10.56 33.99
C GLY HA 21 -14.35 10.92 32.74
N GLU HA 22 -13.33 11.77 32.88
CA GLU HA 22 -12.49 12.11 31.74
C GLU HA 22 -11.75 10.89 31.21
N LEU HA 23 -11.29 10.03 32.11
CA LEU HA 23 -10.63 8.81 31.70
C LEU HA 23 -11.59 7.89 30.94
N ARG HA 24 -12.85 7.83 31.39
CA ARG HA 24 -13.84 7.03 30.67
C ARG HA 24 -14.08 7.59 29.27
N THR HA 25 -14.17 8.92 29.15
CA THR HA 25 -14.33 9.52 27.83
C THR HA 25 -13.14 9.20 26.92
N ILE HA 26 -11.93 9.32 27.45
CA ILE HA 26 -10.73 9.04 26.67
C ILE HA 26 -10.71 7.57 26.24
N ARG HA 27 -11.10 6.67 27.14
CA ARG HA 27 -11.16 5.26 26.81
C ARG HA 27 -12.17 4.99 25.70
N ASP HA 28 -13.31 5.65 25.76
CA ASP HA 28 -14.32 5.47 24.71
C ASP HA 28 -13.79 5.92 23.36
N PHE HA 29 -13.11 7.07 23.31
CA PHE HA 29 -12.58 7.50 22.02
C PHE HA 29 -11.44 6.62 21.53
N TYR HA 30 -10.61 6.12 22.44
CA TYR HA 30 -9.59 5.16 22.02
C TYR HA 30 -10.21 3.88 21.49
N ASN HA 31 -11.37 3.49 22.03
CA ASN HA 31 -12.08 2.33 21.48
C ASN HA 31 -12.61 2.63 20.08
N GLY HA 32 -13.15 3.82 19.87
CA GLY HA 32 -13.67 4.19 18.56
C GLY HA 32 -12.63 4.57 17.53
N GLY HA 33 -11.35 4.63 17.94
CA GLY HA 33 -10.30 5.03 17.03
C GLY HA 33 -10.19 4.17 15.78
N GLU HA 34 -10.38 2.86 15.91
CA GLU HA 34 -10.25 1.98 14.74
C GLU HA 34 -11.36 2.26 13.73
N ASN HA 35 -12.58 2.46 14.20
CA ASN HA 35 -13.68 2.82 13.29
C ASN HA 35 -13.40 4.14 12.60
N ARG HA 36 -12.91 5.13 13.35
CA ARG HA 36 -12.58 6.41 12.73
C ARG HA 36 -11.47 6.25 11.70
N LEU HA 37 -10.50 5.39 11.98
CA LEU HA 37 -9.42 5.13 11.02
C LEU HA 37 -9.96 4.50 9.75
N ARG HA 38 -10.90 3.55 9.88
CA ARG HA 38 -11.49 2.96 8.69
C ARG HA 38 -12.24 4.00 7.87
N ILE HA 39 -12.99 4.87 8.54
CA ILE HA 39 -13.72 5.91 7.81
C ILE HA 39 -12.77 6.85 7.08
N ALA HA 40 -11.69 7.25 7.75
CA ALA HA 40 -10.73 8.14 7.12
C ALA HA 40 -10.01 7.46 5.96
N THR HA 41 -9.72 6.17 6.08
CA THR HA 41 -9.13 5.45 4.96
C THR HA 41 -10.08 5.43 3.77
N THR HA 42 -11.38 5.22 4.03
CA THR HA 42 -12.35 5.28 2.95
C THR HA 42 -12.36 6.66 2.30
N LEU HA 43 -12.28 7.71 3.11
CA LEU HA 43 -12.24 9.06 2.55
C LEU HA 43 -11.01 9.27 1.68
N ILE HA 44 -9.86 8.77 2.14
CA ILE HA 44 -8.60 9.01 1.43
C ILE HA 44 -8.57 8.22 0.12
N GLU HA 45 -9.01 6.96 0.14
CA GLU HA 45 -8.93 6.14 -1.05
C GLU HA 45 -9.84 6.63 -2.17
N ASN HA 46 -10.95 7.30 -1.82
CA ASN HA 46 -11.92 7.76 -2.79
C ASN HA 46 -11.85 9.26 -3.03
N ARG HA 47 -10.74 9.90 -2.66
CA ARG HA 47 -10.68 11.36 -2.72
C ARG HA 47 -10.63 11.88 -4.16
N LYS HA 48 -10.06 11.09 -5.09
CA LYS HA 48 -9.98 11.55 -6.46
C LYS HA 48 -11.35 11.68 -7.10
N GLU HA 49 -12.18 10.65 -6.94
CA GLU HA 49 -13.55 10.70 -7.46
C GLU HA 49 -14.36 11.78 -6.75
N ILE HA 50 -14.18 11.91 -5.44
CA ILE HA 50 -14.87 12.95 -4.69
C ILE HA 50 -14.56 14.32 -5.27
N VAL HA 51 -13.28 14.61 -5.45
CA VAL HA 51 -12.89 15.93 -5.94
C VAL HA 51 -13.36 16.12 -7.38
N GLU HA 52 -13.27 15.09 -8.21
CA GLU HA 52 -13.70 15.21 -9.60
C GLU HA 52 -15.19 15.54 -9.70
N ARG HA 53 -16.02 14.73 -9.05
CA ARG HA 53 -17.46 14.97 -9.10
C ARG HA 53 -17.83 16.28 -8.45
N GLY HA 54 -17.25 16.59 -7.29
CA GLY HA 54 -17.57 17.81 -6.61
C GLY HA 54 -17.16 19.05 -7.38
N SER HA 55 -15.99 19.01 -8.03
CA SER HA 55 -15.54 20.15 -8.82
C SER HA 55 -16.43 20.34 -10.04
N LEU HA 56 -16.85 19.25 -10.68
CA LEU HA 56 -17.76 19.40 -11.81
C LEU HA 56 -19.08 20.01 -11.36
N LYS HA 57 -19.63 19.54 -10.23
CA LYS HA 57 -20.85 20.11 -9.70
C LYS HA 57 -20.68 21.57 -9.32
N PHE HA 58 -19.52 21.90 -8.73
CA PHE HA 58 -19.27 23.25 -8.27
C PHE HA 58 -19.13 24.22 -9.42
N TRP HA 59 -18.50 23.79 -10.52
CA TRP HA 59 -18.43 24.67 -11.68
C TRP HA 59 -19.77 24.75 -12.40
N GLU HA 60 -20.61 23.72 -12.26
CA GLU HA 60 -21.97 23.83 -12.78
C GLU HA 60 -22.78 24.85 -12.01
N CYS HA 61 -22.71 24.82 -10.67
CA CYS HA 61 -23.55 25.67 -9.86
C CYS HA 61 -22.96 27.05 -9.60
N CYS HA 62 -21.64 27.18 -9.67
CA CYS HA 62 -20.95 28.44 -9.41
C CYS HA 62 -19.96 28.69 -10.53
N PRO HA 63 -20.45 29.06 -11.72
CA PRO HA 63 -19.56 29.19 -12.88
C PRO HA 63 -18.70 30.44 -12.83
N ASP HA 64 -19.20 31.48 -12.18
CA ASP HA 64 -18.51 32.77 -12.12
C ASP HA 64 -17.53 32.77 -10.95
N THR HA 65 -16.48 31.98 -11.11
CA THR HA 65 -15.45 31.82 -10.09
C THR HA 65 -14.09 31.82 -10.75
N PRO HA 66 -13.04 32.26 -10.05
CA PRO HA 66 -11.73 32.38 -10.69
C PRO HA 66 -11.19 31.08 -11.26
N SER HA 67 -11.50 29.94 -10.64
CA SER HA 67 -11.04 28.67 -11.20
C SER HA 67 -11.72 28.38 -12.53
N ASN HA 68 -12.97 28.78 -12.68
CA ASN HA 68 -13.72 28.61 -13.92
C ASN HA 68 -13.63 29.85 -14.81
N SER HA 69 -12.42 30.33 -15.06
CA SER HA 69 -12.23 31.58 -15.79
C SER HA 69 -11.29 31.46 -16.97
N GLY HA 70 -10.85 30.25 -17.32
CA GLY HA 70 -9.90 30.06 -18.38
C GLY HA 70 -8.45 30.03 -17.95
N ASN HA 71 -8.15 30.37 -16.71
CA ASN HA 71 -6.78 30.33 -16.21
C ASN HA 71 -6.44 28.92 -15.77
N ARG HA 72 -5.40 28.34 -16.37
CA ARG HA 72 -4.98 26.99 -15.99
C ARG HA 72 -4.49 26.95 -14.55
N THR HA 73 -3.70 27.95 -14.16
CA THR HA 73 -3.14 27.97 -12.82
C THR HA 73 -4.23 28.06 -11.76
N TYR HA 74 -5.24 28.91 -11.99
CA TYR HA 74 -6.32 29.05 -11.03
C TYR HA 74 -7.08 27.74 -10.87
N ARG HA 75 -7.38 27.07 -11.99
CA ARG HA 75 -8.12 25.81 -11.91
C ARG HA 75 -7.30 24.74 -11.21
N ALA HA 76 -6.01 24.66 -11.53
CA ALA HA 76 -5.15 23.68 -10.87
C ALA HA 76 -5.07 23.94 -9.37
N SER HA 77 -4.93 25.21 -8.98
CA SER HA 77 -4.84 25.53 -7.56
C SER HA 77 -6.15 25.24 -6.85
N CYS HA 78 -7.28 25.51 -7.49
CA CYS HA 78 -8.57 25.19 -6.88
C CYS HA 78 -8.72 23.69 -6.68
N LEU HA 79 -8.35 22.89 -7.68
CA LEU HA 79 -8.44 21.44 -7.52
C LEU HA 79 -7.49 20.95 -6.44
N ARG HA 80 -6.30 21.52 -6.37
CA ARG HA 80 -5.35 21.17 -5.33
C ARG HA 80 -5.91 21.50 -3.95
N ASP HA 81 -6.57 22.65 -3.83
CA ASP HA 81 -7.17 23.04 -2.56
C ASP HA 81 -8.31 22.10 -2.17
N GLN HA 82 -9.12 21.69 -3.14
CA GLN HA 82 -10.20 20.75 -2.85
C GLN HA 82 -9.64 19.42 -2.34
N ASP HA 83 -8.62 18.90 -3.02
CA ASP HA 83 -7.99 17.67 -2.55
C ASP HA 83 -7.37 17.86 -1.17
N TRP HA 84 -6.76 19.03 -0.95
CA TRP HA 84 -6.15 19.35 0.34
C TRP HA 84 -7.19 19.31 1.45
N TYR HA 85 -8.34 19.91 1.22
CA TYR HA 85 -9.36 19.95 2.26
C TYR HA 85 -10.01 18.59 2.48
N ILE HA 86 -10.17 17.79 1.42
CA ILE HA 86 -10.67 16.43 1.61
C ILE HA 86 -9.70 15.63 2.48
N ARG HA 87 -8.40 15.75 2.20
CA ARG HA 87 -7.42 15.04 3.01
C ARG HA 87 -7.39 15.55 4.44
N LEU HA 88 -7.52 16.86 4.63
CA LEU HA 88 -7.54 17.43 5.98
C LEU HA 88 -8.74 16.92 6.76
N ILE HA 89 -9.90 16.82 6.10
CA ILE HA 89 -11.09 16.28 6.76
C ILE HA 89 -10.85 14.82 7.12
N ALA HA 90 -10.17 14.07 6.26
CA ALA HA 90 -9.85 12.68 6.60
C ALA HA 90 -8.94 12.59 7.82
N TYR HA 91 -7.92 13.45 7.89
CA TYR HA 91 -7.02 13.42 9.04
C TYR HA 91 -7.74 13.82 10.33
N THR HA 92 -8.60 14.84 10.25
CA THR HA 92 -9.35 15.24 11.43
C THR HA 92 -10.38 14.20 11.82
N VAL HA 93 -10.81 13.35 10.87
CA VAL HA 93 -11.64 12.21 11.21
C VAL HA 93 -10.81 11.16 11.96
N ILE HA 94 -9.56 10.96 11.53
CA ILE HA 94 -8.66 10.09 12.28
C ILE HA 94 -8.57 10.55 13.73
N VAL HA 95 -8.35 11.85 13.93
CA VAL HA 95 -8.19 12.35 15.29
C VAL HA 95 -9.49 12.21 16.07
N GLY HA 96 -10.62 12.53 15.45
CA GLY HA 96 -11.91 12.44 16.09
C GLY HA 96 -12.47 13.75 16.58
N ASP HA 97 -11.79 14.86 16.32
CA ASP HA 97 -12.29 16.17 16.68
C ASP HA 97 -11.73 17.18 15.69
N VAL HA 98 -12.41 18.33 15.59
CA VAL HA 98 -12.13 19.28 14.53
C VAL HA 98 -10.81 20.02 14.70
N GLU HA 99 -10.08 19.78 15.79
CA GLU HA 99 -8.91 20.59 16.08
C GLU HA 99 -7.82 20.54 15.02
N PRO HA 100 -7.41 19.38 14.46
CA PRO HA 100 -6.40 19.43 13.39
C PRO HA 100 -6.84 20.21 12.16
N LEU HA 101 -8.06 19.95 11.69
CA LEU HA 101 -8.56 20.68 10.53
C LEU HA 101 -8.71 22.17 10.82
N LYS HA 102 -9.16 22.51 12.03
CA LYS HA 102 -9.28 23.91 12.41
C LYS HA 102 -7.93 24.59 12.45
N ASP HA 103 -6.93 23.90 13.00
CA ASP HA 103 -5.61 24.49 13.15
C ASP HA 103 -4.91 24.64 11.81
N ILE HA 104 -5.19 23.75 10.86
CA ILE HA 104 -4.49 23.82 9.59
C ILE HA 104 -5.24 24.71 8.60
N GLY HA 105 -6.55 24.57 8.50
CA GLY HA 105 -7.25 25.26 7.43
C GLY HA 105 -8.60 25.90 7.74
N ILE HA 106 -8.85 26.27 8.98
CA ILE HA 106 -10.05 27.02 9.34
C ILE HA 106 -9.73 28.34 10.00
N VAL HA 107 -8.76 28.35 10.92
CA VAL HA 107 -8.33 29.61 11.52
C VAL HA 107 -7.59 30.42 10.48
N GLY HA 108 -8.11 31.61 10.17
CA GLY HA 108 -7.49 32.48 9.20
C GLY HA 108 -7.78 32.16 7.75
N VAL HA 109 -8.73 31.27 7.48
CA VAL HA 109 -9.02 30.90 6.10
C VAL HA 109 -9.66 32.08 5.37
N LYS HA 110 -10.53 32.82 6.05
CA LYS HA 110 -11.16 33.98 5.42
C LYS HA 110 -10.13 35.03 5.07
N GLU HA 111 -9.19 35.30 5.98
CA GLU HA 111 -8.13 36.27 5.70
C GLU HA 111 -7.24 35.81 4.56
N MET HA 112 -6.89 34.52 4.54
CA MET HA 112 -6.02 34.00 3.49
C MET HA 112 -6.68 34.11 2.12
N TYR HA 113 -7.96 33.76 2.02
CA TYR HA 113 -8.62 33.82 0.72
C TYR HA 113 -9.11 35.21 0.38
N GLU HA 114 -9.20 36.13 1.34
CA GLU HA 114 -9.44 37.51 1.01
C GLU HA 114 -8.18 38.18 0.48
N SER HA 115 -7.02 37.81 1.02
CA SER HA 115 -5.76 38.29 0.47
C SER HA 115 -5.55 37.75 -0.94
N LEU HA 116 -5.96 36.50 -1.19
CA LEU HA 116 -5.83 35.91 -2.50
C LEU HA 116 -6.89 36.41 -3.48
N GLU HA 117 -7.86 37.17 -3.02
CA GLU HA 117 -8.94 37.70 -3.84
C GLU HA 117 -9.79 36.58 -4.43
N ILE HA 118 -10.14 35.61 -3.60
CA ILE HA 118 -11.00 34.49 -3.97
C ILE HA 118 -12.26 34.57 -3.13
N PRO HA 119 -13.45 34.60 -3.73
CA PRO HA 119 -14.68 34.79 -2.94
C PRO HA 119 -14.91 33.60 -2.01
N LEU HA 120 -15.25 33.92 -0.76
CA LEU HA 120 -15.47 32.87 0.22
C LEU HA 120 -16.81 32.19 0.03
N ARG HA 121 -17.79 32.87 -0.58
CA ARG HA 121 -19.06 32.22 -0.88
C ARG HA 121 -18.88 31.14 -1.94
N ASN HA 122 -18.00 31.37 -2.90
CA ASN HA 122 -17.66 30.32 -3.85
C ASN HA 122 -17.05 29.12 -3.15
N TRP HA 123 -16.20 29.37 -2.15
CA TRP HA 123 -15.64 28.28 -1.37
C TRP HA 123 -16.72 27.53 -0.61
N VAL HA 124 -17.70 28.25 -0.06
CA VAL HA 124 -18.79 27.58 0.64
C VAL HA 124 -19.57 26.70 -0.32
N GLU HA 125 -19.84 27.19 -1.54
CA GLU HA 125 -20.52 26.39 -2.53
C GLU HA 125 -19.72 25.14 -2.88
N CYS HA 126 -18.41 25.29 -3.06
CA CYS HA 126 -17.59 24.14 -3.39
C CYS HA 126 -17.56 23.12 -2.26
N ILE HA 127 -17.46 23.59 -1.02
CA ILE HA 127 -17.45 22.66 0.11
C ILE HA 127 -18.78 21.96 0.25
N ARG HA 128 -19.87 22.65 -0.05
CA ARG HA 128 -21.18 22.00 -0.03
C ARG HA 128 -21.28 20.92 -1.11
N CYS HA 129 -20.76 21.21 -2.31
CA CYS HA 129 -20.76 20.20 -3.36
C CYS HA 129 -19.91 18.99 -2.98
N LEU HA 130 -18.74 19.25 -2.40
CA LEU HA 130 -17.88 18.16 -1.96
C LEU HA 130 -18.55 17.35 -0.86
N LYS HA 131 -19.26 18.02 0.06
CA LYS HA 131 -19.97 17.33 1.12
C LYS HA 131 -21.06 16.44 0.56
N GLU HA 132 -21.80 16.94 -0.44
CA GLU HA 132 -22.84 16.13 -1.07
C GLU HA 132 -22.23 14.89 -1.74
N VAL HA 133 -21.15 15.07 -2.48
CA VAL HA 133 -20.52 13.95 -3.17
C VAL HA 133 -20.00 12.93 -2.16
N THR HA 134 -19.40 13.41 -1.06
CA THR HA 134 -18.90 12.51 -0.03
C THR HA 134 -20.03 11.74 0.64
N LEU HA 135 -21.12 12.44 0.97
CA LEU HA 135 -22.27 11.77 1.58
C LEU HA 135 -22.89 10.76 0.65
N ASP HA 136 -22.72 10.93 -0.67
CA ASP HA 136 -23.24 9.94 -1.61
C ASP HA 136 -22.58 8.59 -1.43
N LEU HA 137 -21.30 8.56 -1.03
CA LEU HA 137 -20.56 7.31 -0.93
C LEU HA 137 -20.25 6.89 0.49
N LEU HA 138 -20.98 7.41 1.47
CA LEU HA 138 -20.76 7.06 2.87
C LEU HA 138 -22.03 6.50 3.48
N SER HA 139 -21.84 5.61 4.46
CA SER HA 139 -22.95 5.14 5.25
C SER HA 139 -23.53 6.28 6.08
N ARG HA 140 -24.78 6.13 6.51
CA ARG HA 140 -25.38 7.14 7.36
C ARG HA 140 -24.62 7.27 8.68
N GLU HA 141 -24.21 6.13 9.25
CA GLU HA 141 -23.44 6.15 10.49
C GLU HA 141 -22.09 6.83 10.30
N ASP HA 142 -21.42 6.56 9.17
CA ASP HA 142 -20.15 7.21 8.90
C ASP HA 142 -20.34 8.68 8.55
N ALA HA 143 -21.44 9.01 7.85
CA ALA HA 143 -21.74 10.39 7.56
C ALA HA 143 -21.97 11.19 8.84
N ALA HA 144 -22.58 10.57 9.85
CA ALA HA 144 -22.79 11.25 11.12
C ALA HA 144 -21.49 11.69 11.75
N GLU HA 145 -20.37 11.06 11.39
CA GLU HA 145 -19.06 11.47 11.87
C GLU HA 145 -18.34 12.41 10.91
N VAL HA 146 -18.54 12.24 9.60
CA VAL HA 146 -17.78 13.03 8.64
C VAL HA 146 -18.42 14.41 8.43
N THR HA 147 -19.74 14.45 8.30
CA THR HA 147 -20.43 15.69 7.94
C THR HA 147 -20.15 16.87 8.86
N PRO HA 148 -20.12 16.73 10.19
CA PRO HA 148 -19.89 17.91 11.04
C PRO HA 148 -18.59 18.62 10.76
N TYR HA 149 -17.56 17.93 10.27
CA TYR HA 149 -16.33 18.64 9.90
C TYR HA 149 -16.51 19.47 8.65
N PHE HA 150 -17.24 18.96 7.66
CA PHE HA 150 -17.62 19.79 6.52
C PHE HA 150 -18.40 21.01 6.98
N ASP HA 151 -19.32 20.83 7.91
CA ASP HA 151 -20.09 21.96 8.42
C ASP HA 151 -19.23 22.95 9.18
N CYS HA 152 -18.25 22.46 9.96
CA CYS HA 152 -17.33 23.34 10.64
C CYS HA 152 -16.52 24.18 9.65
N LEU HA 153 -16.05 23.54 8.58
CA LEU HA 153 -15.33 24.26 7.54
C LEU HA 153 -16.21 25.30 6.88
N ILE HA 154 -17.46 24.94 6.57
CA ILE HA 154 -18.38 25.89 5.94
C ILE HA 154 -18.62 27.07 6.85
N GLN HA 155 -18.85 26.82 8.14
CA GLN HA 155 -19.08 27.90 9.08
C GLN HA 155 -17.87 28.80 9.20
N GLY HA 156 -16.67 28.22 9.22
CA GLY HA 156 -15.47 29.02 9.26
C GLY HA 156 -15.16 29.77 8.00
N MET HA 157 -15.77 29.37 6.87
CA MET HA 157 -15.58 30.07 5.61
C MET HA 157 -16.61 31.15 5.35
N ILE HA 158 -17.76 31.09 6.01
CA ILE HA 158 -18.83 32.06 5.74
C ILE HA 158 -18.43 33.42 6.33
N PRO HA 159 -18.46 34.50 5.54
CA PRO HA 159 -18.05 35.84 5.96
C PRO HA 159 -18.78 36.32 7.21
N MET IA 1 0.07 21.82 23.22
CA MET IA 1 0.49 20.43 23.29
C MET IA 1 -0.35 19.55 22.38
N GLN IA 2 0.18 18.36 22.08
CA GLN IA 2 -0.43 17.44 21.15
C GLN IA 2 -0.44 16.05 21.75
N ASP IA 3 -1.40 15.24 21.33
CA ASP IA 3 -1.40 13.83 21.63
C ASP IA 3 -0.92 13.06 20.41
N LYS IA 4 -0.82 11.74 20.53
CA LYS IA 4 -0.26 10.93 19.46
C LYS IA 4 -1.09 11.03 18.19
N LEU IA 5 -2.42 10.94 18.32
CA LEU IA 5 -3.27 10.98 17.13
C LEU IA 5 -3.16 12.30 16.40
N THR IA 6 -3.16 13.41 17.14
CA THR IA 6 -3.05 14.72 16.50
C THR IA 6 -1.72 14.88 15.77
N SER IA 7 -0.63 14.48 16.42
CA SER IA 7 0.68 14.61 15.78
C SER IA 7 0.77 13.75 14.53
N VAL IA 8 0.26 12.51 14.60
CA VAL IA 8 0.31 11.64 13.43
C VAL IA 8 -0.55 12.20 12.30
N ALA IA 9 -1.75 12.71 12.62
CA ALA IA 9 -2.62 13.26 11.59
C ALA IA 9 -2.00 14.48 10.93
N LYS IA 10 -1.39 15.37 11.72
CA LYS IA 10 -0.76 16.54 11.14
C LYS IA 10 0.46 16.16 10.30
N ASN IA 11 1.24 15.18 10.77
CA ASN IA 11 2.38 14.73 10.00
C ASN IA 11 1.95 14.07 8.71
N CYS IA 12 0.73 13.53 8.66
CA CYS IA 12 0.23 12.94 7.42
C CYS IA 12 0.18 13.97 6.30
N ASP IA 13 -0.27 15.19 6.61
CA ASP IA 13 -0.25 16.25 5.62
C ASP IA 13 1.14 16.85 5.45
N LEU IA 14 1.92 16.91 6.54
CA LEU IA 14 3.22 17.56 6.46
C LEU IA 14 4.18 16.82 5.54
N THR IA 15 4.23 15.49 5.63
CA THR IA 15 5.24 14.73 4.92
C THR IA 15 4.85 14.39 3.49
N GLY IA 16 3.60 14.63 3.09
CA GLY IA 16 3.18 14.29 1.75
C GLY IA 16 2.94 12.83 1.52
N SER IA 17 2.99 12.00 2.55
CA SER IA 17 2.73 10.58 2.42
C SER IA 17 1.25 10.23 2.57
N SER IA 18 0.45 11.13 3.10
CA SER IA 18 -0.97 10.90 3.37
C SER IA 18 -1.07 9.71 4.32
N LEU IA 19 -2.09 8.88 4.16
CA LEU IA 19 -2.28 7.70 5.00
C LEU IA 19 -1.48 6.55 4.41
N ASN IA 20 -0.23 6.44 4.84
CA ASN IA 20 0.65 5.37 4.39
C ASN IA 20 0.26 4.05 5.05
N ARG IA 21 0.94 2.99 4.63
CA ARG IA 21 0.83 1.73 5.34
C ARG IA 21 1.47 1.83 6.72
N GLU IA 22 2.63 2.49 6.80
CA GLU IA 22 3.30 2.64 8.09
C GLU IA 22 2.50 3.50 9.05
N VAL IA 23 1.86 4.55 8.54
CA VAL IA 23 1.02 5.39 9.39
C VAL IA 23 -0.14 4.58 9.95
N VAL IA 24 -0.78 3.77 9.11
CA VAL IA 24 -1.89 2.94 9.58
C VAL IA 24 -1.42 1.94 10.62
N GLU IA 25 -0.25 1.33 10.39
CA GLU IA 25 0.26 0.36 11.36
C GLU IA 25 0.57 1.02 12.71
N THR IA 26 1.21 2.19 12.69
CA THR IA 26 1.51 2.87 13.95
C THR IA 26 0.23 3.29 14.67
N LEU IA 27 -0.75 3.79 13.91
CA LEU IA 27 -2.02 4.16 14.52
C LEU IA 27 -2.71 2.96 15.14
N LYS IA 28 -2.69 1.82 14.45
CA LYS IA 28 -3.33 0.63 14.99
C LYS IA 28 -2.64 0.17 16.27
N GLU IA 29 -1.30 0.19 16.30
CA GLU IA 29 -0.59 -0.20 17.51
C GLU IA 29 -0.92 0.73 18.68
N PHE IA 30 -0.90 2.04 18.42
CA PHE IA 30 -1.20 2.99 19.48
C PHE IA 30 -2.63 2.81 19.99
N LEU IA 31 -3.59 2.61 19.10
CA LEU IA 31 -4.97 2.41 19.52
C LEU IA 31 -5.13 1.10 20.27
N ALA IA 32 -4.31 0.09 19.95
CA ALA IA 32 -4.32 -1.14 20.74
C ALA IA 32 -3.87 -0.87 22.17
N ASP IA 33 -2.84 -0.04 22.34
CA ASP IA 33 -2.33 0.24 23.69
C ASP IA 33 -3.12 1.31 24.43
N GLY IA 34 -4.05 2.00 23.76
CA GLY IA 34 -4.70 3.14 24.38
C GLY IA 34 -5.48 2.82 25.65
N GLU IA 35 -6.21 1.71 25.65
CA GLU IA 35 -7.02 1.36 26.81
C GLU IA 35 -6.14 1.06 28.02
N LYS IA 36 -5.02 0.35 27.79
CA LYS IA 36 -4.05 0.15 28.87
C LYS IA 36 -3.45 1.47 29.35
N ARG IA 37 -3.23 2.42 28.43
CA ARG IA 37 -2.75 3.72 28.85
C ARG IA 37 -3.74 4.40 29.79
N VAL IA 38 -5.03 4.33 29.46
CA VAL IA 38 -6.05 4.92 30.32
C VAL IA 38 -6.06 4.23 31.68
N GLN IA 39 -5.94 2.91 31.69
CA GLN IA 39 -5.91 2.18 32.95
C GLN IA 39 -4.70 2.57 33.80
N VAL IA 40 -3.54 2.71 33.17
CA VAL IA 40 -2.34 3.12 33.90
C VAL IA 40 -2.52 4.50 34.50
N ALA IA 41 -3.09 5.43 33.73
CA ALA IA 41 -3.34 6.76 34.25
C ALA IA 41 -4.31 6.74 35.42
N GLY IA 42 -5.34 5.90 35.34
CA GLY IA 42 -6.26 5.78 36.45
C GLY IA 42 -5.57 5.27 37.70
N VAL IA 43 -4.70 4.27 37.55
CA VAL IA 43 -3.97 3.75 38.70
C VAL IA 43 -3.07 4.83 39.30
N ILE IA 44 -2.39 5.59 38.44
CA ILE IA 44 -1.50 6.64 38.94
C ILE IA 44 -2.29 7.70 39.70
N GLY IA 45 -3.43 8.12 39.13
CA GLY IA 45 -4.22 9.14 39.78
C GLY IA 45 -4.84 8.67 41.09
N SER IA 46 -5.18 7.38 41.16
CA SER IA 46 -5.81 6.87 42.37
C SER IA 46 -4.83 6.72 43.53
N ASN IA 47 -3.53 6.62 43.24
CA ASN IA 47 -2.53 6.39 44.27
C ASN IA 47 -1.41 7.43 44.22
N ALA IA 48 -1.73 8.66 43.81
CA ALA IA 48 -0.70 9.66 43.58
C ALA IA 48 0.04 10.01 44.87
N ALA IA 49 -0.72 10.27 45.94
CA ALA IA 49 -0.10 10.70 47.20
C ALA IA 49 0.80 9.60 47.76
N GLU IA 50 0.33 8.35 47.72
CA GLU IA 50 1.15 7.25 48.20
C GLU IA 50 2.43 7.10 47.39
N ILE IA 51 2.32 7.22 46.07
CA ILE IA 51 3.50 7.09 45.22
C ILE IA 51 4.52 8.17 45.54
N VAL IA 52 4.06 9.42 45.66
CA VAL IA 52 4.98 10.51 45.94
C VAL IA 52 5.60 10.35 47.33
N LYS IA 53 4.81 9.97 48.32
CA LYS IA 53 5.32 9.79 49.67
C LYS IA 53 6.36 8.69 49.72
N THR IA 54 6.06 7.55 49.10
CA THR IA 54 7.02 6.44 49.10
C THR IA 54 8.31 6.85 48.41
N ALA IA 55 8.20 7.53 47.26
CA ALA IA 55 9.40 7.91 46.53
C ALA IA 55 10.24 8.92 47.30
N VAL IA 56 9.61 9.89 47.95
CA VAL IA 56 10.39 10.88 48.69
C VAL IA 56 11.03 10.25 49.91
N SER IA 57 10.35 9.32 50.58
CA SER IA 57 10.96 8.64 51.71
C SER IA 57 12.15 7.81 51.28
N LEU IA 58 12.03 7.09 50.15
CA LEU IA 58 13.17 6.33 49.65
C LEU IA 58 14.30 7.25 49.22
N LEU IA 59 13.96 8.41 48.67
CA LEU IA 59 14.99 9.38 48.29
C LEU IA 59 15.77 9.86 49.51
N PHE IA 60 15.07 10.13 50.60
CA PHE IA 60 15.76 10.57 51.81
C PHE IA 60 16.51 9.42 52.49
N GLN IA 61 16.10 8.17 52.23
CA GLN IA 61 16.90 7.04 52.68
C GLN IA 61 18.20 6.94 51.90
N GLU IA 62 18.15 7.14 50.58
CA GLU IA 62 19.35 7.04 49.75
C GLU IA 62 20.20 8.30 49.79
N TYR IA 63 19.64 9.42 50.22
CA TYR IA 63 20.37 10.68 50.36
C TYR IA 63 20.11 11.22 51.76
N PRO IA 64 20.67 10.58 52.78
CA PRO IA 64 20.39 11.03 54.15
C PRO IA 64 20.85 12.44 54.43
N GLU IA 65 21.83 12.94 53.68
CA GLU IA 65 22.33 14.29 53.87
C GLU IA 65 21.35 15.35 53.38
N LEU IA 66 20.35 14.98 52.58
CA LEU IA 66 19.40 15.96 52.09
C LEU IA 66 18.59 16.59 53.21
N VAL IA 67 18.21 15.79 54.21
CA VAL IA 67 17.41 16.29 55.32
C VAL IA 67 18.26 16.76 56.49
N SER IA 68 19.57 16.56 56.45
CA SER IA 68 20.45 17.07 57.48
C SER IA 68 20.63 18.58 57.31
N PRO IA 69 21.09 19.27 58.36
CA PRO IA 69 21.32 20.71 58.24
C PRO IA 69 22.27 21.03 57.10
N GLY IA 70 21.92 22.06 56.33
CA GLY IA 70 22.65 22.38 55.12
C GLY IA 70 22.21 21.64 53.88
N GLY IA 71 21.26 20.70 54.01
CA GLY IA 71 20.76 19.97 52.86
C GLY IA 71 19.65 20.73 52.17
N MEN IA 72 19.21 20.24 51.02
CA MEN IA 72 18.21 20.94 50.23
C MEN IA 72 16.79 20.54 50.62
O MEN IA 72 15.84 21.14 50.14
CB MEN IA 72 18.43 20.69 48.75
CG MEN IA 72 18.39 21.98 47.96
OD1 MEN IA 72 19.39 22.63 47.71
ND2 MEN IA 72 17.17 22.38 47.57
CE2 MEN IA 72 17.00 23.61 46.83
N ALA IA 73 16.66 19.55 51.47
CA ALA IA 73 15.35 19.14 51.95
C ALA IA 73 15.23 19.47 53.42
N TYR IA 74 16.20 20.23 53.92
CA TYR IA 74 16.24 20.60 55.33
C TYR IA 74 15.17 21.63 55.61
N THR IA 75 14.44 21.44 56.71
CA THR IA 75 13.26 22.18 57.18
C THR IA 75 12.02 21.75 56.44
N THR IA 76 10.85 21.90 57.06
CA THR IA 76 9.60 21.48 56.43
C THR IA 76 9.28 22.36 55.23
N ARG IA 77 9.77 23.59 55.23
CA ARG IA 77 9.53 24.50 54.10
C ARG IA 77 10.06 23.90 52.80
N ARG IA 78 11.21 23.25 52.87
CA ARG IA 78 11.81 22.66 51.67
C ARG IA 78 11.27 21.25 51.41
N TYR IA 79 10.92 20.53 52.47
CA TYR IA 79 10.33 19.20 52.31
C TYR IA 79 9.00 19.28 51.57
N ASN IA 80 8.19 20.29 51.92
CA ASN IA 80 6.92 20.48 51.23
C ASN IA 80 7.12 20.74 49.75
N MET IA 81 8.15 21.52 49.41
CA MET IA 81 8.46 21.77 48.01
C MET IA 81 8.90 20.50 47.31
N TYR IA 82 9.68 19.65 47.99
CA TYR IA 82 10.02 18.35 47.43
C TYR IA 82 8.77 17.58 47.05
N VAL IA 83 7.83 17.46 47.98
CA VAL IA 83 6.60 16.70 47.73
C VAL IA 83 5.80 17.34 46.61
N ARG IA 84 5.71 18.67 46.62
CA ARG IA 84 4.94 19.39 45.60
C ARG IA 84 5.51 19.14 44.21
N ASP IA 85 6.83 19.23 44.07
CA ASP IA 85 7.44 19.06 42.75
C ASP IA 85 7.37 17.63 42.27
N MET IA 86 7.51 16.67 43.18
CA MET IA 86 7.36 15.28 42.77
C MET IA 86 5.93 15.01 42.32
N ASN IA 87 4.95 15.66 42.96
CA ASN IA 87 3.59 15.56 42.47
C ASN IA 87 3.44 16.17 41.08
N TYR IA 88 4.09 17.32 40.85
CA TYR IA 88 4.12 17.89 39.50
C TYR IA 88 4.60 16.87 38.48
N PHE IA 89 5.75 16.26 38.77
CA PHE IA 89 6.34 15.30 37.84
C PHE IA 89 5.42 14.12 37.59
N LEU IA 90 4.82 13.57 38.65
CA LEU IA 90 3.92 12.45 38.49
C LEU IA 90 2.69 12.83 37.67
N ARG IA 91 2.13 14.00 37.91
CA ARG IA 91 0.94 14.43 37.19
C ARG IA 91 1.23 14.58 35.70
N TYR IA 92 2.34 15.22 35.36
CA TYR IA 92 2.62 15.42 33.95
C TYR IA 92 3.06 14.13 33.27
N CYS IA 93 3.69 13.21 34.02
CA CYS IA 93 3.99 11.91 33.44
C CYS IA 93 2.72 11.11 33.17
N SER IA 94 1.72 11.22 34.05
CA SER IA 94 0.44 10.58 33.78
C SER IA 94 -0.23 11.19 32.55
N TYR IA 95 -0.15 12.52 32.41
CA TYR IA 95 -0.66 13.17 31.21
C TYR IA 95 0.01 12.60 29.97
N ALA IA 96 1.34 12.50 29.99
CA ALA IA 96 2.08 12.01 28.84
C ALA IA 96 1.76 10.55 28.55
N ILE IA 97 1.47 9.76 29.59
CA ILE IA 97 1.07 8.38 29.38
C ILE IA 97 -0.28 8.32 28.66
N VAL IA 98 -1.23 9.17 29.07
CA VAL IA 98 -2.53 9.19 28.40
C VAL IA 98 -2.37 9.62 26.95
N ALA IA 99 -1.67 10.73 26.73
CA ALA IA 99 -1.60 11.31 25.40
C ALA IA 99 -0.80 10.44 24.44
N GLY IA 100 0.15 9.65 24.96
CA GLY IA 100 1.03 8.93 24.09
C GLY IA 100 2.09 9.78 23.44
N ASP IA 101 2.20 11.05 23.85
CA ASP IA 101 3.15 11.98 23.28
C ASP IA 101 3.86 12.72 24.41
N ALA IA 102 5.11 13.08 24.16
CA ALA IA 102 5.93 13.79 25.13
C ALA IA 102 5.85 15.30 24.99
N SER IA 103 4.98 15.81 24.12
CA SER IA 103 4.90 17.24 23.90
C SER IA 103 4.35 17.97 25.13
N VAL IA 104 3.50 17.33 25.91
CA VAL IA 104 3.02 17.95 27.14
C VAL IA 104 4.18 18.15 28.11
N LEU IA 105 5.07 17.17 28.21
CA LEU IA 105 6.25 17.32 29.04
C LEU IA 105 7.15 18.45 28.54
N ASP IA 106 7.31 18.56 27.23
CA ASP IA 106 8.14 19.62 26.66
C ASP IA 106 7.55 20.99 26.95
N GLU IA 107 6.24 21.13 26.82
CA GLU IA 107 5.63 22.45 26.88
C GLU IA 107 5.35 22.91 28.30
N ARG IA 108 4.96 22.00 29.20
CA ARG IA 108 4.48 22.38 30.51
C ARG IA 108 5.33 21.87 31.66
N LEU IA 109 6.34 21.06 31.41
CA LEU IA 109 7.17 20.54 32.48
C LEU IA 109 8.64 20.86 32.32
N LEU IA 110 9.20 20.70 31.13
CA LEU IA 110 10.63 20.82 30.92
C LEU IA 110 11.06 22.16 30.35
N ALA IA 111 10.13 22.94 29.81
CA ALA IA 111 10.47 24.26 29.30
C ALA IA 111 10.87 25.15 30.46
N GLY IA 112 12.14 25.56 30.51
CA GLY IA 112 12.62 26.42 31.56
C GLY IA 112 12.82 25.76 32.90
N LEU IA 113 12.70 24.44 32.98
CA LEU IA 113 12.91 23.76 34.26
C LEU IA 113 14.35 23.90 34.72
N ARG IA 114 15.30 23.74 33.79
CA ARG IA 114 16.71 23.84 34.17
C ARG IA 114 17.07 25.23 34.65
N ASP IA 115 16.50 26.26 34.02
CA ASP IA 115 16.74 27.63 34.47
C ASP IA 115 16.23 27.84 35.89
N THR IA 116 15.02 27.36 36.17
CA THR IA 116 14.45 27.49 37.50
C THR IA 116 15.30 26.76 38.53
N PHE IA 117 15.72 25.54 38.21
CA PHE IA 117 16.48 24.74 39.17
C PHE IA 117 17.86 25.32 39.39
N ASN IA 118 18.47 25.92 38.37
CA ASN IA 118 19.74 26.61 38.57
C ASN IA 118 19.56 27.86 39.41
N SER IA 119 18.47 28.59 39.21
CA SER IA 119 18.22 29.78 40.00
C SER IA 119 18.03 29.44 41.46
N LEU IA 120 17.30 28.36 41.75
CA LEU IA 120 16.99 28.00 43.12
C LEU IA 120 17.98 27.02 43.74
N GLY IA 121 18.98 26.57 42.98
CA GLY IA 121 19.95 25.64 43.54
C GLY IA 121 19.42 24.26 43.80
N ILE IA 122 18.37 23.85 43.09
CA ILE IA 122 17.79 22.52 43.25
C ILE IA 122 18.69 21.50 42.59
N PRO IA 123 19.17 20.48 43.32
CA PRO IA 123 20.07 19.50 42.71
C PRO IA 123 19.33 18.59 41.73
N LEU IA 124 19.96 18.34 40.59
CA LEU IA 124 19.32 17.57 39.53
C LEU IA 124 19.48 16.07 39.72
N GLY IA 125 20.55 15.63 40.38
CA GLY IA 125 20.78 14.23 40.62
C GLY IA 125 19.69 13.60 41.47
N PRO IA 126 19.42 14.19 42.64
CA PRO IA 126 18.27 13.73 43.43
C PRO IA 126 16.95 13.86 42.71
N THR IA 127 16.78 14.87 41.85
CA THR IA 127 15.54 14.99 41.09
C THR IA 127 15.36 13.80 40.15
N ALA IA 128 16.41 13.43 39.43
CA ALA IA 128 16.35 12.26 38.56
C ALA IA 128 16.12 10.99 39.36
N ARG IA 129 16.79 10.87 40.52
CA ARG IA 129 16.60 9.69 41.35
C ARG IA 129 15.16 9.59 41.84
N SER IA 130 14.56 10.71 42.23
CA SER IA 130 13.18 10.69 42.70
C SER IA 130 12.22 10.35 41.59
N ILE IA 131 12.47 10.85 40.37
CA ILE IA 131 11.63 10.48 39.24
C ILE IA 131 11.73 8.98 38.97
N GLN IA 132 12.94 8.43 39.03
CA GLN IA 132 13.11 7.01 38.82
C GLN IA 132 12.44 6.18 39.92
N LEU IA 133 12.50 6.66 41.16
CA LEU IA 133 11.82 5.98 42.25
C LEU IA 133 10.32 5.98 42.04
N MET IA 134 9.75 7.12 41.62
CA MET IA 134 8.33 7.17 41.32
C MET IA 134 7.98 6.20 40.19
N LYS IA 135 8.84 6.12 39.17
CA LYS IA 135 8.59 5.18 38.08
C LYS IA 135 8.58 3.74 38.58
N ASN IA 136 9.54 3.39 39.43
CA ASN IA 136 9.59 2.03 39.96
C ASN IA 136 8.35 1.71 40.81
N ILE IA 137 7.92 2.67 41.63
CA ILE IA 137 6.74 2.45 42.46
C ILE IA 137 5.50 2.30 41.59
N VAL IA 138 5.40 3.10 40.52
CA VAL IA 138 4.26 2.98 39.62
C VAL IA 138 4.25 1.62 38.94
N LYS IA 139 5.42 1.15 38.51
CA LYS IA 139 5.49 -0.16 37.88
C LYS IA 139 5.10 -1.26 38.87
N GLU IA 140 5.51 -1.14 40.12
CA GLU IA 140 5.11 -2.10 41.14
C GLU IA 140 3.60 -2.11 41.33
N LYS IA 141 2.99 -0.93 41.42
CA LYS IA 141 1.55 -0.86 41.56
C LYS IA 141 0.84 -1.44 40.35
N LEU IA 142 1.38 -1.21 39.15
CA LEU IA 142 0.75 -1.73 37.94
C LEU IA 142 0.82 -3.25 37.88
N VAL IA 143 1.98 -3.83 38.22
CA VAL IA 143 2.05 -5.28 38.21
C VAL IA 143 1.20 -5.86 39.34
N THR IA 144 1.02 -5.12 40.43
CA THR IA 144 0.08 -5.55 41.46
C THR IA 144 -1.35 -5.58 40.92
N ALA IA 145 -1.73 -4.55 40.15
CA ALA IA 145 -3.06 -4.50 39.56
C ALA IA 145 -3.27 -5.53 38.47
N GLY IA 146 -2.22 -6.20 38.01
CA GLY IA 146 -2.33 -7.25 37.02
C GLY IA 146 -1.98 -6.89 35.61
N MET IA 147 -1.49 -5.68 35.36
CA MET IA 147 -1.12 -5.27 34.01
C MET IA 147 0.15 -5.99 33.56
N THR IA 148 0.23 -6.26 32.26
CA THR IA 148 1.27 -7.13 31.71
C THR IA 148 2.23 -6.40 30.78
N ASN IA 149 1.74 -5.76 29.73
CA ASN IA 149 2.60 -5.08 28.76
C ASN IA 149 2.55 -3.59 29.05
N ILE IA 150 3.42 -3.15 29.96
CA ILE IA 150 3.40 -1.77 30.44
C ILE IA 150 4.74 -1.12 30.20
N THR IA 151 5.38 -1.47 29.08
CA THR IA 151 6.67 -0.85 28.73
C THR IA 151 6.53 0.66 28.54
N PHE IA 152 5.43 1.10 27.91
CA PHE IA 152 5.27 2.53 27.64
C PHE IA 152 5.26 3.36 28.90
N VAL IA 153 4.93 2.76 30.05
CA VAL IA 153 4.91 3.49 31.30
C VAL IA 153 6.30 4.02 31.63
N ASP IA 154 7.34 3.32 31.19
CA ASP IA 154 8.69 3.80 31.44
C ASP IA 154 9.04 5.00 30.57
N GLU IA 155 8.35 5.20 29.44
CA GLU IA 155 8.78 6.20 28.48
C GLU IA 155 8.82 7.62 29.03
N PRO IA 156 7.77 8.14 29.68
CA PRO IA 156 7.86 9.53 30.16
C PRO IA 156 8.96 9.74 31.18
N PHE IA 157 8.93 8.98 32.28
CA PHE IA 157 9.90 9.16 33.36
C PHE IA 157 11.32 9.19 32.84
N ASP IA 158 11.75 8.11 32.18
CA ASP IA 158 13.08 8.07 31.61
C ASP IA 158 13.35 9.29 30.76
N TYR IA 159 12.41 9.63 29.86
CA TYR IA 159 12.60 10.79 29.01
C TYR IA 159 12.87 12.04 29.83
N VAL IA 160 12.06 12.28 30.86
CA VAL IA 160 12.25 13.47 31.69
C VAL IA 160 13.64 13.48 32.29
N VAL IA 161 14.10 12.32 32.76
CA VAL IA 161 15.45 12.25 33.32
C VAL IA 161 16.47 12.65 32.28
N ARG IA 162 16.34 12.10 31.07
CA ARG IA 162 17.30 12.41 30.01
C ARG IA 162 17.26 13.88 29.66
N GLU IA 163 16.15 14.55 29.93
CA GLU IA 163 16.04 15.96 29.59
C GLU IA 163 16.64 16.84 30.67
N ILE IA 164 16.64 16.38 31.91
CA ILE IA 164 17.08 17.25 32.99
C ILE IA 164 18.51 16.95 33.42
N SER IA 165 18.96 15.72 33.24
CA SER IA 165 20.28 15.33 33.70
C SER IA 165 21.36 15.98 32.84
N GLU IA 166 22.50 16.27 33.46
CA GLU IA 166 23.63 16.84 32.77
C GLU IA 166 24.36 15.79 31.94
N THR IA 167 25.15 16.27 31.00
CA THR IA 167 25.90 15.39 30.11
C THR IA 167 27.20 14.98 30.79
N GLU IA 168 27.34 13.68 31.06
CA GLU IA 168 28.52 13.15 31.72
C GLU IA 168 29.50 12.52 30.75
N ILE IA 169 29.03 11.97 29.64
CA ILE IA 169 29.90 11.34 28.66
C ILE IA 169 29.70 11.92 27.28
N SER JA 2 15.18 17.87 23.91
CA SER JA 2 14.22 18.48 23.01
C SER JA 2 14.01 19.94 23.35
N VAL JA 3 14.09 20.28 24.63
CA VAL JA 3 14.04 21.67 25.06
C VAL JA 3 15.45 22.17 25.29
N LYS JA 4 16.03 22.81 24.28
CA LYS JA 4 17.39 23.33 24.38
C LYS JA 4 17.43 24.82 24.67
N ALA JA 5 16.37 25.55 24.35
CA ALA JA 5 16.33 26.98 24.61
C ALA JA 5 16.34 27.25 26.11
N SER JA 6 16.99 28.34 26.49
CA SER JA 6 17.09 28.76 27.88
C SER JA 6 16.74 30.23 27.99
N GLY JA 7 15.94 30.57 28.99
CA GLY JA 7 15.64 31.95 29.29
C GLY JA 7 16.60 32.60 30.25
N GLY JA 8 17.64 31.89 30.66
CA GLY JA 8 18.58 32.39 31.64
C GLY JA 8 18.15 32.04 33.06
N SER JA 9 19.11 32.14 33.97
CA SER JA 9 18.91 31.82 35.38
C SER JA 9 19.20 33.06 36.21
N PRO JA 10 18.20 33.89 36.49
CA PRO JA 10 18.43 35.04 37.37
C PRO JA 10 18.80 34.59 38.77
N VAL JA 11 19.63 35.38 39.44
CA VAL JA 11 20.05 35.10 40.80
C VAL JA 11 18.90 35.49 41.73
N THR JA 12 18.26 34.49 42.35
CA THR JA 12 17.16 34.71 43.26
C THR JA 12 17.53 34.20 44.65
N GLN JA 13 17.14 34.97 45.66
CA GLN JA 13 17.37 34.61 47.06
C GLN JA 13 16.02 34.67 47.77
N PRO JA 14 15.23 33.60 47.68
CA PRO JA 14 13.92 33.61 48.33
C PRO JA 14 14.06 33.72 49.83
N GLN JA 15 13.13 34.44 50.45
CA GLN JA 15 13.10 34.55 51.89
C GLN JA 15 12.68 33.23 52.52
N ARG JA 16 13.38 32.82 53.57
CA ARG JA 16 13.07 31.58 54.25
C ARG JA 16 12.39 31.80 55.59
N TYR JA 17 12.49 33.00 56.16
CA TYR JA 17 11.78 33.37 57.37
C TYR JA 17 11.77 34.88 57.47
N HIS JA 18 11.11 35.40 58.49
CA HIS JA 18 10.97 36.83 58.68
C HIS JA 18 11.79 37.30 59.88
N THR JA 19 12.43 38.44 59.73
CA THR JA 19 13.07 39.14 60.82
C THR JA 19 12.40 40.50 60.94
N VAL JA 20 12.45 41.09 62.13
CA VAL JA 20 11.86 42.41 62.33
C VAL JA 20 12.48 43.46 61.40
N PRO JA 21 13.80 43.64 61.35
CA PRO JA 21 14.35 44.60 60.39
C PRO JA 21 14.00 44.28 58.95
N VAL JA 22 14.04 42.99 58.59
CA VAL JA 22 13.74 42.62 57.21
C VAL JA 22 12.29 42.95 56.87
N ALA JA 23 11.37 42.65 57.78
CA ALA JA 23 9.96 42.93 57.52
C ALA JA 23 9.71 44.44 57.38
N VAL JA 24 10.25 45.23 58.31
CA VAL JA 24 10.04 46.67 58.27
C VAL JA 24 10.64 47.26 57.00
N ILE JA 25 11.87 46.88 56.68
CA ILE JA 25 12.55 47.45 55.53
C ILE JA 25 11.90 46.98 54.23
N SER JA 26 11.42 45.75 54.17
CA SER JA 26 10.73 45.28 52.98
C SER JA 26 9.43 46.03 52.75
N HIS JA 27 8.68 46.28 53.82
CA HIS JA 27 7.46 47.07 53.67
C HIS JA 27 7.78 48.48 53.18
N ALA JA 28 8.85 49.08 53.71
CA ALA JA 28 9.24 50.40 53.22
C ALA JA 28 9.70 50.37 51.77
N VAL JA 29 10.45 49.33 51.41
CA VAL JA 29 11.03 49.23 50.07
C VAL JA 29 9.92 49.13 49.03
N GLN JA 30 8.95 48.25 49.27
CA GLN JA 30 7.92 48.01 48.28
C GLN JA 30 6.99 49.21 48.09
N GLN JA 31 7.06 50.21 48.95
CA GLN JA 31 6.30 51.44 48.79
C GLN JA 31 7.15 52.59 48.29
N ASP JA 32 8.43 52.35 48.00
CA ASP JA 32 9.31 53.32 47.36
C ASP JA 32 9.41 54.61 48.18
N ARG JA 33 9.75 54.46 49.47
CA ARG JA 33 9.81 55.60 50.36
C ARG JA 33 10.68 55.28 51.56
N CYS JA 34 11.23 56.33 52.16
CA CYS JA 34 12.03 56.16 53.37
C CYS JA 34 11.17 55.62 54.51
N LEU JA 35 11.84 55.16 55.56
CA LEU JA 35 11.15 54.60 56.71
C LEU JA 35 10.29 55.66 57.39
N LYS JA 36 9.09 55.25 57.81
CA LYS JA 36 8.20 56.12 58.55
C LYS JA 36 8.72 56.31 59.98
N ASN JA 37 8.13 57.27 60.68
CA ASN JA 37 8.48 57.47 62.08
C ASN JA 37 8.08 56.26 62.92
N THR JA 38 6.89 55.69 62.65
CA THR JA 38 6.48 54.50 63.38
C THR JA 38 7.39 53.32 63.08
N GLU JA 39 7.79 53.15 61.83
CA GLU JA 39 8.67 52.05 61.48
C GLU JA 39 10.06 52.23 62.08
N LEU JA 40 10.57 53.46 62.08
CA LEU JA 40 11.85 53.72 62.73
C LEU JA 40 11.76 53.48 64.22
N GLN JA 41 10.62 53.83 64.84
CA GLN JA 41 10.42 53.54 66.25
C GLN JA 41 10.38 52.05 66.51
N GLU JA 42 9.74 51.28 65.63
CA GLU JA 42 9.74 49.83 65.77
C GLU JA 42 11.15 49.28 65.70
N LEU JA 43 11.94 49.77 64.74
CA LEU JA 43 13.32 49.31 64.60
C LEU JA 43 14.15 49.67 65.83
N ALA JA 44 13.97 50.89 66.35
CA ALA JA 44 14.70 51.30 67.54
C ALA JA 44 14.32 50.46 68.74
N ASP JA 45 13.03 50.17 68.90
CA ASP JA 45 12.58 49.34 70.01
C ASP JA 45 13.15 47.93 69.90
N PHE JA 46 13.17 47.38 68.69
CA PHE JA 46 13.75 46.06 68.49
C PHE JA 46 15.25 46.06 68.81
N PHE JA 47 15.96 47.09 68.37
CA PHE JA 47 17.41 47.13 68.59
C PHE JA 47 17.73 47.33 70.08
N SER JA 48 16.97 48.17 70.77
CA SER JA 48 17.27 48.42 72.18
C SER JA 48 17.03 47.18 73.03
N SER JA 49 16.13 46.31 72.59
CA SER JA 49 15.83 45.07 73.30
C SER JA 49 16.69 43.91 72.84
N GLY JA 50 17.63 44.12 71.93
CA GLY JA 50 18.39 43.02 71.37
C GLY JA 50 19.26 42.30 72.38
N VAL JA 51 19.82 43.06 73.33
CA VAL JA 51 20.68 42.46 74.34
C VAL JA 51 19.89 41.48 75.20
N LYS JA 52 18.68 41.85 75.58
CA LYS JA 52 17.83 40.94 76.35
C LYS JA 52 17.51 39.68 75.57
N LEU JA 53 17.20 39.81 74.27
CA LEU JA 53 16.92 38.64 73.45
C LEU JA 53 18.16 37.74 73.35
N LEU JA 54 19.33 38.34 73.20
CA LEU JA 54 20.55 37.56 73.15
C LEU JA 54 20.79 36.82 74.46
N GLU JA 55 20.52 37.48 75.58
CA GLU JA 55 20.67 36.82 76.88
C GLU JA 55 19.70 35.66 77.02
N ILE JA 56 18.45 35.85 76.58
CA ILE JA 56 17.46 34.77 76.64
C ILE JA 56 17.90 33.59 75.78
N ALA JA 57 18.35 33.88 74.56
CA ALA JA 57 18.77 32.81 73.66
C ALA JA 57 20.00 32.08 74.21
N ASN JA 58 20.92 32.82 74.81
CA ASN JA 58 22.09 32.18 75.43
C ASN JA 58 21.68 31.32 76.61
N THR JA 59 20.73 31.79 77.42
CA THR JA 59 20.24 30.98 78.53
C THR JA 59 19.62 29.68 78.04
N LEU JA 60 18.83 29.76 76.98
CA LEU JA 60 18.22 28.55 76.43
C LEU JA 60 19.28 27.64 75.81
N THR JA 61 20.30 28.22 75.19
CA THR JA 61 21.35 27.43 74.56
C THR JA 61 22.18 26.68 75.60
N GLN JA 62 22.57 27.36 76.67
CA GLN JA 62 23.42 26.75 77.69
C GLN JA 62 22.74 25.57 78.36
N HIS JA 63 21.41 25.57 78.42
CA HIS JA 63 20.64 24.49 79.04
C HIS JA 63 19.91 23.66 78.00
N ALA JA 64 20.44 23.61 76.78
CA ALA JA 64 19.76 22.88 75.71
C ALA JA 64 19.64 21.40 76.03
N ASP JA 65 20.71 20.80 76.55
CA ASP JA 65 20.67 19.39 76.90
C ASP JA 65 19.62 19.11 77.97
N GLU JA 66 19.57 19.97 78.99
CA GLU JA 66 18.59 19.77 80.05
C GLU JA 66 17.17 19.89 79.53
N ILE JA 67 16.91 20.88 78.68
CA ILE JA 67 15.56 21.09 78.15
C ILE JA 67 15.15 19.92 77.27
N VAL JA 68 16.05 19.48 76.38
CA VAL JA 68 15.73 18.36 75.49
C VAL JA 68 15.55 17.08 76.29
N LEU JA 69 16.35 16.90 77.35
CA LEU JA 69 16.19 15.73 78.21
C LEU JA 69 14.85 15.77 78.94
N ALA JA 70 14.44 16.95 79.40
CA ALA JA 70 13.14 17.07 80.04
C ALA JA 70 12.02 16.74 79.06
N GLY JA 71 12.17 17.15 77.81
CA GLY JA 71 11.18 16.80 76.80
C GLY JA 71 11.16 15.31 76.49
N ALA JA 72 12.33 14.69 76.40
CA ALA JA 72 12.42 13.30 75.98
C ALA JA 72 11.99 12.35 77.09
N ASN JA 73 12.35 12.66 78.34
CA ASN JA 73 11.98 11.79 79.45
C ASN JA 73 10.48 11.77 79.69
N ARG JA 74 9.76 12.76 79.18
CA ARG JA 74 8.32 12.81 79.36
C ARG JA 74 7.57 11.80 78.48
N ILE JA 75 8.18 11.33 77.41
CA ILE JA 75 7.48 10.48 76.45
C ILE JA 75 8.18 9.15 76.21
N PHE JA 76 9.45 9.00 76.54
CA PHE JA 76 10.21 7.79 76.24
C PHE JA 76 10.44 6.99 77.50
N VAL JA 77 10.24 5.67 77.40
CA VAL JA 77 10.47 4.76 78.50
C VAL JA 77 11.29 3.57 77.99
N GLY JA 78 11.89 2.85 78.93
CA GLY JA 78 12.67 1.67 78.59
C GLY JA 78 13.92 1.95 77.79
N GLY JA 79 14.68 2.96 78.16
CA GLY JA 79 15.92 3.26 77.48
C GLY JA 79 16.40 4.64 77.83
N SER JA 80 17.55 4.99 77.25
CA SER JA 80 18.14 6.32 77.43
C SER JA 80 17.99 7.11 76.14
N PRO JA 81 17.02 8.02 76.04
CA PRO JA 81 16.84 8.76 74.79
C PRO JA 81 18.04 9.64 74.42
N MET JA 82 18.73 10.21 75.40
CA MET JA 82 19.84 11.10 75.09
C MET JA 82 21.02 10.40 74.44
N ALA JA 83 21.04 9.07 74.44
CA ALA JA 83 22.06 8.35 73.69
C ALA JA 83 21.87 8.50 72.19
N TYR JA 84 20.67 8.87 71.74
CA TYR JA 84 20.36 8.99 70.32
C TYR JA 84 20.44 10.43 69.83
N LEU JA 85 20.86 11.36 70.66
CA LEU JA 85 20.98 12.76 70.27
C LEU JA 85 22.36 12.98 69.66
N GLU JA 86 22.41 13.25 68.36
CA GLU JA 86 23.66 13.42 67.64
C GLU JA 86 23.97 14.91 67.52
N LYS JA 87 25.09 15.31 68.09
CA LYS JA 87 25.51 16.70 68.00
C LYS JA 87 26.22 16.96 66.68
N PRO JA 88 26.20 18.20 66.19
CA PRO JA 88 26.95 18.51 64.98
C PRO JA 88 28.45 18.31 65.19
N LYS JA 89 29.11 17.85 64.14
CA LYS JA 89 30.54 17.58 64.17
C LYS JA 89 31.27 18.58 63.28
N GLU JA 90 32.30 19.21 63.84
CA GLU JA 90 33.07 20.20 63.08
C GLU JA 90 33.88 19.50 62.00
N LYS JA 91 33.92 20.11 60.82
CA LYS JA 91 34.74 19.61 59.72
C LYS JA 91 36.18 20.03 59.96
N ILE JA 92 36.99 19.11 60.47
CA ILE JA 92 38.37 19.38 60.83
C ILE JA 92 39.27 18.78 59.76
N GLY JA 93 40.28 19.55 59.34
CA GLY JA 93 41.23 19.05 58.38
C GLY JA 93 40.82 19.16 56.93
N LEU JA 94 39.96 20.14 56.60
CA LEU JA 94 39.59 20.34 55.22
C LEU JA 94 40.81 20.76 54.40
N PRO JA 95 40.82 20.48 53.10
CA PRO JA 95 41.98 20.83 52.29
C PRO JA 95 42.28 22.32 52.34
N GLY JA 96 43.56 22.65 52.40
CA GLY JA 96 44.01 24.02 52.51
C GLY JA 96 43.94 24.62 53.88
N SER JA 97 43.54 23.85 54.89
CA SER JA 97 43.42 24.38 56.25
C SER JA 97 44.75 24.41 57.00
N GLY JA 98 45.80 23.81 56.45
CA GLY JA 98 47.06 23.75 57.15
C GLY JA 98 47.11 22.73 58.28
N TYR JA 99 46.08 21.90 58.42
CA TYR JA 99 46.09 20.87 59.45
C TYR JA 99 47.21 19.88 59.21
N TYR JA 100 47.46 19.52 57.95
CA TYR JA 100 48.57 18.68 57.57
C TYR JA 100 49.60 19.52 56.84
N VAL JA 101 50.85 19.42 57.29
CA VAL JA 101 51.95 20.17 56.69
C VAL JA 101 52.67 19.25 55.72
N GLY JA 102 52.81 19.70 54.47
CA GLY JA 102 53.41 18.85 53.46
C GLY JA 102 52.50 17.69 53.13
N GLU JA 103 53.12 16.60 52.67
CA GLU JA 103 52.43 15.36 52.38
C GLU JA 103 52.59 14.34 53.50
N ASP JA 104 52.64 14.80 54.75
CA ASP JA 104 52.77 13.95 55.92
C ASP JA 104 51.49 14.05 56.73
N PHE JA 105 50.79 12.93 56.87
CA PHE JA 105 49.49 12.90 57.53
C PHE JA 105 49.47 12.09 58.82
N LEU JA 106 50.52 11.31 59.10
CA LEU JA 106 50.53 10.48 60.29
C LEU JA 106 50.81 11.29 61.54
N THR JA 107 51.69 12.29 61.45
CA THR JA 107 52.10 13.03 62.64
C THR JA 107 51.12 14.12 63.04
N ALA JA 108 50.08 14.37 62.23
CA ALA JA 108 49.05 15.31 62.66
C ALA JA 108 48.37 14.81 63.92
N ALA JA 109 48.03 13.53 63.97
CA ALA JA 109 47.63 12.90 65.21
C ALA JA 109 48.85 12.70 66.10
N ARG JA 110 48.64 12.83 67.41
CA ARG JA 110 49.69 12.70 68.41
C ARG JA 110 50.88 13.60 68.12
N ASP JA 149 2.26 19.68 84.44
CA ASP JA 149 1.39 19.65 83.27
C ASP JA 149 0.80 18.26 83.07
N PRO JA 150 -0.49 18.12 83.30
CA PRO JA 150 -1.12 16.79 83.23
C PRO JA 150 -1.03 16.21 81.83
N LEU JA 151 -0.80 14.90 81.78
CA LEU JA 151 -0.73 14.20 80.51
C LEU JA 151 -2.13 14.06 79.92
N PRO JA 152 -2.24 14.00 78.59
CA PRO JA 152 -3.55 13.81 77.98
C PRO JA 152 -4.14 12.46 78.32
N GLY JA 153 -5.47 12.39 78.31
CA GLY JA 153 -6.16 11.16 78.61
C GLY JA 153 -5.79 10.00 77.71
N GLY JA 154 -5.44 8.86 78.30
CA GLY JA 154 -5.09 7.71 77.52
C GLY JA 154 -3.75 7.79 76.83
N PHE JA 155 -2.86 8.68 77.27
CA PHE JA 155 -1.56 8.81 76.64
C PHE JA 155 -0.71 7.58 76.90
N ARG JA 156 -0.06 7.08 75.86
CA ARG JA 156 0.80 5.92 75.94
C ARG JA 156 2.22 6.32 75.63
N PHE JA 157 3.14 5.94 76.49
CA PHE JA 157 4.55 6.27 76.30
C PHE JA 157 5.13 5.45 75.16
N ILE JA 158 6.31 5.84 74.72
CA ILE JA 158 7.00 5.21 73.60
C ILE JA 158 8.16 4.39 74.15
N ASN JA 159 8.18 3.10 73.83
CA ASN JA 159 9.26 2.23 74.25
C ASN JA 159 10.47 2.48 73.35
N VAL JA 160 11.59 2.88 73.96
CA VAL JA 160 12.77 3.24 73.18
C VAL JA 160 13.28 2.03 72.40
N SER JA 161 13.32 0.86 73.03
CA SER JA 161 13.88 -0.31 72.37
C SER JA 161 13.04 -0.74 71.17
N ARG JA 162 11.72 -0.75 71.31
CA ARG JA 162 10.86 -1.17 70.20
C ARG JA 162 10.64 -0.06 69.18
N TYR JA 163 10.94 1.19 69.53
CA TYR JA 163 10.77 2.28 68.58
C TYR JA 163 11.86 2.26 67.51
N GLY JA 164 13.05 1.81 67.85
CA GLY JA 164 14.11 1.67 66.87
C GLY JA 164 15.11 2.80 66.93
N ALA JA 165 16.33 2.52 66.47
CA ALA JA 165 17.38 3.53 66.47
C ALA JA 165 17.06 4.67 65.50
N VAL JA 166 16.53 4.34 64.32
CA VAL JA 166 16.26 5.36 63.32
C VAL JA 166 15.22 6.36 63.83
N ARG JA 167 14.10 5.85 64.34
CA ARG JA 167 13.03 6.73 64.80
C ARG JA 167 13.45 7.48 66.07
N MET JA 168 14.24 6.84 66.93
CA MET JA 168 14.72 7.54 68.12
C MET JA 168 15.65 8.69 67.76
N LYS JA 169 16.53 8.47 66.79
CA LYS JA 169 17.40 9.55 66.33
C LYS JA 169 16.59 10.67 65.70
N ARG JA 170 15.58 10.30 64.89
CA ARG JA 170 14.64 11.28 64.35
C ARG JA 170 14.03 12.13 65.45
N SER JA 171 13.51 11.48 66.49
CA SER JA 171 12.80 12.19 67.56
C SER JA 171 13.74 13.10 68.33
N MET JA 172 14.93 12.61 68.69
CA MET JA 172 15.85 13.42 69.48
C MET JA 172 16.35 14.62 68.68
N ARG JA 173 16.73 14.39 67.42
CA ARG JA 173 17.13 15.52 66.59
C ARG JA 173 15.99 16.49 66.38
N ASP JA 174 14.75 16.00 66.37
CA ASP JA 174 13.61 16.89 66.22
C ASP JA 174 13.42 17.77 67.44
N LEU JA 175 13.57 17.20 68.65
CA LEU JA 175 13.45 18.01 69.85
C LEU JA 175 14.55 19.07 69.91
N ALA JA 176 15.78 18.67 69.62
CA ALA JA 176 16.88 19.63 69.62
C ALA JA 176 16.68 20.70 68.56
N TRP JA 177 16.17 20.30 67.39
CA TRP JA 177 15.88 21.23 66.31
C TRP JA 177 14.80 22.22 66.70
N PHE JA 178 13.75 21.75 67.39
CA PHE JA 178 12.70 22.64 67.87
C PHE JA 178 13.27 23.69 68.82
N LEU JA 179 14.11 23.25 69.76
CA LEU JA 179 14.70 24.21 70.70
C LEU JA 179 15.60 25.21 69.95
N ARG JA 180 16.40 24.71 69.01
CA ARG JA 180 17.29 25.60 68.25
C ARG JA 180 16.50 26.63 67.47
N TYR JA 181 15.42 26.23 66.83
CA TYR JA 181 14.63 27.19 66.07
C TYR JA 181 13.88 28.14 66.99
N ILE JA 182 13.56 27.71 68.20
CA ILE JA 182 12.96 28.64 69.15
C ILE JA 182 13.95 29.72 69.54
N THR JA 183 15.21 29.35 69.78
CA THR JA 183 16.22 30.37 70.07
C THR JA 183 16.44 31.28 68.85
N TYR JA 184 16.40 30.71 67.66
CA TYR JA 184 16.50 31.52 66.45
C TYR JA 184 15.37 32.53 66.36
N ALA JA 185 14.14 32.09 66.67
CA ALA JA 185 13.00 32.98 66.64
C ALA JA 185 13.11 34.06 67.71
N ILE JA 186 13.66 33.71 68.88
CA ILE JA 186 13.87 34.71 69.92
C ILE JA 186 14.81 35.80 69.41
N VAL JA 187 15.93 35.39 68.80
CA VAL JA 187 16.89 36.37 68.32
C VAL JA 187 16.32 37.19 67.17
N ALA JA 188 15.60 36.55 66.26
CA ALA JA 188 15.07 37.25 65.08
C ALA JA 188 13.94 38.19 65.43
N GLY JA 189 13.37 38.09 66.63
CA GLY JA 189 12.25 38.94 66.99
C GLY JA 189 10.94 38.57 66.33
N ASP JA 190 10.89 37.42 65.65
CA ASP JA 190 9.73 37.02 64.88
C ASP JA 190 9.63 35.51 64.91
N GLY JA 191 8.41 35.00 65.11
CA GLY JA 191 8.19 33.57 65.21
C GLY JA 191 7.99 32.92 63.86
N SER JA 192 8.22 33.69 62.79
CA SER JA 192 7.99 33.18 61.44
C SER JA 192 8.81 31.94 61.16
N ILE JA 193 10.08 31.94 61.55
CA ILE JA 193 10.95 30.79 61.33
C ILE JA 193 10.37 29.54 61.96
N LEU JA 194 9.53 29.68 62.98
CA LEU JA 194 8.80 28.54 63.51
C LEU JA 194 7.54 28.27 62.70
N SER JA 195 6.72 29.30 62.47
CA SER JA 195 5.41 29.10 61.88
C SER JA 195 5.50 28.50 60.49
N ALA JA 196 6.43 29.00 59.67
CA ALA JA 196 6.57 28.48 58.32
C ALA JA 196 7.12 27.06 58.31
N ASN JA 197 7.71 26.59 59.39
CA ASN JA 197 8.36 25.30 59.40
C ASN JA 197 7.63 24.25 60.23
N VAL JA 198 6.54 24.62 60.89
CA VAL JA 198 5.73 23.62 61.59
C VAL JA 198 4.30 23.55 61.09
N ARG JA 199 3.80 24.55 60.37
CA ARG JA 199 2.49 24.41 59.73
C ARG JA 199 2.63 23.43 58.58
N GLY JA 200 1.94 22.29 58.67
CA GLY JA 200 2.14 21.20 57.75
C GLY JA 200 3.11 20.15 58.24
N LEU JA 201 3.80 20.39 59.36
CA LEU JA 201 4.69 19.39 59.92
C LEU JA 201 3.91 18.21 60.50
N ARG JA 202 2.72 18.47 61.05
CA ARG JA 202 1.89 17.40 61.56
C ARG JA 202 1.48 16.47 60.42
N GLY JA 203 1.87 15.21 60.52
CA GLY JA 203 1.75 14.26 59.46
C GLY JA 203 3.06 13.94 58.78
N VAL JA 204 3.91 14.94 58.59
CA VAL JA 204 5.30 14.68 58.22
C VAL JA 204 6.03 13.99 59.35
N ILE JA 205 5.91 14.54 60.55
CA ILE JA 205 6.12 13.74 61.76
C ILE JA 205 4.93 12.79 61.91
N PRO JA 206 5.16 11.51 62.15
CA PRO JA 206 4.05 10.55 62.04
C PRO JA 206 2.87 10.92 62.92
N GLU JA 207 1.67 10.72 62.37
CA GLU JA 207 0.45 11.03 63.10
C GLU JA 207 0.29 10.17 64.34
N ASP JA 208 0.99 9.04 64.42
CA ASP JA 208 0.93 8.21 65.61
C ASP JA 208 1.50 8.91 66.83
N VAL JA 209 2.41 9.86 66.65
CA VAL JA 209 3.15 10.42 67.77
C VAL JA 209 2.92 11.92 67.90
N THR JA 210 1.98 12.47 67.13
CA THR JA 210 1.77 13.91 67.16
C THR JA 210 1.50 14.40 68.59
N GLU JA 211 0.55 13.78 69.28
CA GLU JA 211 0.28 14.18 70.66
C GLU JA 211 1.50 13.97 71.53
N ALA JA 212 2.25 12.88 71.32
CA ALA JA 212 3.50 12.69 72.04
C ALA JA 212 4.41 13.88 71.84
N THR JA 213 4.57 14.31 70.58
CA THR JA 213 5.35 15.50 70.30
C THR JA 213 4.88 16.67 71.14
N ILE JA 214 3.56 16.91 71.15
CA ILE JA 214 3.03 18.03 71.93
C ILE JA 214 3.45 17.89 73.37
N VAL JA 215 3.30 16.69 73.94
CA VAL JA 215 3.67 16.47 75.33
C VAL JA 215 5.12 16.86 75.53
N ALA JA 216 6.01 16.34 74.69
CA ALA JA 216 7.42 16.65 74.83
C ALA JA 216 7.65 18.15 74.76
N LEU JA 217 7.02 18.81 73.78
CA LEU JA 217 7.19 20.25 73.65
C LEU JA 217 6.78 20.95 74.94
N ARG JA 218 5.61 20.58 75.47
CA ARG JA 218 5.16 21.21 76.70
C ARG JA 218 6.16 20.98 77.82
N ALA JA 219 6.68 19.76 77.94
CA ALA JA 219 7.70 19.49 78.94
C ALA JA 219 8.88 20.41 78.75
N MET JA 220 9.37 20.52 77.51
CA MET JA 220 10.48 21.43 77.24
C MET JA 220 10.11 22.84 77.66
N ARG JA 221 8.92 23.29 77.29
CA ARG JA 221 8.46 24.61 77.70
C ARG JA 221 8.57 24.77 79.20
N ARG JA 222 8.07 23.80 79.95
CA ARG JA 222 8.13 23.88 81.41
C ARG JA 222 9.57 24.07 81.86
N GLN JA 223 10.48 23.24 81.36
CA GLN JA 223 11.87 23.34 81.76
C GLN JA 223 12.43 24.71 81.41
N SER JA 224 12.09 25.21 80.23
CA SER JA 224 12.57 26.53 79.83
C SER JA 224 12.10 27.59 80.81
N LEU JA 225 10.83 27.51 81.21
CA LEU JA 225 10.30 28.50 82.13
C LEU JA 225 10.93 28.38 83.50
N ASP JA 226 11.53 27.23 83.80
CA ASP JA 226 12.23 27.09 85.06
C ASP JA 226 13.57 27.80 85.06
N TYR JA 227 14.02 28.30 83.91
CA TYR JA 227 15.35 28.87 83.81
C TYR JA 227 15.37 30.38 83.91
N PHE JA 228 14.21 31.03 84.00
CA PHE JA 228 14.17 32.45 84.31
C PHE JA 228 13.51 32.72 85.65
N LEU JA 229 12.21 32.42 85.76
CA LEU JA 229 11.44 32.46 87.02
C LEU JA 229 11.58 33.77 87.79
N GLU JA 230 12.15 34.80 87.17
CA GLU JA 230 12.44 36.04 87.87
C GLU JA 230 12.25 37.27 87.00
N ASP JA 231 11.82 37.12 85.76
CA ASP JA 231 11.73 38.23 84.81
C ASP JA 231 10.31 38.60 84.45
N ALA JA 232 9.45 37.61 84.20
CA ALA JA 232 8.05 37.76 83.80
C ALA JA 232 7.92 38.39 82.42
N GLU JA 233 9.03 38.81 81.81
CA GLU JA 233 9.07 39.28 80.43
C GLU JA 233 9.77 38.29 79.52
N ALA JA 234 10.93 37.79 79.95
CA ALA JA 234 11.54 36.67 79.23
C ALA JA 234 10.67 35.44 79.28
N THR JA 235 10.04 35.19 80.44
CA THR JA 235 9.12 34.07 80.54
C THR JA 235 7.93 34.27 79.61
N GLN JA 236 7.44 35.51 79.50
CA GLN JA 236 6.35 35.79 78.57
C GLN JA 236 6.76 35.50 77.13
N LEU JA 237 7.98 35.91 76.75
CA LEU JA 237 8.44 35.69 75.38
C LEU JA 237 8.62 34.21 75.09
N VAL JA 238 9.22 33.47 76.02
CA VAL JA 238 9.44 32.03 75.81
C VAL JA 238 8.10 31.31 75.76
N LYS JA 239 7.17 31.66 76.65
CA LYS JA 239 5.84 31.09 76.62
C LYS JA 239 5.15 31.37 75.29
N GLY JA 240 5.26 32.60 74.80
CA GLY JA 240 4.63 32.94 73.55
C GLY JA 240 5.19 32.15 72.38
N TYR JA 241 6.51 32.02 72.32
CA TYR JA 241 7.11 31.28 71.22
C TYR JA 241 6.76 29.79 71.29
N PHE JA 242 6.79 29.21 72.48
CA PHE JA 242 6.41 27.80 72.60
C PHE JA 242 4.94 27.58 72.26
N ASP JA 243 4.07 28.49 72.69
CA ASP JA 243 2.65 28.38 72.38
C ASP JA 243 2.40 28.54 70.90
N LEU JA 244 3.10 29.46 70.25
CA LEU JA 244 2.96 29.62 68.81
C LEU JA 244 3.44 28.36 68.09
N LEU JA 245 4.55 27.78 68.54
CA LEU JA 245 5.04 26.55 67.94
C LEU JA 245 4.01 25.44 68.06
N ILE JA 246 3.43 25.27 69.25
CA ILE JA 246 2.46 24.20 69.46
C ILE JA 246 1.20 24.45 68.64
N ALA JA 247 0.72 25.70 68.62
CA ALA JA 247 -0.52 26.02 67.91
C ALA JA 247 -0.35 25.81 66.41
N GLU JA 248 0.78 26.25 65.85
CA GLU JA 248 1.00 26.07 64.43
C GLU JA 248 1.24 24.62 64.07
N TYR JA 249 1.92 23.87 64.95
CA TYR JA 249 2.14 22.45 64.69
C TYR JA 249 0.83 21.67 64.71
N LEU JA 250 -0.18 22.18 65.41
CA LEU JA 250 -1.45 21.47 65.52
C LEU JA 250 -2.33 21.60 64.28
N THR JA 251 -1.99 22.50 63.35
CA THR JA 251 -2.76 22.61 62.11
C THR JA 251 -2.66 21.30 61.33
N ASP JA 252 -3.80 20.81 60.87
CA ASP JA 252 -3.90 19.47 60.30
C ASP JA 252 -4.03 19.58 58.79
N LYS JA 253 -2.92 19.30 58.10
CA LYS JA 253 -2.84 19.30 56.64
C LYS JA 253 -3.36 20.60 56.05
N PRO JA 254 -2.63 21.70 56.20
CA PRO JA 254 -3.07 22.96 55.59
C PRO JA 254 -3.14 22.83 54.07
N SER JA 255 -4.15 23.46 53.50
CA SER JA 255 -4.41 23.31 52.08
C SER JA 255 -3.40 24.10 51.26
N ASN JA 256 -2.95 23.51 50.16
CA ASN JA 256 -2.10 24.22 49.21
C ASN JA 256 -2.90 25.30 48.52
N GLN JA 257 -2.25 26.43 48.27
CA GLN JA 257 -2.86 27.53 47.53
C GLN JA 257 -2.80 27.20 46.05
N VAL JA 258 -3.95 27.04 45.42
CA VAL JA 258 -4.01 26.64 44.02
C VAL JA 258 -4.03 27.88 43.14
N ARG JA 259 -3.24 27.84 42.08
CA ARG JA 259 -3.22 28.87 41.05
C ARG JA 259 -3.82 28.22 39.81
N ILE JA 260 -5.12 28.46 39.59
CA ILE JA 260 -5.83 27.86 38.48
C ILE JA 260 -5.44 28.56 37.19
N GLY JA 261 -5.18 27.76 36.15
CA GLY JA 261 -4.83 28.34 34.86
C GLY JA 261 -5.95 29.22 34.33
N VAL JA 262 -5.58 30.40 33.83
CA VAL JA 262 -6.56 31.36 33.34
C VAL JA 262 -7.13 30.97 31.98
N SER JA 263 -6.51 30.02 31.29
CA SER JA 263 -7.01 29.54 30.01
C SER JA 263 -6.47 28.14 29.78
N ASN JA 264 -6.93 27.51 28.71
CA ASN JA 264 -6.49 26.17 28.39
C ASN JA 264 -5.04 26.10 27.95
N ASP JA 265 -4.42 27.25 27.68
CA ASP JA 265 -3.01 27.28 27.32
C ASP JA 265 -2.10 27.48 28.53
N GLN JA 266 -2.68 27.61 29.72
CA GLN JA 266 -1.92 27.86 30.93
C GLN JA 266 -2.15 26.73 31.93
N GLN JA 267 -1.07 26.28 32.56
CA GLN JA 267 -1.14 25.20 33.53
C GLN JA 267 -1.56 25.72 34.89
N GLY JA 268 -2.16 24.83 35.68
CA GLY JA 268 -2.51 25.12 37.05
C GLY JA 268 -1.46 24.57 37.99
N LEU JA 269 -1.26 25.26 39.11
CA LEU JA 269 -0.15 24.95 39.99
C LEU JA 269 -0.62 25.01 41.44
N GLN JA 270 0.25 24.59 42.35
CA GLN JA 270 -0.04 24.61 43.78
C GLN JA 270 1.17 25.14 44.52
N LEU JA 271 0.92 25.87 45.60
CA LEU JA 271 1.98 26.41 46.44
C LEU JA 271 1.69 26.06 47.88
N PRO JA 272 2.57 25.34 48.58
CA PRO JA 272 2.36 25.08 50.00
C PRO JA 272 2.30 26.38 50.79
N GLN JA 273 1.51 26.37 51.86
CA GLN JA 273 1.34 27.57 52.67
C GLN JA 273 2.64 28.02 53.30
N SER JA 274 3.56 27.08 53.57
CA SER JA 274 4.83 27.44 54.19
C SER JA 274 5.63 28.38 53.30
N TYR JA 275 5.63 28.12 51.99
CA TYR JA 275 6.35 28.98 51.07
C TYR JA 275 5.79 30.40 51.07
N SER JA 276 4.46 30.53 51.08
CA SER JA 276 3.85 31.85 51.12
C SER JA 276 4.16 32.55 52.44
N MET JA 277 4.07 31.83 53.55
CA MET JA 277 4.32 32.43 54.86
C MET JA 277 5.74 32.93 54.98
N SER JA 278 6.72 32.16 54.48
CA SER JA 278 8.10 32.57 54.61
C SER JA 278 8.45 33.70 53.66
N ALA JA 279 7.72 33.84 52.56
CA ALA JA 279 8.05 34.84 51.56
C ALA JA 279 7.75 36.24 52.06
N GLU JA 280 8.37 37.22 51.40
CA GLU JA 280 8.15 38.61 51.76
C GLU JA 280 6.69 38.99 51.51
N VAL JA 281 6.17 39.86 52.37
CA VAL JA 281 4.77 40.24 52.35
C VAL JA 281 4.57 41.34 51.32
N ARG JA 282 3.66 41.13 50.41
CA ARG JA 282 3.28 42.18 49.46
C ARG JA 282 2.24 43.08 50.09
N PRO JA 283 2.53 44.35 50.34
CA PRO JA 283 1.52 45.25 50.90
C PRO JA 283 0.45 45.54 49.85
N LYS JA 284 -0.80 45.30 50.21
CA LYS JA 284 -1.93 45.45 49.29
C LYS JA 284 -2.77 46.64 49.71
N PHE JA 285 -3.09 47.50 48.74
CA PHE JA 285 -3.89 48.68 48.98
C PHE JA 285 -5.30 48.46 48.43
N VAL JA 286 -6.30 48.71 49.27
CA VAL JA 286 -7.70 48.61 48.87
C VAL JA 286 -8.30 50.01 48.95
N PHE JA 287 -8.88 50.46 47.85
CA PHE JA 287 -9.47 51.78 47.81
C PHE JA 287 -10.88 51.73 48.36
N LYS JA 288 -11.16 52.58 49.34
CA LYS JA 288 -12.48 52.71 49.93
C LYS JA 288 -12.91 54.16 49.85
N GLN JA 289 -14.13 54.40 49.38
CA GLN JA 289 -14.62 55.77 49.26
C GLN JA 289 -14.82 56.43 50.62
N ALA JA 290 -14.94 55.64 51.68
CA ALA JA 290 -15.11 56.19 53.02
C ALA JA 290 -13.80 56.51 53.71
N ALA JA 291 -12.67 56.14 53.13
CA ALA JA 291 -11.38 56.42 53.73
C ALA JA 291 -11.07 57.92 53.63
N THR JA 292 -10.14 58.36 54.47
CA THR JA 292 -9.73 59.76 54.46
C THR JA 292 -8.93 60.06 53.19
N LEU JA 293 -8.76 61.35 52.92
CA LEU JA 293 -8.11 61.77 51.69
C LEU JA 293 -6.66 61.28 51.61
N THR JA 294 -5.96 61.28 52.74
CA THR JA 294 -4.57 60.84 52.74
C THR JA 294 -4.44 59.37 52.36
N GLN JA 295 -5.32 58.53 52.89
CA GLN JA 295 -5.27 57.10 52.55
C GLN JA 295 -5.63 56.86 51.09
N LYS JA 296 -6.61 57.60 50.57
CA LYS JA 296 -6.94 57.51 49.15
C LYS JA 296 -5.76 57.94 48.29
N GLN JA 297 -5.06 59.00 48.71
CA GLN JA 297 -3.90 59.47 47.95
C GLN JA 297 -2.78 58.44 48.00
N GLU JA 298 -2.63 57.75 49.13
CA GLU JA 298 -1.63 56.69 49.22
C GLU JA 298 -1.96 55.54 48.27
N ALA JA 299 -3.24 55.14 48.21
CA ALA JA 299 -3.65 54.11 47.26
C ALA JA 299 -3.43 54.56 45.82
N ILE JA 300 -3.72 55.83 45.54
CA ILE JA 300 -3.52 56.34 44.18
C ILE JA 300 -2.04 56.34 43.82
N ALA JA 301 -1.19 56.71 44.77
CA ALA JA 301 0.25 56.64 44.55
C ALA JA 301 0.70 55.21 44.29
N ALA JA 302 0.10 54.25 44.99
CA ALA JA 302 0.40 52.84 44.71
C ALA JA 302 -0.01 52.46 43.28
N ILE JA 303 -1.17 52.94 42.83
CA ILE JA 303 -1.59 52.68 41.47
C ILE JA 303 -0.58 53.24 40.48
N TYR JA 304 -0.13 54.47 40.72
CA TYR JA 304 0.86 55.09 39.84
C TYR JA 304 2.16 54.31 39.84
N ARG JA 305 2.60 53.86 41.03
CA ARG JA 305 3.83 53.10 41.12
C ARG JA 305 3.73 51.76 40.41
N HIS JA 306 2.55 51.17 40.34
CA HIS JA 306 2.44 49.90 39.64
C HIS JA 306 2.33 50.09 38.13
N VAL JA 307 1.41 50.95 37.69
CA VAL JA 307 1.13 51.06 36.26
C VAL JA 307 2.29 51.69 35.52
N PHE JA 308 2.91 52.72 36.10
CA PHE JA 308 4.00 53.43 35.46
C PHE JA 308 5.37 52.99 35.95
N GLU JA 309 5.44 51.95 36.77
CA GLU JA 309 6.64 51.43 37.41
C GLU JA 309 7.24 52.42 38.39
N ARG JA 310 6.67 53.61 38.53
CA ARG JA 310 7.18 54.69 39.35
C ARG JA 310 6.18 55.83 39.29
N ASP JA 311 6.12 56.66 40.33
CA ASP JA 311 5.24 57.83 40.30
C ASP JA 311 5.89 58.90 39.44
N VAL JA 312 5.60 58.82 38.14
CA VAL JA 312 6.18 59.72 37.15
C VAL JA 312 5.20 60.84 36.87
N THR JA 313 4.06 60.83 37.56
CA THR JA 313 2.96 61.71 37.21
C THR JA 313 3.35 63.18 37.37
N ASP JA 314 4.05 63.50 38.45
CA ASP JA 314 4.45 64.88 38.68
C ASP JA 314 5.55 65.30 37.70
N THR JA 315 6.49 64.40 37.43
CA THR JA 315 7.63 64.69 36.58
C THR JA 315 7.21 65.09 35.18
N TYR JA 316 6.26 64.35 34.59
CA TYR JA 316 5.86 64.53 33.22
C TYR JA 316 4.70 65.52 33.07
N GLY JA 317 4.32 66.18 34.16
CA GLY JA 317 3.25 67.15 34.08
C GLY JA 317 1.93 66.52 33.68
N PHE JA 318 1.61 65.39 34.32
CA PHE JA 318 0.38 64.64 34.04
C PHE JA 318 -0.78 65.32 34.76
N THR JA 319 -1.11 66.53 34.31
CA THR JA 319 -2.12 67.34 34.98
C THR JA 319 -3.51 66.71 34.93
N GLN JA 320 -3.82 65.98 33.85
CA GLN JA 320 -5.13 65.34 33.76
C GLN JA 320 -5.36 64.34 34.87
N LYS JA 321 -4.29 63.87 35.53
CA LYS JA 321 -4.43 63.03 36.71
C LYS JA 321 -5.36 63.65 37.75
N ALA JA 322 -5.53 64.97 37.74
CA ALA JA 322 -6.49 65.58 38.65
C ALA JA 322 -7.88 65.02 38.40
N GLU JA 323 -8.39 65.17 37.17
CA GLU JA 323 -9.76 64.78 36.88
C GLU JA 323 -9.99 63.31 37.20
N LEU JA 324 -9.13 62.43 36.67
CA LEU JA 324 -9.21 61.01 36.99
C LEU JA 324 -9.25 60.80 38.50
N GLU JA 325 -8.35 61.45 39.23
CA GLU JA 325 -8.31 61.24 40.67
C GLU JA 325 -9.63 61.62 41.29
N SER JA 326 -10.22 62.74 40.86
CA SER JA 326 -11.52 63.12 41.37
C SER JA 326 -12.53 62.02 41.11
N GLN JA 327 -12.57 61.50 39.89
CA GLN JA 327 -13.52 60.46 39.54
C GLN JA 327 -13.31 59.21 40.38
N LEU JA 328 -12.10 59.04 40.91
CA LEU JA 328 -11.85 57.90 41.79
C LEU JA 328 -12.22 58.24 43.23
N ILE JA 329 -11.94 59.47 43.66
CA ILE JA 329 -12.17 59.85 45.04
C ILE JA 329 -13.66 59.97 45.31
N GLY JA 330 -14.42 60.51 44.35
CA GLY JA 330 -15.85 60.62 44.51
C GLY JA 330 -16.60 59.32 44.35
N GLY JA 331 -15.92 58.25 43.95
CA GLY JA 331 -16.55 56.95 43.81
C GLY JA 331 -17.25 56.71 42.50
N ASN JA 332 -17.12 57.62 41.53
CA ASN JA 332 -17.76 57.42 40.23
C ASN JA 332 -17.20 56.19 39.53
N ILE JA 333 -15.87 56.02 39.56
CA ILE JA 333 -15.21 54.89 38.95
C ILE JA 333 -14.46 54.11 40.02
N SER JA 334 -14.04 52.91 39.66
CA SER JA 334 -13.31 52.05 40.56
C SER JA 334 -11.82 52.12 40.25
N VAL JA 335 -11.03 51.35 41.00
CA VAL JA 335 -9.61 51.23 40.71
C VAL JA 335 -9.40 50.57 39.36
N LYS JA 336 -10.27 49.63 39.00
CA LYS JA 336 -10.18 48.98 37.70
C LYS JA 336 -10.34 49.99 36.57
N GLU JA 337 -11.36 50.85 36.65
CA GLU JA 337 -11.57 51.85 35.62
C GLU JA 337 -10.49 52.92 35.65
N PHE JA 338 -9.98 53.25 36.84
CA PHE JA 338 -8.87 54.18 36.95
C PHE JA 338 -7.64 53.64 36.23
N VAL JA 339 -7.33 52.36 36.44
CA VAL JA 339 -6.19 51.75 35.77
C VAL JA 339 -6.42 51.66 34.28
N ARG JA 340 -7.66 51.37 33.86
CA ARG JA 340 -7.97 51.33 32.44
C ARG JA 340 -7.77 52.69 31.78
N ARG JA 341 -8.18 53.76 32.46
CA ARG JA 341 -7.97 55.10 31.92
C ARG JA 341 -6.50 55.49 31.94
N LEU JA 342 -5.75 55.04 32.95
CA LEU JA 342 -4.32 55.31 32.97
C LEU JA 342 -3.61 54.62 31.81
N GLY JA 343 -4.00 53.38 31.51
CA GLY JA 343 -3.37 52.66 30.42
C GLY JA 343 -3.64 53.30 29.06
N LYS JA 344 -4.80 53.93 28.91
CA LYS JA 344 -5.15 54.61 27.68
C LYS JA 344 -4.71 56.07 27.66
N SER JA 345 -4.04 56.53 28.72
CA SER JA 345 -3.60 57.91 28.77
C SER JA 345 -2.40 58.13 27.84
N ARG JA 346 -2.11 59.40 27.59
CA ARG JA 346 -0.95 59.73 26.77
C ARG JA 346 0.35 59.46 27.51
N LEU JA 347 0.33 59.53 28.85
CA LEU JA 347 1.54 59.26 29.61
C LEU JA 347 1.99 57.81 29.45
N TYR JA 348 1.04 56.88 29.53
CA TYR JA 348 1.40 55.48 29.37
C TYR JA 348 1.90 55.21 27.96
N ARG JA 349 1.27 55.82 26.95
CA ARG JA 349 1.72 55.63 25.58
C ARG JA 349 3.13 56.18 25.39
N ARG JA 350 3.42 57.34 25.98
CA ARG JA 350 4.75 57.92 25.86
C ARG JA 350 5.79 57.06 26.57
N LEU JA 351 5.43 56.47 27.71
CA LEU JA 351 6.43 55.76 28.50
C LEU JA 351 6.65 54.34 28.02
N PHE JA 352 5.59 53.59 27.77
CA PHE JA 352 5.71 52.15 27.54
C PHE JA 352 5.11 51.69 26.22
N TYR JA 353 4.84 52.60 25.29
CA TYR JA 353 4.50 52.19 23.93
C TYR JA 353 5.44 52.77 22.89
N GLU JA 354 5.70 54.07 22.95
CA GLU JA 354 6.53 54.71 21.93
C GLU JA 354 7.95 54.15 21.85
N PRO JA 355 8.67 53.92 22.96
CA PRO JA 355 10.04 53.42 22.83
C PRO JA 355 10.15 51.97 22.39
N PHE JA 356 9.07 51.22 22.37
CA PHE JA 356 9.12 49.78 22.22
C PHE JA 356 8.39 49.32 20.97
N THR JA 357 8.76 48.12 20.52
CA THR JA 357 8.02 47.46 19.46
C THR JA 357 6.72 46.91 20.04
N ILE JA 358 5.88 46.36 19.16
CA ILE JA 358 4.58 45.85 19.61
C ILE JA 358 4.78 44.67 20.56
N SER JA 359 5.73 43.79 20.27
CA SER JA 359 5.96 42.63 21.12
C SER JA 359 6.44 43.05 22.50
N ARG JA 360 7.43 43.92 22.56
CA ARG JA 360 7.93 44.38 23.85
C ARG JA 360 6.88 45.18 24.60
N ALA JA 361 6.09 45.98 23.89
CA ALA JA 361 5.02 46.74 24.53
C ALA JA 361 3.99 45.81 25.15
N ILE JA 362 3.63 44.73 24.44
CA ILE JA 362 2.72 43.75 25.02
C ILE JA 362 3.33 43.10 26.25
N GLU JA 363 4.61 42.74 26.16
CA GLU JA 363 5.27 42.08 27.29
C GLU JA 363 5.30 42.98 28.51
N LEU JA 364 5.51 44.28 28.32
CA LEU JA 364 5.53 45.21 29.45
C LEU JA 364 4.12 45.46 29.99
N ALA JA 365 3.14 45.60 29.10
CA ALA JA 365 1.77 45.81 29.54
C ALA JA 365 1.26 44.63 30.35
N ALA JA 366 1.76 43.43 30.07
CA ALA JA 366 1.39 42.28 30.89
C ALA JA 366 1.74 42.52 32.35
N ARG JA 367 2.96 43.00 32.60
CA ARG JA 367 3.36 43.30 33.98
C ARG JA 367 2.58 44.48 34.54
N HIS JA 368 2.34 45.50 33.72
CA HIS JA 368 1.74 46.72 34.25
C HIS JA 368 0.27 46.55 34.58
N PHE JA 369 -0.44 45.66 33.89
CA PHE JA 369 -1.87 45.49 34.11
C PHE JA 369 -2.25 44.17 34.73
N LEU JA 370 -1.34 43.20 34.80
CA LEU JA 370 -1.64 41.93 35.45
C LEU JA 370 -0.66 41.60 36.57
N GLY JA 371 0.43 42.34 36.72
CA GLY JA 371 1.40 42.01 37.73
C GLY JA 371 2.18 40.76 37.47
N ARG JA 372 2.26 40.32 36.22
CA ARG JA 372 2.95 39.09 35.88
C ARG JA 372 3.38 39.16 34.43
N GLY JA 373 4.29 38.28 34.05
CA GLY JA 373 4.69 38.17 32.67
C GLY JA 373 3.78 37.25 31.88
N LEU JA 374 3.98 37.26 30.57
CA LEU JA 374 3.21 36.37 29.70
C LEU JA 374 3.59 34.93 29.97
N SER JA 375 2.61 34.04 29.84
CA SER JA 375 2.82 32.64 30.21
C SER JA 375 3.24 31.78 29.03
N SER JA 376 2.54 31.89 27.90
CA SER JA 376 2.81 31.05 26.74
C SER JA 376 2.76 31.91 25.49
N ARG JA 377 3.15 31.31 24.37
CA ARG JA 377 3.10 32.03 23.11
C ARG JA 377 1.68 32.15 22.57
N GLU JA 378 0.75 31.31 23.04
CA GLU JA 378 -0.64 31.48 22.65
C GLU JA 378 -1.23 32.72 23.28
N GLU JA 379 -0.88 32.99 24.54
CA GLU JA 379 -1.32 34.22 25.19
C GLU JA 379 -0.76 35.43 24.46
N PHE JA 380 0.52 35.38 24.07
CA PHE JA 380 1.09 36.47 23.29
C PHE JA 380 0.39 36.60 21.96
N GLN JA 381 0.00 35.48 21.34
CA GLN JA 381 -0.68 35.54 20.06
C GLN JA 381 -2.02 36.24 20.19
N THR JA 382 -2.79 35.91 21.23
CA THR JA 382 -4.07 36.57 21.43
C THR JA 382 -3.89 38.07 21.67
N TYR JA 383 -2.91 38.44 22.49
CA TYR JA 383 -2.72 39.87 22.77
C TYR JA 383 -2.19 40.60 21.54
N PHE JA 384 -1.34 39.96 20.75
CA PHE JA 384 -0.85 40.55 19.51
C PHE JA 384 -2.00 40.75 18.53
N ASP JA 385 -2.91 39.78 18.45
CA ASP JA 385 -4.07 39.93 17.58
C ASP JA 385 -4.96 41.07 18.04
N VAL JA 386 -5.14 41.20 19.36
CA VAL JA 386 -5.93 42.30 19.91
C VAL JA 386 -5.31 43.64 19.53
N MET JA 387 -3.99 43.74 19.69
CA MET JA 387 -3.28 44.98 19.37
C MET JA 387 -3.34 45.29 17.88
N THR JA 388 -3.24 44.26 17.04
CA THR JA 388 -3.35 44.47 15.60
C THR JA 388 -4.74 44.96 15.22
N LYS JA 389 -5.78 44.39 15.84
CA LYS JA 389 -7.14 44.76 15.50
C LYS JA 389 -7.46 46.17 15.98
N GLY JA 390 -7.15 46.49 17.23
CA GLY JA 390 -7.67 47.70 17.82
C GLY JA 390 -6.65 48.71 18.30
N GLY JA 391 -5.43 48.28 18.51
CA GLY JA 391 -4.37 49.17 18.93
C GLY JA 391 -4.10 49.07 20.42
N LEU JA 392 -3.37 50.06 20.93
CA LEU JA 392 -3.01 50.10 22.34
C LEU JA 392 -4.23 50.17 23.26
N PRO JA 393 -5.24 51.00 23.01
CA PRO JA 393 -6.43 50.96 23.88
C PRO JA 393 -7.11 49.60 23.91
N ALA JA 394 -7.14 48.90 22.77
CA ALA JA 394 -7.73 47.57 22.75
C ALA JA 394 -6.92 46.60 23.61
N LEU JA 395 -5.59 46.72 23.57
CA LEU JA 395 -4.74 45.86 24.40
C LEU JA 395 -4.96 46.15 25.88
N VAL JA 396 -5.08 47.43 26.24
CA VAL JA 396 -5.34 47.79 27.63
C VAL JA 396 -6.69 47.23 28.07
N ASP JA 397 -7.70 47.33 27.21
CA ASP JA 397 -9.00 46.75 27.53
C ASP JA 397 -8.91 45.24 27.70
N ALA JA 398 -8.16 44.58 26.83
CA ALA JA 398 -8.03 43.12 26.92
C ALA JA 398 -7.38 42.71 28.24
N PHE JA 399 -6.39 43.47 28.68
CA PHE JA 399 -5.74 43.16 29.95
C PHE JA 399 -6.67 43.43 31.13
N VAL JA 400 -7.27 44.62 31.17
CA VAL JA 400 -8.04 45.02 32.34
C VAL JA 400 -9.35 44.26 32.43
N ASP JA 401 -10.03 44.05 31.31
CA ASP JA 401 -11.32 43.38 31.30
C ASP JA 401 -11.21 41.87 31.46
N SER JA 402 -10.00 41.32 31.53
CA SER JA 402 -9.82 39.89 31.66
C SER JA 402 -10.37 39.39 32.99
N ALA JA 403 -10.77 38.13 33.01
CA ALA JA 403 -11.24 37.52 34.25
C ALA JA 403 -10.12 37.43 35.28
N GLU JA 404 -8.87 37.35 34.82
CA GLU JA 404 -7.75 37.26 35.74
C GLU JA 404 -7.59 38.55 36.55
N TYR JA 405 -7.77 39.70 35.91
CA TYR JA 405 -7.67 40.96 36.63
C TYR JA 405 -8.68 41.04 37.76
N SER JA 406 -9.94 40.67 37.48
CA SER JA 406 -10.95 40.71 38.52
C SER JA 406 -10.72 39.62 39.55
N ASP JA 407 -10.13 38.50 39.16
CA ASP JA 407 -9.80 37.45 40.11
C ASP JA 407 -8.77 37.93 41.11
N TYR JA 408 -7.76 38.66 40.66
CA TYR JA 408 -6.67 39.05 41.55
C TYR JA 408 -6.90 40.39 42.22
N PHE JA 409 -7.36 41.39 41.47
CA PHE JA 409 -7.50 42.74 42.00
C PHE JA 409 -8.95 43.20 42.13
N GLY JA 410 -9.90 42.52 41.52
CA GLY JA 410 -11.29 42.90 41.66
C GLY JA 410 -11.53 44.31 41.15
N GLU JA 411 -12.24 45.11 41.96
CA GLU JA 411 -12.53 46.49 41.61
C GLU JA 411 -11.88 47.51 42.51
N GLU JA 412 -11.51 47.14 43.74
CA GLU JA 412 -10.95 48.09 44.69
C GLU JA 412 -9.48 47.88 45.01
N THR JA 413 -8.96 46.68 44.81
CA THR JA 413 -7.57 46.41 45.14
C THR JA 413 -6.66 47.00 44.08
N VAL JA 414 -5.67 47.75 44.51
CA VAL JA 414 -4.64 48.28 43.61
C VAL JA 414 -3.85 47.11 43.03
N PRO JA 415 -3.59 47.09 41.73
CA PRO JA 415 -2.77 46.01 41.17
C PRO JA 415 -1.39 45.95 41.80
N TYR JA 416 -0.91 44.74 42.03
CA TYR JA 416 0.36 44.50 42.68
C TYR JA 416 1.14 43.47 41.88
N LEU JA 417 2.45 43.45 42.10
CA LEU JA 417 3.30 42.49 41.44
C LEU JA 417 3.16 41.12 42.09
N ARG JA 418 2.79 40.13 41.31
CA ARG JA 418 2.78 38.75 41.77
C ARG JA 418 4.17 38.17 41.55
N GLY JA 419 4.31 36.85 41.61
CA GLY JA 419 5.59 36.26 41.30
C GLY JA 419 6.10 35.30 42.36
N LEU JA 420 7.42 35.17 42.45
CA LEU JA 420 8.02 34.19 43.35
C LEU JA 420 7.69 34.52 44.80
N GLY JA 421 7.11 33.55 45.49
CA GLY JA 421 6.72 33.71 46.88
C GLY JA 421 5.30 34.16 47.08
N GLN JA 422 4.67 34.75 46.06
CA GLN JA 422 3.28 35.16 46.15
C GLN JA 422 2.33 34.05 45.71
N GLU JA 423 2.72 33.30 44.70
CA GLU JA 423 1.93 32.18 44.20
C GLU JA 423 2.87 31.24 43.49
N ALA JA 424 2.37 30.04 43.20
CA ALA JA 424 3.17 29.05 42.50
C ALA JA 424 3.56 29.58 41.12
N GLN JA 425 4.85 29.44 40.80
CA GLN JA 425 5.40 29.98 39.56
C GLN JA 425 5.58 28.88 38.52
N GLU JA 426 5.56 29.30 37.26
CA GLU JA 426 5.82 28.39 36.16
C GLU JA 426 7.30 28.43 35.81
N CYS JA 427 7.83 27.28 35.39
CA CYS JA 427 9.19 27.23 34.88
C CYS JA 427 9.31 27.82 33.50
N ARG JA 428 8.24 27.80 32.70
CA ARG JA 428 8.33 28.15 31.29
C ARG JA 428 8.67 29.62 31.07
N ASN JA 429 8.23 30.52 31.95
CA ASN JA 429 8.55 31.93 31.82
C ASN JA 429 9.35 32.43 33.03
N TRP JA 430 10.18 31.55 33.59
CA TRP JA 430 10.91 31.87 34.81
C TRP JA 430 11.84 33.05 34.62
N GLY JA 431 12.82 32.91 33.75
CA GLY JA 431 13.80 33.93 33.50
C GLY JA 431 13.22 35.22 32.95
N PRO JA 432 12.39 35.13 31.91
CA PRO JA 432 11.76 36.35 31.39
C PRO JA 432 10.93 37.10 32.41
N GLN JA 433 10.17 36.40 33.26
CA GLN JA 433 9.34 37.11 34.24
C GLN JA 433 10.21 37.71 35.33
N LEU JA 434 11.23 37.00 35.79
CA LEU JA 434 12.13 37.56 36.78
C LEU JA 434 12.84 38.80 36.25
N ASP JA 435 13.23 38.79 34.98
CA ASP JA 435 13.83 39.96 34.38
C ASP JA 435 12.81 41.06 34.14
N LEU JA 436 11.55 40.71 33.90
CA LEU JA 436 10.51 41.72 33.70
C LEU JA 436 10.18 42.46 34.98
N PHE JA 437 10.26 41.79 36.12
CA PHE JA 437 9.93 42.45 37.37
C PHE JA 437 11.02 43.41 37.83
N LYS JA 438 12.20 43.39 37.22
CA LYS JA 438 13.25 44.31 37.61
C LYS JA 438 13.02 45.68 36.99
N TYR JA 439 13.64 46.69 37.61
CA TYR JA 439 13.47 48.07 37.13
C TYR JA 439 14.14 48.30 35.77
N SER JA 440 15.00 47.40 35.33
CA SER JA 440 15.65 47.51 34.03
C SER JA 440 14.82 46.91 32.91
N ALA JA 441 13.60 46.47 33.20
CA ALA JA 441 12.73 45.92 32.15
C ALA JA 441 12.45 46.92 31.04
N PRO JA 442 12.08 48.18 31.29
CA PRO JA 442 11.86 49.11 30.18
C PRO JA 442 13.12 49.53 29.45
N VAL JA 443 14.28 49.03 29.85
CA VAL JA 443 15.52 49.36 29.16
C VAL JA 443 15.85 48.33 28.09
N ARG JA 444 15.32 47.12 28.20
CA ARG JA 444 15.51 46.10 27.19
C ARG JA 444 14.46 46.27 26.09
N LYS JA 445 14.92 46.44 24.85
CA LYS JA 445 14.02 46.67 23.72
C LYS JA 445 13.70 45.40 22.95
N VAL JA 446 14.65 44.48 22.83
CA VAL JA 446 14.37 43.21 22.16
C VAL JA 446 13.38 42.41 22.99
N PRO JA 447 12.35 41.82 22.39
CA PRO JA 447 11.39 41.04 23.18
C PRO JA 447 12.08 39.87 23.87
N GLN JA 448 11.62 39.58 25.09
CA GLN JA 448 12.20 38.50 25.88
C GLN JA 448 11.29 37.30 26.03
N PHE JA 449 10.00 37.44 25.81
CA PHE JA 449 9.04 36.36 25.98
C PHE JA 449 8.75 35.63 24.68
N ILE JA 450 8.38 36.35 23.63
CA ILE JA 450 8.02 35.71 22.38
C ILE JA 450 9.22 35.01 21.77
N THR JA 451 10.42 35.58 21.94
CA THR JA 451 11.62 34.94 21.43
C THR JA 451 11.87 33.60 22.14
N LEU JA 452 11.81 33.59 23.47
CA LEU JA 452 12.01 32.35 24.20
C LEU JA 452 10.91 31.34 23.90
N PHE JA 453 9.67 31.79 23.83
CA PHE JA 453 8.57 30.88 23.56
C PHE JA 453 8.68 30.28 22.17
N GLY JA 454 9.14 31.06 21.20
CA GLY JA 454 9.38 30.52 19.88
C GLY JA 454 10.52 29.53 19.85
N SER JA 455 11.62 29.84 20.54
CA SER JA 455 12.78 28.97 20.52
C SER JA 455 12.60 27.72 21.36
N TYR JA 456 11.62 27.70 22.26
CA TYR JA 456 11.32 26.48 23.00
C TYR JA 456 10.95 25.34 22.06
N GLN JA 457 10.29 25.66 20.95
CA GLN JA 457 9.77 24.68 20.01
C GLN JA 457 10.76 24.29 18.93
N LYS JA 458 11.98 24.81 18.97
CA LYS JA 458 12.94 24.66 17.89
C LYS JA 458 14.17 23.91 18.37
N PRO JA 459 14.94 23.32 17.45
CA PRO JA 459 16.24 22.74 17.83
C PRO JA 459 17.24 23.80 18.21
N LEU JA 460 18.49 23.41 18.44
CA LEU JA 460 19.50 24.36 18.86
C LEU JA 460 19.66 25.46 17.81
N PRO JA 461 19.86 26.70 18.22
CA PRO JA 461 19.97 27.79 17.25
C PRO JA 461 21.32 27.77 16.53
N GLU JA 462 21.37 28.52 15.44
CA GLU JA 462 22.62 28.74 14.71
C GLU JA 462 23.36 29.86 15.41
N GLN JA 463 24.18 29.49 16.38
CA GLN JA 463 24.92 30.47 17.16
C GLN JA 463 26.08 29.76 17.85
N HIS JA 464 26.97 30.57 18.41
CA HIS JA 464 28.09 30.03 19.15
C HIS JA 464 27.59 29.26 20.36
N PRO JA 465 28.25 28.17 20.74
CA PRO JA 465 27.80 27.42 21.93
C PRO JA 465 27.83 28.24 23.21
N TYR JA 466 28.62 29.32 23.26
CA TYR JA 466 28.68 30.18 24.43
C TYR JA 466 27.69 31.34 24.37
N GLY JA 467 26.85 31.39 23.34
CA GLY JA 467 25.83 32.39 23.24
C GLY JA 467 25.99 33.25 22.00
N CYS JA 468 24.94 34.00 21.70
CA CYS JA 468 24.95 34.90 20.56
C CYS JA 468 25.97 36.02 20.73
N GLY JA 469 26.36 36.33 21.96
CA GLY JA 469 27.35 37.37 22.19
C GLY JA 469 28.76 36.99 21.85
N ASN JA 470 29.00 35.71 21.54
CA ASN JA 470 30.33 35.23 21.20
C ASN JA 470 30.52 35.11 19.69
N ASP JA 471 29.60 35.66 18.91
CA ASP JA 471 29.69 35.63 17.46
C ASP JA 471 30.06 37.00 16.94
N PRO JA 472 31.27 37.19 16.42
CA PRO JA 472 31.62 38.50 15.86
C PRO JA 472 30.93 38.74 14.53
N LEU JA 473 30.81 40.01 14.18
CA LEU JA 473 30.37 40.37 12.85
C LEU JA 473 31.39 39.89 11.83
N GLU JA 474 30.91 39.27 10.76
CA GLU JA 474 31.80 38.71 9.74
C GLU JA 474 32.09 39.79 8.69
N ILE JA 475 32.97 40.71 9.06
CA ILE JA 475 33.34 41.83 8.22
C ILE JA 475 34.81 41.72 7.87
N GLN JA 476 35.34 42.67 7.12
CA GLN JA 476 36.74 42.60 6.71
C GLN JA 476 37.69 42.69 7.89
N PHE JA 477 37.44 43.63 8.80
CA PHE JA 477 38.30 43.80 9.95
C PHE JA 477 37.49 44.33 11.12
N GLY JA 478 38.03 44.17 12.32
CA GLY JA 478 37.37 44.63 13.52
C GLY JA 478 36.59 43.56 14.23
N ALA JA 479 36.80 43.43 15.54
CA ALA JA 479 36.11 42.43 16.35
C ALA JA 479 34.88 43.09 16.96
N ILE JA 480 33.75 42.96 16.26
CA ILE JA 480 32.50 43.58 16.68
C ILE JA 480 31.62 42.51 17.29
N PHE JA 481 31.35 42.63 18.58
CA PHE JA 481 30.58 41.64 19.31
C PHE JA 481 29.37 42.30 19.97
N PRO JA 482 28.29 41.54 20.20
CA PRO JA 482 27.18 42.08 21.00
C PRO JA 482 27.61 42.26 22.44
N GLN JA 483 27.55 43.50 22.92
CA GLN JA 483 27.86 43.76 24.32
C GLN JA 483 26.76 43.22 25.22
N GLU JA 484 27.16 42.54 26.29
CA GLU JA 484 26.20 41.91 27.18
C GLU JA 484 25.28 42.93 27.84
N THR JA 485 25.85 44.05 28.27
CA THR JA 485 25.12 45.02 29.08
C THR JA 485 24.51 46.16 28.28
N ARG JA 486 24.79 46.27 26.99
CA ARG JA 486 24.26 47.34 26.15
C ARG JA 486 23.29 46.75 25.14
N ASN JA 487 22.03 47.20 25.21
CA ASN JA 487 20.94 46.63 24.43
C ASN JA 487 20.95 45.12 24.59
N PRO JA 488 20.64 44.62 25.78
CA PRO JA 488 20.84 43.18 26.05
C PRO JA 488 19.80 42.34 25.32
N HIS JA 489 20.28 41.36 24.56
CA HIS JA 489 19.39 40.38 23.99
C HIS JA 489 20.04 39.00 23.97
N PRO JA 490 20.54 38.51 25.10
CA PRO JA 490 21.20 37.21 25.08
C PRO JA 490 20.16 36.09 25.04
N GLN JA 491 20.43 35.09 24.21
CA GLN JA 491 19.57 33.91 24.12
C GLN JA 491 20.44 32.68 24.29
N PRO JA 492 20.75 32.33 25.54
CA PRO JA 492 21.55 31.13 25.78
C PRO JA 492 20.79 29.87 25.38
N ALA JA 493 21.55 28.87 24.98
CA ALA JA 493 21.01 27.55 24.68
C ALA JA 493 21.93 26.50 25.27
N PHE JA 494 21.38 25.33 25.56
CA PHE JA 494 22.13 24.26 26.21
C PHE JA 494 22.88 23.46 25.16
N PHE JA 495 24.01 24.02 24.73
CA PHE JA 495 24.94 23.32 23.85
C PHE JA 495 25.81 22.40 24.70
N ASN JA 496 25.82 21.12 24.37
CA ASN JA 496 26.71 20.22 25.09
C ASN JA 496 28.09 20.25 24.45
N LYS JA 497 29.00 19.44 24.99
CA LYS JA 497 30.40 19.50 24.57
C LYS JA 497 30.63 18.91 23.19
N ASP JA 498 29.64 18.26 22.58
CA ASP JA 498 29.84 17.55 21.33
C ASP JA 498 29.08 18.15 20.15
N THR JA 499 28.42 19.27 20.35
CA THR JA 499 27.73 19.92 19.24
C THR JA 499 28.73 20.45 18.23
N ARG JA 500 28.42 20.27 16.95
CA ARG JA 500 29.28 20.72 15.86
C ARG JA 500 28.50 21.67 14.97
N ARG JA 501 29.03 22.87 14.77
CA ARG JA 501 28.32 23.91 14.04
C ARG JA 501 28.27 23.61 12.55
N ILE JA 502 27.23 24.11 11.90
CA ILE JA 502 27.06 24.01 10.46
C ILE JA 502 27.53 25.31 9.84
N LEU JA 503 28.53 25.23 8.97
CA LEU JA 503 29.13 26.40 8.36
C LEU JA 503 28.94 26.37 6.86
N ILE JA 504 28.80 27.55 6.27
CA ILE JA 504 28.60 27.69 4.84
C ILE JA 504 29.97 27.93 4.19
N GLY JA 505 30.39 27.00 3.35
CA GLY JA 505 31.68 27.13 2.69
C GLY JA 505 31.67 28.28 1.70
N SER JA 506 32.79 29.01 1.65
CA SER JA 506 32.91 30.16 0.78
C SER JA 506 33.34 29.80 -0.63
N GLY JA 507 33.86 28.59 -0.85
CA GLY JA 507 34.32 28.20 -2.16
C GLY JA 507 35.67 28.76 -2.55
N ALA JA 508 36.36 29.45 -1.65
CA ALA JA 508 37.65 30.01 -1.95
C ALA JA 508 38.74 28.93 -1.87
N GLY JA 509 39.90 29.26 -2.42
CA GLY JA 509 41.03 28.35 -2.42
C GLY JA 509 41.57 28.08 -3.80
N SER JA 510 42.79 27.54 -3.87
CA SER JA 510 43.38 27.20 -5.14
C SER JA 510 42.64 26.02 -5.77
N PRO JA 511 42.64 25.92 -7.10
CA PRO JA 511 41.90 24.82 -7.75
C PRO JA 511 42.37 23.44 -7.34
N ASP JA 512 43.66 23.27 -7.05
CA ASP JA 512 44.12 21.96 -6.60
C ASP JA 512 43.59 21.62 -5.22
N LYS JA 513 43.43 22.62 -4.35
CA LYS JA 513 42.84 22.43 -3.03
C LYS JA 513 41.34 22.71 -3.07
N LEU JA 514 40.66 21.96 -3.93
CA LEU JA 514 39.22 22.10 -4.13
C LEU JA 514 38.66 20.72 -4.47
N ASN JA 515 37.43 20.70 -4.98
CA ASN JA 515 36.69 19.52 -5.42
C ASN JA 515 36.30 18.60 -4.28
N GLY JA 516 36.72 18.88 -3.05
CA GLY JA 516 36.25 18.15 -1.90
C GLY JA 516 35.12 18.91 -1.23
N ASN JA 517 35.31 20.22 -1.08
CA ASN JA 517 34.25 21.15 -0.66
C ASN JA 517 34.26 22.30 -1.68
N ALA JA 518 33.59 22.07 -2.81
CA ALA JA 518 33.53 23.06 -3.87
C ALA JA 518 32.12 23.55 -4.15
N LEU JA 519 31.10 22.95 -3.53
CA LEU JA 519 29.72 23.36 -3.73
C LEU JA 519 29.34 24.59 -2.94
N GLY JA 520 30.22 25.07 -2.07
CA GLY JA 520 29.95 26.30 -1.35
C GLY JA 520 30.24 27.53 -2.19
N LYS JA 521 29.45 28.57 -1.96
CA LYS JA 521 29.65 29.85 -2.66
C LYS JA 521 29.13 30.95 -1.76
N VAL JA 522 29.98 31.90 -1.44
CA VAL JA 522 29.62 33.01 -0.55
C VAL JA 522 29.96 34.31 -1.26
N PRO JA 523 29.06 35.30 -1.26
CA PRO JA 523 29.38 36.59 -1.86
C PRO JA 523 30.56 37.26 -1.17
N GLY JA 524 31.33 38.00 -1.94
CA GLY JA 524 32.49 38.68 -1.39
C GLY JA 524 33.69 37.79 -1.16
N SER JA 525 33.75 36.65 -1.81
CA SER JA 525 34.86 35.71 -1.67
C SER JA 525 35.77 35.83 -2.88
N LEU JA 526 37.06 36.04 -2.61
CA LEU JA 526 38.07 36.02 -3.67
C LEU JA 526 38.49 34.57 -3.85
N GLY JA 527 37.95 33.92 -4.86
CA GLY JA 527 38.04 32.48 -4.98
C GLY JA 527 39.45 31.94 -5.12
N THR JA 528 40.06 32.12 -6.27
CA THR JA 528 41.41 31.60 -6.50
C THR JA 528 42.48 32.61 -6.16
N ARG JA 529 42.10 33.78 -5.67
CA ARG JA 529 43.05 34.83 -5.32
C ARG JA 529 43.57 34.64 -3.89
N VAL JA 530 44.31 33.57 -3.71
CA VAL JA 530 44.99 33.31 -2.45
C VAL JA 530 46.43 33.77 -2.59
N LEU JA 531 47.01 34.19 -1.47
CA LEU JA 531 48.39 34.67 -1.46
C LEU JA 531 49.31 33.49 -1.17
N LYS JA 532 50.17 33.18 -2.13
CA LYS JA 532 51.07 32.04 -2.04
C LYS JA 532 52.47 32.50 -2.42
N LEU JA 533 53.47 32.04 -1.67
CA LEU JA 533 54.85 32.40 -1.89
C LEU JA 533 55.68 31.13 -1.91
N GLU JA 534 56.16 30.73 -3.08
CA GLU JA 534 57.02 29.56 -3.18
C GLU JA 534 58.34 29.84 -2.46
N PRO JA 535 58.91 28.85 -1.78
CA PRO JA 535 60.16 29.07 -1.03
C PRO JA 535 61.31 29.39 -1.97
N LEU JA 536 62.24 30.20 -1.47
CA LEU JA 536 63.45 30.51 -2.22
C LEU JA 536 64.43 29.35 -2.17
N HIS JA 537 65.36 29.35 -3.12
CA HIS JA 537 66.39 28.32 -3.17
C HIS JA 537 67.75 28.93 -3.47
N GLY JA 550 75.70 32.68 -5.57
CA GLY JA 550 76.67 33.69 -5.21
C GLY JA 550 76.61 34.91 -6.10
N HIS JA 551 75.56 34.98 -6.92
CA HIS JA 551 75.38 36.07 -7.86
C HIS JA 551 74.24 36.98 -7.44
N GLN JA 552 74.41 38.27 -7.67
CA GLN JA 552 73.36 39.23 -7.39
C GLN JA 552 72.19 39.05 -8.37
N SER JA 553 70.98 39.19 -7.84
CA SER JA 553 69.79 38.93 -8.61
C SER JA 553 69.60 39.99 -9.70
N PRO JA 554 68.79 39.70 -10.72
CA PRO JA 554 68.51 40.71 -11.73
C PRO JA 554 67.73 41.89 -11.18
N SER JA 555 67.80 42.99 -11.90
CA SER JA 555 67.12 44.22 -11.46
C SER JA 555 65.62 44.04 -11.40
N VAL JA 556 65.03 43.41 -12.40
CA VAL JA 556 63.59 43.22 -12.48
C VAL JA 556 63.31 41.72 -12.49
N ASN JA 557 62.88 41.20 -11.35
CA ASN JA 557 62.40 39.83 -11.23
C ASN JA 557 60.98 39.88 -10.71
N LEU JA 558 60.05 39.31 -11.47
CA LEU JA 558 58.62 39.51 -11.23
C LEU JA 558 57.98 38.21 -10.77
N LEU JA 559 57.33 38.26 -9.61
CA LEU JA 559 56.46 37.21 -9.13
C LEU JA 559 55.01 37.62 -9.38
N HIS JA 560 54.08 36.76 -8.94
CA HIS JA 560 52.67 37.11 -9.08
C HIS JA 560 52.33 38.37 -8.31
N HIS JA 561 52.85 38.49 -7.08
CA HIS JA 561 52.75 39.69 -6.29
C HIS JA 561 54.15 40.17 -5.95
N SER JA 562 54.37 41.48 -6.06
CA SER JA 562 55.63 42.04 -5.61
C SER JA 562 55.77 41.82 -4.11
N SER JA 563 57.01 41.88 -3.62
CA SER JA 563 57.24 41.65 -2.20
C SER JA 563 56.46 42.60 -1.32
N PRO JA 564 56.45 43.92 -1.53
CA PRO JA 564 55.55 44.77 -0.73
C PRO JA 564 54.09 44.41 -0.88
N ALA JA 565 53.65 44.02 -2.07
CA ALA JA 565 52.26 43.66 -2.26
C ALA JA 565 51.90 42.39 -1.49
N PHE JA 566 52.77 41.38 -1.54
CA PHE JA 566 52.52 40.16 -0.79
C PHE JA 566 52.53 40.42 0.71
N ILE JA 567 53.47 41.23 1.18
CA ILE JA 567 53.54 41.53 2.61
C ILE JA 567 52.29 42.28 3.05
N GLU JA 568 51.84 43.24 2.25
CA GLU JA 568 50.63 43.97 2.60
C GLU JA 568 49.41 43.07 2.55
N GLY JA 569 49.38 42.11 1.63
CA GLY JA 569 48.29 41.15 1.62
C GLY JA 569 48.27 40.27 2.85
N ALA JA 570 49.45 39.83 3.30
CA ALA JA 570 49.54 39.04 4.53
C ALA JA 570 49.09 39.86 5.73
N TYR JA 571 49.51 41.12 5.80
CA TYR JA 571 49.05 41.99 6.88
C TYR JA 571 47.55 42.19 6.83
N ARG JA 572 47.00 42.38 5.62
CA ARG JA 572 45.58 42.60 5.45
C ARG JA 572 44.77 41.36 5.81
N GLN JA 573 45.35 40.17 5.66
CA GLN JA 573 44.62 38.99 6.08
C GLN JA 573 44.72 38.74 7.58
N VAL JA 574 45.92 38.86 8.14
CA VAL JA 574 46.10 38.56 9.55
C VAL JA 574 45.40 39.61 10.41
N PHE JA 575 45.60 40.89 10.09
CA PHE JA 575 45.02 41.97 10.87
C PHE JA 575 43.67 42.42 10.35
N GLY JA 576 43.21 41.89 9.22
CA GLY JA 576 41.99 42.35 8.61
C GLY JA 576 42.13 43.59 7.76
N ARG JA 577 43.15 44.41 8.02
CA ARG JA 577 43.34 45.65 7.29
C ARG JA 577 44.81 46.02 7.37
N SER JA 578 45.19 46.97 6.51
CA SER JA 578 46.55 47.49 6.55
C SER JA 578 46.80 48.29 7.82
N LEU JA 579 47.96 48.08 8.42
CA LEU JA 579 48.32 48.84 9.61
C LEU JA 579 48.68 50.28 9.22
N TYR JA 580 48.89 51.11 10.23
CA TYR JA 580 49.30 52.48 9.98
C TYR JA 580 50.79 52.51 9.68
N GLU JA 581 51.32 53.73 9.51
CA GLU JA 581 52.66 53.87 8.93
C GLU JA 581 53.73 53.21 9.80
N GLY JA 582 53.94 53.71 11.01
CA GLY JA 582 55.02 53.18 11.81
C GLY JA 582 54.76 51.85 12.47
N GLN JA 583 53.52 51.38 12.45
CA GLN JA 583 53.16 50.18 13.20
C GLN JA 583 53.86 48.93 12.70
N ARG JA 584 54.39 48.93 11.48
CA ARG JA 584 55.11 47.78 10.94
C ARG JA 584 56.57 47.76 11.36
N GLN JA 585 57.02 48.75 12.13
CA GLN JA 585 58.41 48.80 12.57
C GLN JA 585 58.84 47.56 13.36
N PRO JA 586 58.08 47.07 14.34
CA PRO JA 586 58.58 45.92 15.11
C PRO JA 586 58.79 44.66 14.30
N LEU JA 587 58.16 44.52 13.14
CA LEU JA 587 58.17 43.29 12.38
C LEU JA 587 59.11 43.33 11.19
N SER JA 588 59.86 44.43 11.02
CA SER JA 588 60.69 44.60 9.84
C SER JA 588 61.65 43.44 9.66
N SER JA 589 62.37 43.08 10.72
CA SER JA 589 63.29 41.94 10.63
C SER JA 589 62.56 40.69 10.18
N THR JA 590 61.38 40.43 10.74
CA THR JA 590 60.61 39.28 10.30
C THR JA 590 60.34 39.34 8.80
N GLU JA 591 59.93 40.51 8.30
CA GLU JA 591 59.72 40.65 6.87
C GLU JA 591 60.97 40.29 6.11
N SER JA 592 62.13 40.75 6.59
CA SER JA 592 63.38 40.41 5.93
C SER JA 592 63.57 38.91 5.88
N LYS JA 593 63.30 38.21 6.98
CA LYS JA 593 63.48 36.77 7.01
C LYS JA 593 62.50 36.08 6.07
N LEU JA 594 61.37 36.72 5.78
CA LEU JA 594 60.46 36.14 4.79
C LEU JA 594 60.97 36.36 3.39
N LEU JA 595 61.62 37.51 3.15
CA LEU JA 595 62.09 37.82 1.80
C LEU JA 595 63.36 37.06 1.45
N GLY JA 596 64.16 36.70 2.46
CA GLY JA 596 65.36 35.94 2.24
C GLY JA 596 65.18 34.45 2.31
N GLY JA 597 63.96 33.95 2.48
CA GLY JA 597 63.71 32.53 2.56
C GLY JA 597 64.07 31.90 3.88
N GLU JA 598 64.43 32.69 4.90
CA GLU JA 598 64.76 32.12 6.20
C GLU JA 598 63.55 31.45 6.84
N ILE JA 599 62.37 32.04 6.69
CA ILE JA 599 61.15 31.51 7.27
C ILE JA 599 60.09 31.39 6.18
N SER JA 600 59.12 30.52 6.43
CA SER JA 600 58.04 30.31 5.49
C SER JA 600 56.91 31.32 5.74
N VAL JA 601 55.89 31.28 4.89
CA VAL JA 601 54.73 32.14 5.10
C VAL JA 601 54.01 31.76 6.39
N ARG JA 602 54.02 30.47 6.75
CA ARG JA 602 53.42 30.05 8.01
C ARG JA 602 54.12 30.70 9.20
N GLU JA 603 55.45 30.71 9.19
CA GLU JA 603 56.18 31.34 10.28
C GLU JA 603 55.98 32.86 10.29
N PHE JA 604 55.91 33.46 9.12
CA PHE JA 604 55.63 34.89 9.04
C PHE JA 604 54.26 35.22 9.61
N VAL JA 605 53.26 34.40 9.30
CA VAL JA 605 51.92 34.60 9.85
C VAL JA 605 51.94 34.43 11.36
N ARG JA 606 52.66 33.41 11.85
CA ARG JA 606 52.76 33.20 13.29
C ARG JA 606 53.39 34.39 13.98
N GLN JA 607 54.45 34.94 13.39
CA GLN JA 607 55.09 36.11 13.98
C GLN JA 607 54.19 37.35 13.92
N LEU JA 608 53.41 37.51 12.85
CA LEU JA 608 52.46 38.60 12.79
C LEU JA 608 51.40 38.49 13.87
N ALA JA 609 50.90 37.28 14.10
CA ALA JA 609 49.86 37.10 15.10
C ALA JA 609 50.40 37.21 16.52
N LYS JA 610 51.69 37.01 16.73
CA LYS JA 610 52.30 37.13 18.04
C LYS JA 610 52.77 38.54 18.35
N SER JA 611 52.67 39.46 17.39
CA SER JA 611 53.16 40.82 17.61
C SER JA 611 52.29 41.55 18.62
N LYS JA 612 52.87 42.58 19.22
CA LYS JA 612 52.14 43.36 20.22
C LYS JA 612 50.97 44.12 19.60
N VAL JA 613 51.07 44.46 18.31
CA VAL JA 613 49.96 45.14 17.66
C VAL JA 613 48.75 44.22 17.58
N PHE JA 614 48.97 42.97 17.18
CA PHE JA 614 47.87 42.00 17.13
C PHE JA 614 47.31 41.74 18.52
N ARG JA 615 48.19 41.62 19.51
CA ARG JA 615 47.73 41.38 20.88
C ARG JA 615 46.88 42.55 21.38
N SER JA 616 47.31 43.78 21.11
CA SER JA 616 46.52 44.92 21.55
C SER JA 616 45.22 45.05 20.78
N LEU JA 617 45.22 44.66 19.50
CA LEU JA 617 44.02 44.81 18.69
C LEU JA 617 42.97 43.78 19.03
N TYR JA 618 43.38 42.54 19.29
CA TYR JA 618 42.43 41.44 19.36
C TYR JA 618 42.55 40.59 20.61
N TRP JA 619 43.41 40.95 21.54
CA TRP JA 619 43.50 40.14 22.75
C TRP JA 619 43.42 40.95 24.03
N ASP JA 620 44.02 42.15 24.06
CA ASP JA 620 44.20 42.85 25.32
C ASP JA 620 42.87 43.33 25.90
N SER JA 621 42.00 43.88 25.06
CA SER JA 621 40.74 44.47 25.50
C SER JA 621 39.55 43.64 25.04
N LEU JA 622 39.67 42.33 25.05
CA LEU JA 622 38.62 41.45 24.62
C LEU JA 622 38.33 40.40 25.68
N TYR JA 623 37.06 40.03 25.79
CA TYR JA 623 36.68 38.85 26.55
C TYR JA 623 37.42 37.64 25.99
N VAL JA 624 37.85 36.75 26.88
CA VAL JA 624 38.86 35.75 26.51
C VAL JA 624 38.35 34.84 25.40
N THR JA 625 37.13 34.32 25.55
CA THR JA 625 36.62 33.42 24.52
C THR JA 625 36.19 34.17 23.27
N LYS JA 626 35.78 35.43 23.41
CA LYS JA 626 35.55 36.26 22.23
C LYS JA 626 36.84 36.45 21.44
N ALA JA 627 37.95 36.70 22.14
CA ALA JA 627 39.24 36.81 21.49
C ALA JA 627 39.65 35.49 20.85
N ILE JA 628 39.39 34.37 21.55
CA ILE JA 628 39.70 33.06 20.99
C ILE JA 628 38.96 32.87 19.67
N GLU JA 629 37.66 33.14 19.67
CA GLU JA 629 36.85 32.93 18.47
C GLU JA 629 37.31 33.84 17.34
N TYR JA 630 37.58 35.11 17.63
CA TYR JA 630 37.98 36.02 16.57
C TYR JA 630 39.35 35.66 16.00
N ILE JA 631 40.31 35.32 16.87
CA ILE JA 631 41.63 34.94 16.39
C ILE JA 631 41.55 33.65 15.58
N HIS JA 632 40.69 32.72 16.00
CA HIS JA 632 40.49 31.51 15.21
C HIS JA 632 39.92 31.83 13.85
N ARG JA 633 38.97 32.75 13.78
CA ARG JA 633 38.40 33.11 12.49
C ARG JA 633 39.44 33.79 11.60
N ARG JA 634 40.33 34.59 12.19
CA ARG JA 634 41.34 35.27 11.40
C ARG JA 634 42.44 34.34 10.91
N LEU JA 635 42.84 33.36 11.72
CA LEU JA 635 43.97 32.51 11.35
C LEU JA 635 43.55 31.23 10.65
N MET JA 636 42.51 30.55 11.14
CA MET JA 636 42.03 29.34 10.50
C MET JA 636 41.08 29.61 9.34
N GLY JA 637 40.57 30.84 9.23
CA GLY JA 637 39.66 31.17 8.17
C GLY JA 637 38.22 30.71 8.38
N ARG JA 638 37.91 30.13 9.52
CA ARG JA 638 36.57 29.64 9.80
C ARG JA 638 36.26 29.81 11.27
N PRO JA 639 34.99 29.88 11.63
CA PRO JA 639 34.61 29.81 13.05
C PRO JA 639 34.89 28.43 13.62
N THR JA 640 35.02 28.38 14.94
CA THR JA 640 35.19 27.10 15.60
C THR JA 640 33.91 26.27 15.48
N TYR JA 641 34.08 24.95 15.48
CA TYR JA 641 32.93 24.07 15.29
C TYR JA 641 32.08 23.98 16.54
N GLY JA 642 32.70 23.87 17.71
CA GLY JA 642 31.92 23.71 18.91
C GLY JA 642 32.76 23.80 20.15
N ARG JA 643 32.20 23.27 21.24
CA ARG JA 643 32.82 23.37 22.54
C ARG JA 643 34.07 22.52 22.67
N GLN JA 644 34.32 21.59 21.75
CA GLN JA 644 35.55 20.83 21.79
C GLN JA 644 36.75 21.72 21.51
N GLU JA 645 36.75 22.37 20.35
CA GLU JA 645 37.83 23.29 20.01
C GLU JA 645 37.85 24.48 20.96
N MET JA 646 36.68 25.01 21.30
CA MET JA 646 36.63 26.16 22.19
C MET JA 646 37.21 25.81 23.56
N ASN JA 647 36.87 24.64 24.08
CA ASN JA 647 37.41 24.22 25.36
C ASN JA 647 38.91 23.96 25.29
N ARG JA 648 39.38 23.35 24.20
CA ARG JA 648 40.81 23.11 24.05
C ARG JA 648 41.59 24.41 24.04
N TYR JA 649 41.13 25.38 23.24
CA TYR JA 649 41.82 26.66 23.15
C TYR JA 649 41.67 27.47 24.44
N TYR JA 650 40.53 27.36 25.12
CA TYR JA 650 40.36 28.05 26.38
C TYR JA 650 41.27 27.48 27.45
N ASP JA 651 41.46 26.16 27.47
CA ASP JA 651 42.40 25.56 28.40
C ASP JA 651 43.83 25.99 28.08
N ILE JA 652 44.18 26.05 26.80
CA ILE JA 652 45.51 26.53 26.42
C ILE JA 652 45.71 27.97 26.88
N CYS JA 653 44.70 28.82 26.68
CA CYS JA 653 44.80 30.20 27.12
C CYS JA 653 44.87 30.32 28.63
N ALA JA 654 44.20 29.43 29.35
CA ALA JA 654 44.20 29.49 30.81
C ALA JA 654 45.53 29.04 31.39
N THR JA 655 46.13 28.00 30.80
CA THR JA 655 47.33 27.44 31.38
C THR JA 655 48.61 28.12 30.90
N ARG JA 656 48.69 28.47 29.62
CA ARG JA 656 49.94 29.00 29.08
C ARG JA 656 49.82 30.43 28.56
N GLY JA 657 48.74 30.79 27.87
CA GLY JA 657 48.54 32.18 27.55
C GLY JA 657 48.25 32.39 26.09
N PHE JA 658 48.49 33.63 25.64
CA PHE JA 658 48.12 34.05 24.29
C PHE JA 658 49.07 33.48 23.25
N TYR JA 659 50.38 33.51 23.52
CA TYR JA 659 51.34 33.01 22.55
C TYR JA 659 51.17 31.51 22.32
N ALA JA 660 50.89 30.77 23.39
CA ALA JA 660 50.60 29.35 23.23
C ALA JA 660 49.33 29.12 22.44
N LEU JA 661 48.34 30.01 22.57
CA LEU JA 661 47.14 29.91 21.75
C LEU JA 661 47.46 30.11 20.28
N ILE JA 662 48.29 31.10 19.96
CA ILE JA 662 48.69 31.33 18.58
C ILE JA 662 49.43 30.11 18.05
N ASP JA 663 50.34 29.57 18.85
CA ASP JA 663 51.08 28.37 18.43
C ASP JA 663 50.14 27.20 18.20
N ALA JA 664 49.16 27.02 19.08
CA ALA JA 664 48.23 25.90 18.94
C ALA JA 664 47.40 26.03 17.67
N ILE JA 665 46.98 27.25 17.35
CA ILE JA 665 46.19 27.45 16.12
C ILE JA 665 47.06 27.21 14.89
N ILE JA 666 48.26 27.80 14.88
CA ILE JA 666 49.11 27.72 13.69
C ILE JA 666 49.64 26.31 13.49
N ASP JA 667 49.99 25.62 14.58
CA ASP JA 667 50.57 24.29 14.49
C ASP JA 667 49.53 23.19 14.36
N SER JA 668 48.25 23.52 14.28
CA SER JA 668 47.23 22.50 14.16
C SER JA 668 47.35 21.79 12.82
N PRO JA 669 47.02 20.49 12.78
CA PRO JA 669 47.05 19.77 11.50
C PRO JA 669 46.12 20.35 10.46
N GLU JA 670 44.99 20.92 10.86
CA GLU JA 670 44.08 21.50 9.88
C GLU JA 670 44.69 22.72 9.20
N TYR JA 671 45.47 23.50 9.95
CA TYR JA 671 46.17 24.63 9.32
C TYR JA 671 47.13 24.14 8.24
N LEU JA 672 47.86 23.06 8.53
CA LEU JA 672 48.77 22.51 7.52
C LEU JA 672 48.00 21.96 6.33
N GLU JA 673 46.85 21.32 6.59
CA GLU JA 673 46.06 20.77 5.49
C GLU JA 673 45.53 21.87 4.59
N CYS JA 674 45.08 22.98 5.16
CA CYS JA 674 44.41 24.01 4.39
C CYS JA 674 45.37 25.01 3.77
N PHE JA 675 46.36 25.48 4.54
CA PHE JA 675 47.26 26.52 4.08
C PHE JA 675 48.70 26.08 3.93
N GLY JA 676 49.09 24.96 4.51
CA GLY JA 676 50.46 24.50 4.36
C GLY JA 676 51.44 25.47 4.97
N GLU JA 677 52.59 25.62 4.30
CA GLU JA 677 53.63 26.52 4.75
C GLU JA 677 53.75 27.78 3.92
N ASN JA 678 53.13 27.83 2.74
CA ASN JA 678 53.39 28.90 1.80
C ASN JA 678 52.18 29.77 1.49
N THR JA 679 51.02 29.46 2.04
CA THR JA 679 49.79 30.19 1.73
C THR JA 679 49.36 31.03 2.93
N VAL JA 680 49.06 32.29 2.66
CA VAL JA 680 48.40 33.14 3.67
C VAL JA 680 47.00 32.61 3.91
N PRO JA 681 46.51 32.56 5.15
CA PRO JA 681 45.15 32.08 5.38
C PRO JA 681 44.12 32.92 4.64
N TYR JA 682 42.92 32.35 4.51
CA TYR JA 682 41.83 33.04 3.86
C TYR JA 682 40.51 32.51 4.43
N GLU JA 683 39.44 33.27 4.19
CA GLU JA 683 38.14 32.88 4.71
C GLU JA 683 37.61 31.68 3.95
N ARG JA 684 37.28 30.61 4.68
CA ARG JA 684 36.77 29.39 4.09
C ARG JA 684 35.34 29.06 4.47
N TYR JA 685 34.85 29.59 5.58
CA TYR JA 685 33.48 29.33 6.02
C TYR JA 685 32.91 30.59 6.65
N VAL JA 686 31.59 30.74 6.51
CA VAL JA 686 30.85 31.82 7.15
C VAL JA 686 29.64 31.22 7.84
N THR JA 687 29.05 31.99 8.75
CA THR JA 687 27.84 31.54 9.40
C THR JA 687 26.62 31.90 8.55
N ALA JA 688 25.45 31.47 9.00
CA ALA JA 688 24.21 31.78 8.27
C ALA JA 688 23.94 33.27 8.27
N ARG JA 689 24.12 33.93 9.41
CA ARG JA 689 23.87 35.36 9.48
C ARG JA 689 24.88 36.14 8.65
N GLY JA 690 26.15 35.74 8.69
CA GLY JA 690 27.14 36.38 7.85
C GLY JA 690 26.86 36.20 6.38
N TYR JA 691 26.32 35.04 6.00
CA TYR JA 691 25.89 34.84 4.62
C TYR JA 691 24.73 35.78 4.27
N LEU JA 692 23.76 35.91 5.18
CA LEU JA 692 22.62 36.78 4.90
C LEU JA 692 23.04 38.23 4.77
N MET JA 693 23.98 38.68 5.60
CA MET JA 693 24.37 40.09 5.57
C MET JA 693 25.05 40.46 4.25
N ARG JA 694 25.64 39.51 3.56
CA ARG JA 694 26.28 39.76 2.29
C ARG JA 694 25.37 39.52 1.09
N SER JA 695 24.13 39.13 1.32
CA SER JA 695 23.16 38.88 0.25
C SER JA 695 21.91 39.70 0.55
N PRO JA 696 21.96 41.02 0.32
CA PRO JA 696 20.81 41.88 0.60
C PRO JA 696 19.86 42.08 -0.56
N ARG JA 697 20.16 41.53 -1.73
CA ARG JA 697 19.34 41.72 -2.93
C ARG JA 697 18.65 40.42 -3.29
N HIS JA 698 17.32 40.49 -3.43
CA HIS JA 698 16.51 39.33 -3.78
C HIS JA 698 15.60 39.59 -4.97
N GLU JA 699 15.83 40.67 -5.71
CA GLU JA 699 14.95 41.02 -6.83
C GLU JA 699 14.98 39.98 -7.94
N ASN JA 700 16.05 39.19 -8.03
CA ASN JA 700 16.13 38.15 -9.05
C ASN JA 700 15.19 36.99 -8.77
N GLN JA 701 14.64 36.88 -7.57
CA GLN JA 701 13.77 35.78 -7.21
C GLN JA 701 12.30 36.16 -7.18
N LEU JA 702 11.96 37.44 -7.36
CA LEU JA 702 10.57 37.88 -7.31
C LEU JA 702 9.96 38.00 -8.70
N ARG JA 703 10.31 37.08 -9.59
CA ARG JA 703 9.79 37.05 -10.95
C ARG JA 703 8.31 36.70 -11.02
N ARG JA 704 7.61 36.66 -9.88
CA ARG JA 704 6.18 36.39 -9.80
C ARG JA 704 5.88 34.94 -10.17
N GLU JA 705 4.62 34.54 -10.00
CA GLU JA 705 4.23 33.17 -10.30
C GLU JA 705 2.83 33.10 -10.90
N THR JA 710 -2.25 33.35 -21.04
CA THR JA 710 -1.92 32.50 -22.17
C THR JA 710 -3.20 32.06 -22.88
N VAL JA 711 -3.16 30.86 -23.46
CA VAL JA 711 -4.35 30.29 -24.11
C VAL JA 711 -5.31 29.83 -23.04
N PRO JA 712 -6.56 30.29 -23.04
CA PRO JA 712 -7.51 29.84 -22.02
C PRO JA 712 -7.77 28.35 -22.14
N ASP JA 713 -7.92 27.70 -20.98
CA ASP JA 713 -8.19 26.27 -20.93
C ASP JA 713 -9.67 25.96 -21.00
N LYS JA 714 -10.53 26.97 -21.03
CA LYS JA 714 -11.97 26.77 -21.11
C LYS JA 714 -12.54 27.70 -22.16
N TYR JA 715 -13.44 27.16 -22.98
CA TYR JA 715 -14.19 27.95 -23.94
C TYR JA 715 -15.41 28.55 -23.26
N ASN JA 716 -15.63 29.85 -23.49
CA ASN JA 716 -16.76 30.56 -22.90
C ASN JA 716 -16.76 30.41 -21.37
N PRO JA 717 -15.79 31.00 -20.67
CA PRO JA 717 -15.71 30.82 -19.22
C PRO JA 717 -16.67 31.73 -18.48
N ARG JA 718 -16.89 31.39 -17.21
CA ARG JA 718 -17.71 32.17 -16.28
C ARG JA 718 -19.15 32.33 -16.77
N LYS JA 719 -19.69 31.25 -17.34
CA LYS JA 719 -21.05 31.28 -17.87
C LYS JA 719 -21.82 30.07 -17.36
N ALA JA 720 -23.10 30.26 -17.12
CA ALA JA 720 -23.97 29.20 -16.63
C ALA JA 720 -24.53 28.37 -17.77
N ASN JA 721 -24.93 27.15 -17.44
CA ASN JA 721 -25.49 26.23 -18.43
C ASN JA 721 -26.93 26.60 -18.75
N TRP JA 722 -27.31 26.35 -20.01
CA TRP JA 722 -28.70 26.46 -20.45
C TRP JA 722 -29.29 27.84 -20.16
N ALA JA 723 -28.49 28.89 -20.38
CA ALA JA 723 -28.98 30.23 -20.14
C ALA JA 723 -29.99 30.62 -21.21
N ALA JA 724 -31.14 31.15 -20.77
CA ALA JA 724 -32.19 31.56 -21.70
C ALA JA 724 -31.73 32.71 -22.58
N MET KA 1 16.51 40.04 50.00
CA MET KA 1 16.62 40.98 51.11
C MET KA 1 16.85 40.23 52.42
N GLN KA 2 18.00 40.47 53.03
CA GLN KA 2 18.30 39.87 54.31
C GLN KA 2 19.13 40.85 55.13
N ASP KA 3 19.08 40.68 56.44
CA ASP KA 3 19.77 41.53 57.39
C ASP KA 3 20.86 40.74 58.09
N ALA KA 4 21.53 41.40 59.04
CA ALA KA 4 22.62 40.74 59.76
C ALA KA 4 22.13 39.55 60.55
N ILE KA 5 20.97 39.67 61.20
CA ILE KA 5 20.42 38.58 61.98
C ILE KA 5 20.16 37.37 61.10
N THR KA 6 19.58 37.60 59.92
CA THR KA 6 19.31 36.49 59.01
C THR KA 6 20.61 35.82 58.57
N ALA KA 7 21.64 36.60 58.25
CA ALA KA 7 22.92 36.03 57.84
C ALA KA 7 23.51 35.17 58.96
N LEU KA 8 23.48 35.67 60.19
CA LEU KA 8 24.08 34.92 61.29
C LEU KA 8 23.27 33.66 61.61
N ILE KA 9 21.94 33.78 61.60
CA ILE KA 9 21.10 32.61 61.84
C ILE KA 9 21.34 31.56 60.78
N ASN KA 10 21.46 31.98 59.51
CA ASN KA 10 21.69 31.03 58.43
C ASN KA 10 23.06 30.37 58.56
N SER KA 11 24.09 31.15 58.91
CA SER KA 11 25.42 30.56 59.06
C SER KA 11 25.44 29.54 60.19
N SER KA 12 24.74 29.82 61.28
CA SER KA 12 24.66 28.82 62.35
C SER KA 12 23.79 27.63 61.95
N ASP KA 13 22.73 27.87 61.19
CA ASP KA 13 21.76 26.83 60.84
C ASP KA 13 22.30 25.86 59.79
N VAL KA 14 23.20 26.32 58.93
CA VAL KA 14 23.76 25.45 57.90
C VAL KA 14 24.53 24.30 58.56
N GLN KA 15 25.28 24.59 59.61
CA GLN KA 15 25.98 23.55 60.35
C GLN KA 15 25.14 22.97 61.47
N GLY KA 16 23.89 23.39 61.61
CA GLY KA 16 22.99 22.78 62.56
C GLY KA 16 23.39 22.95 64.00
N ARG KA 17 23.88 24.12 64.37
CA ARG KA 17 24.37 24.38 65.71
C ARG KA 17 23.78 25.67 66.24
N TYR KA 18 23.69 25.77 67.56
CA TYR KA 18 23.19 26.97 68.19
C TYR KA 18 24.13 28.14 67.93
N LEU KA 19 23.73 29.32 68.40
CA LEU KA 19 24.52 30.52 68.20
C LEU KA 19 25.76 30.47 69.09
N ASP KA 20 26.93 30.31 68.47
CA ASP KA 20 28.18 30.30 69.19
C ASP KA 20 28.55 31.70 69.66
N PRO KA 21 29.46 31.83 70.62
CA PRO KA 21 29.76 33.17 71.18
C PRO KA 21 30.20 34.19 70.16
N SER KA 22 30.84 33.78 69.06
CA SER KA 22 31.24 34.75 68.04
C SER KA 22 30.01 35.34 67.34
N SER KA 23 29.05 34.50 66.99
CA SER KA 23 27.82 35.00 66.38
C SER KA 23 27.02 35.84 67.38
N LEU KA 24 27.01 35.43 68.64
CA LEU KA 24 26.35 36.24 69.66
C LEU KA 24 27.02 37.60 69.78
N ASP KA 25 28.35 37.64 69.69
CA ASP KA 25 29.07 38.90 69.75
C ASP KA 25 28.75 39.80 68.56
N LYS KA 26 28.70 39.22 67.36
CA LYS KA 26 28.35 40.01 66.18
C LYS KA 26 26.93 40.55 66.30
N LEU KA 27 25.99 39.71 66.74
CA LEU KA 27 24.62 40.18 66.93
C LEU KA 27 24.54 41.27 67.99
N GLN KA 28 25.32 41.13 69.06
CA GLN KA 28 25.34 42.16 70.09
C GLN KA 28 25.87 43.48 69.55
N ASN KA 29 26.93 43.43 68.75
CA ASN KA 29 27.46 44.65 68.16
C ASN KA 29 26.44 45.30 67.25
N TYR KA 30 25.74 44.49 66.45
CA TYR KA 30 24.69 45.02 65.58
C TYR KA 30 23.58 45.68 66.39
N PHE KA 31 23.10 44.99 67.43
CA PHE KA 31 22.02 45.52 68.25
C PHE KA 31 22.44 46.81 68.95
N GLN KA 32 23.67 46.85 69.47
CA GLN KA 32 24.13 48.03 70.18
C GLN KA 32 24.33 49.21 69.24
N SER KA 33 24.78 48.96 68.02
CA SER KA 33 24.90 50.03 67.03
C SER KA 33 23.55 50.45 66.46
N GLY KA 34 22.51 49.64 66.69
CA GLY KA 34 21.20 49.98 66.16
C GLY KA 34 20.67 51.35 66.56
N ASP KA 35 21.01 51.80 67.77
CA ASP KA 35 20.52 53.09 68.23
C ASP KA 35 21.04 54.23 67.34
N MET KA 36 22.36 54.30 67.15
CA MET KA 36 22.91 55.35 66.32
C MET KA 36 22.56 55.13 64.85
N ARG KA 37 22.38 53.87 64.43
CA ARG KA 37 21.96 53.63 63.05
C ARG KA 37 20.56 54.17 62.79
N ALA KA 38 19.65 53.97 63.74
CA ALA KA 38 18.31 54.56 63.60
C ALA KA 38 18.37 56.08 63.67
N LYS KA 39 19.24 56.63 64.52
CA LYS KA 39 19.37 58.08 64.61
C LYS KA 39 19.83 58.67 63.28
N THR KA 40 20.86 58.06 62.67
CA THR KA 40 21.35 58.58 61.40
C THR KA 40 20.36 58.32 60.27
N ALA KA 41 19.58 57.25 60.36
CA ALA KA 41 18.51 57.05 59.38
C ALA KA 41 17.49 58.18 59.48
N ILE KA 42 17.15 58.60 60.70
CA ILE KA 42 16.23 59.72 60.87
C ILE KA 42 16.82 60.99 60.27
N ALA KA 43 18.10 61.25 60.55
CA ALA KA 43 18.74 62.45 60.03
C ALA KA 43 18.77 62.45 58.50
N VAL KA 44 19.11 61.31 57.90
CA VAL KA 44 19.14 61.22 56.44
C VAL KA 44 17.76 61.40 55.86
N SER KA 45 16.74 60.80 56.48
CA SER KA 45 15.38 60.99 55.99
C SER KA 45 14.98 62.45 56.05
N ALA KA 46 15.42 63.17 57.08
CA ALA KA 46 15.11 64.58 57.18
C ALA KA 46 15.88 65.44 56.19
N ASN KA 47 17.11 65.04 55.81
CA ASN KA 47 17.94 65.93 55.00
C ASN KA 47 18.32 65.33 53.64
N ALA KA 48 17.50 64.42 53.12
CA ALA KA 48 17.82 63.78 51.84
C ALA KA 48 17.92 64.80 50.70
N LYS KA 49 16.95 65.72 50.62
CA LYS KA 49 16.98 66.70 49.54
C LYS KA 49 18.22 67.58 49.63
N ASN KA 50 18.58 68.02 50.83
CA ASN KA 50 19.77 68.84 51.00
C ASN KA 50 21.03 68.06 50.65
N ILE KA 51 21.09 66.78 51.04
CA ILE KA 51 22.25 65.96 50.73
C ILE KA 51 22.43 65.84 49.23
N VAL KA 52 21.34 65.56 48.52
CA VAL KA 52 21.41 65.42 47.07
C VAL KA 52 21.79 66.75 46.42
N THR KA 53 21.24 67.85 46.92
CA THR KA 53 21.56 69.16 46.36
C THR KA 53 23.05 69.46 46.51
N LYS KA 54 23.60 69.26 47.70
CA LYS KA 54 25.02 69.53 47.93
C LYS KA 54 25.88 68.60 47.08
N THR KA 55 25.50 67.33 46.97
CA THR KA 55 26.26 66.38 46.17
C THR KA 55 26.31 66.82 44.72
N VAL KA 56 25.16 67.16 44.14
CA VAL KA 56 25.13 67.60 42.75
C VAL KA 56 25.94 68.87 42.58
N ALA KA 57 25.82 69.80 43.53
CA ALA KA 57 26.54 71.06 43.42
C ALA KA 57 28.05 70.85 43.41
N LYS KA 58 28.54 69.95 44.25
CA LYS KA 58 29.98 69.77 44.38
C LYS KA 58 30.56 68.69 43.48
N SER KA 59 29.74 67.97 42.71
CA SER KA 59 30.27 66.91 41.87
C SER KA 59 29.79 66.91 40.43
N LEU KA 60 28.68 67.56 40.11
CA LEU KA 60 28.13 67.44 38.77
C LEU KA 60 27.88 68.78 38.10
N LEU KA 61 27.58 69.81 38.89
CA LEU KA 61 27.25 71.10 38.33
C LEU KA 61 28.46 71.74 37.68
N TYR KA 62 28.20 72.53 36.64
CA TYR KA 62 29.23 73.32 35.95
C TYR KA 62 30.33 72.42 35.39
N THR KA 63 29.92 71.32 34.75
CA THR KA 63 30.84 70.45 34.04
C THR KA 63 30.33 70.21 32.63
N ASP KA 64 30.94 69.26 31.92
CA ASP KA 64 30.52 68.97 30.57
C ASP KA 64 29.18 68.25 30.53
N ILE KA 65 28.87 67.42 31.54
CA ILE KA 65 27.66 66.63 31.48
C ILE KA 65 26.43 67.51 31.63
N THR KA 66 26.55 68.65 32.29
CA THR KA 66 25.44 69.59 32.35
C THR KA 66 25.29 70.38 31.06
N ALA KA 67 26.40 70.71 30.41
CA ALA KA 67 26.36 71.45 29.17
C ALA KA 67 25.67 70.63 28.08
N PRO KA 68 25.12 71.29 27.05
CA PRO KA 68 24.42 70.53 26.00
C PRO KA 68 25.32 69.48 25.36
N GLY KA 69 24.73 68.32 25.09
CA GLY KA 69 25.49 67.17 24.69
C GLY KA 69 25.94 66.28 25.83
N GLY KA 70 25.74 66.72 27.07
CA GLY KA 70 26.08 65.92 28.23
C GLY KA 70 24.88 65.12 28.68
N MEN KA 71 25.11 64.14 29.55
CA MEN KA 71 24.05 63.23 29.95
C MEN KA 71 23.13 63.82 31.00
O MEN KA 71 22.08 63.26 31.29
CB MEN KA 71 24.64 61.92 30.46
CG MEN KA 71 23.64 60.80 30.50
OD1 MEN KA 71 23.33 60.23 31.53
ND2 MEN KA 71 23.11 60.45 29.32
CE2 MEN KA 71 22.13 59.40 29.20
N MET KA 72 23.51 64.96 31.57
CA MET KA 72 22.67 65.63 32.55
C MET KA 72 21.97 66.83 31.92
N TYR KA 73 22.25 67.05 30.65
CA TYR KA 73 21.54 68.07 29.90
C TYR KA 73 20.08 67.66 29.70
N THR KA 74 19.23 68.67 29.47
CA THR KA 74 17.78 68.53 29.37
C THR KA 74 17.19 68.28 30.76
N CYS KA 75 16.08 68.96 31.07
CA CYS KA 75 15.51 68.87 32.41
C CYS KA 75 15.14 67.44 32.78
N ARG KA 76 14.68 66.65 31.81
CA ARG KA 76 14.30 65.27 32.10
C ARG KA 76 15.48 64.47 32.61
N ARG KA 77 16.64 64.64 31.96
CA ARG KA 77 17.82 63.88 32.38
C ARG KA 77 18.38 64.38 33.70
N TYR KA 78 18.32 65.69 33.94
CA TYR KA 78 18.71 66.21 35.24
C TYR KA 78 17.84 65.62 36.34
N ALA KA 79 16.53 65.59 36.12
CA ALA KA 79 15.63 65.02 37.10
C ALA KA 79 15.91 63.54 37.30
N ALA KA 80 16.21 62.83 36.22
CA ALA KA 80 16.53 61.40 36.34
C ALA KA 80 17.80 61.17 37.13
N CYS KA 81 18.82 62.01 36.93
CA CYS KA 81 20.05 61.88 37.71
C CYS KA 81 19.80 62.17 39.18
N VAL KA 82 19.03 63.21 39.48
CA VAL KA 82 18.70 63.52 40.87
C VAL KA 82 17.91 62.38 41.49
N ARG KA 83 17.01 61.78 40.73
CA ARG KA 83 16.24 60.64 41.22
C ARG KA 83 17.14 59.44 41.49
N ASP KA 84 18.12 59.20 40.63
CA ASP KA 84 19.06 58.10 40.87
C ASP KA 84 19.86 58.35 42.13
N LEU KA 85 20.28 59.60 42.36
CA LEU KA 85 21.01 59.91 43.59
C LEU KA 85 20.13 59.69 44.82
N ASP KA 86 18.85 60.07 44.73
CA ASP KA 86 17.93 59.80 45.82
C ASP KA 86 17.76 58.31 46.05
N TYR KA 87 17.68 57.53 44.96
CA TYR KA 87 17.60 56.08 45.08
C TYR KA 87 18.82 55.54 45.83
N PHE KA 88 20.01 56.00 45.44
CA PHE KA 88 21.23 55.51 46.07
C PHE KA 88 21.24 55.84 47.55
N LEU KA 89 20.85 57.07 47.90
CA LEU KA 89 20.83 57.46 49.31
C LEU KA 89 19.82 56.62 50.10
N ARG KA 90 18.61 56.45 49.55
CA ARG KA 90 17.58 55.70 50.27
C ARG KA 90 17.97 54.25 50.46
N TYR KA 91 18.52 53.62 49.42
CA TYR KA 91 18.88 52.21 49.55
C TYR KA 91 20.13 52.03 50.40
N ALA KA 92 21.03 53.01 50.42
CA ALA KA 92 22.14 52.96 51.37
C ALA KA 92 21.62 53.04 52.80
N THR KA 93 20.60 53.87 53.04
CA THR KA 93 20.00 53.91 54.37
C THR KA 93 19.34 52.57 54.71
N TYR KA 94 18.64 51.97 53.75
CA TYR KA 94 18.08 50.64 53.96
C TYR KA 94 19.15 49.65 54.38
N ALA KA 95 20.26 49.61 53.63
CA ALA KA 95 21.32 48.65 53.91
C ALA KA 95 21.97 48.92 55.26
N MET KA 96 22.12 50.19 55.62
CA MET KA 96 22.69 50.52 56.92
C MET KA 96 21.78 50.05 58.04
N LEU KA 97 20.47 50.25 57.89
CA LEU KA 97 19.54 49.80 58.92
C LEU KA 97 19.51 48.28 59.01
N ALA KA 98 19.58 47.59 57.88
CA ALA KA 98 19.58 46.14 57.89
C ALA KA 98 20.90 45.55 58.35
N GLY KA 99 21.98 46.32 58.32
CA GLY KA 99 23.27 45.78 58.66
C GLY KA 99 23.81 44.80 57.65
N ASP KA 100 23.31 44.85 56.41
CA ASP KA 100 23.74 43.94 55.37
C ASP KA 100 23.59 44.64 54.02
N THR KA 101 24.35 44.16 53.04
CA THR KA 101 24.36 44.72 51.70
C THR KA 101 23.45 43.95 50.74
N SER KA 102 22.71 42.96 51.23
CA SER KA 102 21.90 42.12 50.36
C SER KA 102 20.83 42.93 49.64
N ILE KA 103 20.27 43.93 50.31
CA ILE KA 103 19.25 44.76 49.67
C ILE KA 103 19.85 45.52 48.49
N LEU KA 104 21.08 45.99 48.63
CA LEU KA 104 21.75 46.68 47.53
C LEU KA 104 22.02 45.73 46.37
N ASP KA 105 22.47 44.52 46.67
CA ASP KA 105 22.73 43.55 45.61
C ASP KA 105 21.46 43.11 44.91
N GLU KA 106 20.34 43.12 45.63
CA GLU KA 106 19.08 42.62 45.10
C GLU KA 106 18.30 43.67 44.33
N ARG KA 107 18.31 44.91 44.78
CA ARG KA 107 17.44 45.93 44.23
C ARG KA 107 18.16 47.13 43.64
N ILE KA 108 19.48 47.20 43.74
CA ILE KA 108 20.25 48.29 43.16
C ILE KA 108 21.19 47.79 42.07
N LEU KA 109 22.09 46.89 42.42
CA LEU KA 109 23.12 46.48 41.47
C LEU KA 109 22.59 45.47 40.45
N ASN KA 110 21.45 44.84 40.73
CA ASN KA 110 20.89 43.88 39.79
C ASN KA 110 20.25 44.60 38.61
N GLY KA 111 21.01 44.75 37.53
CA GLY KA 111 20.56 45.48 36.37
C GLY KA 111 21.04 46.91 36.28
N LEU KA 112 21.87 47.36 37.21
CA LEU KA 112 22.35 48.73 37.18
C LEU KA 112 23.33 48.94 36.03
N ARG KA 113 24.28 48.02 35.87
CA ARG KA 113 25.25 48.15 34.80
C ARG KA 113 24.57 48.08 33.43
N GLU KA 114 23.62 47.16 33.28
CA GLU KA 114 22.90 47.03 32.03
C GLU KA 114 22.12 48.30 31.71
N THR KA 115 21.43 48.85 32.71
CA THR KA 115 20.67 50.08 32.51
C THR KA 115 21.58 51.23 32.10
N TYR KA 116 22.66 51.42 32.85
CA TYR KA 116 23.54 52.56 32.59
C TYR KA 116 24.24 52.42 31.24
N ASN KA 117 24.57 51.20 30.85
CA ASN KA 117 25.25 51.00 29.56
C ASN KA 117 24.29 51.12 28.40
N SER KA 118 23.04 50.70 28.56
CA SER KA 118 22.08 50.84 27.48
C SER KA 118 21.66 52.29 27.31
N LEU KA 119 21.52 53.03 28.40
CA LEU KA 119 21.09 54.42 28.31
C LEU KA 119 22.24 55.38 28.06
N GLY KA 120 23.48 54.95 28.21
CA GLY KA 120 24.61 55.85 28.02
C GLY KA 120 24.96 56.70 29.21
N VAL KA 121 24.48 56.36 30.40
CA VAL KA 121 24.83 57.11 31.61
C VAL KA 121 26.30 56.88 31.93
N PRO KA 122 27.10 57.92 32.12
CA PRO KA 122 28.52 57.72 32.43
C PRO KA 122 28.70 57.15 33.83
N ILE KA 123 29.43 56.04 33.93
CA ILE KA 123 29.63 55.38 35.21
C ILE KA 123 30.55 56.20 36.11
N GLY KA 124 31.60 56.80 35.54
CA GLY KA 124 32.55 57.53 36.37
C GLY KA 124 31.95 58.73 37.07
N ALA KA 125 31.12 59.48 36.35
CA ALA KA 125 30.45 60.62 36.97
C ALA KA 125 29.52 60.18 38.08
N THR KA 126 28.83 59.06 37.89
CA THR KA 126 27.98 58.52 38.94
C THR KA 126 28.79 58.11 40.15
N ILE KA 127 29.96 57.52 39.93
CA ILE KA 127 30.84 57.14 41.05
C ILE KA 127 31.28 58.38 41.81
N ARG KA 128 31.64 59.44 41.09
CA ARG KA 128 32.03 60.69 41.74
C ARG KA 128 30.86 61.28 42.53
N SER KA 129 29.65 61.20 41.99
CA SER KA 129 28.49 61.67 42.71
C SER KA 129 28.24 60.86 43.98
N VAL KA 130 28.39 59.55 43.90
CA VAL KA 130 28.19 58.71 45.08
C VAL KA 130 29.25 59.03 46.13
N GLN KA 131 30.49 59.29 45.69
CA GLN KA 131 31.53 59.69 46.64
C GLN KA 131 31.20 61.02 47.31
N ALA KA 132 30.73 61.99 46.53
CA ALA KA 132 30.35 63.28 47.10
C ALA KA 132 29.20 63.14 48.07
N MET KA 133 28.24 62.27 47.74
CA MET KA 133 27.12 62.00 48.65
C MET KA 133 27.61 61.36 49.94
N LYS KA 134 28.57 60.44 49.84
CA LYS KA 134 29.14 59.84 51.04
C LYS KA 134 29.82 60.90 51.90
N GLU KA 135 30.56 61.81 51.29
CA GLU KA 135 31.20 62.88 52.05
C GLU KA 135 30.17 63.77 52.74
N VAL KA 136 29.11 64.13 52.02
CA VAL KA 136 28.08 65.00 52.60
C VAL KA 136 27.38 64.30 53.76
N VAL KA 137 27.04 63.02 53.59
CA VAL KA 137 26.38 62.27 54.64
C VAL KA 137 27.28 62.15 55.85
N THR KA 138 28.57 61.91 55.64
CA THR KA 138 29.51 61.83 56.74
C THR KA 138 29.59 63.16 57.48
N SER KA 139 29.64 64.27 56.75
CA SER KA 139 29.72 65.56 57.41
C SER KA 139 28.42 65.90 58.14
N LEU KA 140 27.30 65.32 57.72
CA LEU KA 140 26.03 65.64 58.35
C LEU KA 140 25.74 64.80 59.58
N VAL KA 141 25.98 63.48 59.50
CA VAL KA 141 25.57 62.57 60.57
C VAL KA 141 26.71 62.20 61.51
N GLY KA 142 27.90 62.76 61.31
CA GLY KA 142 29.01 62.50 62.22
C GLY KA 142 29.97 61.48 61.65
N ALA KA 143 31.01 61.21 62.45
CA ALA KA 143 32.12 60.38 61.98
C ALA KA 143 31.74 58.91 61.90
N ASP KA 144 31.30 58.32 63.01
CA ASP KA 144 31.03 56.89 63.03
C ASP KA 144 29.82 56.52 62.19
N ALA KA 145 28.73 57.27 62.32
CA ALA KA 145 27.56 57.02 61.48
C ALA KA 145 27.88 57.26 60.01
N GLY KA 146 28.66 58.31 59.74
CA GLY KA 146 29.08 58.56 58.38
C GLY KA 146 29.88 57.42 57.79
N ARG KA 147 30.78 56.84 58.60
CA ARG KA 147 31.57 55.70 58.13
C ARG KA 147 30.69 54.48 57.89
N GLU KA 148 29.74 54.23 58.79
CA GLU KA 148 28.86 53.09 58.61
C GLU KA 148 28.01 53.23 57.35
N MET KA 149 27.53 54.44 57.06
CA MET KA 149 26.82 54.68 55.80
C MET KA 149 27.77 54.57 54.61
N GLY KA 150 29.00 55.05 54.77
CA GLY KA 150 29.97 55.03 53.69
C GLY KA 150 30.39 53.64 53.29
N VAL KA 151 30.28 52.67 54.19
CA VAL KA 151 30.52 51.29 53.82
C VAL KA 151 29.57 50.88 52.69
N TYR KA 152 28.29 51.18 52.83
CA TYR KA 152 27.32 50.81 51.81
C TYR KA 152 27.39 51.73 50.60
N PHE KA 153 27.76 53.00 50.80
CA PHE KA 153 28.04 53.86 49.65
C PHE KA 153 29.17 53.28 48.81
N ASP KA 154 30.23 52.80 49.45
CA ASP KA 154 31.33 52.19 48.73
C ASP KA 154 30.91 50.87 48.09
N HIS KA 155 30.02 50.12 48.74
CA HIS KA 155 29.52 48.91 48.11
C HIS KA 155 28.80 49.22 46.81
N ILE KA 156 27.96 50.26 46.82
CA ILE KA 156 27.27 50.68 45.60
C ILE KA 156 28.28 51.14 44.56
N ALA KA 157 29.26 51.95 44.96
CA ALA KA 157 30.24 52.47 44.01
C ALA KA 157 31.07 51.35 43.39
N ALA KA 158 31.45 50.35 44.19
CA ALA KA 158 32.22 49.23 43.67
C ALA KA 158 31.37 48.33 42.80
N GLY KA 159 30.06 48.25 43.07
CA GLY KA 159 29.19 47.48 42.20
C GLY KA 159 29.13 48.04 40.78
N LEU KA 160 29.21 49.35 40.64
CA LEU KA 160 29.21 49.99 39.34
C LEU KA 160 30.55 49.78 38.64
N SER LA 2 49.06 -1.22 7.88
CA SER LA 2 47.95 -2.08 8.31
C SER LA 2 47.11 -1.38 9.37
N ILE LA 3 46.15 -2.10 9.93
CA ILE LA 3 45.33 -1.54 10.99
C ILE LA 3 46.14 -1.32 12.25
N VAL LA 4 47.18 -2.15 12.46
CA VAL LA 4 48.08 -1.94 13.60
C VAL LA 4 48.79 -0.60 13.47
N THR LA 5 49.24 -0.27 12.27
CA THR LA 5 49.86 1.03 12.04
C THR LA 5 48.88 2.16 12.30
N GLU LA 6 47.62 1.97 11.91
CA GLU LA 6 46.61 3.00 12.17
C GLU LA 6 46.41 3.21 13.66
N LEU LA 7 46.34 2.13 14.43
CA LEU LA 7 46.22 2.26 15.88
C LEU LA 7 47.43 2.94 16.49
N ILE LA 8 48.62 2.55 16.05
CA ILE LA 8 49.84 3.14 16.60
C ILE LA 8 49.90 4.63 16.29
N LEU LA 9 49.55 5.01 15.06
CA LEU LA 9 49.59 6.41 14.68
C LEU LA 9 48.52 7.21 15.42
N ASN LA 10 47.36 6.62 15.65
CA ASN LA 10 46.34 7.31 16.42
C ASN LA 10 46.80 7.53 17.85
N ALA LA 11 47.46 6.54 18.46
CA ALA LA 11 48.00 6.73 19.79
C ALA LA 11 49.11 7.79 19.80
N ASP LA 12 49.95 7.79 18.76
CA ASP LA 12 51.05 8.74 18.69
C ASP LA 12 50.56 10.16 18.45
N SER LA 13 49.42 10.32 17.79
CA SER LA 13 48.88 11.66 17.54
C SER LA 13 48.58 12.37 18.84
N GLU LA 14 48.10 11.64 19.84
CA GLU LA 14 47.87 12.19 21.17
C GLU LA 14 49.07 12.04 22.09
N SER LA 15 50.18 11.51 21.58
CA SER LA 15 51.41 11.34 22.36
C SER LA 15 51.16 10.56 23.64
N ARG LA 16 50.50 9.41 23.50
CA ARG LA 16 50.13 8.59 24.65
C ARG LA 16 50.19 7.12 24.26
N TYR LA 17 50.28 6.27 25.27
CA TYR LA 17 50.25 4.84 25.05
C TYR LA 17 48.87 4.42 24.55
N PRO LA 18 48.78 3.28 23.87
CA PRO LA 18 47.48 2.85 23.36
C PRO LA 18 46.44 2.71 24.46
N ALA LA 19 45.26 3.25 24.19
CA ALA LA 19 44.14 3.18 25.11
C ALA LA 19 43.53 1.79 25.09
N PRO LA 20 42.71 1.46 26.09
CA PRO LA 20 42.06 0.13 26.08
C PRO LA 20 41.25 -0.15 24.81
N LYS LA 21 40.61 0.85 24.22
CA LYS LA 21 39.89 0.60 22.97
C LYS LA 21 40.84 0.20 21.85
N GLU LA 22 42.00 0.87 21.75
CA GLU LA 22 42.97 0.51 20.73
C GLU LA 22 43.54 -0.88 20.96
N ILE LA 23 43.81 -1.23 22.21
CA ILE LA 23 44.32 -2.57 22.50
C ILE LA 23 43.27 -3.62 22.18
N GLN LA 24 42.01 -3.32 22.46
CA GLN LA 24 40.94 -4.25 22.12
C GLN LA 24 40.83 -4.43 20.61
N VAL LA 25 40.94 -3.34 19.85
CA VAL LA 25 40.91 -3.45 18.39
C VAL LA 25 42.09 -4.28 17.90
N TYR LA 26 43.28 -4.04 18.46
CA TYR LA 26 44.47 -4.78 18.07
C TYR LA 26 44.30 -6.28 18.34
N GLN LA 27 43.77 -6.62 19.51
CA GLN LA 27 43.58 -8.03 19.86
C GLN LA 27 42.52 -8.67 18.97
N ASN LA 28 41.42 -7.96 18.71
CA ASN LA 28 40.41 -8.47 17.80
C ASN LA 28 40.98 -8.72 16.41
N PHE LA 29 41.87 -7.83 15.96
CA PHE LA 29 42.49 -8.01 14.65
C PHE LA 29 43.39 -9.23 14.62
N VAL LA 30 44.31 -9.35 15.59
CA VAL LA 30 45.24 -10.46 15.59
C VAL LA 30 44.54 -11.78 15.86
N LYS LA 31 43.31 -11.73 16.39
CA LYS LA 31 42.55 -12.96 16.61
C LYS LA 31 42.13 -13.60 15.30
N THR LA 32 42.07 -12.84 14.21
CA THR LA 32 41.54 -13.31 12.93
C THR LA 32 42.65 -13.56 11.90
N GLY LA 33 43.88 -13.76 12.37
CA GLY LA 33 44.99 -13.92 11.44
C GLY LA 33 44.88 -15.17 10.58
N GLU LA 34 44.43 -16.28 11.16
CA GLU LA 34 44.29 -17.50 10.40
C GLU LA 34 43.26 -17.33 9.28
N GLN LA 35 42.13 -16.69 9.59
CA GLN LA 35 41.12 -16.44 8.58
C GLN LA 35 41.64 -15.53 7.48
N ARG LA 36 42.37 -14.48 7.85
CA ARG LA 36 42.91 -13.58 6.82
C ARG LA 36 43.92 -14.30 5.93
N ILE LA 37 44.77 -15.14 6.52
CA ILE LA 37 45.74 -15.89 5.73
C ILE LA 37 45.03 -16.87 4.81
N ARG LA 38 43.96 -17.50 5.30
CA ARG LA 38 43.20 -18.42 4.46
C ARG LA 38 42.56 -17.70 3.28
N ILE LA 39 41.99 -16.52 3.52
CA ILE LA 39 41.38 -15.75 2.43
C ILE LA 39 42.44 -15.34 1.41
N ALA LA 40 43.61 -14.90 1.89
CA ALA LA 40 44.67 -14.52 0.97
C ALA LA 40 45.15 -15.72 0.17
N LYS LA 41 45.24 -16.89 0.79
CA LYS LA 41 45.63 -18.11 0.09
C LYS LA 41 44.62 -18.45 -1.00
N ILE LA 42 43.33 -18.33 -0.68
CA ILE LA 42 42.30 -18.61 -1.68
C ILE LA 42 42.42 -17.64 -2.85
N LEU LA 43 42.64 -16.36 -2.56
CA LEU LA 43 42.76 -15.38 -3.63
C LEU LA 43 44.00 -15.63 -4.48
N ALA LA 44 45.11 -16.02 -3.86
CA ALA LA 44 46.34 -16.25 -4.61
C ALA LA 44 46.23 -17.51 -5.47
N GLU LA 45 45.66 -18.58 -4.93
CA GLU LA 45 45.58 -19.83 -5.67
C GLU LA 45 44.66 -19.70 -6.87
N ASN LA 46 43.57 -18.94 -6.73
CA ASN LA 46 42.55 -18.84 -7.77
C ASN LA 46 42.64 -17.55 -8.56
N GLU LA 47 43.80 -16.88 -8.54
CA GLU LA 47 43.91 -15.58 -9.19
C GLU LA 47 43.65 -15.69 -10.69
N GLN LA 48 44.28 -16.66 -11.34
CA GLN LA 48 44.13 -16.76 -12.79
C GLN LA 48 42.73 -17.17 -13.19
N ARG LA 49 42.10 -18.08 -12.44
CA ARG LA 49 40.72 -18.45 -12.73
C ARG LA 49 39.78 -17.26 -12.58
N ILE LA 50 39.96 -16.49 -11.52
CA ILE LA 50 39.15 -15.29 -11.32
C ILE LA 50 39.37 -14.32 -12.47
N VAL LA 51 40.62 -14.14 -12.89
CA VAL LA 51 40.92 -13.23 -13.98
C VAL LA 51 40.24 -13.69 -15.27
N GLN LA 52 40.32 -14.99 -15.56
CA GLN LA 52 39.75 -15.51 -16.79
C GLN LA 52 38.23 -15.38 -16.80
N ASN LA 53 37.58 -15.77 -15.71
CA ASN LA 53 36.12 -15.68 -15.65
C ASN LA 53 35.65 -14.23 -15.69
N GLY LA 54 36.31 -13.36 -14.94
CA GLY LA 54 35.95 -11.96 -14.95
C GLY LA 54 36.18 -11.32 -16.31
N SER LA 55 37.25 -11.72 -16.99
CA SER LA 55 37.51 -11.20 -18.33
C SER LA 55 36.42 -11.64 -19.29
N ALA LA 56 36.02 -12.91 -19.22
CA ALA LA 56 34.95 -13.37 -20.09
C ALA LA 56 33.65 -12.59 -19.85
N ARG LA 57 33.27 -12.45 -18.58
CA ARG LA 57 32.05 -11.70 -18.27
C ARG LA 57 32.16 -10.24 -18.70
N PHE LA 58 33.33 -9.63 -18.47
CA PHE LA 58 33.51 -8.22 -18.77
C PHE LA 58 33.51 -7.96 -20.26
N TRP LA 59 34.07 -8.88 -21.05
CA TRP LA 59 34.04 -8.71 -22.49
C TRP LA 59 32.66 -9.03 -23.05
N GLU LA 60 31.88 -9.86 -22.35
CA GLU LA 60 30.47 -9.98 -22.70
C GLU LA 60 29.72 -8.67 -22.45
N ARG LA 61 29.98 -8.03 -21.32
CA ARG LA 61 29.26 -6.81 -20.96
C ARG LA 61 29.74 -5.60 -21.76
N VAL LA 62 31.04 -5.49 -22.00
CA VAL LA 62 31.61 -4.35 -22.71
C VAL LA 62 32.36 -4.84 -23.94
N PRO LA 63 31.72 -4.92 -25.11
CA PRO LA 63 32.41 -5.49 -26.27
C PRO LA 63 33.43 -4.54 -26.88
N ASN LA 64 33.17 -3.24 -26.86
CA ASN LA 64 34.08 -2.26 -27.48
C ASN LA 64 34.90 -1.61 -26.39
N THR LA 65 35.99 -2.27 -26.02
CA THR LA 65 36.90 -1.81 -24.99
C THR LA 65 38.32 -2.01 -25.48
N PRO LA 66 39.27 -1.20 -25.03
CA PRO LA 66 40.65 -1.36 -25.50
C PRO LA 66 41.22 -2.74 -25.25
N SER LA 67 40.80 -3.42 -24.19
CA SER LA 67 41.23 -4.79 -23.96
C SER LA 67 40.74 -5.71 -25.08
N ASN LA 68 39.47 -5.58 -25.45
CA ASN LA 68 38.86 -6.41 -26.48
C ASN LA 68 38.80 -5.66 -27.81
N SER LA 69 39.97 -5.32 -28.34
CA SER LA 69 40.05 -4.55 -29.58
C SER LA 69 41.00 -5.17 -30.59
N GLY LA 70 41.37 -6.43 -30.41
CA GLY LA 70 42.25 -7.12 -31.33
C GLY LA 70 43.73 -6.93 -31.08
N ASN LA 71 44.11 -6.11 -30.12
CA ASN LA 71 45.51 -5.93 -29.74
C ASN LA 71 45.82 -6.92 -28.62
N GLU LA 72 46.74 -7.83 -28.88
CA GLU LA 72 47.07 -8.84 -27.87
C GLU LA 72 47.79 -8.22 -26.68
N ARG LA 73 48.63 -7.21 -26.91
CA ARG LA 73 49.32 -6.56 -25.81
C ARG LA 73 48.35 -5.84 -24.89
N LYS LA 74 47.32 -5.20 -25.46
CA LYS LA 74 46.33 -4.53 -24.63
C LYS LA 74 45.55 -5.53 -23.79
N THR LA 75 45.18 -6.67 -24.39
CA THR LA 75 44.50 -7.72 -23.63
C THR LA 75 45.36 -8.23 -22.50
N ALA LA 76 46.64 -8.48 -22.77
CA ALA LA 76 47.54 -8.95 -21.74
C ALA LA 76 47.69 -7.93 -20.63
N SER LA 77 47.80 -6.65 -20.98
CA SER LA 77 47.92 -5.61 -19.97
C SER LA 77 46.67 -5.50 -19.12
N CYS LA 78 45.49 -5.61 -19.72
CA CYS LA 78 44.26 -5.57 -18.93
C CYS LA 78 44.17 -6.75 -17.98
N GLN LA 79 44.53 -7.94 -18.44
CA GLN LA 79 44.46 -9.10 -17.56
C GLN LA 79 45.51 -9.03 -16.46
N ARG LA 80 46.67 -8.46 -16.77
CA ARG LA 80 47.67 -8.22 -15.73
C ARG LA 80 47.16 -7.22 -14.70
N ASP LA 81 46.45 -6.19 -15.15
CA ASP LA 81 45.87 -5.23 -14.23
C ASP LA 81 44.86 -5.90 -13.32
N GLN LA 82 44.02 -6.77 -13.87
CA GLN LA 82 43.05 -7.50 -13.06
C GLN LA 82 43.76 -8.36 -12.01
N GLY LA 83 44.81 -9.07 -12.42
CA GLY LA 83 45.57 -9.85 -11.48
C GLY LA 83 46.21 -9.01 -10.39
N TRP LA 84 46.75 -7.84 -10.78
CA TRP LA 84 47.37 -6.96 -9.81
C TRP LA 84 46.36 -6.43 -8.80
N TYR LA 85 45.15 -6.12 -9.25
CA TYR LA 85 44.14 -5.64 -8.31
C TYR LA 85 43.67 -6.74 -7.38
N ILE LA 86 43.58 -7.97 -7.87
CA ILE LA 86 43.28 -9.09 -6.98
C ILE LA 86 44.40 -9.23 -5.94
N ARG LA 87 45.65 -9.07 -6.37
CA ARG LA 87 46.77 -9.14 -5.45
C ARG LA 87 46.69 -8.05 -4.38
N LEU LA 88 46.33 -6.83 -4.79
CA LEU LA 88 46.22 -5.74 -3.84
C LEU LA 88 45.08 -5.96 -2.86
N ILE LA 89 43.97 -6.54 -3.33
CA ILE LA 89 42.88 -6.87 -2.42
C ILE LA 89 43.32 -7.95 -1.43
N ALA LA 90 44.13 -8.91 -1.88
CA ALA LA 90 44.68 -9.89 -0.95
C ALA LA 90 45.57 -9.24 0.09
N TYR LA 91 46.41 -8.28 -0.34
CA TYR LA 91 47.22 -7.52 0.59
C TYR LA 91 46.35 -6.83 1.64
N SER LA 92 45.27 -6.19 1.19
CA SER LA 92 44.39 -5.48 2.10
C SER LA 92 43.73 -6.42 3.08
N VAL LA 93 43.32 -7.60 2.62
CA VAL LA 93 42.74 -8.60 3.51
C VAL LA 93 43.76 -9.00 4.57
N LEU LA 94 45.01 -9.19 4.16
CA LEU LA 94 46.05 -9.54 5.13
C LEU LA 94 46.27 -8.42 6.13
N ALA LA 95 46.26 -7.17 5.68
CA ALA LA 95 46.56 -6.04 6.55
C ALA LA 95 45.38 -5.61 7.41
N GLY LA 96 44.18 -6.10 7.15
CA GLY LA 96 43.03 -5.71 7.93
C GLY LA 96 42.48 -4.34 7.61
N SER LA 97 43.00 -3.68 6.57
CA SER LA 97 42.52 -2.38 6.17
C SER LA 97 42.83 -2.17 4.69
N GLU LA 98 42.17 -1.19 4.10
CA GLU LA 98 42.36 -0.89 2.68
C GLU LA 98 43.64 -0.12 2.40
N LYS LA 99 44.50 0.07 3.40
CA LYS LA 99 45.70 0.87 3.21
C LYS LA 99 46.63 0.34 2.14
N PRO LA 100 46.95 -0.97 2.05
CA PRO LA 100 47.82 -1.42 0.95
C PRO LA 100 47.24 -1.16 -0.42
N LEU LA 101 45.97 -1.52 -0.61
CA LEU LA 101 45.30 -1.29 -1.88
C LEU LA 101 45.25 0.20 -2.20
N GLU LA 102 44.93 1.02 -1.22
CA GLU LA 102 44.84 2.46 -1.46
C GLU LA 102 46.19 3.04 -1.82
N GLU LA 103 47.26 2.63 -1.13
CA GLU LA 103 48.56 3.21 -1.37
C GLU LA 103 49.22 2.69 -2.64
N ILE LA 104 48.88 1.48 -3.08
CA ILE LA 104 49.54 0.89 -4.23
C ILE LA 104 48.75 1.10 -5.52
N GLY LA 105 47.43 0.96 -5.48
CA GLY LA 105 46.69 0.99 -6.72
C GLY LA 105 45.40 1.79 -6.72
N THR LA 106 45.26 2.73 -5.81
CA THR LA 106 44.05 3.55 -5.80
C THR LA 106 44.35 5.03 -5.83
N ILE LA 107 45.37 5.50 -5.13
CA ILE LA 107 45.72 6.91 -5.18
C ILE LA 107 46.31 7.21 -6.56
N GLY LA 108 45.69 8.13 -7.28
CA GLY LA 108 46.12 8.43 -8.63
C GLY LA 108 45.69 7.44 -9.68
N ILE LA 109 44.69 6.60 -9.39
CA ILE LA 109 44.25 5.60 -10.35
C ILE LA 109 43.54 6.28 -11.52
N LYS LA 110 42.75 7.30 -11.25
CA LYS LA 110 42.06 8.02 -12.31
C LYS LA 110 43.05 8.69 -13.25
N GLU LA 111 44.08 9.32 -12.69
CA GLU LA 111 45.07 10.00 -13.51
C GLU LA 111 45.83 9.00 -14.37
N MET LA 112 46.22 7.86 -13.80
CA MET LA 112 46.96 6.86 -14.55
C MET LA 112 46.11 6.30 -15.69
N TYR LA 113 44.86 5.96 -15.41
CA TYR LA 113 44.03 5.36 -16.45
C TYR LA 113 43.51 6.36 -17.45
N ASN LA 114 43.46 7.65 -17.09
CA ASN LA 114 43.16 8.67 -18.08
C ASN LA 114 44.35 8.91 -18.99
N ASN LA 115 45.56 8.82 -18.43
CA ASN LA 115 46.76 8.92 -19.25
C ASN LA 115 46.86 7.76 -20.23
N LEU LA 116 46.45 6.57 -19.82
CA LEU LA 116 46.45 5.40 -20.68
C LEU LA 116 45.27 5.36 -21.63
N GLU LA 117 44.34 6.31 -21.49
CA GLU LA 117 43.14 6.38 -22.33
C GLU LA 117 42.27 5.12 -22.19
N ILE LA 118 42.19 4.62 -20.96
CA ILE LA 118 41.28 3.51 -20.63
C ILE LA 118 40.05 4.11 -19.96
N PRO LA 119 38.88 4.01 -20.56
CA PRO LA 119 37.69 4.59 -19.92
C PRO LA 119 37.42 3.97 -18.55
N LEU LA 120 37.10 4.83 -17.59
CA LEU LA 120 37.02 4.39 -16.21
C LEU LA 120 35.76 3.57 -15.94
N ARG LA 121 34.68 3.85 -16.67
CA ARG LA 121 33.47 3.06 -16.53
C ARG LA 121 33.72 1.60 -16.90
N ASN LA 122 34.53 1.37 -17.93
CA ASN LA 122 34.90 0.02 -18.30
C ASN LA 122 35.66 -0.69 -17.20
N ILE LA 123 36.57 0.02 -16.55
CA ILE LA 123 37.33 -0.59 -15.45
C ILE LA 123 36.41 -0.88 -14.27
N VAL LA 124 35.43 -0.02 -14.03
CA VAL LA 124 34.47 -0.29 -12.95
C VAL LA 124 33.68 -1.55 -13.26
N GLU LA 125 33.25 -1.71 -14.52
CA GLU LA 125 32.54 -2.92 -14.90
C GLU LA 125 33.42 -4.16 -14.76
N CYS LA 126 34.69 -4.06 -15.15
CA CYS LA 126 35.61 -5.19 -15.00
C CYS LA 126 35.80 -5.54 -13.54
N MET LA 127 35.91 -4.53 -12.67
CA MET LA 127 36.03 -4.78 -11.24
C MET LA 127 34.77 -5.43 -10.69
N ARG LA 128 33.60 -5.03 -11.20
CA ARG LA 128 32.36 -5.67 -10.80
C ARG LA 128 32.36 -7.15 -11.16
N CYS LA 129 32.78 -7.47 -12.38
CA CYS LA 129 32.85 -8.87 -12.79
C CYS LA 129 33.87 -9.65 -11.96
N LEU LA 130 35.03 -9.03 -11.70
CA LEU LA 130 36.03 -9.67 -10.87
C LEU LA 130 35.51 -9.94 -9.46
N LYS LA 131 34.78 -8.97 -8.89
CA LYS LA 131 34.22 -9.16 -7.56
C LYS LA 131 33.21 -10.29 -7.55
N GLU LA 132 32.37 -10.38 -8.59
CA GLU LA 132 31.40 -11.46 -8.64
C GLU LA 132 32.10 -12.81 -8.74
N GLU LA 133 33.20 -12.88 -9.51
CA GLU LA 133 33.93 -14.14 -9.61
C GLU LA 133 34.65 -14.49 -8.32
N ALA LA 134 35.21 -13.48 -7.64
CA ALA LA 134 36.01 -13.75 -6.45
C ALA LA 134 35.15 -14.12 -5.26
N LEU LA 135 34.01 -13.46 -5.09
CA LEU LA 135 33.16 -13.74 -3.95
C LEU LA 135 32.53 -15.13 -4.00
N SER LA 136 32.47 -15.74 -5.19
CA SER LA 136 31.90 -17.07 -5.30
C SER LA 136 32.78 -18.14 -4.65
N LEU LA 137 34.08 -17.87 -4.48
CA LEU LA 137 34.99 -18.82 -3.85
C LEU LA 137 35.09 -18.63 -2.35
N MET LA 138 34.49 -17.59 -1.80
CA MET LA 138 34.56 -17.31 -0.37
C MET LA 138 33.30 -17.79 0.32
N SER LA 139 33.46 -18.29 1.54
CA SER LA 139 32.30 -18.57 2.36
C SER LA 139 31.67 -17.26 2.83
N GLU LA 140 30.49 -17.36 3.42
CA GLU LA 140 29.76 -16.16 3.81
C GLU LA 140 30.51 -15.37 4.87
N GLU LA 141 31.32 -16.04 5.69
CA GLU LA 141 32.08 -15.33 6.71
C GLU LA 141 33.20 -14.50 6.09
N ASP LA 142 33.77 -14.98 5.00
CA ASP LA 142 34.98 -14.39 4.43
C ASP LA 142 34.71 -13.28 3.42
N ALA LA 143 33.49 -13.15 2.93
CA ALA LA 143 33.21 -12.28 1.80
C ALA LA 143 33.08 -10.81 2.16
N LEU LA 144 32.96 -10.48 3.45
CA LEU LA 144 32.70 -9.10 3.84
C LEU LA 144 33.84 -8.17 3.44
N GLU LA 145 35.07 -8.51 3.84
CA GLU LA 145 36.20 -7.64 3.57
C GLU LA 145 36.53 -7.62 2.09
N VAL LA 146 36.46 -8.77 1.42
CA VAL LA 146 36.77 -8.84 0.00
C VAL LA 146 35.80 -7.99 -0.80
N SER LA 147 34.50 -8.11 -0.50
CA SER LA 147 33.52 -7.29 -1.19
C SER LA 147 33.72 -5.81 -0.87
N ALA LA 148 34.08 -5.49 0.37
CA ALA LA 148 34.30 -4.09 0.73
C ALA LA 148 35.48 -3.50 -0.03
N TYR LA 149 36.55 -4.28 -0.21
CA TYR LA 149 37.72 -3.75 -0.91
C TYR LA 149 37.47 -3.64 -2.41
N PHE LA 150 36.73 -4.59 -2.98
CA PHE LA 150 36.32 -4.43 -4.37
C PHE LA 150 35.47 -3.17 -4.54
N ASP LA 151 34.55 -2.93 -3.61
CA ASP LA 151 33.75 -1.72 -3.65
C ASP LA 151 34.63 -0.48 -3.50
N TYR LA 152 35.68 -0.57 -2.68
CA TYR LA 152 36.61 0.54 -2.52
C TYR LA 152 37.28 0.89 -3.84
N VAL LA 153 37.75 -0.12 -4.56
CA VAL LA 153 38.37 0.12 -5.86
C VAL LA 153 37.35 0.74 -6.82
N MET LA 154 36.15 0.18 -6.87
CA MET LA 154 35.13 0.67 -7.79
C MET LA 154 34.76 2.11 -7.48
N ARG LA 155 34.66 2.46 -6.20
CA ARG LA 155 34.34 3.83 -5.81
C ARG LA 155 35.48 4.78 -6.12
N SER LA 156 36.73 4.33 -5.97
CA SER LA 156 37.85 5.18 -6.34
C SER LA 156 37.89 5.44 -7.83
N LEU LA 157 37.48 4.47 -8.65
CA LEU LA 157 37.48 4.66 -10.09
C LEU LA 157 36.38 5.60 -10.56
N SER LA 158 35.23 5.57 -9.92
CA SER LA 158 34.10 6.37 -10.37
C SER LA 158 33.92 7.61 -9.51
N MET MA 1 54.73 5.14 9.10
CA MET MA 1 55.58 4.08 9.63
C MET MA 1 55.30 2.76 8.94
N GLN MA 2 55.89 1.69 9.47
CA GLN MA 2 55.77 0.36 8.89
C GLN MA 2 55.71 -0.66 10.01
N ASP MA 3 54.82 -1.63 9.89
CA ASP MA 3 54.75 -2.73 10.84
C ASP MA 3 55.11 -4.03 10.11
N ALA MA 4 55.00 -5.14 10.83
CA ALA MA 4 55.44 -6.43 10.27
C ALA MA 4 54.62 -6.82 9.05
N ILE MA 5 53.29 -6.69 9.14
CA ILE MA 5 52.43 -7.07 8.03
C ILE MA 5 52.72 -6.20 6.82
N THR MA 6 52.84 -4.88 7.04
CA THR MA 6 53.15 -3.98 5.94
C THR MA 6 54.54 -4.24 5.38
N ALA MA 7 55.49 -4.62 6.23
CA ALA MA 7 56.82 -4.94 5.74
C ALA MA 7 56.78 -6.15 4.81
N LEU MA 8 56.07 -7.20 5.20
CA LEU MA 8 55.94 -8.37 4.34
C LEU MA 8 55.18 -8.03 3.06
N ILE MA 9 54.14 -7.21 3.17
CA ILE MA 9 53.35 -6.83 2.00
C ILE MA 9 54.20 -6.04 1.02
N ASN MA 10 55.00 -5.09 1.51
CA ASN MA 10 55.86 -4.31 0.63
C ASN MA 10 56.95 -5.15 0.02
N SER MA 11 57.51 -6.09 0.80
CA SER MA 11 58.51 -6.99 0.26
C SER MA 11 57.95 -7.83 -0.88
N SER MA 12 56.71 -8.31 -0.73
CA SER MA 12 56.09 -9.07 -1.81
C SER MA 12 55.69 -8.17 -2.98
N ASP MA 13 55.30 -6.93 -2.69
CA ASP MA 13 54.79 -6.03 -3.72
C ASP MA 13 55.90 -5.49 -4.61
N VAL MA 14 57.11 -5.28 -4.06
CA VAL MA 14 58.21 -4.80 -4.88
C VAL MA 14 58.60 -5.83 -5.93
N GLN MA 15 58.16 -7.08 -5.78
CA GLN MA 15 58.38 -8.13 -6.76
C GLN MA 15 57.14 -8.44 -7.58
N GLY MA 16 56.00 -7.82 -7.27
CA GLY MA 16 54.79 -8.08 -8.00
C GLY MA 16 54.18 -9.44 -7.77
N ARG MA 17 54.48 -10.08 -6.64
CA ARG MA 17 54.04 -11.44 -6.37
C ARG MA 17 53.35 -11.49 -5.02
N TYR MA 18 52.54 -12.53 -4.83
CA TYR MA 18 51.82 -12.73 -3.59
C TYR MA 18 52.79 -13.11 -2.47
N LEU MA 19 52.26 -13.24 -1.26
CA LEU MA 19 53.07 -13.62 -0.12
C LEU MA 19 53.52 -15.07 -0.28
N ASP MA 20 54.82 -15.28 -0.38
CA ASP MA 20 55.36 -16.63 -0.49
C ASP MA 20 55.20 -17.36 0.85
N PRO MA 21 55.28 -18.68 0.84
CA PRO MA 21 55.01 -19.44 2.09
C PRO MA 21 55.86 -19.03 3.27
N SER MA 22 57.12 -18.64 3.05
CA SER MA 22 57.94 -18.16 4.15
C SER MA 22 57.36 -16.89 4.76
N SER MA 23 56.92 -15.96 3.91
CA SER MA 23 56.33 -14.73 4.42
C SER MA 23 55.01 -15.01 5.13
N LEU MA 24 54.23 -15.98 4.62
CA LEU MA 24 53.00 -16.35 5.30
C LEU MA 24 53.29 -16.96 6.67
N ASP MA 25 54.38 -17.74 6.77
CA ASP MA 25 54.77 -18.28 8.06
C ASP MA 25 55.18 -17.18 9.03
N LYS MA 26 55.94 -16.20 8.54
CA LYS MA 26 56.32 -15.07 9.39
C LYS MA 26 55.10 -14.27 9.84
N LEU MA 27 54.14 -14.09 8.93
CA LEU MA 27 52.90 -13.40 9.27
C LEU MA 27 52.13 -14.18 10.33
N GLN MA 28 52.09 -15.51 10.21
CA GLN MA 28 51.43 -16.33 11.22
C GLN MA 28 52.13 -16.20 12.56
N ASN MA 29 53.47 -16.14 12.55
CA ASN MA 29 54.21 -15.92 13.79
C ASN MA 29 53.83 -14.61 14.44
N TYR MA 30 53.73 -13.55 13.64
CA TYR MA 30 53.34 -12.24 14.18
C TYR MA 30 51.93 -12.31 14.76
N PHE MA 31 51.01 -12.95 14.05
CA PHE MA 31 49.63 -13.05 14.53
C PHE MA 31 49.56 -13.83 15.83
N GLN MA 32 50.35 -14.90 15.95
CA GLN MA 32 50.37 -15.67 17.20
C GLN MA 32 50.97 -14.85 18.34
N SER MA 33 52.00 -14.06 18.05
CA SER MA 33 52.65 -13.26 19.09
C SER MA 33 51.87 -12.00 19.44
N GLY MA 34 50.82 -11.68 18.69
CA GLY MA 34 50.10 -10.44 18.92
C GLY MA 34 49.55 -10.29 20.33
N ASP MA 35 49.02 -11.38 20.91
CA ASP MA 35 48.46 -11.27 22.25
C ASP MA 35 49.54 -10.98 23.29
N MET MA 36 50.70 -11.64 23.16
CA MET MA 36 51.82 -11.34 24.05
C MET MA 36 52.27 -9.90 23.88
N ARG MA 37 52.30 -9.41 22.65
CA ARG MA 37 52.70 -8.03 22.40
C ARG MA 37 51.73 -7.06 23.05
N ALA MA 38 50.44 -7.36 22.98
CA ALA MA 38 49.44 -6.52 23.64
C ALA MA 38 49.62 -6.53 25.15
N LYS MA 39 49.89 -7.70 25.72
CA LYS MA 39 50.13 -7.78 27.16
C LYS MA 39 51.34 -6.95 27.56
N THR MA 40 52.42 -7.05 26.78
CA THR MA 40 53.63 -6.29 27.07
C THR MA 40 53.37 -4.80 26.96
N ALA MA 41 52.61 -4.38 25.94
CA ALA MA 41 52.30 -2.96 25.80
C ALA MA 41 51.50 -2.45 26.97
N ILE MA 42 50.51 -3.22 27.42
CA ILE MA 42 49.70 -2.81 28.57
C ILE MA 42 50.58 -2.69 29.81
N ALA MA 43 51.44 -3.68 30.03
CA ALA MA 43 52.29 -3.68 31.21
C ALA MA 43 53.24 -2.48 31.20
N VAL MA 44 53.86 -2.20 30.05
CA VAL MA 44 54.80 -1.10 29.96
C VAL MA 44 54.09 0.24 30.12
N SER MA 45 52.89 0.35 29.54
CA SER MA 45 52.12 1.58 29.69
C SER MA 45 51.75 1.83 31.15
N ALA MA 46 51.39 0.78 31.88
CA ALA MA 46 50.96 0.96 33.27
C ALA MA 46 52.09 1.40 34.18
N ASN MA 47 53.35 1.18 33.81
CA ASN MA 47 54.48 1.43 34.70
C ASN MA 47 55.53 2.29 34.03
N ALA MA 48 55.11 3.20 33.16
CA ALA MA 48 56.07 4.00 32.40
C ALA MA 48 56.87 4.92 33.32
N LYS MA 49 56.20 5.64 34.20
CA LYS MA 49 56.89 6.55 35.10
C LYS MA 49 57.83 5.79 36.02
N ASN MA 50 57.38 4.66 36.55
CA ASN MA 50 58.23 3.84 37.41
C ASN MA 50 59.45 3.34 36.65
N ILE MA 51 59.26 2.92 35.39
CA ILE MA 51 60.38 2.42 34.59
C ILE MA 51 61.42 3.52 34.39
N VAL MA 52 60.97 4.72 34.05
CA VAL MA 52 61.91 5.81 33.82
C VAL MA 52 62.60 6.20 35.12
N THR MA 53 61.85 6.21 36.24
CA THR MA 53 62.45 6.50 37.53
C THR MA 53 63.56 5.52 37.85
N LYS MA 54 63.28 4.22 37.68
CA LYS MA 54 64.29 3.21 37.97
C LYS MA 54 65.48 3.32 37.04
N THR MA 55 65.24 3.61 35.76
CA THR MA 55 66.33 3.77 34.81
C THR MA 55 67.26 4.90 35.23
N VAL MA 56 66.68 6.06 35.54
CA VAL MA 56 67.49 7.22 35.94
C VAL MA 56 68.24 6.91 37.22
N ALA MA 57 67.56 6.27 38.18
CA ALA MA 57 68.21 5.97 39.46
C ALA MA 57 69.39 5.03 39.28
N LYS MA 58 69.24 4.00 38.43
CA LYS MA 58 70.25 2.97 38.33
C LYS MA 58 71.28 3.22 37.24
N SER MA 59 71.15 4.30 36.46
CA SER MA 59 72.14 4.56 35.42
C SER MA 59 72.68 5.98 35.37
N LEU MA 60 72.01 6.97 35.96
CA LEU MA 60 72.42 8.35 35.78
C LEU MA 60 72.61 9.09 37.09
N LEU MA 61 71.86 8.70 38.11
CA LEU MA 61 71.89 9.43 39.37
C LEU MA 61 73.20 9.20 40.11
N TYR MA 62 73.61 10.22 40.87
CA TYR MA 62 74.81 10.17 41.71
C TYR MA 62 76.07 9.90 40.91
N THR MA 63 76.06 10.27 39.63
CA THR MA 63 77.24 10.23 38.80
C THR MA 63 77.65 11.66 38.47
N ASP MA 64 78.73 11.79 37.71
CA ASP MA 64 79.21 13.11 37.33
C ASP MA 64 78.29 13.80 36.31
N ILE MA 65 77.31 13.08 35.77
CA ILE MA 65 76.43 13.68 34.78
C ILE MA 65 75.41 14.62 35.43
N THR MA 66 75.10 14.41 36.71
CA THR MA 66 74.17 15.27 37.43
C THR MA 66 74.85 16.35 38.25
N ALA MA 67 76.16 16.25 38.45
CA ALA MA 67 76.89 17.29 39.15
C ALA MA 67 76.97 18.53 38.28
N PRO MA 68 77.26 19.70 38.88
CA PRO MA 68 77.43 20.91 38.06
C PRO MA 68 78.49 20.71 37.00
N GLY MA 69 78.20 21.19 35.80
CA GLY MA 69 79.02 20.91 34.64
C GLY MA 69 78.68 19.66 33.89
N GLY MA 70 77.78 18.83 34.43
CA GLY MA 70 77.29 17.65 33.74
C GLY MA 70 76.11 18.03 32.87
N MEN MA 71 75.78 17.17 31.91
CA MEN MA 71 74.72 17.49 30.97
C MEN MA 71 73.34 17.34 31.57
O MEN MA 71 72.36 17.83 31.01
CB MEN MA 71 74.84 16.63 29.71
CG MEN MA 71 74.00 17.16 28.58
OD1 MEN MA 71 73.07 16.53 28.09
ND2 MEN MA 71 74.34 18.39 28.15
CE2 MEN MA 71 73.63 19.04 27.09
N MET MA 72 73.25 16.67 32.70
CA MET MA 72 71.97 16.48 33.36
C MET MA 72 71.81 17.49 34.50
N TYR MA 73 72.77 18.39 34.63
CA TYR MA 73 72.68 19.45 35.60
C TYR MA 73 71.62 20.47 35.18
N THR MA 74 71.11 21.21 36.17
CA THR MA 74 69.98 22.14 36.08
C THR MA 74 68.68 21.38 35.83
N CYS MA 75 67.58 21.88 36.39
CA CYS MA 75 66.33 21.14 36.33
C CYS MA 75 65.82 21.02 34.91
N ARG MA 76 66.10 22.00 34.06
CA ARG MA 76 65.65 21.95 32.67
C ARG MA 76 66.25 20.76 31.94
N ARG MA 77 67.55 20.54 32.11
CA ARG MA 77 68.20 19.44 31.41
C ARG MA 77 67.86 18.09 32.01
N TYR MA 78 67.68 18.01 33.33
CA TYR MA 78 67.18 16.79 33.94
C TYR MA 78 65.80 16.43 33.38
N ALA MA 79 64.92 17.43 33.29
CA ALA MA 79 63.59 17.19 32.72
C ALA MA 79 63.68 16.78 31.26
N ALA MA 80 64.60 17.39 30.51
CA ALA MA 80 64.78 17.01 29.12
C ALA MA 80 65.25 15.57 28.99
N CYS MA 81 66.18 15.14 29.84
CA CYS MA 81 66.64 13.76 29.81
C CYS MA 81 65.51 12.79 30.16
N VAL MA 82 64.72 13.13 31.17
CA VAL MA 82 63.59 12.28 31.54
C VAL MA 82 62.58 12.21 30.39
N ARG MA 83 62.36 13.33 29.71
CA ARG MA 83 61.47 13.35 28.56
C ARG MA 83 62.00 12.49 27.43
N ASP MA 84 63.31 12.53 27.20
CA ASP MA 84 63.92 11.69 26.17
C ASP MA 84 63.75 10.21 26.51
N LEU MA 85 63.95 9.86 27.77
CA LEU MA 85 63.76 8.46 28.18
C LEU MA 85 62.31 8.04 28.02
N ASP MA 86 61.37 8.94 28.34
CA ASP MA 86 59.95 8.66 28.11
C ASP MA 86 59.67 8.42 26.63
N TYR MA 87 60.27 9.25 25.76
CA TYR MA 87 60.11 9.05 24.32
C TYR MA 87 60.66 7.69 23.90
N PHE MA 88 61.84 7.34 24.39
CA PHE MA 88 62.44 6.05 24.03
C PHE MA 88 61.53 4.91 24.44
N LEU MA 89 61.01 4.97 25.68
CA LEU MA 89 60.13 3.90 26.16
C LEU MA 89 58.87 3.82 25.33
N ARG MA 90 58.21 4.96 25.07
CA ARG MA 90 56.96 4.94 24.35
C ARG MA 90 57.14 4.45 22.92
N TYR MA 91 58.18 4.91 22.24
CA TYR MA 91 58.36 4.50 20.86
C TYR MA 91 58.90 3.08 20.76
N ALA MA 92 59.63 2.60 21.76
CA ALA MA 92 59.97 1.19 21.79
C ALA MA 92 58.72 0.33 21.98
N THR MA 93 57.77 0.80 22.80
CA THR MA 93 56.50 0.10 22.91
C THR MA 93 55.74 0.11 21.60
N TYR MA 94 55.75 1.24 20.90
CA TYR MA 94 55.14 1.32 19.57
C TYR MA 94 55.75 0.29 18.63
N ALA MA 95 57.08 0.24 18.58
CA ALA MA 95 57.76 -0.69 17.69
C ALA MA 95 57.49 -2.13 18.08
N MET MA 96 57.44 -2.43 19.37
CA MET MA 96 57.15 -3.78 19.81
C MET MA 96 55.75 -4.20 19.42
N LEU MA 97 54.78 -3.31 19.59
CA LEU MA 97 53.41 -3.63 19.21
C LEU MA 97 53.29 -3.78 17.70
N ALA MA 98 54.00 -2.96 16.94
CA ALA MA 98 53.95 -3.05 15.49
C ALA MA 98 54.76 -4.23 14.96
N GLY MA 99 55.77 -4.67 15.69
CA GLY MA 99 56.63 -5.74 15.24
C GLY MA 99 57.74 -5.30 14.29
N ASP MA 100 57.88 -4.01 14.05
CA ASP MA 100 58.90 -3.50 13.13
C ASP MA 100 59.60 -2.31 13.78
N THR MA 101 60.85 -2.11 13.38
CA THR MA 101 61.68 -1.04 13.92
C THR MA 101 61.64 0.23 13.07
N SER MA 102 60.79 0.26 12.05
CA SER MA 102 60.76 1.42 11.15
C SER MA 102 60.33 2.69 11.89
N ILE MA 103 59.43 2.55 12.86
CA ILE MA 103 58.96 3.72 13.60
C ILE MA 103 60.09 4.34 14.40
N LEU MA 104 60.96 3.51 14.98
CA LEU MA 104 62.12 4.04 15.69
C LEU MA 104 63.05 4.78 14.75
N ASP MA 105 63.26 4.23 13.56
CA ASP MA 105 64.20 4.85 12.62
C ASP MA 105 63.65 6.16 12.08
N GLU MA 106 62.35 6.26 11.87
CA GLU MA 106 61.77 7.45 11.27
C GLU MA 106 61.30 8.48 12.29
N ARG MA 107 61.21 8.13 13.57
CA ARG MA 107 60.74 9.06 14.59
C ARG MA 107 61.80 9.36 15.64
N ILE MA 108 62.57 8.37 16.05
CA ILE MA 108 63.55 8.54 17.11
C ILE MA 108 64.91 8.85 16.52
N LEU MA 109 65.43 7.92 15.72
CA LEU MA 109 66.79 8.02 15.20
C LEU MA 109 66.83 8.69 13.83
N ASN MA 110 66.14 9.83 13.70
CA ASN MA 110 66.18 10.62 12.49
C ASN MA 110 67.06 11.84 12.75
N GLY MA 111 68.36 11.66 12.57
CA GLY MA 111 69.30 12.70 12.89
C GLY MA 111 69.47 12.93 14.37
N LEU MA 112 69.16 11.94 15.21
CA LEU MA 112 69.29 12.12 16.64
C LEU MA 112 70.74 12.23 17.07
N ARG MA 113 71.64 11.48 16.43
CA ARG MA 113 73.06 11.59 16.78
C ARG MA 113 73.58 12.99 16.52
N GLU MA 114 73.20 13.59 15.39
CA GLU MA 114 73.65 14.94 15.10
C GLU MA 114 73.12 15.95 16.11
N THR MA 115 71.85 15.80 16.50
CA THR MA 115 71.29 16.69 17.51
C THR MA 115 72.00 16.55 18.85
N TYR MA 116 72.25 15.30 19.27
CA TYR MA 116 72.95 15.08 20.53
C TYR MA 116 74.37 15.64 20.48
N ASN MA 117 75.05 15.44 19.35
CA ASN MA 117 76.41 15.96 19.23
C ASN MA 117 76.42 17.48 19.27
N SER MA 118 75.47 18.13 18.60
CA SER MA 118 75.42 19.58 18.60
C SER MA 118 75.10 20.12 19.99
N LEU MA 119 74.21 19.45 20.71
CA LEU MA 119 73.85 19.93 22.04
C LEU MA 119 74.88 19.56 23.11
N GLY MA 120 75.75 18.60 22.83
CA GLY MA 120 76.67 18.11 23.83
C GLY MA 120 76.13 16.98 24.70
N VAL MA 121 75.00 16.40 24.33
CA VAL MA 121 74.43 15.28 25.09
C VAL MA 121 75.36 14.08 24.99
N PRO MA 122 75.71 13.44 26.10
CA PRO MA 122 76.63 12.30 26.05
C PRO MA 122 75.97 11.08 25.40
N ILE MA 123 76.55 10.62 24.30
CA ILE MA 123 76.01 9.44 23.62
C ILE MA 123 76.20 8.20 24.48
N GLY MA 124 77.37 8.05 25.11
CA GLY MA 124 77.61 6.88 25.93
C GLY MA 124 76.68 6.81 27.13
N ALA MA 125 76.42 7.95 27.78
CA ALA MA 125 75.49 7.97 28.89
C ALA MA 125 74.08 7.60 28.44
N THR MA 126 73.67 8.10 27.28
CA THR MA 126 72.34 7.76 26.77
C THR MA 126 72.24 6.27 26.45
N ILE MA 127 73.30 5.71 25.87
CA ILE MA 127 73.29 4.27 25.56
C ILE MA 127 73.22 3.45 26.86
N ARG MA 128 73.98 3.87 27.87
CA ARG MA 128 73.90 3.19 29.16
C ARG MA 128 72.51 3.29 29.76
N SER MA 129 71.87 4.46 29.63
CA SER MA 129 70.51 4.62 30.11
C SER MA 129 69.54 3.71 29.37
N VAL MA 130 69.73 3.56 28.05
CA VAL MA 130 68.86 2.68 27.28
C VAL MA 130 69.05 1.23 27.71
N GLN MA 131 70.29 0.83 27.96
CA GLN MA 131 70.53 -0.53 28.45
C GLN MA 131 69.89 -0.75 29.81
N ALA MA 132 69.99 0.25 30.69
CA ALA MA 132 69.36 0.15 32.00
C ALA MA 132 67.85 0.07 31.87
N MET MA 133 67.28 0.84 30.94
CA MET MA 133 65.84 0.79 30.70
C MET MA 133 65.42 -0.59 30.21
N LYS MA 134 66.21 -1.19 29.33
CA LYS MA 134 65.93 -2.53 28.85
C LYS MA 134 65.95 -3.53 30.01
N GLU MA 135 66.95 -3.41 30.89
CA GLU MA 135 67.02 -4.31 32.04
C GLU MA 135 65.83 -4.12 32.97
N VAL MA 136 65.44 -2.87 33.21
CA VAL MA 136 64.29 -2.59 34.08
C VAL MA 136 63.01 -3.19 33.50
N VAL MA 137 62.80 -2.99 32.20
CA VAL MA 137 61.61 -3.54 31.56
C VAL MA 137 61.64 -5.06 31.59
N THR MA 138 62.82 -5.65 31.38
CA THR MA 138 62.92 -7.11 31.42
C THR MA 138 62.57 -7.64 32.80
N SER MA 139 63.03 -6.98 33.85
CA SER MA 139 62.62 -7.37 35.19
C SER MA 139 61.13 -7.18 35.39
N LEU MA 140 60.54 -6.16 34.77
CA LEU MA 140 59.12 -5.87 34.99
C LEU MA 140 58.22 -6.90 34.31
N VAL MA 141 58.50 -7.24 33.06
CA VAL MA 141 57.55 -8.00 32.25
C VAL MA 141 57.89 -9.49 32.21
N GLY MA 142 59.17 -9.83 32.28
CA GLY MA 142 59.57 -11.21 32.25
C GLY MA 142 60.71 -11.45 31.30
N ALA MA 143 60.88 -12.69 30.88
CA ALA MA 143 62.01 -13.09 30.07
C ALA MA 143 61.73 -12.99 28.57
N ASP MA 144 60.67 -13.64 28.09
CA ASP MA 144 60.36 -13.61 26.67
C ASP MA 144 59.95 -12.21 26.22
N ALA MA 145 59.00 -11.60 26.94
CA ALA MA 145 58.62 -10.23 26.63
C ALA MA 145 59.77 -9.28 26.91
N GLY MA 146 60.59 -9.59 27.92
CA GLY MA 146 61.75 -8.76 28.19
C GLY MA 146 62.69 -8.70 27.01
N ARG MA 147 63.00 -9.85 26.40
CA ARG MA 147 63.86 -9.84 25.24
C ARG MA 147 63.17 -9.28 24.00
N GLU MA 148 61.84 -9.43 23.93
CA GLU MA 148 61.11 -8.82 22.82
C GLU MA 148 61.25 -7.31 22.85
N MET MA 149 61.07 -6.69 24.02
CA MET MA 149 61.28 -5.25 24.14
C MET MA 149 62.76 -4.89 24.02
N GLY MA 150 63.65 -5.77 24.49
CA GLY MA 150 65.06 -5.51 24.41
C GLY MA 150 65.56 -5.49 22.99
N VAL MA 151 64.88 -6.17 22.08
CA VAL MA 151 65.24 -6.09 20.67
C VAL MA 151 65.19 -4.64 20.19
N TYR MA 152 64.08 -3.95 20.49
CA TYR MA 152 63.93 -2.58 20.04
C TYR MA 152 64.76 -1.61 20.88
N PHE MA 153 64.97 -1.91 22.16
CA PHE MA 153 65.88 -1.10 22.96
C PHE MA 153 67.29 -1.16 22.40
N ASP MA 154 67.75 -2.37 22.03
CA ASP MA 154 69.06 -2.52 21.41
C ASP MA 154 69.11 -1.87 20.04
N HIS MA 155 67.99 -1.87 19.31
CA HIS MA 155 67.96 -1.13 18.05
C HIS MA 155 68.18 0.36 18.28
N ILE MA 156 67.54 0.91 19.31
CA ILE MA 156 67.74 2.32 19.64
C ILE MA 156 69.19 2.58 20.02
N ALA MA 157 69.75 1.71 20.86
CA ALA MA 157 71.14 1.89 21.29
C ALA MA 157 72.09 1.81 20.10
N ALA MA 158 71.86 0.88 19.18
CA ALA MA 158 72.70 0.78 17.99
C ALA MA 158 72.55 2.01 17.11
N GLY MA 159 71.32 2.53 16.97
CA GLY MA 159 71.14 3.76 16.22
C GLY MA 159 71.86 4.94 16.82
N LEU MA 160 71.94 4.99 18.15
CA LEU MA 160 72.69 6.06 18.79
C LEU MA 160 74.20 5.90 18.59
N SER MA 161 74.66 4.72 18.22
CA SER MA 161 76.08 4.50 17.98
C SER MA 161 76.47 4.91 16.56
N SER NA 2 69.44 38.21 33.66
CA SER NA 2 69.43 39.41 34.47
C SER NA 2 68.40 40.40 33.95
N ILE NA 3 68.15 41.45 34.73
CA ILE NA 3 67.17 42.46 34.33
C ILE NA 3 67.66 43.24 33.11
N VAL NA 4 68.98 43.35 32.94
CA VAL NA 4 69.52 44.06 31.78
C VAL NA 4 69.11 43.34 30.50
N THR NA 5 69.29 42.02 30.47
CA THR NA 5 68.87 41.25 29.30
C THR NA 5 67.37 41.33 29.10
N GLU NA 6 66.61 41.32 30.20
CA GLU NA 6 65.15 41.39 30.09
C GLU NA 6 64.72 42.71 29.44
N LEU NA 7 65.30 43.82 29.87
CA LEU NA 7 64.89 45.10 29.29
C LEU NA 7 65.41 45.27 27.88
N ILE NA 8 66.59 44.74 27.58
CA ILE NA 8 67.08 44.77 26.20
C ILE NA 8 66.15 43.97 25.29
N LEU NA 9 65.71 42.79 25.75
CA LEU NA 9 64.78 41.99 24.96
C LEU NA 9 63.44 42.67 24.82
N ASN NA 10 62.98 43.37 25.86
CA ASN NA 10 61.74 44.13 25.75
C ASN NA 10 61.85 45.22 24.70
N ALA NA 11 62.98 45.94 24.69
CA ALA NA 11 63.18 46.95 23.66
C ALA NA 11 63.27 46.32 22.27
N ASP NA 12 63.93 45.17 22.17
CA ASP NA 12 64.11 44.52 20.89
C ASP NA 12 62.81 43.94 20.34
N SER NA 13 61.89 43.54 21.22
CA SER NA 13 60.63 42.99 20.77
C SER NA 13 59.85 44.00 19.93
N GLU NA 14 60.05 45.28 20.17
CA GLU NA 14 59.45 46.33 19.37
C GLU NA 14 60.43 46.93 18.36
N SER NA 15 61.63 46.38 18.26
CA SER NA 15 62.63 46.81 17.28
C SER NA 15 62.93 48.30 17.40
N ARG NA 16 63.20 48.74 18.62
CA ARG NA 16 63.57 50.11 18.89
C ARG NA 16 64.54 50.16 20.05
N TYR NA 17 65.26 51.28 20.14
CA TYR NA 17 66.22 51.47 21.21
C TYR NA 17 65.50 51.57 22.55
N PRO NA 18 66.20 51.26 23.65
CA PRO NA 18 65.56 51.32 24.97
C PRO NA 18 64.89 52.65 25.27
N ALA NA 19 63.59 52.60 25.59
CA ALA NA 19 62.81 53.77 25.93
C ALA NA 19 63.21 54.27 27.30
N PRO NA 20 62.82 55.49 27.68
CA PRO NA 20 63.19 56.00 29.00
C PRO NA 20 62.74 55.13 30.15
N LYS NA 21 61.66 54.34 29.99
CA LYS NA 21 61.26 53.42 31.04
C LYS NA 21 62.31 52.33 31.25
N GLU NA 22 62.79 51.73 30.16
CA GLU NA 22 63.85 50.74 30.27
C GLU NA 22 65.15 51.35 30.78
N ILE NA 23 65.45 52.57 30.36
CA ILE NA 23 66.64 53.25 30.84
C ILE NA 23 66.55 53.48 32.35
N GLN NA 24 65.38 53.88 32.83
CA GLN NA 24 65.20 54.07 34.27
C GLN NA 24 65.35 52.75 35.02
N VAL NA 25 64.81 51.67 34.46
CA VAL NA 25 65.00 50.36 35.09
C VAL NA 25 66.47 50.02 35.16
N TYR NA 26 67.21 50.26 34.07
CA TYR NA 26 68.64 49.99 34.04
C TYR NA 26 69.39 50.80 35.08
N GLN NA 27 69.07 52.09 35.19
CA GLN NA 27 69.75 52.96 36.15
C GLN NA 27 69.45 52.52 37.58
N ASN NA 28 68.19 52.22 37.87
CA ASN NA 28 67.84 51.77 39.21
C ASN NA 28 68.48 50.44 39.53
N PHE NA 29 68.74 49.61 38.52
CA PHE NA 29 69.43 48.35 38.76
C PHE NA 29 70.90 48.57 39.06
N VAL NA 30 71.57 49.40 38.26
CA VAL NA 30 73.00 49.60 38.48
C VAL NA 30 73.29 50.44 39.71
N LYS NA 31 72.33 51.21 40.20
CA LYS NA 31 72.56 51.96 41.43
C LYS NA 31 72.49 51.08 42.67
N THR NA 32 71.91 49.89 42.56
CA THR NA 32 71.80 48.97 43.68
C THR NA 32 72.80 47.82 43.59
N GLY NA 33 73.85 47.98 42.80
CA GLY NA 33 74.81 46.90 42.63
C GLY NA 33 75.57 46.58 43.91
N GLU NA 34 75.97 47.62 44.65
CA GLU NA 34 76.67 47.39 45.91
C GLU NA 34 75.78 46.66 46.91
N GLN NA 35 74.52 47.06 47.00
CA GLN NA 35 73.59 46.39 47.91
C GLN NA 35 73.38 44.94 47.50
N ARG NA 36 73.23 44.69 46.20
CA ARG NA 36 73.02 43.32 45.74
C ARG NA 36 74.24 42.46 46.01
N ILE NA 37 75.44 43.01 45.80
CA ILE NA 37 76.67 42.26 46.10
C ILE NA 37 76.74 41.96 47.60
N ARG NA 38 76.38 42.94 48.43
CA ARG NA 38 76.39 42.71 49.87
C ARG NA 38 75.41 41.61 50.28
N ILE NA 39 74.21 41.63 49.70
CA ILE NA 39 73.21 40.60 50.00
C ILE NA 39 73.70 39.24 49.55
N ALA NA 40 74.30 39.16 48.36
CA ALA NA 40 74.81 37.89 47.87
C ALA NA 40 75.93 37.36 48.76
N LYS NA 41 76.80 38.26 49.23
CA LYS NA 41 77.85 37.85 50.16
C LYS NA 41 77.26 37.34 51.46
N ILE NA 42 76.21 38.00 51.95
CA ILE NA 42 75.54 37.54 53.17
C ILE NA 42 74.98 36.14 52.97
N LEU NA 43 74.34 35.91 51.83
CA LEU NA 43 73.77 34.60 51.54
C LEU NA 43 74.87 33.54 51.44
N ALA NA 44 75.99 33.86 50.78
CA ALA NA 44 77.07 32.89 50.63
C ALA NA 44 77.72 32.56 51.96
N GLU NA 45 77.95 33.57 52.81
CA GLU NA 45 78.62 33.34 54.08
C GLU NA 45 77.76 32.49 55.01
N ASN NA 46 76.45 32.76 55.06
CA ASN NA 46 75.56 32.11 56.00
C ASN NA 46 74.81 30.93 55.39
N GLU NA 47 75.27 30.42 54.24
CA GLU NA 47 74.53 29.37 53.56
C GLU NA 47 74.42 28.12 54.43
N GLN NA 48 75.51 27.73 55.09
CA GLN NA 48 75.50 26.50 55.86
C GLN NA 48 74.57 26.59 57.06
N ARG NA 49 74.65 27.69 57.82
CA ARG NA 49 73.79 27.82 58.99
C ARG NA 49 72.32 27.94 58.58
N ILE NA 50 72.05 28.62 57.46
CA ILE NA 50 70.69 28.67 56.94
C ILE NA 50 70.20 27.27 56.62
N VAL NA 51 71.04 26.47 55.96
CA VAL NA 51 70.64 25.11 55.59
C VAL NA 51 70.35 24.29 56.84
N GLN NA 52 71.24 24.35 57.84
CA GLN NA 52 71.05 23.53 59.03
C GLN NA 52 69.80 23.94 59.80
N ASN NA 53 69.62 25.23 60.06
CA ASN NA 53 68.46 25.67 60.81
C ASN NA 53 67.16 25.39 60.06
N GLY NA 54 67.15 25.66 58.75
CA GLY NA 54 65.96 25.39 57.96
C GLY NA 54 65.62 23.92 57.91
N SER NA 55 66.65 23.06 57.79
CA SER NA 55 66.40 21.63 57.77
C SER NA 55 65.89 21.15 59.12
N ALA NA 56 66.40 21.71 60.21
CA ALA NA 56 65.89 21.35 61.53
C ALA NA 56 64.42 21.72 61.66
N ARG NA 57 64.06 22.94 61.28
CA ARG NA 57 62.66 23.35 61.36
C ARG NA 57 61.79 22.50 60.44
N PHE NA 58 62.30 22.20 59.24
CA PHE NA 58 61.55 21.41 58.27
C PHE NA 58 61.30 20.00 58.78
N TRP NA 59 62.30 19.38 59.40
CA TRP NA 59 62.10 18.02 59.93
C TRP NA 59 61.22 18.05 61.16
N GLU NA 60 61.22 19.15 61.91
CA GLU NA 60 60.24 19.29 62.98
C GLU NA 60 58.82 19.37 62.42
N ARG NA 61 58.64 20.11 61.32
CA ARG NA 61 57.30 20.34 60.79
C ARG NA 61 56.82 19.19 59.93
N VAL NA 62 57.72 18.54 59.18
CA VAL NA 62 57.35 17.41 58.32
C VAL NA 62 58.26 16.24 58.65
N PRO NA 63 58.00 15.52 59.75
CA PRO NA 63 58.87 14.38 60.10
C PRO NA 63 58.91 13.28 59.06
N ASN NA 64 57.80 13.02 58.37
CA ASN NA 64 57.71 11.89 57.47
C ASN NA 64 58.00 12.36 56.04
N THR NA 65 59.29 12.49 55.75
CA THR NA 65 59.77 12.92 54.45
C THR NA 65 60.97 12.07 54.08
N PRO NA 66 61.25 11.91 52.78
CA PRO NA 66 62.41 11.09 52.39
C PRO NA 66 63.73 11.62 52.92
N SER NA 67 63.79 12.91 53.28
CA SER NA 67 65.05 13.48 53.76
C SER NA 67 65.50 12.82 55.06
N ASN NA 68 64.57 12.59 55.99
CA ASN NA 68 64.90 11.89 57.23
C ASN NA 68 64.09 10.59 57.28
N SER NA 69 64.68 9.53 56.75
CA SER NA 69 64.11 8.19 56.86
C SER NA 69 65.19 7.17 57.19
N GLY NA 70 66.28 7.63 57.81
CA GLY NA 70 67.40 6.77 58.12
C GLY NA 70 68.40 6.60 56.99
N ASN NA 71 68.22 7.28 55.87
CA ASN NA 71 69.12 7.20 54.73
C ASN NA 71 70.06 8.40 54.75
N GLU NA 72 71.35 8.14 54.96
CA GLU NA 72 72.32 9.22 55.00
C GLU NA 72 72.43 9.92 53.66
N ARG NA 73 72.42 9.16 52.56
CA ARG NA 73 72.55 9.76 51.25
C ARG NA 73 71.37 10.66 50.92
N LYS NA 74 70.17 10.25 51.30
CA LYS NA 74 68.99 11.08 51.03
C LYS NA 74 69.04 12.38 51.82
N THR NA 75 69.45 12.31 53.08
CA THR NA 75 69.60 13.53 53.87
C THR NA 75 70.64 14.45 53.27
N ALA NA 76 71.78 13.88 52.86
CA ALA NA 76 72.83 14.69 52.24
C ALA NA 76 72.33 15.34 50.96
N SER NA 77 71.58 14.60 50.15
CA SER NA 77 71.06 15.15 48.91
C SER NA 77 70.06 16.27 49.16
N CYS NA 78 69.20 16.10 50.16
CA CYS NA 78 68.24 17.17 50.48
C CYS NA 78 68.96 18.43 50.94
N GLN NA 79 69.96 18.28 51.82
CA GLN NA 79 70.67 19.46 52.29
C GLN NA 79 71.49 20.10 51.17
N ARG NA 80 72.02 19.28 50.26
CA ARG NA 80 72.70 19.79 49.09
C ARG NA 80 71.74 20.58 48.21
N ASP NA 81 70.50 20.10 48.05
CA ASP NA 81 69.51 20.82 47.27
C ASP NA 81 69.17 22.15 47.93
N GLN NA 82 69.07 22.17 49.25
CA GLN NA 82 68.81 23.42 49.95
C GLN NA 82 69.92 24.43 49.70
N GLY NA 83 71.17 23.97 49.82
CA GLY NA 83 72.29 24.87 49.53
C GLY NA 83 72.30 25.35 48.09
N TRP NA 84 71.95 24.46 47.16
CA TRP NA 84 71.91 24.83 45.75
C TRP NA 84 70.85 25.89 45.49
N TYR NA 85 69.68 25.76 46.13
CA TYR NA 85 68.65 26.76 45.93
C TYR NA 85 69.02 28.08 46.57
N ILE NA 86 69.73 28.05 47.70
CA ILE NA 86 70.23 29.31 48.26
C ILE NA 86 71.22 29.95 47.30
N ARG NA 87 72.07 29.16 46.66
CA ARG NA 87 73.01 29.69 45.68
C ARG NA 87 72.28 30.30 44.49
N LEU NA 88 71.22 29.64 44.02
CA LEU NA 88 70.45 30.18 42.90
C LEU NA 88 69.75 31.48 43.28
N ILE NA 89 69.26 31.57 44.51
CA ILE NA 89 68.64 32.81 44.96
C ILE NA 89 69.67 33.92 45.05
N ALA NA 90 70.90 33.59 45.47
CA ALA NA 90 71.97 34.58 45.46
C ALA NA 90 72.27 35.04 44.03
N TYR NA 91 72.29 34.10 43.08
CA TYR NA 91 72.43 34.46 41.68
C TYR NA 91 71.34 35.44 41.25
N SER NA 92 70.10 35.15 41.63
CA SER NA 92 68.98 36.00 41.26
C SER NA 92 69.13 37.39 41.85
N VAL NA 93 69.57 37.48 43.10
CA VAL NA 93 69.78 38.78 43.73
C VAL NA 93 70.86 39.55 42.98
N LEU NA 94 71.94 38.88 42.60
CA LEU NA 94 73.00 39.55 41.86
C LEU NA 94 72.52 40.03 40.50
N ALA NA 95 71.71 39.23 39.82
CA ALA NA 95 71.24 39.56 38.48
C ALA NA 95 70.09 40.54 38.47
N GLY NA 96 69.44 40.77 39.60
CA GLY NA 96 68.30 41.66 39.62
C GLY NA 96 67.04 41.09 39.03
N SER NA 97 67.02 39.79 38.74
CA SER NA 97 65.86 39.14 38.14
C SER NA 97 65.84 37.69 38.58
N GLU NA 98 64.66 37.10 38.54
CA GLU NA 98 64.51 35.69 38.85
C GLU NA 98 64.99 34.78 37.73
N LYS NA 99 65.55 35.36 36.66
CA LYS NA 99 65.94 34.57 35.50
C LYS NA 99 66.99 33.50 35.81
N PRO NA 100 68.09 33.79 36.51
CA PRO NA 100 69.06 32.71 36.78
C PRO NA 100 68.46 31.55 37.53
N LEU NA 101 67.67 31.84 38.56
CA LEU NA 101 66.99 30.78 39.29
C LEU NA 101 66.01 30.04 38.40
N GLU NA 102 65.31 30.77 37.53
CA GLU NA 102 64.35 30.15 36.63
C GLU NA 102 65.02 29.18 35.68
N GLU NA 103 66.17 29.56 35.12
CA GLU NA 103 66.84 28.69 34.16
C GLU NA 103 67.51 27.51 34.85
N ILE NA 104 68.09 27.73 36.03
CA ILE NA 104 68.90 26.67 36.62
C ILE NA 104 68.06 25.71 37.45
N GLY NA 105 67.07 26.21 38.19
CA GLY NA 105 66.36 25.32 39.10
C GLY NA 105 64.86 25.49 39.20
N THR NA 106 64.23 26.07 38.19
CA THR NA 106 62.78 26.21 38.24
C THR NA 106 62.10 25.61 37.03
N ILE NA 107 62.67 25.75 35.84
CA ILE NA 107 62.10 25.12 34.66
C ILE NA 107 62.29 23.62 34.78
N GLY NA 108 61.19 22.88 34.79
CA GLY NA 108 61.27 21.44 34.93
C GLY NA 108 61.58 20.96 36.32
N ILE NA 109 61.37 21.78 37.34
CA ILE NA 109 61.62 21.34 38.72
C ILE NA 109 60.62 20.27 39.11
N LYS NA 110 59.36 20.42 38.70
CA LYS NA 110 58.34 19.44 39.02
C LYS NA 110 58.67 18.09 38.39
N GLU NA 111 59.09 18.10 37.12
CA GLU NA 111 59.41 16.84 36.45
C GLU NA 111 60.60 16.15 37.11
N MET NA 112 61.64 16.93 37.45
CA MET NA 112 62.82 16.34 38.07
C MET NA 112 62.48 15.75 39.43
N TYR NA 113 61.72 16.47 40.25
CA TYR NA 113 61.41 15.95 41.57
C TYR NA 113 60.35 14.87 41.55
N ASN NA 114 59.53 14.80 40.51
CA ASN NA 114 58.60 13.68 40.35
C ASN NA 114 59.34 12.44 39.88
N ASN NA 115 60.35 12.60 39.05
CA ASN NA 115 61.20 11.46 38.69
C ASN NA 115 61.91 10.90 39.90
N LEU NA 116 62.37 11.79 40.79
CA LEU NA 116 63.05 11.37 42.02
C LEU NA 116 62.08 10.86 43.08
N GLU NA 117 60.78 11.04 42.89
CA GLU NA 117 59.75 10.59 43.83
C GLU NA 117 59.85 11.30 45.17
N ILE NA 118 60.15 12.59 45.13
CA ILE NA 118 60.15 13.44 46.32
C ILE NA 118 58.90 14.32 46.27
N PRO NA 119 58.06 14.30 47.31
CA PRO NA 119 56.83 15.10 47.27
C PRO NA 119 57.13 16.59 47.11
N LEU NA 120 56.33 17.26 46.29
CA LEU NA 120 56.59 18.67 46.00
C LEU NA 120 56.20 19.56 47.16
N ARG NA 121 55.13 19.20 47.89
CA ARG NA 121 54.69 20.04 48.99
C ARG NA 121 55.69 19.98 50.16
N ASN NA 122 56.39 18.86 50.31
CA ASN NA 122 57.47 18.79 51.28
C ASN NA 122 58.57 19.77 50.92
N ILE NA 123 58.92 19.86 49.63
CA ILE NA 123 59.92 20.83 49.21
C ILE NA 123 59.42 22.25 49.42
N VAL NA 124 58.12 22.48 49.24
CA VAL NA 124 57.57 23.81 49.51
C VAL NA 124 57.74 24.16 50.98
N GLU NA 125 57.46 23.22 51.88
CA GLU NA 125 57.65 23.49 53.30
C GLU NA 125 59.12 23.73 53.63
N CYS NA 126 60.01 22.94 53.03
CA CYS NA 126 61.44 23.14 53.28
C CYS NA 126 61.90 24.49 52.80
N MET NA 127 61.42 24.92 51.62
CA MET NA 127 61.77 26.25 51.12
C MET NA 127 61.19 27.34 52.00
N ARG NA 128 60.01 27.11 52.59
CA ARG NA 128 59.45 28.07 53.53
C ARG NA 128 60.35 28.23 54.75
N CYS NA 129 60.82 27.11 55.30
CA CYS NA 129 61.72 27.16 56.44
C CYS NA 129 63.04 27.84 56.08
N LEU NA 130 63.58 27.54 54.90
CA LEU NA 130 64.80 28.19 54.46
C LEU NA 130 64.59 29.68 54.27
N LYS NA 131 63.42 30.08 53.77
CA LYS NA 131 63.13 31.50 53.63
C LYS NA 131 63.11 32.20 54.97
N GLU NA 132 62.47 31.56 55.97
CA GLU NA 132 62.48 32.14 57.31
C GLU NA 132 63.90 32.30 57.85
N GLU NA 133 64.71 31.25 57.71
CA GLU NA 133 66.08 31.31 58.20
C GLU NA 133 66.89 32.38 57.47
N ALA NA 134 66.72 32.51 56.16
CA ALA NA 134 67.49 33.49 55.40
C ALA NA 134 67.07 34.90 55.72
N LEU NA 135 65.76 35.15 55.86
CA LEU NA 135 65.30 36.49 56.16
C LEU NA 135 65.54 36.90 57.60
N SER NA 136 65.74 35.95 58.50
CA SER NA 136 66.01 36.31 59.90
C SER NA 136 67.40 36.90 60.09
N LEU NA 137 68.27 36.87 59.08
CA LEU NA 137 69.63 37.38 59.21
C LEU NA 137 69.92 38.50 58.22
N MET NA 138 68.90 39.19 57.74
CA MET NA 138 69.06 40.30 56.81
C MET NA 138 68.37 41.54 57.36
N SER NA 139 68.58 42.66 56.67
CA SER NA 139 67.91 43.90 57.01
C SER NA 139 66.45 43.83 56.59
N GLU NA 140 65.66 44.78 57.08
CA GLU NA 140 64.25 44.83 56.70
C GLU NA 140 64.09 45.13 55.22
N GLU NA 141 64.91 46.04 54.68
CA GLU NA 141 64.83 46.39 53.28
C GLU NA 141 65.60 45.43 52.38
N ASP NA 142 66.59 44.71 52.92
CA ASP NA 142 67.34 43.74 52.14
C ASP NA 142 66.59 42.43 51.95
N ALA NA 143 65.51 42.21 52.70
CA ALA NA 143 64.79 40.95 52.65
C ALA NA 143 63.72 40.90 51.57
N LEU NA 144 63.42 42.02 50.92
CA LEU NA 144 62.32 42.04 49.95
C LEU NA 144 62.64 41.17 48.74
N GLU NA 145 63.81 41.37 48.13
CA GLU NA 145 64.15 40.60 46.94
C GLU NA 145 64.32 39.12 47.27
N VAL NA 146 64.97 38.81 48.39
CA VAL NA 146 65.18 37.43 48.77
C VAL NA 146 63.84 36.74 49.03
N SER NA 147 62.93 37.43 49.71
CA SER NA 147 61.60 36.86 49.95
C SER NA 147 60.87 36.64 48.64
N ALA NA 148 61.00 37.57 47.69
CA ALA NA 148 60.35 37.40 46.40
C ALA NA 148 60.88 36.17 45.67
N TYR NA 149 62.20 35.96 45.72
CA TYR NA 149 62.77 34.81 45.01
C TYR NA 149 62.42 33.50 45.68
N PHE NA 150 62.36 33.49 47.02
CA PHE NA 150 61.90 32.29 47.71
C PHE NA 150 60.45 31.98 47.36
N ASP NA 151 59.62 33.02 47.30
CA ASP NA 151 58.24 32.83 46.86
C ASP NA 151 58.17 32.30 45.44
N TYR NA 152 59.07 32.78 44.58
CA TYR NA 152 59.11 32.29 43.20
C TYR NA 152 59.41 30.81 43.16
N VAL NA 153 60.39 30.35 43.94
CA VAL NA 153 60.69 28.92 44.01
C VAL NA 153 59.46 28.14 44.50
N MET NA 154 58.85 28.62 45.58
CA MET NA 154 57.73 27.90 46.17
C MET NA 154 56.56 27.81 45.21
N ARG NA 155 56.26 28.90 44.49
CA ARG NA 155 55.13 28.89 43.57
C ARG NA 155 55.45 28.12 42.30
N SER NA 156 56.73 28.00 41.94
CA SER NA 156 57.08 27.13 40.82
C SER NA 156 56.93 25.67 41.22
N LEU NA 157 57.14 25.35 42.49
CA LEU NA 157 56.90 24.00 42.97
C LEU NA 157 55.41 23.71 43.11
N SER NA 158 54.62 24.72 43.46
CA SER NA 158 53.20 24.54 43.63
C SER NA 158 52.45 24.75 42.32
N MET OA 1 70.17 34.88 24.61
CA MET OA 1 71.01 36.04 24.85
C MET OA 1 71.73 35.90 26.18
N GLN OA 2 72.79 36.68 26.38
CA GLN OA 2 73.59 36.62 27.58
C GLN OA 2 74.33 37.92 27.74
N ASP OA 3 74.34 38.46 28.95
CA ASP OA 3 75.05 39.69 29.25
C ASP OA 3 76.15 39.39 30.27
N ALA OA 4 76.82 40.46 30.74
CA ALA OA 4 78.00 40.28 31.58
C ALA OA 4 77.66 39.58 32.88
N ILE OA 5 76.57 40.00 33.53
CA ILE OA 5 76.19 39.41 34.81
C ILE OA 5 75.80 37.95 34.63
N THR OA 6 75.03 37.65 33.59
CA THR OA 6 74.67 36.26 33.33
C THR OA 6 75.89 35.43 32.97
N ALA OA 7 76.85 36.02 32.26
CA ALA OA 7 78.07 35.30 31.94
C ALA OA 7 78.85 34.92 33.20
N LEU OA 8 78.99 35.87 34.12
CA LEU OA 8 79.67 35.58 35.38
C LEU OA 8 78.90 34.54 36.18
N ILE OA 9 77.58 34.66 36.23
CA ILE OA 9 76.75 33.73 36.98
C ILE OA 9 76.89 32.33 36.41
N ASN OA 10 76.90 32.20 35.08
CA ASN OA 10 77.04 30.88 34.46
C ASN OA 10 78.44 30.31 34.68
N SER OA 11 79.46 31.17 34.63
CA SER OA 11 80.81 30.69 34.91
C SER OA 11 80.91 30.14 36.33
N SER OA 12 80.28 30.81 37.29
CA SER OA 12 80.28 30.28 38.65
C SER OA 12 79.41 29.04 38.78
N ASP OA 13 78.28 29.01 38.09
CA ASP OA 13 77.30 27.94 38.25
C ASP OA 13 77.79 26.63 37.64
N VAL OA 14 78.59 26.71 36.57
CA VAL OA 14 79.11 25.49 35.95
C VAL OA 14 80.04 24.76 36.91
N GLN OA 15 80.55 25.43 37.93
CA GLN OA 15 81.34 24.82 38.98
C GLN OA 15 80.54 24.59 40.26
N GLY OA 16 79.27 24.99 40.28
CA GLY OA 16 78.43 24.81 41.45
C GLY OA 16 78.91 25.57 42.66
N ARG OA 17 79.40 26.78 42.48
CA ARG OA 17 79.94 27.57 43.57
C ARG OA 17 79.51 29.02 43.43
N TYR OA 18 79.50 29.73 44.55
CA TYR OA 18 79.14 31.14 44.55
C TYR OA 18 80.20 31.95 43.82
N LEU OA 19 79.87 33.20 43.53
CA LEU OA 19 80.78 34.06 42.79
C LEU OA 19 82.01 34.36 43.62
N ASP OA 20 83.19 33.97 43.11
CA ASP OA 20 84.44 34.22 43.79
C ASP OA 20 84.77 35.71 43.71
N PRO OA 21 85.69 36.19 44.56
CA PRO OA 21 85.94 37.65 44.62
C PRO OA 21 86.34 38.28 43.30
N SER OA 22 87.03 37.55 42.41
CA SER OA 22 87.35 38.12 41.11
C SER OA 22 86.10 38.38 40.29
N SER OA 23 85.15 37.43 40.31
CA SER OA 23 83.89 37.64 39.62
C SER OA 23 83.12 38.81 40.22
N LEU OA 24 83.15 38.95 41.54
CA LEU OA 24 82.48 40.07 42.17
C LEU OA 24 83.12 41.40 41.79
N ASP OA 25 84.45 41.41 41.65
CA ASP OA 25 85.13 42.64 41.20
C ASP OA 25 84.74 42.97 39.76
N LYS OA 26 84.66 41.98 38.88
CA LYS OA 26 84.22 42.23 37.52
C LYS OA 26 82.77 42.73 37.49
N LEU OA 27 81.93 42.15 38.35
CA LEU OA 27 80.55 42.61 38.45
C LEU OA 27 80.48 44.06 38.91
N GLN OA 28 81.31 44.42 39.89
CA GLN OA 28 81.37 45.80 40.34
C GLN OA 28 81.83 46.73 39.23
N ASN OA 29 82.80 46.29 38.43
CA ASN OA 29 83.25 47.10 37.30
C ASN OA 29 82.12 47.33 36.31
N TYR OA 30 81.35 46.28 36.01
CA TYR OA 30 80.22 46.45 35.11
C TYR OA 30 79.19 47.41 35.69
N PHE OA 31 78.91 47.30 36.99
CA PHE OA 31 77.96 48.19 37.63
C PHE OA 31 78.43 49.63 37.57
N GLN OA 32 79.74 49.85 37.74
CA GLN OA 32 80.29 51.20 37.64
C GLN OA 32 80.15 51.73 36.22
N SER OA 33 80.39 50.89 35.21
CA SER OA 33 80.32 51.33 33.83
C SER OA 33 78.88 51.45 33.31
N GLY OA 34 77.91 50.96 34.07
CA GLY OA 34 76.53 50.96 33.60
C GLY OA 34 76.00 52.35 33.28
N ASP OA 35 76.37 53.35 34.09
CA ASP OA 35 75.89 54.71 33.83
C ASP OA 35 76.36 55.24 32.49
N MET OA 36 77.65 55.07 32.21
CA MET OA 36 78.18 55.49 30.91
C MET OA 36 77.57 54.70 29.78
N ARG OA 37 77.33 53.40 30.00
CA ARG OA 37 76.71 52.59 28.96
C ARG OA 37 75.30 53.09 28.64
N ALA OA 38 74.53 53.44 29.67
CA ALA OA 38 73.18 53.97 29.45
C ALA OA 38 73.23 55.31 28.74
N LYS OA 39 74.20 56.17 29.11
CA LYS OA 39 74.34 57.45 28.43
C LYS OA 39 74.65 57.26 26.95
N THR OA 40 75.55 56.31 26.63
CA THR OA 40 75.87 56.02 25.24
C THR OA 40 74.65 55.48 24.50
N ALA OA 41 73.87 54.61 25.15
CA ALA OA 41 72.67 54.09 24.50
C ALA OA 41 71.67 55.21 24.20
N ILE OA 42 71.52 56.15 25.14
CA ILE OA 42 70.61 57.27 24.89
C ILE OA 42 71.11 58.12 23.72
N ALA OA 43 72.40 58.40 23.67
CA ALA OA 43 72.94 59.22 22.59
C ALA OA 43 72.75 58.53 21.23
N VAL OA 44 73.03 57.23 21.18
CA VAL OA 44 72.89 56.51 19.91
C VAL OA 44 71.42 56.42 19.49
N SER OA 45 70.52 56.23 20.46
CA SER OA 45 69.10 56.23 20.11
C SER OA 45 68.69 57.58 19.54
N ALA OA 46 69.22 58.66 20.12
CA ALA OA 46 68.88 59.99 19.62
C ALA OA 46 69.45 60.26 18.23
N ASN OA 47 70.60 59.69 17.90
CA ASN OA 47 71.26 60.05 16.64
C ASN OA 47 71.41 58.86 15.71
N ALA OA 48 70.53 57.87 15.81
CA ALA OA 48 70.63 56.68 14.97
C ALA OA 48 70.57 57.01 13.48
N LYS OA 49 69.55 57.78 13.06
CA LYS OA 49 69.41 58.08 11.64
C LYS OA 49 70.59 58.88 11.12
N ASN OA 50 71.06 59.84 11.90
CA ASN OA 50 72.22 60.63 11.51
C ASN OA 50 73.45 59.74 11.39
N ILE OA 51 73.63 58.81 12.32
CA ILE OA 51 74.78 57.92 12.25
C ILE OA 51 74.74 57.10 10.97
N VAL OA 52 73.57 56.57 10.63
CA VAL OA 52 73.47 55.72 9.44
C VAL OA 52 73.69 56.53 8.17
N THR OA 53 73.12 57.74 8.09
CA THR OA 53 73.32 58.54 6.89
C THR OA 53 74.77 58.96 6.74
N LYS OA 54 75.44 59.32 7.84
CA LYS OA 54 76.85 59.67 7.75
C LYS OA 54 77.70 58.47 7.36
N THR OA 55 77.37 57.29 7.88
CA THR OA 55 78.07 56.08 7.50
C THR OA 55 77.96 55.83 6.00
N VAL OA 56 76.75 55.92 5.46
CA VAL OA 56 76.56 55.69 4.04
C VAL OA 56 77.27 56.76 3.22
N ALA OA 57 77.19 58.02 3.67
CA ALA OA 57 77.80 59.11 2.92
C ALA OA 57 79.31 58.97 2.85
N LYS OA 58 79.94 58.56 3.94
CA LYS OA 58 81.39 58.49 3.99
C LYS OA 58 81.94 57.12 3.62
N SER OA 59 81.10 56.12 3.38
CA SER OA 59 81.60 54.79 3.08
C SER OA 59 81.17 54.27 1.71
N LEU OA 60 79.89 54.35 1.37
CA LEU OA 60 79.37 53.67 0.19
C LEU OA 60 78.94 54.61 -0.92
N LEU OA 61 78.66 55.87 -0.62
CA LEU OA 61 78.16 56.77 -1.65
C LEU OA 61 79.26 57.13 -2.65
N TYR OA 62 78.85 57.37 -3.89
CA TYR OA 62 79.74 57.83 -4.95
C TYR OA 62 80.88 56.84 -5.20
N THR OA 63 80.59 55.56 -5.09
CA THR OA 63 81.49 54.52 -5.51
C THR OA 63 80.78 53.62 -6.51
N ASP OA 64 81.46 52.57 -6.96
CA ASP OA 64 80.83 51.67 -7.92
C ASP OA 64 79.69 50.87 -7.33
N ILE OA 65 79.57 50.83 -5.99
CA ILE OA 65 78.52 50.06 -5.35
C ILE OA 65 77.14 50.67 -5.56
N THR OA 66 77.07 51.98 -5.82
CA THR OA 66 75.79 52.64 -6.08
C THR OA 66 75.57 52.92 -7.56
N ALA OA 67 76.59 52.80 -8.39
CA ALA OA 67 76.41 52.91 -9.82
C ALA OA 67 75.60 51.73 -10.32
N PRO OA 68 74.97 51.85 -11.50
CA PRO OA 68 74.19 50.72 -12.02
C PRO OA 68 75.03 49.46 -12.11
N GLY OA 69 74.43 48.34 -11.73
CA GLY OA 69 75.12 47.08 -11.62
C GLY OA 69 75.76 46.82 -10.28
N GLY OA 70 75.78 47.81 -9.39
CA GLY OA 70 76.32 47.64 -8.05
C GLY OA 70 75.26 47.09 -7.13
N MEN OA 71 75.67 46.62 -5.96
CA MEN OA 71 74.75 45.97 -5.05
C MEN OA 71 73.85 46.95 -4.32
O MEN OA 71 72.87 46.57 -3.68
CB MEN OA 71 75.50 45.12 -4.03
CG MEN OA 71 74.61 44.08 -3.39
OD1 MEN OA 71 74.35 44.06 -2.20
ND2 MEN OA 71 74.09 43.17 -4.23
CE2 MEN OA 71 73.22 42.13 -3.77
N MET OA 72 74.17 48.24 -4.41
CA MET OA 72 73.35 49.26 -3.79
C MET OA 72 72.59 50.05 -4.83
N TYR OA 73 72.66 49.59 -6.08
CA TYR OA 73 71.81 50.15 -7.12
C TYR OA 73 70.36 49.73 -6.90
N THR OA 74 69.45 50.49 -7.49
CA THR OA 74 68.01 50.40 -7.29
C THR OA 74 67.63 50.80 -5.88
N CYS OA 75 66.44 51.37 -5.71
CA CYS OA 75 66.04 51.88 -4.40
C CYS OA 75 65.85 50.78 -3.38
N ARG OA 76 65.40 49.60 -3.82
CA ARG OA 76 65.13 48.53 -2.85
C ARG OA 76 66.42 48.01 -2.23
N ARG OA 77 67.49 47.88 -3.02
CA ARG OA 77 68.75 47.43 -2.46
C ARG OA 77 69.39 48.49 -1.58
N TYR OA 78 69.26 49.77 -1.96
CA TYR OA 78 69.73 50.84 -1.09
C TYR OA 78 69.00 50.82 0.23
N ALA OA 79 67.68 50.65 0.20
CA ALA OA 79 66.90 50.58 1.43
C ALA OA 79 67.29 49.37 2.25
N ALA OA 80 67.57 48.24 1.60
CA ALA OA 80 67.98 47.05 2.33
C ALA OA 80 69.32 47.26 3.01
N CYS OA 81 70.26 47.90 2.33
CA CYS OA 81 71.56 48.20 2.94
C CYS OA 81 71.40 49.15 4.12
N VAL OA 82 70.56 50.17 3.98
CA VAL OA 82 70.32 51.10 5.08
C VAL OA 82 69.69 50.38 6.26
N ARG OA 83 68.74 49.49 5.99
CA ARG OA 83 68.10 48.71 7.05
C ARG OA 83 69.10 47.81 7.75
N ASP OA 84 70.02 47.21 6.98
CA ASP OA 84 71.05 46.37 7.59
C ASP OA 84 71.97 47.18 8.47
N LEU OA 85 72.34 48.38 8.04
CA LEU OA 85 73.18 49.25 8.87
C LEU OA 85 72.44 49.66 10.14
N ASP OA 86 71.14 49.92 10.03
CA ASP OA 86 70.33 50.22 11.21
C ASP OA 86 70.32 49.04 12.17
N TYR OA 87 70.19 47.82 11.65
CA TYR OA 87 70.27 46.64 12.48
C TYR OA 87 71.61 46.54 13.18
N PHE OA 88 72.69 46.78 12.44
CA PHE OA 88 74.02 46.71 13.03
C PHE OA 88 74.17 47.70 14.17
N LEU OA 89 73.73 48.94 13.95
CA LEU OA 89 73.86 49.96 14.98
C LEU OA 89 73.02 49.62 16.20
N ARG OA 90 71.76 49.21 15.98
CA ARG OA 90 70.88 48.92 17.11
C ARG OA 90 71.38 47.74 17.92
N TYR OA 91 71.83 46.67 17.26
CA TYR OA 91 72.29 45.52 18.02
C TYR OA 91 73.66 45.73 18.62
N ALA OA 92 74.50 46.58 18.02
CA ALA OA 92 75.72 46.98 18.70
C ALA OA 92 75.41 47.77 19.96
N THR OA 93 74.39 48.62 19.92
CA THR OA 93 73.97 49.33 21.12
C THR OA 93 73.45 48.35 22.18
N TYR OA 94 72.67 47.36 21.75
CA TYR OA 94 72.21 46.32 22.67
C TYR OA 94 73.38 45.62 23.33
N ALA OA 95 74.37 45.23 22.53
CA ALA OA 95 75.53 44.54 23.06
C ALA OA 95 76.33 45.42 24.00
N MET OA 96 76.46 46.71 23.67
CA MET OA 96 77.18 47.63 24.54
C MET OA 96 76.48 47.78 25.88
N LEU OA 97 75.15 47.92 25.85
CA LEU OA 97 74.41 48.02 27.11
C LEU OA 97 74.51 46.73 27.91
N ALA OA 98 74.46 45.58 27.24
CA ALA OA 98 74.55 44.31 27.95
C ALA OA 98 75.96 44.03 28.44
N GLY OA 99 76.97 44.63 27.81
CA GLY OA 99 78.34 44.32 28.13
C GLY OA 99 78.84 43.01 27.57
N ASP OA 100 78.11 42.40 26.64
CA ASP OA 100 78.48 41.13 26.05
C ASP OA 100 78.08 41.11 24.59
N THR OA 101 78.79 40.32 23.80
CA THR OA 101 78.56 40.21 22.37
C THR OA 101 77.67 39.03 22.00
N SER OA 102 77.06 38.38 22.98
CA SER OA 102 76.22 37.22 22.70
C SER OA 102 75.03 37.59 21.83
N ILE OA 103 74.44 38.76 22.08
CA ILE OA 103 73.31 39.22 21.29
C ILE OA 103 73.70 39.38 19.82
N LEU OA 104 74.91 39.89 19.58
CA LEU OA 104 75.38 40.03 18.20
C LEU OA 104 75.54 38.68 17.54
N ASP OA 105 76.12 37.71 18.25
CA ASP OA 105 76.33 36.39 17.67
C ASP OA 105 75.03 35.63 17.49
N GLU OA 106 73.97 36.00 18.22
CA GLU OA 106 72.73 35.26 18.12
C GLU OA 106 71.76 35.87 17.12
N ARG OA 107 71.69 37.19 17.04
CA ARG OA 107 70.69 37.85 16.21
C ARG OA 107 71.24 38.39 14.90
N ILE OA 108 72.54 38.60 14.79
CA ILE OA 108 73.09 39.27 13.61
C ILE OA 108 74.01 38.35 12.84
N LEU OA 109 75.08 37.89 13.49
CA LEU OA 109 76.16 37.23 12.77
C LEU OA 109 75.90 35.75 12.52
N ASN OA 110 74.81 35.19 13.03
CA ASN OA 110 74.54 33.77 12.87
C ASN OA 110 74.04 33.53 11.45
N GLY OA 111 74.95 33.14 10.56
CA GLY OA 111 74.60 32.92 9.17
C GLY OA 111 74.57 34.15 8.31
N LEU OA 112 74.99 35.31 8.83
CA LEU OA 112 74.96 36.53 8.04
C LEU OA 112 75.91 36.44 6.86
N ARG OA 113 77.11 35.90 7.05
CA ARG OA 113 78.05 35.78 5.95
C ARG OA 113 77.49 34.87 4.85
N GLU OA 114 76.87 33.76 5.24
CA GLU OA 114 76.28 32.87 4.25
C GLU OA 114 75.15 33.55 3.49
N THR OA 115 74.31 34.30 4.19
CA THR OA 115 73.23 35.02 3.53
C THR OA 115 73.78 36.06 2.55
N TYR OA 116 74.79 36.82 2.97
CA TYR OA 116 75.37 37.82 2.11
C TYR OA 116 76.04 37.20 0.89
N ASN OA 117 76.71 36.06 1.08
CA ASN OA 117 77.30 35.37 -0.05
C ASN OA 117 76.23 34.86 -1.01
N SER OA 118 75.13 34.36 -0.46
CA SER OA 118 74.03 33.88 -1.32
C SER OA 118 73.44 35.02 -2.13
N LEU OA 119 73.28 36.19 -1.52
CA LEU OA 119 72.68 37.32 -2.22
C LEU OA 119 73.66 38.06 -3.11
N GLY OA 120 74.96 37.84 -2.96
CA GLY OA 120 75.94 38.63 -3.68
C GLY OA 120 76.31 39.93 -3.01
N VAL OA 121 75.92 40.14 -1.77
CA VAL OA 121 76.31 41.34 -1.03
C VAL OA 121 77.81 41.31 -0.79
N PRO OA 122 78.55 42.36 -1.15
CA PRO OA 122 80.00 42.34 -0.93
C PRO OA 122 80.36 42.44 0.54
N ILE OA 123 81.11 41.46 1.02
CA ILE OA 123 81.49 41.44 2.44
C ILE OA 123 82.46 42.56 2.76
N GLY OA 124 83.39 42.84 1.84
CA GLY OA 124 84.37 43.89 2.10
C GLY OA 124 83.75 45.26 2.25
N ALA OA 125 82.77 45.57 1.40
CA ALA OA 125 82.09 46.86 1.51
C ALA OA 125 81.31 46.96 2.81
N THR OA 126 80.69 45.86 3.24
CA THR OA 126 79.97 45.87 4.51
C THR OA 126 80.94 46.08 5.67
N ILE OA 127 82.11 45.45 5.64
CA ILE OA 127 83.08 45.64 6.70
C ILE OA 127 83.57 47.09 6.71
N ARG OA 128 83.81 47.65 5.54
CA ARG OA 128 84.24 49.05 5.46
C ARG OA 128 83.18 49.98 6.02
N SER OA 129 81.91 49.71 5.70
CA SER OA 129 80.82 50.54 6.22
C SER OA 129 80.68 50.38 7.74
N VAL OA 130 80.93 49.18 8.26
CA VAL OA 130 80.90 49.00 9.71
C VAL OA 130 82.02 49.79 10.37
N GLN OA 131 83.21 49.80 9.75
CA GLN OA 131 84.30 50.62 10.27
C GLN OA 131 83.94 52.09 10.25
N ALA OA 132 83.31 52.56 9.16
CA ALA OA 132 82.89 53.94 9.07
C ALA OA 132 81.85 54.27 10.14
N MET OA 133 80.92 53.35 10.38
CA MET OA 133 79.92 53.57 11.43
C MET OA 133 80.59 53.65 12.80
N LYS OA 134 81.60 52.82 13.03
CA LYS OA 134 82.33 52.90 14.29
C LYS OA 134 83.00 54.26 14.45
N GLU OA 135 83.62 54.76 13.37
CA GLU OA 135 84.25 56.08 13.44
C GLU OA 135 83.23 57.18 13.69
N VAL OA 136 82.06 57.09 13.04
CA VAL OA 136 81.02 58.10 13.22
C VAL OA 136 80.51 58.09 14.66
N VAL OA 137 80.29 56.90 15.21
CA VAL OA 137 79.81 56.79 16.59
C VAL OA 137 80.87 57.32 17.55
N THR OA 138 82.14 57.02 17.28
CA THR OA 138 83.22 57.54 18.13
C THR OA 138 83.23 59.06 18.10
N SER OA 139 83.03 59.65 16.92
CA SER OA 139 82.95 61.10 16.84
C SER OA 139 81.78 61.64 17.63
N LEU OA 140 80.64 60.94 17.58
CA LEU OA 140 79.43 61.44 18.23
C LEU OA 140 79.52 61.37 19.75
N VAL OA 141 79.97 60.22 20.28
CA VAL OA 141 79.85 59.95 21.71
C VAL OA 141 81.16 60.09 22.46
N GLY OA 142 82.24 60.47 21.79
CA GLY OA 142 83.50 60.67 22.46
C GLY OA 142 84.43 59.49 22.35
N ALA OA 143 85.52 59.58 23.12
CA ALA OA 143 86.61 58.61 23.00
C ALA OA 143 86.29 57.31 23.72
N ASP OA 144 86.01 57.38 25.03
CA ASP OA 144 85.82 56.18 25.82
C ASP OA 144 84.60 55.39 25.36
N ALA OA 145 83.45 56.07 25.28
CA ALA OA 145 82.26 55.41 24.78
C ALA OA 145 82.42 55.02 23.32
N GLY OA 146 83.19 55.80 22.56
CA GLY OA 146 83.45 55.46 21.17
C GLY OA 146 84.14 54.12 21.03
N ARG OA 147 85.19 53.90 21.81
CA ARG OA 147 85.87 52.60 21.73
C ARG OA 147 85.07 51.49 22.40
N GLU OA 148 84.24 51.85 23.39
CA GLU OA 148 83.36 50.83 23.97
C GLU OA 148 82.39 50.30 22.94
N MET OA 149 81.81 51.18 22.11
CA MET OA 149 80.97 50.72 21.01
C MET OA 149 81.80 50.08 19.90
N GLY OA 150 83.03 50.57 19.69
CA GLY OA 150 83.90 50.01 18.70
C GLY OA 150 84.29 48.58 18.96
N VAL OA 151 84.30 48.17 20.23
CA VAL OA 151 84.51 46.77 20.55
C VAL OA 151 83.50 45.89 19.82
N TYR OA 152 82.23 46.26 19.92
CA TYR OA 152 81.16 45.47 19.30
C TYR OA 152 81.09 45.69 17.81
N PHE OA 153 81.46 46.88 17.33
CA PHE OA 153 81.57 47.08 15.88
C PHE OA 153 82.65 46.20 15.29
N ASP OA 154 83.80 46.09 15.97
CA ASP OA 154 84.85 45.19 15.53
C ASP OA 154 84.43 43.74 15.64
N HIS OA 155 83.63 43.40 16.65
CA HIS OA 155 83.08 42.05 16.72
C HIS OA 155 82.21 41.75 15.51
N ILE OA 156 81.37 42.70 15.11
CA ILE OA 156 80.55 42.51 13.91
C ILE OA 156 81.43 42.34 12.68
N ALA OA 157 82.46 43.18 12.55
CA ALA OA 157 83.33 43.09 11.39
C ALA OA 157 84.06 41.76 11.34
N ALA OA 158 84.54 41.27 12.49
CA ALA OA 158 85.20 39.98 12.55
C ALA OA 158 84.23 38.85 12.23
N GLY OA 159 82.99 38.95 12.70
CA GLY OA 159 82.00 37.94 12.36
C GLY OA 159 81.69 37.90 10.88
N LEU OA 160 81.71 39.07 10.22
CA LEU OA 160 81.48 39.09 8.78
C LEU OA 160 82.66 38.53 8.01
N SER OA 161 83.87 38.66 8.55
CA SER OA 161 85.07 38.17 7.89
C SER OA 161 85.14 36.65 7.96
N SER PA 2 56.44 43.60 -16.70
CA SER PA 2 55.78 43.42 -17.99
C SER PA 2 54.42 42.79 -17.81
N ILE PA 3 53.50 43.09 -18.74
CA ILE PA 3 52.17 42.50 -18.63
C ILE PA 3 52.13 41.10 -19.22
N VAL PA 4 53.10 40.73 -20.06
CA VAL PA 4 53.19 39.34 -20.50
C VAL PA 4 53.47 38.43 -19.31
N THR PA 5 54.42 38.84 -18.47
CA THR PA 5 54.69 38.11 -17.24
C THR PA 5 53.47 38.08 -16.33
N GLU PA 6 52.73 39.19 -16.26
CA GLU PA 6 51.53 39.22 -15.43
C GLU PA 6 50.48 38.23 -15.93
N LEU PA 7 50.29 38.16 -17.25
CA LEU PA 7 49.35 37.19 -17.81
C LEU PA 7 49.80 35.76 -17.52
N ILE PA 8 51.09 35.49 -17.70
CA ILE PA 8 51.58 34.14 -17.48
C ILE PA 8 51.41 33.74 -16.03
N LEU PA 9 51.72 34.65 -15.10
CA LEU PA 9 51.59 34.32 -13.69
C LEU PA 9 50.14 34.29 -13.23
N ASN PA 10 49.26 35.07 -13.86
CA ASN PA 10 47.84 34.95 -13.58
C ASN PA 10 47.31 33.58 -13.99
N ALA PA 11 47.75 33.09 -15.14
CA ALA PA 11 47.39 31.73 -15.53
C ALA PA 11 48.05 30.70 -14.61
N ASP PA 12 49.25 31.01 -14.11
CA ASP PA 12 49.97 30.07 -13.26
C ASP PA 12 49.34 29.93 -11.88
N SER PA 13 48.78 31.02 -11.34
CA SER PA 13 48.16 30.96 -10.03
C SER PA 13 46.97 30.00 -10.01
N GLU PA 14 46.33 29.81 -11.15
CA GLU PA 14 45.24 28.84 -11.28
C GLU PA 14 45.72 27.50 -11.82
N SER PA 15 47.02 27.34 -12.05
CA SER PA 15 47.61 26.08 -12.52
C SER PA 15 46.98 25.64 -13.83
N ARG PA 16 46.78 26.58 -14.74
CA ARG PA 16 46.11 26.30 -16.00
C ARG PA 16 46.82 27.04 -17.13
N TYR PA 17 46.59 26.57 -18.35
CA TYR PA 17 47.11 27.24 -19.52
C TYR PA 17 46.41 28.59 -19.69
N PRO PA 18 47.05 29.52 -20.41
CA PRO PA 18 46.40 30.82 -20.63
C PRO PA 18 45.04 30.67 -21.29
N ALA PA 19 44.06 31.37 -20.74
CA ALA PA 19 42.70 31.37 -21.26
C ALA PA 19 42.61 32.28 -22.48
N PRO PA 20 41.53 32.18 -23.26
CA PRO PA 20 41.37 33.09 -24.39
C PRO PA 20 41.38 34.55 -24.00
N LYS PA 21 40.93 34.90 -22.80
CA LYS PA 21 41.02 36.29 -22.36
C LYS PA 21 42.47 36.74 -22.24
N GLU PA 22 43.32 35.90 -21.64
CA GLU PA 22 44.73 36.25 -21.51
C GLU PA 22 45.42 36.27 -22.86
N ILE PA 23 45.02 35.37 -23.77
CA ILE PA 23 45.60 35.39 -25.12
C ILE PA 23 45.20 36.65 -25.85
N GLN PA 24 43.95 37.10 -25.68
CA GLN PA 24 43.51 38.35 -26.29
C GLN PA 24 44.32 39.52 -25.74
N VAL PA 25 44.54 39.55 -24.44
CA VAL PA 25 45.35 40.62 -23.86
C VAL PA 25 46.76 40.59 -24.42
N TYR PA 26 47.34 39.38 -24.52
CA TYR PA 26 48.69 39.23 -25.05
C TYR PA 26 48.79 39.73 -26.49
N GLN PA 27 47.82 39.35 -27.33
CA GLN PA 27 47.85 39.78 -28.72
C GLN PA 27 47.67 41.29 -28.84
N ASN PA 28 46.74 41.86 -28.07
CA ASN PA 28 46.56 43.30 -28.07
C ASN PA 28 47.84 44.01 -27.65
N PHE PA 29 48.54 43.46 -26.66
CA PHE PA 29 49.78 44.06 -26.19
C PHE PA 29 50.87 44.01 -27.26
N VAL PA 30 51.06 42.84 -27.88
CA VAL PA 30 52.12 42.74 -28.88
C VAL PA 30 51.78 43.53 -30.14
N LYS PA 31 50.51 43.86 -30.34
CA LYS PA 31 50.17 44.74 -31.47
C LYS PA 31 50.51 46.20 -31.21
N THR PA 32 50.81 46.58 -29.97
CA THR PA 32 51.18 47.95 -29.64
C THR PA 32 52.69 48.13 -29.44
N GLY PA 33 53.48 47.14 -29.83
CA GLY PA 33 54.91 47.26 -29.65
C GLY PA 33 55.52 48.39 -30.46
N GLU PA 34 54.99 48.63 -31.66
CA GLU PA 34 55.46 49.74 -32.47
C GLU PA 34 55.31 51.06 -31.73
N GLN PA 35 54.12 51.31 -31.19
CA GLN PA 35 53.87 52.54 -30.46
C GLN PA 35 54.72 52.64 -29.21
N ARG PA 36 54.87 51.52 -28.49
CA ARG PA 36 55.66 51.55 -27.26
C ARG PA 36 57.13 51.84 -27.56
N ILE PA 37 57.67 51.24 -28.62
CA ILE PA 37 59.05 51.50 -28.99
C ILE PA 37 59.21 52.94 -29.45
N ARG PA 38 58.21 53.47 -30.15
CA ARG PA 38 58.28 54.87 -30.57
C ARG PA 38 58.31 55.80 -29.36
N ILE PA 39 57.46 55.53 -28.36
CA ILE PA 39 57.45 56.36 -27.16
C ILE PA 39 58.77 56.25 -26.41
N ALA PA 40 59.32 55.04 -26.32
CA ALA PA 40 60.61 54.87 -25.65
C ALA PA 40 61.71 55.62 -26.38
N LYS PA 41 61.69 55.60 -27.71
CA LYS PA 41 62.66 56.37 -28.48
C LYS PA 41 62.48 57.87 -28.24
N ILE PA 42 61.24 58.32 -28.14
CA ILE PA 42 60.98 59.73 -27.86
C ILE PA 42 61.58 60.12 -26.51
N LEU PA 43 61.38 59.26 -25.51
CA LEU PA 43 61.90 59.55 -24.18
C LEU PA 43 63.43 59.53 -24.17
N ALA PA 44 64.03 58.59 -24.88
CA ALA PA 44 65.50 58.52 -24.94
C ALA PA 44 66.09 59.72 -25.65
N GLU PA 45 65.46 60.17 -26.73
CA GLU PA 45 66.00 61.28 -27.50
C GLU PA 45 65.88 62.60 -26.75
N ASN PA 46 64.73 62.84 -26.12
CA ASN PA 46 64.45 64.10 -25.46
C ASN PA 46 64.74 64.07 -23.97
N GLU PA 47 65.58 63.12 -23.51
CA GLU PA 47 65.84 63.02 -22.09
C GLU PA 47 66.56 64.25 -21.55
N GLN PA 48 67.58 64.73 -22.27
CA GLN PA 48 68.38 65.84 -21.75
C GLN PA 48 67.58 67.13 -21.72
N ARG PA 49 66.82 67.42 -22.79
CA ARG PA 49 66.04 68.65 -22.79
C ARG PA 49 64.93 68.60 -21.75
N ILE PA 50 64.31 67.43 -21.57
CA ILE PA 50 63.32 67.28 -20.52
C ILE PA 50 63.94 67.53 -19.16
N VAL PA 51 65.13 66.96 -18.93
CA VAL PA 51 65.81 67.13 -17.65
C VAL PA 51 66.12 68.61 -17.41
N GLN PA 52 66.63 69.29 -18.44
CA GLN PA 52 67.00 70.69 -18.27
C GLN PA 52 65.78 71.57 -17.99
N ASN PA 53 64.73 71.42 -18.79
CA ASN PA 53 63.55 72.25 -18.60
C ASN PA 53 62.87 71.95 -17.28
N GLY PA 54 62.76 70.66 -16.91
CA GLY PA 54 62.18 70.32 -15.63
C GLY PA 54 63.00 70.83 -14.47
N SER PA 55 64.32 70.78 -14.59
CA SER PA 55 65.18 71.34 -13.55
C SER PA 55 64.95 72.84 -13.40
N ALA PA 56 64.87 73.56 -14.53
CA ALA PA 56 64.64 74.99 -14.46
C ALA PA 56 63.31 75.31 -13.79
N ARG PA 57 62.24 74.61 -14.21
CA ARG PA 57 60.93 74.89 -13.63
C ARG PA 57 60.88 74.50 -12.16
N PHE PA 58 61.52 73.38 -11.80
CA PHE PA 58 61.50 72.92 -10.42
C PHE PA 58 62.31 73.83 -9.51
N TRP PA 59 63.42 74.39 -10.00
CA TRP PA 59 64.16 75.36 -9.21
C TRP PA 59 63.43 76.69 -9.11
N GLU PA 60 62.68 77.07 -10.15
CA GLU PA 60 61.83 78.25 -10.05
C GLU PA 60 60.75 78.05 -9.01
N ARG PA 61 60.12 76.87 -9.00
CA ARG PA 61 59.03 76.62 -8.06
C ARG PA 61 59.54 76.37 -6.66
N VAL PA 62 60.64 75.65 -6.53
CA VAL PA 62 61.22 75.29 -5.23
C VAL PA 62 62.66 75.77 -5.20
N PRO PA 63 62.92 77.03 -4.88
CA PRO PA 63 64.29 77.53 -4.93
C PRO PA 63 65.16 77.03 -3.80
N ASN PA 64 64.57 76.67 -2.66
CA ASN PA 64 65.32 76.19 -1.50
C ASN PA 64 65.31 74.67 -1.50
N THR PA 65 66.22 74.09 -2.28
CA THR PA 65 66.37 72.65 -2.36
C THR PA 65 67.85 72.32 -2.46
N PRO PA 66 68.27 71.14 -1.97
CA PRO PA 66 69.69 70.80 -2.04
C PRO PA 66 70.22 70.69 -3.46
N SER PA 67 69.35 70.54 -4.45
CA SER PA 67 69.82 70.46 -5.83
C SER PA 67 70.48 71.75 -6.27
N ASN PA 68 69.92 72.90 -5.92
CA ASN PA 68 70.49 74.20 -6.27
C ASN PA 68 70.97 74.94 -5.03
N SER PA 69 71.54 74.22 -4.07
CA SER PA 69 72.11 74.83 -2.87
C SER PA 69 73.54 75.29 -3.07
N GLY PA 70 73.97 75.48 -4.32
CA GLY PA 70 75.30 75.93 -4.61
C GLY PA 70 76.34 74.84 -4.77
N ASN PA 71 75.97 73.59 -4.49
CA ASN PA 71 76.88 72.46 -4.62
C ASN PA 71 76.68 71.83 -5.99
N GLU PA 72 77.72 71.91 -6.83
CA GLU PA 72 77.61 71.37 -8.18
C GLU PA 72 77.42 69.86 -8.18
N ARG PA 73 78.05 69.16 -7.24
CA ARG PA 73 77.88 67.71 -7.15
C ARG PA 73 76.42 67.35 -6.86
N LYS PA 74 75.78 68.08 -5.95
CA LYS PA 74 74.38 67.83 -5.65
C LYS PA 74 73.50 68.10 -6.87
N THR PA 75 73.79 69.18 -7.61
CA THR PA 75 73.04 69.48 -8.82
C THR PA 75 73.18 68.37 -9.84
N ALA PA 76 74.42 67.89 -10.05
CA ALA PA 76 74.65 66.82 -10.99
C ALA PA 76 73.94 65.55 -10.58
N SER PA 77 73.95 65.24 -9.28
CA SER PA 77 73.27 64.05 -8.81
C SER PA 77 71.76 64.16 -9.00
N CYS PA 78 71.19 65.34 -8.74
CA CYS PA 78 69.76 65.52 -8.95
C CYS PA 78 69.39 65.36 -10.42
N GLN PA 79 70.17 65.95 -11.32
CA GLN PA 79 69.87 65.83 -12.74
C GLN PA 79 70.04 64.38 -13.21
N ARG PA 80 71.03 63.69 -12.67
CA ARG PA 80 71.20 62.27 -12.99
C ARG PA 80 70.01 61.46 -12.51
N ASP PA 81 69.49 61.78 -11.32
CA ASP PA 81 68.30 61.09 -10.83
C ASP PA 81 67.11 61.34 -11.74
N GLN PA 82 66.95 62.57 -12.22
CA GLN PA 82 65.85 62.85 -13.14
C GLN PA 82 65.99 62.03 -14.42
N GLY PA 83 67.21 61.97 -14.97
CA GLY PA 83 67.43 61.15 -16.14
C GLY PA 83 67.17 59.68 -15.89
N TRP PA 84 67.56 59.19 -14.71
CA TRP PA 84 67.34 57.80 -14.36
C TRP PA 84 65.86 57.49 -14.28
N TYR PA 85 65.07 58.40 -13.70
CA TYR PA 85 63.64 58.13 -13.60
C TYR PA 85 62.96 58.22 -14.95
N ILE PA 86 63.43 59.09 -15.83
CA ILE PA 86 62.93 59.08 -17.20
C ILE PA 86 63.25 57.76 -17.88
N ARG PA 87 64.46 57.24 -17.63
CA ARG PA 87 64.83 55.93 -18.19
C ARG PA 87 63.93 54.83 -17.65
N LEU PA 88 63.64 54.85 -16.35
CA LEU PA 88 62.76 53.85 -15.77
C LEU PA 88 61.36 53.93 -16.36
N ILE PA 89 60.87 55.15 -16.59
CA ILE PA 89 59.56 55.32 -17.20
C ILE PA 89 59.56 54.79 -18.63
N ALA PA 90 60.67 54.98 -19.34
CA ALA PA 90 60.79 54.38 -20.67
C ALA PA 90 60.74 52.86 -20.59
N TYR PA 91 61.43 52.28 -19.60
CA TYR PA 91 61.37 50.84 -19.38
C TYR PA 91 59.93 50.39 -19.15
N SER PA 92 59.20 51.13 -18.30
CA SER PA 92 57.82 50.77 -17.99
C SER PA 92 56.93 50.86 -19.22
N VAL PA 93 57.13 51.88 -20.05
CA VAL PA 93 56.37 52.00 -21.28
C VAL PA 93 56.65 50.80 -22.19
N LEU PA 94 57.92 50.41 -22.30
CA LEU PA 94 58.27 49.26 -23.14
C LEU PA 94 57.63 47.98 -22.60
N ALA PA 95 57.67 47.78 -21.29
CA ALA PA 95 57.15 46.56 -20.70
C ALA PA 95 55.63 46.52 -20.65
N GLY PA 96 54.97 47.68 -20.73
CA GLY PA 96 53.54 47.74 -20.66
C GLY PA 96 52.96 47.86 -19.26
N SER PA 97 53.79 47.78 -18.23
CA SER PA 97 53.32 47.88 -16.85
C SER PA 97 54.33 48.67 -16.04
N GLU PA 98 53.92 49.05 -14.84
CA GLU PA 98 54.78 49.81 -13.94
C GLU PA 98 55.74 48.92 -13.16
N LYS PA 99 55.72 47.61 -13.40
CA LYS PA 99 56.56 46.70 -12.63
C LYS PA 99 58.05 47.02 -12.73
N PRO PA 100 58.63 47.31 -13.90
CA PRO PA 100 60.06 47.66 -13.90
C PRO PA 100 60.38 48.91 -13.09
N LEU PA 101 59.59 49.97 -13.26
CA LEU PA 101 59.81 51.18 -12.48
C LEU PA 101 59.62 50.93 -11.00
N GLU PA 102 58.61 50.14 -10.64
CA GLU PA 102 58.37 49.82 -9.24
C GLU PA 102 59.54 49.04 -8.64
N GLU PA 103 60.08 48.08 -9.40
CA GLU PA 103 61.14 47.24 -8.86
C GLU PA 103 62.46 48.00 -8.78
N ILE PA 104 62.70 48.93 -9.70
CA ILE PA 104 64.00 49.59 -9.75
C ILE PA 104 64.00 50.84 -8.88
N GLY PA 105 63.04 51.74 -9.08
CA GLY PA 105 63.11 53.02 -8.42
C GLY PA 105 61.90 53.44 -7.60
N THR PA 106 61.11 52.50 -7.15
CA THR PA 106 59.95 52.86 -6.33
C THR PA 106 59.89 52.12 -5.01
N ILE PA 107 60.27 50.85 -4.97
CA ILE PA 107 60.31 50.13 -3.71
C ILE PA 107 61.51 50.63 -2.91
N GLY PA 108 61.25 51.20 -1.74
CA GLY PA 108 62.31 51.73 -0.91
C GLY PA 108 62.81 53.09 -1.31
N ILE PA 109 62.09 53.81 -2.17
CA ILE PA 109 62.53 55.14 -2.60
C ILE PA 109 62.53 56.11 -1.42
N LYS PA 110 61.52 56.03 -0.57
CA LYS PA 110 61.43 56.94 0.57
C LYS PA 110 62.57 56.71 1.54
N GLU PA 111 62.90 55.44 1.82
CA GLU PA 111 64.02 55.14 2.72
C GLU PA 111 65.34 55.62 2.13
N MET PA 112 65.54 55.40 0.82
CA MET PA 112 66.78 55.82 0.19
C MET PA 112 66.93 57.33 0.23
N TYR PA 113 65.86 58.06 -0.07
CA TYR PA 113 65.99 59.51 -0.11
C TYR PA 113 66.00 60.12 1.28
N ASN PA 114 65.39 59.47 2.27
CA ASN PA 114 65.50 59.96 3.64
C ASN PA 114 66.90 59.72 4.19
N ASN PA 115 67.53 58.61 3.78
CA ASN PA 115 68.93 58.42 4.11
C ASN PA 115 69.80 59.48 3.43
N LEU PA 116 69.47 59.83 2.19
CA LEU PA 116 70.20 60.86 1.48
C LEU PA 116 69.89 62.27 2.01
N GLU PA 117 68.90 62.40 2.89
CA GLU PA 117 68.49 63.69 3.44
C GLU PA 117 68.02 64.63 2.34
N ILE PA 118 67.19 64.10 1.45
CA ILE PA 118 66.55 64.88 0.39
C ILE PA 118 65.07 64.96 0.70
N PRO PA 119 64.49 66.15 0.85
CA PRO PA 119 63.05 66.24 1.13
C PRO PA 119 62.23 65.59 0.03
N LEU PA 120 61.24 64.79 0.43
CA LEU PA 120 60.47 64.03 -0.54
C LEU PA 120 59.49 64.91 -1.32
N ARG PA 121 58.99 65.99 -0.69
CA ARG PA 121 58.08 66.88 -1.39
C ARG PA 121 58.79 67.60 -2.54
N ASN PA 122 60.07 67.91 -2.37
CA ASN PA 122 60.83 68.50 -3.46
C ASN PA 122 60.95 67.52 -4.63
N ILE PA 123 61.16 66.24 -4.32
CA ILE PA 123 61.23 65.24 -5.39
C ILE PA 123 59.88 65.09 -6.06
N VAL PA 124 58.79 65.22 -5.30
CA VAL PA 124 57.46 65.17 -5.90
C VAL PA 124 57.27 66.35 -6.87
N GLU PA 125 57.72 67.53 -6.46
CA GLU PA 125 57.62 68.70 -7.34
C GLU PA 125 58.46 68.52 -8.60
N CYS PA 126 59.67 67.98 -8.46
CA CYS PA 126 60.51 67.75 -9.63
C CYS PA 126 59.88 66.71 -10.55
N MET PA 127 59.27 65.68 -9.98
CA MET PA 127 58.59 64.68 -10.80
C MET PA 127 57.41 65.30 -11.53
N ARG PA 128 56.69 66.22 -10.88
CA ARG PA 128 55.60 66.92 -11.56
C ARG PA 128 56.11 67.74 -12.73
N CYS PA 129 57.22 68.47 -12.52
CA CYS PA 129 57.79 69.26 -13.61
C CYS PA 129 58.26 68.37 -14.76
N LEU PA 130 58.90 67.25 -14.43
CA LEU PA 130 59.34 66.31 -15.46
C LEU PA 130 58.15 65.73 -16.21
N LYS PA 131 57.07 65.42 -15.49
CA LYS PA 131 55.87 64.90 -16.14
C LYS PA 131 55.29 65.92 -17.10
N GLU PA 132 55.24 67.20 -16.69
CA GLU PA 132 54.76 68.23 -17.59
C GLU PA 132 55.62 68.32 -18.84
N GLU PA 133 56.94 68.32 -18.65
CA GLU PA 133 57.85 68.42 -19.81
C GLU PA 133 57.70 67.23 -20.74
N ALA PA 134 57.55 66.03 -20.18
CA ALA PA 134 57.41 64.84 -21.01
C ALA PA 134 56.08 64.83 -21.75
N LEU PA 135 54.99 65.22 -21.08
CA LEU PA 135 53.70 65.24 -21.75
C LEU PA 135 53.66 66.28 -22.86
N SER PA 136 54.35 67.41 -22.68
CA SER PA 136 54.33 68.44 -23.71
C SER PA 136 54.96 67.98 -25.02
N LEU PA 137 55.76 66.93 -24.99
CA LEU PA 137 56.47 66.48 -26.18
C LEU PA 137 55.79 65.32 -26.90
N MET PA 138 54.61 64.91 -26.43
CA MET PA 138 53.90 63.79 -27.05
C MET PA 138 52.43 64.13 -27.16
N SER PA 139 51.72 63.37 -27.98
CA SER PA 139 50.31 63.61 -28.25
C SER PA 139 49.44 62.86 -27.24
N GLU PA 140 48.16 63.21 -27.23
CA GLU PA 140 47.21 62.52 -26.38
C GLU PA 140 46.96 61.11 -26.91
N GLU PA 141 46.40 60.26 -26.05
CA GLU PA 141 46.26 58.83 -26.29
C GLU PA 141 47.59 58.14 -26.51
N ASP PA 142 48.69 58.86 -26.29
CA ASP PA 142 50.04 58.34 -26.46
C ASP PA 142 50.83 58.60 -25.19
N ALA PA 143 50.41 59.62 -24.44
CA ALA PA 143 51.06 60.01 -23.20
C ALA PA 143 50.27 59.62 -21.96
N LEU PA 144 49.25 58.77 -22.11
CA LEU PA 144 48.46 58.35 -20.95
C LEU PA 144 49.29 57.49 -20.01
N GLU PA 145 50.00 56.50 -20.56
CA GLU PA 145 50.81 55.61 -19.73
C GLU PA 145 51.97 56.36 -19.09
N VAL PA 146 52.55 57.31 -19.81
CA VAL PA 146 53.68 58.08 -19.27
C VAL PA 146 53.23 58.90 -18.08
N SER PA 147 52.09 59.59 -18.21
CA SER PA 147 51.55 60.36 -17.09
C SER PA 147 51.18 59.44 -15.93
N ALA PA 148 50.66 58.25 -16.25
CA ALA PA 148 50.33 57.30 -15.20
C ALA PA 148 51.57 56.86 -14.43
N TYR PA 149 52.68 56.63 -15.13
CA TYR PA 149 53.90 56.20 -14.47
C TYR PA 149 54.50 57.34 -13.65
N PHE PA 150 54.42 58.57 -14.15
CA PHE PA 150 54.88 59.71 -13.37
C PHE PA 150 54.06 59.86 -12.09
N ASP PA 151 52.73 59.70 -12.20
CA ASP PA 151 51.88 59.72 -11.03
C ASP PA 151 52.22 58.58 -10.08
N TYR PA 152 52.61 57.42 -10.63
CA TYR PA 152 53.03 56.30 -9.78
C TYR PA 152 54.25 56.65 -8.97
N VAL PA 153 55.24 57.30 -9.60
CA VAL PA 153 56.44 57.72 -8.87
C VAL PA 153 56.07 58.72 -7.79
N MET PA 154 55.24 59.71 -8.15
CA MET PA 154 54.86 60.73 -7.17
C MET PA 154 54.10 60.11 -6.00
N ARG PA 155 53.20 59.16 -6.28
CA ARG PA 155 52.46 58.50 -5.22
C ARG PA 155 53.36 57.68 -4.32
N SER PA 156 54.35 57.00 -4.90
CA SER PA 156 55.30 56.27 -4.07
C SER PA 156 56.08 57.23 -3.16
N LEU PA 157 56.43 58.41 -3.68
CA LEU PA 157 57.15 59.38 -2.87
C LEU PA 157 56.27 59.93 -1.75
N SER PA 158 55.00 60.19 -2.04
CA SER PA 158 54.10 60.77 -1.06
C SER PA 158 53.48 59.69 -0.17
N MET QA 1 60.23 35.57 -12.41
CA MET QA 1 60.53 35.25 -13.80
C MET QA 1 60.76 36.50 -14.62
N GLN QA 2 61.24 36.31 -15.84
CA GLN QA 2 61.40 37.39 -16.81
C GLN QA 2 60.92 36.92 -18.16
N ASP QA 3 60.46 37.86 -18.96
CA ASP QA 3 60.17 37.61 -20.36
C ASP QA 3 61.22 38.32 -21.22
N ALA QA 4 61.02 38.32 -22.53
CA ALA QA 4 61.99 38.97 -23.41
C ALA QA 4 62.16 40.44 -23.08
N ILE QA 5 61.06 41.15 -22.85
CA ILE QA 5 61.13 42.58 -22.55
C ILE QA 5 61.87 42.81 -21.24
N THR QA 6 61.53 42.03 -20.22
CA THR QA 6 62.17 42.19 -18.91
C THR QA 6 63.65 41.83 -18.98
N ALA QA 7 64.00 40.80 -19.76
CA ALA QA 7 65.42 40.45 -19.93
C ALA QA 7 66.20 41.58 -20.58
N LEU QA 8 65.63 42.17 -21.64
CA LEU QA 8 66.29 43.31 -22.28
C LEU QA 8 66.41 44.48 -21.32
N ILE QA 9 65.36 44.73 -20.54
CA ILE QA 9 65.38 45.82 -19.56
C ILE QA 9 66.47 45.59 -18.54
N ASN QA 10 66.61 44.35 -18.05
CA ASN QA 10 67.64 44.04 -17.08
C ASN QA 10 69.03 44.24 -17.65
N SER QA 11 69.26 43.75 -18.87
CA SER QA 11 70.57 43.90 -19.49
C SER QA 11 70.91 45.36 -19.71
N SER QA 12 69.90 46.18 -20.04
CA SER QA 12 70.16 47.61 -20.23
C SER QA 12 70.36 48.32 -18.90
N ASP QA 13 69.61 47.92 -17.87
CA ASP QA 13 69.65 48.60 -16.58
C ASP QA 13 70.91 48.30 -15.80
N VAL QA 14 71.49 47.11 -15.99
CA VAL QA 14 72.78 46.83 -15.35
C VAL QA 14 73.83 47.82 -15.86
N GLN QA 15 73.75 48.17 -17.14
CA GLN QA 15 74.62 49.19 -17.71
C GLN QA 15 74.15 50.61 -17.42
N GLY QA 16 72.93 50.77 -16.93
CA GLY QA 16 72.39 52.09 -16.64
C GLY QA 16 72.16 52.95 -17.86
N ARG QA 17 71.60 52.40 -18.92
CA ARG QA 17 71.37 53.15 -20.14
C ARG QA 17 70.15 52.59 -20.86
N TYR QA 18 69.56 53.42 -21.71
CA TYR QA 18 68.37 53.03 -22.45
C TYR QA 18 68.66 51.85 -23.37
N LEU QA 19 67.61 51.27 -23.92
CA LEU QA 19 67.76 50.15 -24.83
C LEU QA 19 68.44 50.62 -26.11
N ASP QA 20 69.59 50.02 -26.42
CA ASP QA 20 70.30 50.34 -27.64
C ASP QA 20 69.56 49.79 -28.85
N PRO QA 21 69.90 50.24 -30.06
CA PRO QA 21 69.13 49.79 -31.24
C PRO QA 21 69.08 48.29 -31.41
N SER QA 22 70.12 47.55 -31.00
CA SER QA 22 70.06 46.10 -31.08
C SER QA 22 68.98 45.54 -30.16
N SER QA 23 68.89 46.07 -28.94
CA SER QA 23 67.84 45.60 -28.02
C SER QA 23 66.46 45.94 -28.55
N LEU QA 24 66.31 47.13 -29.16
CA LEU QA 24 65.03 47.48 -29.75
C LEU QA 24 64.69 46.57 -30.93
N ASP QA 25 65.69 46.18 -31.70
CA ASP QA 25 65.45 45.24 -32.79
C ASP QA 25 64.99 43.89 -32.24
N LYS QA 26 65.62 43.41 -31.18
CA LYS QA 26 65.19 42.16 -30.57
C LYS QA 26 63.79 42.28 -30.00
N LEU QA 27 63.46 43.42 -29.42
CA LEU QA 27 62.12 43.66 -28.91
C LEU QA 27 61.09 43.62 -30.03
N GLN QA 28 61.40 44.26 -31.16
CA GLN QA 28 60.49 44.21 -32.30
C GLN QA 28 60.34 42.80 -32.84
N ASN QA 29 61.43 42.03 -32.86
CA ASN QA 29 61.34 40.65 -33.29
C ASN QA 29 60.42 39.84 -32.39
N TYR QA 30 60.53 40.04 -31.08
CA TYR QA 30 59.64 39.35 -30.14
C TYR QA 30 58.20 39.77 -30.36
N PHE QA 31 57.96 41.07 -30.55
CA PHE QA 31 56.61 41.56 -30.77
C PHE QA 31 56.00 40.94 -32.03
N GLN QA 32 56.80 40.82 -33.09
CA GLN QA 32 56.31 40.18 -34.31
C GLN QA 32 56.02 38.70 -34.08
N SER QA 33 56.89 38.01 -33.35
CA SER QA 33 56.68 36.59 -33.10
C SER QA 33 55.57 36.30 -32.10
N GLY QA 34 55.03 37.35 -31.46
CA GLY QA 34 53.98 37.14 -30.47
C GLY QA 34 52.76 36.41 -31.00
N ASP QA 35 52.36 36.68 -32.24
CA ASP QA 35 51.18 36.02 -32.79
C ASP QA 35 51.40 34.52 -32.94
N MET QA 36 52.55 34.13 -33.48
CA MET QA 36 52.88 32.71 -33.58
C MET QA 36 52.96 32.07 -32.21
N ARG QA 37 53.52 32.79 -31.24
CA ARG QA 37 53.60 32.26 -29.88
C ARG QA 37 52.21 32.03 -29.30
N ALA QA 38 51.29 32.96 -29.54
CA ALA QA 38 49.92 32.80 -29.04
C ALA QA 38 49.24 31.60 -29.69
N LYS QA 39 49.41 31.43 -31.00
CA LYS QA 39 48.81 30.29 -31.67
C LYS QA 39 49.37 28.97 -31.15
N THR QA 40 50.69 28.91 -30.94
CA THR QA 40 51.29 27.70 -30.40
C THR QA 40 50.79 27.42 -28.99
N ALA QA 41 50.67 28.46 -28.17
CA ALA QA 41 50.16 28.27 -26.82
C ALA QA 41 48.74 27.73 -26.83
N ILE QA 42 47.90 28.26 -27.72
CA ILE QA 42 46.52 27.77 -27.84
C ILE QA 42 46.51 26.30 -28.23
N ALA QA 43 47.34 25.93 -29.22
CA ALA QA 43 47.36 24.54 -29.67
C ALA QA 43 47.82 23.60 -28.56
N VAL QA 44 48.88 23.97 -27.84
CA VAL QA 44 49.39 23.12 -26.77
C VAL QA 44 48.38 23.03 -25.64
N SER QA 45 47.70 24.14 -25.34
CA SER QA 45 46.65 24.11 -24.33
C SER QA 45 45.54 23.15 -24.71
N ALA QA 46 45.16 23.16 -26.00
CA ALA QA 46 44.11 22.27 -26.45
C ALA QA 46 44.51 20.80 -26.45
N ASN QA 47 45.79 20.50 -26.69
CA ASN QA 47 46.19 19.10 -26.84
C ASN QA 47 47.15 18.63 -25.74
N ALA QA 48 47.15 19.29 -24.58
CA ALA QA 48 48.09 18.94 -23.52
C ALA QA 48 47.94 17.48 -23.07
N LYS QA 49 46.69 17.04 -22.85
CA LYS QA 49 46.50 15.68 -22.36
C LYS QA 49 46.99 14.65 -23.36
N ASN QA 50 46.68 14.85 -24.65
CA ASN QA 50 47.17 13.93 -25.67
C ASN QA 50 48.68 13.97 -25.77
N ILE QA 51 49.28 15.15 -25.62
CA ILE QA 51 50.73 15.27 -25.69
C ILE QA 51 51.37 14.44 -24.60
N VAL QA 52 50.87 14.55 -23.38
CA VAL QA 52 51.44 13.79 -22.27
C VAL QA 52 51.18 12.30 -22.44
N THR QA 53 50.00 11.94 -22.94
CA THR QA 53 49.69 10.54 -23.18
C THR QA 53 50.67 9.92 -24.18
N LYS QA 54 50.91 10.62 -25.30
CA LYS QA 54 51.82 10.11 -26.31
C LYS QA 54 53.26 10.08 -25.79
N THR QA 55 53.64 11.09 -25.01
CA THR QA 55 54.98 11.10 -24.42
C THR QA 55 55.20 9.88 -23.54
N VAL QA 56 54.27 9.61 -22.64
CA VAL QA 56 54.41 8.46 -21.75
C VAL QA 56 54.38 7.17 -22.55
N ALA QA 57 53.51 7.09 -23.54
CA ALA QA 57 53.38 5.85 -24.32
C ALA QA 57 54.67 5.54 -25.07
N LYS QA 58 55.29 6.55 -25.68
CA LYS QA 58 56.48 6.32 -26.49
C LYS QA 58 57.77 6.43 -25.70
N SER QA 59 57.73 6.78 -24.43
CA SER QA 59 58.95 6.98 -23.67
C SER QA 59 59.08 6.07 -22.46
N LEU QA 60 58.02 5.85 -21.70
CA LEU QA 60 58.12 5.16 -20.42
C LEU QA 60 57.33 3.87 -20.32
N LEU QA 61 56.32 3.67 -21.16
CA LEU QA 61 55.47 2.49 -21.02
C LEU QA 61 56.21 1.23 -21.48
N TYR QA 62 55.87 0.11 -20.85
CA TYR QA 62 56.39 -1.20 -21.20
C TYR QA 62 57.90 -1.26 -21.07
N THR QA 63 58.42 -0.62 -20.03
CA THR QA 63 59.82 -0.71 -19.65
C THR QA 63 59.90 -1.20 -18.21
N ASP QA 64 61.14 -1.29 -17.69
CA ASP QA 64 61.30 -1.67 -16.30
C ASP QA 64 60.85 -0.60 -15.34
N ILE QA 65 60.57 0.62 -15.83
CA ILE QA 65 60.14 1.69 -14.95
C ILE QA 65 58.73 1.44 -14.42
N THR QA 66 57.84 0.97 -15.29
CA THR QA 66 56.46 0.72 -14.88
C THR QA 66 56.27 -0.65 -14.26
N ALA QA 67 57.25 -1.55 -14.38
CA ALA QA 67 57.16 -2.85 -13.76
C ALA QA 67 57.31 -2.73 -12.24
N PRO QA 68 56.89 -3.74 -11.49
CA PRO QA 68 57.08 -3.69 -10.03
C PRO QA 68 58.54 -3.51 -9.68
N GLY QA 69 58.79 -2.66 -8.69
CA GLY QA 69 60.13 -2.26 -8.33
C GLY QA 69 60.67 -1.09 -9.11
N GLY QA 70 59.99 -0.68 -10.18
CA GLY QA 70 60.39 0.49 -10.93
C GLY QA 70 59.87 1.75 -10.27
N MEN QA 71 60.18 2.90 -10.83
CA MEN QA 71 59.82 4.16 -10.18
C MEN QA 71 58.46 4.67 -10.63
O MEN QA 71 57.93 5.61 -10.05
CB MEN QA 71 60.89 5.22 -10.45
CG MEN QA 71 60.80 6.39 -9.50
OD1 MEN QA 71 60.69 7.54 -9.87
ND2 MEN QA 71 60.85 6.07 -8.19
CE2 MEN QA 71 60.77 7.08 -7.16
N MET QA 72 57.90 4.05 -11.66
CA MET QA 72 56.57 4.44 -12.12
C MET QA 72 55.55 3.40 -11.71
N TYR QA 73 56.02 2.36 -11.01
CA TYR QA 73 55.11 1.41 -10.41
C TYR QA 73 54.30 2.08 -9.32
N THR QA 74 53.13 1.50 -9.01
CA THR QA 74 52.14 2.06 -8.11
C THR QA 74 51.43 3.23 -8.77
N CYS QA 75 50.10 3.31 -8.62
CA CYS QA 75 49.34 4.36 -9.28
C CYS QA 75 49.77 5.75 -8.82
N ARG QA 76 50.19 5.88 -7.56
CA ARG QA 76 50.63 7.19 -7.07
C ARG QA 76 51.86 7.67 -7.81
N ARG QA 77 52.84 6.80 -8.02
CA ARG QA 77 54.05 7.21 -8.72
C ARG QA 77 53.80 7.47 -10.19
N TYR QA 78 52.92 6.67 -10.80
CA TYR QA 78 52.54 6.92 -12.19
C TYR QA 78 51.89 8.29 -12.33
N ALA QA 79 50.96 8.59 -11.42
CA ALA QA 79 50.30 9.89 -11.45
C ALA QA 79 51.28 11.02 -11.19
N ALA QA 80 52.26 10.79 -10.32
CA ALA QA 80 53.28 11.81 -10.06
C ALA QA 80 54.14 12.07 -11.28
N CYS QA 81 54.53 11.02 -12.00
CA CYS QA 81 55.29 11.22 -13.23
C CYS QA 81 54.46 11.95 -14.28
N VAL QA 82 53.19 11.58 -14.42
CA VAL QA 82 52.31 12.27 -15.37
C VAL QA 82 52.16 13.74 -14.98
N ARG QA 83 52.06 14.01 -13.68
CA ARG QA 83 51.95 15.38 -13.21
C ARG QA 83 53.23 16.17 -13.49
N ASP QA 84 54.39 15.53 -13.33
CA ASP QA 84 55.64 16.20 -13.65
C ASP QA 84 55.73 16.53 -15.13
N LEU QA 85 55.29 15.61 -15.98
CA LEU QA 85 55.27 15.87 -17.42
C LEU QA 85 54.30 16.99 -17.76
N ASP QA 86 53.16 17.03 -17.08
CA ASP QA 86 52.23 18.14 -17.23
C ASP QA 86 52.89 19.46 -16.85
N TYR QA 87 53.62 19.47 -15.75
CA TYR QA 87 54.35 20.66 -15.34
C TYR QA 87 55.34 21.09 -16.42
N PHE QA 88 56.08 20.13 -16.96
CA PHE QA 88 57.08 20.46 -17.98
C PHE QA 88 56.42 21.08 -19.19
N LEU QA 89 55.32 20.49 -19.65
CA LEU QA 89 54.64 21.02 -20.83
C LEU QA 89 54.08 22.40 -20.57
N ARG QA 90 53.41 22.59 -19.43
CA ARG QA 90 52.79 23.88 -19.14
C ARG QA 90 53.83 24.98 -18.99
N TYR QA 91 54.92 24.70 -18.29
CA TYR QA 91 55.92 25.74 -18.10
C TYR QA 91 56.75 25.98 -19.35
N ALA QA 92 56.90 24.96 -20.21
CA ALA QA 92 57.50 25.21 -21.51
C ALA QA 92 56.61 26.12 -22.34
N THR QA 93 55.29 25.93 -22.27
CA THR QA 93 54.38 26.84 -22.95
C THR QA 93 54.48 28.26 -22.38
N TYR QA 94 54.58 28.36 -21.06
CA TYR QA 94 54.77 29.67 -20.43
C TYR QA 94 56.03 30.35 -20.94
N ALA QA 95 57.14 29.60 -20.98
CA ALA QA 95 58.41 30.16 -21.43
C ALA QA 95 58.33 30.55 -22.90
N MET QA 96 57.65 29.75 -23.72
CA MET QA 96 57.50 30.09 -25.12
C MET QA 96 56.70 31.38 -25.29
N LEU QA 97 55.64 31.54 -24.51
CA LEU QA 97 54.87 32.78 -24.56
C LEU QA 97 55.71 33.96 -24.10
N ALA QA 98 56.53 33.77 -23.07
CA ALA QA 98 57.34 34.85 -22.54
C ALA QA 98 58.51 35.19 -23.45
N GLY QA 99 59.03 34.21 -24.18
CA GLY QA 99 60.24 34.40 -24.94
C GLY QA 99 61.52 34.24 -24.14
N ASP QA 100 61.41 33.84 -22.88
CA ASP QA 100 62.57 33.69 -22.00
C ASP QA 100 62.44 32.38 -21.24
N THR QA 101 63.58 31.83 -20.83
CA THR QA 101 63.64 30.56 -20.14
C THR QA 101 63.74 30.71 -18.62
N SER QA 102 63.61 31.93 -18.10
CA SER QA 102 63.79 32.14 -16.66
C SER QA 102 62.69 31.47 -15.85
N ILE QA 103 61.49 31.33 -16.42
CA ILE QA 103 60.41 30.66 -15.68
C ILE QA 103 60.77 29.20 -15.45
N LEU QA 104 61.43 28.57 -16.42
CA LEU QA 104 61.86 27.19 -16.24
C LEU QA 104 62.91 27.08 -15.15
N ASP QA 105 63.88 27.99 -15.13
CA ASP QA 105 64.91 27.94 -14.10
C ASP QA 105 64.31 28.18 -12.71
N GLU QA 106 63.42 29.15 -12.59
CA GLU QA 106 62.91 29.53 -11.28
C GLU QA 106 61.91 28.50 -10.76
N ARG QA 107 61.01 28.03 -11.60
CA ARG QA 107 59.89 27.21 -11.14
C ARG QA 107 60.10 25.72 -11.33
N ILE QA 108 60.87 25.30 -12.32
CA ILE QA 108 61.03 23.89 -12.65
C ILE QA 108 62.40 23.36 -12.22
N LEU QA 109 63.47 23.93 -12.77
CA LEU QA 109 64.80 23.37 -12.63
C LEU QA 109 65.50 23.79 -11.35
N ASN QA 110 64.88 24.62 -10.51
CA ASN QA 110 65.52 25.08 -9.29
C ASN QA 110 65.57 23.96 -8.27
N GLY QA 111 66.68 23.23 -8.22
CA GLY QA 111 66.80 22.11 -7.31
C GLY QA 111 65.99 20.90 -7.69
N LEU QA 112 65.61 20.77 -8.96
CA LEU QA 112 64.86 19.59 -9.39
C LEU QA 112 65.75 18.35 -9.40
N ARG QA 113 67.00 18.49 -9.82
CA ARG QA 113 67.89 17.34 -9.89
C ARG QA 113 68.12 16.75 -8.50
N GLU QA 114 68.31 17.60 -7.50
CA GLU QA 114 68.52 17.10 -6.14
C GLU QA 114 67.28 16.41 -5.60
N THR QA 115 66.09 16.97 -5.87
CA THR QA 115 64.86 16.32 -5.46
C THR QA 115 64.71 14.96 -6.12
N TYR QA 116 64.98 14.88 -7.42
CA TYR QA 116 64.88 13.60 -8.13
C TYR QA 116 65.88 12.60 -7.58
N ASN QA 117 67.10 13.04 -7.29
CA ASN QA 117 68.11 12.14 -6.76
C ASN QA 117 67.73 11.63 -5.37
N SER QA 118 67.17 12.51 -4.54
CA SER QA 118 66.76 12.08 -3.20
C SER QA 118 65.61 11.09 -3.28
N LEU QA 119 64.65 11.34 -4.17
CA LEU QA 119 63.53 10.41 -4.30
C LEU QA 119 63.95 9.11 -4.95
N GLY QA 120 64.85 9.18 -5.93
CA GLY QA 120 65.26 8.00 -6.66
C GLY QA 120 64.71 8.00 -8.07
N VAL QA 121 64.18 9.14 -8.50
CA VAL QA 121 63.59 9.29 -9.83
C VAL QA 121 64.69 9.22 -10.87
N PRO QA 122 64.62 8.29 -11.83
CA PRO QA 122 65.66 8.21 -12.85
C PRO QA 122 65.75 9.46 -13.71
N ILE QA 123 66.91 10.12 -13.67
CA ILE QA 123 67.09 11.36 -14.42
C ILE QA 123 67.13 11.09 -15.92
N GLY QA 124 67.81 10.02 -16.33
CA GLY QA 124 67.90 9.72 -17.75
C GLY QA 124 66.55 9.42 -18.38
N ALA QA 125 65.70 8.69 -17.66
CA ALA QA 125 64.35 8.42 -18.16
C ALA QA 125 63.56 9.72 -18.29
N THR QA 126 63.70 10.62 -17.33
CA THR QA 126 63.02 11.91 -17.42
C THR QA 126 63.50 12.73 -18.61
N ILE QA 127 64.80 12.71 -18.87
CA ILE QA 127 65.34 13.42 -20.02
C ILE QA 127 64.81 12.83 -21.32
N ARG QA 128 64.74 11.50 -21.40
CA ARG QA 128 64.17 10.86 -22.58
C ARG QA 128 62.70 11.22 -22.73
N SER QA 129 61.98 11.32 -21.61
CA SER QA 129 60.58 11.73 -21.67
C SER QA 129 60.45 13.15 -22.18
N VAL QA 130 61.34 14.05 -21.75
CA VAL QA 130 61.29 15.43 -22.22
C VAL QA 130 61.57 15.50 -23.71
N GLN QA 131 62.54 14.70 -24.19
CA GLN QA 131 62.81 14.68 -25.62
C GLN QA 131 61.64 14.12 -26.41
N ALA QA 132 61.00 13.06 -25.90
CA ALA QA 132 59.81 12.52 -26.55
C ALA QA 132 58.68 13.54 -26.57
N MET QA 133 58.52 14.30 -25.49
CA MET QA 133 57.53 15.37 -25.45
C MET QA 133 57.83 16.43 -26.50
N LYS QA 134 59.10 16.77 -26.67
CA LYS QA 134 59.47 17.72 -27.71
C LYS QA 134 59.10 17.17 -29.09
N GLU QA 135 59.35 15.89 -29.32
CA GLU QA 135 58.98 15.28 -30.61
C GLU QA 135 57.48 15.33 -30.83
N VAL QA 136 56.70 15.03 -29.80
CA VAL QA 136 55.24 15.03 -29.93
C VAL QA 136 54.73 16.44 -30.21
N VAL QA 137 55.25 17.42 -29.49
CA VAL QA 137 54.82 18.80 -29.70
C VAL QA 137 55.19 19.26 -31.10
N THR QA 138 56.38 18.88 -31.58
CA THR QA 138 56.77 19.23 -32.94
C THR QA 138 55.83 18.60 -33.96
N SER QA 139 55.47 17.34 -33.76
CA SER QA 139 54.55 16.69 -34.68
C SER QA 139 53.18 17.33 -34.64
N LEU QA 140 52.80 17.92 -33.50
CA LEU QA 140 51.48 18.52 -33.40
C LEU QA 140 51.43 19.92 -34.02
N VAL QA 141 52.37 20.80 -33.64
CA VAL QA 141 52.28 22.21 -33.99
C VAL QA 141 53.02 22.56 -35.26
N GLY QA 142 53.90 21.71 -35.76
CA GLY QA 142 54.65 22.02 -36.96
C GLY QA 142 56.14 22.08 -36.75
N ALA QA 143 56.87 22.63 -37.71
CA ALA QA 143 58.32 22.66 -37.63
C ALA QA 143 58.83 23.93 -36.96
N ASP QA 144 58.30 25.09 -37.34
CA ASP QA 144 58.77 26.34 -36.77
C ASP QA 144 58.38 26.46 -35.30
N ALA QA 145 57.07 26.40 -35.02
CA ALA QA 145 56.62 26.37 -33.64
C ALA QA 145 57.15 25.16 -32.90
N GLY QA 146 57.34 24.05 -33.63
CA GLY QA 146 57.92 22.87 -33.01
C GLY QA 146 59.30 23.13 -32.44
N ARG QA 147 60.17 23.78 -33.22
CA ARG QA 147 61.50 24.08 -32.72
C ARG QA 147 61.48 25.22 -31.71
N GLU QA 148 60.52 26.13 -31.83
CA GLU QA 148 60.38 27.18 -30.83
C GLU QA 148 60.09 26.58 -29.46
N MET QA 149 59.18 25.61 -29.39
CA MET QA 149 58.94 24.92 -28.13
C MET QA 149 60.09 23.98 -27.78
N GLY QA 150 60.77 23.45 -28.79
CA GLY QA 150 61.88 22.55 -28.54
C GLY QA 150 63.06 23.25 -27.89
N VAL QA 151 63.19 24.56 -28.09
CA VAL QA 151 64.23 25.30 -27.40
C VAL QA 151 64.06 25.16 -25.89
N TYR QA 152 62.84 25.37 -25.40
CA TYR QA 152 62.59 25.30 -23.97
C TYR QA 152 62.56 23.87 -23.48
N PHE QA 153 62.09 22.93 -24.30
CA PHE QA 153 62.19 21.52 -23.92
C PHE QA 153 63.65 21.11 -23.76
N ASP QA 154 64.51 21.55 -24.67
CA ASP QA 154 65.94 21.27 -24.56
C ASP QA 154 66.55 21.97 -23.36
N HIS QA 155 66.08 23.16 -23.03
CA HIS QA 155 66.56 23.82 -21.82
C HIS QA 155 66.22 23.00 -20.59
N ILE QA 156 65.00 22.47 -20.53
CA ILE QA 156 64.62 21.62 -19.39
C ILE QA 156 65.50 20.37 -19.35
N ALA QA 157 65.70 19.73 -20.50
CA ALA QA 157 66.51 18.52 -20.53
C ALA QA 157 67.95 18.79 -20.12
N ALA QA 158 68.51 19.91 -20.56
CA ALA QA 158 69.88 20.25 -20.19
C ALA QA 158 69.99 20.60 -18.71
N GLY QA 159 68.98 21.28 -18.17
CA GLY QA 159 68.98 21.59 -16.75
C GLY QA 159 68.82 20.37 -15.88
N LEU QA 160 68.17 19.33 -16.41
CA LEU QA 160 68.07 18.08 -15.65
C LEU QA 160 69.37 17.30 -15.69
N SER QA 161 70.09 17.34 -16.80
CA SER QA 161 71.33 16.59 -16.93
C SER QA 161 72.50 17.33 -16.31
N MET RA 1 -17.88 60.29 25.94
CA MET RA 1 -18.51 59.12 25.35
C MET RA 1 -19.66 58.63 26.22
N ARG RA 2 -20.38 57.64 25.73
CA ARG RA 2 -21.50 57.07 26.48
C ARG RA 2 -20.99 56.24 27.65
N MET RA 3 -21.61 56.42 28.81
CA MET RA 3 -21.22 55.71 30.01
C MET RA 3 -22.46 55.09 30.66
N PHE RA 4 -22.28 53.88 31.18
CA PHE RA 4 -23.29 53.15 31.91
C PHE RA 4 -22.98 53.22 33.39
N LYS RA 5 -23.98 53.54 34.21
CA LYS RA 5 -23.85 53.42 35.66
C LYS RA 5 -24.38 52.05 36.05
N VAL RA 6 -23.49 51.17 36.49
CA VAL RA 6 -23.79 49.76 36.69
C VAL RA 6 -23.56 49.41 38.16
N THR RA 7 -24.54 48.76 38.77
CA THR RA 7 -24.42 48.18 40.10
C THR RA 7 -24.45 46.68 39.97
N ALA RA 8 -23.50 45.99 40.61
CA ALA RA 8 -23.42 44.55 40.49
C ALA RA 8 -22.85 43.95 41.77
N CYS RA 9 -23.09 42.66 41.93
CA CYS RA 9 -22.49 41.86 43.01
C CYS RA 9 -21.86 40.63 42.38
N VAL RA 10 -20.53 40.55 42.45
CA VAL RA 10 -19.80 39.51 41.74
C VAL RA 10 -18.97 38.70 42.73
N PRO RA 11 -19.55 37.72 43.41
CA PRO RA 11 -18.78 36.92 44.37
C PRO RA 11 -17.74 36.07 43.68
N SER RA 12 -16.65 35.79 44.40
CA SER RA 12 -15.58 34.96 43.88
C SER RA 12 -15.96 33.49 43.99
N GLN RA 13 -15.72 32.74 42.92
CA GLN RA 13 -16.07 31.32 42.88
C GLN RA 13 -14.91 30.42 43.26
N THR RA 14 -13.72 30.96 43.51
CA THR RA 14 -12.57 30.12 43.78
C THR RA 14 -11.73 30.64 44.94
N ARG RA 15 -12.33 31.38 45.86
CA ARG RA 15 -11.55 31.97 46.94
C ARG RA 15 -11.09 30.95 47.98
N ILE RA 16 -11.80 29.83 48.12
CA ILE RA 16 -11.33 28.78 49.03
C ILE RA 16 -10.10 28.08 48.49
N ARG RA 17 -10.04 27.81 47.18
CA ARG RA 17 -8.93 27.09 46.57
C ARG RA 17 -7.68 27.93 46.46
N THR RA 18 -7.80 29.21 46.10
CA THR RA 18 -6.64 30.08 45.97
C THR RA 18 -6.29 30.82 47.25
N GLN RA 19 -7.19 30.83 48.24
CA GLN RA 19 -7.00 31.56 49.48
C GLN RA 19 -6.66 33.02 49.21
N ARG RA 20 -7.34 33.60 48.22
CA ARG RA 20 -7.24 35.01 47.96
C ARG RA 20 -7.83 35.80 49.11
N GLU RA 21 -7.25 36.95 49.41
CA GLU RA 21 -7.78 37.80 50.47
C GLU RA 21 -9.19 38.25 50.12
N LEU RA 22 -10.03 38.38 51.14
CA LEU RA 22 -11.42 38.74 50.93
C LEU RA 22 -11.53 40.14 50.36
N GLN RA 23 -12.44 40.32 49.40
CA GLN RA 23 -12.65 41.59 48.74
C GLN RA 23 -14.14 41.90 48.72
N ASN RA 24 -14.46 43.19 48.72
CA ASN RA 24 -15.83 43.62 48.54
C ASN RA 24 -16.28 43.31 47.12
N THR RA 25 -17.42 42.66 46.98
CA THR RA 25 -17.91 42.22 45.68
C THR RA 25 -19.12 42.99 45.20
N TYR RA 26 -19.69 43.87 46.01
CA TYR RA 26 -20.84 44.69 45.62
C TYR RA 26 -20.34 46.09 45.27
N PHE RA 27 -20.48 46.46 44.00
CA PHE RA 27 -19.92 47.72 43.53
C PHE RA 27 -20.93 48.46 42.66
N THR RA 28 -20.72 49.76 42.57
CA THR RA 28 -21.40 50.63 41.61
C THR RA 28 -20.33 51.47 40.92
N LYS RA 29 -20.38 51.52 39.59
CA LYS RA 29 -19.32 52.22 38.88
C LYS RA 29 -19.80 52.63 37.50
N LEU RA 30 -19.04 53.54 36.89
CA LEU RA 30 -19.28 53.97 35.52
C LEU RA 30 -18.41 53.13 34.59
N VAL RA 31 -19.05 52.48 33.63
CA VAL RA 31 -18.37 51.64 32.64
C VAL RA 31 -18.56 52.29 31.28
N PRO RA 32 -17.50 52.46 30.49
CA PRO RA 32 -17.68 53.00 29.14
C PRO RA 32 -18.55 52.07 28.32
N TYR RA 33 -19.27 52.66 27.36
CA TYR RA 33 -20.14 51.88 26.49
C TYR RA 33 -19.34 50.80 25.75
N ASP RA 34 -18.14 51.15 25.29
CA ASP RA 34 -17.36 50.22 24.49
C ASP RA 34 -16.87 49.02 25.28
N ASN RA 35 -16.89 49.09 26.61
CA ASN RA 35 -16.46 47.99 27.44
C ASN RA 35 -17.61 47.30 28.16
N TRP RA 36 -18.83 47.80 28.01
CA TRP RA 36 -19.93 47.29 28.84
C TRP RA 36 -20.33 45.89 28.43
N PHE RA 37 -20.31 45.57 27.13
CA PHE RA 37 -20.67 44.22 26.72
C PHE RA 37 -19.72 43.20 27.32
N ARG RA 38 -18.41 43.46 27.22
CA ARG RA 38 -17.43 42.54 27.79
C ARG RA 38 -17.54 42.48 29.30
N GLU RA 39 -17.76 43.62 29.96
CA GLU RA 39 -17.89 43.62 31.42
C GLU RA 39 -19.10 42.82 31.86
N GLN RA 40 -20.24 43.00 31.17
CA GLN RA 40 -21.44 42.26 31.50
C GLN RA 40 -21.24 40.77 31.28
N GLN RA 41 -20.58 40.40 30.18
CA GLN RA 41 -20.32 38.99 29.92
C GLN RA 41 -19.42 38.40 31.01
N ARG RA 42 -18.40 39.15 31.43
CA ARG RA 42 -17.53 38.66 32.50
C ARG RA 42 -18.29 38.48 33.80
N ILE RA 43 -19.14 39.44 34.16
CA ILE RA 43 -19.92 39.31 35.38
C ILE RA 43 -20.86 38.11 35.30
N MET RA 44 -21.53 37.94 34.17
CA MET RA 44 -22.42 36.79 33.99
C MET RA 44 -21.67 35.48 34.11
N LYS RA 45 -20.50 35.38 33.47
CA LYS RA 45 -19.74 34.14 33.50
C LYS RA 45 -19.08 33.88 34.84
N MET RA 46 -18.95 34.90 35.69
CA MET RA 46 -18.46 34.69 37.05
C MET RA 46 -19.57 34.34 38.03
N GLY RA 47 -20.80 34.23 37.56
CA GLY RA 47 -21.93 33.97 38.44
C GLY RA 47 -22.48 35.19 39.14
N GLY RA 48 -21.96 36.37 38.87
CA GLY RA 48 -22.46 37.56 39.51
C GLY RA 48 -23.82 37.96 38.99
N LYS RA 49 -24.42 38.93 39.66
CA LYS RA 49 -25.74 39.44 39.32
C LYS RA 49 -25.64 40.93 39.03
N ILE RA 50 -26.15 41.33 37.88
CA ILE RA 50 -26.24 42.75 37.53
C ILE RA 50 -27.53 43.29 38.09
N VAL RA 51 -27.44 44.25 39.00
CA VAL RA 51 -28.58 44.75 39.75
C VAL RA 51 -29.25 45.89 38.99
N LYS RA 52 -28.49 46.93 38.68
CA LYS RA 52 -29.03 48.12 38.05
C LYS RA 52 -28.12 48.58 36.92
N VAL RA 53 -28.72 48.96 35.80
CA VAL RA 53 -28.00 49.55 34.67
C VAL RA 53 -28.72 50.82 34.26
N GLN RA 54 -27.98 51.91 34.17
CA GLN RA 54 -28.51 53.18 33.68
C GLN RA 54 -27.53 53.74 32.65
N LEU RA 55 -28.08 54.46 31.67
CA LEU RA 55 -27.24 55.19 30.72
C LEU RA 55 -26.87 56.51 31.36
N ALA RA 56 -25.78 56.49 32.13
CA ALA RA 56 -25.37 57.68 32.87
C ALA RA 56 -25.01 58.82 31.93
N THR RA 57 -24.27 58.52 30.87
CA THR RA 57 -23.80 59.55 29.94
C THR RA 57 -24.18 59.17 28.52
N GLY RA 58 -24.76 60.11 27.81
CA GLY RA 58 -25.22 59.91 26.45
C GLY RA 58 -26.72 59.92 26.34
N LYS RA 59 -27.19 59.93 25.09
CA LYS RA 59 -28.62 59.89 24.83
C LYS RA 59 -28.98 58.66 24.02
N PRO RA 60 -30.10 58.01 24.32
CA PRO RA 60 -30.51 56.85 23.54
C PRO RA 60 -30.84 57.22 22.10
N GLY RA 61 -30.49 56.33 21.19
CA GLY RA 61 -30.81 56.52 19.79
C GLY RA 61 -30.01 57.58 19.07
N MET RA 62 -28.95 58.08 19.69
CA MET RA 62 -28.13 59.10 19.03
C MET RA 62 -27.38 58.48 17.86
N ASN RA 63 -27.34 59.20 16.74
CA ASN RA 63 -26.69 58.68 15.54
C ASN RA 63 -25.24 59.13 15.44
N THR RA 64 -24.94 60.37 15.82
CA THR RA 64 -23.60 60.90 15.78
C THR RA 64 -23.31 61.64 17.08
N GLY RA 65 -22.05 62.02 17.26
CA GLY RA 65 -21.64 62.66 18.49
C GLY RA 65 -21.40 61.72 19.64
N LEU RA 66 -21.08 60.45 19.35
CA LEU RA 66 -20.78 59.51 20.42
C LEU RA 66 -19.43 59.79 21.05
N LEU RA 67 -18.50 60.35 20.29
CA LEU RA 67 -17.17 60.65 20.79
C LEU RA 67 -17.20 61.81 21.79
N SER SA 2 32.75 37.16 -15.70
CA SER SA 2 32.97 38.40 -16.45
C SER SA 2 34.38 38.91 -16.26
N ILE SA 3 34.99 39.39 -17.34
CA ILE SA 3 36.36 39.88 -17.27
C ILE SA 3 36.42 41.17 -16.47
N VAL SA 4 35.34 41.95 -16.45
CA VAL SA 4 35.30 43.15 -15.63
C VAL SA 4 35.37 42.80 -14.16
N THR SA 5 34.61 41.78 -13.74
CA THR SA 5 34.71 41.31 -12.37
C THR SA 5 36.10 40.78 -12.08
N GLU SA 6 36.72 40.12 -13.06
CA GLU SA 6 38.08 39.61 -12.88
C GLU SA 6 39.05 40.75 -12.61
N LEU SA 7 38.96 41.83 -13.38
CA LEU SA 7 39.84 42.98 -13.17
C LEU SA 7 39.57 43.63 -11.83
N ILE SA 8 38.30 43.80 -11.47
CA ILE SA 8 37.95 44.45 -10.21
C ILE SA 8 38.48 43.63 -9.04
N LEU SA 9 38.31 42.31 -9.08
CA LEU SA 9 38.78 41.46 -7.99
C LEU SA 9 40.29 41.37 -7.94
N ASN SA 10 40.96 41.44 -9.09
CA ASN SA 10 42.42 41.50 -9.09
C ASN SA 10 42.91 42.77 -8.41
N ALA SA 11 42.27 43.91 -8.71
CA ALA SA 11 42.64 45.14 -8.04
C ALA SA 11 42.32 45.08 -6.55
N ASP SA 12 41.19 44.48 -6.20
CA ASP SA 12 40.78 44.41 -4.80
C ASP SA 12 41.70 43.53 -3.99
N SER SA 13 42.21 42.43 -4.57
CA SER SA 13 43.10 41.55 -3.83
C SER SA 13 44.37 42.28 -3.42
N GLU SA 14 44.81 43.25 -4.21
CA GLU SA 14 45.96 44.07 -3.87
C GLU SA 14 45.58 45.36 -3.18
N SER SA 15 44.28 45.58 -2.94
CA SER SA 15 43.77 46.77 -2.24
C SER SA 15 44.26 48.05 -2.91
N ARG SA 16 44.19 48.08 -4.24
CA ARG SA 16 44.63 49.21 -5.02
C ARG SA 16 43.61 49.49 -6.11
N TYR SA 17 43.61 50.73 -6.59
CA TYR SA 17 42.74 51.08 -7.70
C TYR SA 17 43.18 50.34 -8.95
N PRO SA 18 42.27 50.14 -9.90
CA PRO SA 18 42.66 49.49 -11.16
C PRO SA 18 43.82 50.22 -11.84
N ALA SA 19 44.86 49.45 -12.16
CA ALA SA 19 46.03 50.00 -12.81
C ALA SA 19 45.73 50.35 -14.26
N PRO SA 20 46.54 51.20 -14.88
CA PRO SA 20 46.30 51.55 -16.28
C PRO SA 20 46.28 50.36 -17.23
N LYS SA 21 47.06 49.32 -16.94
CA LYS SA 21 47.00 48.10 -17.75
C LYS SA 21 45.61 47.46 -17.67
N GLU SA 22 45.06 47.37 -16.45
CA GLU SA 22 43.74 46.81 -16.28
C GLU SA 22 42.67 47.66 -16.96
N ILE SA 23 42.83 48.99 -16.89
CA ILE SA 23 41.90 49.88 -17.58
C ILE SA 23 41.99 49.67 -19.09
N GLN SA 24 43.20 49.44 -19.60
CA GLN SA 24 43.36 49.16 -21.03
C GLN SA 24 42.66 47.87 -21.41
N VAL SA 25 42.80 46.83 -20.58
CA VAL SA 25 42.10 45.57 -20.84
C VAL SA 25 40.60 45.79 -20.84
N TYR SA 26 40.11 46.57 -19.87
CA TYR SA 26 38.70 46.85 -19.77
C TYR SA 26 38.19 47.59 -21.00
N GLN SA 27 38.94 48.56 -21.49
CA GLN SA 27 38.52 49.31 -22.67
C GLN SA 27 38.50 48.43 -23.91
N ASN SA 28 39.51 47.57 -24.07
CA ASN SA 28 39.50 46.65 -25.20
C ASN SA 28 38.30 45.72 -25.14
N PHE SA 29 37.97 45.20 -23.96
CA PHE SA 29 36.83 44.31 -23.84
C PHE SA 29 35.52 45.03 -24.15
N VAL SA 30 35.35 46.26 -23.64
CA VAL SA 30 34.09 46.94 -23.87
C VAL SA 30 33.98 47.39 -25.33
N LYS SA 31 35.10 47.49 -26.03
CA LYS SA 31 34.99 47.81 -27.45
C LYS SA 31 34.87 46.56 -28.33
N THR SA 32 35.17 45.38 -27.80
CA THR SA 32 34.87 44.15 -28.51
C THR SA 32 33.51 43.55 -28.14
N GLY SA 33 32.82 44.17 -27.17
CA GLY SA 33 31.50 43.70 -26.80
C GLY SA 33 30.50 43.65 -27.94
N GLU SA 34 30.65 44.54 -28.93
CA GLU SA 34 29.73 44.52 -30.05
C GLU SA 34 29.85 43.24 -30.87
N GLN SA 35 31.08 42.79 -31.12
CA GLN SA 35 31.29 41.51 -31.79
C GLN SA 35 30.85 40.34 -30.90
N ARG SA 36 31.06 40.47 -29.58
CA ARG SA 36 30.58 39.43 -28.68
C ARG SA 36 29.06 39.26 -28.75
N ILE SA 37 28.33 40.37 -28.85
CA ILE SA 37 26.87 40.29 -28.95
C ILE SA 37 26.47 39.59 -30.24
N ARG SA 38 27.18 39.87 -31.34
CA ARG SA 38 26.87 39.19 -32.59
C ARG SA 38 27.10 37.68 -32.48
N ILE SA 39 28.20 37.28 -31.84
CA ILE SA 39 28.45 35.85 -31.66
C ILE SA 39 27.37 35.22 -30.80
N ALA SA 40 26.97 35.90 -29.72
CA ALA SA 40 25.92 35.35 -28.86
C ALA SA 40 24.60 35.21 -29.60
N LYS SA 41 24.27 36.20 -30.43
CA LYS SA 41 23.06 36.11 -31.25
C LYS SA 41 23.13 34.94 -32.22
N ILE SA 42 24.30 34.73 -32.82
CA ILE SA 42 24.47 33.61 -33.74
C ILE SA 42 24.23 32.29 -33.01
N LEU SA 43 24.80 32.15 -31.82
CA LEU SA 43 24.59 30.93 -31.05
C LEU SA 43 23.13 30.75 -30.67
N ALA SA 44 22.46 31.84 -30.29
CA ALA SA 44 21.06 31.75 -29.87
C ALA SA 44 20.16 31.34 -31.02
N GLU SA 45 20.36 31.94 -32.20
CA GLU SA 45 19.46 31.71 -33.31
C GLU SA 45 19.65 30.36 -33.98
N ASN SA 46 20.82 29.74 -33.81
CA ASN SA 46 21.12 28.45 -34.40
C ASN SA 46 21.12 27.33 -33.38
N GLU SA 47 20.55 27.57 -32.19
CA GLU SA 47 20.64 26.58 -31.13
C GLU SA 47 19.96 25.28 -31.51
N GLN SA 48 18.78 25.36 -32.12
CA GLN SA 48 18.07 24.14 -32.51
C GLN SA 48 18.83 23.38 -33.58
N ARG SA 49 19.37 24.08 -34.58
CA ARG SA 49 20.14 23.42 -35.62
C ARG SA 49 21.36 22.73 -35.03
N ILE SA 50 22.08 23.44 -34.16
CA ILE SA 50 23.25 22.86 -33.52
C ILE SA 50 22.86 21.63 -32.72
N VAL SA 51 21.78 21.73 -31.95
CA VAL SA 51 21.37 20.62 -31.10
C VAL SA 51 21.00 19.40 -31.95
N GLN SA 52 20.23 19.60 -33.01
CA GLN SA 52 19.78 18.47 -33.81
C GLN SA 52 20.94 17.81 -34.53
N ASN SA 53 21.80 18.62 -35.17
CA ASN SA 53 22.93 18.05 -35.90
C ASN SA 53 23.91 17.35 -34.95
N GLY SA 54 24.21 17.98 -33.81
CA GLY SA 54 25.10 17.37 -32.85
C GLY SA 54 24.52 16.09 -32.25
N SER SA 55 23.20 16.06 -32.02
CA SER SA 55 22.58 14.85 -31.53
C SER SA 55 22.66 13.74 -32.57
N ALA SA 56 22.46 14.07 -33.83
CA ALA SA 56 22.58 13.06 -34.88
C ALA SA 56 23.99 12.49 -34.92
N ARG SA 57 24.99 13.36 -34.89
CA ARG SA 57 26.37 12.89 -34.93
C ARG SA 57 26.73 12.09 -33.69
N PHE SA 58 26.28 12.55 -32.52
CA PHE SA 58 26.60 11.90 -31.26
C PHE SA 58 25.93 10.53 -31.16
N TRP SA 59 24.72 10.40 -31.69
CA TRP SA 59 24.07 9.10 -31.72
C TRP SA 59 24.67 8.20 -32.79
N GLU SA 60 25.23 8.77 -33.85
CA GLU SA 60 26.02 7.96 -34.77
C GLU SA 60 27.21 7.35 -34.05
N ARG SA 61 27.90 8.14 -33.22
CA ARG SA 61 29.05 7.62 -32.50
C ARG SA 61 28.63 6.72 -31.34
N VAL SA 62 27.64 7.13 -30.57
CA VAL SA 62 27.21 6.44 -29.36
C VAL SA 62 25.71 6.20 -29.41
N PRO SA 63 25.23 5.16 -30.08
CA PRO SA 63 23.78 4.97 -30.21
C PRO SA 63 23.12 4.45 -28.94
N ASN SA 64 23.82 3.61 -28.18
CA ASN SA 64 23.24 2.99 -26.98
C ASN SA 64 23.50 3.89 -25.78
N THR SA 65 22.67 4.91 -25.66
CA THR SA 65 22.78 5.93 -24.64
C THR SA 65 21.39 6.21 -24.10
N PRO SA 66 21.29 6.74 -22.88
CA PRO SA 66 19.95 7.00 -22.32
C PRO SA 66 19.08 7.90 -23.17
N SER SA 67 19.67 8.86 -23.88
CA SER SA 67 18.88 9.74 -24.74
C SER SA 67 18.44 9.06 -26.02
N ASN SA 68 18.91 7.86 -26.29
CA ASN SA 68 18.59 7.14 -27.52
C ASN SA 68 18.15 5.72 -27.20
N SER SA 69 17.38 5.56 -26.13
CA SER SA 69 16.89 4.26 -25.69
C SER SA 69 15.38 4.13 -25.86
N GLY SA 70 14.81 4.88 -26.80
CA GLY SA 70 13.38 4.80 -27.04
C GLY SA 70 12.52 5.50 -26.03
N ASN SA 71 13.11 6.25 -25.10
CA ASN SA 71 12.37 7.02 -24.11
C ASN SA 71 12.32 8.47 -24.59
N GLU SA 72 11.12 8.95 -24.89
CA GLU SA 72 10.98 10.31 -25.42
C GLU SA 72 11.37 11.36 -24.39
N ARG SA 73 11.02 11.12 -23.14
CA ARG SA 73 11.34 12.08 -22.07
C ARG SA 73 12.85 12.24 -21.93
N LYS SA 74 13.58 11.13 -21.97
CA LYS SA 74 15.03 11.19 -21.83
C LYS SA 74 15.68 11.90 -23.02
N THR SA 75 15.17 11.65 -24.22
CA THR SA 75 15.66 12.38 -25.39
C THR SA 75 15.43 13.87 -25.25
N ALA SA 76 14.23 14.25 -24.81
CA ALA SA 76 13.93 15.66 -24.63
C ALA SA 76 14.84 16.29 -23.57
N SER SA 77 15.07 15.57 -22.47
CA SER SA 77 15.93 16.10 -21.42
C SER SA 77 17.37 16.27 -21.90
N CYS SA 78 17.90 15.30 -22.64
CA CYS SA 78 19.26 15.42 -23.14
C CYS SA 78 19.39 16.57 -24.12
N GLN SA 79 18.43 16.72 -25.02
CA GLN SA 79 18.52 17.80 -25.99
C GLN SA 79 18.31 19.16 -25.31
N ARG SA 80 17.50 19.21 -24.26
CA ARG SA 80 17.40 20.42 -23.47
C ARG SA 80 18.73 20.74 -22.78
N ASP SA 81 19.43 19.73 -22.29
CA ASP SA 81 20.75 19.96 -21.70
C ASP SA 81 21.72 20.50 -22.73
N GLN SA 82 21.68 19.97 -23.95
CA GLN SA 82 22.53 20.48 -25.01
C GLN SA 82 22.23 21.94 -25.29
N GLY SA 83 20.95 22.29 -25.41
CA GLY SA 83 20.59 23.69 -25.58
C GLY SA 83 21.03 24.55 -24.43
N TRP SA 84 20.94 24.03 -23.20
CA TRP SA 84 21.34 24.78 -22.03
C TRP SA 84 22.82 25.07 -22.03
N TYR SA 85 23.64 24.09 -22.46
CA TYR SA 85 25.07 24.34 -22.51
C TYR SA 85 25.43 25.31 -23.62
N ILE SA 86 24.72 25.26 -24.75
CA ILE SA 86 24.92 26.30 -25.76
C ILE SA 86 24.57 27.67 -25.19
N ARG SA 87 23.50 27.74 -24.39
CA ARG SA 87 23.12 28.99 -23.74
C ARG SA 87 24.20 29.49 -22.80
N LEU SA 88 24.77 28.59 -22.00
CA LEU SA 88 25.82 28.98 -21.07
C LEU SA 88 27.07 29.44 -21.81
N ILE SA 89 27.39 28.81 -22.94
CA ILE SA 89 28.53 29.24 -23.72
C ILE SA 89 28.27 30.62 -24.33
N ALA SA 90 27.03 30.89 -24.73
CA ALA SA 90 26.70 32.24 -25.19
C ALA SA 90 26.86 33.25 -24.07
N TYR SA 91 26.43 32.90 -22.86
CA TYR SA 91 26.65 33.75 -21.70
C TYR SA 91 28.14 34.04 -21.51
N SER SA 92 28.97 33.00 -21.60
CA SER SA 92 30.40 33.18 -21.42
C SER SA 92 31.02 34.05 -22.50
N VAL SA 93 30.54 33.92 -23.74
CA VAL SA 93 31.01 34.79 -24.81
C VAL SA 93 30.67 36.24 -24.50
N LEU SA 94 29.44 36.48 -24.01
CA LEU SA 94 29.06 37.84 -23.65
C LEU SA 94 29.91 38.38 -22.51
N ALA SA 95 30.17 37.55 -21.50
CA ALA SA 95 30.88 38.02 -20.31
C ALA SA 95 32.38 38.12 -20.51
N GLY SA 96 32.92 37.53 -21.56
CA GLY SA 96 34.35 37.58 -21.82
C GLY SA 96 35.16 36.58 -21.03
N SER SA 97 34.54 35.71 -20.25
CA SER SA 97 35.25 34.70 -19.49
C SER SA 97 34.32 33.53 -19.26
N GLU SA 98 34.90 32.43 -18.77
CA GLU SA 98 34.16 31.19 -18.56
C GLU SA 98 33.38 31.19 -17.27
N LYS SA 99 33.44 32.25 -16.49
CA LYS SA 99 32.77 32.28 -15.18
C LYS SA 99 31.28 31.98 -15.24
N PRO SA 100 30.49 32.53 -16.18
CA PRO SA 100 29.07 32.12 -16.23
C PRO SA 100 28.90 30.62 -16.44
N LEU SA 101 29.62 30.07 -17.41
CA LEU SA 101 29.52 28.64 -17.68
C LEU SA 101 29.98 27.82 -16.49
N GLU SA 102 31.09 28.22 -15.87
CA GLU SA 102 31.61 27.47 -14.72
C GLU SA 102 30.64 27.51 -13.56
N GLU SA 103 30.07 28.69 -13.27
CA GLU SA 103 29.21 28.82 -12.10
C GLU SA 103 27.84 28.20 -12.32
N ILE SA 104 27.37 28.13 -13.57
CA ILE SA 104 26.03 27.63 -13.80
C ILE SA 104 26.03 26.16 -14.17
N GLY SA 105 26.98 25.69 -14.98
CA GLY SA 105 26.88 24.32 -15.46
C GLY SA 105 28.14 23.49 -15.42
N THR SA 106 29.15 23.91 -14.65
CA THR SA 106 30.39 23.14 -14.55
C THR SA 106 30.69 22.68 -13.14
N ILE SA 107 30.54 23.54 -12.14
CA ILE SA 107 30.80 23.14 -10.77
C ILE SA 107 29.76 22.09 -10.37
N GLY SA 108 30.23 20.91 -9.98
CA GLY SA 108 29.33 19.85 -9.60
C GLY SA 108 28.63 19.17 -10.75
N ILE SA 109 29.13 19.32 -11.97
CA ILE SA 109 28.48 18.67 -13.12
C ILE SA 109 28.62 17.16 -13.03
N LYS SA 110 29.78 16.68 -12.61
CA LYS SA 110 29.99 15.24 -12.48
C LYS SA 110 29.06 14.65 -11.43
N GLU SA 111 28.90 15.33 -10.30
CA GLU SA 111 28.02 14.83 -9.25
C GLU SA 111 26.58 14.79 -9.73
N MET SA 112 26.12 15.84 -10.42
CA MET SA 112 24.76 15.88 -10.91
C MET SA 112 24.50 14.77 -11.91
N TYR SA 113 25.41 14.59 -12.87
CA TYR SA 113 25.19 13.58 -13.89
C TYR SA 113 25.43 12.17 -13.40
N ASN SA 114 26.21 12.00 -12.33
CA ASN SA 114 26.30 10.70 -11.69
C ASN SA 114 25.03 10.37 -10.93
N ASN SA 115 24.41 11.38 -10.33
CA ASN SA 115 23.12 11.16 -9.68
C ASN SA 115 22.05 10.79 -10.70
N LEU SA 116 22.09 11.40 -11.88
CA LEU SA 116 21.16 11.06 -12.95
C LEU SA 116 21.51 9.76 -13.65
N GLU SA 117 22.65 9.16 -13.33
CA GLU SA 117 23.11 7.92 -13.94
C GLU SA 117 23.27 8.07 -15.45
N ILE SA 118 23.80 9.22 -15.86
CA ILE SA 118 24.18 9.46 -17.25
C ILE SA 118 25.69 9.35 -17.33
N PRO SA 119 26.24 8.39 -18.07
CA PRO SA 119 27.70 8.25 -18.13
C PRO SA 119 28.36 9.49 -18.72
N LEU SA 120 29.48 9.87 -18.10
CA LEU SA 120 30.12 11.14 -18.44
C LEU SA 120 30.84 11.08 -19.78
N ARG SA 121 31.29 9.89 -20.19
CA ARG SA 121 31.93 9.75 -21.49
C ARG SA 121 30.97 10.12 -22.60
N ASN SA 122 29.71 9.71 -22.49
CA ASN SA 122 28.71 10.05 -23.49
C ASN SA 122 28.49 11.56 -23.54
N ILE SA 123 28.47 12.21 -22.38
CA ILE SA 123 28.27 13.66 -22.36
C ILE SA 123 29.46 14.37 -22.99
N VAL SA 124 30.67 13.87 -22.76
CA VAL SA 124 31.84 14.46 -23.40
C VAL SA 124 31.74 14.31 -24.91
N GLU SA 125 31.32 13.14 -25.39
CA GLU SA 125 31.17 12.94 -26.82
C GLU SA 125 30.11 13.87 -27.41
N CYS SA 126 28.99 14.03 -26.71
CA CYS SA 126 27.95 14.94 -27.19
C CYS SA 126 28.43 16.37 -27.20
N MET SA 127 29.20 16.77 -26.18
CA MET SA 127 29.77 18.12 -26.16
C MET SA 127 30.72 18.33 -27.32
N ARG SA 128 31.51 17.29 -27.66
CA ARG SA 128 32.40 17.40 -28.81
C ARG SA 128 31.62 17.60 -30.09
N CYS SA 129 30.55 16.82 -30.29
CA CYS SA 129 29.75 16.96 -31.49
C CYS SA 129 29.07 18.34 -31.55
N LEU SA 130 28.57 18.82 -30.42
CA LEU SA 130 28.01 20.17 -30.36
C LEU SA 130 29.06 21.21 -30.70
N LYS SA 131 30.29 21.02 -30.21
CA LYS SA 131 31.37 21.96 -30.51
C LYS SA 131 31.64 22.02 -32.00
N GLU SA 132 31.71 20.86 -32.65
CA GLU SA 132 31.95 20.87 -34.09
C GLU SA 132 30.80 21.55 -34.83
N GLU SA 133 29.56 21.24 -34.45
CA GLU SA 133 28.42 21.85 -35.12
C GLU SA 133 28.40 23.37 -34.92
N ALA SA 134 28.72 23.83 -33.72
CA ALA SA 134 28.73 25.27 -33.46
C ALA SA 134 29.87 25.97 -34.21
N LEU SA 135 31.04 25.36 -34.23
CA LEU SA 135 32.17 25.95 -34.95
C LEU SA 135 31.90 26.01 -36.45
N SER SA 136 31.13 25.07 -36.97
CA SER SA 136 30.82 25.15 -38.41
C SER SA 136 29.89 26.32 -38.76
N LEU SA 137 29.56 27.21 -37.84
CA LEU SA 137 28.66 28.32 -38.11
C LEU SA 137 29.30 29.69 -37.88
N MET SA 138 30.61 29.74 -37.64
CA MET SA 138 31.28 30.99 -37.34
C MET SA 138 32.66 30.99 -38.00
N SER SA 139 33.19 32.18 -38.19
CA SER SA 139 34.58 32.32 -38.60
C SER SA 139 35.50 31.93 -37.45
N GLU SA 140 36.75 31.66 -37.78
CA GLU SA 140 37.70 31.19 -36.75
C GLU SA 140 37.91 32.24 -35.67
N GLU SA 141 37.93 33.52 -36.06
CA GLU SA 141 38.09 34.58 -35.07
C GLU SA 141 36.93 34.59 -34.07
N ASP SA 142 35.71 34.41 -34.57
CA ASP SA 142 34.58 34.27 -33.67
C ASP SA 142 34.63 32.97 -32.91
N ALA SA 143 35.23 31.93 -33.49
CA ALA SA 143 35.19 30.59 -32.94
C ALA SA 143 36.25 30.32 -31.89
N LEU SA 144 37.23 31.21 -31.71
CA LEU SA 144 38.26 30.97 -30.69
C LEU SA 144 37.64 30.83 -29.31
N GLU SA 145 36.81 31.80 -28.91
CA GLU SA 145 36.19 31.77 -27.60
C GLU SA 145 35.26 30.56 -27.46
N VAL SA 146 34.47 30.27 -28.49
CA VAL SA 146 33.52 29.17 -28.41
C VAL SA 146 34.24 27.83 -28.28
N SER SA 147 35.32 27.64 -29.04
CA SER SA 147 36.13 26.44 -28.90
C SER SA 147 36.70 26.33 -27.50
N ALA SA 148 37.21 27.44 -26.96
CA ALA SA 148 37.77 27.40 -25.62
C ALA SA 148 36.73 26.99 -24.59
N TYR SA 149 35.52 27.53 -24.71
CA TYR SA 149 34.50 27.24 -23.71
C TYR SA 149 33.97 25.81 -23.85
N PHE SA 150 33.84 25.33 -25.08
CA PHE SA 150 33.46 23.94 -25.28
C PHE SA 150 34.51 23.00 -24.69
N ASP SA 151 35.79 23.33 -24.90
CA ASP SA 151 36.86 22.55 -24.29
C ASP SA 151 36.78 22.61 -22.77
N TYR SA 152 36.42 23.76 -22.22
CA TYR SA 152 36.26 23.89 -20.78
C TYR SA 152 35.18 22.95 -20.27
N VAL SA 153 34.04 22.91 -20.96
CA VAL SA 153 32.96 22.00 -20.55
C VAL SA 153 33.44 20.56 -20.62
N MET SA 154 34.10 20.20 -21.72
CA MET SA 154 34.55 18.81 -21.89
C MET SA 154 35.56 18.43 -20.82
N ARG SA 155 36.46 19.35 -20.47
CA ARG SA 155 37.45 19.05 -19.45
C ARG SA 155 36.82 18.92 -18.07
N SER SA 156 35.76 19.68 -17.80
CA SER SA 156 35.10 19.57 -16.51
C SER SA 156 34.47 18.20 -16.30
N LEU SA 157 34.07 17.52 -17.38
CA LEU SA 157 33.45 16.21 -17.29
C LEU SA 157 34.43 15.06 -17.29
N SER SA 158 35.71 15.33 -17.54
CA SER SA 158 36.70 14.28 -17.64
C SER SA 158 37.87 14.54 -16.70
N MET TA 1 30.53 38.39 -6.55
CA MET TA 1 30.44 39.73 -7.12
C MET TA 1 29.70 39.71 -8.44
N GLN TA 2 29.01 40.80 -8.72
CA GLN TA 2 28.19 40.93 -9.92
C GLN TA 2 28.51 42.25 -10.59
N ASP TA 3 28.60 42.25 -11.90
CA ASP TA 3 28.70 43.47 -12.68
C ASP TA 3 27.46 43.56 -13.57
N ALA TA 4 27.43 44.57 -14.44
CA ALA TA 4 26.25 44.77 -15.28
C ALA TA 4 26.02 43.58 -16.20
N ILE TA 5 27.09 43.09 -16.83
CA ILE TA 5 26.97 41.96 -17.74
C ILE TA 5 26.51 40.72 -16.99
N THR TA 6 27.12 40.44 -15.84
CA THR TA 6 26.75 39.27 -15.06
C THR TA 6 25.34 39.41 -14.51
N ALA TA 7 24.93 40.62 -14.15
CA ALA TA 7 23.56 40.82 -13.67
C ALA TA 7 22.55 40.51 -14.77
N LEU TA 8 22.80 41.01 -15.98
CA LEU TA 8 21.90 40.71 -17.09
C LEU TA 8 21.91 39.22 -17.40
N ILE TA 9 23.08 38.60 -17.38
CA ILE TA 9 23.19 37.17 -17.65
C ILE TA 9 22.39 36.37 -16.63
N ASN TA 10 22.50 36.72 -15.36
CA ASN TA 10 21.78 35.98 -14.32
C ASN TA 10 20.28 36.21 -14.42
N SER TA 11 19.86 37.43 -14.74
CA SER TA 11 18.44 37.70 -14.89
C SER TA 11 17.85 36.93 -16.06
N SER TA 12 18.63 36.76 -17.13
CA SER TA 12 18.19 35.89 -18.22
C SER TA 12 18.30 34.42 -17.86
N ASP TA 13 19.21 34.07 -16.96
CA ASP TA 13 19.47 32.68 -16.60
C ASP TA 13 18.38 32.11 -15.71
N VAL TA 14 17.83 32.91 -14.79
CA VAL TA 14 16.76 32.40 -13.95
C VAL TA 14 15.53 32.06 -14.77
N GLN TA 15 15.37 32.70 -15.93
CA GLN TA 15 14.28 32.34 -16.84
C GLN TA 15 14.68 31.25 -17.82
N GLY TA 16 15.93 30.83 -17.82
CA GLY TA 16 16.37 29.77 -18.72
C GLY TA 16 16.29 30.16 -20.18
N ARG TA 17 16.57 31.42 -20.50
CA ARG TA 17 16.45 31.91 -21.86
C ARG TA 17 17.64 32.80 -22.18
N TYR TA 18 17.94 32.93 -23.47
CA TYR TA 18 18.97 33.85 -23.91
C TYR TA 18 18.56 35.28 -23.62
N LEU TA 19 19.52 36.20 -23.76
CA LEU TA 19 19.23 37.60 -23.51
C LEU TA 19 18.27 38.13 -24.56
N ASP TA 20 17.12 38.64 -24.11
CA ASP TA 20 16.11 39.20 -24.99
C ASP TA 20 16.59 40.55 -25.51
N PRO TA 21 15.92 41.11 -26.53
CA PRO TA 21 16.39 42.39 -27.08
C PRO TA 21 16.54 43.51 -26.06
N SER TA 22 15.69 43.56 -25.03
CA SER TA 22 15.86 44.59 -24.00
C SER TA 22 17.17 44.40 -23.25
N SER TA 23 17.48 43.16 -22.87
CA SER TA 23 18.75 42.90 -22.19
C SER TA 23 19.94 43.20 -23.09
N LEU TA 24 19.82 42.89 -24.38
CA LEU TA 24 20.90 43.20 -25.30
C LEU TA 24 21.09 44.70 -25.44
N ASP TA 25 19.99 45.47 -25.44
CA ASP TA 25 20.11 46.91 -25.48
C ASP TA 25 20.78 47.45 -24.22
N LYS TA 26 20.43 46.90 -23.06
CA LYS TA 26 21.09 47.32 -21.82
C LYS TA 26 22.57 46.98 -21.85
N LEU TA 27 22.92 45.81 -22.38
CA LEU TA 27 24.32 45.43 -22.52
C LEU TA 27 25.06 46.38 -23.46
N GLN TA 28 24.42 46.76 -24.57
CA GLN TA 28 25.03 47.74 -25.46
C GLN TA 28 25.23 49.07 -24.76
N ASN TA 29 24.28 49.47 -23.93
CA ASN TA 29 24.42 50.71 -23.18
C ASN TA 29 25.62 50.64 -22.23
N TYR TA 30 25.80 49.51 -21.55
CA TYR TA 30 26.95 49.36 -20.67
C TYR TA 30 28.25 49.41 -21.46
N PHE TA 31 28.29 48.73 -22.60
CA PHE TA 31 29.49 48.74 -23.42
C PHE TA 31 29.80 50.16 -23.91
N GLN TA 32 28.77 50.92 -24.25
CA GLN TA 32 28.98 52.30 -24.69
C GLN TA 32 29.49 53.17 -23.56
N SER TA 33 28.97 52.98 -22.34
CA SER TA 33 29.41 53.76 -21.20
C SER TA 33 30.75 53.31 -20.64
N GLY TA 34 31.27 52.18 -21.12
CA GLY TA 34 32.53 51.68 -20.61
C GLY TA 34 33.68 52.67 -20.71
N ASP TA 35 33.73 53.43 -21.79
CA ASP TA 35 34.82 54.39 -21.97
C ASP TA 35 34.77 55.49 -20.90
N MET TA 36 33.58 56.04 -20.67
CA MET TA 36 33.42 57.04 -19.62
C MET TA 36 33.74 56.45 -18.26
N ARG TA 37 33.33 55.20 -18.03
CA ARG TA 37 33.62 54.57 -16.75
C ARG TA 37 35.13 54.41 -16.54
N ALA TA 38 35.85 54.00 -17.58
CA ALA TA 38 37.30 53.87 -17.47
C ALA TA 38 37.95 55.22 -17.20
N LYS TA 39 37.50 56.26 -17.91
CA LYS TA 39 38.07 57.59 -17.69
C LYS TA 39 37.84 58.07 -16.26
N THR TA 40 36.63 57.85 -15.74
CA THR TA 40 36.32 58.25 -14.36
C THR TA 40 37.17 57.46 -13.37
N ALA TA 41 37.33 56.16 -13.59
CA ALA TA 41 38.15 55.36 -12.69
C ALA TA 41 39.59 55.84 -12.68
N ILE TA 42 40.12 56.20 -13.86
CA ILE TA 42 41.48 56.73 -13.93
C ILE TA 42 41.60 58.02 -13.13
N ALA TA 43 40.64 58.93 -13.32
CA ALA TA 43 40.70 60.21 -12.62
C ALA TA 43 40.61 60.03 -11.11
N VAL TA 44 39.70 59.17 -10.65
CA VAL TA 44 39.54 58.96 -9.22
C VAL TA 44 40.78 58.31 -8.64
N SER TA 45 41.35 57.33 -9.34
CA SER TA 45 42.59 56.72 -8.86
C SER TA 45 43.71 57.73 -8.76
N ALA TA 46 43.79 58.66 -9.72
CA ALA TA 46 44.82 59.67 -9.67
C ALA TA 46 44.60 60.69 -8.56
N ASN TA 47 43.34 60.97 -8.18
CA ASN TA 47 43.10 62.06 -7.23
C ASN TA 47 42.46 61.58 -5.93
N ALA TA 48 42.61 60.30 -5.59
CA ALA TA 48 41.95 59.75 -4.41
C ALA TA 48 42.35 60.46 -3.12
N LYS TA 49 43.66 60.72 -2.95
CA LYS TA 49 44.13 61.28 -1.70
C LYS TA 49 43.54 62.67 -1.45
N ASN TA 50 43.64 63.55 -2.44
CA ASN TA 50 43.07 64.88 -2.25
C ASN TA 50 41.55 64.88 -2.31
N ILE TA 51 40.93 63.86 -2.90
CA ILE TA 51 39.48 63.75 -2.81
C ILE TA 51 39.08 63.53 -1.36
N VAL TA 52 39.75 62.60 -0.68
CA VAL TA 52 39.44 62.36 0.73
C VAL TA 52 39.82 63.57 1.57
N THR TA 53 40.92 64.25 1.20
CA THR TA 53 41.29 65.48 1.91
C THR TA 53 40.20 66.52 1.83
N LYS TA 54 39.68 66.79 0.62
CA LYS TA 54 38.63 67.77 0.46
C LYS TA 54 37.36 67.34 1.17
N THR TA 55 37.04 66.05 1.13
CA THR TA 55 35.86 65.54 1.83
C THR TA 55 35.94 65.84 3.32
N VAL TA 56 37.06 65.48 3.94
CA VAL TA 56 37.22 65.72 5.37
C VAL TA 56 37.19 67.22 5.66
N ALA TA 57 37.85 68.01 4.81
CA ALA TA 57 37.91 69.45 5.06
C ALA TA 57 36.52 70.07 5.01
N LYS TA 58 35.69 69.66 4.06
CA LYS TA 58 34.39 70.29 3.89
C LYS TA 58 33.26 69.59 4.63
N SER TA 59 33.53 68.52 5.37
CA SER TA 59 32.47 67.85 6.11
C SER TA 59 32.79 67.55 7.57
N LEU TA 60 34.05 67.49 7.98
CA LEU TA 60 34.35 67.03 9.33
C LEU TA 60 35.25 67.99 10.10
N LEU TA 61 36.12 68.70 9.39
CA LEU TA 61 37.07 69.57 10.06
C LEU TA 61 36.36 70.74 10.74
N TYR TA 62 36.89 71.14 11.89
CA TYR TA 62 36.40 72.29 12.64
C TYR TA 62 34.95 72.11 13.08
N THR TA 63 34.59 70.88 13.42
CA THR TA 63 33.33 70.57 14.06
C THR TA 63 33.61 69.93 15.42
N ASP TA 64 32.55 69.52 16.11
CA ASP TA 64 32.73 68.90 17.41
C ASP TA 64 33.35 67.51 17.29
N ILE TA 65 33.38 66.93 16.10
CA ILE TA 65 33.92 65.59 15.93
C ILE TA 65 35.44 65.60 16.10
N THR TA 66 36.12 66.62 15.59
CA THR TA 66 37.56 66.73 15.72
C THR TA 66 38.00 67.39 17.01
N ALA TA 67 37.08 67.99 17.76
CA ALA TA 67 37.39 68.56 19.05
C ALA TA 67 37.60 67.45 20.07
N PRO TA 68 38.25 67.74 21.19
CA PRO TA 68 38.42 66.70 22.22
C PRO TA 68 37.08 66.16 22.68
N GLY TA 69 37.01 64.84 22.80
CA GLY TA 69 35.76 64.16 23.09
C GLY TA 69 34.95 63.81 21.87
N GLY TA 70 35.32 64.28 20.70
CA GLY TA 70 34.64 63.91 19.47
C GLY TA 70 35.15 62.59 18.96
N MEN TA 71 34.44 62.01 18.00
CA MEN TA 71 34.78 60.68 17.53
C MEN TA 71 36.03 60.66 16.68
O MEN TA 71 36.66 59.62 16.50
CB MEN TA 71 33.61 60.08 16.75
CG MEN TA 71 33.66 58.58 16.66
OD1 MEN TA 71 33.60 57.97 15.61
ND2 MEN TA 71 33.80 57.94 17.84
CE2 MEN TA 71 33.87 56.51 17.94
N MET TA 72 36.41 61.81 16.14
CA MET TA 72 37.60 61.91 15.31
C MET TA 72 38.77 62.49 16.09
N TYR TA 73 38.61 62.61 17.41
CA TYR TA 73 39.71 63.04 18.25
C TYR TA 73 40.75 61.94 18.36
N THR TA 74 41.98 62.35 18.71
CA THR TA 74 43.20 61.55 18.70
C THR TA 74 43.57 61.13 17.27
N CYS TA 75 44.86 60.92 17.03
CA CYS TA 75 45.31 60.62 15.68
C CYS TA 75 44.83 59.26 15.21
N ARG TA 76 44.68 58.31 16.13
CA ARG TA 76 44.24 56.96 15.76
C ARG TA 76 42.84 56.99 15.16
N ARG TA 77 41.92 57.72 15.78
CA ARG TA 77 40.55 57.74 15.29
C ARG TA 77 40.40 58.62 14.05
N TYR TA 78 41.17 59.71 13.96
CA TYR TA 78 41.21 60.48 12.72
C TYR TA 78 41.70 59.62 11.56
N ALA TA 79 42.77 58.85 11.79
CA ALA TA 79 43.28 57.98 10.75
C ALA TA 79 42.28 56.89 10.40
N ALA TA 80 41.54 56.39 11.39
CA ALA TA 80 40.52 55.39 11.12
C ALA TA 80 39.41 55.96 10.25
N CYS TA 81 38.97 57.19 10.54
CA CYS TA 81 37.94 57.80 9.71
C CYS TA 81 38.44 58.03 8.28
N VAL TA 82 39.69 58.48 8.14
CA VAL TA 82 40.26 58.68 6.81
C VAL TA 82 40.37 57.34 6.07
N ARG TA 83 40.73 56.29 6.79
CA ARG TA 83 40.82 54.96 6.19
C ARG TA 83 39.45 54.47 5.72
N ASP TA 84 38.42 54.69 6.53
CA ASP TA 84 37.07 54.30 6.12
C ASP TA 84 36.62 55.08 4.89
N LEU TA 85 36.94 56.38 4.84
CA LEU TA 85 36.59 57.16 3.66
C LEU TA 85 37.34 56.66 2.42
N ASP TA 86 38.61 56.27 2.60
CA ASP TA 86 39.36 55.69 1.49
C ASP TA 86 38.71 54.41 1.00
N TYR TA 87 38.26 53.56 1.94
CA TYR TA 87 37.56 52.34 1.56
C TYR TA 87 36.29 52.67 0.77
N PHE TA 88 35.53 53.65 1.24
CA PHE TA 88 34.31 54.04 0.54
C PHE TA 88 34.62 54.49 -0.88
N LEU TA 89 35.63 55.34 -1.04
CA LEU TA 89 35.96 55.85 -2.36
C LEU TA 89 36.43 54.73 -3.29
N ARG TA 90 37.31 53.86 -2.80
CA ARG TA 90 37.84 52.79 -3.63
C ARG TA 90 36.75 51.84 -4.07
N TYR TA 91 35.85 51.46 -3.16
CA TYR TA 91 34.81 50.51 -3.53
C TYR TA 91 33.72 51.17 -4.36
N ALA TA 92 33.49 52.47 -4.19
CA ALA TA 92 32.60 53.18 -5.10
C ALA TA 92 33.18 53.20 -6.51
N THR TA 93 34.50 53.38 -6.63
CA THR TA 93 35.14 53.29 -7.94
C THR TA 93 34.99 51.89 -8.54
N TYR TA 94 35.19 50.86 -7.72
CA TYR TA 94 34.98 49.49 -8.19
C TYR TA 94 33.56 49.31 -8.70
N ALA TA 95 32.58 49.77 -7.93
CA ALA TA 95 31.18 49.59 -8.31
C ALA TA 95 30.85 50.37 -9.57
N MET TA 96 31.40 51.58 -9.71
CA MET TA 96 31.18 52.34 -10.93
C MET TA 96 31.77 51.64 -12.14
N LEU TA 97 32.97 51.10 -12.00
CA LEU TA 97 33.58 50.37 -13.11
C LEU TA 97 32.77 49.13 -13.46
N ALA TA 98 32.25 48.44 -12.45
CA ALA TA 98 31.46 47.23 -12.69
C ALA TA 98 30.07 47.54 -13.22
N GLY TA 99 29.55 48.73 -12.96
CA GLY TA 99 28.19 49.03 -13.31
C GLY TA 99 27.15 48.45 -12.38
N ASP TA 100 27.57 47.86 -11.27
CA ASP TA 100 26.67 47.21 -10.33
C ASP TA 100 27.11 47.54 -8.92
N THR TA 101 26.16 47.49 -7.99
CA THR TA 101 26.42 47.80 -6.59
C THR TA 101 26.67 46.57 -5.74
N SER TA 102 26.84 45.40 -6.37
CA SER TA 102 26.96 44.16 -5.62
C SER TA 102 28.21 44.15 -4.74
N ILE TA 103 29.33 44.66 -5.25
CA ILE TA 103 30.57 44.62 -4.49
C ILE TA 103 30.46 45.49 -3.25
N LEU TA 104 29.76 46.61 -3.34
CA LEU TA 104 29.52 47.43 -2.16
C LEU TA 104 28.72 46.65 -1.12
N ASP TA 105 27.69 45.94 -1.57
CA ASP TA 105 26.83 45.21 -0.65
C ASP TA 105 27.57 44.09 0.05
N GLU TA 106 28.43 43.38 -0.67
CA GLU TA 106 29.07 42.19 -0.10
C GLU TA 106 30.46 42.48 0.47
N ARG TA 107 31.00 43.67 0.33
CA ARG TA 107 32.34 43.97 0.82
C ARG TA 107 32.42 45.18 1.74
N ILE TA 108 31.44 46.07 1.73
CA ILE TA 108 31.51 47.29 2.52
C ILE TA 108 30.31 47.39 3.45
N LEU TA 109 29.12 47.31 2.86
CA LEU TA 109 27.89 47.64 3.57
C LEU TA 109 27.34 46.50 4.42
N ASN TA 110 27.94 45.33 4.38
CA ASN TA 110 27.46 44.21 5.19
C ASN TA 110 27.87 44.45 6.64
N GLY TA 111 26.90 44.80 7.48
CA GLY TA 111 27.18 45.02 8.88
C GLY TA 111 27.89 46.31 9.19
N LEU TA 112 28.01 47.22 8.22
CA LEU TA 112 28.69 48.49 8.49
C LEU TA 112 27.89 49.36 9.45
N ARG TA 113 26.58 49.43 9.27
CA ARG TA 113 25.75 50.21 10.18
C ARG TA 113 25.81 49.65 11.59
N GLU TA 114 25.74 48.33 11.73
CA GLU TA 114 25.86 47.70 13.03
C GLU TA 114 27.24 47.95 13.63
N THR TA 115 28.28 47.91 12.81
CA THR TA 115 29.63 48.18 13.29
C THR TA 115 29.74 49.59 13.84
N TYR TA 116 29.22 50.57 13.10
CA TYR TA 116 29.29 51.95 13.54
C TYR TA 116 28.45 52.19 14.79
N ASN TA 117 27.29 51.53 14.87
CA ASN TA 117 26.48 51.65 16.08
C ASN TA 117 27.21 51.06 17.29
N SER TA 118 27.90 49.93 17.10
CA SER TA 118 28.67 49.33 18.18
C SER TA 118 29.81 50.23 18.61
N LEU TA 119 30.51 50.85 17.65
CA LEU TA 119 31.64 51.70 17.97
C LEU TA 119 31.23 53.07 18.50
N GLY TA 120 29.99 53.48 18.29
CA GLY TA 120 29.60 54.83 18.61
C GLY TA 120 29.93 55.84 17.55
N VAL TA 121 30.34 55.41 16.36
CA VAL TA 121 30.64 56.33 15.26
C VAL TA 121 29.35 57.03 14.84
N PRO TA 122 29.35 58.36 14.71
CA PRO TA 122 28.11 59.07 14.32
C PRO TA 122 27.73 58.73 12.89
N ILE TA 123 26.54 58.14 12.73
CA ILE TA 123 26.07 57.74 11.41
C ILE TA 123 25.76 58.97 10.55
N GLY TA 124 25.14 59.98 11.15
CA GLY TA 124 24.81 61.18 10.39
C GLY TA 124 26.04 61.90 9.86
N ALA TA 125 27.10 61.96 10.68
CA ALA TA 125 28.35 62.55 10.21
C ALA TA 125 28.93 61.77 9.05
N THR TA 126 28.86 60.44 9.12
CA THR TA 126 29.36 59.61 8.01
C THR TA 126 28.56 59.85 6.74
N ILE TA 127 27.24 59.97 6.87
CA ILE TA 127 26.41 60.24 5.70
C ILE TA 127 26.75 61.60 5.10
N ARG TA 128 26.94 62.60 5.95
CA ARG TA 128 27.33 63.92 5.45
C ARG TA 128 28.68 63.86 4.76
N SER TA 129 29.62 63.08 5.31
CA SER TA 129 30.92 62.93 4.67
C SER TA 129 30.81 62.25 3.32
N VAL TA 130 29.94 61.24 3.22
CA VAL TA 130 29.76 60.55 1.94
C VAL TA 130 29.16 61.50 0.91
N GLN TA 131 28.21 62.33 1.33
CA GLN TA 131 27.64 63.33 0.41
C GLN TA 131 28.69 64.35 -0.03
N ALA TA 132 29.55 64.78 0.91
CA ALA TA 132 30.63 65.70 0.56
C ALA TA 132 31.59 65.05 -0.43
N MET TA 133 31.90 63.77 -0.23
CA MET TA 133 32.75 63.05 -1.16
C MET TA 133 32.13 62.97 -2.53
N LYS TA 134 30.81 62.74 -2.58
CA LYS TA 134 30.11 62.71 -3.86
C LYS TA 134 30.21 64.05 -4.57
N GLU TA 135 30.02 65.14 -3.83
CA GLU TA 135 30.15 66.47 -4.44
C GLU TA 135 31.56 66.72 -4.93
N VAL TA 136 32.56 66.31 -4.16
CA VAL TA 136 33.95 66.52 -4.55
C VAL TA 136 34.27 65.75 -5.83
N VAL TA 137 33.82 64.49 -5.89
CA VAL TA 137 34.06 63.68 -7.09
C VAL TA 137 33.35 64.29 -8.29
N THR TA 138 32.13 64.79 -8.09
CA THR TA 138 31.41 65.44 -9.18
C THR TA 138 32.17 66.65 -9.68
N SER TA 139 32.75 67.43 -8.78
CA SER TA 139 33.58 68.56 -9.20
C SER TA 139 34.79 68.09 -9.98
N LEU TA 140 35.39 66.97 -9.57
CA LEU TA 140 36.61 66.51 -10.22
C LEU TA 140 36.34 65.98 -11.63
N VAL TA 141 35.34 65.11 -11.78
CA VAL TA 141 35.18 64.34 -13.01
C VAL TA 141 33.99 64.81 -13.84
N GLY TA 142 33.39 65.93 -13.50
CA GLY TA 142 32.32 66.49 -14.31
C GLY TA 142 30.94 66.08 -13.85
N ALA TA 143 29.96 66.39 -14.69
CA ALA TA 143 28.56 66.22 -14.29
C ALA TA 143 28.07 64.80 -14.53
N ASP TA 144 28.23 64.29 -15.75
CA ASP TA 144 27.71 62.96 -16.07
C ASP TA 144 28.46 61.87 -15.30
N ALA TA 145 29.79 61.90 -15.36
CA ALA TA 145 30.57 60.96 -14.57
C ALA TA 145 30.36 61.20 -13.08
N GLY TA 146 30.17 62.45 -12.69
CA GLY TA 146 29.89 62.75 -11.30
C GLY TA 146 28.61 62.09 -10.82
N ARG TA 147 27.54 62.15 -11.62
CA ARG TA 147 26.30 61.51 -11.20
C ARG TA 147 26.40 60.00 -11.28
N GLU TA 148 27.17 59.47 -12.23
CA GLU TA 148 27.38 58.03 -12.28
C GLU TA 148 28.06 57.52 -11.02
N MET TA 149 29.08 58.24 -10.55
CA MET TA 149 29.70 57.87 -9.28
C MET TA 149 28.78 58.17 -8.09
N GLY TA 150 27.95 59.20 -8.20
CA GLY TA 150 27.03 59.54 -7.15
C GLY TA 150 25.95 58.50 -6.94
N VAL TA 151 25.63 57.72 -7.96
CA VAL TA 151 24.72 56.60 -7.77
C VAL TA 151 25.24 55.67 -6.68
N TYR TA 152 26.51 55.29 -6.77
CA TYR TA 152 27.08 54.37 -5.80
C TYR TA 152 27.42 55.06 -4.48
N PHE TA 153 27.77 56.35 -4.52
CA PHE TA 153 27.92 57.08 -3.27
C PHE TA 153 26.61 57.12 -2.49
N ASP TA 154 25.51 57.36 -3.20
CA ASP TA 154 24.19 57.36 -2.56
C ASP TA 154 23.79 55.97 -2.11
N HIS TA 155 24.20 54.93 -2.84
CA HIS TA 155 23.96 53.57 -2.36
C HIS TA 155 24.67 53.33 -1.03
N ILE TA 156 25.92 53.79 -0.91
CA ILE TA 156 26.64 53.67 0.35
C ILE TA 156 25.92 54.45 1.45
N ALA TA 157 25.50 55.68 1.15
CA ALA TA 157 24.83 56.51 2.15
C ALA TA 157 23.53 55.86 2.62
N ALA TA 158 22.77 55.29 1.70
CA ALA TA 158 21.53 54.60 2.06
C ALA TA 158 21.82 53.34 2.87
N GLY TA 159 22.88 52.61 2.53
CA GLY TA 159 23.26 51.45 3.32
C GLY TA 159 23.62 51.81 4.74
N LEU TA 160 24.25 52.97 4.94
CA LEU TA 160 24.51 53.45 6.28
C LEU TA 160 23.25 53.89 7.01
N SER TA 161 22.18 54.21 6.28
CA SER TA 161 20.96 54.69 6.88
C SER TA 161 20.04 53.54 7.31
N SER UA 2 50.34 53.59 30.34
CA SER UA 2 50.96 53.53 31.65
C SER UA 2 51.82 52.28 31.77
N ILE UA 3 52.92 52.37 32.53
CA ILE UA 3 53.81 51.23 32.69
C ILE UA 3 53.12 50.13 33.50
N VAL UA 4 52.18 50.50 34.38
CA VAL UA 4 51.44 49.48 35.13
C VAL UA 4 50.61 48.63 34.18
N THR UA 5 49.93 49.26 33.23
CA THR UA 5 49.16 48.52 32.24
C THR UA 5 50.07 47.62 31.42
N GLU UA 6 51.25 48.11 31.05
CA GLU UA 6 52.19 47.31 30.28
C GLU UA 6 52.63 46.08 31.06
N LEU UA 7 52.97 46.26 32.35
CA LEU UA 7 53.38 45.13 33.16
C LEU UA 7 52.25 44.12 33.32
N ILE UA 8 51.04 44.59 33.56
CA ILE UA 8 49.91 43.69 33.73
C ILE UA 8 49.61 42.94 32.45
N LEU UA 9 49.67 43.61 31.30
CA LEU UA 9 49.41 42.95 30.03
C LEU UA 9 50.50 41.94 29.70
N ASN UA 10 51.76 42.27 30.02
CA ASN UA 10 52.84 41.30 29.82
C ASN UA 10 52.62 40.07 30.68
N ALA UA 11 52.23 40.26 31.93
CA ALA UA 11 51.93 39.12 32.80
C ALA UA 11 50.76 38.31 32.25
N ASP UA 12 49.73 38.99 31.74
CA ASP UA 12 48.54 38.31 31.29
C ASP UA 12 48.76 37.53 30.00
N SER UA 13 49.62 38.04 29.11
CA SER UA 13 49.90 37.30 27.89
C SER UA 13 50.50 35.93 28.19
N GLU UA 14 51.23 35.82 29.30
CA GLU UA 14 51.79 34.55 29.73
C GLU UA 14 50.89 33.83 30.73
N SER UA 15 49.74 34.40 31.07
CA SER UA 15 48.79 33.79 32.00
C SER UA 15 49.43 33.48 33.35
N ARG UA 16 50.19 34.44 33.87
CA ARG UA 16 50.89 34.25 35.13
C ARG UA 16 50.85 35.55 35.92
N TYR UA 17 51.00 35.42 37.23
CA TYR UA 17 51.11 36.58 38.08
C TYR UA 17 52.41 37.32 37.78
N PRO UA 18 52.48 38.61 38.08
CA PRO UA 18 53.69 39.38 37.76
C PRO UA 18 54.91 38.79 38.43
N ALA UA 19 56.00 38.73 37.67
CA ALA UA 19 57.26 38.19 38.16
C ALA UA 19 57.89 39.16 39.14
N PRO UA 20 58.82 38.68 39.98
CA PRO UA 20 59.48 39.59 40.92
C PRO UA 20 60.14 40.78 40.27
N LYS UA 21 60.73 40.61 39.07
CA LYS UA 21 61.33 41.75 38.39
C LYS UA 21 60.27 42.77 38.00
N GLU UA 22 59.10 42.31 37.56
CA GLU UA 22 58.02 43.23 37.21
C GLU UA 22 57.49 43.94 38.44
N ILE UA 23 57.42 43.25 39.58
CA ILE UA 23 57.02 43.88 40.83
C ILE UA 23 58.04 44.94 41.23
N GLN UA 24 59.33 44.66 41.02
CA GLN UA 24 60.35 45.67 41.30
C GLN UA 24 60.18 46.88 40.40
N VAL UA 25 59.89 46.66 39.12
CA VAL UA 25 59.64 47.77 38.20
C VAL UA 25 58.46 48.60 38.67
N TYR UA 26 57.38 47.92 39.09
CA TYR UA 26 56.20 48.62 39.58
C TYR UA 26 56.50 49.45 40.82
N GLN UA 27 57.24 48.86 41.76
CA GLN UA 27 57.59 49.57 42.99
C GLN UA 27 58.45 50.79 42.70
N ASN UA 28 59.44 50.63 41.81
CA ASN UA 28 60.29 51.74 41.46
C ASN UA 28 59.51 52.84 40.77
N PHE UA 29 58.55 52.47 39.93
CA PHE UA 29 57.75 53.48 39.25
C PHE UA 29 56.88 54.26 40.23
N VAL UA 30 56.13 53.54 41.08
CA VAL UA 30 55.27 54.23 42.03
C VAL UA 30 56.08 54.98 43.07
N LYS UA 31 57.35 54.64 43.22
CA LYS UA 31 58.22 55.38 44.14
C LYS UA 31 58.50 56.78 43.62
N THR UA 32 58.54 56.96 42.30
CA THR UA 32 58.91 58.23 41.69
C THR UA 32 57.70 59.04 41.22
N GLY UA 33 56.52 58.81 41.79
CA GLY UA 33 55.34 59.52 41.34
C GLY UA 33 55.39 61.02 41.60
N GLU UA 34 55.98 61.41 42.73
CA GLU UA 34 56.02 62.82 43.10
C GLU UA 34 56.79 63.65 42.08
N GLN UA 35 57.95 63.14 41.64
CA GLN UA 35 58.74 63.86 40.65
C GLN UA 35 57.99 63.96 39.32
N ARG UA 36 57.29 62.90 38.92
CA ARG UA 36 56.52 62.95 37.69
C ARG UA 36 55.40 63.98 37.77
N ILE UA 37 54.72 64.05 38.92
CA ILE UA 37 53.67 65.05 39.08
C ILE UA 37 54.26 66.45 39.03
N ARG UA 38 55.43 66.63 39.63
CA ARG UA 38 56.09 67.94 39.59
C ARG UA 38 56.45 68.33 38.16
N ILE UA 39 57.00 67.38 37.38
CA ILE UA 39 57.38 67.67 36.01
C ILE UA 39 56.14 68.00 35.17
N ALA UA 40 55.07 67.24 35.36
CA ALA UA 40 53.85 67.51 34.62
C ALA UA 40 53.28 68.88 34.97
N LYS UA 41 53.35 69.26 36.25
CA LYS UA 41 52.90 70.59 36.64
C LYS UA 41 53.77 71.67 36.01
N ILE UA 42 55.09 71.44 35.93
CA ILE UA 42 55.98 72.39 35.28
C ILE UA 42 55.59 72.57 33.82
N LEU UA 43 55.34 71.46 33.12
CA LEU UA 43 54.95 71.54 31.72
C LEU UA 43 53.63 72.25 31.55
N ALA UA 44 52.65 71.95 32.42
CA ALA UA 44 51.36 72.61 32.33
C ALA UA 44 51.47 74.11 32.56
N GLU UA 45 52.31 74.52 33.51
CA GLU UA 45 52.47 75.95 33.79
C GLU UA 45 53.17 76.66 32.66
N ASN UA 46 54.21 76.06 32.08
CA ASN UA 46 55.05 76.73 31.09
C ASN UA 46 54.64 76.44 29.65
N GLU UA 47 53.54 75.71 29.44
CA GLU UA 47 53.16 75.32 28.08
C GLU UA 47 52.93 76.52 27.19
N GLN UA 48 52.30 77.58 27.70
CA GLN UA 48 51.98 78.72 26.86
C GLN UA 48 53.23 79.40 26.33
N ARG UA 49 54.19 79.67 27.22
CA ARG UA 49 55.40 80.33 26.77
C ARG UA 49 56.28 79.39 25.95
N ILE UA 50 56.22 78.09 26.22
CA ILE UA 50 56.92 77.14 25.36
C ILE UA 50 56.36 77.20 23.94
N VAL UA 51 55.04 77.22 23.82
CA VAL UA 51 54.41 77.29 22.50
C VAL UA 51 54.79 78.59 21.81
N GLN UA 52 54.75 79.71 22.55
CA GLN UA 52 55.06 81.00 21.93
C GLN UA 52 56.50 81.04 21.41
N ASN UA 53 57.47 80.70 22.26
CA ASN UA 53 58.87 80.76 21.85
C ASN UA 53 59.18 79.73 20.77
N GLY UA 54 58.62 78.52 20.88
CA GLY UA 54 58.83 77.52 19.87
C GLY UA 54 58.24 77.92 18.53
N SER UA 55 57.07 78.56 18.54
CA SER UA 55 56.49 79.07 17.31
C SER UA 55 57.37 80.15 16.70
N ALA UA 56 57.91 81.04 17.53
CA ALA UA 56 58.82 82.06 17.01
C ALA UA 56 60.02 81.43 16.33
N ARG UA 57 60.67 80.47 16.99
CA ARG UA 57 61.85 79.83 16.41
C ARG UA 57 61.48 79.02 15.17
N PHE UA 58 60.33 78.35 15.19
CA PHE UA 58 59.92 77.52 14.07
C PHE UA 58 59.60 78.36 12.84
N TRP UA 59 58.98 79.53 13.05
CA TRP UA 59 58.71 80.40 11.92
C TRP UA 59 59.97 81.10 11.44
N GLU UA 60 60.94 81.29 12.32
CA GLU UA 60 62.23 81.82 11.88
C GLU UA 60 62.99 80.79 11.04
N ARG UA 61 62.89 79.51 11.40
CA ARG UA 61 63.63 78.47 10.69
C ARG UA 61 62.91 77.99 9.45
N VAL UA 62 61.59 77.88 9.50
CA VAL UA 62 60.79 77.38 8.39
C VAL UA 62 59.72 78.40 8.06
N PRO UA 63 60.06 79.49 7.36
CA PRO UA 63 59.04 80.50 7.06
C PRO UA 63 57.99 80.01 6.08
N ASN UA 64 58.33 79.10 5.18
CA ASN UA 64 57.40 78.62 4.16
C ASN UA 64 56.60 77.45 4.71
N THR UA 65 55.69 77.78 5.62
CA THR UA 65 54.88 76.77 6.28
C THR UA 65 53.42 77.22 6.29
N PRO UA 66 52.48 76.27 6.34
CA PRO UA 66 51.06 76.66 6.34
C PRO UA 66 50.66 77.57 7.49
N SER UA 67 51.33 77.46 8.63
CA SER UA 67 51.04 78.38 9.73
C SER UA 67 51.40 79.80 9.37
N ASN UA 68 52.54 79.99 8.70
CA ASN UA 68 53.06 81.32 8.38
C ASN UA 68 52.56 81.83 7.04
N SER UA 69 51.40 81.35 6.57
CA SER UA 69 50.86 81.73 5.28
C SER UA 69 49.83 82.84 5.38
N GLY UA 70 49.71 83.51 6.52
CA GLY UA 70 48.77 84.58 6.69
C GLY UA 70 47.37 84.16 7.07
N ASN UA 71 47.13 82.87 7.25
CA ASN UA 71 45.82 82.37 7.66
C ASN UA 71 45.76 82.33 9.19
N GLU UA 72 44.85 83.11 9.77
CA GLU UA 72 44.73 83.15 11.22
C GLU UA 72 44.29 81.80 11.77
N ARG UA 73 43.34 81.14 11.10
CA ARG UA 73 42.86 79.84 11.56
C ARG UA 73 43.99 78.81 11.53
N LYS UA 74 44.82 78.83 10.48
CA LYS UA 74 45.92 77.89 10.40
C LYS UA 74 46.93 78.12 11.51
N THR UA 75 47.25 79.38 11.79
CA THR UA 75 48.17 79.69 12.88
C THR UA 75 47.62 79.22 14.22
N ALA UA 76 46.33 79.48 14.46
CA ALA UA 76 45.70 79.05 15.70
C ALA UA 76 45.71 77.53 15.82
N SER UA 77 45.43 76.83 14.72
CA SER UA 77 45.44 75.37 14.75
C SER UA 77 46.84 74.82 15.01
N CYS UA 78 47.86 75.44 14.41
CA CYS UA 78 49.22 74.98 14.67
C CYS UA 78 49.60 75.16 16.13
N GLN UA 79 49.28 76.33 16.70
CA GLN UA 79 49.64 76.55 18.10
C GLN UA 79 48.82 75.65 19.02
N ARG UA 80 47.57 75.38 18.67
CA ARG UA 80 46.78 74.42 19.44
C ARG UA 80 47.39 73.03 19.38
N ASP UA 81 47.89 72.63 18.21
CA ASP UA 81 48.53 71.34 18.08
C ASP UA 81 49.80 71.26 18.93
N GLN UA 82 50.57 72.35 18.95
CA GLN UA 82 51.76 72.38 19.80
C GLN UA 82 51.38 72.22 21.26
N GLY UA 83 50.36 72.95 21.70
CA GLY UA 83 49.89 72.78 23.08
C GLY UA 83 49.41 71.37 23.36
N TRP UA 84 48.72 70.77 22.39
CA TRP UA 84 48.23 69.41 22.57
C TRP UA 84 49.36 68.42 22.70
N TYR UA 85 50.43 68.60 21.92
CA TYR UA 85 51.55 67.66 22.03
C TYR UA 85 52.33 67.87 23.32
N ILE UA 86 52.43 69.11 23.79
CA ILE UA 86 53.01 69.33 25.12
C ILE UA 86 52.17 68.64 26.18
N ARG UA 87 50.84 68.72 26.05
CA ARG UA 87 49.96 68.06 27.01
C ARG UA 87 50.13 66.54 26.97
N LEU UA 88 50.28 65.98 25.76
CA LEU UA 88 50.45 64.54 25.65
C LEU UA 88 51.79 64.09 26.23
N ILE UA 89 52.83 64.92 26.06
CA ILE UA 89 54.12 64.60 26.68
C ILE UA 89 54.00 64.66 28.20
N ALA UA 90 53.21 65.61 28.72
CA ALA UA 90 52.97 65.65 30.15
C ALA UA 90 52.24 64.39 30.62
N TYR UA 91 51.25 63.93 29.84
CA TYR UA 91 50.56 62.69 30.16
C TYR UA 91 51.53 61.52 30.21
N SER UA 92 52.43 61.45 29.23
CA SER UA 92 53.40 60.36 29.19
C SER UA 92 54.34 60.41 30.37
N VAL UA 93 54.76 61.62 30.77
CA VAL UA 93 55.59 61.76 31.95
C VAL UA 93 54.84 61.25 33.18
N LEU UA 94 53.56 61.59 33.29
CA LEU UA 94 52.76 61.12 34.42
C LEU UA 94 52.64 59.61 34.44
N ALA UA 95 52.42 59.00 33.28
CA ALA UA 95 52.18 57.56 33.21
C ALA UA 95 53.45 56.73 33.24
N GLY UA 96 54.62 57.35 33.15
CA GLY UA 96 55.85 56.58 33.14
C GLY UA 96 56.11 55.84 31.85
N SER UA 97 55.35 56.12 30.80
CA SER UA 97 55.47 55.41 29.53
C SER UA 97 54.97 56.33 28.44
N GLU UA 98 55.38 56.03 27.21
CA GLU UA 98 54.93 56.78 26.05
C GLU UA 98 53.58 56.29 25.55
N LYS UA 99 52.93 55.37 26.26
CA LYS UA 99 51.64 54.84 25.82
C LYS UA 99 50.57 55.92 25.69
N PRO UA 100 50.41 56.87 26.61
CA PRO UA 100 49.42 57.93 26.36
C PRO UA 100 49.70 58.73 25.11
N LEU UA 101 50.95 59.17 24.94
CA LEU UA 101 51.31 59.96 23.78
C LEU UA 101 51.14 59.16 22.49
N GLU UA 102 51.53 57.89 22.51
CA GLU UA 102 51.42 57.10 21.30
C GLU UA 102 49.97 56.76 20.98
N GLU UA 103 49.13 56.59 21.99
CA GLU UA 103 47.76 56.20 21.76
C GLU UA 103 46.86 57.40 21.47
N ILE UA 104 47.29 58.61 21.78
CA ILE UA 104 46.49 59.80 21.52
C ILE UA 104 47.01 60.59 20.33
N GLY UA 105 48.32 60.68 20.14
CA GLY UA 105 48.82 61.55 19.08
C GLY UA 105 50.00 61.04 18.28
N THR UA 106 50.21 59.74 18.25
CA THR UA 106 51.30 59.20 17.44
C THR UA 106 50.87 58.10 16.49
N ILE UA 107 49.95 57.24 16.90
CA ILE UA 107 49.45 56.21 15.99
C ILE UA 107 48.53 56.89 14.98
N GLY UA 108 48.89 56.81 13.70
CA GLY UA 108 48.13 57.48 12.67
C GLY UA 108 48.42 58.95 12.52
N ILE UA 109 49.51 59.43 13.10
CA ILE UA 109 49.83 60.86 12.99
C ILE UA 109 50.18 61.23 11.56
N LYS UA 110 50.92 60.36 10.86
CA LYS UA 110 51.28 60.64 9.48
C LYS UA 110 50.05 60.65 8.59
N GLU UA 111 49.12 59.72 8.81
CA GLU UA 111 47.88 59.72 8.04
C GLU UA 111 47.07 60.98 8.29
N MET UA 112 46.97 61.39 9.57
CA MET UA 112 46.19 62.57 9.90
C MET UA 112 46.78 63.82 9.26
N TYR UA 113 48.09 63.99 9.35
CA TYR UA 113 48.71 65.19 8.82
C TYR UA 113 48.87 65.15 7.31
N ASN UA 114 48.88 63.96 6.70
CA ASN UA 114 48.84 63.89 5.24
C ASN UA 114 47.46 64.26 4.73
N ASN UA 115 46.41 63.83 5.44
CA ASN UA 115 45.07 64.23 5.07
C ASN UA 115 44.88 65.73 5.23
N LEU UA 116 45.48 66.31 6.26
CA LEU UA 116 45.43 67.75 6.47
C LEU UA 116 46.35 68.52 5.54
N GLU UA 117 47.20 67.83 4.78
CA GLU UA 117 48.13 68.45 3.84
C GLU UA 117 49.10 69.39 4.56
N ILE UA 118 49.68 68.88 5.66
CA ILE UA 118 50.70 69.58 6.42
C ILE UA 118 52.01 68.83 6.19
N PRO UA 119 53.07 69.50 5.74
CA PRO UA 119 54.35 68.79 5.55
C PRO UA 119 54.86 68.23 6.87
N LEU UA 120 55.29 66.97 6.84
CA LEU UA 120 55.72 66.31 8.06
C LEU UA 120 57.06 66.84 8.56
N ARG UA 121 57.94 67.24 7.64
CA ARG UA 121 59.23 67.80 8.04
C ARG UA 121 59.04 69.10 8.83
N ASN UA 122 58.06 69.91 8.42
CA ASN UA 122 57.78 71.13 9.17
C ASN UA 122 57.33 70.82 10.59
N ILE UA 123 56.50 69.80 10.75
CA ILE UA 123 56.08 69.40 12.09
C ILE UA 123 57.26 68.89 12.90
N VAL UA 124 58.20 68.18 12.25
CA VAL UA 124 59.40 67.72 12.95
C VAL UA 124 60.22 68.92 13.43
N GLU UA 125 60.38 69.93 12.57
CA GLU UA 125 61.14 71.11 12.96
C GLU UA 125 60.45 71.85 14.11
N CYS UA 126 59.13 71.97 14.05
CA CYS UA 126 58.41 72.62 15.14
C CYS UA 126 58.56 71.83 16.43
N MET UA 127 58.54 70.50 16.35
CA MET UA 127 58.76 69.67 17.52
C MET UA 127 60.15 69.89 18.08
N ARG UA 128 61.16 70.03 17.23
CA ARG UA 128 62.51 70.32 17.70
C ARG UA 128 62.55 71.65 18.44
N CYS UA 129 61.91 72.68 17.88
CA CYS UA 129 61.92 73.98 18.53
C CYS UA 129 61.20 73.93 19.88
N LEU UA 130 60.05 73.24 19.93
CA LEU UA 130 59.34 73.08 21.19
C LEU UA 130 60.17 72.30 22.21
N LYS UA 131 60.88 71.28 21.75
CA LYS UA 131 61.72 70.51 22.67
C LYS UA 131 62.83 71.38 23.23
N GLU UA 132 63.45 72.20 22.39
CA GLU UA 132 64.48 73.11 22.89
C GLU UA 132 63.92 74.07 23.92
N GLU UA 133 62.75 74.64 23.64
CA GLU UA 133 62.13 75.56 24.60
C GLU UA 133 61.81 74.86 25.91
N ALA UA 134 61.26 73.65 25.83
CA ALA UA 134 60.91 72.91 27.05
C ALA UA 134 62.15 72.54 27.85
N LEU UA 135 63.21 72.10 27.17
CA LEU UA 135 64.46 71.78 27.84
C LEU UA 135 65.10 73.00 28.48
N SER UA 136 64.87 74.20 27.94
CA SER UA 136 65.39 75.40 28.56
C SER UA 136 64.82 75.59 29.97
N LEU UA 137 63.51 75.37 30.13
CA LEU UA 137 62.83 75.67 31.39
C LEU UA 137 62.71 74.43 32.27
N MET UA 138 63.84 73.75 32.47
CA MET UA 138 63.82 72.51 33.24
C MET UA 138 65.25 72.05 33.48
N SER UA 139 65.47 71.40 34.61
CA SER UA 139 66.75 70.77 34.90
C SER UA 139 66.89 69.51 34.06
N GLU UA 140 68.14 69.16 33.74
CA GLU UA 140 68.40 68.07 32.80
C GLU UA 140 67.83 66.74 33.28
N GLU UA 141 67.94 66.48 34.60
CA GLU UA 141 67.48 65.20 35.13
C GLU UA 141 65.97 65.05 34.94
N ASP UA 142 65.22 66.12 35.15
CA ASP UA 142 63.78 66.07 34.89
C ASP UA 142 63.48 66.14 33.41
N ALA UA 143 64.37 66.75 32.63
CA ALA UA 143 64.17 66.92 31.19
C ALA UA 143 64.53 65.69 30.39
N LEU UA 144 65.09 64.65 31.01
CA LEU UA 144 65.43 63.45 30.28
C LEU UA 144 64.22 62.84 29.58
N GLU UA 145 63.14 62.58 30.33
CA GLU UA 145 61.96 62.00 29.71
C GLU UA 145 61.28 62.97 28.75
N VAL UA 146 61.31 64.27 29.05
CA VAL UA 146 60.69 65.24 28.16
C VAL UA 146 61.38 65.21 26.79
N SER UA 147 62.71 65.20 26.79
CA SER UA 147 63.45 65.10 25.54
C SER UA 147 63.20 63.76 24.86
N ALA UA 148 63.12 62.69 25.63
CA ALA UA 148 62.88 61.37 25.04
C ALA UA 148 61.54 61.33 24.33
N TYR UA 149 60.50 61.91 24.94
CA TYR UA 149 59.17 61.86 24.34
C TYR UA 149 59.05 62.82 23.17
N PHE UA 150 59.73 63.97 23.22
CA PHE UA 150 59.79 64.82 22.05
C PHE UA 150 60.47 64.10 20.88
N ASP UA 151 61.54 63.38 21.17
CA ASP UA 151 62.20 62.59 20.14
C ASP UA 151 61.29 61.48 19.64
N TYR UA 152 60.47 60.90 20.53
CA TYR UA 152 59.51 59.90 20.10
C TYR UA 152 58.52 60.48 19.09
N VAL UA 153 58.02 61.68 19.37
CA VAL UA 153 57.12 62.34 18.43
C VAL UA 153 57.81 62.59 17.11
N MET UA 154 59.04 63.10 17.16
CA MET UA 154 59.78 63.40 15.93
C MET UA 154 60.00 62.14 15.11
N ARG UA 155 60.38 61.04 15.77
CA ARG UA 155 60.58 59.78 15.07
C ARG UA 155 59.29 59.28 14.44
N SER UA 156 58.17 59.42 15.16
CA SER UA 156 56.90 59.01 14.58
C SER UA 156 56.52 59.84 13.36
N LEU UA 157 56.90 61.12 13.34
CA LEU UA 157 56.59 61.97 12.20
C LEU UA 157 57.54 61.80 11.03
N SER UA 158 58.71 61.22 11.24
CA SER UA 158 59.72 61.13 10.20
C SER UA 158 59.64 59.80 9.46
N MET VA 1 42.92 47.28 28.43
CA MET VA 1 42.46 47.63 29.77
C MET VA 1 42.74 49.09 30.08
N GLN VA 2 42.71 49.42 31.37
CA GLN VA 2 42.90 50.80 31.81
C GLN VA 2 43.13 50.80 33.31
N ASP VA 3 44.18 51.46 33.76
CA ASP VA 3 44.50 51.55 35.18
C ASP VA 3 44.13 52.94 35.69
N ALA VA 4 44.51 53.22 36.95
CA ALA VA 4 44.13 54.48 37.57
C ALA VA 4 44.76 55.67 36.86
N ILE VA 5 46.05 55.58 36.52
CA ILE VA 5 46.73 56.69 35.86
C ILE VA 5 46.12 56.95 34.50
N THR VA 6 45.88 55.89 33.73
CA THR VA 6 45.25 56.05 32.43
C THR VA 6 43.82 56.56 32.56
N ALA VA 7 43.11 56.16 33.60
CA ALA VA 7 41.76 56.65 33.81
C ALA VA 7 41.76 58.16 34.05
N LEU VA 8 42.65 58.65 34.91
CA LEU VA 8 42.74 60.09 35.13
C LEU VA 8 43.20 60.82 33.89
N ILE VA 9 44.16 60.24 33.16
CA ILE VA 9 44.65 60.85 31.93
C ILE VA 9 43.53 60.99 30.92
N ASN VA 10 42.72 59.94 30.76
CA ASN VA 10 41.62 59.98 29.80
C ASN VA 10 40.53 60.94 30.25
N SER VA 11 40.25 61.01 31.55
CA SER VA 11 39.28 61.97 32.04
C SER VA 11 39.71 63.39 31.75
N SER VA 12 41.01 63.66 31.85
CA SER VA 12 41.50 64.98 31.46
C SER VA 12 41.51 65.16 29.95
N ASP VA 13 41.76 64.09 29.21
CA ASP VA 13 41.97 64.18 27.77
C ASP VA 13 40.67 64.37 27.00
N VAL VA 14 39.56 63.81 27.48
CA VAL VA 14 38.29 64.03 26.78
C VAL VA 14 37.91 65.50 26.84
N GLN VA 15 38.37 66.22 27.85
CA GLN VA 15 38.17 67.67 27.93
C GLN VA 15 39.29 68.45 27.29
N GLY VA 16 40.36 67.79 26.85
CA GLY VA 16 41.47 68.46 26.21
C GLY VA 16 42.22 69.41 27.11
N ARG VA 17 42.42 69.03 28.38
CA ARG VA 17 43.06 69.90 29.34
C ARG VA 17 43.95 69.07 30.25
N TYR VA 18 44.91 69.74 30.88
CA TYR VA 18 45.82 69.09 31.80
C TYR VA 18 45.07 68.59 33.03
N LEU VA 19 45.75 67.76 33.83
CA LEU VA 19 45.13 67.19 35.02
C LEU VA 19 44.87 68.28 36.05
N ASP VA 20 43.62 68.43 36.45
CA ASP VA 20 43.25 69.41 37.45
C ASP VA 20 43.71 68.94 38.84
N PRO VA 21 43.78 69.84 39.81
CA PRO VA 21 44.35 69.46 41.12
C PRO VA 21 43.69 68.27 41.77
N SER VA 22 42.38 68.08 41.59
CA SER VA 22 41.73 66.90 42.15
C SER VA 22 42.27 65.61 41.52
N SER VA 23 42.46 65.62 40.21
CA SER VA 23 43.03 64.45 39.54
C SER VA 23 44.47 64.22 39.99
N LEU VA 24 45.23 65.29 40.20
CA LEU VA 24 46.58 65.15 40.72
C LEU VA 24 46.59 64.55 42.11
N ASP VA 25 45.63 64.95 42.95
CA ASP VA 25 45.52 64.38 44.29
C ASP VA 25 45.18 62.90 44.22
N LYS VA 26 44.26 62.52 43.32
CA LYS VA 26 43.93 61.11 43.15
C LYS VA 26 45.13 60.32 42.66
N LEU VA 27 45.90 60.89 41.73
CA LEU VA 27 47.11 60.24 41.25
C LEU VA 27 48.12 60.06 42.35
N GLN VA 28 48.27 61.07 43.22
CA GLN VA 28 49.18 60.94 44.36
C GLN VA 28 48.70 59.84 45.31
N ASN VA 29 47.39 59.75 45.52
CA ASN VA 29 46.85 58.67 46.36
C ASN VA 29 47.19 57.31 45.78
N TYR VA 30 47.03 57.14 44.47
CA TYR VA 30 47.38 55.87 43.84
C TYR VA 30 48.87 55.59 43.98
N PHE VA 31 49.70 56.60 43.76
CA PHE VA 31 51.14 56.43 43.87
C PHE VA 31 51.53 56.00 45.29
N GLN VA 32 50.86 56.55 46.30
CA GLN VA 32 51.17 56.19 47.68
C GLN VA 32 50.64 54.80 48.02
N SER VA 33 49.52 54.39 47.44
CA SER VA 33 48.98 53.06 47.69
C SER VA 33 49.67 51.97 46.87
N GLY VA 34 50.54 52.36 45.93
CA GLY VA 34 51.22 51.38 45.10
C GLY VA 34 52.02 50.37 45.88
N ASP VA 35 52.66 50.79 46.97
CA ASP VA 35 53.46 49.86 47.78
C ASP VA 35 52.58 48.77 48.38
N MET VA 36 51.46 49.16 48.98
CA MET VA 36 50.53 48.19 49.53
C MET VA 36 49.99 47.28 48.44
N ARG VA 37 49.69 47.84 47.28
CA ARG VA 37 49.20 47.02 46.18
C ARG VA 37 50.23 45.98 45.75
N ALA VA 38 51.51 46.38 45.66
CA ALA VA 38 52.56 45.44 45.30
C ALA VA 38 52.71 44.35 46.33
N LYS VA 39 52.66 44.70 47.61
CA LYS VA 39 52.77 43.68 48.65
C LYS VA 39 51.61 42.70 48.58
N THR VA 40 50.40 43.21 48.38
CA THR VA 40 49.25 42.32 48.25
C THR VA 40 49.38 41.41 47.04
N ALA VA 41 49.87 41.96 45.92
CA ALA VA 41 50.05 41.13 44.72
C ALA VA 41 51.06 40.03 44.97
N ILE VA 42 52.16 40.35 45.67
CA ILE VA 42 53.14 39.32 46.00
C ILE VA 42 52.51 38.23 46.86
N ALA VA 43 51.74 38.65 47.88
CA ALA VA 43 51.13 37.67 48.77
C ALA VA 43 50.15 36.77 48.02
N VAL VA 44 49.35 37.34 47.12
CA VAL VA 44 48.38 36.55 46.38
C VAL VA 44 49.08 35.62 45.40
N SER VA 45 50.16 36.09 44.76
CA SER VA 45 50.91 35.23 43.85
C SER VA 45 51.48 34.03 44.59
N ALA VA 46 52.04 34.26 45.79
CA ALA VA 46 52.67 33.17 46.51
C ALA VA 46 51.68 32.11 46.97
N ASN VA 47 50.39 32.46 47.11
CA ASN VA 47 49.42 31.55 47.70
C ASN VA 47 48.20 31.36 46.81
N ALA VA 48 48.36 31.47 45.49
CA ALA VA 48 47.21 31.44 44.60
C ALA VA 48 46.49 30.10 44.65
N LYS VA 49 47.24 29.01 44.52
CA LYS VA 49 46.64 27.68 44.55
C LYS VA 49 46.04 27.38 45.91
N ASN VA 50 46.70 27.80 46.98
CA ASN VA 50 46.15 27.62 48.31
C ASN VA 50 44.87 28.42 48.49
N ILE VA 51 44.84 29.64 47.95
CA ILE VA 51 43.63 30.47 48.04
C ILE VA 51 42.47 29.78 47.35
N VAL VA 52 42.71 29.24 46.15
CA VAL VA 52 41.64 28.58 45.42
C VAL VA 52 41.21 27.30 46.13
N THR VA 53 42.17 26.58 46.71
CA THR VA 53 41.82 25.38 47.48
C THR VA 53 40.93 25.71 48.66
N LYS VA 54 41.28 26.76 49.41
CA LYS VA 54 40.47 27.17 50.54
C LYS VA 54 39.11 27.66 50.10
N THR VA 55 39.04 28.36 48.97
CA THR VA 55 37.77 28.82 48.44
C THR VA 55 36.85 27.65 48.12
N VAL VA 56 37.39 26.63 47.42
CA VAL VA 56 36.57 25.48 47.06
C VAL VA 56 36.13 24.72 48.30
N ALA VA 57 37.04 24.57 49.27
CA ALA VA 57 36.68 23.87 50.50
C ALA VA 57 35.61 24.63 51.28
N LYS VA 58 35.68 25.95 51.27
CA LYS VA 58 34.75 26.76 52.04
C LYS VA 58 33.37 26.85 51.40
N SER VA 59 33.29 26.91 50.08
CA SER VA 59 32.02 27.23 49.43
C SER VA 59 31.44 26.12 48.57
N LEU VA 60 32.20 25.10 48.21
CA LEU VA 60 31.71 24.16 47.20
C LEU VA 60 31.77 22.72 47.64
N LEU VA 61 32.73 22.36 48.49
CA LEU VA 61 32.89 20.96 48.86
C LEU VA 61 31.75 20.50 49.77
N TYR VA 62 31.39 19.23 49.62
CA TYR VA 62 30.39 18.57 50.45
C TYR VA 62 29.03 19.24 50.35
N THR VA 63 28.72 19.78 49.18
CA THR VA 63 27.41 20.32 48.85
C THR VA 63 26.84 19.53 47.67
N ASP VA 64 25.65 19.91 47.25
CA ASP VA 64 25.01 19.24 46.12
C ASP VA 64 25.73 19.49 44.81
N ILE VA 65 26.61 20.47 44.75
CA ILE VA 65 27.30 20.80 43.49
C ILE VA 65 28.30 19.70 43.14
N THR VA 66 29.02 19.18 44.13
CA THR VA 66 30.02 18.15 43.87
C THR VA 66 29.45 16.74 43.95
N ALA VA 67 28.20 16.58 44.38
CA ALA VA 67 27.58 15.28 44.43
C ALA VA 67 27.28 14.81 43.01
N PRO VA 68 27.06 13.50 42.82
CA PRO VA 68 26.74 13.00 41.48
C PRO VA 68 25.53 13.72 40.89
N GLY VA 69 25.64 14.08 39.62
CA GLY VA 69 24.64 14.88 38.96
C GLY VA 69 24.80 16.38 39.15
N GLY VA 70 25.73 16.80 39.99
CA GLY VA 70 25.97 18.21 40.23
C GLY VA 70 26.81 18.81 39.14
N MEN VA 71 27.01 20.12 39.17
CA MEN VA 71 27.74 20.80 38.12
C MEN VA 71 29.25 20.65 38.31
O MEN VA 71 30.00 20.76 37.34
CB MEN VA 71 27.36 22.27 38.06
CG MEN VA 71 27.76 22.90 36.75
OD1 MEN VA 71 28.48 23.88 36.67
ND2 MEN VA 71 27.28 22.29 35.65
CE2 MEN VA 71 27.57 22.77 34.32
N MET VA 72 29.68 20.42 39.53
CA MET VA 72 31.10 20.18 39.80
C MET VA 72 31.36 18.69 39.92
N TYR VA 73 30.37 17.87 39.57
CA TYR VA 73 30.61 16.45 39.47
C TYR VA 73 31.48 16.15 38.26
N THR VA 74 32.06 14.94 38.26
CA THR VA 74 33.12 14.51 37.34
C THR VA 74 34.38 15.34 37.55
N CYS VA 75 35.52 14.79 37.18
CA CYS VA 75 36.77 15.50 37.43
C CYS VA 75 36.98 16.65 36.47
N ARG VA 76 36.46 16.53 35.24
CA ARG VA 76 36.66 17.60 34.27
C ARG VA 76 35.89 18.86 34.65
N ARG VA 77 34.68 18.71 35.18
CA ARG VA 77 33.92 19.89 35.57
C ARG VA 77 34.47 20.51 36.86
N TYR VA 78 34.95 19.67 37.78
CA TYR VA 78 35.66 20.17 38.95
C TYR VA 78 36.86 21.00 38.54
N ALA VA 79 37.68 20.46 37.62
CA ALA VA 79 38.86 21.18 37.17
C ALA VA 79 38.48 22.45 36.42
N ALA VA 80 37.36 22.43 35.70
CA ALA VA 80 36.91 23.63 35.00
C ALA VA 80 36.49 24.73 35.97
N CYS VA 81 35.79 24.35 37.05
CA CYS VA 81 35.46 25.33 38.08
C CYS VA 81 36.71 25.90 38.73
N VAL VA 82 37.69 25.04 39.00
CA VAL VA 82 38.94 25.50 39.59
C VAL VA 82 39.66 26.45 38.64
N ARG VA 83 39.61 26.16 37.34
CA ARG VA 83 40.22 27.03 36.35
C ARG VA 83 39.55 28.40 36.31
N ASP VA 84 38.22 28.42 36.39
CA ASP VA 84 37.51 29.70 36.43
C ASP VA 84 37.87 30.48 37.68
N LEU VA 85 37.97 29.81 38.82
CA LEU VA 85 38.36 30.50 40.04
C LEU VA 85 39.77 31.05 39.95
N ASP VA 86 40.67 30.29 39.32
CA ASP VA 86 42.03 30.79 39.10
C ASP VA 86 42.02 32.06 38.26
N TYR VA 87 41.19 32.06 37.21
CA TYR VA 87 41.07 33.26 36.38
C TYR VA 87 40.57 34.44 37.20
N PHE VA 88 39.53 34.20 38.03
CA PHE VA 88 38.99 35.27 38.85
C PHE VA 88 40.05 35.83 39.79
N LEU VA 89 40.80 34.97 40.45
CA LEU VA 89 41.82 35.43 41.39
C LEU VA 89 42.91 36.21 40.68
N ARG VA 90 43.39 35.70 39.54
CA ARG VA 90 44.46 36.38 38.82
C ARG VA 90 44.01 37.76 38.35
N TYR VA 91 42.80 37.85 37.80
CA TYR VA 91 42.36 39.14 37.30
C TYR VA 91 41.96 40.09 38.42
N ALA VA 92 41.52 39.57 39.57
CA ALA VA 92 41.34 40.45 40.72
C ALA VA 92 42.67 41.03 41.17
N THR VA 93 43.73 40.22 41.15
CA THR VA 93 45.05 40.74 41.48
C THR VA 93 45.49 41.79 40.46
N TYR VA 94 45.24 41.54 39.18
CA TYR VA 94 45.56 42.52 38.14
C TYR VA 94 44.83 43.84 38.40
N ALA VA 95 43.53 43.76 38.67
CA ALA VA 95 42.74 44.96 38.89
C ALA VA 95 43.19 45.70 40.15
N MET VA 96 43.55 44.96 41.19
CA MET VA 96 44.06 45.60 42.40
C MET VA 96 45.36 46.32 42.13
N LEU VA 97 46.26 45.70 41.37
CA LEU VA 97 47.50 46.37 41.01
C LEU VA 97 47.23 47.62 40.19
N ALA VA 98 46.29 47.53 39.25
CA ALA VA 98 46.00 48.64 38.35
C ALA VA 98 45.22 49.75 39.05
N GLY VA 99 44.52 49.44 40.13
CA GLY VA 99 43.66 50.42 40.76
C GLY VA 99 42.37 50.68 40.03
N ASP VA 100 42.02 49.85 39.05
CA ASP VA 100 40.81 50.03 38.26
C ASP VA 100 40.19 48.68 37.97
N THR VA 101 38.87 48.67 37.82
CA THR VA 101 38.13 47.46 37.47
C THR VA 101 37.94 47.31 35.97
N SER VA 102 38.61 48.15 35.17
CA SER VA 102 38.39 48.15 33.73
C SER VA 102 38.75 46.81 33.11
N ILE VA 103 39.86 46.21 33.57
CA ILE VA 103 40.29 44.93 33.00
C ILE VA 103 39.27 43.84 33.33
N LEU VA 104 38.67 43.90 34.51
CA LEU VA 104 37.65 42.92 34.87
C LEU VA 104 36.44 43.00 33.95
N ASP VA 105 35.97 44.22 33.70
CA ASP VA 105 34.84 44.39 32.79
C ASP VA 105 35.21 43.95 31.37
N GLU VA 106 36.41 44.30 30.92
CA GLU VA 106 36.80 44.02 29.54
C GLU VA 106 36.97 42.52 29.30
N ARG VA 107 37.59 41.82 30.24
CA ARG VA 107 38.11 40.49 29.96
C ARG VA 107 37.42 39.35 30.70
N ILE VA 108 36.73 39.62 31.80
CA ILE VA 108 36.19 38.53 32.61
C ILE VA 108 34.68 38.56 32.58
N LEU VA 109 34.09 39.75 32.48
CA LEU VA 109 32.66 39.89 32.70
C LEU VA 109 31.84 40.08 31.44
N ASN VA 110 32.46 40.48 30.33
CA ASN VA 110 31.72 40.80 29.12
C ASN VA 110 31.38 39.51 28.37
N GLY VA 111 30.27 38.89 28.78
CA GLY VA 111 29.82 37.65 28.20
C GLY VA 111 29.87 36.46 29.12
N LEU VA 112 30.29 36.64 30.37
CA LEU VA 112 30.37 35.52 31.29
C LEU VA 112 28.97 35.03 31.68
N ARG VA 113 28.01 35.93 31.82
CA ARG VA 113 26.67 35.53 32.23
C ARG VA 113 26.02 34.64 31.17
N GLU VA 114 26.09 35.05 29.91
CA GLU VA 114 25.50 34.23 28.85
C GLU VA 114 26.24 32.91 28.69
N THR VA 115 27.56 32.92 28.86
CA THR VA 115 28.31 31.67 28.80
C THR VA 115 27.87 30.71 29.90
N TYR VA 116 27.75 31.21 31.12
CA TYR VA 116 27.32 30.36 32.23
C TYR VA 116 25.90 29.87 32.03
N ASN VA 117 25.03 30.72 31.51
CA ASN VA 117 23.65 30.31 31.24
C ASN VA 117 23.62 29.22 30.18
N SER VA 118 24.44 29.34 29.14
CA SER VA 118 24.50 28.31 28.10
C SER VA 118 25.06 27.00 28.66
N LEU VA 119 26.08 27.08 29.51
CA LEU VA 119 26.68 25.87 30.08
C LEU VA 119 25.87 25.25 31.20
N GLY VA 120 24.93 25.99 31.79
CA GLY VA 120 24.23 25.51 32.96
C GLY VA 120 24.97 25.70 34.26
N VAL VA 121 25.99 26.54 34.28
CA VAL VA 121 26.76 26.78 35.51
C VAL VA 121 25.90 27.59 36.48
N PRO VA 122 25.74 27.16 37.73
CA PRO VA 122 24.95 27.93 38.69
C PRO VA 122 25.64 29.24 39.05
N ILE VA 123 25.00 30.35 38.70
CA ILE VA 123 25.63 31.66 38.92
C ILE VA 123 25.60 32.04 40.39
N GLY VA 124 24.55 31.65 41.12
CA GLY VA 124 24.52 31.90 42.55
C GLY VA 124 25.65 31.20 43.27
N ALA VA 125 25.92 29.95 42.91
CA ALA VA 125 27.00 29.21 43.52
C ALA VA 125 28.35 29.85 43.23
N THR VA 126 28.56 30.33 42.01
CA THR VA 126 29.84 30.96 41.70
C THR VA 126 29.97 32.33 42.37
N ILE VA 127 28.86 33.04 42.59
CA ILE VA 127 28.93 34.28 43.35
C ILE VA 127 29.31 34.00 44.80
N ARG VA 128 28.71 32.96 45.39
CA ARG VA 128 29.08 32.59 46.75
C ARG VA 128 30.54 32.15 46.81
N SER VA 129 31.02 31.47 45.77
CA SER VA 129 32.43 31.08 45.71
C SER VA 129 33.33 32.31 45.65
N VAL VA 130 32.95 33.32 44.87
CA VAL VA 130 33.77 34.52 44.77
C VAL VA 130 33.79 35.25 46.12
N GLN VA 131 32.66 35.28 46.81
CA GLN VA 131 32.64 35.91 48.13
C GLN VA 131 33.48 35.13 49.14
N ALA VA 132 33.45 33.80 49.06
CA ALA VA 132 34.31 32.99 49.92
C ALA VA 132 35.78 33.22 49.59
N MET VA 133 36.10 33.41 48.31
CA MET VA 133 37.46 33.74 47.91
C MET VA 133 37.88 35.08 48.49
N LYS VA 134 36.97 36.06 48.49
CA LYS VA 134 37.26 37.34 49.11
C LYS VA 134 37.56 37.17 50.59
N GLU VA 135 36.78 36.34 51.28
CA GLU VA 135 37.04 36.07 52.69
C GLU VA 135 38.41 35.41 52.89
N VAL VA 136 38.74 34.44 52.03
CA VAL VA 136 40.03 33.76 52.16
C VAL VA 136 41.18 34.73 51.95
N VAL VA 137 41.07 35.59 50.94
CA VAL VA 137 42.12 36.57 50.67
C VAL VA 137 42.25 37.56 51.82
N THR VA 138 41.13 38.05 52.35
CA THR VA 138 41.22 38.99 53.45
C THR VA 138 41.76 38.32 54.72
N SER VA 139 41.60 37.01 54.87
CA SER VA 139 42.23 36.34 56.00
C SER VA 139 43.71 36.16 55.77
N LEU VA 140 44.12 35.91 54.52
CA LEU VA 140 45.53 35.68 54.25
C LEU VA 140 46.33 36.98 54.33
N VAL VA 141 45.82 38.05 53.74
CA VAL VA 141 46.59 39.29 53.59
C VAL VA 141 46.40 40.19 54.80
N GLY VA 142 45.17 40.57 55.07
CA GLY VA 142 44.88 41.45 56.18
C GLY VA 142 43.56 42.15 55.99
N ALA VA 143 43.35 43.20 56.79
CA ALA VA 143 42.08 43.91 56.75
C ALA VA 143 42.09 44.98 55.64
N ASP VA 144 43.10 45.83 55.63
CA ASP VA 144 43.14 46.92 54.65
C ASP VA 144 43.31 46.39 53.24
N ALA VA 145 44.34 45.58 53.02
CA ALA VA 145 44.55 45.00 51.70
C ALA VA 145 43.46 44.00 51.37
N GLY VA 146 42.93 43.30 52.37
CA GLY VA 146 41.79 42.44 52.14
C GLY VA 146 40.58 43.20 51.64
N ARG VA 147 40.32 44.37 52.20
CA ARG VA 147 39.23 45.21 51.72
C ARG VA 147 39.52 45.75 50.33
N GLU VA 148 40.77 46.13 50.06
CA GLU VA 148 41.11 46.61 48.72
C GLU VA 148 40.88 45.54 47.67
N MET VA 149 41.28 44.30 47.95
CA MET VA 149 41.02 43.22 47.01
C MET VA 149 39.53 42.87 46.96
N GLY VA 150 38.83 43.01 48.09
CA GLY VA 150 37.42 42.75 48.13
C GLY VA 150 36.62 43.72 47.29
N VAL VA 151 37.14 44.92 47.05
CA VAL VA 151 36.48 45.83 46.12
C VAL VA 151 36.33 45.16 44.76
N TYR VA 152 37.41 44.57 44.25
CA TYR VA 152 37.37 43.96 42.93
C TYR VA 152 36.65 42.62 42.94
N PHE VA 153 36.74 41.89 44.05
CA PHE VA 153 35.94 40.68 44.18
C PHE VA 153 34.45 41.01 44.15
N ASP VA 154 34.06 42.08 44.82
CA ASP VA 154 32.66 42.52 44.80
C ASP VA 154 32.26 42.98 43.41
N HIS VA 155 33.16 43.64 42.69
CA HIS VA 155 32.84 44.02 41.32
C HIS VA 155 32.60 42.78 40.46
N ILE VA 156 33.42 41.74 40.63
CA ILE VA 156 33.21 40.50 39.90
C ILE VA 156 31.85 39.90 40.26
N ALA VA 157 31.53 39.87 41.55
CA ALA VA 157 30.26 39.29 41.98
C ALA VA 157 29.08 40.07 41.43
N ALA VA 158 29.16 41.39 41.41
CA ALA VA 158 28.09 42.21 40.85
C ALA VA 158 27.96 42.00 39.35
N GLY VA 159 29.09 41.87 38.64
CA GLY VA 159 29.03 41.60 37.22
C GLY VA 159 28.52 40.23 36.86
N LEU VA 160 28.63 39.27 37.78
CA LEU VA 160 28.10 37.94 37.53
C LEU VA 160 26.58 37.87 37.67
N SER VA 161 25.97 38.81 38.37
CA SER VA 161 24.52 38.81 38.54
C SER VA 161 23.84 39.65 37.45
N SER WA 2 31.46 4.87 24.54
CA SER WA 2 31.39 3.46 24.17
C SER WA 2 32.17 3.21 22.90
N ILE WA 3 32.48 1.93 22.63
CA ILE WA 3 33.22 1.60 21.42
C ILE WA 3 32.41 1.90 20.17
N VAL WA 4 31.07 1.82 20.28
CA VAL WA 4 30.22 2.14 19.13
C VAL WA 4 30.38 3.60 18.74
N THR WA 5 30.40 4.49 19.73
CA THR WA 5 30.61 5.91 19.45
C THR WA 5 31.97 6.14 18.82
N GLU WA 6 33.00 5.43 19.29
CA GLU WA 6 34.32 5.59 18.70
C GLU WA 6 34.33 5.13 17.25
N LEU WA 7 33.68 4.00 16.94
CA LEU WA 7 33.61 3.55 15.56
C LEU WA 7 32.88 4.54 14.68
N ILE WA 8 31.75 5.05 15.16
CA ILE WA 8 30.96 5.98 14.36
C ILE WA 8 31.74 7.28 14.15
N LEU WA 9 32.43 7.76 15.18
CA LEU WA 9 33.21 8.98 15.04
C LEU WA 9 34.42 8.77 14.15
N ASN WA 10 35.03 7.58 14.18
CA ASN WA 10 36.13 7.30 13.27
C ASN WA 10 35.65 7.29 11.82
N ALA WA 11 34.47 6.70 11.57
CA ALA WA 11 33.91 6.75 10.23
C ALA WA 11 33.56 8.17 9.83
N ASP WA 12 33.00 8.95 10.75
CA ASP WA 12 32.61 10.32 10.46
C ASP WA 12 33.81 11.22 10.22
N SER WA 13 34.94 10.93 10.85
CA SER WA 13 36.16 11.69 10.61
C SER WA 13 36.58 11.63 9.16
N GLU WA 14 36.24 10.54 8.46
CA GLU WA 14 36.55 10.38 7.05
C GLU WA 14 35.34 10.59 6.16
N SER WA 15 34.21 11.01 6.73
CA SER WA 15 33.00 11.28 5.97
C SER WA 15 32.58 10.09 5.12
N ARG WA 16 32.58 8.91 5.74
CA ARG WA 16 32.28 7.67 5.04
C ARG WA 16 31.47 6.76 5.94
N TYR WA 17 30.75 5.84 5.31
CA TYR WA 17 30.07 4.81 6.06
C TYR WA 17 31.10 3.89 6.72
N PRO WA 18 30.73 3.23 7.81
CA PRO WA 18 31.69 2.34 8.50
C PRO WA 18 32.33 1.32 7.58
N ALA WA 19 33.66 1.28 7.59
CA ALA WA 19 34.42 0.32 6.83
C ALA WA 19 34.28 -1.07 7.46
N PRO WA 20 34.71 -2.12 6.75
CA PRO WA 20 34.58 -3.46 7.33
C PRO WA 20 35.29 -3.63 8.66
N LYS WA 21 36.39 -2.91 8.89
CA LYS WA 21 37.05 -3.02 10.19
C LYS WA 21 36.16 -2.49 11.32
N GLU WA 22 35.52 -1.34 11.11
CA GLU WA 22 34.59 -0.82 12.10
C GLU WA 22 33.42 -1.77 12.31
N ILE WA 23 32.89 -2.33 11.22
CA ILE WA 23 31.76 -3.25 11.34
C ILE WA 23 32.16 -4.48 12.12
N GLN WA 24 33.36 -5.01 11.87
CA GLN WA 24 33.82 -6.19 12.59
C GLN WA 24 34.01 -5.89 14.08
N VAL WA 25 34.56 -4.73 14.40
CA VAL WA 25 34.69 -4.35 15.81
C VAL WA 25 33.32 -4.25 16.45
N TYR WA 26 32.36 -3.64 15.76
CA TYR WA 26 31.01 -3.49 16.28
C TYR WA 26 30.36 -4.84 16.53
N GLN WA 27 30.51 -5.77 15.59
CA GLN WA 27 29.89 -7.09 15.73
C GLN WA 27 30.52 -7.89 16.84
N ASN WA 28 31.85 -7.82 16.98
CA ASN WA 28 32.50 -8.48 18.11
C ASN WA 28 32.01 -7.93 19.44
N PHE WA 29 31.91 -6.61 19.54
CA PHE WA 29 31.44 -6.01 20.79
C PHE WA 29 30.01 -6.42 21.10
N VAL WA 30 29.14 -6.42 20.08
CA VAL WA 30 27.75 -6.83 20.27
C VAL WA 30 27.69 -8.28 20.75
N LYS WA 31 28.56 -9.14 20.20
CA LYS WA 31 28.60 -10.53 20.65
C LYS WA 31 29.01 -10.63 22.11
N THR WA 32 30.01 -9.84 22.53
CA THR WA 32 30.52 -9.92 23.90
C THR WA 32 29.65 -9.18 24.91
N GLY WA 33 28.61 -8.49 24.46
CA GLY WA 33 27.78 -7.71 25.36
C GLY WA 33 27.24 -8.46 26.57
N GLU WA 34 26.85 -9.72 26.38
CA GLU WA 34 26.30 -10.49 27.50
C GLU WA 34 27.35 -10.73 28.57
N GLN WA 35 28.57 -11.09 28.16
CA GLN WA 35 29.66 -11.24 29.11
C GLN WA 35 29.97 -9.92 29.80
N ARG WA 36 29.91 -8.82 29.06
CA ARG WA 36 30.16 -7.51 29.67
C ARG WA 36 29.12 -7.20 30.72
N ILE WA 37 27.85 -7.53 30.46
CA ILE WA 37 26.80 -7.30 31.45
C ILE WA 37 27.05 -8.16 32.68
N ARG WA 38 27.45 -9.41 32.49
CA ARG WA 38 27.74 -10.27 33.63
C ARG WA 38 28.88 -9.71 34.47
N ILE WA 39 29.94 -9.22 33.82
CA ILE WA 39 31.08 -8.66 34.56
C ILE WA 39 30.66 -7.41 35.31
N ALA WA 40 29.82 -6.57 34.69
CA ALA WA 40 29.35 -5.37 35.37
C ALA WA 40 28.51 -5.72 36.59
N LYS WA 41 27.66 -6.76 36.48
CA LYS WA 41 26.89 -7.20 37.63
C LYS WA 41 27.80 -7.71 38.74
N ILE WA 42 28.85 -8.44 38.38
CA ILE WA 42 29.81 -8.93 39.37
C ILE WA 42 30.45 -7.76 40.09
N LEU WA 43 30.87 -6.74 39.34
CA LEU WA 43 31.48 -5.55 39.95
C LEU WA 43 30.50 -4.83 40.85
N ALA WA 44 29.24 -4.72 40.42
CA ALA WA 44 28.25 -3.99 41.21
C ALA WA 44 27.95 -4.69 42.52
N GLU WA 45 27.74 -6.01 42.49
CA GLU WA 45 27.32 -6.71 43.70
C GLU WA 45 28.47 -6.97 44.66
N ASN WA 46 29.72 -6.80 44.22
CA ASN WA 46 30.88 -7.02 45.08
C ASN WA 46 31.64 -5.73 45.35
N GLU WA 47 31.00 -4.58 45.14
CA GLU WA 47 31.71 -3.30 45.27
C GLU WA 47 32.20 -3.08 46.69
N GLN WA 48 31.36 -3.36 47.68
CA GLN WA 48 31.74 -3.10 49.07
C GLN WA 48 32.87 -4.02 49.50
N ARG WA 49 32.82 -5.29 49.12
CA ARG WA 49 33.91 -6.20 49.45
C ARG WA 49 35.22 -5.74 48.84
N ILE WA 50 35.18 -5.33 47.56
CA ILE WA 50 36.38 -4.84 46.91
C ILE WA 50 36.91 -3.61 47.63
N VAL WA 51 36.03 -2.68 47.98
CA VAL WA 51 36.46 -1.45 48.61
C VAL WA 51 37.10 -1.73 49.96
N GLN WA 52 36.48 -2.59 50.77
CA GLN WA 52 37.01 -2.87 52.10
C GLN WA 52 38.35 -3.60 52.03
N ASN WA 53 38.43 -4.66 51.22
CA ASN WA 53 39.68 -5.40 51.13
C ASN WA 53 40.80 -4.55 50.53
N GLY WA 54 40.49 -3.80 49.47
CA GLY WA 54 41.49 -2.94 48.88
C GLY WA 54 41.94 -1.84 49.83
N SER WA 55 41.01 -1.30 50.62
CA SER WA 55 41.38 -0.28 51.60
C SER WA 55 42.30 -0.87 52.68
N ALA WA 56 42.00 -2.08 53.13
CA ALA WA 56 42.86 -2.72 54.12
C ALA WA 56 44.27 -2.91 53.56
N ARG WA 57 44.37 -3.45 52.34
CA ARG WA 57 45.69 -3.65 51.74
C ARG WA 57 46.38 -2.32 51.50
N PHE WA 58 45.63 -1.31 51.08
CA PHE WA 58 46.20 -0.01 50.75
C PHE WA 58 46.73 0.70 51.99
N TRP WA 59 46.03 0.58 53.11
CA TRP WA 59 46.53 1.17 54.34
C TRP WA 59 47.69 0.38 54.91
N GLU WA 60 47.71 -0.94 54.70
CA GLU WA 60 48.88 -1.71 55.09
C GLU WA 60 50.11 -1.31 54.28
N ARG WA 61 49.93 -1.08 52.98
CA ARG WA 61 51.05 -0.79 52.10
C ARG WA 61 51.46 0.68 52.15
N VAL WA 62 50.48 1.58 52.24
CA VAL WA 62 50.72 3.02 52.25
C VAL WA 62 50.05 3.61 53.47
N PRO WA 63 50.65 3.52 54.66
CA PRO WA 63 49.98 4.03 55.87
C PRO WA 63 49.95 5.54 55.97
N ASN WA 64 50.76 6.26 55.20
CA ASN WA 64 50.84 7.72 55.29
C ASN WA 64 49.97 8.36 54.22
N THR WA 65 48.66 8.27 54.45
CA THR WA 65 47.65 8.83 53.56
C THR WA 65 46.60 9.57 54.37
N PRO WA 66 45.91 10.53 53.77
CA PRO WA 66 44.80 11.19 54.49
C PRO WA 66 43.69 10.24 54.85
N SER WA 67 43.56 9.11 54.15
CA SER WA 67 42.47 8.17 54.40
C SER WA 67 42.62 7.42 55.72
N ASN WA 68 43.81 7.41 56.31
CA ASN WA 68 43.98 6.82 57.64
C ASN WA 68 44.81 7.74 58.52
N SER WA 69 44.53 9.03 58.47
CA SER WA 69 45.12 10.00 59.38
C SER WA 69 44.25 10.27 60.59
N GLY WA 70 43.37 9.33 60.94
CA GLY WA 70 42.47 9.49 62.07
C GLY WA 70 41.21 10.27 61.78
N ASN WA 71 41.05 10.78 60.56
CA ASN WA 71 39.89 11.57 60.18
C ASN WA 71 38.84 10.64 59.58
N GLU WA 72 37.70 10.52 60.26
CA GLU WA 72 36.65 9.63 59.77
C GLU WA 72 36.06 10.14 58.46
N ARG WA 73 35.91 11.46 58.32
CA ARG WA 73 35.37 12.01 57.08
C ARG WA 73 36.29 11.75 55.90
N LYS WA 74 37.59 11.89 56.10
CA LYS WA 74 38.54 11.63 55.03
C LYS WA 74 38.52 10.16 54.62
N THR WA 75 38.43 9.25 55.59
CA THR WA 75 38.32 7.83 55.29
C THR WA 75 37.05 7.55 54.49
N ALA WA 76 35.93 8.13 54.93
CA ALA WA 76 34.67 7.91 54.23
C ALA WA 76 34.74 8.43 52.81
N SER WA 77 35.34 9.59 52.61
CA SER WA 77 35.44 10.17 51.27
C SER WA 77 36.35 9.34 50.38
N CYS WA 78 37.47 8.84 50.92
CA CYS WA 78 38.34 7.98 50.12
C CYS WA 78 37.63 6.70 49.71
N GLN WA 79 36.90 6.08 50.63
CA GLN WA 79 36.21 4.85 50.29
C GLN WA 79 35.07 5.12 49.29
N ARG WA 80 34.42 6.28 49.41
CA ARG WA 80 33.43 6.67 48.42
C ARG WA 80 34.08 6.86 47.05
N ASP WA 81 35.28 7.43 47.00
CA ASP WA 81 35.99 7.58 45.74
C ASP WA 81 36.33 6.22 45.14
N GLN WA 82 36.74 5.28 45.97
CA GLN WA 82 37.02 3.94 45.48
C GLN WA 82 35.77 3.30 44.90
N GLY WA 83 34.64 3.43 45.58
CA GLY WA 83 33.39 2.92 45.04
C GLY WA 83 33.02 3.59 43.73
N TRP WA 84 33.24 4.89 43.64
CA TRP WA 84 32.95 5.62 42.41
C TRP WA 84 33.81 5.13 41.26
N TYR WA 85 35.09 4.86 41.52
CA TYR WA 85 35.95 4.39 40.44
C TYR WA 85 35.62 2.97 40.03
N ILE WA 86 35.20 2.13 40.98
CA ILE WA 86 34.70 0.81 40.60
C ILE WA 86 33.45 0.95 39.73
N ARG WA 87 32.58 1.89 40.07
CA ARG WA 87 31.38 2.12 39.28
C ARG WA 87 31.73 2.60 37.87
N LEU WA 88 32.71 3.49 37.75
CA LEU WA 88 33.13 3.96 36.44
C LEU WA 88 33.75 2.84 35.62
N ILE WA 89 34.53 1.96 36.26
CA ILE WA 89 35.10 0.83 35.54
C ILE WA 89 34.00 -0.13 35.09
N ALA WA 90 32.96 -0.29 35.91
CA ALA WA 90 31.81 -1.09 35.48
C ALA WA 90 31.12 -0.46 34.28
N TYR WA 91 30.97 0.87 34.29
CA TYR WA 91 30.42 1.58 33.13
C TYR WA 91 31.24 1.30 31.89
N SER WA 92 32.57 1.39 32.02
CA SER WA 92 33.45 1.18 30.87
C SER WA 92 33.37 -0.26 30.37
N VAL WA 93 33.26 -1.22 31.28
CA VAL WA 93 33.07 -2.62 30.88
C VAL WA 93 31.78 -2.76 30.09
N LEU WA 94 30.72 -2.11 30.54
CA LEU WA 94 29.46 -2.15 29.82
C LEU WA 94 29.58 -1.53 28.44
N ALA WA 95 30.27 -0.40 28.35
CA ALA WA 95 30.34 0.35 27.09
C ALA WA 95 31.39 -0.18 26.13
N GLY WA 96 32.24 -1.10 26.55
CA GLY WA 96 33.27 -1.63 25.68
C GLY WA 96 34.42 -0.70 25.41
N SER WA 97 34.50 0.42 26.13
CA SER WA 97 35.57 1.38 25.94
C SER WA 97 35.76 2.14 27.25
N GLU WA 98 36.93 2.74 27.40
CA GLU WA 98 37.22 3.53 28.59
C GLU WA 98 36.60 4.91 28.56
N LYS WA 99 35.73 5.18 27.59
CA LYS WA 99 35.13 6.51 27.45
C LYS WA 99 34.36 6.96 28.69
N PRO WA 100 33.50 6.16 29.31
CA PRO WA 100 32.83 6.65 30.53
C PRO WA 100 33.80 6.97 31.64
N LEU WA 101 34.78 6.10 31.87
CA LEU WA 101 35.77 6.35 32.91
C LEU WA 101 36.59 7.58 32.60
N GLU WA 102 36.99 7.74 31.34
CA GLU WA 102 37.78 8.91 30.96
C GLU WA 102 36.98 10.21 31.14
N GLU WA 103 35.72 10.21 30.73
CA GLU WA 103 34.93 11.43 30.76
C GLU WA 103 34.51 11.79 32.18
N ILE WA 104 34.27 10.80 33.03
CA ILE WA 104 33.73 11.11 34.36
C ILE WA 104 34.83 11.19 35.42
N GLY WA 105 35.87 10.37 35.33
CA GLY WA 105 36.82 10.33 36.43
C GLY WA 105 38.28 10.41 36.08
N THR WA 106 38.63 10.67 34.83
CA THR WA 106 40.02 10.72 34.41
C THR WA 106 40.44 12.08 33.87
N ILE WA 107 39.64 12.71 33.03
CA ILE WA 107 40.00 14.03 32.52
C ILE WA 107 39.95 15.03 33.67
N GLY WA 108 41.06 15.71 33.90
CA GLY WA 108 41.13 16.65 35.01
C GLY WA 108 41.25 16.00 36.37
N ILE WA 109 41.67 14.73 36.43
CA ILE WA 109 41.80 14.05 37.71
C ILE WA 109 42.96 14.63 38.52
N LYS WA 110 44.07 14.96 37.84
CA LYS WA 110 45.22 15.54 38.52
C LYS WA 110 44.86 16.88 39.13
N GLU WA 111 44.18 17.73 38.37
CA GLU WA 111 43.80 19.05 38.87
C GLU WA 111 42.87 18.93 40.06
N MET WA 112 41.88 18.05 39.97
CA MET WA 112 40.91 17.89 41.05
C MET WA 112 41.59 17.40 42.32
N TYR WA 113 42.45 16.38 42.20
CA TYR WA 113 43.08 15.84 43.39
C TYR WA 113 44.21 16.70 43.91
N ASN WA 114 44.82 17.54 43.07
CA ASN WA 114 45.79 18.51 43.56
C ASN WA 114 45.11 19.64 44.30
N ASN WA 115 43.90 20.02 43.85
CA ASN WA 115 43.11 20.99 44.60
C ASN WA 115 42.73 20.45 45.97
N LEU WA 116 42.37 19.17 46.03
CA LEU WA 116 42.03 18.53 47.29
C LEU WA 116 43.26 18.17 48.12
N GLU WA 117 44.45 18.35 47.57
CA GLU WA 117 45.71 18.09 48.28
C GLU WA 117 45.84 16.62 48.68
N ILE WA 118 45.32 15.75 47.84
CA ILE WA 118 45.47 14.31 48.01
C ILE WA 118 46.65 13.86 47.15
N PRO WA 119 47.66 13.22 47.73
CA PRO WA 119 48.81 12.78 46.92
C PRO WA 119 48.38 11.81 45.83
N LEU WA 120 48.97 11.98 44.64
CA LEU WA 120 48.57 11.15 43.51
C LEU WA 120 49.16 9.74 43.58
N ARG WA 121 50.37 9.60 44.13
CA ARG WA 121 50.95 8.27 44.27
C ARG WA 121 50.10 7.40 45.18
N ASN WA 122 49.53 7.98 46.22
CA ASN WA 122 48.65 7.23 47.11
C ASN WA 122 47.41 6.74 46.38
N ILE WA 123 46.84 7.58 45.51
CA ILE WA 123 45.68 7.16 44.74
C ILE WA 123 46.06 6.06 43.76
N VAL WA 124 47.26 6.14 43.18
CA VAL WA 124 47.73 5.08 42.30
C VAL WA 124 47.83 3.76 43.06
N GLU WA 125 48.41 3.80 44.27
CA GLU WA 125 48.51 2.60 45.08
C GLU WA 125 47.15 2.04 45.45
N CYS WA 126 46.20 2.92 45.81
CA CYS WA 126 44.86 2.47 46.13
C CYS WA 126 44.19 1.84 44.92
N MET WA 127 44.37 2.41 43.73
CA MET WA 127 43.82 1.82 42.52
C MET WA 127 44.45 0.45 42.26
N ARG WA 128 45.75 0.32 42.53
CA ARG WA 128 46.40 -0.98 42.37
C ARG WA 128 45.81 -2.02 43.32
N CYS WA 129 45.59 -1.63 44.57
CA CYS WA 129 44.98 -2.56 45.53
C CYS WA 129 43.56 -2.94 45.12
N LEU WA 130 42.78 -1.96 44.66
CA LEU WA 130 41.43 -2.25 44.19
C LEU WA 130 41.46 -3.18 42.99
N LYS WA 131 42.42 -2.99 42.08
CA LYS WA 131 42.56 -3.87 40.94
C LYS WA 131 42.89 -5.29 41.39
N GLU WA 132 43.80 -5.42 42.34
CA GLU WA 132 44.16 -6.74 42.85
C GLU WA 132 42.95 -7.43 43.47
N GLU WA 133 42.14 -6.68 44.22
CA GLU WA 133 41.00 -7.31 44.89
C GLU WA 133 39.85 -7.58 43.93
N ALA WA 134 39.71 -6.78 42.88
CA ALA WA 134 38.63 -7.00 41.92
C ALA WA 134 38.97 -8.15 40.98
N LEU WA 135 40.24 -8.29 40.59
CA LEU WA 135 40.63 -9.35 39.67
C LEU WA 135 40.45 -10.74 40.28
N SER WA 136 40.47 -10.84 41.61
CA SER WA 136 40.35 -12.15 42.24
C SER WA 136 38.92 -12.68 42.17
N LEU WA 137 37.95 -11.80 41.91
CA LEU WA 137 36.55 -12.17 41.90
C LEU WA 137 36.05 -12.64 40.54
N MET WA 138 36.88 -12.54 39.51
CA MET WA 138 36.46 -12.89 38.15
C MET WA 138 37.43 -13.89 37.55
N SER WA 139 36.99 -14.50 36.45
CA SER WA 139 37.84 -15.36 35.65
C SER WA 139 38.90 -14.51 34.95
N GLU WA 140 39.91 -15.19 34.39
CA GLU WA 140 41.00 -14.48 33.72
C GLU WA 140 40.48 -13.68 32.53
N GLU WA 141 39.61 -14.28 31.71
CA GLU WA 141 39.07 -13.55 30.58
C GLU WA 141 38.15 -12.43 31.01
N ASP WA 142 37.42 -12.62 32.11
CA ASP WA 142 36.62 -11.53 32.65
C ASP WA 142 37.51 -10.41 33.19
N ALA WA 143 38.67 -10.77 33.74
CA ALA WA 143 39.60 -9.80 34.30
C ALA WA 143 40.43 -9.09 33.24
N LEU WA 144 40.45 -9.60 32.01
CA LEU WA 144 41.30 -9.03 30.97
C LEU WA 144 41.02 -7.55 30.74
N GLU WA 145 39.74 -7.17 30.69
CA GLU WA 145 39.37 -5.79 30.44
C GLU WA 145 39.33 -4.95 31.71
N VAL WA 146 38.94 -5.56 32.83
CA VAL WA 146 38.90 -4.83 34.09
C VAL WA 146 40.29 -4.37 34.49
N SER WA 147 41.30 -5.24 34.29
CA SER WA 147 42.66 -4.85 34.57
C SER WA 147 43.10 -3.69 33.68
N ALA WA 148 42.68 -3.71 32.41
CA ALA WA 148 43.04 -2.62 31.51
C ALA WA 148 42.44 -1.31 31.97
N TYR WA 149 41.20 -1.31 32.43
CA TYR WA 149 40.59 -0.08 32.89
C TYR WA 149 41.24 0.43 34.18
N PHE WA 150 41.56 -0.48 35.09
CA PHE WA 150 42.28 -0.07 36.30
C PHE WA 150 43.64 0.52 35.94
N ASP WA 151 44.34 -0.09 34.98
CA ASP WA 151 45.61 0.45 34.52
C ASP WA 151 45.42 1.82 33.87
N TYR WA 152 44.29 2.01 33.20
CA TYR WA 152 44.01 3.31 32.61
C TYR WA 152 43.89 4.38 33.68
N VAL WA 153 43.16 4.09 34.76
CA VAL WA 153 43.07 5.05 35.86
C VAL WA 153 44.44 5.34 36.44
N MET WA 154 45.22 4.29 36.69
CA MET WA 154 46.53 4.46 37.29
C MET WA 154 47.45 5.28 36.40
N ARG WA 155 47.40 5.04 35.08
CA ARG WA 155 48.22 5.81 34.16
C ARG WA 155 47.78 7.27 34.10
N SER WA 156 46.48 7.51 34.13
CA SER WA 156 45.99 8.89 34.12
C SER WA 156 46.38 9.64 35.38
N LEU WA 157 46.52 8.95 36.51
CA LEU WA 157 46.91 9.60 37.74
C LEU WA 157 48.38 9.96 37.81
N SER WA 158 49.20 9.47 36.90
CA SER WA 158 50.62 9.77 36.93
C SER WA 158 50.98 10.82 35.87
N MET XA 1 28.10 13.19 21.39
CA MET XA 1 27.33 12.10 20.84
C MET XA 1 27.18 10.97 21.85
N GLN XA 2 25.98 10.41 21.94
CA GLN XA 2 25.71 9.31 22.84
C GLN XA 2 24.98 8.22 22.08
N ASP XA 3 25.31 6.97 22.39
CA ASP XA 3 24.60 5.82 21.88
C ASP XA 3 23.66 5.31 22.97
N ALA XA 4 23.06 4.14 22.73
CA ALA XA 4 22.14 3.58 23.72
C ALA XA 4 22.85 3.30 25.04
N ILE XA 5 24.02 2.67 24.96
CA ILE XA 5 24.77 2.32 26.16
C ILE XA 5 25.19 3.57 26.90
N THR XA 6 25.72 4.56 26.17
CA THR XA 6 26.18 5.78 26.81
C THR XA 6 25.02 6.55 27.43
N ALA XA 7 23.86 6.55 26.77
CA ALA XA 7 22.70 7.21 27.35
C ALA XA 7 22.27 6.54 28.65
N LEU XA 8 22.22 5.21 28.66
CA LEU XA 8 21.86 4.52 29.90
C LEU XA 8 22.89 4.78 31.00
N ILE XA 9 24.17 4.77 30.64
CA ILE XA 9 25.22 5.03 31.63
C ILE XA 9 25.10 6.45 32.17
N ASN XA 10 24.77 7.41 31.31
CA ASN XA 10 24.59 8.78 31.75
C ASN XA 10 23.44 8.89 32.75
N SER XA 11 22.31 8.26 32.42
CA SER XA 11 21.16 8.32 33.32
C SER XA 11 21.47 7.67 34.65
N SER XA 12 22.23 6.58 34.64
CA SER XA 12 22.61 5.95 35.91
C SER XA 12 23.64 6.77 36.66
N ASP XA 13 24.50 7.49 35.93
CA ASP XA 13 25.61 8.21 36.56
C ASP XA 13 25.15 9.48 37.25
N VAL XA 14 24.16 10.16 36.69
CA VAL XA 14 23.67 11.36 37.38
C VAL XA 14 23.05 10.99 38.72
N GLN XA 15 22.54 9.77 38.86
CA GLN XA 15 22.06 9.30 40.15
C GLN XA 15 23.14 8.66 41.00
N GLY XA 16 24.34 8.47 40.45
CA GLY XA 16 25.42 7.84 41.20
C GLY XA 16 25.14 6.38 41.53
N ARG XA 17 24.52 5.65 40.61
CA ARG XA 17 24.12 4.28 40.86
C ARG XA 17 24.55 3.40 39.69
N TYR XA 18 24.77 2.12 39.98
CA TYR XA 18 24.98 1.15 38.92
C TYR XA 18 23.69 0.99 38.12
N LEU XA 19 23.83 0.41 36.93
CA LEU XA 19 22.66 0.27 36.06
C LEU XA 19 21.61 -0.63 36.70
N ASP XA 20 20.40 -0.09 36.84
CA ASP XA 20 19.30 -0.82 37.43
C ASP XA 20 18.81 -1.89 36.45
N PRO XA 21 18.03 -2.87 36.93
CA PRO XA 21 17.59 -3.95 36.05
C PRO XA 21 16.83 -3.48 34.81
N SER XA 22 16.10 -2.38 34.89
CA SER XA 22 15.40 -1.87 33.71
C SER XA 22 16.38 -1.40 32.65
N SER XA 23 17.38 -0.61 33.05
CA SER XA 23 18.39 -0.17 32.10
C SER XA 23 19.23 -1.33 31.61
N LEU XA 24 19.47 -2.33 32.45
CA LEU XA 24 20.19 -3.52 31.99
C LEU XA 24 19.38 -4.28 30.95
N ASP XA 25 18.05 -4.34 31.12
CA ASP XA 25 17.21 -4.96 30.11
C ASP XA 25 17.25 -4.18 28.80
N LYS XA 26 17.23 -2.85 28.89
CA LYS XA 26 17.35 -2.04 27.68
C LYS XA 26 18.69 -2.27 27.00
N LEU XA 27 19.76 -2.40 27.79
CA LEU XA 27 21.07 -2.68 27.24
C LEU XA 27 21.10 -4.03 26.54
N GLN XA 28 20.47 -5.03 27.14
CA GLN XA 28 20.40 -6.35 26.51
C GLN XA 28 19.61 -6.28 25.21
N ASN XA 29 18.53 -5.50 25.18
CA ASN XA 29 17.78 -5.32 23.95
C ASN XA 29 18.65 -4.70 22.87
N TYR XA 30 19.44 -3.68 23.23
CA TYR XA 30 20.33 -3.07 22.24
C TYR XA 30 21.36 -4.07 21.73
N PHE XA 31 21.94 -4.86 22.63
CA PHE XA 31 22.92 -5.86 22.22
C PHE XA 31 22.29 -6.89 21.28
N GLN XA 32 21.06 -7.30 21.56
CA GLN XA 32 20.39 -8.26 20.68
C GLN XA 32 20.10 -7.65 19.32
N SER XA 33 19.75 -6.37 19.27
CA SER XA 33 19.46 -5.71 18.00
C SER XA 33 20.72 -5.30 17.24
N GLY XA 34 21.89 -5.40 17.88
CA GLY XA 34 23.11 -4.96 17.23
C GLY XA 34 23.40 -5.65 15.90
N ASP XA 35 23.10 -6.94 15.81
CA ASP XA 35 23.35 -7.66 14.57
C ASP XA 35 22.52 -7.10 13.42
N MET XA 36 21.22 -6.88 13.66
CA MET XA 36 20.37 -6.27 12.65
C MET XA 36 20.85 -4.86 12.31
N ARG XA 37 21.30 -4.11 13.32
CA ARG XA 37 21.79 -2.76 13.06
C ARG XA 37 23.01 -2.78 12.15
N ALA XA 38 23.94 -3.72 12.39
CA ALA XA 38 25.11 -3.83 11.54
C ALA XA 38 24.73 -4.24 10.12
N LYS XA 39 23.77 -5.17 9.99
CA LYS XA 39 23.33 -5.58 8.66
C LYS XA 39 22.69 -4.41 7.91
N THR XA 40 21.87 -3.62 8.60
CA THR XA 40 21.25 -2.47 7.96
C THR XA 40 22.27 -1.42 7.57
N ALA XA 41 23.28 -1.21 8.42
CA ALA XA 41 24.35 -0.27 8.06
C ALA XA 41 25.08 -0.73 6.81
N ILE XA 42 25.38 -2.03 6.73
CA ILE XA 42 26.05 -2.56 5.54
C ILE XA 42 25.18 -2.36 4.31
N ALA XA 43 23.88 -2.67 4.42
CA ALA XA 43 22.98 -2.57 3.29
C ALA XA 43 22.86 -1.13 2.80
N VAL XA 44 22.76 -0.17 3.73
CA VAL XA 44 22.63 1.22 3.33
C VAL XA 44 23.94 1.73 2.73
N SER XA 45 25.07 1.32 3.29
CA SER XA 45 26.35 1.74 2.72
C SER XA 45 26.53 1.21 1.31
N ALA XA 46 26.08 -0.02 1.05
CA ALA XA 46 26.26 -0.62 -0.27
C ALA XA 46 25.42 0.08 -1.33
N ASN XA 47 24.30 0.68 -0.92
CA ASN XA 47 23.34 1.24 -1.86
C ASN XA 47 23.11 2.73 -1.64
N ALA XA 48 24.08 3.44 -1.07
CA ALA XA 48 23.87 4.84 -0.74
C ALA XA 48 23.63 5.68 -1.99
N LYS XA 49 24.46 5.51 -3.01
CA LYS XA 49 24.30 6.27 -4.25
C LYS XA 49 22.96 5.96 -4.90
N ASN XA 50 22.58 4.69 -4.95
CA ASN XA 50 21.29 4.33 -5.55
C ASN XA 50 20.13 4.86 -4.74
N ILE XA 51 20.25 4.86 -3.40
CA ILE XA 51 19.20 5.38 -2.55
C ILE XA 51 18.99 6.86 -2.85
N VAL XA 52 20.07 7.63 -2.93
CA VAL XA 52 19.93 9.05 -3.19
C VAL XA 52 19.44 9.31 -4.60
N THR XA 53 19.88 8.49 -5.56
CA THR XA 53 19.40 8.63 -6.93
C THR XA 53 17.89 8.43 -7.00
N LYS XA 54 17.38 7.37 -6.36
CA LYS XA 54 15.95 7.11 -6.36
C LYS XA 54 15.20 8.18 -5.60
N THR XA 55 15.75 8.68 -4.50
CA THR XA 55 15.11 9.74 -3.75
C THR XA 55 14.93 10.98 -4.60
N VAL XA 56 16.00 11.40 -5.29
CA VAL XA 56 15.91 12.57 -6.15
C VAL XA 56 14.94 12.32 -7.29
N ALA XA 57 14.99 11.13 -7.89
CA ALA XA 57 14.12 10.84 -9.02
C ALA XA 57 12.65 10.89 -8.62
N LYS XA 58 12.31 10.37 -7.45
CA LYS XA 58 10.91 10.28 -7.04
C LYS XA 58 10.42 11.47 -6.25
N SER XA 59 11.29 12.41 -5.86
CA SER XA 59 10.85 13.55 -5.07
C SER XA 59 11.23 14.91 -5.62
N LEU XA 60 12.24 15.02 -6.49
CA LEU XA 60 12.73 16.34 -6.89
C LEU XA 60 12.80 16.52 -8.40
N LEU XA 61 13.05 15.43 -9.12
CA LEU XA 61 13.26 15.54 -10.56
C LEU XA 61 11.98 15.94 -11.28
N TYR XA 62 12.14 16.69 -12.37
CA TYR XA 62 11.05 17.08 -13.24
C TYR XA 62 9.98 17.88 -12.50
N THR XA 63 10.41 18.66 -11.52
CA THR XA 63 9.57 19.64 -10.84
C THR XA 63 10.15 21.03 -11.09
N ASP XA 64 9.50 22.04 -10.52
CA ASP XA 64 10.00 23.40 -10.69
C ASP XA 64 11.26 23.66 -9.87
N ILE XA 65 11.65 22.74 -8.99
CA ILE XA 65 12.88 22.91 -8.23
C ILE XA 65 14.09 22.77 -9.12
N THR XA 66 14.06 21.81 -10.05
CA THR XA 66 15.16 21.63 -10.98
C THR XA 66 15.05 22.53 -12.21
N ALA XA 67 13.91 23.19 -12.41
CA ALA XA 67 13.75 24.11 -13.50
C ALA XA 67 14.53 25.40 -13.23
N PRO XA 68 14.83 26.18 -14.26
CA PRO XA 68 15.50 27.46 -14.02
C PRO XA 68 14.69 28.34 -13.07
N GLY XA 69 15.39 29.00 -12.16
CA GLY XA 69 14.74 29.70 -11.09
C GLY XA 69 14.42 28.87 -9.88
N GLY XA 70 14.65 27.56 -9.95
CA GLY XA 70 14.44 26.68 -8.82
C GLY XA 70 15.72 26.53 -8.02
N MEN XA 71 15.62 25.99 -6.82
CA MEN XA 71 16.77 25.94 -5.93
C MEN XA 71 17.71 24.79 -6.28
O MEN XA 71 18.81 24.71 -5.75
CB MEN XA 71 16.31 25.81 -4.49
CG MEN XA 71 17.41 26.13 -3.49
OD1 MEN XA 71 17.79 25.35 -2.65
ND2 MEN XA 71 17.96 27.35 -3.60
CE2 MEN XA 71 19.01 27.78 -2.72
N MET XA 72 17.29 23.91 -7.17
CA MET XA 72 18.15 22.82 -7.61
C MET XA 72 18.65 23.10 -9.02
N TYR XA 73 18.36 24.29 -9.51
CA TYR XA 73 18.91 24.71 -10.79
C TYR XA 73 20.40 25.01 -10.65
N THR XA 74 21.09 24.98 -11.80
CA THR XA 74 22.55 25.01 -11.92
C THR XA 74 23.16 23.75 -11.33
N CYS XA 75 24.32 23.35 -11.83
CA CYS XA 75 24.91 22.09 -11.43
C CYS XA 75 25.40 22.14 -9.98
N ARG XA 76 25.89 23.29 -9.54
CA ARG XA 76 26.40 23.39 -8.18
C ARG XA 76 25.30 23.17 -7.16
N ARG XA 77 24.12 23.74 -7.39
CA ARG XA 77 23.04 23.61 -6.43
C ARG XA 77 22.45 22.20 -6.46
N TYR XA 78 22.38 21.59 -7.64
CA TYR XA 78 21.97 20.19 -7.73
C TYR XA 78 22.93 19.30 -6.96
N ALA XA 79 24.23 19.50 -7.15
CA ALA XA 79 25.22 18.71 -6.44
C ALA XA 79 25.15 18.95 -4.94
N ALA XA 80 24.87 20.19 -4.52
CA ALA XA 80 24.74 20.47 -3.10
C ALA XA 80 23.53 19.80 -2.50
N CYS XA 81 22.42 19.75 -3.22
CA CYS XA 81 21.25 19.02 -2.73
C CYS XA 81 21.54 17.54 -2.62
N VAL XA 82 22.22 16.97 -3.61
CA VAL XA 82 22.59 15.56 -3.53
C VAL XA 82 23.52 15.31 -2.35
N ARG XA 83 24.44 16.24 -2.12
CA ARG XA 83 25.35 16.14 -0.98
C ARG XA 83 24.59 16.19 0.34
N ASP XA 84 23.58 17.05 0.43
CA ASP XA 84 22.78 17.14 1.64
C ASP XA 84 22.00 15.84 1.88
N LEU XA 85 21.46 15.25 0.81
CA LEU XA 85 20.79 13.98 0.96
C LEU XA 85 21.75 12.89 1.41
N ASP XA 86 22.98 12.93 0.88
CA ASP XA 86 24.02 12.02 1.36
C ASP XA 86 24.28 12.22 2.85
N TYR XA 87 24.35 13.48 3.28
CA TYR XA 87 24.53 13.79 4.70
C TYR XA 87 23.44 13.17 5.53
N PHE XA 88 22.19 13.37 5.12
CA PHE XA 88 21.06 12.86 5.89
C PHE XA 88 21.10 11.34 5.97
N LEU XA 89 21.37 10.68 4.84
CA LEU XA 89 21.44 9.23 4.83
C LEU XA 89 22.55 8.71 5.72
N ARG XA 90 23.74 9.29 5.61
CA ARG XA 90 24.88 8.83 6.39
C ARG XA 90 24.66 9.03 7.88
N TYR XA 91 24.11 10.19 8.26
CA TYR XA 91 23.92 10.44 9.68
C TYR XA 91 22.74 9.66 10.25
N ALA XA 92 21.73 9.37 9.43
CA ALA XA 92 20.68 8.45 9.87
C ALA XA 92 21.24 7.06 10.10
N THR XA 93 22.17 6.62 9.24
CA THR XA 93 22.82 5.34 9.46
C THR XA 93 23.66 5.35 10.73
N TYR XA 94 24.38 6.45 10.97
CA TYR XA 94 25.13 6.58 12.23
C TYR XA 94 24.21 6.46 13.43
N ALA XA 95 23.10 7.19 13.41
CA ALA XA 95 22.18 7.18 14.54
C ALA XA 95 21.54 5.81 14.72
N MET XA 96 21.25 5.12 13.62
CA MET XA 96 20.72 3.77 13.72
C MET XA 96 21.73 2.83 14.35
N LEU XA 97 23.00 2.94 13.96
CA LEU XA 97 24.03 2.11 14.57
C LEU XA 97 24.16 2.40 16.06
N ALA XA 98 24.13 3.68 16.43
CA ALA XA 98 24.24 4.04 17.84
C ALA XA 98 22.97 3.73 18.62
N GLY XA 99 21.84 3.58 17.94
CA GLY XA 99 20.59 3.41 18.65
C GLY XA 99 20.12 4.62 19.40
N ASP XA 100 20.57 5.81 19.00
CA ASP XA 100 20.23 7.04 19.69
C ASP XA 100 20.29 8.19 18.70
N THR XA 101 19.46 9.20 18.93
CA THR XA 101 19.32 10.33 18.04
C THR XA 101 20.18 11.53 18.42
N SER XA 102 21.15 11.33 19.32
CA SER XA 102 21.96 12.45 19.79
C SER XA 102 22.77 13.08 18.66
N ILE XA 103 23.34 12.26 17.78
CA ILE XA 103 24.19 12.78 16.73
C ILE XA 103 23.39 13.65 15.77
N LEU XA 104 22.13 13.30 15.52
CA LEU XA 104 21.29 14.15 14.68
C LEU XA 104 21.04 15.49 15.34
N ASP XA 105 20.84 15.50 16.65
CA ASP XA 105 20.61 16.76 17.36
C ASP XA 105 21.85 17.62 17.37
N GLU XA 106 23.03 17.03 17.52
CA GLU XA 106 24.25 17.81 17.67
C GLU XA 106 24.96 18.13 16.37
N ARG XA 107 24.63 17.44 15.28
CA ARG XA 107 25.37 17.62 14.04
C ARG XA 107 24.52 17.89 12.81
N ILE XA 108 23.21 17.65 12.86
CA ILE XA 108 22.38 17.85 11.68
C ILE XA 108 21.38 18.97 11.93
N LEU XA 109 20.63 18.87 13.03
CA LEU XA 109 19.51 19.78 13.24
C LEU XA 109 19.92 21.09 13.91
N ASN XA 110 21.13 21.20 14.46
CA ASN XA 110 21.51 22.40 15.19
C ASN XA 110 21.81 23.51 14.18
N GLY XA 111 20.94 24.52 14.13
CA GLY XA 111 21.12 25.61 13.21
C GLY XA 111 20.79 25.28 11.78
N LEU XA 112 20.21 24.11 11.50
CA LEU XA 112 19.90 23.74 10.13
C LEU XA 112 18.82 24.65 9.54
N ARG XA 113 17.79 24.96 10.33
CA ARG XA 113 16.72 25.81 9.83
C ARG XA 113 17.22 27.21 9.49
N GLU XA 114 18.04 27.80 10.37
CA GLU XA 114 18.58 29.12 10.10
C GLU XA 114 19.47 29.10 8.86
N THR XA 115 20.30 28.08 8.72
CA THR XA 115 21.17 27.99 7.55
C THR XA 115 20.36 27.85 6.28
N TYR XA 116 19.34 26.99 6.29
CA TYR XA 116 18.52 26.80 5.10
C TYR XA 116 17.74 28.06 4.75
N ASN XA 117 17.20 28.74 5.75
CA ASN XA 117 16.47 29.98 5.49
C ASN XA 117 17.41 31.06 4.98
N SER XA 118 18.65 31.07 5.45
CA SER XA 118 19.63 32.02 4.94
C SER XA 118 20.00 31.73 3.49
N LEU XA 119 20.13 30.46 3.14
CA LEU XA 119 20.49 30.10 1.76
C LEU XA 119 19.30 30.10 0.82
N GLY XA 120 18.08 30.09 1.34
CA GLY XA 120 16.91 29.97 0.50
C GLY XA 120 16.54 28.54 0.15
N VAL XA 121 17.07 27.56 0.87
CA VAL XA 121 16.78 26.15 0.57
C VAL XA 121 15.36 25.82 0.98
N PRO XA 122 14.54 25.25 0.10
CA PRO XA 122 13.16 24.92 0.46
C PRO XA 122 13.04 23.84 1.53
N ILE XA 123 12.54 24.22 2.70
CA ILE XA 123 12.48 23.29 3.82
C ILE XA 123 11.42 22.21 3.59
N GLY XA 124 10.28 22.59 3.03
CA GLY XA 124 9.24 21.61 2.77
C GLY XA 124 9.67 20.55 1.76
N ALA XA 125 10.36 20.98 0.71
CA ALA XA 125 10.90 20.03 -0.27
C ALA XA 125 11.94 19.12 0.38
N THR XA 126 12.73 19.67 1.31
CA THR XA 126 13.70 18.83 2.02
C THR XA 126 13.00 17.78 2.87
N ILE XA 127 11.91 18.16 3.54
CA ILE XA 127 11.16 17.21 4.36
C ILE XA 127 10.57 16.11 3.47
N ARG XA 128 10.00 16.51 2.34
CA ARG XA 128 9.44 15.52 1.43
C ARG XA 128 10.52 14.59 0.88
N SER XA 129 11.70 15.14 0.59
CA SER XA 129 12.81 14.31 0.13
C SER XA 129 13.25 13.33 1.21
N VAL XA 130 13.28 13.77 2.47
CA VAL XA 130 13.64 12.86 3.55
C VAL XA 130 12.61 11.75 3.69
N GLN XA 131 11.33 12.09 3.52
CA GLN XA 131 10.28 11.07 3.54
C GLN XA 131 10.47 10.07 2.40
N ALA XA 132 10.77 10.57 1.21
CA ALA XA 132 11.02 9.68 0.07
C ALA XA 132 12.23 8.78 0.33
N MET XA 133 13.28 9.34 0.93
CA MET XA 133 14.46 8.53 1.26
C MET XA 133 14.12 7.45 2.27
N LYS XA 134 13.30 7.78 3.26
CA LYS XA 134 12.87 6.77 4.23
C LYS XA 134 12.08 5.67 3.53
N GLU XA 135 11.20 6.02 2.61
CA GLU XA 135 10.45 5.00 1.87
C GLU XA 135 11.38 4.12 1.05
N VAL XA 136 12.36 4.72 0.39
CA VAL XA 136 13.30 3.95 -0.42
C VAL XA 136 14.10 2.99 0.44
N VAL XA 137 14.60 3.49 1.58
CA VAL XA 137 15.40 2.64 2.46
C VAL XA 137 14.55 1.51 3.02
N THR XA 138 13.30 1.79 3.36
CA THR XA 138 12.42 0.74 3.86
C THR XA 138 12.17 -0.32 2.79
N SER XA 139 11.95 0.11 1.55
CA SER XA 139 11.79 -0.86 0.47
C SER XA 139 13.06 -1.67 0.25
N LEU XA 140 14.20 -1.10 0.58
CA LEU XA 140 15.46 -1.79 0.33
C LEU XA 140 15.83 -2.78 1.44
N VAL XA 141 15.61 -2.43 2.70
CA VAL XA 141 16.08 -3.24 3.82
C VAL XA 141 14.97 -3.98 4.53
N GLY XA 142 13.72 -3.81 4.12
CA GLY XA 142 12.62 -4.54 4.73
C GLY XA 142 11.82 -3.68 5.67
N ALA XA 143 10.77 -4.30 6.23
CA ALA XA 143 9.83 -3.56 7.06
C ALA XA 143 10.41 -3.24 8.43
N ASP XA 144 11.09 -4.19 9.06
CA ASP XA 144 11.56 -4.00 10.42
C ASP XA 144 12.76 -3.06 10.46
N ALA XA 145 13.82 -3.40 9.73
CA ALA XA 145 14.96 -2.50 9.62
C ALA XA 145 14.56 -1.18 8.99
N GLY XA 146 13.61 -1.22 8.06
CA GLY XA 146 13.09 0.02 7.48
C GLY XA 146 12.45 0.92 8.51
N ARG XA 147 11.65 0.34 9.41
CA ARG XA 147 11.04 1.14 10.47
C ARG XA 147 12.09 1.66 11.45
N GLU XA 148 13.10 0.85 11.73
CA GLU XA 148 14.17 1.30 12.63
C GLU XA 148 14.92 2.49 12.03
N MET XA 149 15.23 2.44 10.74
CA MET XA 149 15.86 3.59 10.09
C MET XA 149 14.89 4.76 9.98
N GLY XA 150 13.61 4.47 9.79
CA GLY XA 150 12.61 5.50 9.70
C GLY XA 150 12.42 6.27 10.98
N VAL XA 151 12.74 5.66 12.12
CA VAL XA 151 12.72 6.41 13.38
C VAL XA 151 13.62 7.64 13.28
N TYR XA 152 14.85 7.45 12.81
CA TYR XA 152 15.80 8.54 12.72
C TYR XA 152 15.53 9.44 11.52
N PHE XA 153 15.02 8.88 10.42
CA PHE XA 153 14.56 9.73 9.32
C PHE XA 153 13.45 10.67 9.78
N ASP XA 154 12.51 10.16 10.57
CA ASP XA 154 11.43 10.96 11.12
C ASP XA 154 11.94 11.97 12.14
N HIS XA 155 12.97 11.61 12.89
CA HIS XA 155 13.58 12.58 13.80
C HIS XA 155 14.14 13.76 13.02
N ILE XA 156 14.84 13.47 11.92
CA ILE XA 156 15.38 14.55 11.07
C ILE XA 156 14.24 15.39 10.51
N ALA XA 157 13.20 14.73 9.98
CA ALA XA 157 12.09 15.45 9.36
C ALA XA 157 11.36 16.31 10.38
N ALA XA 158 11.16 15.81 11.59
CA ALA XA 158 10.48 16.57 12.63
C ALA XA 158 11.32 17.74 13.09
N GLY XA 159 12.65 17.57 13.14
CA GLY XA 159 13.51 18.69 13.44
C GLY XA 159 13.43 19.77 12.37
N LEU XA 160 13.30 19.36 11.11
CA LEU XA 160 13.18 20.33 10.03
C LEU XA 160 11.82 21.01 10.02
N SER XA 161 10.84 20.47 10.72
CA SER XA 161 9.50 21.04 10.73
C SER XA 161 9.06 21.43 12.14
CHA CYC YA . 7.17 -88.03 -48.57
NA CYC YA . 6.50 -87.78 -46.25
C1A CYC YA . 7.40 -87.64 -47.27
C2A CYC YA . 8.62 -87.07 -46.78
C3A CYC YA . 8.43 -86.85 -45.44
C4A CYC YA . 7.09 -87.31 -45.15
CMA CYC YA . 9.44 -86.25 -44.54
CAA CYC YA . 9.82 -86.78 -47.60
CBA CYC YA . 10.65 -88.03 -47.87
CGA CYC YA . 11.32 -88.66 -46.63
O1A CYC YA . 12.55 -88.53 -46.51
O2A CYC YA . 10.57 -89.24 -45.83
CHB CYC YA . 6.35 -87.32 -43.91
NB CYC YA . 7.71 -86.37 -42.09
C1B CYC YA . 6.58 -86.93 -42.63
C2B CYC YA . 5.62 -87.04 -41.54
C3B CYC YA . 6.19 -86.55 -40.42
C4B CYC YA . 7.55 -86.11 -40.75
CMB CYC YA . 4.26 -87.60 -41.71
CAB CYC YA . 5.62 -86.43 -39.04
CBB CYC YA . 6.14 -87.52 -38.10
OB CYC YA . 8.40 -85.62 -40.03
NC CYC YA . 0.99 -89.15 -50.94
C1C CYC YA . -0.32 -89.33 -51.27
C2C CYC YA . -1.09 -89.59 -50.00
C3C CYC YA . -0.03 -89.53 -48.89
C4C CYC YA . 1.27 -89.25 -49.61
CMC CYC YA . -2.26 -88.64 -49.84
CAC CYC YA . 0.04 -90.79 -48.04
CBC CYC YA . -1.13 -90.86 -47.06
OC CYC YA . -0.75 -89.28 -52.40
CHD CYC YA . 2.48 -89.19 -48.98
ND CYC YA . 4.78 -88.57 -48.55
C1D CYC YA . 3.82 -88.96 -49.41
C2D CYC YA . 4.43 -89.06 -50.69
C3D CYC YA . 5.77 -88.72 -50.54
C4D CYC YA . 5.98 -88.42 -49.18
CMD CYC YA . 3.80 -89.45 -51.97
CAD CYC YA . 6.79 -88.69 -51.61
CBD CYC YA . 6.76 -87.34 -52.32
CGD CYC YA . 7.99 -87.05 -53.21
O1D CYC YA . 8.03 -85.96 -53.80
O2D CYC YA . 8.84 -87.96 -53.26
CHA CYC ZA . 16.40 -62.59 -4.46
NA CYC ZA . 15.27 -64.46 -5.52
C1A CYC ZA . 15.71 -63.16 -5.49
C2A CYC ZA . 15.34 -62.50 -6.71
C3A CYC ZA . 14.67 -63.42 -7.46
C4A CYC ZA . 14.64 -64.63 -6.67
CMA CYC ZA . 14.10 -63.18 -8.81
CAA CYC ZA . 15.66 -61.09 -7.06
CBA CYC ZA . 14.76 -60.09 -6.33
CGA CYC ZA . 13.30 -60.13 -6.77
O1A CYC ZA . 12.44 -60.29 -5.89
O2A CYC ZA . 13.09 -60.01 -7.99
CHB CYC ZA . 14.06 -65.91 -6.98
NB CYC ZA . 13.71 -66.13 -9.41
C1B CYC ZA . 13.57 -66.51 -8.09
C2B CYC ZA . 12.80 -67.75 -8.11
C3B CYC ZA . 12.50 -68.05 -9.39
C4B CYC ZA . 13.09 -67.01 -10.25
CMB CYC ZA . 12.44 -68.51 -6.89
CAB CYC ZA . 11.74 -69.21 -9.94
CBB CYC ZA . 10.26 -68.87 -10.14
OB CYC ZA . 13.04 -66.91 -11.46
NC CYC ZA . 18.86 -65.74 0.64
C1C CYC ZA . 19.44 -66.44 1.67
C2C CYC ZA . 18.64 -67.71 1.84
C3C CYC ZA . 17.72 -67.75 0.63
C4C CYC ZA . 17.77 -66.35 0.07
CMC CYC ZA . 19.55 -68.91 2.05
CAC CYC ZA . 16.30 -68.24 0.92
CBC CYC ZA . 16.20 -69.76 0.90
OC CYC ZA . 20.40 -66.07 2.28
CHD CYC ZA . 16.97 -65.87 -0.89
ND CYC ZA . 16.64 -64.40 -2.84
C1D CYC ZA . 16.91 -64.57 -1.53
C2D CYC ZA . 17.08 -63.29 -0.98
C3D CYC ZA . 16.92 -62.36 -2.00
C4D CYC ZA . 16.64 -63.08 -3.17
CMD CYC ZA . 17.38 -62.97 0.45
CAD CYC ZA . 17.01 -60.88 -1.88
CBD CYC ZA . 18.38 -60.35 -2.26
CGD CYC ZA . 18.58 -58.85 -1.96
O1D CYC ZA . 17.64 -58.24 -1.42
O2D CYC ZA . 19.69 -58.37 -2.30
CHA CYC AB . 13.82 -64.46 16.98
NA CYC AB . 13.92 -62.40 15.68
C1A CYC AB . 14.06 -63.76 15.81
C2A CYC AB . 14.49 -64.33 14.57
C3A CYC AB . 14.59 -63.29 13.69
C4A CYC AB . 14.23 -62.10 14.44
CMA CYC AB . 15.01 -63.39 12.27
CAA CYC AB . 14.74 -65.78 14.32
CBA CYC AB . 16.01 -66.29 15.00
CGA CYC AB . 17.27 -65.43 14.82
O1A CYC AB . 17.94 -65.16 15.83
O2A CYC AB . 17.50 -65.04 13.66
CHB CYC AB . 14.17 -60.73 13.98
NB CYC AB . 15.78 -60.44 12.14
C1B CYC AB . 14.82 -60.02 13.03
C2B CYC AB . 14.62 -58.60 12.75
C3B CYC AB . 15.43 -58.23 11.74
C4B CYC AB . 16.20 -59.42 11.32
CMB CYC AB . 13.66 -57.76 13.51
CAB CYC AB . 15.59 -56.90 11.09
CBB CYC AB . 16.64 -56.03 11.78
OB CYC AB . 17.03 -59.52 10.45
NC CYC AB . 9.22 -62.07 21.30
C1C CYC AB . 8.37 -61.38 22.11
C2C CYC AB . 8.40 -59.95 21.66
C3C CYC AB . 9.16 -59.97 20.34
C4C CYC AB . 9.84 -61.32 20.33
CMC CYC AB . 7.00 -59.34 21.62
CAC CYC AB . 10.10 -58.80 20.15
CBC CYC AB . 10.19 -58.32 18.71
OC CYC AB . 7.75 -61.88 23.02
CHD CYC AB . 10.99 -61.60 19.67
ND CYC AB . 12.44 -62.87 18.20
C1D CYC AB . 11.65 -62.82 19.28
C2D CYC AB . 11.65 -64.10 19.85
C3D CYC AB . 12.46 -64.91 19.06
C4D CYC AB . 12.97 -64.12 18.02
CMD CYC AB . 10.93 -64.58 21.07
CAD CYC AB . 12.76 -66.35 19.28
CBD CYC AB . 11.90 -67.24 18.41
CGD CYC AB . 12.37 -68.71 18.34
O1D CYC AB . 11.89 -69.43 17.45
O2D CYC AB . 13.22 -69.04 19.19
CHA CYC BB . 26.81 -43.82 -28.04
NA CYC BB . 26.82 -43.66 -25.63
C1A CYC BB . 26.37 -44.20 -26.80
C2A CYC BB . 25.37 -45.21 -26.52
C3A CYC BB . 25.24 -45.25 -25.16
C4A CYC BB . 26.17 -44.27 -24.64
CMA CYC BB . 24.34 -46.15 -24.40
CAA CYC BB . 24.64 -46.02 -27.55
CBA CYC BB . 23.16 -45.69 -27.65
CGA CYC BB . 22.80 -44.26 -28.10
O1A CYC BB . 23.71 -43.53 -28.52
O2A CYC BB . 21.59 -43.95 -28.00
CHB CYC BB . 26.46 -43.88 -23.29
NB CYC BB . 24.83 -44.88 -21.72
C1B CYC BB . 25.85 -44.04 -22.08
C2B CYC BB . 26.21 -43.31 -20.87
C3B CYC BB . 25.41 -43.72 -19.87
C4B CYC BB . 24.50 -44.74 -20.41
CMB CYC BB . 27.28 -42.29 -20.83
CAB CYC BB . 25.38 -43.28 -18.44
CBB CYC BB . 24.52 -42.03 -18.24
OB CYC BB . 23.64 -45.37 -19.83
NC CYC BB . 32.48 -40.57 -28.79
C1C CYC BB . 33.68 -39.92 -28.88
C2C CYC BB . 33.81 -39.05 -27.67
C3C CYC BB . 32.63 -39.44 -26.78
C4C CYC BB . 31.74 -40.27 -27.69
CMC CYC BB . 35.19 -39.17 -27.06
CAC CYC BB . 31.93 -38.26 -26.12
CBC CYC BB . 32.60 -37.82 -24.83
OC CYC BB . 34.46 -40.07 -29.78
CHD CYC BB . 30.50 -40.71 -27.36
ND CYC BB . 28.64 -42.30 -27.46
C1D CYC BB . 29.53 -41.50 -28.08
C2D CYC BB . 29.31 -41.61 -29.47
C3D CYC BB . 28.25 -42.50 -29.63
C4D CYC BB . 27.84 -42.93 -28.37
CMD CYC BB . 30.02 -40.92 -30.57
CAD CYC BB . 27.65 -42.92 -30.93
CBD CYC BB . 28.36 -44.16 -31.48
CGD CYC BB . 27.89 -44.59 -32.87
O1D CYC BB . 26.87 -44.05 -33.32
O2D CYC BB . 28.59 -45.46 -33.43
CHA CYC CB . 33.02 -25.47 -36.24
NA CYC CB . 31.73 -27.13 -37.44
C1A CYC CB . 32.63 -26.76 -36.49
C2A CYC CB . 33.10 -27.90 -35.79
C3A CYC CB . 32.47 -28.98 -36.33
C4A CYC CB . 31.61 -28.45 -37.38
CMA CYC CB . 32.66 -30.39 -35.90
CAA CYC CB . 34.09 -27.88 -34.67
CBA CYC CB . 35.52 -27.73 -35.18
CGA CYC CB . 36.09 -28.95 -35.91
O1A CYC CB . 36.68 -29.81 -35.24
O2A CYC CB . 35.89 -28.98 -37.14
CHB CYC CB . 30.72 -29.13 -38.29
NB CYC CB . 30.85 -31.57 -37.99
C1B CYC CB . 30.41 -30.41 -38.57
C2B CYC CB . 29.47 -30.83 -39.61
C3B CYC CB . 29.39 -32.17 -39.61
C4B CYC CB . 30.29 -32.67 -38.55
CMB CYC CB . 28.75 -29.87 -40.47
CAB CYC CB . 28.58 -33.08 -40.47
CBB CYC CB . 29.27 -33.42 -41.78
OB CYC CB . 30.52 -33.82 -38.23
NC CYC CB . 29.33 -20.27 -38.37
C1C CYC CB . 28.51 -19.32 -38.89
C2C CYC CB . 27.88 -19.88 -40.14
C3C CYC CB . 28.39 -21.33 -40.21
C4C CYC CB . 29.37 -21.45 -39.06
CMC CYC CB . 26.37 -19.71 -40.12
CAC CYC CB . 29.00 -21.71 -41.55
CBC CYC CB . 27.94 -22.06 -42.57
OC CYC CB . 28.35 -18.22 -38.44
CHD CYC CB . 30.06 -22.58 -38.78
ND CYC CB . 31.44 -24.20 -37.59
C1D CYC CB . 31.12 -22.91 -37.86
C2D CYC CB . 32.00 -22.10 -37.11
C3D CYC CB . 32.83 -22.95 -36.39
C4D CYC CB . 32.47 -24.27 -36.71
CMD CYC CB . 32.06 -20.61 -37.05
CAD CYC CB . 33.91 -22.55 -35.46
CBD CYC CB . 33.49 -22.76 -34.01
CGD CYC CB . 34.54 -22.36 -32.96
O1D CYC CB . 34.14 -21.90 -31.87
O2D CYC CB . 35.73 -22.53 -33.29
CHA CYC DB . 15.02 -72.97 -36.08
NA CYC DB . 15.75 -71.16 -37.52
C1A CYC DB . 15.38 -71.67 -36.31
C2A CYC DB . 15.44 -70.65 -35.30
C3A CYC DB . 15.83 -69.51 -35.94
C4A CYC DB . 16.03 -69.88 -37.33
CMA CYC DB . 16.04 -68.17 -35.32
CAA CYC DB . 15.10 -70.80 -33.87
CBA CYC DB . 13.64 -70.49 -33.59
CGA CYC DB . 12.60 -71.45 -34.20
O1A CYC DB . 12.33 -72.48 -33.58
O2A CYC DB . 12.12 -71.09 -35.29
CHB CYC DB . 16.45 -69.01 -38.39
NB CYC DB . 15.06 -67.03 -38.05
C1B CYC DB . 16.07 -67.74 -38.65
C2B CYC DB . 16.64 -66.84 -39.65
C3B CYC DB . 15.98 -65.67 -39.61
C4B CYC DB . 14.94 -65.77 -38.55
CMB CYC DB . 17.76 -67.22 -40.54
CAB CYC DB . 16.19 -64.44 -40.41
CBB CYC DB . 14.95 -64.00 -41.18
OB CYC DB . 14.14 -64.94 -38.20
NC CYC DB . 17.09 -77.93 -39.83
C1C CYC DB . 17.62 -78.91 -40.62
C2C CYC DB . 17.80 -78.34 -42.01
C3C CYC DB . 17.50 -76.84 -41.84
C4C CYC DB . 16.86 -76.74 -40.47
CMC CYC DB . 19.15 -78.69 -42.60
CAC CYC DB . 16.66 -76.26 -42.96
CBC CYC DB . 17.51 -75.82 -44.14
OC CYC DB . 17.89 -80.02 -40.25
CHD CYC DB . 16.26 -75.65 -39.97
ND CYC DB . 15.74 -74.12 -38.12
C1D CYC DB . 15.69 -75.34 -38.68
C2D CYC DB . 14.97 -76.17 -37.79
C3D CYC DB . 14.62 -75.40 -36.69
C4D CYC DB . 15.11 -74.10 -36.91
CMD CYC DB . 14.63 -77.61 -37.98
CAD CYC DB . 13.86 -75.85 -35.49
CBD CYC DB . 14.80 -76.46 -34.45
CGD CYC DB . 14.16 -76.78 -33.09
O1D CYC DB . 14.74 -76.35 -32.07
O2D CYC DB . 13.11 -77.45 -33.11
CHA CYC EB . -20.93 -67.88 -52.41
NA CYC EB . -19.30 -66.07 -52.38
C1A CYC EB . -20.42 -66.70 -51.91
C2A CYC EB . -20.97 -65.97 -50.81
C3A CYC EB . -20.18 -64.88 -50.63
C4A CYC EB . -19.14 -64.98 -51.65
CMA CYC EB . -20.37 -63.84 -49.60
CAA CYC EB . -22.19 -66.37 -50.04
CBA CYC EB . -23.49 -66.30 -50.85
CGA CYC EB . -23.89 -64.90 -51.34
O1A CYC EB . -24.87 -64.35 -50.80
O2A CYC EB . -23.20 -64.41 -52.25
CHB CYC EB . -18.02 -64.10 -51.92
NB CYC EB . -18.26 -61.98 -50.69
C1B CYC EB . -17.66 -62.84 -51.56
C2B CYC EB . -16.49 -62.13 -52.07
C3B CYC EB . -16.44 -60.91 -51.50
C4B CYC EB . -17.59 -60.80 -50.58
CMB CYC EB . -15.55 -62.72 -53.05
CAB CYC EB . -15.44 -59.82 -51.69
CBB CYC EB . -15.82 -58.87 -52.81
OB CYC EB . -17.90 -59.86 -49.88
NC CYC EB . -16.69 -72.13 -55.42
C1C CYC EB . -15.71 -72.85 -56.03
C2C CYC EB . -14.85 -71.90 -56.81
C3C CYC EB . -15.39 -70.51 -56.44
C4C CYC EB . -16.67 -70.78 -55.68
CMC CYC EB . -13.38 -72.12 -56.54
CAC CYC EB . -15.59 -69.57 -57.62
CBC CYC EB . -14.29 -68.95 -58.09
OC CYC EB . -15.59 -74.04 -55.92
CHD CYC EB . -17.39 -69.81 -55.08
ND CYC EB . -19.05 -68.67 -53.73
C1D CYC EB . -18.64 -69.77 -54.39
C2D CYC EB . -19.67 -70.73 -54.25
C3D CYC EB . -20.68 -70.15 -53.48
C4D CYC EB . -20.27 -68.86 -53.16
CMD CYC EB . -19.71 -72.11 -54.80
CAD CYC EB . -21.95 -70.79 -53.06
CBD CYC EB . -21.89 -71.18 -51.60
CGD CYC EB . -23.13 -71.92 -51.06
O1D CYC EB . -22.95 -72.94 -50.37
O2D CYC EB . -24.23 -71.42 -51.37
CHA CYC FB . -3.91 -28.43 -25.46
NA CYC FB . -4.38 -29.45 -27.61
C1A CYC FB . -4.17 -29.52 -26.26
C2A CYC FB . -4.28 -30.88 -25.82
C3A CYC FB . -4.55 -31.62 -26.92
C4A CYC FB . -4.61 -30.68 -28.02
CMA CYC FB . -4.74 -33.10 -26.93
CAA CYC FB . -4.11 -31.36 -24.41
CBA CYC FB . -2.70 -31.86 -24.13
CGA CYC FB . -1.67 -30.76 -23.81
O1A CYC FB . -0.61 -30.76 -24.45
O2A CYC FB . -2.00 -29.96 -22.91
CHB CYC FB . -4.87 -30.91 -29.43
NB CYC FB . -5.24 -33.30 -29.88
C1B CYC FB . -4.95 -32.00 -30.22
C2B CYC FB . -4.78 -32.01 -31.67
C3B CYC FB . -4.95 -33.26 -32.12
C4B CYC FB . -5.26 -34.13 -30.97
CMB CYC FB . -4.45 -30.79 -32.46
CAB CYC FB . -4.88 -33.80 -33.51
CBB CYC FB . -3.44 -34.06 -33.94
OB CYC FB . -5.48 -35.31 -30.94
NC CYC FB . -5.07 -22.27 -27.30
C1C CYC FB . -5.38 -20.99 -27.71
C2C CYC FB . -5.22 -20.95 -29.20
C3C CYC FB . -4.94 -22.39 -29.61
C4C CYC FB . -4.70 -23.13 -28.31
CMC CYC FB . -6.42 -20.28 -29.86
CAC CYC FB . -3.79 -22.53 -30.60
CBC CYC FB . -4.23 -22.26 -32.03
OC CYC FB . -5.72 -20.10 -26.97
CHD CYC FB . -4.30 -24.40 -28.19
ND CYC FB . -4.20 -26.55 -27.00
C1D CYC FB . -4.00 -25.22 -27.04
C2D CYC FB . -3.43 -24.86 -25.80
C3D CYC FB . -3.34 -26.02 -25.04
C4D CYC FB . -3.81 -27.08 -25.80
CMD CYC FB . -3.03 -23.50 -25.35
CAD CYC FB . -2.81 -26.12 -23.65
CBD CYC FB . -3.91 -26.06 -22.60
CGD CYC FB . -3.41 -26.07 -21.15
O1D CYC FB . -2.20 -26.31 -20.96
O2D CYC FB . -4.26 -25.82 -20.29
CHA CYC GB . 6.63 -10.55 -27.57
NA CYC GB . 6.63 -11.72 -25.45
C1A CYC GB . 6.06 -11.38 -26.64
C2A CYC GB . 4.79 -12.01 -26.78
C3A CYC GB . 4.59 -12.75 -25.65
C4A CYC GB . 5.77 -12.53 -24.84
CMA CYC GB . 3.39 -13.57 -25.35
CAA CYC GB . 3.89 -11.86 -27.96
CBA CYC GB . 3.15 -10.53 -27.94
CGA CYC GB . 2.10 -10.40 -26.84
O1A CYC GB . 0.93 -10.68 -27.12
O2A CYC GB . 2.50 -10.00 -25.73
CHB CYC GB . 6.13 -13.06 -23.54
NB CYC GB . 4.41 -14.62 -22.70
C1B CYC GB . 5.52 -13.82 -22.60
C2B CYC GB . 5.99 -13.96 -21.23
C3B CYC GB . 5.16 -14.80 -20.58
C4B CYC GB . 4.13 -15.24 -21.53
CMB CYC GB . 7.19 -13.24 -20.73
CAB CYC GB . 5.18 -15.28 -19.16
CBB CYC GB . 6.43 -16.07 -18.81
OB CYC GB . 3.20 -15.99 -21.34
NC CYC GB . 13.08 -8.85 -27.56
C1C CYC GB . 14.43 -8.71 -27.49
C2C CYC GB . 14.87 -9.06 -26.10
C3C CYC GB . 13.56 -9.35 -25.35
C4C CYC GB . 12.48 -9.25 -26.40
CMC CYC GB . 15.90 -10.19 -26.09
CAC CYC GB . 13.36 -8.43 -24.16
CBC CYC GB . 14.41 -8.71 -23.09
OC CYC GB . 15.11 -8.36 -28.41
CHD CYC GB . 11.17 -9.52 -26.19
ND CYC GB . 8.87 -10.17 -26.69
C1D CYC GB . 10.00 -9.50 -27.02
C2D CYC GB . 9.73 -8.83 -28.24
C3D CYC GB . 8.42 -9.15 -28.61
C4D CYC GB . 7.90 -9.98 -27.63
CMD CYC GB . 10.62 -7.96 -29.04
CAD CYC GB . 7.69 -8.69 -29.82
CBD CYC GB . 7.62 -9.81 -30.85
CGD CYC GB . 6.73 -9.52 -32.07
O1D CYC GB . 6.91 -10.21 -33.09
O2D CYC GB . 5.90 -8.60 -31.92
CHA CYC HB . -13.80 -50.37 -2.35
NA CYC HB . -12.99 -48.08 -2.44
C1A CYC HB . -13.18 -49.32 -2.97
C2A CYC HB . -12.60 -49.36 -4.29
C3A CYC HB . -12.09 -48.13 -4.54
C4A CYC HB . -12.35 -47.35 -3.33
CMA CYC HB . -11.40 -47.69 -5.77
CAA CYC HB . -12.60 -50.55 -5.19
CBA CYC HB . -11.45 -51.50 -4.85
CGA CYC HB . -10.05 -50.94 -5.15
O1A CYC HB . -9.43 -50.38 -4.24
O2A CYC HB . -9.64 -51.12 -6.32
CHB CYC HB . -12.02 -45.98 -3.06
NB CYC HB . -10.02 -45.35 -4.36
C1B CYC HB . -11.03 -45.13 -3.45
C2B CYC HB . -10.85 -43.78 -2.95
C3B CYC HB . -9.78 -43.24 -3.56
C4B CYC HB . -9.23 -44.24 -4.48
CMB CYC HB . -11.74 -43.16 -1.94
CAB CYC HB . -9.18 -41.89 -3.40
CBB CYC HB . -7.78 -41.95 -2.82
OB CYC HB . -8.26 -44.14 -5.21
NC CYC HB . -15.56 -46.84 1.50
C1C CYC HB . -15.56 -45.66 2.19
C2C CYC HB . -16.52 -45.80 3.33
C3C CYC HB . -17.08 -47.22 3.21
C4C CYC HB . -16.38 -47.80 2.01
CMC CYC HB . -15.88 -45.45 4.67
CAC CYC HB . -18.60 -47.29 3.11
CBC CYC HB . -19.33 -46.42 4.12
OC CYC HB . -14.90 -44.70 1.89
CHD CYC HB . -16.46 -49.09 1.63
ND CYC HB . -14.97 -49.41 -0.38
C1D CYC HB . -15.90 -49.82 0.52
C2D CYC HB . -16.24 -51.14 0.20
C3D CYC HB . -15.50 -51.51 -0.91
C4D CYC HB . -14.71 -50.42 -1.27
CMD CYC HB . -17.22 -51.97 0.95
CAD CYC HB . -15.54 -52.84 -1.60
CBD CYC HB . -16.68 -52.92 -2.59
CGD CYC HB . -17.00 -54.34 -3.06
O1D CYC HB . -16.53 -54.72 -4.15
O2D CYC HB . -17.72 -55.01 -2.30
CHA CYC IB . -16.20 -58.62 15.59
NA CYC IB . -16.20 -60.50 14.05
C1A CYC IB . -16.15 -59.16 14.31
C2A CYC IB . -16.04 -58.42 13.09
C3A CYC IB . -16.03 -59.33 12.09
C4A CYC IB . -16.13 -60.64 12.73
CMA CYC IB . -15.93 -59.01 10.64
CAA CYC IB . -15.96 -56.93 12.96
CBA CYC IB . -17.32 -56.30 12.68
CGA CYC IB . -18.11 -55.91 13.93
O1A CYC IB . -17.49 -55.44 14.88
O2A CYC IB . -19.34 -56.10 13.86
CHB CYC IB . -16.16 -61.96 12.15
NB CYC IB . -16.11 -61.88 9.69
C1B CYC IB . -16.33 -62.47 10.91
C2B CYC IB . -16.79 -63.82 10.62
C3B CYC IB . -16.84 -63.99 9.29
C4B CYC IB . -16.39 -62.73 8.66
CMB CYC IB . -17.16 -64.81 11.68
CAB CYC IB . -17.24 -65.19 8.51
CBB CYC IB . -16.08 -65.78 7.71
OB CYC IB . -16.28 -62.46 7.49
NC CYC IB . -15.57 -63.78 17.50
C1C CYC IB . -15.35 -65.13 17.43
C2C CYC IB . -15.20 -65.66 18.82
C3C CYC IB . -15.59 -64.48 19.71
C4C CYC IB . -15.59 -63.29 18.77
CMC CYC IB . -15.99 -66.94 19.03
CAC CYC IB . -14.70 -64.27 20.93
CBC CYC IB . -14.82 -65.36 21.98
OC CYC IB . -15.31 -65.76 16.39
CHD CYC IB . -15.92 -62.04 19.16
ND CYC IB . -16.07 -60.58 17.11
C1D CYC IB . -15.99 -60.79 18.45
C2D CYC IB . -16.00 -59.53 19.07
C3D CYC IB . -16.08 -58.57 18.08
C4D CYC IB . -16.13 -59.23 16.84
CMD CYC IB . -15.92 -59.32 20.55
CAD CYC IB . -16.11 -57.09 18.28
CBD CYC IB . -14.71 -56.50 18.24
CGD CYC IB . -14.64 -54.98 18.48
O1D CYC IB . -14.71 -54.59 19.66
O2D CYC IB . -14.52 -54.27 17.47
CHA CYC JB . -17.62 -55.72 -35.88
NA CYC JB . -18.32 -56.84 -33.84
C1A CYC JB . -17.54 -55.95 -34.54
C2A CYC JB . -16.62 -55.28 -33.65
C3A CYC JB . -16.86 -55.80 -32.41
C4A CYC JB . -17.93 -56.77 -32.58
CMA CYC JB . -16.17 -55.41 -31.15
CAA CYC JB . -15.62 -54.25 -34.02
CBA CYC JB . -14.23 -54.83 -34.25
CGA CYC JB . -14.08 -55.71 -35.51
O1A CYC JB . -13.82 -56.93 -35.34
O2A CYC JB . -14.24 -55.13 -36.60
CHB CYC JB . -18.53 -57.57 -31.55
NB CYC JB . -16.64 -58.30 -30.18
C1B CYC JB . -17.99 -58.17 -30.47
C2B CYC JB . -18.69 -58.80 -29.36
C3B CYC JB . -17.79 -59.26 -28.48
C4B CYC JB . -16.45 -58.95 -29.00
CMB CYC JB . -20.17 -58.88 -29.27
CAB CYC JB . -18.02 -59.98 -27.20
CBB CYC JB . -17.38 -61.37 -27.19
OB CYC JB . -15.36 -59.20 -28.51
NC CYC JB . -22.85 -57.64 -39.52
C1C CYC JB . -23.93 -58.07 -40.21
C2C CYC JB . -24.38 -59.36 -39.59
C3C CYC JB . -23.52 -59.49 -38.32
C4C CYC JB . -22.45 -58.43 -38.49
CMC CYC JB . -25.88 -59.41 -39.39
CAC CYC JB . -22.99 -60.89 -38.07
CBC CYC JB . -23.99 -61.77 -37.35
OC CYC JB . -24.42 -57.50 -41.16
CHD CYC JB . -21.42 -58.24 -37.62
ND CYC JB . -19.58 -57.05 -36.53
C1D CYC JB . -20.27 -57.38 -37.65
C2D CYC JB . -19.63 -56.73 -38.72
C3D CYC JB . -18.55 -56.02 -38.21
C4D CYC JB . -18.53 -56.22 -36.83
CMD CYC JB . -19.99 -56.77 -40.17
CAD CYC JB . -17.60 -55.17 -38.98
CBD CYC JB . -17.96 -53.69 -38.87
CGD CYC JB . -17.05 -52.75 -39.66
O1D CYC JB . -17.55 -52.12 -40.61
O2D CYC JB . -15.86 -52.69 -39.27
CHA CYC KB . -45.91 20.53 -13.68
NA CYC KB . -46.01 18.40 -12.52
C1A CYC KB . -46.50 19.33 -13.39
C2A CYC KB . -47.73 18.87 -13.96
C3A CYC KB . -47.98 17.64 -13.42
C4A CYC KB . -46.86 17.38 -12.51
CMA CYC KB . -49.15 16.79 -13.72
CAA CYC KB . -48.55 19.63 -14.94
CBA CYC KB . -49.32 20.78 -14.32
CGA CYC KB . -50.52 20.36 -13.47
O1A CYC KB . -51.64 20.32 -14.01
O2A CYC KB . -50.27 20.08 -12.28
CHB CYC KB . -46.59 16.25 -11.68
NB CYC KB . -48.44 14.62 -11.77
C1B CYC KB . -47.23 15.11 -11.33
C2B CYC KB . -46.73 14.12 -10.38
C3B CYC KB . -47.62 13.12 -10.28
C4B CYC KB . -48.75 13.44 -11.18
CMB CYC KB . -45.43 14.26 -9.68
CAB CYC KB . -47.58 11.89 -9.45
CBB CYC KB . -48.15 12.10 -8.04
OB CYC KB . -49.76 12.79 -11.38
NC CYC KB . -39.42 21.74 -12.34
C1C CYC KB . -38.12 21.83 -11.97
C2C CYC KB . -37.86 20.82 -10.90
C3C CYC KB . -39.21 20.15 -10.68
C4C CYC KB . -40.15 20.79 -11.67
CMC CYC KB . -36.72 19.88 -11.27
CAC CYC KB . -39.72 20.26 -9.23
CBC CYC KB . -39.02 19.26 -8.33
OC CYC KB . -37.33 22.61 -12.45
CHD CYC KB . -41.45 20.46 -11.80
ND CYC KB . -43.72 20.30 -12.65
C1D CYC KB . -42.56 20.99 -12.54
C2D CYC KB . -42.73 22.19 -13.26
C3D CYC KB . -44.02 22.19 -13.78
C4D CYC KB . -44.62 20.99 -13.39
CMD CYC KB . -41.76 23.31 -13.45
CAD CYC KB . -44.64 23.24 -14.61
CBD CYC KB . -44.73 22.78 -16.06
CGD CYC KB . -45.12 23.86 -17.07
O1D CYC KB . -44.55 23.84 -18.18
O2D CYC KB . -45.98 24.67 -16.69
CHA CYC LB . -68.43 -25.23 -11.48
NA CYC LB . -67.32 -23.54 -10.12
C1A CYC LB . -67.67 -24.09 -11.33
C2A CYC LB . -67.14 -23.30 -12.40
C3A CYC LB . -66.46 -22.27 -11.82
C4A CYC LB . -66.60 -22.47 -10.40
CMA CYC LB . -65.74 -21.17 -12.52
CAA CYC LB . -67.32 -23.58 -13.87
CBA CYC LB . -66.08 -24.20 -14.51
CGA CYC LB . -65.59 -25.51 -13.87
O1A CYC LB . -64.39 -25.60 -13.57
O2A CYC LB . -66.46 -26.40 -13.71
CHB CYC LB . -66.05 -21.62 -9.37
NB CYC LB . -63.75 -21.33 -10.10
C1B CYC LB . -64.84 -21.03 -9.31
C2B CYC LB . -64.41 -19.96 -8.42
C3B CYC LB . -63.13 -19.65 -8.71
C4B CYC LB . -62.68 -20.54 -9.80
CMB CYC LB . -65.29 -19.34 -7.41
CAB CYC LB . -62.25 -18.63 -8.07
CBB CYC LB . -60.99 -19.23 -7.46
OB CYC LB . -61.59 -20.59 -10.35
NC CYC LB . -72.68 -27.19 -6.91
C1C CYC LB . -73.59 -27.51 -5.94
C2C CYC LB . -73.03 -27.06 -4.62
C3C CYC LB . -71.78 -26.24 -5.00
C4C CYC LB . -71.54 -26.59 -6.45
CMC CYC LB . -74.07 -26.33 -3.78
CAC CYC LB . -70.60 -26.49 -4.09
CBC CYC LB . -70.62 -25.60 -2.86
OC CYC LB . -74.66 -28.03 -6.14
CHD CYC LB . -70.43 -26.28 -7.15
ND CYC LB . -69.35 -25.55 -9.23
C1D CYC LB . -70.07 -26.45 -8.53
C2D CYC LB . -70.34 -27.52 -9.40
C3D CYC LB . -69.77 -27.21 -10.63
C4D CYC LB . -69.14 -25.96 -10.52
CMD CYC LB . -71.11 -28.76 -9.10
CAD CYC LB . -69.80 -28.04 -11.87
CBD CYC LB . -71.10 -27.81 -12.65
CGD CYC LB . -71.19 -28.55 -14.00
O1D CYC LB . -70.13 -28.91 -14.54
O2D CYC LB . -72.34 -28.74 -14.42
CHA CYC MB . -71.84 -41.63 1.59
NA CYC MB . -71.54 -41.90 -0.81
C1A CYC MB . -71.91 -41.18 0.29
C2A CYC MB . -72.38 -39.88 -0.09
C3A CYC MB . -72.29 -39.82 -1.45
C4A CYC MB . -71.76 -41.11 -1.87
CMA CYC MB . -72.67 -38.65 -2.28
CAA CYC MB . -72.85 -38.83 0.86
CBA CYC MB . -74.25 -39.12 1.43
CGA CYC MB . -75.40 -39.08 0.41
O1A CYC MB . -76.11 -38.07 0.39
O2A CYC MB . -75.52 -40.09 -0.30
CHB CYC MB . -71.47 -41.61 -3.18
NB CYC MB . -72.08 -39.97 -4.92
C1B CYC MB . -71.62 -41.17 -4.46
C2B CYC MB . -71.30 -41.96 -5.65
C3B CYC MB . -71.57 -41.22 -6.74
C4B CYC MB . -72.08 -39.91 -6.28
CMB CYC MB . -70.78 -43.35 -5.60
CAB CYC MB . -71.42 -41.56 -8.18
CBB CYC MB . -72.74 -41.96 -8.83
OB CYC MB . -72.44 -38.96 -6.94
NC CYC MB . -67.95 -46.90 3.18
C1C CYC MB . -67.17 -48.01 3.34
C2C CYC MB . -67.13 -48.73 2.01
C3C CYC MB . -67.98 -47.87 1.08
C4C CYC MB . -68.48 -46.73 1.93
CMC CYC MB . -65.71 -49.01 1.56
CAC CYC MB . -69.11 -48.64 0.40
CBC CYC MB . -68.62 -49.40 -0.82
OC CYC MB . -66.63 -48.33 4.37
CHD CYC MB . -69.31 -45.77 1.49
ND CYC MB . -70.57 -43.69 1.33
C1D CYC MB . -69.99 -44.64 2.09
C2D CYC MB . -70.22 -44.29 3.44
C3D CYC MB . -70.95 -43.10 3.44
C4D CYC MB . -71.16 -42.73 2.10
CMD CYC MB . -69.79 -45.01 4.67
CAD CYC MB . -71.41 -42.36 4.63
CBD CYC MB . -70.62 -41.06 4.82
CGD CYC MB . -70.71 -40.43 6.21
O1D CYC MB . -69.65 -40.09 6.77
O2D CYC MB . -71.86 -40.33 6.68
CHA CYC NB . -66.54 -17.27 -43.04
NA CYC NB . -67.28 -19.28 -41.89
C1A CYC NB . -66.61 -18.08 -41.93
C2A CYC NB . -66.01 -17.81 -40.65
C3A CYC NB . -66.33 -18.86 -39.84
C4A CYC NB . -67.12 -19.75 -40.67
CMA CYC NB . -65.95 -19.04 -38.42
CAA CYC NB . -65.21 -16.61 -40.29
CBA CYC NB . -63.70 -16.89 -40.34
CGA CYC NB . -63.13 -17.19 -41.73
O1A CYC NB . -63.11 -16.28 -42.56
O2A CYC NB . -62.72 -18.36 -41.89
CHB CYC NB . -67.70 -21.00 -40.24
NB CYC NB . -65.83 -22.07 -39.11
C1B CYC NB . -67.14 -21.97 -39.48
C2B CYC NB . -67.82 -23.13 -38.91
C3B CYC NB . -66.92 -23.86 -38.22
C4B CYC NB . -65.61 -23.17 -38.34
CMB CYC NB . -69.26 -23.40 -39.09
CAB CYC NB . -67.12 -25.12 -37.46
CBB CYC NB . -66.20 -26.26 -37.91
OB CYC NB . -64.54 -23.51 -37.86
NC CYC NB . -71.05 -17.25 -47.85
C1C CYC NB . -72.03 -17.28 -48.79
C2C CYC NB . -72.56 -18.68 -48.86
C3C CYC NB . -71.88 -19.41 -47.71
C4C CYC NB . -70.80 -18.46 -47.24
CMC CYC NB . -74.09 -18.70 -48.85
CAC CYC NB . -71.34 -20.79 -48.10
CBC CYC NB . -72.44 -21.85 -48.07
OC CYC NB . -72.38 -16.33 -49.44
CHD CYC NB . -69.85 -18.75 -46.31
ND CYC NB . -68.28 -18.16 -44.52
C1D CYC NB . -68.76 -17.98 -45.76
C2D CYC NB . -67.98 -16.97 -46.35
C3D CYC NB . -67.03 -16.57 -45.41
C4D CYC NB . -67.24 -17.32 -44.26
CMD CYC NB . -68.09 -16.42 -47.73
CAD CYC NB . -66.00 -15.51 -45.59
CBD CYC NB . -66.55 -14.13 -45.29
CGD CYC NB . -65.53 -12.99 -45.40
O1D CYC NB . -64.32 -13.30 -45.42
O2D CYC NB . -66.02 -11.84 -45.46
CHA CYC OB . -67.31 -20.65 -63.77
NA CYC OB . -65.83 -18.98 -62.80
C1A CYC OB . -66.97 -19.74 -62.81
C2A CYC OB . -67.77 -19.46 -61.66
C3A CYC OB . -67.08 -18.50 -60.94
C4A CYC OB . -65.87 -18.24 -61.70
CMA CYC OB . -67.55 -17.91 -59.67
CAA CYC OB . -69.07 -20.10 -61.34
CBA CYC OB . -70.21 -19.49 -62.15
CGA CYC OB . -70.52 -18.03 -61.82
O1A CYC OB . -71.47 -17.80 -61.06
O2A CYC OB . -69.79 -17.18 -62.37
CHB CYC OB . -64.78 -17.32 -61.43
NB CYC OB . -65.18 -16.13 -59.31
C1B CYC OB . -64.46 -16.47 -60.42
C2B CYC OB . -63.21 -15.72 -60.31
C3B CYC OB . -63.23 -14.99 -59.18
C4B CYC OB . -64.51 -15.24 -58.52
CMB CYC OB . -62.13 -15.81 -61.32
CAB CYC OB . -62.20 -14.07 -58.64
CBB CYC OB . -62.24 -12.68 -59.29
OB CYC OB . -64.93 -14.77 -57.48
NC CYC OB . -62.73 -23.29 -67.94
C1C CYC OB . -61.65 -23.72 -68.66
C2C CYC OB . -60.65 -22.60 -68.72
C3C CYC OB . -61.27 -21.49 -67.85
C4C CYC OB . -62.64 -22.00 -67.47
CMC CYC OB . -59.26 -23.06 -68.32
CAC CYC OB . -61.29 -20.12 -68.52
CBC CYC OB . -59.92 -19.47 -68.55
OC CYC OB . -61.55 -24.81 -69.15
CHD CYC OB . -63.41 -21.39 -66.56
ND CYC OB . -65.25 -20.87 -65.05
C1D CYC OB . -64.77 -21.56 -66.11
C2D CYC OB . -65.81 -22.38 -66.59
C3D CYC OB . -66.92 -22.15 -65.77
C4D CYC OB . -66.55 -21.20 -64.81
CMD CYC OB . -65.79 -23.33 -67.73
CAD CYC OB . -68.26 -22.80 -65.88
CBD CYC OB . -68.47 -23.79 -64.75
CGD CYC OB . -69.80 -24.57 -64.80
O1D CYC OB . -69.76 -25.78 -64.50
O2D CYC OB . -70.80 -23.91 -65.12
CHA CYC PB . -55.78 3.69 -21.42
NA CYC PB . -55.73 3.88 -23.84
C1A CYC PB . -55.89 3.16 -22.69
C2A CYC PB . -56.18 1.79 -23.00
C3A CYC PB . -56.19 1.70 -24.36
C4A CYC PB . -55.91 3.03 -24.84
CMA CYC PB . -56.46 0.48 -25.17
CAA CYC PB . -56.41 0.68 -22.02
CBA CYC PB . -55.15 -0.17 -21.80
CGA CYC PB . -53.90 0.58 -21.33
O1A CYC PB . -52.88 0.50 -22.03
O2A CYC PB . -54.02 1.23 -20.26
CHB CYC PB . -55.82 3.45 -26.22
NB CYC PB . -54.43 1.69 -27.19
C1B CYC PB . -55.22 2.82 -27.25
C2B CYC PB . -55.25 3.20 -28.66
C3B CYC PB . -54.52 2.32 -29.37
C4B CYC PB . -53.99 1.32 -28.42
CMB CYC PB . -55.99 4.38 -29.16
CAB CYC PB . -54.26 2.27 -30.82
CBB CYC PB . -52.78 2.23 -31.17
OB CYC PB . -53.29 0.35 -28.64
NC CYC PB . -57.04 10.05 -20.11
C1C CYC PB . -57.37 11.37 -19.95
C2C CYC PB . -57.00 12.10 -21.21
C3C CYC PB . -56.58 10.98 -22.19
C4C CYC PB . -56.48 9.74 -21.33
CMC CYC PB . -58.12 13.01 -21.68
CAC CYC PB . -55.31 11.29 -22.97
CBC CYC PB . -55.59 12.16 -24.19
OC CYC PB . -57.86 11.83 -18.95
CHD CYC PB . -56.07 8.53 -21.78
ND CYC PB . -55.98 6.09 -21.82
C1D CYC PB . -55.88 7.25 -21.14
C2D CYC PB . -55.58 6.93 -19.81
C3D CYC PB . -55.50 5.54 -19.73
C4D CYC PB . -55.75 5.03 -21.00
CMD CYC PB . -55.37 7.87 -18.67
CAD CYC PB . -55.20 4.75 -18.50
CBD CYC PB . -56.48 4.38 -17.78
CGD CYC PB . -56.29 3.63 -16.45
O1D CYC PB . -56.91 4.03 -15.46
O2D CYC PB . -55.49 2.66 -16.49
CHA CYC QB . -15.12 8.93 -23.01
NA CYC QB . -16.40 8.03 -24.86
C1A CYC QB . -15.53 7.90 -23.81
C2A CYC QB . -15.11 6.54 -23.67
C3A CYC QB . -15.75 5.85 -24.65
C4A CYC QB . -16.55 6.82 -25.38
CMA CYC QB . -15.62 4.38 -24.89
CAA CYC QB . -14.17 6.02 -22.64
CBA CYC QB . -12.74 6.51 -22.82
CGA CYC QB . -11.90 5.72 -23.84
O1A CYC QB . -11.82 4.49 -23.69
O2A CYC QB . -11.36 6.40 -24.73
CHB CYC QB . -17.43 6.65 -26.51
NB CYC QB . -17.42 4.32 -27.32
C1B CYC QB . -17.78 5.65 -27.34
C2B CYC QB . -18.66 5.78 -28.49
C3B CYC QB . -18.79 4.59 -29.09
C4B CYC QB . -17.99 3.62 -28.34
CMB CYC QB . -19.28 7.08 -28.87
CAB CYC QB . -19.59 4.23 -30.29
CBB CYC QB . -18.71 3.88 -31.48
OB CYC QB . -17.83 2.44 -28.54
NC CYC QB . -18.40 14.77 -22.71
C1C CYC QB . -19.11 15.92 -22.77
C2C CYC QB . -19.87 15.93 -24.06
C3C CYC QB . -19.46 14.63 -24.75
C4C CYC QB . -18.54 13.94 -23.79
CMC CYC QB . -21.35 16.13 -23.83
CAC CYC QB . -18.85 14.83 -26.14
CBC CYC QB . -19.89 15.13 -27.19
OC CYC QB . -19.09 16.77 -21.91
CHD CYC QB . -17.87 12.80 -24.07
ND CYC QB . -16.61 10.76 -23.69
C1D CYC QB . -16.85 12.04 -23.38
C2D CYC QB . -15.93 12.39 -22.36
C3D CYC QB . -15.17 11.27 -22.09
C4D CYC QB . -15.59 10.24 -22.93
CMD CYC QB . -15.77 13.69 -21.66
CAD CYC QB . -14.08 11.15 -21.08
CBD CYC QB . -14.63 10.59 -19.77
CGD CYC QB . -13.55 10.17 -18.75
O1D CYC QB . -13.89 9.40 -17.85
O2D CYC QB . -12.42 10.64 -18.95
CHA CYC RB . -34.55 -34.23 -43.65
NA CYC RB . -33.34 -32.12 -43.64
C1A CYC RB . -34.04 -33.12 -43.01
C2A CYC RB . -34.16 -32.84 -41.61
C3A CYC RB . -33.52 -31.66 -41.40
C4A CYC RB . -33.02 -31.25 -42.70
CMA CYC RB . -33.38 -30.97 -40.08
CAA CYC RB . -34.85 -33.67 -40.57
CBA CYC RB . -36.32 -33.95 -40.82
CGA CYC RB . -37.23 -32.72 -41.01
O1A CYC RB . -37.73 -32.54 -42.13
O2A CYC RB . -37.38 -32.00 -40.01
CHB CYC RB . -32.26 -30.06 -43.02
NB CYC RB . -32.67 -28.33 -41.35
C1B CYC RB . -32.34 -28.78 -42.60
C2B CYC RB . -32.05 -27.60 -43.39
C3B CYC RB . -32.22 -26.51 -42.61
C4B CYC RB . -32.64 -26.97 -41.27
CMB CYC RB . -31.63 -27.64 -44.82
CAB CYC RB . -32.07 -25.07 -42.94
CBB CYC RB . -33.41 -24.37 -43.11
OB CYC RB . -32.90 -26.31 -40.29
NC CYC RB . -31.57 -36.83 -48.94
C1C CYC RB . -30.97 -37.30 -50.07
C2C CYC RB . -30.72 -36.14 -50.99
C3C CYC RB . -31.07 -34.92 -50.14
C4C CYC RB . -31.78 -35.47 -48.93
CMC CYC RB . -29.32 -36.16 -51.57
CAC CYC RB . -31.89 -33.85 -50.88
CBC CYC RB . -30.99 -32.91 -51.66
OC CYC RB . -30.71 -38.47 -50.27
CHD CYC RB . -32.40 -34.72 -48.00
ND CYC RB . -33.36 -34.26 -45.80
C1D CYC RB . -33.23 -35.07 -46.87
C2D CYC RB . -34.03 -36.19 -46.64
C3D CYC RB . -34.63 -36.03 -45.40
C4D CYC RB . -34.21 -34.81 -44.87
CMD CYC RB . -34.23 -37.37 -47.53
CAD CYC RB . -35.57 -36.98 -44.74
CBD CYC RB . -34.82 -37.98 -43.88
CGD CYC RB . -35.66 -38.68 -42.81
O1D CYC RB . -36.68 -38.08 -42.40
O2D CYC RB . -35.25 -39.78 -42.42
CHA CYC SB . -40.94 -41.46 -61.86
NA CYC SB . -41.88 -42.17 -59.73
C1A CYC SB . -40.86 -41.72 -60.52
C2A CYC SB . -39.67 -41.54 -59.73
C3A CYC SB . -40.01 -41.90 -58.46
C4A CYC SB . -41.41 -42.29 -58.50
CMA CYC SB . -39.07 -41.87 -57.29
CAA CYC SB . -38.36 -41.05 -60.23
CBA CYC SB . -37.63 -42.09 -61.07
CGA CYC SB . -37.09 -43.32 -60.30
O1A CYC SB . -36.57 -43.12 -59.20
O2A CYC SB . -37.24 -44.42 -60.87
CHB CYC SB . -42.29 -42.76 -57.45
NB CYC SB . -41.09 -42.85 -55.31
C1B CYC SB . -42.18 -43.01 -56.13
C2B CYC SB . -43.25 -43.49 -55.26
C3B CYC SB . -42.78 -43.61 -54.02
C4B CYC SB . -41.37 -43.18 -54.02
CMB CYC SB . -44.62 -43.80 -55.76
CAB CYC SB . -43.48 -44.05 -52.78
CBB CYC SB . -43.37 -45.56 -52.55
OB CYC SB . -40.58 -43.14 -53.10
NC CYC SB . -46.86 -40.98 -65.00
C1C CYC SB . -48.14 -40.89 -65.46
C2C CYC SB . -49.01 -41.77 -64.60
C3C CYC SB . -48.06 -42.32 -63.52
C4C CYC SB . -46.69 -41.82 -63.92
CMC CYC SB . -50.22 -41.02 -64.07
CAC CYC SB . -48.13 -43.83 -63.36
CBC CYC SB . -49.34 -44.25 -62.54
OC CYC SB . -48.47 -40.21 -66.39
CHD CYC SB . -45.58 -42.02 -63.18
ND CYC SB . -43.33 -41.79 -62.32
C1D CYC SB . -44.19 -41.73 -63.35
C2D CYC SB . -43.43 -41.37 -64.49
C3D CYC SB . -42.11 -41.23 -64.08
C4D CYC SB . -42.05 -41.48 -62.72
CMD CYC SB . -43.92 -41.18 -65.88
CAD CYC SB . -40.97 -40.84 -64.94
CBD CYC SB . -40.64 -39.36 -64.76
CGD CYC SB . -39.45 -38.85 -65.58
O1D CYC SB . -38.80 -39.68 -66.23
O2D CYC SB . -39.24 -37.63 -65.51
CHA CYC TB . -34.84 -38.26 -11.30
NA CYC TB . -34.99 -39.43 -13.41
C1A CYC TB . -35.01 -38.28 -12.66
C2A CYC TB . -35.23 -37.14 -13.51
C3A CYC TB . -35.35 -37.63 -14.77
C4A CYC TB . -35.20 -39.07 -14.67
CMA CYC TB . -35.59 -36.82 -16.00
CAA CYC TB . -35.36 -35.70 -13.13
CBA CYC TB . -34.30 -35.13 -12.21
CGA CYC TB . -34.72 -33.83 -11.52
O1A CYC TB . -34.96 -33.86 -10.30
O2A CYC TB . -34.80 -32.83 -12.27
CHB CYC TB . -35.22 -40.06 -15.71
NB CYC TB . -35.94 -39.19 -17.88
C1B CYC TB . -35.86 -40.14 -16.89
C2B CYC TB . -36.61 -41.30 -17.39
C3B CYC TB . -37.09 -41.00 -18.60
C4B CYC TB . -36.66 -39.63 -18.95
CMB CYC TB . -36.79 -42.56 -16.63
CAB CYC TB . -37.91 -41.83 -19.52
CBB CYC TB . -39.34 -41.30 -19.57
OB CYC TB . -36.90 -39.00 -19.95
NC CYC TB . -32.89 -43.50 -7.76
C1C CYC TB . -32.57 -44.60 -7.01
C2C CYC TB . -33.40 -45.74 -7.52
C3C CYC TB . -34.09 -45.18 -8.78
C4C CYC TB . -33.84 -43.69 -8.71
CMC CYC TB . -32.57 -46.99 -7.71
CAC CYC TB . -35.56 -45.55 -8.90
CBC CYC TB . -35.74 -46.93 -9.52
OC CYC TB . -31.76 -44.61 -6.12
CHD CYC TB . -34.39 -42.78 -9.54
ND CYC TB . -34.66 -40.62 -10.65
C1D CYC TB . -34.41 -41.35 -9.55
C2D CYC TB . -34.20 -40.44 -8.49
C3D CYC TB . -34.33 -39.15 -9.01
C4D CYC TB . -34.62 -39.28 -10.37
CMD CYC TB . -33.90 -40.72 -7.06
CAD CYC TB . -34.19 -37.87 -8.28
CBD CYC TB . -32.76 -37.35 -8.35
CGD CYC TB . -32.55 -35.99 -7.69
O1D CYC TB . -33.55 -35.40 -7.26
O2D CYC TB . -31.37 -35.60 -7.62
CHA CYC UB . -41.35 -47.06 6.39
NA CYC UB . -40.78 -44.70 6.19
C1A CYC UB . -40.69 -46.01 5.81
C2A CYC UB . -39.80 -46.14 4.69
C3A CYC UB . -39.35 -44.89 4.41
C4A CYC UB . -39.99 -44.02 5.38
CMA CYC UB . -38.41 -44.54 3.30
CAA CYC UB . -39.47 -47.43 4.00
CBA CYC UB . -38.53 -48.31 4.81
CGA CYC UB . -37.07 -47.82 4.85
O1A CYC UB . -36.29 -48.23 3.97
O2A CYC UB . -36.78 -47.05 5.79
CHB CYC UB . -39.89 -42.58 5.55
NB CYC UB . -38.11 -41.66 4.11
C1B CYC UB . -39.11 -41.59 5.05
C2B CYC UB . -39.21 -40.19 5.43
C3B CYC UB . -38.30 -39.49 4.73
C4B CYC UB . -37.56 -40.44 3.87
CMB CYC UB . -40.19 -39.69 6.42
CAB CYC UB . -38.00 -38.03 4.76
CBB CYC UB . -36.96 -37.68 5.83
OB CYC UB . -36.66 -40.21 3.09
NC CYC UB . -46.76 -46.16 10.39
C1C CYC UB . -47.84 -45.73 11.10
C2C CYC UB . -47.71 -44.25 11.29
C3C CYC UB . -46.34 -43.91 10.70
C4C CYC UB . -45.87 -45.18 10.02
CMC CYC UB . -48.90 -43.49 10.73
CAC CYC UB . -45.36 -43.39 11.73
CBC CYC UB . -45.62 -41.94 12.09
OC CYC UB . -48.72 -46.45 11.50
CHD CYC UB . -44.60 -45.36 9.57
ND CYC UB . -42.87 -46.00 7.99
C1D CYC UB . -43.98 -46.31 8.69
C2D CYC UB . -44.31 -47.65 8.38
C3D CYC UB . -43.36 -48.11 7.48
C4D CYC UB . -42.47 -47.06 7.22
CMD CYC UB . -45.44 -48.46 8.90
CAD CYC UB . -43.31 -49.44 6.83
CBD CYC UB . -42.70 -50.57 7.63
CGD CYC UB . -42.72 -51.88 6.82
O1D CYC UB . -41.66 -52.29 6.33
O2D CYC UB . -43.83 -52.43 6.72
CHA CYC VB . -22.11 -10.45 -23.41
NA CYC VB . -22.29 -11.50 -21.21
C1A CYC VB . -22.62 -11.38 -22.54
C2A CYC VB . -23.58 -12.38 -22.91
C3A CYC VB . -23.82 -13.11 -21.77
C4A CYC VB . -22.99 -12.51 -20.74
CMA CYC VB . -24.74 -14.27 -21.66
CAA CYC VB . -24.19 -12.59 -24.25
CBA CYC VB . -25.11 -11.45 -24.68
CGA CYC VB . -26.30 -11.15 -23.74
O1A CYC VB . -26.27 -10.10 -23.08
O2A CYC VB . -27.20 -12.01 -23.72
CHB CYC VB . -22.89 -12.92 -19.36
NB CYC VB . -25.18 -13.48 -18.70
C1B CYC VB . -23.83 -13.38 -18.49
C2B CYC VB . -23.59 -13.86 -17.14
C3B CYC VB . -24.78 -14.22 -16.60
C4B CYC VB . -25.82 -13.98 -17.61
CMB CYC VB . -22.25 -13.93 -16.51
CAB CYC VB . -25.07 -14.78 -15.25
CBB CYC VB . -25.88 -13.84 -14.38
OB CYC VB . -27.02 -14.18 -17.52
NC CYC VB . -16.16 -7.59 -22.57
C1C CYC VB . -14.94 -7.05 -22.31
C2C CYC VB . -14.84 -6.83 -20.83
C3C CYC VB . -16.12 -7.48 -20.27
C4C CYC VB . -16.95 -7.79 -21.48
CMC CYC VB . -13.53 -7.35 -20.27
CAC CYC VB . -16.82 -6.63 -19.22
CBC CYC VB . -16.15 -6.72 -17.87
OC CYC VB . -14.11 -6.79 -23.15
CHD CYC VB . -18.20 -8.32 -21.43
ND CYC VB . -20.18 -9.51 -22.22
C1D CYC VB . -19.18 -8.63 -22.43
C2D CYC VB . -19.36 -8.12 -23.73
C3D CYC VB . -20.48 -8.74 -24.27
C4D CYC VB . -21.00 -9.61 -23.31
CMD CYC VB . -18.53 -7.11 -24.44
CAD CYC VB . -21.04 -8.51 -25.64
CBD CYC VB . -20.78 -9.71 -26.54
CGD CYC VB . -21.49 -9.64 -27.90
O1D CYC VB . -22.52 -10.33 -28.07
O2D CYC VB . -20.95 -8.91 -28.75
CHA CYC WB . -7.54 85.01 53.64
NA CYC WB . -7.11 82.81 54.58
C1A CYC WB . -7.88 83.70 53.89
C2A CYC WB . -9.10 83.08 53.46
C3A CYC WB . -9.04 81.79 53.91
C4A CYC WB . -7.77 81.67 54.60
CMA CYC WB . -10.09 80.76 53.70
CAA CYC WB . -10.18 83.75 52.69
CBA CYC WB . -11.06 84.61 53.59
CGA CYC WB . -11.91 83.86 54.63
O1A CYC WB . -13.14 83.82 54.45
O2A CYC WB . -11.29 83.35 55.57
CHB CYC WB . -7.16 80.53 55.27
NB CYC WB . -8.66 78.57 55.17
C1B CYC WB . -7.52 79.25 55.51
C2B CYC WB . -6.69 78.27 56.21
C3B CYC WB . -7.34 77.10 56.26
C4B CYC WB . -8.63 77.28 55.57
CMB CYC WB . -5.35 78.60 56.77
CAB CYC WB . -6.92 75.80 56.87
CBB CYC WB . -7.62 75.52 58.20
OB CYC WB . -9.52 76.47 55.40
NC CYC WB . -1.21 87.23 54.15
C1C CYC WB . 0.10 87.54 54.31
C2C CYC WB . 0.71 86.51 55.23
C3C CYC WB . -0.45 85.56 55.56
C4C CYC WB . -1.64 86.12 54.83
CMC CYC WB . 1.94 85.86 54.62
CAC CYC WB . -0.70 85.41 57.06
CBC CYC WB . 0.35 84.50 57.69
OC CYC WB . 0.66 88.48 53.79
CHD CYC WB . -2.89 85.64 54.96
ND CYC WB . -5.21 85.10 54.38
C1D CYC WB . -4.18 85.98 54.41
C2D CYC WB . -4.65 87.18 53.83
C3D CYC WB . -5.97 86.97 53.47
C4D CYC WB . -6.32 85.66 53.82
CMD CYC WB . -3.91 88.46 53.63
CAD CYC WB . -6.87 87.97 52.82
CBD CYC WB . -6.70 87.94 51.31
CGD CYC WB . -7.78 88.67 50.51
O1D CYC WB . -7.69 88.68 49.27
O2D CYC WB . -8.69 89.19 51.20
CHA CYC XB . -19.63 34.60 51.00
NA CYC XB . -18.81 36.51 52.25
C1A CYC XB . -19.04 35.83 51.09
C2A CYC XB . -18.57 36.62 49.96
C3A CYC XB . -18.06 37.76 50.49
C4A CYC XB . -18.22 37.65 51.93
CMA CYC XB . -17.47 38.88 49.72
CAA CYC XB . -18.65 36.22 48.53
CBA CYC XB . -17.73 35.07 48.16
CGA CYC XB . -16.24 35.43 48.16
O1A CYC XB . -15.47 34.71 48.83
O2A CYC XB . -15.92 36.43 47.48
CHB CYC XB . -17.88 38.60 52.96
NB CYC XB . -16.71 40.60 52.13
C1B CYC XB . -17.00 39.63 53.06
C2B CYC XB . -16.18 39.94 54.22
C3B CYC XB . -15.45 41.04 53.96
C4B CYC XB . -15.77 41.48 52.58
CMB CYC XB . -16.19 39.13 55.47
CAB CYC XB . -14.45 41.71 54.85
CBB CYC XB . -14.49 43.23 54.80
OB CYC XB . -15.34 42.43 51.97
NC CYC XB . -23.03 31.97 55.93
C1C CYC XB . -23.74 31.46 56.98
C2C CYC XB . -23.05 31.87 58.25
C3C CYC XB . -21.99 32.89 57.79
C4C CYC XB . -21.91 32.68 56.30
CMC CYC XB . -24.01 32.33 59.32
CAC CYC XB . -20.65 32.77 58.50
CBC CYC XB . -20.62 33.52 59.82
OC CYC XB . -24.76 30.82 56.87
CHD CYC XB . -20.99 33.25 55.49
ND CYC XB . -20.25 34.15 53.33
C1D CYC XB . -20.75 33.14 54.07
C2D CYC XB . -20.94 32.04 53.20
C3D CYC XB . -20.54 32.45 51.93
C4D CYC XB . -20.11 33.78 52.02
CMD CYC XB . -21.46 30.69 53.56
CAD CYC XB . -20.57 31.62 50.69
CBD CYC XB . -21.78 31.91 49.83
CGD CYC XB . -21.97 30.95 48.64
O1D CYC XB . -21.09 30.08 48.47
O2D CYC XB . -22.99 31.13 47.94
CHA CYC YB . -19.66 16.74 62.99
NA CYC YB . -19.48 16.90 60.57
C1A CYC YB . -19.72 17.44 61.81
C2A CYC YB . -20.05 18.83 61.68
C3A CYC YB . -20.00 19.11 60.35
C4A CYC YB . -19.64 17.86 59.69
CMA CYC YB . -20.26 20.44 59.72
CAA CYC YB . -20.37 19.76 62.81
CBA CYC YB . -21.73 19.49 63.44
CGA CYC YB . -22.90 19.30 62.46
O1A CYC YB . -23.66 18.33 62.65
O2A CYC YB . -22.98 20.14 61.55
CHB CYC YB . -19.44 17.62 58.28
NB CYC YB . -20.82 19.18 56.99
C1B CYC YB . -19.94 18.14 57.14
C2B CYC YB . -19.62 17.69 55.80
C3B CYC YB . -20.29 18.46 54.91
C4B CYC YB . -21.07 19.44 55.67
CMB CYC YB . -18.69 16.57 55.51
CAB CYC YB . -20.30 18.40 53.42
CBB CYC YB . -21.35 17.45 52.87
OB CYC YB . -21.82 20.30 55.26
NC CYC YB . -15.40 11.51 63.43
C1C CYC YB . -14.60 10.42 63.29
C2C CYC YB . -14.48 10.13 61.82
C3C CYC YB . -15.09 11.35 61.14
C4C CYC YB . -15.86 12.04 62.24
CMC CYC YB . -13.05 9.79 61.43
CAC CYC YB . -15.94 11.02 59.92
CBC CYC YB . -15.85 12.05 58.81
OC CYC YB . -14.11 9.82 64.22
CHD CYC YB . -16.93 12.83 62.05
ND CYC YB . -18.31 14.82 62.31
C1D CYC YB . -17.63 13.80 62.86
C2D CYC YB . -17.77 13.91 64.26
C3D CYC YB . -18.56 15.04 64.51
C4D CYC YB . -18.88 15.61 63.27
CMD CYC YB . -17.22 13.03 65.32
CAD CYC YB . -18.97 15.55 65.85
CBD CYC YB . -18.08 16.69 66.31
CGD CYC YB . -18.63 17.47 67.51
O1D CYC YB . -18.12 18.58 67.77
O2D CYC YB . -19.57 16.92 68.12
CHA CYC ZB . -26.40 47.19 22.39
NA CYC ZB . -26.66 45.00 23.39
C1A CYC ZB . -26.12 46.26 23.36
C2A CYC ZB . -25.23 46.43 24.47
C3A CYC ZB . -25.25 45.26 25.17
C4A CYC ZB . -26.17 44.38 24.45
CMA CYC ZB . -24.49 44.96 26.41
CAA CYC ZB . -24.45 47.67 24.78
CBA CYC ZB . -22.95 47.50 24.60
CGA CYC ZB . -22.44 47.20 23.19
O1A CYC ZB . -23.25 47.31 22.25
O2A CYC ZB . -21.25 46.87 23.09
CHB CYC ZB . -26.57 43.03 24.73
NB CYC ZB . -25.19 42.03 26.49
C1B CYC ZB . -26.11 42.01 25.48
C2B CYC ZB . -26.53 40.62 25.36
C3B CYC ZB . -25.88 39.89 26.27
C4B CYC ZB . -24.98 40.79 27.02
CMB CYC ZB . -27.54 40.17 24.36
CAB CYC ZB . -25.96 38.42 26.54
CBB CYC ZB . -25.02 37.61 25.66
OB CYC ZB . -24.23 40.52 27.93
NC CYC ZB . -31.74 46.66 18.57
C1C CYC ZB . -32.87 46.50 17.84
C2C CYC ZB . -33.09 45.03 17.64
C3C CYC ZB . -32.03 44.36 18.53
C4C CYC ZB . -31.10 45.50 18.92
CMC CYC ZB . -34.54 44.63 17.90
CAC CYC ZB . -31.33 43.17 17.88
CBC CYC ZB . -32.12 41.89 18.02
OC CYC ZB . -33.57 47.40 17.44
CHD CYC ZB . -29.95 45.35 19.59
ND CYC ZB . -28.18 46.08 21.13
C1D CYC ZB . -28.96 46.30 20.05
C2D CYC ZB . -28.58 47.55 19.52
C3D CYC ZB . -27.57 48.05 20.32
C4D CYC ZB . -27.33 47.13 21.34
CMD CYC ZB . -29.14 48.24 18.33
CAD CYC ZB . -26.87 49.35 20.16
CBD CYC ZB . -27.60 50.47 20.90
CGD CYC ZB . -27.00 51.87 20.69
O1D CYC ZB . -25.90 51.94 20.14
O2D CYC ZB . -27.69 52.82 21.11
CHA CYC AC . -30.51 46.03 1.78
NA CYC AC . -29.20 47.80 2.82
C1A CYC AC . -30.18 46.83 2.85
C2A CYC AC . -30.79 46.78 4.13
C3A CYC AC . -30.18 47.75 4.89
C4A CYC AC . -29.18 48.36 4.02
CMA CYC AC . -30.51 48.05 6.31
CAA CYC AC . -31.89 45.86 4.53
CBA CYC AC . -33.24 46.31 4.01
CGA CYC AC . -33.80 47.58 4.67
O1A CYC AC . -34.54 47.45 5.66
O2A CYC AC . -33.48 48.65 4.14
CHB CYC AC . -28.25 49.42 4.29
NB CYC AC . -28.57 50.33 6.55
C1B CYC AC . -27.98 50.26 5.31
C2B CYC AC . -26.97 51.31 5.30
C3B CYC AC . -26.98 51.94 6.48
C4B CYC AC . -28.02 51.31 7.31
CMB CYC AC . -26.10 51.56 4.13
CAB CYC AC . -26.13 53.07 6.96
CBB CYC AC . -26.70 54.44 6.57
OB CYC AC . -28.35 51.59 8.45
NC CYC AC . -26.30 45.18 -3.37
C1C CYC AC . -25.37 45.14 -4.38
C2C CYC AC . -24.63 46.45 -4.38
C3C CYC AC . -25.23 47.23 -3.19
C4C CYC AC . -26.32 46.35 -2.66
CMC CYC AC . -23.14 46.25 -4.36
CAC CYC AC . -25.72 48.63 -3.55
CBC CYC AC . -24.57 49.62 -3.61
OC CYC AC . -25.20 44.22 -5.12
CHD CYC AC . -27.11 46.68 -1.62
ND CYC AC . -28.71 46.51 0.21
C1D CYC AC . -28.28 46.11 -1.01
C2D CYC AC . -29.19 45.11 -1.45
C3D CYC AC . -30.14 44.95 -0.47
C4D CYC AC . -29.84 45.82 0.58
CMD CYC AC . -29.16 44.36 -2.74
CAD CYC AC . -31.29 44.00 -0.50
CBD CYC AC . -31.05 42.81 0.42
CGD CYC AC . -32.16 41.76 0.44
O1D CYC AC . -31.84 40.57 0.55
O2D CYC AC . -33.33 42.20 0.35
CHA CYC BC . -15.71 67.38 45.43
NA CYC BC . -16.17 67.84 43.08
C1A CYC BC . -15.97 66.99 44.13
C2A CYC BC . -16.05 65.62 43.69
C3A CYC BC . -16.31 65.67 42.36
C4A CYC BC . -16.37 67.08 42.01
CMA CYC BC . -16.50 64.49 41.45
CAA CYC BC . -15.89 64.40 44.53
CBA CYC BC . -14.44 63.92 44.54
CGA CYC BC . -13.42 64.84 45.26
O1A CYC BC . -13.35 64.75 46.49
O2A CYC BC . -12.77 65.59 44.53
CHB CYC BC . -16.63 67.62 40.71
NB CYC BC . -15.15 66.29 39.29
C1B CYC BC . -16.13 67.23 39.51
C2B CYC BC . -16.54 67.70 38.19
C3B CYC BC . -15.81 67.05 37.27
C4B CYC BC . -14.90 66.13 37.96
CMB CYC BC . -17.59 68.73 37.99
CAB CYC BC . -15.85 67.18 35.78
CBB CYC BC . -14.51 67.59 35.18
OB CYC BC . -14.08 65.36 37.48
NC CYC BC . -17.68 73.16 47.80
C1C CYC BC . -18.19 74.36 48.23
C2C CYC BC . -18.17 75.31 47.08
C3C CYC BC . -17.80 74.44 45.87
C4C CYC BC . -17.30 73.14 46.49
CMC CYC BC . -19.47 76.09 46.96
CAC CYC BC . -16.80 75.10 44.92
CBC CYC BC . -17.49 75.97 43.89
OC CYC BC . -18.57 74.56 49.36
CHD CYC BC . -16.69 72.15 45.81
ND CYC BC . -16.28 69.76 45.40
C1D CYC BC . -16.24 70.83 46.21
C2D CYC BC . -15.68 70.40 47.43
C3D CYC BC . -15.40 69.04 47.31
C4D CYC BC . -15.79 68.65 46.02
CMD CYC BC . -15.41 71.22 48.64
CAD CYC BC . -14.80 68.16 48.34
CBD CYC BC . -15.88 67.61 49.28
CGD CYC BC . -15.42 66.53 50.26
O1D CYC BC . -16.07 65.47 50.32
O2D CYC BC . -14.41 66.81 50.95
CHA CYC CC . 22.02 76.96 37.18
NA CYC CC . 20.53 76.17 35.42
C1A CYC CC . 21.56 75.99 36.32
C2A CYC CC . 22.05 74.65 36.24
C3A CYC CC . 21.31 74.03 35.28
C4A CYC CC . 20.37 75.03 34.78
CMA CYC CC . 21.47 72.62 34.86
CAA CYC CC . 23.14 74.08 37.08
CBA CYC CC . 24.52 74.71 36.81
CGA CYC CC . 25.09 74.49 35.40
O1A CYC CC . 26.08 73.77 35.29
O2A CYC CC . 24.48 75.06 34.47
CHB CYC CC . 19.35 74.91 33.77
NB CYC CC . 19.58 72.80 32.52
C1B CYC CC . 19.03 74.03 32.80
C2B CYC CC . 17.97 74.21 31.81
C3B CYC CC . 17.93 73.14 31.01
C4B CYC CC . 18.97 72.20 31.45
CMB CYC CC . 17.12 75.43 31.76
CAB CYC CC . 17.03 72.85 29.86
CBB CYC CC . 17.59 73.35 28.53
OB CYC CC . 19.26 71.12 30.99
NC CYC CC . 17.91 81.92 39.03
C1C CYC CC . 16.95 82.86 39.28
C2C CYC CC . 16.24 83.14 37.98
C3C CYC CC . 16.81 82.11 37.00
C4C CYC CC . 17.97 81.49 37.73
CMC CYC CC . 14.73 83.11 38.16
CAC CYC CC . 17.19 82.68 35.64
CBC CYC CC . 15.98 82.88 34.74
OC CYC CC . 16.75 83.35 40.34
CHD CYC CC . 18.69 80.46 37.23
ND CYC CC . 20.26 78.62 37.05
C1D CYC CC . 19.87 79.76 37.66
C2D CYC CC . 20.81 80.02 38.67
C3D CYC CC . 21.76 79.01 38.62
C4D CYC CC . 21.40 78.13 37.61
CMD CYC CC . 20.84 81.17 39.62
CAD CYC CC . 22.95 78.85 39.52
CBD CYC CC . 22.71 77.77 40.56
CGD CYC CC . 23.83 77.57 41.58
O1D CYC CC . 23.52 77.46 42.78
O2D CYC CC . 24.98 77.54 41.11
CHA CYC DC . 4.78 35.62 13.39
NA CYC DC . 5.41 37.97 13.33
C1A CYC DC . 5.06 36.83 14.00
C2A CYC DC . 5.04 37.06 15.41
C3A CYC DC . 5.37 38.38 15.58
C4A CYC DC . 5.61 38.90 14.24
CMA CYC DC . 5.48 39.07 16.88
CAA CYC DC . 4.69 36.07 16.47
CBA CYC DC . 3.23 36.16 16.91
CGA CYC DC . 2.24 35.45 15.99
O1A CYC DC . 1.25 36.08 15.59
O2A CYC DC . 2.51 34.25 15.72
CHB CYC DC . 5.99 40.22 13.81
NB CYC DC . 6.27 41.72 15.74
C1B CYC DC . 6.11 41.44 14.41
C2B CYC DC . 6.09 42.72 13.72
C3B CYC DC . 6.23 43.70 14.63
C4B CYC DC . 6.35 43.07 15.95
CMB CYC DC . 5.94 42.85 12.24
CAB CYC DC . 6.28 45.17 14.44
CBB CYC DC . 4.88 45.77 14.30
OB CYC DC . 6.49 43.60 17.04
NC CYC DC . 6.55 34.23 7.25
C1C CYC DC . 6.97 33.97 5.99
C2C CYC DC . 6.97 35.26 5.22
C3C CYC DC . 6.64 36.32 6.26
C4C CYC DC . 6.23 35.55 7.50
CMC CYC DC . 8.27 35.44 4.44
CAC CYC DC . 5.59 37.34 5.80
CBC CYC DC . 6.19 38.43 4.93
OC CYC DC . 7.29 32.88 5.58
CHD CYC DC . 5.73 36.08 8.62
ND CYC DC . 5.36 36.07 11.05
C1D CYC DC . 5.24 35.49 9.84
C2D CYC DC . 4.59 34.25 10.05
C3D CYC DC . 4.33 34.13 11.40
C4D CYC DC . 4.82 35.29 12.03
CMD CYC DC . 4.23 33.24 9.02
CAD CYC DC . 3.66 33.00 12.09
CBD CYC DC . 4.65 32.07 12.76
CGD CYC DC . 4.05 30.76 13.29
O1D CYC DC . 4.78 29.75 13.34
O2D CYC DC . 2.84 30.82 13.62
CHA CYC EC . -4.29 29.62 -4.39
NA CYC EC . -4.60 28.32 -2.37
C1A CYC EC . -3.88 29.17 -3.17
C2A CYC EC . -2.64 29.51 -2.54
C3A CYC EC . -2.61 28.86 -1.35
C4A CYC EC . -3.87 28.12 -1.28
CMA CYC EC . -1.51 28.90 -0.36
CAA CYC EC . -1.61 30.41 -3.13
CBA CYC EC . -0.79 29.70 -4.20
CGA CYC EC . 0.15 28.61 -3.68
O1A CYC EC . 1.32 28.92 -3.42
O2A CYC EC . -0.35 27.47 -3.57
CHB CYC EC . -4.38 27.26 -0.26
NB CYC EC . -2.88 27.16 1.70
C1B CYC EC . -3.94 26.76 0.92
C2B CYC EC . -4.56 25.65 1.63
C3B CYC EC . -3.86 25.43 2.77
C4B CYC EC . -2.76 26.40 2.82
CMB CYC EC . -5.76 24.95 1.12
CAB CYC EC . -4.07 24.41 3.83
CBB CYC EC . -5.39 24.56 4.56
OB CYC EC . -1.91 26.54 3.67
NC CYC EC . -10.59 29.22 -6.57
C1C CYC EC . -11.93 29.17 -6.80
C2C CYC EC . -12.54 28.16 -5.89
C3C CYC EC . -11.34 27.55 -5.15
C4C CYC EC . -10.14 28.36 -5.61
CMC CYC EC . -13.62 28.75 -5.01
CAC CYC EC . -11.21 26.05 -5.37
CBC CYC EC . -12.38 25.32 -4.74
OC CYC EC . -12.50 29.86 -7.61
CHD CYC EC . -8.89 28.22 -5.13
ND CYC EC . -6.60 28.82 -4.56
C1D CYC EC . -7.63 28.86 -5.42
C2D CYC EC . -7.19 29.59 -6.55
C3D CYC EC . -5.87 29.98 -6.30
C4D CYC EC . -5.51 29.48 -5.05
CMD CYC EC . -7.94 29.93 -7.78
CAD CYC EC . -5.00 30.78 -7.19
CBD CYC EC . -4.88 32.21 -6.68
CGD CYC EC . -3.85 33.08 -7.42
O1D CYC EC . -3.95 34.32 -7.30
O2D CYC EC . -2.98 32.46 -8.06
CHA CYC FC . 10.72 25.18 44.54
NA CYC FC . 10.08 24.22 42.40
C1A CYC FC . 10.24 25.28 43.26
C2A CYC FC . 9.82 26.49 42.61
C3A CYC FC . 9.40 26.14 41.36
C4A CYC FC . 9.58 24.71 41.28
CMA CYC FC . 8.89 27.06 40.31
CAA CYC FC . 9.83 27.85 43.23
CBA CYC FC . 8.60 28.08 44.10
CGA CYC FC . 7.27 28.17 43.32
O1A CYC FC . 6.60 27.13 43.19
O2A CYC FC . 6.97 29.30 42.89
CHB CYC FC . 9.32 23.83 40.16
NB CYC FC . 7.51 24.79 38.78
C1B CYC FC . 8.43 23.83 39.14
C2B CYC FC . 8.29 22.76 38.16
C3B CYC FC . 7.32 23.10 37.28
C4B CYC FC . 6.81 24.43 37.67
CMB CYC FC . 9.10 21.53 38.18
CAB CYC FC . 6.80 22.36 36.11
CBB CYC FC . 5.34 21.97 36.28
OB CYC FC . 5.94 25.08 37.14
NC CYC FC . 12.27 20.03 43.44
C1C CYC FC . 12.29 18.87 42.72
C2C CYC FC . 13.11 17.86 43.48
C3C CYC FC . 13.58 18.61 44.73
C4C CYC FC . 12.98 19.99 44.61
CMC CYC FC . 12.35 16.57 43.73
CAC CYC FC . 15.10 18.63 44.91
CBC CYC FC . 15.77 17.29 44.70
OC CYC FC . 11.72 18.72 41.67
CHD CYC FC . 13.02 20.93 45.56
ND CYC FC . 11.74 22.93 44.75
C1D CYC FC . 12.54 22.28 45.63
C2D CYC FC . 12.81 23.17 46.68
C3D CYC FC . 12.17 24.36 46.41
C4D CYC FC . 11.49 24.21 45.19
CMD CYC FC . 13.65 22.84 47.86
CAD CYC FC . 12.19 25.59 47.25
CBD CYC FC . 13.41 26.45 46.96
CGD CYC FC . 13.71 27.50 48.04
O1D CYC FC . 13.34 28.67 47.81
O2D CYC FC . 14.30 27.10 49.05
CHA CYC GC . 10.65 13.24 60.48
NA CYC GC . 10.70 15.49 61.41
C1A CYC GC . 10.71 14.62 60.36
C2A CYC GC . 10.78 15.34 59.11
C3A CYC GC . 10.81 16.66 59.44
C4A CYC GC . 10.77 16.71 60.89
CMA CYC GC . 10.89 17.78 58.46
CAA CYC GC . 10.80 14.75 57.75
CBA CYC GC . 12.21 14.63 57.20
CGA CYC GC . 12.90 13.29 57.49
O1A CYC GC . 12.21 12.26 57.46
O2A CYC GC . 14.12 13.36 57.72
CHB CYC GC . 10.77 17.86 61.77
NB CYC GC . 10.99 19.98 60.53
C1B CYC GC . 11.04 19.18 61.65
C2B CYC GC . 11.44 20.06 62.74
C3B CYC GC . 11.62 21.30 62.26
C4B CYC GC . 11.33 21.27 60.82
CMB CYC GC . 11.62 19.60 64.13
CAB CYC GC . 12.02 22.53 62.97
CBB CYC GC . 10.91 23.59 63.00
OB CYC GC . 11.36 22.17 60.00
NC CYC GC . 9.49 14.06 65.78
C1C CYC GC . 9.22 14.81 66.90
C2C CYC GC . 8.88 13.86 68.01
C3C CYC GC . 9.23 12.48 67.44
C4C CYC GC . 9.38 12.71 65.96
CMC CYC GC . 9.57 14.24 69.32
CAC CYC GC . 8.22 11.38 67.78
CBC CYC GC . 8.19 10.97 69.24
OC CYC GC . 9.27 16.00 66.94
CHD CYC GC . 9.69 11.73 65.09
ND CYC GC . 10.18 12.81 62.87
C1D CYC GC . 9.94 11.74 63.66
C2D CYC GC . 9.98 10.60 62.86
C3D CYC GC . 10.25 11.02 61.56
C4D CYC GC . 10.38 12.41 61.57
CMD CYC GC . 9.76 9.21 63.34
CAD CYC GC . 10.37 10.14 60.36
CBD CYC GC . 9.04 10.02 59.63
CGD CYC GC . 9.04 9.07 58.43
O1D CYC GC . 9.01 7.84 58.67
O2D CYC GC . 9.06 9.61 57.31
CHA CYC HC . 17.80 56.88 33.87
NA CYC HC . 18.16 55.59 35.89
C1A CYC HC . 17.52 55.82 34.69
C2A CYC HC . 16.55 54.80 34.44
C3A CYC HC . 16.61 53.94 35.50
C4A CYC HC . 17.62 54.48 36.39
CMA CYC HC . 15.79 52.72 35.69
CAA CYC HC . 15.65 54.67 33.25
CBA CYC HC . 14.66 55.82 33.09
CGA CYC HC . 13.93 56.27 34.37
O1A CYC HC . 13.59 55.40 35.19
O2A CYC HC . 13.72 57.49 34.47
CHB CYC HC . 18.05 53.93 37.65
NB CYC HC . 15.98 53.22 38.72
C1B CYC HC . 17.34 53.31 38.61
C2B CYC HC . 17.88 52.59 39.76
C3B CYC HC . 16.86 52.10 40.48
C4B CYC HC . 15.61 52.50 39.82
CMB CYC HC . 19.33 52.45 40.03
CAB CYC HC . 16.89 51.31 41.74
CBB CYC HC . 16.15 51.98 42.88
OB CYC HC . 14.46 52.27 40.14
NC CYC HC . 23.21 60.66 34.44
C1C CYC HC . 24.33 61.41 34.61
C2C CYC HC . 24.63 61.45 36.08
C3C CYC HC . 23.64 60.46 36.70
C4C CYC HC . 22.65 60.16 35.59
CMC CYC HC . 26.09 61.20 36.38
CAC CYC HC . 22.98 60.95 38.00
CBC CYC HC . 23.86 60.67 39.20
OC CYC HC . 24.95 61.93 33.72
CHD CYC HC . 21.56 59.39 35.72
ND CYC HC . 19.70 57.97 34.96
C1D CYC HC . 20.48 59.07 34.82
C2D CYC HC . 19.99 59.75 33.68
C3D CYC HC . 18.93 59.02 33.18
C4D CYC HC . 18.75 57.90 33.99
CMD CYC HC . 20.50 61.03 33.10
CAD CYC HC . 18.11 59.37 31.98
CBD CYC HC . 18.56 58.56 30.77
CGD CYC HC . 17.75 58.81 29.49
O1D CYC HC . 18.34 59.32 28.52
O2D CYC HC . 16.55 58.49 29.55
CHA CYC IC . 48.33 -0.73 -19.49
NA CYC IC . 48.16 -0.73 -17.06
C1A CYC IC . 48.81 -0.45 -18.23
C2A CYC IC . 50.07 0.18 -17.97
C3A CYC IC . 50.17 0.28 -16.61
C4A CYC IC . 48.95 -0.31 -16.09
CMA CYC IC . 51.32 0.88 -15.88
CAA CYC IC . 51.03 0.64 -19.01
CBA CYC IC . 51.79 -0.51 -19.65
CGA CYC IC . 52.87 -1.13 -18.75
O1A CYC IC . 54.03 -0.71 -18.86
O2A CYC IC . 52.48 -2.02 -17.98
CHB CYC IC . 48.52 -0.49 -14.72
NB CYC IC . 50.26 0.25 -13.14
C1B CYC IC . 49.05 -0.28 -13.48
C2B CYC IC . 48.38 -0.62 -12.23
C3B CYC IC . 49.20 -0.29 -11.21
C4B CYC IC . 50.42 0.28 -11.79
CMB CYC IC . 47.03 -1.23 -12.17
CAB CYC IC . 48.98 -0.43 -9.75
CBB CYC IC . 49.41 -1.80 -9.23
OB CYC IC . 51.40 0.71 -11.20
NC CYC IC . 41.83 -2.07 -20.63
C1C CYC IC . 40.50 -2.35 -20.67
C2C CYC IC . 40.06 -2.79 -19.31
C3C CYC IC . 41.34 -2.76 -18.47
C4C CYC IC . 42.41 -2.25 -19.40
CMC CYC IC . 38.91 -1.95 -18.79
CAC CYC IC . 41.69 -4.10 -17.84
CBC CYC IC . 40.84 -4.37 -16.62
OC CYC IC . 39.83 -2.25 -21.67
CHD CYC IC . 43.69 -2.07 -19.03
ND CYC IC . 46.03 -1.38 -19.04
C1D CYC IC . 44.91 -1.73 -19.71
C2D CYC IC . 45.24 -1.69 -21.09
C3D CYC IC . 46.57 -1.31 -21.19
C4D CYC IC . 47.05 -1.11 -19.90
CMD CYC IC . 44.37 -2.00 -22.26
CAD CYC IC . 47.35 -1.12 -22.44
CBD CYC IC . 47.56 0.36 -22.70
CGD CYC IC . 48.12 0.70 -24.08
O1D CYC IC . 47.66 1.72 -24.64
O2D CYC IC . 48.98 -0.07 -24.53
CHA CYC JC . 67.50 17.74 24.08
NA CYC JC . 66.40 15.81 23.09
C1A CYC JC . 66.81 17.11 23.06
C2A CYC JC . 66.41 17.73 21.82
C3A CYC JC . 65.75 16.77 21.11
C4A CYC JC . 65.77 15.59 21.94
CMA CYC JC . 65.15 16.93 19.76
CAA CYC JC . 66.67 19.14 21.42
CBA CYC JC . 65.48 20.05 21.70
CGA CYC JC . 64.95 20.01 23.14
O1A CYC JC . 65.64 20.54 24.04
O2A CYC JC . 63.84 19.45 23.29
CHB CYC JC . 65.20 14.31 21.61
NB CYC JC . 62.99 14.94 20.79
C1B CYC JC . 64.01 14.05 21.00
C2B CYC JC . 63.57 12.78 20.43
C3B CYC JC . 62.34 12.95 19.92
C4B CYC JC . 61.94 14.36 20.15
CMB CYC JC . 64.39 11.54 20.46
CAB CYC JC . 61.47 11.96 19.24
CBB CYC JC . 60.10 11.81 19.90
OB CYC JC . 60.91 14.92 19.84
NC CYC JC . 71.13 14.40 28.38
C1C CYC JC . 71.91 13.65 29.20
C2C CYC JC . 71.23 12.31 29.37
C3C CYC JC . 70.09 12.33 28.35
C4C CYC JC . 69.98 13.79 27.96
CMC CYC JC . 72.22 11.16 29.25
CAC CYC JC . 68.79 11.72 28.88
CBC CYC JC . 68.74 10.23 28.67
OC CYC JC . 72.95 14.00 29.69
CHD CYC JC . 68.96 14.32 27.23
ND CYC JC . 68.16 15.86 25.50
C1D CYC JC . 68.74 15.64 26.70
C2D CYC JC . 69.05 16.89 27.25
C3D CYC JC . 68.62 17.86 26.35
C4D CYC JC . 68.07 17.19 25.24
CMD CYC JC . 69.70 17.17 28.56
CAD CYC JC . 68.73 19.33 26.50
CBD CYC JC . 70.11 19.83 26.05
CGD CYC JC . 70.30 21.35 26.09
O1D CYC JC . 69.29 22.07 26.07
O2D CYC JC . 71.49 21.75 26.13
CHA CYC KC . 68.49 13.88 44.98
NA CYC KC . 68.41 16.12 44.03
C1A CYC KC . 68.71 14.78 43.96
C2A CYC KC . 69.28 14.46 42.69
C3A CYC KC . 69.32 15.63 41.98
C4A CYC KC . 68.77 16.65 42.86
CMA CYC KC . 69.84 15.77 40.60
CAA CYC KC . 69.72 13.09 42.27
CBA CYC KC . 71.02 12.65 42.92
CGA CYC KC . 72.27 13.46 42.52
O1A CYC KC . 73.05 12.95 41.70
O2A CYC KC . 72.40 14.56 43.07
CHB CYC KC . 68.58 18.06 42.64
NB CYC KC . 69.49 18.75 40.46
C1B CYC KC . 68.90 18.96 41.69
C2B CYC KC . 68.67 20.40 41.77
C3B CYC KC . 69.11 20.98 40.64
C4B CYC KC . 69.65 19.92 39.77
CMB CYC KC . 68.04 21.04 42.95
CAB CYC KC . 69.08 22.41 40.26
CBB CYC KC . 70.44 23.08 40.44
OB CYC KC . 70.14 20.02 38.67
NC CYC KC . 64.06 15.22 49.92
C1C CYC KC . 63.19 15.67 50.86
C2C CYC KC . 63.26 17.18 50.87
C3C CYC KC . 64.28 17.52 49.78
C4C CYC KC . 64.76 16.19 49.24
CMC CYC KC . 61.90 17.82 50.71
CAC CYC KC . 65.43 18.40 50.27
CBC CYC KC . 65.02 19.87 50.32
OC CYC KC . 62.50 14.97 51.55
CHD CYC KC . 65.62 16.07 48.22
ND CYC KC . 67.08 15.15 46.51
C1D CYC KC . 66.33 14.97 47.60
C2D CYC KC . 66.43 13.60 47.93
C3D CYC KC . 67.25 13.00 46.99
C4D CYC KC . 67.65 13.98 46.09
CMD CYC KC . 65.78 12.88 49.08
CAD CYC KC . 67.63 11.56 46.95
CBD CYC KC . 66.93 10.84 45.80
CGD CYC KC . 66.90 9.31 45.92
O1D CYC KC . 65.80 8.74 45.77
O2D CYC KC . 67.99 8.76 46.17
CHA CYC LC . 69.53 41.73 2.08
NA CYC LC . 70.01 41.63 4.46
C1A CYC LC . 69.44 41.14 3.32
C2A CYC LC . 68.72 39.92 3.61
C3A CYC LC . 68.89 39.70 4.94
C4A CYC LC . 69.70 40.78 5.42
CMA CYC LC . 68.34 38.54 5.73
CAA CYC LC . 67.95 39.09 2.64
CBA CYC LC . 66.46 39.35 2.71
CGA CYC LC . 66.01 40.76 2.27
O1A CYC LC . 66.14 41.05 1.07
O2A CYC LC . 65.53 41.47 3.16
CHB CYC LC . 70.14 40.96 6.79
NB CYC LC . 68.09 40.60 8.06
C1B CYC LC . 69.44 40.80 7.93
C2B CYC LC . 69.98 40.81 9.29
C3B CYC LC . 68.96 40.61 10.15
C4B CYC LC . 67.72 40.47 9.36
CMB CYC LC . 71.41 41.00 9.60
CAB CYC LC . 69.00 40.53 11.64
CBB CYC LC . 68.06 41.52 12.31
OB CYC LC . 66.59 40.28 9.75
NC CYC LC . 74.54 45.65 0.28
C1C CYC LC . 75.61 46.44 -0.02
C2C CYC LC . 76.07 47.12 1.24
C3C CYC LC . 75.19 46.50 2.34
C4C CYC LC . 74.15 45.70 1.60
CMC CYC LC . 77.57 47.02 1.42
CAC CYC LC . 74.62 47.52 3.31
CBC CYC LC . 75.64 47.93 4.37
OC CYC LC . 76.10 46.54 -1.12
CHD CYC LC . 73.09 45.08 2.18
ND CYC LC . 71.38 43.33 2.35
C1D CYC LC . 71.99 44.31 1.65
C2D CYC LC . 71.33 44.39 0.40
C3D CYC LC . 70.32 43.44 0.40
C4D CYC LC . 70.36 42.77 1.63
CMD CYC LC . 71.64 45.33 -0.72
CAD CYC LC . 69.38 43.16 -0.72
CBD CYC LC . 69.99 42.18 -1.72
CGD CYC LC . 69.05 41.80 -2.88
O1D CYC LC . 67.84 42.04 -2.75
O2D CYC LC . 69.60 41.28 -3.87
CHA CYC MC . 72.31 61.46 -4.61
NA CYC MC . 70.82 59.90 -5.76
C1A CYC MC . 71.92 60.20 -4.98
C2A CYC MC . 72.61 58.99 -4.62
C3A CYC MC . 71.91 57.96 -5.18
C4A CYC MC . 70.80 58.58 -5.89
CMA CYC MC . 72.27 56.53 -5.06
CAA CYC MC . 73.83 58.94 -3.78
CBA CYC MC . 75.09 59.25 -4.57
CGA CYC MC . 75.45 58.23 -5.65
O1A CYC MC . 76.28 57.36 -5.36
O2A CYC MC . 74.87 58.35 -6.75
CHB CYC MC . 69.75 57.96 -6.68
NB CYC MC . 69.99 55.51 -6.70
C1B CYC MC . 69.37 56.70 -6.99
C2B CYC MC . 68.17 56.33 -7.73
C3B CYC MC . 68.12 54.99 -7.85
C4B CYC MC . 69.31 54.44 -7.17
CMB CYC MC . 67.19 57.32 -8.25
CAB CYC MC . 67.10 54.14 -8.52
CBB CYC MC . 67.31 54.04 -10.03
OB CYC MC . 69.65 53.29 -7.06
NC CYC MC . 68.02 66.67 -4.73
C1C CYC MC . 67.00 67.57 -4.80
C2C CYC MC . 66.09 67.14 -5.92
C3C CYC MC . 66.68 65.81 -6.42
C4C CYC MC . 67.97 65.64 -5.64
CMC CYC MC . 64.64 67.10 -5.48
CAC CYC MC . 66.86 65.75 -7.93
CBC CYC MC . 65.55 65.55 -8.66
OC CYC MC . 66.89 68.53 -4.09
CHD CYC MC . 68.66 64.49 -5.65
ND CYC MC . 70.38 62.82 -5.22
C1D CYC MC . 69.96 64.10 -5.15
C2D CYC MC . 71.00 64.83 -4.54
C3D CYC MC . 72.02 63.94 -4.25
C4D CYC MC . 71.62 62.67 -4.69
CMD CYC MC . 71.03 66.29 -4.24
CAD CYC MC . 73.32 64.26 -3.60
CBD CYC MC . 73.36 63.72 -2.17
CGD CYC MC . 74.62 64.05 -1.37
O1D CYC MC . 74.47 64.38 -0.18
O2D CYC MC . 75.70 63.98 -1.99
CHA CYC NC . 57.95 13.42 -7.28
NA CYC NC . 58.12 15.47 -8.58
C1A CYC NC . 58.13 14.79 -7.38
C2A CYC NC . 58.35 15.71 -6.30
C3A CYC NC . 58.48 16.94 -6.87
C4A CYC NC . 58.32 16.74 -8.29
CMA CYC NC . 58.73 18.22 -6.16
CAA CYC NC . 58.44 15.40 -4.84
CBA CYC NC . 57.19 14.74 -4.25
CGA CYC NC . 55.83 15.28 -4.74
O1A CYC NC . 55.72 16.51 -4.91
O2A CYC NC . 54.95 14.43 -4.93
CHB CYC NC . 58.38 17.75 -9.31
NB CYC NC . 57.02 19.54 -8.37
C1B CYC NC . 57.86 19.00 -9.31
C2B CYC NC . 58.08 20.05 -10.29
C3B CYC NC . 57.39 21.14 -9.93
C4B CYC NC . 56.68 20.83 -8.67
CMB CYC NC . 58.94 19.87 -11.49
CAB CYC NC . 57.28 22.47 -10.60
CBB CYC NC . 55.85 22.87 -10.91
OB CYC NC . 55.96 21.53 -8.00
NC CYC NC . 59.39 9.19 -12.14
C1C CYC NC . 59.78 8.40 -13.18
C2C CYC NC . 59.60 9.18 -14.45
C3C CYC NC . 59.22 10.59 -13.97
C4C CYC NC . 58.95 10.45 -12.49
CMC CYC NC . 60.83 9.09 -15.34
CAC CYC NC . 58.06 11.21 -14.75
CBC CYC NC . 58.53 11.84 -16.06
OC CYC NC . 60.19 7.28 -13.06
CHD CYC NC . 58.50 11.44 -11.70
ND CYC NC . 58.31 12.64 -9.58
C1D CYC NC . 58.18 11.51 -10.30
C2D CYC NC . 57.70 10.51 -9.42
C3D CYC NC . 57.54 11.10 -8.17
C4D CYC NC . 57.92 12.44 -8.28
CMD CYC NC . 57.41 9.09 -9.75
CAD CYC NC . 57.07 10.42 -6.94
CBD CYC NC . 58.24 9.90 -6.12
CGD CYC NC . 57.84 9.11 -4.86
O1D CYC NC . 58.38 8.00 -4.67
O2D CYC NC . 56.99 9.65 -4.13
CHA CYC OC . 18.05 14.95 -17.00
NA CYC OC . 19.45 16.92 -16.94
C1A CYC OC . 18.47 16.11 -16.43
C2A CYC OC . 17.95 16.67 -15.21
C3A CYC OC . 18.64 17.83 -15.00
C4A CYC OC . 19.57 17.95 -16.11
CMA CYC OC . 18.43 18.74 -13.84
CAA CYC OC . 16.88 16.07 -14.38
CBA CYC OC . 15.51 16.09 -15.04
CGA CYC OC . 14.73 17.41 -14.91
O1A CYC OC . 14.55 17.87 -13.78
O2A CYC OC . 14.34 17.90 -15.99
CHB CYC OC . 20.55 18.96 -16.41
NB CYC OC . 20.47 20.77 -14.74
C1B CYC OC . 20.92 20.14 -15.88
C2B CYC OC . 21.94 21.03 -16.44
C3B CYC OC . 22.06 22.11 -15.66
C4B CYC OC . 21.11 21.97 -14.54
CMB CYC OC . 22.68 20.71 -17.68
CAB CYC OC . 22.95 23.29 -15.80
CBB CYC OC . 22.18 24.55 -16.16
OB CYC OC . 20.91 22.72 -13.62
NC CYC OC . 21.64 11.69 -21.60
C1C CYC OC . 22.42 11.14 -22.57
C2C CYC OC . 23.30 12.23 -23.12
C3C CYC OC . 22.90 13.48 -22.35
C4C CYC OC . 21.83 13.03 -21.38
CMC CYC OC . 24.77 11.85 -23.04
CAC CYC OC . 22.45 14.64 -23.24
CBC CYC OC . 23.62 15.35 -23.89
OC CYC OC . 22.38 9.99 -22.90
CHD CYC OC . 21.12 13.86 -20.59
ND CYC OC . 19.70 14.59 -18.76
C1D CYC OC . 19.99 13.69 -19.71
C2D CYC OC . 19.00 12.68 -19.64
C3D CYC OC . 18.14 13.03 -18.61
C4D CYC OC . 18.59 14.22 -18.06
CMD CYC OC . 18.85 11.45 -20.48
CAD CYC OC . 16.95 12.26 -18.15
CBD CYC OC . 17.31 11.35 -16.99
CGD CYC OC . 16.12 10.73 -16.27
O1D CYC OC . 16.30 10.28 -15.12
O2D CYC OC . 15.04 10.75 -16.88
CHA CYC PC . 36.77 52.38 13.24
NA CYC PC . 35.69 51.44 11.28
C1A CYC PC . 36.26 51.32 12.51
C2A CYC PC . 36.25 49.95 12.94
C3A CYC PC . 35.66 49.25 11.94
C4A CYC PC . 35.34 50.22 10.91
CMA CYC PC . 35.43 47.78 11.93
CAA CYC PC . 36.77 49.39 14.23
CBA CYC PC . 38.24 49.65 14.50
CGA CYC PC . 39.23 49.17 13.44
O1A CYC PC . 39.87 50.04 12.81
O2A CYC PC . 39.33 47.94 13.29
CHB CYC PC . 34.69 49.98 9.63
NB CYC PC . 35.03 47.67 8.94
C1B CYC PC . 34.81 49.00 8.72
C2B CYC PC . 34.68 49.14 7.28
C3B CYC PC . 34.84 47.93 6.71
C4B CYC PC . 35.08 46.96 7.77
CMB CYC PC . 34.42 50.45 6.60
CAB CYC PC . 34.80 47.55 5.28
CBB CYC PC . 36.21 47.28 4.73
OB CYC PC . 35.28 45.76 7.70
NC CYC PC . 34.21 58.45 12.71
C1C CYC PC . 33.71 59.70 12.54
C2C CYC PC . 33.63 59.96 11.07
C3C CYC PC . 33.97 58.61 10.41
C4C CYC PC . 34.51 57.78 11.55
CMC CYC PC . 32.29 60.56 10.66
CAC CYC PC . 34.93 58.70 9.23
CBC CYC PC . 34.18 59.00 7.94
OC CYC PC . 33.39 60.44 13.43
CHD CYC PC . 35.07 56.56 11.41
ND CYC PC . 35.81 54.35 12.13
C1D CYC PC . 35.75 55.68 12.32
C2D CYC PC . 36.44 55.97 13.51
C3D CYC PC . 36.92 54.77 14.00
C4D CYC PC . 36.52 53.75 13.14
CMD CYC PC . 36.67 57.30 14.13
CAD CYC PC . 37.71 54.58 15.24
CBD CYC PC . 36.82 54.36 16.45
CGD CYC PC . 37.49 53.69 17.65
O1D CYC PC . 38.50 52.99 17.43
O2D CYC PC . 36.98 53.92 18.76
CHA CYC QC . 44.66 71.21 11.55
NA CYC QC . 45.30 69.73 13.37
C1A CYC QC . 44.39 70.24 12.48
C2A CYC QC . 43.11 69.62 12.66
C3A CYC QC . 43.27 68.72 13.67
C4A CYC QC . 44.66 68.82 14.09
CMA CYC QC . 42.19 67.84 14.19
CAA CYC QC . 41.88 69.92 11.87
CBA CYC QC . 41.22 71.22 12.30
CGA CYC QC . 40.51 71.17 13.67
O1A CYC QC . 39.79 70.20 13.92
O2A CYC QC . 40.73 72.13 14.42
CHB CYC QC . 45.37 68.10 15.12
NB CYC QC . 43.98 66.28 16.01
C1B CYC QC . 45.12 67.03 15.91
C2B CYC QC . 46.05 66.45 16.87
C3B CYC QC . 45.45 65.40 17.48
C4B CYC QC . 44.09 65.27 16.92
CMB CYC QC . 47.42 66.96 17.09
CAB CYC QC . 45.99 64.49 18.52
CBB CYC QC . 45.75 65.00 19.94
OB CYC QC . 43.22 64.48 17.20
NC CYC QC . 50.81 73.58 10.46
C1C CYC QC . 52.15 73.83 10.33
C2C CYC QC . 52.83 73.37 11.59
C3C CYC QC . 51.69 72.77 12.43
C4C CYC QC . 50.43 73.01 11.64
CMC CYC QC . 54.01 72.46 11.32
CAC CYC QC . 51.65 73.34 13.85
CBC CYC QC . 52.73 72.74 14.73
OC CYC QC . 52.66 74.34 9.37
CHD CYC QC . 49.19 72.89 12.15
ND CYC QC . 46.95 71.92 12.05
C1D CYC QC . 47.88 72.72 11.54
C2D CYC QC . 47.34 73.34 10.40
C3D CYC QC . 46.05 72.85 10.25
C4D CYC QC . 45.81 71.94 11.29
CMD CYC QC . 48.00 74.34 9.50
CAD CYC QC . 45.08 73.16 9.16
CBD CYC QC . 44.33 74.47 9.27
CGD CYC QC . 43.26 74.60 8.17
O1D CYC QC . 42.44 75.53 8.24
O2D CYC QC . 43.32 73.71 7.28
CHA CYC RC . 33.34 25.92 31.98
NA CYC RC . 33.63 28.32 32.03
C1A CYC RC . 33.64 27.12 31.37
C2A CYC RC . 34.03 27.30 29.99
C3A CYC RC . 34.25 28.64 29.85
C4A CYC RC . 33.99 29.24 31.15
CMA CYC RC . 34.67 29.31 28.59
CAA CYC RC . 34.21 26.27 28.93
CBA CYC RC . 33.09 25.27 28.74
CGA CYC RC . 33.52 24.01 27.97
O1A CYC RC . 33.63 22.95 28.60
O2A CYC RC . 33.74 24.19 26.76
CHB CYC RC . 34.06 30.62 31.52
NB CYC RC . 35.07 32.08 29.83
C1B CYC RC . 34.83 31.66 31.11
C2B CYC RC . 35.54 32.59 31.98
C3B CYC RC . 36.17 33.49 31.19
C4B CYC RC . 35.87 33.17 29.79
CMB CYC RC . 35.56 32.52 33.45
CAB CYC RC . 37.03 34.63 31.57
CBB CYC RC . 38.49 34.35 31.23
OB CYC RC . 36.26 33.73 28.79
NC CYC RC . 30.68 25.44 38.02
C1C CYC RC . 30.21 25.33 39.30
C2C CYC RC . 31.02 26.27 40.15
C3C CYC RC . 31.87 27.07 39.15
C4C CYC RC . 31.71 26.31 37.84
CMC CYC RC . 30.14 27.08 41.08
CAC CYC RC . 33.32 27.25 39.57
CBC CYC RC . 33.48 28.44 40.50
OC CYC RC . 29.31 24.61 39.64
CHD CYC RC . 32.41 26.58 36.72
ND CYC RC . 32.93 26.49 34.33
C1D CYC RC . 32.51 25.89 35.46
C2D CYC RC . 32.25 24.53 35.13
C3D CYC RC . 32.52 24.38 33.78
C4D CYC RC . 32.95 25.61 33.28
CMD CYC RC . 31.78 23.44 36.02
CAD CYC RC . 32.39 23.13 32.98
CBD CYC RC . 31.01 23.04 32.34
CGD CYC RC . 30.81 21.82 31.43
O1D CYC RC . 31.80 21.11 31.21
O2D CYC RC . 29.66 21.66 30.99
CHA CYC SC . 37.20 13.99 48.83
NA CYC SC . 36.88 13.21 46.55
C1A CYC SC . 36.75 14.15 47.53
C2A CYC SC . 36.07 15.31 47.02
C3A CYC SC . 35.80 15.04 45.71
C4A CYC SC . 36.32 13.70 45.46
CMA CYC SC . 35.11 15.96 44.77
CAA CYC SC . 35.75 16.54 47.80
CBA CYC SC . 34.61 16.33 48.79
CGA CYC SC . 33.22 16.17 48.17
O1A CYC SC . 32.54 17.20 48.01
O2A CYC SC . 32.90 15.01 47.88
CHB CYC SC . 36.32 12.93 44.24
NB CYC SC . 34.72 13.86 42.61
C1B CYC SC . 35.64 12.95 43.07
C2B CYC SC . 35.78 11.96 42.01
C3B CYC SC . 34.96 12.29 41.00
C4B CYC SC . 34.27 13.53 41.37
CMB CYC SC . 36.69 10.79 42.11
CAB CYC SC . 34.73 11.61 39.70
CBB CYC SC . 33.66 10.52 39.78
OB CYC SC . 33.44 14.17 40.73
NC CYC SC . 42.41 9.90 50.32
C1C CYC SC . 43.41 8.98 50.41
C2C CYC SC . 43.31 8.08 49.20
C3C CYC SC . 42.05 8.55 48.49
C4C CYC SC . 41.60 9.78 49.22
CMC CYC SC . 44.59 8.10 48.37
CAC CYC SC . 40.96 7.47 48.42
CBC CYC SC . 41.25 6.43 47.34
OC CYC SC . 44.22 8.93 51.30
CHD CYC SC . 40.74 10.68 48.72
ND CYC SC . 38.93 12.30 48.57
C1D CYC SC . 39.89 11.70 49.30
C2D CYC SC . 39.86 12.29 50.58
C3D CYC SC . 38.84 13.23 50.58
C4D CYC SC . 38.26 13.23 49.31
CMD CYC SC . 40.71 11.98 51.76
CAD CYC SC . 38.42 14.09 51.73
CBD CYC SC . 39.12 15.43 51.73
CGD CYC SC . 38.68 16.37 52.86
O1D CYC SC . 39.39 16.45 53.87
O2D CYC SC . 37.60 16.97 52.66
CHA CYC TC . 23.77 24.07 0.55
NA CYC TC . 23.66 22.65 2.53
C1A CYC TC . 24.13 23.74 1.83
C2A CYC TC . 25.06 24.47 2.65
C3A CYC TC . 25.14 23.81 3.84
C4A CYC TC . 24.24 22.67 3.71
CMA CYC TC . 25.97 24.20 5.01
CAA CYC TC . 25.79 25.71 2.26
CBA CYC TC . 26.83 25.48 1.16
CGA CYC TC . 27.92 24.45 1.46
O1A CYC TC . 27.89 23.37 0.84
O2A CYC TC . 28.76 24.78 2.32
CHB CYC TC . 23.96 21.66 4.72
NB CYC TC . 26.13 21.20 5.76
C1B CYC TC . 24.78 21.07 5.62
C2B CYC TC . 24.37 20.12 6.66
C3B CYC TC . 25.46 19.75 7.35
C4B CYC TC . 26.62 20.45 6.78
CMB CYC TC . 22.97 19.68 6.87
CAB CYC TC . 25.57 18.81 8.50
CBB CYC TC . 26.33 17.54 8.17
OB CYC TC . 27.78 20.38 7.11
NC CYC TC . 17.97 22.38 -2.20
C1C CYC TC . 16.77 21.96 -2.69
C2C CYC TC . 16.52 20.57 -2.19
C3C CYC TC . 17.67 20.30 -1.21
C4C CYC TC . 18.62 21.47 -1.42
CMC CYC TC . 15.12 20.41 -1.61
CAC CYC TC . 18.33 18.93 -1.41
CBC CYC TC . 17.50 17.83 -0.76
OC CYC TC . 16.05 22.62 -3.40
CHD CYC TC . 19.81 21.58 -0.79
ND CYC TC . 21.80 22.71 0.09
C1D CYC TC . 20.88 22.54 -0.89
C2D CYC TC . 21.23 23.43 -1.93
C3D CYC TC . 22.36 24.12 -1.53
C4D CYC TC . 22.71 23.67 -0.25
CMD CYC TC . 20.55 23.62 -3.23
CAD CYC TC . 23.07 25.17 -2.30
CBD CYC TC . 22.85 26.55 -1.70
CGD CYC TC . 23.65 27.68 -2.36
O1D CYC TC . 24.66 28.11 -1.76
O2D CYC TC . 23.22 28.08 -3.46
#